data_6IKM
#
_entry.id   6IKM
#
_cell.length_a   146.235
_cell.length_b   481.804
_cell.length_c   146.134
_cell.angle_alpha   90.000
_cell.angle_beta   120.080
_cell.angle_gamma   90.000
#
_symmetry.space_group_name_H-M   'P 1 21 1'
#
loop_
_entity.id
_entity.type
_entity.pdbx_description
1 polymer 'Polyamine transport protein'
2 polymer ScFv5
3 non-polymer 'SULFATE ION'
4 non-polymer SPERMIDINE
#
loop_
_entity_poly.entity_id
_entity_poly.type
_entity_poly.pdbx_seq_one_letter_code
_entity_poly.pdbx_strand_id
1 'polypeptide(L)'
;GPLGSSLHIYNWTDYIAPTTLKDFTKESGIDVSYDVFDSNETLEGKLVSGHSGYDIVVPSNNFLGKQIQAGAFQKLDKSK
LPNWKNLDPALLKQLEVSDPGNQYAVPYLWGTNGIGYNVAKVKEVLGDQPIDSWAILFEPENMKKLAKCGVAFMDSGDEM
LPAALNYLGLDPNTHDPKDYKKAEEVLTKVRPYVSYFHSSKYISDLANGNICVAFGYSGDVFQAAARAEEAGKGIDIQYV
IPKEGANLWFDLMAIPADAKAADNAYAFIDYLLRPEVIAKVSDYVGYANAIPGARPLMDKSVSDSEEVYPPQAVLDKLYV
SAVLPAKVLRLQTRTWTRIK
;
A,B,C,D,E,F,G,H,I,J,K,L,M,N,O,P,Q,R
2 'polypeptide(L)'
;MAQVQLVETGDEVKTPGASVKVSCKVSGYTFTSYGISWVRQAPGQGLEWMGWINPNSGGTNYAQKFQGRVTMTRDTSIST
AYMELSRLRSDDTAVYYCARDKRYMDVWGKGTTVTVSSGGGGSGGGGSGGGGSQSVLTQPPSVSGAPGQKVTISCSGSSS
NIGRNYVSWYQQLPGAAPKLLLYDNNKRPSGIPDRFSASKSGPSTTLAITGLQTGDEADYFCGVWDSSLRAVLFGGGTKL
TVLGGLGGLVDYKDDDDK
;
a,b,c,d,e,f,g,h,i,j,k,l,m,n,o,p,q,r
#
# COMPACT_ATOMS: atom_id res chain seq x y z
N SER A 6 -64.04 91.68 58.30
CA SER A 6 -62.62 91.60 58.62
C SER A 6 -61.73 92.32 57.61
N LEU A 7 -60.42 92.27 57.83
CA LEU A 7 -59.50 93.02 56.98
C LEU A 7 -58.17 92.30 56.86
N HIS A 8 -57.66 92.26 55.64
CA HIS A 8 -56.41 91.56 55.33
C HIS A 8 -55.38 92.58 54.86
N ILE A 9 -54.17 92.48 55.40
CA ILE A 9 -53.11 93.46 55.12
C ILE A 9 -51.79 92.75 54.85
N TYR A 10 -51.03 93.32 53.91
CA TYR A 10 -49.71 92.82 53.53
C TYR A 10 -48.74 93.99 53.65
N ASN A 11 -47.91 93.98 54.70
CA ASN A 11 -46.96 95.06 54.97
C ASN A 11 -45.58 94.49 55.23
N TRP A 12 -44.59 95.37 55.29
CA TRP A 12 -43.21 94.97 55.52
C TRP A 12 -43.03 94.42 56.94
N THR A 13 -41.89 93.75 57.14
CA THR A 13 -41.52 93.32 58.49
C THR A 13 -41.18 94.53 59.35
N ASP A 14 -41.32 94.36 60.67
CA ASP A 14 -40.85 95.34 61.65
C ASP A 14 -41.30 96.75 61.30
N TYR A 15 -42.55 96.88 60.84
CA TYR A 15 -43.01 98.09 60.19
C TYR A 15 -44.33 98.57 60.80
N ILE A 16 -44.59 98.20 62.05
CA ILE A 16 -45.79 98.62 62.75
C ILE A 16 -45.56 98.40 64.25
N ALA A 17 -46.15 99.29 65.06
CA ALA A 17 -46.10 99.10 66.50
C ALA A 17 -46.92 97.86 66.89
N PRO A 18 -46.56 97.19 67.99
CA PRO A 18 -47.24 95.93 68.33
C PRO A 18 -48.73 96.11 68.57
N THR A 19 -49.11 97.14 69.32
CA THR A 19 -50.51 97.36 69.71
C THR A 19 -51.28 98.22 68.72
N THR A 20 -50.72 98.52 67.55
CA THR A 20 -51.46 99.31 66.57
C THR A 20 -52.70 98.57 66.10
N LEU A 21 -52.58 97.26 65.82
CA LEU A 21 -53.73 96.49 65.39
C LEU A 21 -54.71 96.28 66.53
N LYS A 22 -54.22 95.78 67.67
CA LYS A 22 -55.08 95.61 68.83
C LYS A 22 -55.87 96.86 69.13
N ASP A 23 -55.24 98.03 68.98
CA ASP A 23 -55.96 99.29 69.14
C ASP A 23 -57.00 99.50 68.04
N PHE A 24 -56.70 99.06 66.82
CA PHE A 24 -57.63 99.31 65.71
C PHE A 24 -58.89 98.47 65.87
N THR A 25 -58.74 97.15 65.88
CA THR A 25 -59.87 96.26 66.13
C THR A 25 -60.64 96.67 67.38
N LYS A 26 -59.90 96.98 68.45
CA LYS A 26 -60.52 97.38 69.71
C LYS A 26 -61.39 98.62 69.54
N GLU A 27 -60.98 99.57 68.69
CA GLU A 27 -61.80 100.75 68.46
C GLU A 27 -62.93 100.49 67.47
N SER A 28 -62.62 99.90 66.31
CA SER A 28 -63.58 99.75 65.23
C SER A 28 -64.34 98.43 65.26
N GLY A 29 -63.79 97.39 65.89
CA GLY A 29 -64.36 96.06 65.81
C GLY A 29 -63.86 95.23 64.65
N ILE A 30 -63.21 95.86 63.67
CA ILE A 30 -62.79 95.17 62.45
C ILE A 30 -61.57 94.32 62.78
N ASP A 31 -61.72 93.00 62.68
CA ASP A 31 -60.60 92.11 62.96
C ASP A 31 -59.62 92.12 61.79
N VAL A 32 -58.32 92.07 62.12
CA VAL A 32 -57.27 92.24 61.12
C VAL A 32 -56.47 90.95 60.99
N SER A 33 -55.93 90.73 59.79
CA SER A 33 -54.98 89.66 59.53
C SER A 33 -53.72 90.30 58.93
N TYR A 34 -52.58 90.12 59.59
CA TYR A 34 -51.35 90.83 59.24
C TYR A 34 -50.37 89.86 58.59
N ASP A 35 -50.13 90.06 57.29
CA ASP A 35 -49.17 89.27 56.53
C ASP A 35 -48.00 90.16 56.14
N VAL A 36 -46.82 89.55 56.00
CA VAL A 36 -45.59 90.33 55.93
C VAL A 36 -44.65 89.78 54.86
N PHE A 37 -43.83 90.69 54.33
CA PHE A 37 -42.84 90.43 53.29
C PHE A 37 -41.60 91.27 53.55
N ASP A 38 -40.44 90.80 53.06
CA ASP A 38 -39.20 91.51 53.36
C ASP A 38 -38.63 92.28 52.18
N SER A 39 -39.11 92.06 50.96
CA SER A 39 -38.61 92.78 49.79
C SER A 39 -39.78 93.39 49.04
N ASN A 40 -39.49 94.33 48.14
CA ASN A 40 -40.52 94.81 47.22
C ASN A 40 -40.89 93.72 46.22
N GLU A 41 -39.90 92.96 45.74
CA GLU A 41 -40.18 91.97 44.71
C GLU A 41 -41.18 90.92 45.20
N THR A 42 -41.03 90.47 46.44
CA THR A 42 -41.96 89.50 47.02
C THR A 42 -43.40 89.99 46.88
N LEU A 43 -43.67 91.21 47.38
CA LEU A 43 -44.97 91.84 47.17
C LEU A 43 -45.31 91.90 45.68
N GLU A 44 -44.46 92.53 44.86
CA GLU A 44 -44.80 92.69 43.44
C GLU A 44 -45.10 91.36 42.80
N GLY A 45 -44.40 90.30 43.22
CA GLY A 45 -44.70 89.00 42.68
C GLY A 45 -46.11 88.55 43.01
N LYS A 46 -46.50 88.67 44.28
CA LYS A 46 -47.88 88.33 44.65
C LYS A 46 -48.90 89.12 43.85
N LEU A 47 -48.56 90.36 43.45
CA LEU A 47 -49.55 91.21 42.80
C LEU A 47 -49.88 90.75 41.38
N VAL A 48 -48.94 90.10 40.70
CA VAL A 48 -49.24 89.62 39.36
C VAL A 48 -49.83 88.20 39.40
N SER A 49 -49.48 87.42 40.44
CA SER A 49 -50.25 86.25 40.85
C SER A 49 -51.73 86.54 40.77
N GLY A 50 -52.09 87.77 41.10
CA GLY A 50 -53.38 88.38 40.88
C GLY A 50 -54.39 88.11 41.96
N HIS A 51 -54.39 86.90 42.51
CA HIS A 51 -55.53 86.43 43.27
C HIS A 51 -55.17 86.37 44.76
N SER A 52 -53.94 86.79 45.09
CA SER A 52 -53.54 87.40 46.36
C SER A 52 -54.62 88.27 47.03
N GLY A 53 -55.25 87.76 48.08
CA GLY A 53 -56.44 88.36 48.61
C GLY A 53 -56.24 89.38 49.71
N TYR A 54 -55.35 90.35 49.50
CA TYR A 54 -55.10 91.40 50.46
C TYR A 54 -55.90 92.64 50.11
N ASP A 55 -56.43 93.31 51.14
CA ASP A 55 -57.12 94.57 50.91
C ASP A 55 -56.18 95.77 51.00
N ILE A 56 -55.01 95.60 51.61
CA ILE A 56 -54.08 96.69 51.78
C ILE A 56 -52.65 96.18 51.65
N VAL A 57 -51.95 96.67 50.62
CA VAL A 57 -50.55 96.35 50.39
C VAL A 57 -49.76 97.66 50.34
N VAL A 58 -48.45 97.54 50.56
CA VAL A 58 -47.61 98.70 50.85
C VAL A 58 -46.33 98.64 50.04
N PRO A 59 -46.31 99.08 48.77
CA PRO A 59 -45.05 99.05 48.02
C PRO A 59 -44.18 100.29 48.25
N SER A 60 -42.98 100.29 47.68
CA SER A 60 -42.17 101.50 47.68
C SER A 60 -42.60 102.41 46.53
N ASN A 61 -41.98 103.58 46.44
CA ASN A 61 -42.48 104.64 45.56
C ASN A 61 -42.32 104.29 44.08
N ASN A 62 -41.20 103.70 43.68
CA ASN A 62 -41.03 103.33 42.27
C ASN A 62 -41.89 102.12 41.92
N PHE A 63 -41.86 101.09 42.77
CA PHE A 63 -42.64 99.89 42.52
C PHE A 63 -44.12 100.20 42.40
N LEU A 64 -44.62 101.12 43.24
CA LEU A 64 -46.03 101.51 43.16
C LEU A 64 -46.39 102.00 41.75
N GLY A 65 -45.49 102.77 41.13
CA GLY A 65 -45.84 103.39 39.86
C GLY A 65 -46.00 102.41 38.72
N LYS A 66 -45.15 101.38 38.68
CA LYS A 66 -45.29 100.36 37.64
C LYS A 66 -46.54 99.51 37.86
N GLN A 67 -46.96 99.34 39.11
CA GLN A 67 -48.15 98.58 39.42
C GLN A 67 -49.43 99.37 39.18
N ILE A 68 -49.34 100.70 39.21
CA ILE A 68 -50.45 101.53 38.76
C ILE A 68 -50.68 101.35 37.26
N GLN A 69 -49.61 101.54 36.48
CA GLN A 69 -49.62 101.39 35.02
C GLN A 69 -50.09 100.01 34.59
N ALA A 70 -50.27 99.09 35.53
CA ALA A 70 -50.83 97.77 35.25
C ALA A 70 -52.17 97.55 35.94
N GLY A 71 -52.77 98.58 36.51
CA GLY A 71 -54.09 98.48 37.10
C GLY A 71 -54.25 97.40 38.15
N ALA A 72 -53.61 97.59 39.30
CA ALA A 72 -53.78 96.67 40.43
C ALA A 72 -54.64 97.22 41.53
N PHE A 73 -54.65 98.53 41.72
CA PHE A 73 -55.26 99.18 42.87
C PHE A 73 -56.42 100.02 42.37
N GLN A 74 -57.61 99.79 42.92
CA GLN A 74 -58.74 100.67 42.66
C GLN A 74 -58.40 102.10 43.08
N LYS A 75 -59.08 103.06 42.47
CA LYS A 75 -58.89 104.45 42.84
C LYS A 75 -59.23 104.65 44.31
N LEU A 76 -58.82 105.79 44.84
CA LEU A 76 -59.11 106.11 46.23
C LEU A 76 -60.42 106.87 46.29
N ASP A 77 -61.39 106.30 47.00
CA ASP A 77 -62.62 106.99 47.38
C ASP A 77 -62.26 107.88 48.56
N LYS A 78 -61.75 109.07 48.25
CA LYS A 78 -61.28 110.01 49.26
C LYS A 78 -62.41 110.58 50.10
N SER A 79 -63.66 110.35 49.71
CA SER A 79 -64.77 110.65 50.60
C SER A 79 -64.65 109.85 51.89
N LYS A 80 -64.09 108.65 51.84
CA LYS A 80 -63.89 107.81 53.00
C LYS A 80 -62.50 107.98 53.62
N LEU A 81 -61.75 109.00 53.20
CA LEU A 81 -60.50 109.40 53.85
C LEU A 81 -60.64 110.86 54.24
N PRO A 82 -61.32 111.15 55.35
CA PRO A 82 -61.39 112.54 55.83
C PRO A 82 -60.07 113.07 56.36
N ASN A 83 -59.32 112.25 57.10
CA ASN A 83 -58.02 112.71 57.61
C ASN A 83 -56.97 112.86 56.52
N TRP A 84 -57.38 112.70 55.26
CA TRP A 84 -56.46 112.85 54.13
C TRP A 84 -55.77 114.20 54.12
N LYS A 85 -56.36 115.22 54.75
CA LYS A 85 -55.70 116.53 54.80
C LYS A 85 -54.68 116.65 55.92
N ASN A 86 -54.62 115.67 56.83
CA ASN A 86 -53.50 115.58 57.75
C ASN A 86 -52.19 115.27 57.04
N LEU A 87 -52.22 115.01 55.74
CA LEU A 87 -51.01 114.64 55.01
C LEU A 87 -50.21 115.87 54.60
N ASP A 88 -48.90 115.74 54.66
CA ASP A 88 -47.99 116.77 54.17
C ASP A 88 -48.30 117.08 52.71
N PRO A 89 -48.68 118.31 52.37
CA PRO A 89 -48.95 118.62 50.95
C PRO A 89 -47.71 118.50 50.08
N ALA A 90 -46.56 118.95 50.58
CA ALA A 90 -45.33 118.85 49.80
C ALA A 90 -44.82 117.41 49.68
N LEU A 91 -45.19 116.51 50.60
CA LEU A 91 -44.82 115.12 50.38
C LEU A 91 -45.60 114.53 49.22
N LEU A 92 -46.93 114.66 49.27
CA LEU A 92 -47.80 114.16 48.20
C LEU A 92 -47.33 114.56 46.82
N LYS A 93 -47.13 115.86 46.60
CA LYS A 93 -46.72 116.34 45.27
C LYS A 93 -45.42 115.71 44.82
N GLN A 94 -44.50 115.44 45.75
CA GLN A 94 -43.27 114.76 45.37
C GLN A 94 -43.56 113.39 44.77
N LEU A 95 -44.67 112.77 45.16
CA LEU A 95 -45.01 111.43 44.71
C LEU A 95 -46.10 111.41 43.65
N GLU A 96 -46.27 112.50 42.91
CA GLU A 96 -47.06 112.39 41.69
C GLU A 96 -46.29 111.72 40.57
N VAL A 97 -44.96 111.63 40.68
CA VAL A 97 -44.13 111.02 39.65
C VAL A 97 -44.41 109.54 39.50
N SER A 98 -45.00 108.91 40.52
CA SER A 98 -45.48 107.53 40.42
C SER A 98 -46.99 107.40 40.49
N ASP A 99 -47.68 108.33 41.15
CA ASP A 99 -49.14 108.32 41.26
C ASP A 99 -49.65 109.72 40.97
N PRO A 100 -49.98 110.01 39.70
CA PRO A 100 -50.40 111.36 39.34
C PRO A 100 -51.68 111.75 40.04
N GLY A 101 -51.67 112.92 40.67
CA GLY A 101 -52.85 113.39 41.38
C GLY A 101 -53.23 112.56 42.58
N ASN A 102 -52.31 111.76 43.12
CA ASN A 102 -52.51 110.97 44.34
C ASN A 102 -53.79 110.15 44.27
N GLN A 103 -53.91 109.34 43.20
CA GLN A 103 -55.19 108.65 42.99
C GLN A 103 -55.29 107.30 43.69
N TYR A 104 -54.20 106.57 43.90
CA TYR A 104 -54.32 105.20 44.37
C TYR A 104 -53.68 104.92 45.72
N ALA A 105 -52.65 105.66 46.12
CA ALA A 105 -51.83 105.29 47.26
C ALA A 105 -51.77 106.40 48.29
N VAL A 106 -51.91 106.02 49.56
CA VAL A 106 -51.73 106.92 50.70
C VAL A 106 -50.35 106.65 51.30
N PRO A 107 -49.57 107.68 51.64
CA PRO A 107 -48.27 107.41 52.28
C PRO A 107 -48.43 106.75 53.64
N TYR A 108 -47.40 106.01 54.03
CA TYR A 108 -47.34 105.37 55.33
C TYR A 108 -46.09 105.82 56.07
N LEU A 109 -44.96 105.19 55.77
CA LEU A 109 -43.67 105.58 56.33
C LEU A 109 -42.68 105.79 55.20
N TRP A 110 -41.68 106.63 55.46
CA TRP A 110 -40.63 106.89 54.49
C TRP A 110 -39.30 107.00 55.22
N GLY A 111 -38.23 106.73 54.48
CA GLY A 111 -36.91 106.77 55.06
C GLY A 111 -35.85 106.66 53.99
N THR A 112 -34.64 106.33 54.44
CA THR A 112 -33.48 106.29 53.55
C THR A 112 -32.95 104.86 53.46
N ASN A 113 -31.64 104.73 53.33
CA ASN A 113 -30.93 103.46 53.48
C ASN A 113 -29.44 103.74 53.50
N GLY A 114 -28.70 102.88 54.19
CA GLY A 114 -27.28 103.13 54.37
C GLY A 114 -26.56 102.01 55.10
N ILE A 115 -25.54 102.38 55.84
CA ILE A 115 -24.71 101.44 56.56
C ILE A 115 -25.16 101.39 58.01
N GLY A 116 -25.30 100.18 58.54
CA GLY A 116 -25.51 99.96 59.96
C GLY A 116 -24.41 99.06 60.49
N TYR A 117 -23.74 99.46 61.57
CA TYR A 117 -22.51 98.78 61.94
C TYR A 117 -22.34 98.72 63.45
N ASN A 118 -21.69 97.65 63.90
CA ASN A 118 -21.27 97.50 65.29
C ASN A 118 -20.00 98.31 65.47
N VAL A 119 -20.11 99.47 66.14
CA VAL A 119 -18.98 100.40 66.24
C VAL A 119 -17.76 99.71 66.81
N ALA A 120 -17.94 98.94 67.88
CA ALA A 120 -16.80 98.31 68.55
C ALA A 120 -16.12 97.29 67.63
N LYS A 121 -16.89 96.36 67.04
CA LYS A 121 -16.29 95.33 66.20
C LYS A 121 -15.76 95.87 64.88
N VAL A 122 -16.24 97.03 64.43
CA VAL A 122 -15.65 97.64 63.24
C VAL A 122 -14.28 98.20 63.59
N LYS A 123 -14.22 99.26 64.43
CA LYS A 123 -12.94 99.87 64.82
C LYS A 123 -11.92 98.82 65.24
N GLU A 124 -12.39 97.69 65.79
CA GLU A 124 -11.48 96.58 66.09
C GLU A 124 -10.79 96.07 64.84
N VAL A 125 -11.53 95.97 63.73
CA VAL A 125 -10.94 95.42 62.51
C VAL A 125 -10.56 96.50 61.49
N LEU A 126 -11.11 97.71 61.61
CA LEU A 126 -10.84 98.78 60.64
C LEU A 126 -10.17 100.00 61.25
N GLY A 127 -9.84 99.97 62.54
CA GLY A 127 -9.17 101.10 63.16
C GLY A 127 -10.03 102.37 63.16
N ASP A 128 -9.36 103.50 63.38
CA ASP A 128 -10.08 104.76 63.34
C ASP A 128 -10.51 105.15 61.95
N GLN A 129 -10.49 104.29 60.92
CA GLN A 129 -11.03 104.69 59.63
C GLN A 129 -12.47 105.14 59.80
N PRO A 130 -12.86 106.29 59.26
CA PRO A 130 -14.24 106.75 59.39
C PRO A 130 -15.18 105.97 58.48
N ILE A 131 -16.34 105.64 59.02
CA ILE A 131 -17.37 104.93 58.28
C ILE A 131 -18.30 106.02 57.72
N ASP A 132 -17.97 106.48 56.51
CA ASP A 132 -18.71 107.55 55.86
C ASP A 132 -18.82 107.39 54.35
N SER A 133 -18.13 106.43 53.74
CA SER A 133 -18.20 106.19 52.31
C SER A 133 -18.77 104.81 52.07
N TRP A 134 -19.62 104.70 51.03
CA TRP A 134 -20.07 103.39 50.58
C TRP A 134 -18.93 102.44 50.26
N ALA A 135 -17.71 102.96 50.10
CA ALA A 135 -16.53 102.13 49.90
C ALA A 135 -16.26 101.19 51.08
N ILE A 136 -17.01 101.31 52.17
CA ILE A 136 -16.93 100.33 53.24
C ILE A 136 -17.40 98.97 52.75
N LEU A 137 -18.53 98.96 52.05
CA LEU A 137 -19.12 97.70 51.58
C LEU A 137 -18.70 97.35 50.17
N PHE A 138 -18.30 98.33 49.35
CA PHE A 138 -18.10 98.12 47.92
C PHE A 138 -16.64 98.09 47.52
N GLU A 139 -15.72 97.95 48.49
CA GLU A 139 -14.30 97.89 48.15
C GLU A 139 -13.72 96.64 48.81
N PRO A 140 -13.06 95.77 48.04
CA PRO A 140 -12.55 94.51 48.61
C PRO A 140 -11.53 94.71 49.72
N GLU A 141 -10.72 95.76 49.64
CA GLU A 141 -9.68 95.98 50.64
C GLU A 141 -10.27 96.33 52.01
N ASN A 142 -11.47 96.92 52.04
CA ASN A 142 -12.18 97.08 53.29
C ASN A 142 -12.96 95.82 53.65
N MET A 143 -13.59 95.19 52.65
CA MET A 143 -14.48 94.06 52.93
C MET A 143 -13.70 92.81 53.33
N LYS A 144 -12.52 92.60 52.74
CA LYS A 144 -11.77 91.38 53.01
C LYS A 144 -11.56 91.14 54.50
N LYS A 145 -11.45 92.21 55.28
CA LYS A 145 -11.28 92.07 56.73
C LYS A 145 -12.61 92.09 57.48
N LEU A 146 -13.50 93.05 57.18
CA LEU A 146 -14.85 93.05 57.72
C LEU A 146 -15.57 91.72 57.54
N ALA A 147 -15.06 90.89 56.64
CA ALA A 147 -15.70 89.61 56.32
C ALA A 147 -15.58 88.60 57.46
N LYS A 148 -14.56 88.71 58.31
CA LYS A 148 -14.49 87.85 59.49
C LYS A 148 -15.60 88.17 60.48
N CYS A 149 -16.12 89.40 60.43
CA CYS A 149 -17.15 89.87 61.34
C CYS A 149 -18.54 89.85 60.72
N GLY A 150 -18.66 89.44 59.46
CA GLY A 150 -19.94 89.27 58.81
C GLY A 150 -20.51 90.53 58.20
N VAL A 151 -20.65 90.56 56.87
CA VAL A 151 -21.32 91.64 56.17
C VAL A 151 -22.58 91.06 55.54
N ALA A 152 -23.64 91.86 55.52
CA ALA A 152 -24.93 91.43 55.01
C ALA A 152 -25.42 92.44 53.97
N PHE A 153 -25.56 92.01 52.73
CA PHE A 153 -26.22 92.83 51.73
C PHE A 153 -27.71 92.52 51.67
N MET A 154 -28.48 93.45 51.12
CA MET A 154 -29.88 93.18 50.85
C MET A 154 -30.03 92.30 49.62
N ASP A 155 -30.96 91.37 49.70
CA ASP A 155 -31.29 90.53 48.55
C ASP A 155 -32.32 91.26 47.70
N SER A 156 -31.82 92.18 46.86
CA SER A 156 -32.65 92.94 45.94
C SER A 156 -31.74 93.76 45.02
N GLY A 157 -31.83 93.53 43.72
CA GLY A 157 -31.08 94.35 42.77
C GLY A 157 -31.53 95.79 42.77
N ASP A 158 -32.74 96.07 43.26
CA ASP A 158 -33.24 97.43 43.31
C ASP A 158 -32.60 98.23 44.44
N GLU A 159 -32.00 97.56 45.42
CA GLU A 159 -31.26 98.21 46.49
C GLU A 159 -29.76 98.16 46.25
N MET A 160 -29.24 96.97 45.92
CA MET A 160 -27.80 96.80 45.78
C MET A 160 -27.25 97.49 44.55
N LEU A 161 -28.00 97.49 43.45
CA LEU A 161 -27.42 97.97 42.20
C LEU A 161 -27.49 99.49 42.08
N PRO A 162 -28.64 100.14 42.33
CA PRO A 162 -28.64 101.62 42.33
C PRO A 162 -27.73 102.22 43.39
N ALA A 163 -27.40 101.47 44.45
CA ALA A 163 -26.43 101.95 45.42
C ALA A 163 -25.01 101.91 44.87
N ALA A 164 -24.63 100.82 44.22
CA ALA A 164 -23.30 100.73 43.63
C ALA A 164 -23.10 101.75 42.52
N LEU A 165 -24.17 102.04 41.76
CA LEU A 165 -24.08 103.07 40.73
C LEU A 165 -23.82 104.44 41.35
N ASN A 166 -24.67 104.86 42.30
CA ASN A 166 -24.49 106.14 42.97
C ASN A 166 -23.19 106.21 43.75
N TYR A 167 -22.60 105.07 44.10
CA TYR A 167 -21.30 105.09 44.78
C TYR A 167 -20.20 105.54 43.82
N LEU A 168 -20.11 104.90 42.66
CA LEU A 168 -19.12 105.31 41.66
C LEU A 168 -19.41 106.68 41.06
N GLY A 169 -20.58 107.26 41.33
CA GLY A 169 -20.96 108.53 40.77
C GLY A 169 -21.73 108.45 39.47
N LEU A 170 -22.08 107.24 39.03
CA LEU A 170 -22.96 107.08 37.88
C LEU A 170 -24.40 107.36 38.29
N ASP A 171 -25.29 107.41 37.30
CA ASP A 171 -26.69 107.65 37.60
C ASP A 171 -27.31 106.39 38.20
N PRO A 172 -27.81 106.44 39.44
CA PRO A 172 -28.51 105.27 39.99
C PRO A 172 -29.78 104.92 39.24
N ASN A 173 -30.37 105.87 38.51
CA ASN A 173 -31.46 105.57 37.61
C ASN A 173 -31.01 105.69 36.16
N THR A 174 -29.90 105.03 35.83
CA THR A 174 -29.45 104.97 34.46
C THR A 174 -30.08 103.79 33.75
N HIS A 175 -30.33 103.95 32.46
CA HIS A 175 -30.84 102.88 31.63
C HIS A 175 -29.74 102.19 30.84
N ASP A 176 -28.48 102.56 31.11
CA ASP A 176 -27.37 102.18 30.23
C ASP A 176 -26.81 100.84 30.68
N PRO A 177 -26.79 99.83 29.80
CA PRO A 177 -26.14 98.56 30.19
C PRO A 177 -24.66 98.71 30.48
N LYS A 178 -23.96 99.69 29.89
CA LYS A 178 -22.56 99.91 30.21
C LYS A 178 -22.37 100.25 31.68
N ASP A 179 -23.29 101.02 32.25
CA ASP A 179 -23.14 101.41 33.65
C ASP A 179 -23.30 100.21 34.57
N TYR A 180 -24.43 99.49 34.43
CA TYR A 180 -24.65 98.29 35.21
C TYR A 180 -23.47 97.33 35.12
N LYS A 181 -22.76 97.34 33.99
CA LYS A 181 -21.51 96.59 33.88
C LYS A 181 -20.55 96.96 35.00
N LYS A 182 -20.28 98.26 35.17
CA LYS A 182 -19.36 98.70 36.23
C LYS A 182 -19.88 98.27 37.59
N ALA A 183 -21.10 98.70 37.94
CA ALA A 183 -21.68 98.36 39.24
C ALA A 183 -21.64 96.85 39.48
N GLU A 184 -21.95 96.07 38.45
CA GLU A 184 -21.91 94.62 38.56
C GLU A 184 -20.54 94.13 38.99
N GLU A 185 -19.50 94.51 38.25
CA GLU A 185 -18.16 94.04 38.57
C GLU A 185 -17.56 94.71 39.79
N VAL A 186 -18.23 95.70 40.39
CA VAL A 186 -17.86 96.12 41.74
C VAL A 186 -18.44 95.16 42.77
N LEU A 187 -19.76 94.97 42.74
CA LEU A 187 -20.42 94.03 43.65
C LEU A 187 -19.81 92.63 43.55
N THR A 188 -19.62 92.13 42.32
CA THR A 188 -19.05 90.80 42.17
C THR A 188 -17.56 90.73 42.51
N LYS A 189 -16.93 91.83 42.93
CA LYS A 189 -15.58 91.74 43.49
C LYS A 189 -15.56 91.75 45.01
N VAL A 190 -16.66 92.11 45.66
CA VAL A 190 -16.77 92.03 47.12
C VAL A 190 -17.74 90.95 47.57
N ARG A 191 -18.46 90.31 46.63
CA ARG A 191 -19.33 89.19 46.97
C ARG A 191 -18.65 88.09 47.77
N PRO A 192 -17.38 87.68 47.50
CA PRO A 192 -16.75 86.64 48.32
C PRO A 192 -16.74 86.91 49.82
N TYR A 193 -17.05 88.13 50.23
CA TYR A 193 -16.99 88.54 51.62
C TYR A 193 -18.34 88.86 52.22
N VAL A 194 -19.42 88.78 51.43
CA VAL A 194 -20.76 89.03 51.93
C VAL A 194 -21.25 87.74 52.60
N SER A 195 -21.56 87.81 53.89
CA SER A 195 -21.95 86.61 54.63
C SER A 195 -23.32 86.08 54.20
N TYR A 196 -24.16 86.90 53.59
CA TYR A 196 -25.43 86.48 53.00
C TYR A 196 -26.13 87.68 52.37
N PHE A 197 -27.12 87.39 51.53
CA PHE A 197 -28.01 88.40 50.97
C PHE A 197 -29.38 88.22 51.60
N HIS A 198 -29.84 89.24 52.32
CA HIS A 198 -31.11 89.15 53.03
C HIS A 198 -31.58 90.55 53.38
N SER A 199 -32.84 90.85 53.05
CA SER A 199 -33.41 92.16 53.31
C SER A 199 -33.96 92.34 54.72
N SER A 200 -33.79 91.37 55.62
CA SER A 200 -34.37 91.54 56.95
C SER A 200 -33.59 90.88 58.08
N LYS A 201 -33.03 89.67 57.88
CA LYS A 201 -32.47 88.99 59.04
C LYS A 201 -31.15 89.60 59.53
N TYR A 202 -30.81 90.83 59.15
CA TYR A 202 -29.71 91.53 59.78
C TYR A 202 -30.14 92.31 61.02
N ILE A 203 -31.39 92.80 61.06
CA ILE A 203 -31.86 93.57 62.22
C ILE A 203 -31.59 92.81 63.50
N SER A 204 -32.10 91.59 63.59
CA SER A 204 -31.77 90.73 64.71
C SER A 204 -30.28 90.37 64.71
N ASP A 205 -29.71 90.11 63.53
CA ASP A 205 -28.32 89.68 63.47
C ASP A 205 -27.35 90.79 63.82
N LEU A 206 -27.75 92.07 63.72
CA LEU A 206 -26.88 93.13 64.21
C LEU A 206 -26.89 93.21 65.72
N ALA A 207 -28.08 93.12 66.34
CA ALA A 207 -28.21 93.35 67.78
C ALA A 207 -27.55 92.25 68.59
N ASN A 208 -27.50 91.03 68.06
CA ASN A 208 -26.91 89.88 68.74
C ASN A 208 -25.45 89.66 68.42
N GLY A 209 -24.84 90.52 67.60
CA GLY A 209 -23.42 90.40 67.35
C GLY A 209 -23.03 89.34 66.35
N ASN A 210 -23.99 88.83 65.57
CA ASN A 210 -23.64 87.84 64.56
C ASN A 210 -22.96 88.49 63.35
N ILE A 211 -23.38 89.69 62.97
CA ILE A 211 -22.67 90.45 61.94
C ILE A 211 -22.24 91.78 62.56
N CYS A 212 -21.49 92.60 61.80
CA CYS A 212 -20.95 93.85 62.31
C CYS A 212 -21.13 95.00 61.33
N VAL A 213 -21.89 94.79 60.26
CA VAL A 213 -22.13 95.77 59.21
C VAL A 213 -23.07 95.16 58.17
N ALA A 214 -24.02 95.96 57.71
CA ALA A 214 -24.99 95.48 56.74
C ALA A 214 -25.62 96.66 56.03
N PHE A 215 -25.89 96.47 54.75
CA PHE A 215 -26.75 97.40 54.02
C PHE A 215 -28.15 97.35 54.62
N GLY A 216 -28.60 98.45 55.21
CA GLY A 216 -29.83 98.46 55.95
C GLY A 216 -30.66 99.69 55.66
N TYR A 217 -31.88 99.67 56.19
CA TYR A 217 -32.78 100.80 56.06
C TYR A 217 -32.67 101.68 57.30
N SER A 218 -33.03 102.96 57.13
CA SER A 218 -33.06 103.96 58.19
C SER A 218 -33.48 103.38 59.54
N GLY A 219 -34.76 103.01 59.64
CA GLY A 219 -35.29 102.54 60.91
C GLY A 219 -34.91 101.11 61.27
N ASP A 220 -34.72 100.24 60.26
CA ASP A 220 -34.26 98.88 60.52
C ASP A 220 -33.06 98.88 61.46
N VAL A 221 -32.08 99.75 61.19
CA VAL A 221 -30.90 99.83 62.04
C VAL A 221 -31.26 100.46 63.38
N PHE A 222 -32.03 101.56 63.36
CA PHE A 222 -32.45 102.18 64.62
C PHE A 222 -33.23 101.20 65.49
N GLN A 223 -34.02 100.34 64.87
CA GLN A 223 -34.60 99.21 65.59
C GLN A 223 -33.51 98.31 66.13
N ALA A 224 -32.65 97.80 65.23
CA ALA A 224 -31.60 96.88 65.62
C ALA A 224 -30.76 97.42 66.77
N ALA A 225 -30.45 98.71 66.74
CA ALA A 225 -29.72 99.33 67.83
C ALA A 225 -30.51 99.24 69.14
N ALA A 226 -31.71 99.83 69.15
CA ALA A 226 -32.50 99.84 70.37
C ALA A 226 -32.79 98.44 70.89
N ARG A 227 -32.91 97.46 69.99
CA ARG A 227 -32.97 96.07 70.44
C ARG A 227 -31.69 95.67 71.17
N ALA A 228 -30.55 96.14 70.68
CA ALA A 228 -29.27 95.70 71.23
C ALA A 228 -29.09 96.15 72.67
N GLU A 229 -29.27 97.46 72.93
CA GLU A 229 -29.08 97.99 74.27
C GLU A 229 -30.09 97.42 75.24
N GLU A 230 -31.32 97.13 74.78
CA GLU A 230 -32.31 96.47 75.63
C GLU A 230 -31.80 95.12 76.12
N ALA A 231 -31.14 94.37 75.25
CA ALA A 231 -30.47 93.15 75.67
C ALA A 231 -29.33 93.44 76.64
N GLY A 232 -28.76 94.64 76.60
CA GLY A 232 -27.79 95.06 77.59
C GLY A 232 -26.50 94.25 77.61
N LYS A 233 -25.82 94.19 76.47
CA LYS A 233 -24.54 93.49 76.38
C LYS A 233 -23.43 94.36 75.79
N GLY A 234 -23.66 95.66 75.62
CA GLY A 234 -22.62 96.54 75.12
C GLY A 234 -22.41 96.52 73.62
N ILE A 235 -23.47 96.35 72.84
CA ILE A 235 -23.38 96.40 71.39
C ILE A 235 -23.84 97.77 70.92
N ASP A 236 -22.93 98.52 70.29
CA ASP A 236 -23.17 99.87 69.80
C ASP A 236 -23.44 99.77 68.31
N ILE A 237 -24.72 99.89 67.94
CA ILE A 237 -25.15 99.88 66.54
C ILE A 237 -25.49 101.29 66.11
N GLN A 238 -24.96 101.71 64.97
CA GLN A 238 -25.16 103.06 64.47
C GLN A 238 -25.45 103.02 62.98
N TYR A 239 -25.96 104.13 62.49
CA TYR A 239 -26.49 104.26 61.14
C TYR A 239 -25.91 105.52 60.53
N VAL A 240 -25.29 105.40 59.36
CA VAL A 240 -24.57 106.52 58.75
C VAL A 240 -24.88 106.54 57.26
N ILE A 241 -25.55 107.59 56.80
CA ILE A 241 -25.79 107.83 55.39
C ILE A 241 -24.45 108.24 54.78
N PRO A 242 -23.88 107.43 53.87
CA PRO A 242 -22.55 107.71 53.35
C PRO A 242 -22.47 109.06 52.67
N LYS A 243 -21.22 109.51 52.44
CA LYS A 243 -21.00 110.86 51.93
C LYS A 243 -21.50 111.01 50.50
N GLU A 244 -21.41 109.94 49.70
CA GLU A 244 -21.95 109.91 48.33
C GLU A 244 -23.46 109.89 48.28
N GLY A 245 -24.17 110.12 49.38
CA GLY A 245 -25.60 110.02 49.37
C GLY A 245 -26.07 108.57 49.33
N ALA A 246 -27.38 108.42 49.20
CA ALA A 246 -28.02 107.10 49.23
C ALA A 246 -29.48 107.25 48.80
N ASN A 247 -30.22 106.15 48.89
CA ASN A 247 -31.57 106.08 48.35
C ASN A 247 -32.57 106.68 49.34
N LEU A 248 -33.30 107.69 48.88
CA LEU A 248 -34.50 108.16 49.56
C LEU A 248 -35.72 107.48 48.95
N TRP A 249 -36.64 107.04 49.80
CA TRP A 249 -37.80 106.33 49.32
C TRP A 249 -39.02 106.67 50.15
N PHE A 250 -40.17 106.19 49.68
CA PHE A 250 -41.47 106.40 50.30
C PHE A 250 -42.28 105.13 50.13
N ASP A 251 -42.83 104.61 51.22
CA ASP A 251 -43.75 103.48 51.15
C ASP A 251 -45.17 103.97 51.32
N LEU A 252 -46.07 103.43 50.49
CA LEU A 252 -47.43 103.92 50.40
C LEU A 252 -48.41 102.75 50.46
N MET A 253 -49.53 102.97 51.14
CA MET A 253 -50.56 101.96 51.25
C MET A 253 -51.52 102.08 50.08
N ALA A 254 -51.86 100.94 49.47
CA ALA A 254 -52.73 100.94 48.30
C ALA A 254 -53.69 99.76 48.36
N ILE A 255 -54.95 100.02 48.01
CA ILE A 255 -56.01 99.03 48.09
C ILE A 255 -56.11 98.33 46.73
N PRO A 256 -55.86 97.03 46.65
CA PRO A 256 -55.94 96.34 45.34
C PRO A 256 -57.34 96.37 44.77
N ALA A 257 -57.43 96.10 43.46
CA ALA A 257 -58.71 96.07 42.78
C ALA A 257 -59.53 94.85 43.17
N ASP A 258 -58.90 93.68 43.13
CA ASP A 258 -59.59 92.42 43.44
C ASP A 258 -59.79 92.24 44.94
N ALA A 259 -59.73 93.33 45.68
CA ALA A 259 -59.96 93.30 47.12
C ALA A 259 -61.45 93.36 47.42
N LYS A 260 -61.83 92.98 48.63
CA LYS A 260 -63.26 92.93 48.93
C LYS A 260 -63.63 93.67 50.20
N ALA A 261 -62.76 93.69 51.21
CA ALA A 261 -63.01 94.48 52.41
C ALA A 261 -62.67 95.93 52.12
N ALA A 262 -63.08 96.41 50.94
CA ALA A 262 -62.62 97.72 50.48
C ALA A 262 -63.00 98.83 51.45
N ASP A 263 -64.18 98.72 52.07
CA ASP A 263 -64.57 99.72 53.07
C ASP A 263 -63.71 99.62 54.32
N ASN A 264 -63.55 98.40 54.86
CA ASN A 264 -62.71 98.21 56.03
C ASN A 264 -61.30 98.74 55.80
N ALA A 265 -60.79 98.58 54.58
CA ALA A 265 -59.46 99.09 54.26
C ALA A 265 -59.40 100.61 54.39
N TYR A 266 -60.48 101.30 54.03
CA TYR A 266 -60.50 102.76 54.16
C TYR A 266 -60.48 103.19 55.62
N ALA A 267 -61.24 102.48 56.47
CA ALA A 267 -61.28 102.83 57.89
C ALA A 267 -59.91 102.67 58.54
N PHE A 268 -59.19 101.59 58.22
CA PHE A 268 -57.87 101.38 58.79
C PHE A 268 -56.88 102.45 58.32
N ILE A 269 -57.09 102.98 57.11
CA ILE A 269 -56.21 104.00 56.56
C ILE A 269 -56.60 105.40 57.04
N ASP A 270 -57.85 105.60 57.44
CA ASP A 270 -58.22 106.85 58.09
C ASP A 270 -57.78 106.87 59.55
N TYR A 271 -57.62 105.71 60.17
CA TYR A 271 -57.12 105.63 61.54
C TYR A 271 -55.61 105.72 61.61
N LEU A 272 -54.91 105.52 60.49
CA LEU A 272 -53.47 105.75 60.44
C LEU A 272 -53.10 107.14 59.92
N LEU A 273 -54.04 107.88 59.34
CA LEU A 273 -53.83 109.29 59.07
C LEU A 273 -54.00 110.17 60.31
N ARG A 274 -54.36 109.57 61.43
CA ARG A 274 -54.50 110.35 62.65
C ARG A 274 -53.12 110.73 63.19
N PRO A 275 -52.87 112.01 63.47
CA PRO A 275 -51.53 112.42 63.94
C PRO A 275 -51.10 111.73 65.22
N GLU A 276 -52.04 111.22 65.99
CA GLU A 276 -51.80 110.52 67.24
C GLU A 276 -51.24 109.11 67.02
N VAL A 277 -51.91 108.33 66.16
CA VAL A 277 -51.55 106.93 66.00
C VAL A 277 -50.22 106.79 65.27
N ILE A 278 -50.08 107.48 64.13
CA ILE A 278 -48.86 107.32 63.33
C ILE A 278 -47.63 107.66 64.17
N ALA A 279 -47.79 108.59 65.12
CA ALA A 279 -46.72 108.87 66.08
C ALA A 279 -46.31 107.61 66.81
N LYS A 280 -47.29 106.88 67.38
CA LYS A 280 -46.98 105.63 68.07
C LYS A 280 -46.33 104.63 67.12
N VAL A 281 -46.77 104.59 65.86
CA VAL A 281 -46.13 103.71 64.89
C VAL A 281 -44.68 104.10 64.69
N SER A 282 -44.43 105.35 64.30
CA SER A 282 -43.08 105.78 63.99
C SER A 282 -42.17 105.68 65.19
N ASP A 283 -42.65 106.15 66.35
CA ASP A 283 -41.93 106.06 67.62
C ASP A 283 -41.39 104.67 67.85
N TYR A 284 -42.14 103.64 67.45
CA TYR A 284 -41.73 102.27 67.61
C TYR A 284 -40.83 101.78 66.48
N VAL A 285 -41.25 101.99 65.23
CA VAL A 285 -40.56 101.35 64.11
C VAL A 285 -39.28 102.10 63.74
N GLY A 286 -39.22 103.39 64.00
CA GLY A 286 -38.04 104.17 63.70
C GLY A 286 -38.00 104.80 62.32
N TYR A 287 -39.15 105.08 61.72
CA TYR A 287 -39.24 105.69 60.40
C TYR A 287 -40.07 106.95 60.49
N ALA A 288 -39.80 107.90 59.59
CA ALA A 288 -40.56 109.14 59.57
C ALA A 288 -41.86 108.94 58.79
N ASN A 289 -42.94 109.56 59.28
CA ASN A 289 -44.25 109.43 58.69
C ASN A 289 -44.64 110.70 57.94
N ALA A 290 -45.74 110.61 57.21
CA ALA A 290 -46.22 111.70 56.36
C ALA A 290 -47.21 112.62 57.05
N ILE A 291 -47.47 112.44 58.34
CA ILE A 291 -48.39 113.32 59.07
C ILE A 291 -47.57 114.38 59.79
N PRO A 292 -47.55 115.61 59.30
CA PRO A 292 -46.77 116.66 59.98
C PRO A 292 -47.22 116.90 61.41
N GLY A 293 -48.51 116.74 61.70
CA GLY A 293 -49.00 116.95 63.05
C GLY A 293 -48.52 115.94 64.06
N ALA A 294 -47.88 114.85 63.62
CA ALA A 294 -47.47 113.78 64.51
C ALA A 294 -46.09 113.98 65.14
N ARG A 295 -45.24 114.82 64.57
CA ARG A 295 -43.89 115.09 65.10
C ARG A 295 -43.90 115.71 66.49
N PRO A 296 -44.71 116.75 66.77
CA PRO A 296 -44.71 117.30 68.13
C PRO A 296 -45.09 116.30 69.19
N LEU A 297 -45.69 115.17 68.79
CA LEU A 297 -46.17 114.14 69.70
C LEU A 297 -45.21 112.96 69.84
N MET A 298 -44.15 112.92 69.05
CA MET A 298 -43.28 111.76 68.98
C MET A 298 -42.11 111.85 69.94
N ASP A 299 -41.62 110.68 70.34
CA ASP A 299 -40.36 110.58 71.06
C ASP A 299 -39.28 111.36 70.34
N LYS A 300 -38.60 112.24 71.07
CA LYS A 300 -37.71 113.22 70.44
C LYS A 300 -36.58 112.52 69.67
N SER A 301 -35.85 111.59 70.31
CA SER A 301 -34.78 110.81 69.68
C SER A 301 -35.13 110.25 68.31
N VAL A 302 -36.42 110.20 67.99
CA VAL A 302 -36.87 109.82 66.67
C VAL A 302 -37.28 111.08 65.92
N SER A 303 -38.17 111.88 66.51
CA SER A 303 -38.69 113.05 65.81
C SER A 303 -37.66 114.15 65.65
N ASP A 304 -36.51 114.06 66.33
CA ASP A 304 -35.46 115.06 66.20
C ASP A 304 -34.23 114.56 65.45
N SER A 305 -34.22 113.33 64.98
CA SER A 305 -33.01 112.75 64.41
C SER A 305 -32.79 113.24 62.97
N GLU A 306 -31.54 113.59 62.67
CA GLU A 306 -31.19 114.06 61.33
C GLU A 306 -31.07 112.91 60.34
N GLU A 307 -30.98 111.68 60.81
CA GLU A 307 -30.97 110.52 59.94
C GLU A 307 -32.36 109.92 59.76
N VAL A 308 -33.28 110.18 60.69
CA VAL A 308 -34.69 109.85 60.52
C VAL A 308 -35.36 110.92 59.65
N TYR A 309 -35.36 112.17 60.14
CA TYR A 309 -35.84 113.33 59.39
C TYR A 309 -34.65 114.14 58.90
N PRO A 310 -34.06 113.79 57.75
CA PRO A 310 -32.87 114.49 57.28
C PRO A 310 -33.19 115.93 56.89
N PRO A 311 -32.20 116.81 56.95
CA PRO A 311 -32.36 118.17 56.43
C PRO A 311 -32.04 118.21 54.94
N GLN A 312 -32.30 119.37 54.34
CA GLN A 312 -32.18 119.50 52.88
C GLN A 312 -30.78 119.19 52.40
N ALA A 313 -29.76 119.75 53.05
CA ALA A 313 -28.38 119.53 52.65
C ALA A 313 -28.09 118.04 52.48
N VAL A 314 -28.64 117.21 53.36
CA VAL A 314 -28.51 115.77 53.22
C VAL A 314 -29.36 115.26 52.05
N LEU A 315 -30.58 115.76 51.93
CA LEU A 315 -31.47 115.34 50.85
C LEU A 315 -30.86 115.62 49.49
N ASP A 316 -30.52 116.89 49.23
CA ASP A 316 -29.95 117.39 47.99
C ASP A 316 -28.76 116.59 47.46
N LYS A 317 -28.54 115.37 47.97
CA LYS A 317 -27.60 114.43 47.38
C LYS A 317 -28.10 112.98 47.52
N LEU A 318 -29.40 112.79 47.63
CA LEU A 318 -30.01 111.47 47.74
C LEU A 318 -30.84 111.17 46.50
N TYR A 319 -30.67 109.99 45.93
CA TYR A 319 -31.41 109.62 44.74
C TYR A 319 -32.75 108.98 45.12
N VAL A 320 -33.77 109.31 44.34
CA VAL A 320 -35.09 108.71 44.46
C VAL A 320 -35.24 107.75 43.29
N SER A 321 -35.33 106.45 43.58
CA SER A 321 -35.52 105.44 42.56
C SER A 321 -36.64 105.83 41.60
N ALA A 322 -36.36 105.71 40.30
CA ALA A 322 -37.29 106.15 39.28
C ALA A 322 -38.07 104.97 38.71
N VAL A 323 -39.19 105.29 38.07
CA VAL A 323 -39.96 104.27 37.37
C VAL A 323 -39.24 103.89 36.08
N LEU A 324 -38.46 102.82 36.16
CA LEU A 324 -37.57 102.45 35.08
C LEU A 324 -38.37 101.78 33.96
N PRO A 325 -37.96 101.94 32.69
CA PRO A 325 -38.60 101.16 31.63
C PRO A 325 -38.38 99.66 31.86
N ALA A 326 -39.41 98.87 31.52
CA ALA A 326 -39.37 97.44 31.80
C ALA A 326 -38.23 96.73 31.08
N LYS A 327 -37.75 97.30 29.97
CA LYS A 327 -36.50 96.85 29.38
C LYS A 327 -35.36 96.83 30.39
N VAL A 328 -35.26 97.88 31.19
CA VAL A 328 -34.14 98.07 32.10
C VAL A 328 -34.27 97.21 33.36
N LEU A 329 -35.49 97.06 33.87
CA LEU A 329 -35.73 96.21 35.03
C LEU A 329 -35.21 94.79 34.80
N ARG A 330 -35.39 94.27 33.58
CA ARG A 330 -34.82 92.97 33.25
C ARG A 330 -33.30 93.00 33.29
N LEU A 331 -32.67 94.12 32.94
CA LEU A 331 -31.23 94.23 33.05
C LEU A 331 -30.80 94.18 34.51
N GLN A 332 -31.57 94.81 35.39
CA GLN A 332 -31.39 94.68 36.83
C GLN A 332 -31.46 93.22 37.26
N THR A 333 -32.59 92.57 36.97
CA THR A 333 -32.85 91.22 37.48
C THR A 333 -31.84 90.22 36.93
N ARG A 334 -31.51 90.32 35.65
CA ARG A 334 -30.43 89.51 35.08
C ARG A 334 -29.11 89.74 35.82
N THR A 335 -28.66 91.00 35.83
CA THR A 335 -27.40 91.33 36.48
C THR A 335 -27.39 90.90 37.94
N TRP A 336 -28.51 91.10 38.64
CA TRP A 336 -28.54 90.77 40.06
C TRP A 336 -28.57 89.26 40.28
N THR A 337 -29.31 88.53 39.45
CA THR A 337 -29.29 87.07 39.52
C THR A 337 -27.94 86.52 39.09
N ARG A 338 -27.24 87.20 38.18
CA ARG A 338 -25.90 86.78 37.82
C ARG A 338 -24.97 86.85 39.03
N ILE A 339 -25.15 87.87 39.86
CA ILE A 339 -24.42 87.94 41.12
C ILE A 339 -24.94 86.87 42.09
N LYS A 340 -26.21 86.47 41.94
CA LYS A 340 -26.90 85.46 42.75
C LYS A 340 -26.49 85.41 44.23
N GLN B 3 -54.40 135.39 71.54
CA GLN B 3 -53.38 134.76 70.71
C GLN B 3 -52.65 133.64 71.47
N VAL B 4 -51.69 133.03 70.78
CA VAL B 4 -50.87 131.96 71.34
C VAL B 4 -50.05 132.50 72.51
N GLN B 5 -50.35 132.00 73.70
CA GLN B 5 -49.58 132.33 74.89
C GLN B 5 -49.80 131.24 75.92
N LEU B 6 -48.84 131.12 76.83
CA LEU B 6 -49.04 130.36 78.06
C LEU B 6 -49.00 131.34 79.22
N VAL B 7 -49.93 131.19 80.16
CA VAL B 7 -49.94 131.97 81.38
C VAL B 7 -49.65 131.06 82.55
N GLU B 8 -48.77 131.50 83.43
CA GLU B 8 -48.25 130.68 84.51
C GLU B 8 -48.87 131.09 85.85
N THR B 9 -48.35 130.50 86.93
CA THR B 9 -49.05 130.52 88.20
C THR B 9 -48.75 131.82 88.97
N GLY B 10 -49.36 131.93 90.15
CA GLY B 10 -48.82 132.74 91.21
C GLY B 10 -47.52 132.19 91.74
N ASP B 11 -46.95 132.94 92.67
CA ASP B 11 -45.51 133.03 92.84
C ASP B 11 -45.29 132.65 94.31
N GLU B 12 -44.20 131.95 94.68
CA GLU B 12 -44.44 131.08 95.84
C GLU B 12 -43.21 130.80 96.72
N VAL B 13 -43.31 131.14 98.02
CA VAL B 13 -42.23 130.95 99.00
C VAL B 13 -42.47 129.68 99.80
N LYS B 14 -41.45 128.84 99.90
CA LYS B 14 -41.63 127.42 100.23
C LYS B 14 -40.44 126.97 101.07
N THR B 15 -40.68 126.01 102.05
CA THR B 15 -39.83 125.45 103.09
C THR B 15 -39.08 124.21 102.58
N PRO B 16 -37.84 124.00 103.03
CA PRO B 16 -36.97 122.97 102.52
C PRO B 16 -37.45 121.50 102.49
N GLY B 17 -38.62 121.22 103.01
CA GLY B 17 -39.04 119.81 103.01
C GLY B 17 -40.24 119.61 102.13
N ALA B 18 -40.56 120.61 101.31
CA ALA B 18 -41.95 120.83 100.93
C ALA B 18 -42.19 120.20 99.57
N SER B 19 -42.78 120.95 98.66
CA SER B 19 -43.63 120.41 97.57
C SER B 19 -44.26 121.61 96.90
N VAL B 20 -44.08 121.81 95.60
CA VAL B 20 -44.68 123.01 94.99
C VAL B 20 -45.36 122.59 93.70
N LYS B 21 -46.51 123.18 93.36
CA LYS B 21 -47.18 122.92 92.09
C LYS B 21 -47.29 124.21 91.30
N VAL B 22 -46.84 124.17 90.05
CA VAL B 22 -46.85 125.30 89.14
C VAL B 22 -47.81 124.94 88.01
N SER B 23 -48.93 125.65 87.93
CA SER B 23 -49.84 125.47 86.80
C SER B 23 -49.42 126.35 85.63
N CYS B 24 -49.88 125.97 84.45
CA CYS B 24 -49.51 126.68 83.22
C CYS B 24 -50.66 126.56 82.25
N LYS B 25 -51.34 127.68 81.98
CA LYS B 25 -52.53 127.69 81.15
C LYS B 25 -52.18 128.21 79.75
N VAL B 26 -52.59 127.46 78.74
CA VAL B 26 -52.32 127.81 77.35
C VAL B 26 -53.56 128.46 76.75
N SER B 27 -53.31 129.36 75.79
CA SER B 27 -54.34 130.16 75.15
C SER B 27 -54.14 130.16 73.65
N GLY B 28 -55.24 130.05 72.91
CA GLY B 28 -55.21 130.33 71.48
C GLY B 28 -54.40 129.37 70.62
N TYR B 29 -54.41 128.08 70.94
CA TYR B 29 -53.88 127.07 70.03
C TYR B 29 -54.38 125.71 70.48
N THR B 30 -54.71 124.84 69.51
CA THR B 30 -55.05 123.45 69.78
C THR B 30 -54.07 122.86 70.77
N PHE B 31 -54.50 122.81 72.03
CA PHE B 31 -53.63 122.45 73.15
C PHE B 31 -53.05 121.05 73.00
N THR B 32 -53.88 120.09 72.60
CA THR B 32 -53.47 118.69 72.58
C THR B 32 -52.55 118.35 71.42
N SER B 33 -52.24 119.32 70.55
CA SER B 33 -51.47 119.07 69.35
C SER B 33 -49.96 119.17 69.57
N TYR B 34 -49.52 120.00 70.50
CA TYR B 34 -48.11 120.23 70.75
C TYR B 34 -47.77 119.77 72.16
N GLY B 35 -46.51 119.36 72.34
CA GLY B 35 -46.03 118.99 73.65
C GLY B 35 -45.87 120.21 74.55
N ILE B 36 -45.39 119.95 75.75
CA ILE B 36 -45.16 121.00 76.74
C ILE B 36 -43.91 120.66 77.54
N SER B 37 -43.13 121.69 77.85
CA SER B 37 -41.79 121.54 78.38
C SER B 37 -41.57 122.50 79.54
N TRP B 38 -40.77 122.04 80.52
CA TRP B 38 -40.51 122.81 81.73
C TRP B 38 -39.02 123.13 81.78
N VAL B 39 -38.69 124.42 81.74
CA VAL B 39 -37.31 124.87 81.78
C VAL B 39 -37.10 125.70 83.04
N ARG B 40 -36.27 125.19 83.93
CA ARG B 40 -35.94 125.81 85.21
C ARG B 40 -34.69 126.69 85.06
N GLN B 41 -34.65 127.79 85.80
CA GLN B 41 -33.50 128.67 85.80
C GLN B 41 -33.30 129.27 87.19
N ALA B 42 -32.24 128.82 87.86
CA ALA B 42 -31.84 129.42 89.12
C ALA B 42 -31.33 130.84 88.88
N PRO B 43 -31.36 131.69 89.91
CA PRO B 43 -30.90 133.07 89.74
C PRO B 43 -29.44 133.13 89.31
N GLY B 44 -29.17 133.94 88.29
CA GLY B 44 -27.83 134.16 87.79
C GLY B 44 -27.24 133.02 86.98
N GLN B 45 -27.93 131.89 86.86
CA GLN B 45 -27.38 130.77 86.15
C GLN B 45 -28.22 130.49 84.90
N GLY B 46 -28.10 129.29 84.34
CA GLY B 46 -28.61 129.01 83.02
C GLY B 46 -29.90 128.21 83.00
N LEU B 47 -30.32 127.87 81.78
CA LEU B 47 -31.55 127.11 81.59
C LEU B 47 -31.29 125.63 81.87
N GLU B 48 -32.33 124.96 82.37
CA GLU B 48 -32.20 123.56 82.73
C GLU B 48 -33.45 122.81 82.32
N TRP B 49 -33.25 121.72 81.58
CA TRP B 49 -34.35 120.85 81.19
C TRP B 49 -34.88 120.09 82.39
N MET B 50 -36.20 120.13 82.58
CA MET B 50 -36.84 119.34 83.63
C MET B 50 -37.54 118.14 83.02
N GLY B 51 -38.60 118.37 82.26
CA GLY B 51 -39.36 117.27 81.71
C GLY B 51 -40.30 117.73 80.62
N TRP B 52 -40.76 116.76 79.83
CA TRP B 52 -41.67 117.01 78.72
C TRP B 52 -42.89 116.11 78.87
N ILE B 53 -44.07 116.70 78.72
CA ILE B 53 -45.32 115.97 78.82
C ILE B 53 -46.06 116.08 77.50
N ASN B 54 -46.46 114.93 76.96
CA ASN B 54 -47.35 114.82 75.81
C ASN B 54 -48.76 115.05 76.32
N PRO B 55 -49.34 116.23 76.08
CA PRO B 55 -50.69 116.50 76.62
C PRO B 55 -51.75 115.59 76.05
N ASN B 56 -51.48 114.95 74.91
CA ASN B 56 -52.47 114.07 74.30
C ASN B 56 -52.54 112.72 75.02
N SER B 57 -51.39 112.15 75.38
CA SER B 57 -51.36 110.80 75.93
C SER B 57 -50.82 110.75 77.36
N GLY B 58 -50.58 111.90 77.99
CA GLY B 58 -50.01 111.88 79.32
C GLY B 58 -48.58 111.40 79.41
N GLY B 59 -47.90 111.19 78.29
CA GLY B 59 -46.52 110.77 78.28
C GLY B 59 -45.64 111.65 79.14
N THR B 60 -44.74 111.05 79.92
CA THR B 60 -43.84 111.82 80.76
C THR B 60 -42.38 111.41 80.50
N ASN B 61 -41.61 112.36 79.94
CA ASN B 61 -40.15 112.27 79.82
C ASN B 61 -39.56 113.16 80.89
N TYR B 62 -39.13 112.57 82.00
CA TYR B 62 -38.47 113.32 83.07
C TYR B 62 -36.96 113.27 82.88
N ALA B 63 -36.32 114.43 82.97
CA ALA B 63 -34.87 114.44 83.05
C ALA B 63 -34.44 113.64 84.27
N GLN B 64 -33.43 112.79 84.08
CA GLN B 64 -33.07 111.80 85.08
C GLN B 64 -32.75 112.42 86.44
N LYS B 65 -32.34 113.68 86.46
CA LYS B 65 -32.09 114.37 87.73
C LYS B 65 -33.35 114.52 88.57
N PHE B 66 -34.54 114.51 87.95
CA PHE B 66 -35.77 114.88 88.62
C PHE B 66 -36.79 113.77 88.76
N GLN B 67 -36.78 112.76 87.88
CA GLN B 67 -37.59 111.56 88.12
C GLN B 67 -37.39 111.08 89.55
N GLY B 68 -38.48 110.76 90.22
CA GLY B 68 -38.43 110.46 91.63
C GLY B 68 -38.66 111.64 92.55
N ARG B 69 -38.71 112.85 92.00
CA ARG B 69 -39.08 114.06 92.73
C ARG B 69 -40.01 114.99 91.97
N VAL B 70 -40.16 114.85 90.66
CA VAL B 70 -41.04 115.69 89.85
C VAL B 70 -42.21 114.83 89.36
N THR B 71 -43.34 115.48 89.11
CA THR B 71 -44.51 114.83 88.53
C THR B 71 -45.20 115.81 87.59
N MET B 72 -45.50 115.37 86.37
CA MET B 72 -46.09 116.25 85.38
C MET B 72 -47.44 115.70 84.94
N THR B 73 -48.43 116.57 84.91
CA THR B 73 -49.81 116.20 84.66
C THR B 73 -50.47 117.30 83.82
N ARG B 74 -51.78 117.19 83.64
CA ARG B 74 -52.46 118.00 82.63
C ARG B 74 -53.97 117.82 82.68
N ASP B 75 -54.72 118.90 82.91
CA ASP B 75 -56.17 118.84 82.74
C ASP B 75 -56.47 119.29 81.32
N THR B 76 -56.53 118.30 80.42
CA THR B 76 -56.94 118.53 79.04
C THR B 76 -58.22 119.37 78.95
N SER B 77 -59.20 119.10 79.82
CA SER B 77 -60.44 119.87 79.80
C SER B 77 -60.19 121.37 79.95
N ILE B 78 -59.21 121.75 80.78
CA ILE B 78 -58.99 123.17 81.06
C ILE B 78 -57.64 123.63 80.51
N SER B 79 -57.20 122.99 79.43
CA SER B 79 -55.94 123.29 78.74
C SER B 79 -54.84 123.88 79.62
N THR B 80 -54.35 123.09 80.58
CA THR B 80 -53.25 123.47 81.46
C THR B 80 -52.36 122.26 81.73
N ALA B 81 -51.13 122.54 82.16
CA ALA B 81 -50.17 121.51 82.55
C ALA B 81 -49.63 121.83 83.93
N TYR B 82 -49.19 120.80 84.63
CA TYR B 82 -48.81 120.88 86.04
C TYR B 82 -47.48 120.18 86.24
N MET B 83 -46.55 120.84 86.91
CA MET B 83 -45.31 120.26 87.36
C MET B 83 -45.25 120.38 88.88
N GLU B 84 -44.86 119.31 89.55
CA GLU B 84 -44.78 119.30 91.01
C GLU B 84 -43.39 118.84 91.44
N LEU B 85 -42.60 119.76 92.01
CA LEU B 85 -41.41 119.29 92.71
C LEU B 85 -41.80 118.86 94.13
N SER B 86 -40.90 118.07 94.75
CA SER B 86 -41.38 117.30 95.91
C SER B 86 -40.29 116.99 96.92
N ARG B 87 -39.17 117.71 96.93
CA ARG B 87 -38.26 117.81 98.09
C ARG B 87 -37.50 119.12 98.06
N LEU B 88 -38.25 120.21 97.84
CA LEU B 88 -37.73 121.59 97.77
C LEU B 88 -36.49 121.79 98.63
N ARG B 89 -35.39 122.15 97.98
CA ARG B 89 -34.10 122.27 98.62
C ARG B 89 -33.54 123.67 98.39
N SER B 90 -32.54 124.03 99.21
CA SER B 90 -31.94 125.37 99.21
C SER B 90 -31.50 125.85 97.84
N ASP B 91 -31.38 124.92 96.89
CA ASP B 91 -31.00 125.01 95.49
C ASP B 91 -32.10 125.50 94.55
N ASP B 92 -33.26 124.84 94.63
CA ASP B 92 -34.39 124.93 93.70
C ASP B 92 -34.97 126.33 93.60
N THR B 93 -34.44 127.29 94.33
CA THR B 93 -34.86 128.68 94.19
C THR B 93 -34.63 129.14 92.75
N ALA B 94 -35.70 129.41 92.02
CA ALA B 94 -35.57 129.61 90.58
C ALA B 94 -36.85 130.18 89.99
N VAL B 95 -36.73 130.64 88.75
CA VAL B 95 -37.89 130.93 87.91
C VAL B 95 -38.17 129.69 87.07
N TYR B 96 -39.42 129.24 87.10
CA TYR B 96 -39.83 128.01 86.43
C TYR B 96 -40.64 128.38 85.20
N TYR B 97 -40.03 128.25 84.03
CA TYR B 97 -40.64 128.61 82.78
C TYR B 97 -41.39 127.43 82.19
N CYS B 98 -42.34 127.75 81.32
CA CYS B 98 -43.24 126.76 80.73
C CYS B 98 -43.36 127.07 79.25
N ALA B 99 -43.05 126.08 78.40
CA ALA B 99 -42.86 126.32 76.98
C ALA B 99 -43.57 125.26 76.15
N ARG B 100 -44.37 125.71 75.18
CA ARG B 100 -44.92 124.83 74.17
C ARG B 100 -43.80 124.16 73.40
N ASP B 101 -43.80 122.83 73.39
CA ASP B 101 -42.69 122.05 72.81
C ASP B 101 -43.15 121.43 71.49
N LYS B 102 -42.58 121.94 70.40
CA LYS B 102 -42.70 121.38 69.07
C LYS B 102 -41.30 120.93 68.67
N ARG B 103 -40.74 119.98 69.44
CA ARG B 103 -39.32 119.62 69.40
C ARG B 103 -38.49 120.75 69.99
N TYR B 104 -38.59 121.94 69.39
CA TYR B 104 -38.06 123.15 69.98
C TYR B 104 -39.17 123.81 70.81
N MET B 105 -38.91 125.01 71.33
CA MET B 105 -39.84 125.71 72.22
C MET B 105 -40.07 127.11 71.66
N ASP B 106 -41.10 127.25 70.82
CA ASP B 106 -41.30 128.51 70.11
C ASP B 106 -41.93 129.58 70.99
N VAL B 107 -43.00 129.24 71.73
CA VAL B 107 -43.66 130.20 72.61
C VAL B 107 -43.43 129.78 74.05
N TRP B 108 -42.80 130.65 74.82
CA TRP B 108 -42.51 130.42 76.22
C TRP B 108 -43.53 131.11 77.10
N GLY B 109 -43.78 130.53 78.27
CA GLY B 109 -44.47 131.26 79.31
C GLY B 109 -43.62 132.42 79.82
N LYS B 110 -44.17 133.10 80.84
CA LYS B 110 -43.49 134.24 81.45
C LYS B 110 -42.72 133.85 82.72
N GLY B 111 -42.75 132.57 83.11
CA GLY B 111 -42.02 132.12 84.28
C GLY B 111 -42.67 132.42 85.61
N THR B 112 -42.70 131.41 86.47
CA THR B 112 -43.12 131.53 87.86
C THR B 112 -41.89 131.34 88.75
N THR B 113 -41.78 132.13 89.81
CA THR B 113 -40.64 132.05 90.72
C THR B 113 -41.01 131.20 91.93
N VAL B 114 -40.18 130.21 92.22
CA VAL B 114 -40.20 129.53 93.52
C VAL B 114 -38.96 130.00 94.28
N THR B 115 -39.17 130.55 95.48
CA THR B 115 -38.08 130.82 96.41
C THR B 115 -38.18 129.91 97.64
N VAL B 116 -37.26 128.96 97.72
CA VAL B 116 -37.16 128.01 98.81
C VAL B 116 -36.04 128.49 99.73
N SER B 117 -36.39 129.13 100.84
CA SER B 117 -35.41 129.65 101.78
C SER B 117 -35.49 128.95 103.12
N SER B 118 -34.32 128.58 103.64
CA SER B 118 -34.07 128.12 105.00
C SER B 118 -32.69 127.47 105.05
N GLY B 119 -32.63 126.16 105.28
CA GLY B 119 -31.38 125.44 105.29
C GLY B 119 -31.21 124.51 106.48
N VAL B 136 -22.19 118.55 80.79
CA VAL B 136 -23.27 118.90 79.87
C VAL B 136 -22.71 119.28 78.50
N LEU B 137 -22.89 120.54 78.11
CA LEU B 137 -22.44 121.09 76.83
C LEU B 137 -21.41 122.18 77.07
N THR B 138 -20.14 121.91 76.72
CA THR B 138 -19.16 122.98 76.78
C THR B 138 -19.51 124.12 75.83
N GLN B 139 -19.85 125.25 76.43
CA GLN B 139 -20.12 126.52 75.77
C GLN B 139 -19.34 127.58 76.53
N PRO B 140 -18.66 128.50 75.86
CA PRO B 140 -17.93 129.57 76.57
C PRO B 140 -18.87 130.38 77.45
N PRO B 141 -18.34 131.17 78.40
CA PRO B 141 -19.21 131.86 79.38
C PRO B 141 -19.67 133.24 78.94
N SER B 142 -18.83 133.96 78.20
CA SER B 142 -19.17 135.32 77.79
C SER B 142 -18.26 135.78 76.66
N VAL B 143 -18.81 136.61 75.77
CA VAL B 143 -18.06 137.31 74.75
C VAL B 143 -18.43 138.79 74.78
N SER B 144 -17.47 139.64 74.46
CA SER B 144 -17.67 141.08 74.42
C SER B 144 -17.31 141.60 73.03
N GLY B 145 -18.22 142.35 72.44
CA GLY B 145 -18.02 142.83 71.08
C GLY B 145 -18.40 144.30 70.95
N ALA B 146 -17.81 144.94 69.96
CA ALA B 146 -18.08 146.33 69.65
C ALA B 146 -19.22 146.43 68.64
N PRO B 147 -20.01 147.51 68.70
CA PRO B 147 -21.10 147.68 67.74
C PRO B 147 -20.60 147.62 66.30
N GLY B 148 -21.35 146.91 65.46
CA GLY B 148 -20.99 146.79 64.05
C GLY B 148 -20.34 145.46 63.70
N GLN B 149 -19.40 145.01 64.53
CA GLN B 149 -18.58 143.84 64.23
C GLN B 149 -19.41 142.56 64.22
N LYS B 150 -18.78 141.43 63.87
CA LYS B 150 -19.34 140.10 63.92
C LYS B 150 -18.70 139.31 65.06
N VAL B 151 -19.47 138.41 65.67
CA VAL B 151 -18.99 137.59 66.79
C VAL B 151 -19.71 136.25 66.73
N THR B 152 -19.07 135.23 67.29
CA THR B 152 -19.55 133.86 67.24
C THR B 152 -19.68 133.28 68.65
N ILE B 153 -20.59 132.32 68.79
CA ILE B 153 -20.77 131.56 70.03
C ILE B 153 -20.89 130.09 69.66
N SER B 154 -19.97 129.28 70.15
CA SER B 154 -19.98 127.85 69.91
C SER B 154 -20.64 127.11 71.08
N CYS B 155 -20.77 125.80 70.89
CA CYS B 155 -21.53 124.91 71.75
C CYS B 155 -21.23 123.49 71.27
N SER B 156 -20.48 122.72 72.05
CA SER B 156 -19.91 121.46 71.58
C SER B 156 -20.50 120.31 72.37
N GLY B 157 -21.15 119.39 71.66
CA GLY B 157 -21.72 118.23 72.29
C GLY B 157 -21.03 116.93 71.91
N SER B 158 -21.77 116.02 71.27
CA SER B 158 -21.29 114.67 71.06
C SER B 158 -22.19 113.97 70.05
N SER B 159 -21.81 112.75 69.69
CA SER B 159 -22.64 111.90 68.86
C SER B 159 -24.01 111.68 69.47
N SER B 160 -24.16 111.90 70.76
CA SER B 160 -25.43 111.68 71.43
C SER B 160 -26.37 112.85 71.26
N ASN B 161 -25.85 114.01 70.90
CA ASN B 161 -26.66 115.21 71.05
C ASN B 161 -26.50 116.16 69.86
N ILE B 162 -25.66 117.19 69.96
CA ILE B 162 -25.41 118.09 68.84
C ILE B 162 -25.06 117.29 67.59
N GLY B 163 -24.53 116.08 67.79
CA GLY B 163 -24.13 115.28 66.64
C GLY B 163 -25.28 114.68 65.86
N ARG B 164 -26.32 114.24 66.56
CA ARG B 164 -27.35 113.42 65.95
C ARG B 164 -28.66 114.13 65.67
N ASN B 165 -29.05 115.02 66.57
CA ASN B 165 -30.39 115.59 66.61
C ASN B 165 -30.35 117.06 66.24
N TYR B 166 -31.53 117.58 65.88
CA TYR B 166 -31.60 118.99 65.53
C TYR B 166 -31.38 119.86 66.76
N VAL B 167 -30.94 121.09 66.50
CA VAL B 167 -30.56 122.02 67.56
C VAL B 167 -31.51 123.21 67.56
N SER B 168 -31.61 123.85 68.73
CA SER B 168 -32.38 125.07 68.91
C SER B 168 -31.52 126.09 69.65
N TRP B 169 -31.63 127.35 69.26
CA TRP B 169 -30.91 128.44 69.90
C TRP B 169 -31.92 129.42 70.48
N TYR B 170 -31.68 129.82 71.73
CA TYR B 170 -32.58 130.71 72.45
C TYR B 170 -31.85 131.96 72.92
N GLN B 171 -32.51 133.11 72.75
CA GLN B 171 -31.97 134.41 73.11
C GLN B 171 -32.73 134.95 74.30
N GLN B 172 -32.05 135.19 75.41
CA GLN B 172 -32.68 135.71 76.63
C GLN B 172 -32.19 137.13 76.87
N LEU B 173 -32.97 138.11 76.41
CA LEU B 173 -32.69 139.50 76.70
C LEU B 173 -32.89 139.77 78.19
N PRO B 174 -32.36 140.89 78.68
CA PRO B 174 -32.37 141.14 80.13
C PRO B 174 -33.76 141.06 80.75
N GLY B 175 -33.83 140.40 81.91
CA GLY B 175 -35.05 140.32 82.69
C GLY B 175 -36.19 139.59 82.03
N ALA B 176 -35.97 139.10 80.81
CA ALA B 176 -37.02 138.48 80.02
C ALA B 176 -36.90 136.96 80.07
N ALA B 177 -38.01 136.29 79.75
CA ALA B 177 -37.97 134.86 79.55
C ALA B 177 -37.24 134.54 78.26
N PRO B 178 -36.66 133.34 78.14
CA PRO B 178 -35.98 132.97 76.91
C PRO B 178 -36.92 133.07 75.70
N LYS B 179 -36.34 133.45 74.57
CA LYS B 179 -37.05 133.56 73.31
C LYS B 179 -36.43 132.58 72.33
N LEU B 180 -37.21 132.12 71.36
CA LEU B 180 -36.66 131.27 70.31
C LEU B 180 -35.97 132.10 69.24
N LEU B 181 -34.67 131.84 69.07
CA LEU B 181 -33.79 132.50 68.12
C LEU B 181 -33.58 131.66 66.87
N LEU B 182 -33.41 130.35 67.02
CA LEU B 182 -33.15 129.46 65.91
C LEU B 182 -33.65 128.06 66.23
N TYR B 183 -34.17 127.41 65.19
CA TYR B 183 -34.64 126.03 65.27
C TYR B 183 -34.15 125.29 64.05
N ASP B 184 -34.35 123.97 64.07
CA ASP B 184 -33.96 123.08 62.98
C ASP B 184 -32.53 123.36 62.52
N ASN B 185 -31.60 123.20 63.46
CA ASN B 185 -30.19 123.52 63.28
C ASN B 185 -29.93 124.99 62.95
N ASN B 186 -30.69 125.59 62.03
CA ASN B 186 -30.32 126.94 61.57
C ASN B 186 -31.49 127.73 60.98
N LYS B 187 -32.73 127.44 61.36
CA LYS B 187 -33.86 128.17 60.81
C LYS B 187 -34.23 129.35 61.70
N ARG B 188 -34.68 130.43 61.06
CA ARG B 188 -35.04 131.62 61.81
C ARG B 188 -36.56 131.73 61.95
N PRO B 189 -37.05 131.96 63.16
CA PRO B 189 -38.46 132.34 63.31
C PRO B 189 -38.73 133.72 62.71
N SER B 190 -39.97 133.91 62.26
CA SER B 190 -40.42 135.22 61.79
C SER B 190 -40.13 136.28 62.84
N GLY B 191 -39.26 137.23 62.51
CA GLY B 191 -38.86 138.24 63.46
C GLY B 191 -37.37 138.29 63.71
N ILE B 192 -36.75 137.12 63.86
CA ILE B 192 -35.31 137.01 64.06
C ILE B 192 -34.65 137.46 62.77
N PRO B 193 -33.82 138.49 62.77
CA PRO B 193 -33.33 139.09 61.52
C PRO B 193 -32.20 138.26 60.88
N ASP B 194 -31.70 138.80 59.76
CA ASP B 194 -30.75 138.08 58.93
C ASP B 194 -29.41 137.90 59.63
N ARG B 195 -29.03 138.87 60.47
CA ARG B 195 -27.73 138.82 61.13
C ARG B 195 -27.57 137.54 61.94
N PHE B 196 -28.66 137.04 62.51
CA PHE B 196 -28.61 135.84 63.34
C PHE B 196 -28.69 134.62 62.43
N SER B 197 -27.62 133.83 62.40
CA SER B 197 -27.62 132.55 61.69
C SER B 197 -26.65 131.59 62.37
N ALA B 198 -26.92 130.30 62.22
CA ALA B 198 -26.14 129.24 62.85
C ALA B 198 -25.55 128.32 61.79
N SER B 199 -24.42 127.69 62.16
CA SER B 199 -23.75 126.67 61.35
C SER B 199 -23.55 125.41 62.20
N LYS B 200 -22.94 124.39 61.60
CA LYS B 200 -23.00 123.04 62.16
C LYS B 200 -21.96 122.17 61.48
N SER B 201 -21.00 121.65 62.25
CA SER B 201 -20.07 120.64 61.77
C SER B 201 -19.76 119.66 62.88
N GLY B 202 -19.89 118.37 62.58
CA GLY B 202 -19.69 117.33 63.57
C GLY B 202 -20.54 117.53 64.79
N PRO B 203 -19.91 117.59 65.98
CA PRO B 203 -20.66 117.88 67.20
C PRO B 203 -20.49 119.32 67.69
N SER B 204 -20.65 120.30 66.80
CA SER B 204 -20.65 121.70 67.22
C SER B 204 -21.65 122.48 66.39
N THR B 205 -22.37 123.37 67.05
CA THR B 205 -23.23 124.36 66.41
C THR B 205 -22.77 125.74 66.86
N THR B 206 -22.46 126.61 65.89
CA THR B 206 -21.92 127.94 66.18
C THR B 206 -22.87 129.00 65.64
N LEU B 207 -23.60 129.65 66.55
CA LEU B 207 -24.34 130.86 66.21
C LEU B 207 -23.38 131.99 65.89
N ALA B 208 -23.78 132.87 64.97
CA ALA B 208 -22.94 134.01 64.63
C ALA B 208 -23.82 135.19 64.25
N ILE B 209 -23.74 136.25 65.04
CA ILE B 209 -24.50 137.47 64.81
C ILE B 209 -23.58 138.46 64.12
N THR B 210 -24.10 139.16 63.09
CA THR B 210 -23.24 139.85 62.13
C THR B 210 -23.21 141.36 62.29
N GLY B 211 -24.35 142.04 62.16
CA GLY B 211 -24.36 143.49 62.30
C GLY B 211 -24.58 143.89 63.74
N LEU B 212 -23.76 143.33 64.62
CA LEU B 212 -23.93 143.39 66.07
C LEU B 212 -24.39 144.75 66.56
N GLN B 213 -25.70 144.87 66.77
CA GLN B 213 -26.29 146.08 67.30
C GLN B 213 -26.16 146.10 68.82
N THR B 214 -26.68 147.15 69.45
CA THR B 214 -26.65 147.25 70.90
C THR B 214 -27.74 146.40 71.54
N GLY B 215 -28.91 146.31 70.88
CA GLY B 215 -30.04 145.58 71.44
C GLY B 215 -29.84 144.09 71.52
N ASP B 216 -28.75 143.58 70.98
CA ASP B 216 -28.45 142.15 70.99
C ASP B 216 -27.76 141.70 72.27
N GLU B 217 -27.60 142.59 73.25
CA GLU B 217 -26.93 142.22 74.50
C GLU B 217 -27.83 141.26 75.27
N ALA B 218 -27.35 140.02 75.45
CA ALA B 218 -28.21 139.00 76.06
C ALA B 218 -27.42 137.72 76.32
N ASP B 219 -28.11 136.79 76.99
CA ASP B 219 -27.65 135.41 77.13
C ASP B 219 -28.20 134.58 75.97
N TYR B 220 -27.34 133.78 75.37
CA TYR B 220 -27.75 132.89 74.29
C TYR B 220 -27.53 131.44 74.70
N PHE B 221 -28.53 130.60 74.48
CA PHE B 221 -28.43 129.19 74.85
C PHE B 221 -28.73 128.29 73.65
N CYS B 222 -27.87 127.30 73.45
CA CYS B 222 -28.15 126.19 72.55
C CYS B 222 -28.90 125.10 73.31
N GLY B 223 -29.73 124.35 72.60
CA GLY B 223 -30.46 123.28 73.26
C GLY B 223 -30.61 122.07 72.37
N VAL B 224 -30.16 120.89 72.77
CA VAL B 224 -30.36 119.80 71.82
C VAL B 224 -30.95 118.71 72.67
N TRP B 225 -31.29 117.60 72.03
CA TRP B 225 -31.74 116.39 72.71
C TRP B 225 -30.63 115.34 72.65
N ASP B 226 -30.06 115.00 73.80
CA ASP B 226 -29.07 113.93 73.91
C ASP B 226 -29.80 112.60 73.90
N SER B 227 -29.70 111.87 72.80
CA SER B 227 -30.52 110.67 72.60
C SER B 227 -30.18 109.54 73.57
N SER B 228 -29.10 109.62 74.33
CA SER B 228 -28.75 108.57 75.29
C SER B 228 -29.14 108.92 76.72
N LEU B 229 -28.99 110.18 77.13
CA LEU B 229 -29.43 110.57 78.45
C LEU B 229 -30.93 110.78 78.51
N ARG B 230 -31.55 111.11 77.37
CA ARG B 230 -32.97 111.41 77.27
C ARG B 230 -33.31 112.67 78.07
N ALA B 231 -32.73 113.79 77.63
CA ALA B 231 -33.00 115.11 78.18
C ALA B 231 -32.65 116.14 77.13
N VAL B 232 -33.23 117.33 77.28
CA VAL B 232 -33.00 118.44 76.36
C VAL B 232 -31.82 119.22 76.92
N LEU B 233 -30.61 118.80 76.55
CA LEU B 233 -29.42 119.41 77.10
C LEU B 233 -29.29 120.85 76.63
N PHE B 234 -29.19 121.77 77.58
CA PHE B 234 -28.91 123.17 77.32
C PHE B 234 -27.41 123.42 77.42
N GLY B 235 -26.96 124.45 76.70
CA GLY B 235 -25.64 124.96 76.91
C GLY B 235 -25.55 125.71 78.23
N GLY B 236 -24.36 125.74 78.80
CA GLY B 236 -24.11 126.45 80.04
C GLY B 236 -24.49 127.90 79.90
N GLY B 237 -24.47 128.38 78.66
CA GLY B 237 -24.84 129.74 78.37
C GLY B 237 -23.63 130.65 78.19
N THR B 238 -23.73 131.54 77.21
CA THR B 238 -22.90 132.75 77.02
C THR B 238 -23.64 134.06 77.18
N LYS B 239 -23.05 134.94 78.00
CA LYS B 239 -23.52 136.31 78.15
C LYS B 239 -22.80 137.19 77.12
N LEU B 240 -23.55 137.98 76.37
CA LEU B 240 -23.02 138.89 75.37
C LEU B 240 -23.14 140.33 75.84
N THR B 241 -22.01 141.02 75.98
CA THR B 241 -21.98 142.43 76.34
C THR B 241 -21.44 143.22 75.16
N VAL B 242 -22.27 144.12 74.61
CA VAL B 242 -21.94 144.91 73.43
C VAL B 242 -21.58 146.32 73.88
N LEU B 243 -20.54 146.89 73.26
CA LEU B 243 -19.96 148.14 73.76
C LEU B 243 -20.53 149.29 72.98
N SER C 6 35.39 6.32 12.33
CA SER C 6 34.05 6.88 12.20
C SER C 6 32.99 6.14 13.01
N LEU C 7 31.74 6.61 12.91
CA LEU C 7 30.68 6.21 13.82
C LEU C 7 29.33 6.31 13.15
N HIS C 8 28.58 5.21 13.11
CA HIS C 8 27.27 5.19 12.47
C HIS C 8 26.24 5.11 13.59
N ILE C 9 25.17 5.91 13.49
CA ILE C 9 24.14 5.93 14.53
C ILE C 9 22.79 5.66 13.91
N TYR C 10 21.95 4.92 14.63
CA TYR C 10 20.56 4.67 14.25
C TYR C 10 19.70 5.27 15.37
N ASN C 11 19.13 6.44 15.09
CA ASN C 11 18.29 7.17 16.03
C ASN C 11 17.02 7.62 15.34
N TRP C 12 16.04 8.03 16.13
CA TRP C 12 14.73 8.42 15.62
C TRP C 12 14.80 9.68 14.78
N THR C 13 13.75 9.91 14.00
CA THR C 13 13.56 11.19 13.36
C THR C 13 13.28 12.26 14.41
N ASP C 14 13.77 13.46 14.15
CA ASP C 14 13.46 14.64 14.96
C ASP C 14 13.90 14.42 16.41
N TYR C 15 15.14 13.98 16.59
CA TYR C 15 15.53 13.48 17.90
C TYR C 15 16.98 13.88 18.19
N ILE C 16 17.34 15.10 17.78
CA ILE C 16 18.67 15.69 17.95
C ILE C 16 18.68 17.08 17.30
N ALA C 17 19.41 18.01 17.90
CA ALA C 17 19.61 19.32 17.29
C ALA C 17 20.48 19.20 16.04
N PRO C 18 20.42 20.16 15.12
CA PRO C 18 21.19 20.01 13.87
C PRO C 18 22.69 20.06 14.11
N THR C 19 23.15 21.01 14.93
CA THR C 19 24.57 21.19 15.18
C THR C 19 25.12 20.29 16.28
N THR C 20 24.30 19.42 16.88
CA THR C 20 24.79 18.57 17.96
C THR C 20 25.91 17.67 17.47
N LEU C 21 25.81 17.20 16.23
CA LEU C 21 26.86 16.35 15.68
C LEU C 21 28.06 17.17 15.20
N LYS C 22 27.81 18.27 14.48
CA LYS C 22 28.90 19.13 14.00
C LYS C 22 29.79 19.61 15.14
N ASP C 23 29.28 19.64 16.37
CA ASP C 23 30.12 19.97 17.51
C ASP C 23 30.98 18.78 17.94
N PHE C 24 30.37 17.60 18.06
CA PHE C 24 31.11 16.43 18.53
C PHE C 24 32.23 16.07 17.56
N THR C 25 31.98 16.18 16.26
CA THR C 25 33.00 15.93 15.26
C THR C 25 34.18 16.88 15.44
N LYS C 26 33.89 18.15 15.71
CA LYS C 26 34.92 19.17 15.81
C LYS C 26 35.79 18.95 17.04
N GLU C 27 35.19 18.51 18.14
CA GLU C 27 35.93 18.33 19.39
C GLU C 27 36.73 17.03 19.39
N SER C 28 36.08 15.91 19.06
CA SER C 28 36.68 14.59 19.24
C SER C 28 37.55 14.15 18.07
N GLY C 29 37.33 14.69 16.87
CA GLY C 29 37.99 14.20 15.68
C GLY C 29 37.30 13.02 15.02
N ILE C 30 36.21 12.54 15.60
CA ILE C 30 35.46 11.42 15.03
C ILE C 30 34.49 11.96 14.00
N ASP C 31 34.13 11.12 13.03
CA ASP C 31 33.10 11.43 12.06
C ASP C 31 31.89 10.54 12.28
N VAL C 32 30.70 11.12 12.19
CA VAL C 32 29.45 10.39 12.41
C VAL C 32 28.69 10.31 11.10
N SER C 33 28.12 9.14 10.82
CA SER C 33 27.03 9.00 9.86
C SER C 33 25.75 8.75 10.63
N TYR C 34 24.71 9.50 10.29
CA TYR C 34 23.48 9.54 11.08
C TYR C 34 22.33 9.05 10.21
N ASP C 35 21.73 7.94 10.60
CA ASP C 35 20.61 7.35 9.90
C ASP C 35 19.43 7.23 10.85
N VAL C 36 18.23 7.49 10.34
CA VAL C 36 17.05 7.70 11.18
C VAL C 36 16.01 6.62 10.93
N PHE C 37 15.30 6.25 11.99
CA PHE C 37 14.12 5.40 11.94
C PHE C 37 12.98 6.10 12.67
N ASP C 38 11.74 5.75 12.35
CA ASP C 38 10.61 6.41 12.97
C ASP C 38 9.75 5.50 13.84
N SER C 39 9.97 4.19 13.80
CA SER C 39 9.13 3.27 14.54
C SER C 39 10.05 2.32 15.31
N ASN C 40 9.73 2.07 16.59
CA ASN C 40 10.39 1.02 17.36
C ASN C 40 10.43 -0.29 16.61
N GLU C 41 9.41 -0.55 15.79
CA GLU C 41 9.35 -1.80 15.04
C GLU C 41 10.47 -1.86 13.99
N THR C 42 10.72 -0.75 13.29
CA THR C 42 11.80 -0.73 12.30
C THR C 42 13.13 -1.15 12.92
N LEU C 43 13.52 -0.48 14.00
CA LEU C 43 14.79 -0.78 14.66
C LEU C 43 14.93 -2.27 14.99
N GLU C 44 13.83 -2.91 15.40
CA GLU C 44 13.96 -4.29 15.83
C GLU C 44 14.26 -5.21 14.66
N GLY C 45 13.82 -4.85 13.46
CA GLY C 45 14.14 -5.66 12.30
C GLY C 45 15.63 -5.66 11.99
N LYS C 46 16.23 -4.47 11.90
CA LYS C 46 17.68 -4.36 11.72
C LYS C 46 18.43 -5.21 12.74
N LEU C 47 18.20 -4.94 14.03
CA LEU C 47 18.87 -5.67 15.10
C LEU C 47 18.75 -7.18 14.95
N VAL C 48 17.62 -7.68 14.43
CA VAL C 48 17.45 -9.12 14.33
C VAL C 48 18.09 -9.66 13.05
N SER C 49 17.89 -8.97 11.93
CA SER C 49 18.49 -9.42 10.68
C SER C 49 20.01 -9.37 10.78
N GLY C 50 20.61 -10.46 11.24
CA GLY C 50 22.04 -10.58 11.46
C GLY C 50 22.70 -9.33 11.99
N HIS C 51 23.12 -8.46 11.07
CA HIS C 51 23.88 -7.28 11.46
C HIS C 51 23.74 -6.13 10.47
N SER C 52 23.42 -4.95 11.02
CA SER C 52 23.58 -3.66 10.35
C SER C 52 24.65 -2.88 11.09
N GLY C 53 25.64 -2.37 10.36
CA GLY C 53 26.80 -1.77 10.98
C GLY C 53 26.56 -0.46 11.74
N TYR C 54 25.56 -0.45 12.62
CA TYR C 54 25.35 0.69 13.51
C TYR C 54 26.07 0.46 14.83
N ASP C 55 26.86 1.45 15.25
CA ASP C 55 27.56 1.33 16.52
C ASP C 55 26.68 1.73 17.69
N ILE C 56 25.68 2.58 17.44
CA ILE C 56 24.78 3.06 18.48
C ILE C 56 23.37 3.02 17.90
N VAL C 57 22.44 2.41 18.64
CA VAL C 57 21.02 2.45 18.29
C VAL C 57 20.27 2.95 19.52
N VAL C 58 19.04 3.42 19.30
CA VAL C 58 18.27 4.03 20.36
C VAL C 58 16.90 3.34 20.47
N PRO C 59 16.82 2.20 21.14
CA PRO C 59 15.51 1.57 21.37
C PRO C 59 14.79 2.16 22.57
N SER C 60 13.47 2.10 22.52
CA SER C 60 12.66 2.47 23.66
C SER C 60 12.81 1.44 24.79
N ASN C 61 12.26 1.78 25.95
CA ASN C 61 12.57 1.02 27.16
C ASN C 61 12.05 -0.42 27.09
N ASN C 62 10.82 -0.61 26.60
CA ASN C 62 10.24 -1.97 26.62
C ASN C 62 10.92 -2.87 25.61
N PHE C 63 11.13 -2.37 24.38
CA PHE C 63 11.79 -3.16 23.35
C PHE C 63 13.19 -3.59 23.79
N LEU C 64 13.90 -2.69 24.48
CA LEU C 64 15.27 -2.99 24.90
C LEU C 64 15.33 -4.28 25.72
N GLY C 65 14.33 -4.48 26.59
CA GLY C 65 14.33 -5.68 27.41
C GLY C 65 14.40 -6.95 26.61
N LYS C 66 13.66 -7.01 25.49
CA LYS C 66 13.68 -8.21 24.67
C LYS C 66 14.98 -8.32 23.89
N GLN C 67 15.41 -7.23 23.26
CA GLN C 67 16.66 -7.24 22.50
C GLN C 67 17.84 -7.58 23.39
N ILE C 68 17.81 -7.14 24.65
CA ILE C 68 18.83 -7.56 25.61
C ILE C 68 18.78 -9.07 25.81
N GLN C 69 17.58 -9.62 26.04
CA GLN C 69 17.47 -11.04 26.35
C GLN C 69 17.95 -11.93 25.21
N ALA C 70 18.04 -11.40 23.99
CA ALA C 70 18.61 -12.11 22.85
C ALA C 70 20.06 -11.69 22.58
N GLY C 71 20.72 -11.06 23.54
CA GLY C 71 22.11 -10.68 23.41
C GLY C 71 22.40 -9.76 22.24
N ALA C 72 21.45 -8.91 21.87
CA ALA C 72 21.66 -8.02 20.73
C ALA C 72 22.73 -6.98 21.01
N PHE C 73 22.92 -6.63 22.28
CA PHE C 73 23.83 -5.57 22.67
C PHE C 73 24.97 -6.14 23.50
N GLN C 74 26.05 -5.37 23.60
CA GLN C 74 27.20 -5.71 24.40
C GLN C 74 27.18 -4.93 25.71
N LYS C 75 27.76 -5.54 26.75
CA LYS C 75 27.81 -4.89 28.05
C LYS C 75 28.55 -3.57 27.98
N LEU C 76 28.08 -2.59 28.76
CA LEU C 76 28.67 -1.26 28.77
C LEU C 76 29.94 -1.23 29.61
N ASP C 77 31.01 -0.67 29.03
CA ASP C 77 32.26 -0.45 29.76
C ASP C 77 32.21 0.93 30.40
N LYS C 78 31.57 0.99 31.57
CA LYS C 78 31.34 2.24 32.28
C LYS C 78 32.60 3.05 32.52
N SER C 79 33.75 2.37 32.63
CA SER C 79 35.02 3.09 32.70
C SER C 79 35.21 4.02 31.51
N LYS C 80 34.53 3.75 30.39
CA LYS C 80 34.61 4.58 29.20
C LYS C 80 33.48 5.62 29.14
N LEU C 81 32.68 5.74 30.20
CA LEU C 81 31.64 6.77 30.31
C LEU C 81 31.82 7.52 31.62
N PRO C 82 32.82 8.40 31.69
CA PRO C 82 33.07 9.12 32.96
C PRO C 82 31.89 9.96 33.42
N ASN C 83 31.13 10.55 32.48
CA ASN C 83 29.98 11.35 32.83
C ASN C 83 28.76 10.51 33.19
N TRP C 84 28.96 9.24 33.54
CA TRP C 84 27.87 8.42 34.05
C TRP C 84 27.29 9.03 35.31
N LYS C 85 28.14 9.55 36.20
CA LYS C 85 27.70 10.18 37.43
C LYS C 85 26.67 11.28 37.18
N ASN C 86 26.60 11.81 35.97
CA ASN C 86 25.62 12.84 35.65
C ASN C 86 24.19 12.32 35.60
N LEU C 87 24.00 11.01 35.40
CA LEU C 87 22.66 10.47 35.22
C LEU C 87 21.88 10.47 36.53
N ASP C 88 20.57 10.73 36.41
CA ASP C 88 19.67 10.70 37.56
C ASP C 88 19.52 9.27 38.05
N PRO C 89 19.91 8.96 39.29
CA PRO C 89 19.71 7.59 39.80
C PRO C 89 18.25 7.17 39.81
N ALA C 90 17.34 8.09 40.17
CA ALA C 90 15.93 7.74 40.23
C ALA C 90 15.41 7.26 38.88
N LEU C 91 15.91 7.81 37.77
CA LEU C 91 15.50 7.32 36.46
C LEU C 91 16.16 5.98 36.14
N LEU C 92 17.49 5.92 36.17
CA LEU C 92 18.22 4.67 36.00
C LEU C 92 17.57 3.50 36.75
N LYS C 93 17.37 3.67 38.06
CA LYS C 93 16.79 2.61 38.88
C LYS C 93 15.44 2.15 38.35
N GLN C 94 14.70 3.05 37.69
CA GLN C 94 13.42 2.70 37.10
C GLN C 94 13.61 1.70 35.97
N LEU C 95 14.45 2.05 34.99
CA LEU C 95 14.77 1.23 33.84
C LEU C 95 15.43 -0.09 34.21
N GLU C 96 15.72 -0.29 35.50
CA GLU C 96 16.33 -1.54 35.95
C GLU C 96 15.46 -2.76 35.73
N VAL C 97 14.24 -2.58 35.21
CA VAL C 97 13.45 -3.73 34.80
C VAL C 97 13.94 -4.24 33.44
N SER C 98 13.86 -3.39 32.42
CA SER C 98 14.25 -3.79 31.08
C SER C 98 15.72 -4.16 31.02
N ASP C 99 16.54 -3.43 31.76
CA ASP C 99 18.00 -3.54 31.66
C ASP C 99 18.52 -3.66 33.08
N PRO C 100 18.42 -4.85 33.70
CA PRO C 100 18.85 -4.99 35.09
C PRO C 100 20.33 -4.69 35.26
N GLY C 101 20.66 -4.01 36.36
CA GLY C 101 22.04 -3.67 36.62
C GLY C 101 22.60 -2.57 35.75
N ASN C 102 21.74 -1.84 35.01
CA ASN C 102 22.14 -0.80 34.07
C ASN C 102 23.42 -1.15 33.32
N GLN C 103 23.36 -2.15 32.44
CA GLN C 103 24.56 -2.71 31.84
C GLN C 103 24.66 -2.55 30.34
N TYR C 104 23.53 -2.42 29.64
CA TYR C 104 23.53 -2.39 28.19
C TYR C 104 23.00 -1.09 27.61
N ALA C 105 22.34 -0.26 28.41
CA ALA C 105 21.64 0.91 27.87
C ALA C 105 21.90 2.16 28.70
N VAL C 106 21.95 3.29 28.00
CA VAL C 106 22.21 4.59 28.61
C VAL C 106 21.04 5.49 28.23
N PRO C 107 20.39 6.17 29.18
CA PRO C 107 19.23 7.00 28.82
C PRO C 107 19.61 8.13 27.86
N TYR C 108 18.65 8.49 27.01
CA TYR C 108 18.82 9.59 26.07
C TYR C 108 17.77 10.67 26.37
N LEU C 109 16.55 10.45 25.88
CA LEU C 109 15.43 11.33 26.12
C LEU C 109 14.23 10.50 26.56
N TRP C 110 13.26 11.16 27.20
CA TRP C 110 12.04 10.49 27.59
C TRP C 110 10.86 11.44 27.43
N GLY C 111 9.68 10.86 27.36
CA GLY C 111 8.47 11.65 27.18
C GLY C 111 7.25 10.77 27.23
N THR C 112 6.12 11.35 26.82
CA THR C 112 4.84 10.68 26.86
C THR C 112 4.19 10.75 25.48
N ASN C 113 3.22 9.86 25.26
CA ASN C 113 2.44 9.90 24.03
C ASN C 113 1.03 10.38 24.34
N GLY C 114 0.35 10.91 23.34
CA GLY C 114 -0.96 11.47 23.59
C GLY C 114 -1.53 12.15 22.36
N ILE C 115 -2.57 12.93 22.59
CA ILE C 115 -3.29 13.63 21.54
C ILE C 115 -2.64 14.98 21.28
N GLY C 116 -2.41 15.26 20.00
CA GLY C 116 -1.97 16.58 19.57
C GLY C 116 -2.90 17.14 18.53
N TYR C 117 -3.48 18.32 18.78
CA TYR C 117 -4.56 18.78 17.94
C TYR C 117 -4.41 20.26 17.58
N ASN C 118 -4.89 20.59 16.37
CA ASN C 118 -5.07 21.96 15.92
C ASN C 118 -6.27 22.55 16.66
N VAL C 119 -6.02 23.48 17.59
CA VAL C 119 -7.10 24.02 18.39
C VAL C 119 -8.13 24.71 17.50
N ALA C 120 -7.69 25.35 16.41
CA ALA C 120 -8.62 26.03 15.52
C ALA C 120 -9.66 25.06 14.96
N LYS C 121 -9.21 24.04 14.24
CA LYS C 121 -10.08 23.15 13.49
C LYS C 121 -10.61 21.97 14.29
N VAL C 122 -10.42 21.98 15.61
CA VAL C 122 -11.15 21.06 16.48
C VAL C 122 -12.46 21.68 16.93
N LYS C 123 -12.40 22.93 17.39
CA LYS C 123 -13.62 23.64 17.79
C LYS C 123 -14.54 23.83 16.58
N GLU C 124 -13.96 23.93 15.40
CA GLU C 124 -14.74 24.08 14.16
C GLU C 124 -15.70 22.92 13.94
N VAL C 125 -15.46 21.76 14.56
CA VAL C 125 -16.24 20.56 14.32
C VAL C 125 -16.57 19.84 15.62
N LEU C 126 -16.07 20.35 16.75
CA LEU C 126 -16.31 19.70 18.04
C LEU C 126 -16.85 20.66 19.09
N GLY C 127 -16.99 21.95 18.78
CA GLY C 127 -17.42 22.93 19.76
C GLY C 127 -16.44 22.99 20.92
N ASP C 128 -16.89 23.62 21.99
CA ASP C 128 -16.09 23.63 23.21
C ASP C 128 -16.20 22.33 23.99
N GLN C 129 -16.23 21.18 23.32
CA GLN C 129 -16.10 19.90 24.01
C GLN C 129 -14.69 19.75 24.55
N PRO C 130 -14.53 19.33 25.81
CA PRO C 130 -13.19 19.17 26.37
C PRO C 130 -12.41 18.06 25.67
N ILE C 131 -11.17 18.39 25.30
CA ILE C 131 -10.25 17.40 24.73
C ILE C 131 -9.44 16.82 25.88
N ASP C 132 -10.01 15.86 26.63
CA ASP C 132 -9.33 15.35 27.82
C ASP C 132 -9.38 13.83 28.00
N SER C 133 -10.00 13.08 27.10
CA SER C 133 -10.03 11.63 27.21
C SER C 133 -9.58 11.02 25.89
N TRP C 134 -9.07 9.78 25.95
CA TRP C 134 -8.72 9.11 24.70
C TRP C 134 -9.92 8.93 23.79
N ALA C 135 -11.13 9.04 24.34
CA ALA C 135 -12.37 8.95 23.58
C ALA C 135 -12.44 9.94 22.42
N ILE C 136 -11.54 10.93 22.38
CA ILE C 136 -11.57 11.85 21.24
C ILE C 136 -11.19 11.09 19.96
N LEU C 137 -10.37 10.04 20.09
CA LEU C 137 -9.91 9.25 18.95
C LEU C 137 -10.48 7.84 18.89
N PHE C 138 -10.86 7.26 20.02
CA PHE C 138 -11.35 5.89 20.04
C PHE C 138 -12.87 5.80 20.03
N GLU C 139 -13.58 6.92 19.95
CA GLU C 139 -15.02 6.84 19.83
C GLU C 139 -15.44 7.26 18.43
N PRO C 140 -16.25 6.43 17.75
CA PRO C 140 -16.63 6.76 16.37
C PRO C 140 -17.48 8.02 16.28
N GLU C 141 -18.19 8.35 17.34
CA GLU C 141 -19.06 9.52 17.33
C GLU C 141 -18.25 10.80 17.18
N ASN C 142 -17.09 10.87 17.84
CA ASN C 142 -16.19 12.01 17.69
C ASN C 142 -15.38 11.92 16.41
N MET C 143 -14.89 10.72 16.09
CA MET C 143 -13.97 10.54 14.97
C MET C 143 -14.67 10.76 13.64
N LYS C 144 -15.93 10.31 13.53
CA LYS C 144 -16.75 10.65 12.36
C LYS C 144 -16.72 12.15 12.09
N LYS C 145 -16.71 12.96 13.15
CA LYS C 145 -16.74 14.42 13.01
C LYS C 145 -15.37 14.95 12.60
N LEU C 146 -14.31 14.31 13.08
CA LEU C 146 -12.96 14.83 12.87
C LEU C 146 -12.40 14.42 11.52
N ALA C 147 -12.64 13.18 11.12
CA ALA C 147 -12.10 12.66 9.87
C ALA C 147 -12.17 13.59 8.64
N LYS C 148 -12.87 14.74 8.67
CA LYS C 148 -12.96 15.68 7.55
C LYS C 148 -11.64 16.37 7.28
N CYS C 149 -11.03 16.88 8.34
CA CYS C 149 -9.85 17.70 8.19
C CYS C 149 -8.57 16.95 8.48
N GLY C 150 -8.67 15.70 8.91
CA GLY C 150 -7.51 14.86 9.02
C GLY C 150 -7.17 14.33 10.40
N VAL C 151 -7.17 13.00 10.52
CA VAL C 151 -6.76 12.30 11.73
C VAL C 151 -5.66 11.32 11.36
N ALA C 152 -4.64 11.22 12.21
CA ALA C 152 -3.47 10.38 11.96
C ALA C 152 -3.21 9.45 13.14
N PHE C 153 -3.10 8.16 12.87
CA PHE C 153 -2.67 7.19 13.87
C PHE C 153 -1.23 6.77 13.60
N MET C 154 -0.64 6.16 14.63
CA MET C 154 0.71 5.64 14.55
C MET C 154 0.70 4.22 13.99
N ASP C 155 1.53 3.99 12.99
CA ASP C 155 1.65 2.69 12.36
C ASP C 155 2.47 1.75 13.24
N SER C 156 2.07 1.62 14.51
CA SER C 156 2.76 0.76 15.46
C SER C 156 1.72 0.08 16.34
N GLY C 157 1.77 -1.25 16.39
CA GLY C 157 0.88 -1.99 17.27
C GLY C 157 1.17 -1.77 18.74
N ASP C 158 2.45 -1.61 19.10
CA ASP C 158 2.80 -1.33 20.48
C ASP C 158 2.38 0.07 20.92
N GLU C 159 2.03 0.96 19.99
CA GLU C 159 1.56 2.29 20.38
C GLU C 159 0.05 2.36 20.53
N MET C 160 -0.71 1.79 19.58
CA MET C 160 -2.14 2.05 19.53
C MET C 160 -2.95 1.02 20.32
N LEU C 161 -2.55 -0.25 20.29
CA LEU C 161 -3.28 -1.27 21.08
C LEU C 161 -3.17 -1.04 22.58
N PRO C 162 -1.98 -0.86 23.17
CA PRO C 162 -1.91 -0.59 24.63
C PRO C 162 -2.53 0.73 25.04
N ALA C 163 -2.75 1.64 24.09
CA ALA C 163 -3.49 2.86 24.40
C ALA C 163 -4.95 2.55 24.68
N ALA C 164 -5.61 1.80 23.79
CA ALA C 164 -7.05 1.52 23.93
C ALA C 164 -7.36 0.62 25.10
N LEU C 165 -6.38 -0.14 25.58
CA LEU C 165 -6.59 -0.97 26.76
C LEU C 165 -6.68 -0.12 28.02
N ASN C 166 -5.64 0.67 28.30
CA ASN C 166 -5.69 1.65 29.37
C ASN C 166 -6.90 2.57 29.25
N TYR C 167 -7.30 2.90 28.01
CA TYR C 167 -8.48 3.74 27.81
C TYR C 167 -9.70 3.11 28.45
N LEU C 168 -9.86 1.80 28.34
CA LEU C 168 -11.02 1.13 28.93
C LEU C 168 -10.75 0.62 30.34
N GLY C 169 -9.76 1.16 31.03
CA GLY C 169 -9.44 0.69 32.37
C GLY C 169 -8.72 -0.63 32.42
N LEU C 170 -8.56 -1.32 31.29
CA LEU C 170 -7.84 -2.58 31.23
C LEU C 170 -6.34 -2.32 31.45
N ASP C 171 -5.57 -3.39 31.39
CA ASP C 171 -4.12 -3.29 31.57
C ASP C 171 -3.47 -3.09 30.20
N PRO C 172 -2.69 -2.02 30.00
CA PRO C 172 -1.99 -1.87 28.72
C PRO C 172 -0.98 -2.97 28.47
N ASN C 173 -0.50 -3.64 29.53
CA ASN C 173 0.41 -4.77 29.39
C ASN C 173 -0.29 -6.06 29.78
N THR C 174 -1.41 -6.37 29.13
CA THR C 174 -2.15 -7.56 29.50
C THR C 174 -1.75 -8.72 28.60
N HIS C 175 -1.65 -9.90 29.21
CA HIS C 175 -1.41 -11.13 28.46
C HIS C 175 -2.71 -11.82 28.08
N ASP C 176 -3.84 -11.19 28.37
CA ASP C 176 -5.12 -11.82 28.09
C ASP C 176 -5.49 -11.61 26.62
N PRO C 177 -5.71 -12.68 25.87
CA PRO C 177 -6.14 -12.50 24.47
C PRO C 177 -7.50 -11.85 24.33
N LYS C 178 -8.34 -11.89 25.37
CA LYS C 178 -9.69 -11.34 25.33
C LYS C 178 -9.73 -9.83 25.56
N ASP C 179 -8.82 -9.30 26.38
CA ASP C 179 -8.71 -7.86 26.50
C ASP C 179 -8.37 -7.24 25.15
N TYR C 180 -7.35 -7.78 24.49
CA TYR C 180 -7.04 -7.40 23.12
C TYR C 180 -8.24 -7.63 22.19
N LYS C 181 -9.01 -8.70 22.43
CA LYS C 181 -10.23 -8.95 21.65
C LYS C 181 -11.08 -7.68 21.56
N LYS C 182 -11.37 -7.06 22.71
CA LYS C 182 -12.27 -5.90 22.73
C LYS C 182 -11.62 -4.68 22.12
N ALA C 183 -10.43 -4.30 22.60
CA ALA C 183 -9.80 -3.10 22.07
C ALA C 183 -9.26 -3.31 20.66
N GLU C 184 -9.14 -4.56 20.18
CA GLU C 184 -9.05 -4.71 18.74
C GLU C 184 -10.23 -4.03 18.08
N GLU C 185 -11.41 -4.19 18.67
CA GLU C 185 -12.63 -3.75 18.02
C GLU C 185 -13.11 -2.39 18.52
N VAL C 186 -12.60 -1.90 19.65
CA VAL C 186 -12.64 -0.46 19.91
C VAL C 186 -11.86 0.27 18.83
N LEU C 187 -10.68 -0.25 18.48
CA LEU C 187 -9.84 0.36 17.46
C LEU C 187 -10.43 0.19 16.06
N THR C 188 -10.73 -1.06 15.67
CA THR C 188 -11.35 -1.28 14.36
C THR C 188 -12.66 -0.51 14.24
N LYS C 189 -13.28 -0.16 15.39
CA LYS C 189 -14.51 0.62 15.38
C LYS C 189 -14.31 1.95 14.67
N VAL C 190 -13.26 2.69 15.02
CA VAL C 190 -13.09 4.01 14.41
C VAL C 190 -12.29 3.97 13.12
N ARG C 191 -11.70 2.82 12.76
CA ARG C 191 -10.71 2.75 11.69
C ARG C 191 -11.06 3.49 10.40
N PRO C 192 -12.28 3.42 9.85
CA PRO C 192 -12.55 4.15 8.60
C PRO C 192 -12.29 5.64 8.66
N TYR C 193 -12.05 6.21 9.85
CA TYR C 193 -11.91 7.64 10.04
C TYR C 193 -10.47 8.04 10.37
N VAL C 194 -9.49 7.31 9.87
CA VAL C 194 -8.09 7.60 10.14
C VAL C 194 -7.43 7.88 8.80
N SER C 195 -7.10 9.15 8.55
CA SER C 195 -6.60 9.57 7.25
C SER C 195 -5.41 8.73 6.79
N TYR C 196 -4.53 8.36 7.72
CA TYR C 196 -3.43 7.47 7.41
C TYR C 196 -2.86 6.92 8.73
N PHE C 197 -2.04 5.88 8.59
CA PHE C 197 -1.26 5.33 9.69
C PHE C 197 0.21 5.71 9.51
N HIS C 198 0.75 6.49 10.45
CA HIS C 198 2.15 6.89 10.40
C HIS C 198 2.63 7.26 11.79
N SER C 199 3.93 7.11 11.99
CA SER C 199 4.57 7.46 13.25
C SER C 199 5.34 8.76 13.21
N SER C 200 5.37 9.48 12.08
CA SER C 200 6.16 10.71 12.03
C SER C 200 5.58 11.81 11.14
N LYS C 201 4.94 11.43 10.01
CA LYS C 201 4.48 12.40 9.03
C LYS C 201 3.47 13.39 9.62
N TYR C 202 2.95 13.09 10.81
CA TYR C 202 2.01 14.00 11.45
C TYR C 202 2.71 15.26 11.99
N ILE C 203 3.98 15.15 12.38
CA ILE C 203 4.78 16.26 12.92
C ILE C 203 4.70 17.52 12.05
N SER C 204 4.94 17.39 10.75
CA SER C 204 4.76 18.54 9.88
C SER C 204 3.28 18.76 9.58
N ASP C 205 2.59 17.68 9.18
CA ASP C 205 1.19 17.79 8.77
C ASP C 205 0.28 18.30 9.88
N LEU C 206 0.75 18.32 11.13
CA LEU C 206 0.06 19.10 12.14
C LEU C 206 0.30 20.60 11.91
N ALA C 207 1.56 21.02 11.89
CA ALA C 207 1.92 22.44 11.72
C ALA C 207 1.66 22.97 10.31
N ASN C 208 1.51 22.10 9.32
CA ASN C 208 1.14 22.55 7.98
C ASN C 208 -0.36 22.84 7.89
N GLY C 209 -1.15 22.28 8.80
CA GLY C 209 -2.59 22.36 8.75
C GLY C 209 -3.26 21.18 8.06
N ASN C 210 -2.49 20.32 7.40
CA ASN C 210 -3.05 19.26 6.57
C ASN C 210 -3.91 18.28 7.37
N ILE C 211 -3.71 18.17 8.68
CA ILE C 211 -4.60 17.42 9.55
C ILE C 211 -4.85 18.28 10.80
N CYS C 212 -5.81 17.87 11.61
CA CYS C 212 -6.14 18.59 12.84
C CYS C 212 -5.80 17.82 14.11
N VAL C 213 -5.94 16.51 14.11
CA VAL C 213 -5.69 15.69 15.29
C VAL C 213 -4.78 14.52 14.90
N ALA C 214 -3.99 14.08 15.87
CA ALA C 214 -3.00 13.04 15.61
C ALA C 214 -2.58 12.41 16.91
N PHE C 215 -2.45 11.08 16.89
CA PHE C 215 -1.75 10.36 17.95
C PHE C 215 -0.27 10.72 17.86
N GLY C 216 0.24 11.43 18.88
CA GLY C 216 1.56 12.00 18.82
C GLY C 216 2.38 11.72 20.06
N TYR C 217 3.68 11.96 19.92
CA TYR C 217 4.62 11.84 21.02
C TYR C 217 4.79 13.20 21.69
N SER C 218 5.15 13.17 22.98
CA SER C 218 5.40 14.37 23.78
C SER C 218 6.07 15.50 23.00
N GLY C 219 7.38 15.41 22.85
CA GLY C 219 8.13 16.46 22.18
C GLY C 219 7.85 16.55 20.69
N ASP C 220 7.48 15.42 20.07
CA ASP C 220 7.11 15.42 18.66
C ASP C 220 6.04 16.47 18.37
N VAL C 221 5.04 16.57 19.25
CA VAL C 221 3.97 17.54 19.03
C VAL C 221 4.48 18.97 19.25
N PHE C 222 5.17 19.20 20.36
CA PHE C 222 5.78 20.52 20.60
C PHE C 222 6.67 20.95 19.45
N GLN C 223 7.40 20.01 18.85
CA GLN C 223 8.11 20.31 17.61
C GLN C 223 7.14 20.84 16.56
N ALA C 224 6.06 20.10 16.29
CA ALA C 224 5.02 20.55 15.38
C ALA C 224 4.50 21.92 15.79
N ALA C 225 4.09 22.05 17.06
CA ALA C 225 3.57 23.31 17.57
C ALA C 225 4.52 24.46 17.26
N ALA C 226 5.75 24.38 17.76
CA ALA C 226 6.73 25.44 17.52
C ALA C 226 6.92 25.69 16.03
N ARG C 227 7.00 24.61 15.24
CA ARG C 227 7.10 24.75 13.78
C ARG C 227 5.96 25.57 13.21
N ALA C 228 4.77 25.50 13.82
CA ALA C 228 3.67 26.34 13.39
C ALA C 228 3.89 27.81 13.70
N GLU C 229 4.90 28.16 14.50
CA GLU C 229 5.18 29.57 14.80
C GLU C 229 6.03 30.22 13.71
N GLU C 230 7.29 29.81 13.57
CA GLU C 230 7.95 30.35 12.39
C GLU C 230 7.44 29.72 11.09
N ALA C 231 6.40 28.89 11.12
CA ALA C 231 5.57 28.75 9.93
C ALA C 231 4.96 30.10 9.57
N GLY C 232 4.58 30.88 10.58
CA GLY C 232 4.03 32.21 10.38
C GLY C 232 2.64 32.20 9.81
N LYS C 233 1.73 31.39 10.38
CA LYS C 233 0.37 31.33 9.85
C LYS C 233 -0.69 31.03 10.91
N GLY C 234 -0.47 31.39 12.17
CA GLY C 234 -1.51 31.35 13.20
C GLY C 234 -1.93 29.98 13.70
N ILE C 235 -1.30 28.90 13.22
CA ILE C 235 -1.74 27.53 13.48
C ILE C 235 -1.41 27.19 14.94
N ASP C 236 -2.42 27.03 15.78
CA ASP C 236 -2.21 26.76 17.21
C ASP C 236 -2.32 25.27 17.44
N ILE C 237 -1.19 24.59 17.40
CA ILE C 237 -1.13 23.18 17.74
C ILE C 237 -1.10 23.06 19.25
N GLN C 238 -1.63 21.96 19.77
CA GLN C 238 -1.57 21.70 21.20
C GLN C 238 -1.42 20.20 21.43
N TYR C 239 -0.97 19.86 22.62
CA TYR C 239 -0.74 18.48 23.05
C TYR C 239 -1.39 18.27 24.40
N VAL C 240 -2.10 17.16 24.55
CA VAL C 240 -2.87 16.91 25.78
C VAL C 240 -2.84 15.44 26.21
N ILE C 241 -2.32 15.19 27.41
CA ILE C 241 -2.43 13.87 28.02
C ILE C 241 -3.84 13.66 28.52
N PRO C 242 -4.56 12.61 28.06
CA PRO C 242 -5.95 12.41 28.46
C PRO C 242 -6.13 12.04 29.94
N LYS C 243 -7.37 11.86 30.42
CA LYS C 243 -7.59 11.58 31.84
C LYS C 243 -6.98 10.24 32.22
N GLU C 244 -7.40 9.19 31.52
CA GLU C 244 -7.08 7.80 31.85
C GLU C 244 -5.58 7.55 31.92
N GLY C 245 -4.80 8.54 31.51
CA GLY C 245 -3.37 8.43 31.45
C GLY C 245 -2.90 8.28 30.02
N ALA C 246 -1.66 7.85 29.89
CA ALA C 246 -1.04 7.57 28.60
C ALA C 246 0.26 6.83 28.86
N ASN C 247 1.05 6.63 27.80
CA ASN C 247 2.30 5.88 27.89
C ASN C 247 3.43 6.80 28.37
N LEU C 248 4.18 6.33 29.37
CA LEU C 248 5.44 6.95 29.73
C LEU C 248 6.56 6.04 29.23
N TRP C 249 7.50 6.63 28.49
CA TRP C 249 8.52 5.84 27.83
C TRP C 249 9.87 6.52 27.97
N PHE C 250 10.91 5.74 27.74
CA PHE C 250 12.30 6.17 27.86
C PHE C 250 13.08 5.59 26.69
N ASP C 251 13.80 6.44 25.96
CA ASP C 251 14.63 5.99 24.85
C ASP C 251 16.09 5.96 25.30
N LEU C 252 16.73 4.82 25.11
CA LEU C 252 18.09 4.61 25.60
C LEU C 252 19.00 4.28 24.43
N MET C 253 20.25 4.70 24.52
CA MET C 253 21.26 4.35 23.52
C MET C 253 21.98 3.07 23.95
N ALA C 254 22.31 2.24 22.97
CA ALA C 254 22.98 0.99 23.24
C ALA C 254 23.87 0.64 22.06
N ILE C 255 24.93 -0.10 22.35
CA ILE C 255 25.91 -0.53 21.35
C ILE C 255 25.56 -1.95 20.93
N PRO C 256 25.29 -2.20 19.66
CA PRO C 256 25.01 -3.58 19.22
C PRO C 256 26.20 -4.49 19.46
N ALA C 257 25.89 -5.77 19.70
CA ALA C 257 26.92 -6.73 20.07
C ALA C 257 27.98 -6.87 18.99
N ASP C 258 27.60 -6.75 17.72
CA ASP C 258 28.55 -6.83 16.62
C ASP C 258 29.07 -5.48 16.18
N ALA C 259 28.99 -4.46 17.03
CA ALA C 259 29.51 -3.15 16.65
C ALA C 259 31.03 -3.22 16.46
N LYS C 260 31.54 -2.29 15.66
CA LYS C 260 32.95 -2.27 15.29
C LYS C 260 33.68 -1.05 15.83
N ALA C 261 33.05 0.12 15.80
CA ALA C 261 33.66 1.33 16.32
C ALA C 261 33.25 1.61 17.76
N ALA C 262 33.10 0.56 18.58
CA ALA C 262 32.55 0.73 19.92
C ALA C 262 33.32 1.77 20.73
N ASP C 263 34.62 1.92 20.48
CA ASP C 263 35.38 2.96 21.18
C ASP C 263 34.84 4.36 20.89
N ASN C 264 34.53 4.65 19.63
CA ASN C 264 33.93 5.94 19.30
C ASN C 264 32.52 6.05 19.87
N ALA C 265 31.71 5.00 19.70
CA ALA C 265 30.37 4.96 20.27
C ALA C 265 30.37 5.37 21.74
N TYR C 266 31.41 4.95 22.47
CA TYR C 266 31.58 5.40 23.86
C TYR C 266 31.91 6.89 23.93
N ALA C 267 32.72 7.39 22.99
CA ALA C 267 33.07 8.80 23.02
C ALA C 267 31.84 9.68 22.81
N PHE C 268 30.96 9.29 21.90
CA PHE C 268 29.76 10.09 21.62
C PHE C 268 28.78 10.06 22.79
N ILE C 269 28.54 8.87 23.35
CA ILE C 269 27.58 8.75 24.45
C ILE C 269 28.07 9.54 25.66
N ASP C 270 29.38 9.52 25.92
CA ASP C 270 29.89 10.34 27.02
C ASP C 270 29.77 11.82 26.71
N TYR C 271 29.80 12.19 25.43
CA TYR C 271 29.59 13.57 25.03
C TYR C 271 28.18 14.03 25.38
N LEU C 272 27.17 13.26 24.98
CA LEU C 272 25.75 13.54 25.28
C LEU C 272 25.41 13.34 26.73
N LEU C 273 26.38 13.12 27.62
CA LEU C 273 26.12 13.08 29.05
C LEU C 273 26.52 14.37 29.75
N ARG C 274 27.16 15.29 29.04
CA ARG C 274 27.39 16.63 29.58
C ARG C 274 26.06 17.38 29.61
N PRO C 275 25.82 18.18 30.65
CA PRO C 275 24.55 18.93 30.74
C PRO C 275 24.41 19.90 29.58
N GLU C 276 25.39 20.78 29.44
CA GLU C 276 25.69 21.58 28.26
C GLU C 276 25.17 20.97 26.97
N VAL C 277 25.58 19.72 26.71
CA VAL C 277 25.36 19.11 25.41
C VAL C 277 23.94 18.56 25.29
N ILE C 278 23.48 17.81 26.30
CA ILE C 278 22.14 17.25 26.22
C ILE C 278 21.09 18.34 26.41
N ALA C 279 21.43 19.40 27.15
CA ALA C 279 20.52 20.54 27.27
C ALA C 279 20.20 21.15 25.92
N LYS C 280 21.17 21.14 24.99
CA LYS C 280 20.92 21.68 23.66
C LYS C 280 20.17 20.68 22.78
N VAL C 281 20.37 19.38 22.97
CA VAL C 281 19.55 18.40 22.26
C VAL C 281 18.08 18.61 22.60
N SER C 282 17.76 18.67 23.89
CA SER C 282 16.37 18.83 24.31
C SER C 282 15.80 20.17 23.85
N ASP C 283 16.59 21.25 23.96
CA ASP C 283 16.11 22.58 23.54
C ASP C 283 15.57 22.58 22.12
N TYR C 284 16.06 21.67 21.28
CA TYR C 284 15.59 21.59 19.89
C TYR C 284 14.36 20.69 19.76
N VAL C 285 14.52 19.41 20.09
CA VAL C 285 13.44 18.45 19.83
C VAL C 285 12.33 18.54 20.88
N GLY C 286 12.64 19.01 22.09
CA GLY C 286 11.60 19.23 23.08
C GLY C 286 11.23 17.99 23.88
N TYR C 287 12.22 17.20 24.27
CA TYR C 287 12.04 16.05 25.12
C TYR C 287 12.89 16.22 26.38
N ALA C 288 12.39 15.68 27.49
CA ALA C 288 13.16 15.72 28.73
C ALA C 288 14.36 14.79 28.63
N ASN C 289 15.48 15.21 29.21
CA ASN C 289 16.68 14.39 29.26
C ASN C 289 16.87 13.84 30.67
N ALA C 290 17.77 12.86 30.78
CA ALA C 290 18.04 12.19 32.04
C ALA C 290 19.16 12.84 32.85
N ILE C 291 19.74 13.92 32.35
CA ILE C 291 20.81 14.63 33.05
C ILE C 291 20.20 15.82 33.79
N PRO C 292 19.99 15.70 35.11
CA PRO C 292 19.34 16.80 35.83
C PRO C 292 20.13 18.10 35.83
N GLY C 293 21.46 18.00 35.92
CA GLY C 293 22.31 19.17 35.88
C GLY C 293 22.09 20.05 34.67
N ALA C 294 21.30 19.56 33.70
CA ALA C 294 21.06 20.27 32.46
C ALA C 294 19.79 21.11 32.45
N ARG C 295 18.80 20.80 33.31
CA ARG C 295 17.59 21.61 33.33
C ARG C 295 17.88 23.10 33.52
N PRO C 296 18.62 23.54 34.56
CA PRO C 296 18.88 24.99 34.71
C PRO C 296 19.67 25.61 33.58
N LEU C 297 20.10 24.82 32.59
CA LEU C 297 20.76 25.35 31.40
C LEU C 297 19.89 25.39 30.16
N MET C 298 18.69 24.81 30.20
CA MET C 298 17.89 24.70 29.01
C MET C 298 17.02 25.92 28.82
N ASP C 299 16.49 26.04 27.60
CA ASP C 299 15.45 27.01 27.35
C ASP C 299 14.33 26.82 28.34
N LYS C 300 13.67 27.92 28.69
CA LYS C 300 12.72 27.88 29.79
C LYS C 300 11.40 27.25 29.35
N SER C 301 10.92 27.57 28.13
CA SER C 301 9.67 26.94 27.66
C SER C 301 9.81 25.45 27.31
N VAL C 302 10.94 24.84 27.66
CA VAL C 302 11.09 23.39 27.69
C VAL C 302 11.42 22.89 29.09
N SER C 303 12.37 23.56 29.75
CA SER C 303 12.76 23.14 31.09
C SER C 303 11.63 23.29 32.09
N ASP C 304 10.67 24.18 31.82
CA ASP C 304 9.58 24.43 32.75
C ASP C 304 8.22 23.91 32.27
N SER C 305 8.14 23.36 31.07
CA SER C 305 6.87 22.82 30.60
C SER C 305 6.42 21.67 31.50
N GLU C 306 5.12 21.62 31.77
CA GLU C 306 4.58 20.49 32.51
C GLU C 306 4.30 19.28 31.62
N GLU C 307 4.29 19.44 30.29
CA GLU C 307 4.17 18.29 29.42
C GLU C 307 5.52 17.70 29.06
N VAL C 308 6.55 18.54 28.93
CA VAL C 308 7.90 18.02 28.75
C VAL C 308 8.35 17.28 30.01
N TYR C 309 8.29 17.96 31.17
CA TYR C 309 8.59 17.33 32.46
C TYR C 309 7.31 17.22 33.27
N PRO C 310 6.54 16.15 33.12
CA PRO C 310 5.28 16.04 33.87
C PRO C 310 5.53 15.95 35.37
N PRO C 311 4.65 16.52 36.18
CA PRO C 311 4.80 16.41 37.63
C PRO C 311 4.32 15.06 38.15
N GLN C 312 4.86 14.66 39.30
CA GLN C 312 4.61 13.34 39.85
C GLN C 312 3.12 13.01 39.92
N ALA C 313 2.28 14.03 40.11
CA ALA C 313 0.84 13.81 40.09
C ALA C 313 0.42 13.12 38.79
N VAL C 314 0.85 13.68 37.65
CA VAL C 314 0.45 13.14 36.36
C VAL C 314 1.08 11.76 36.13
N LEU C 315 2.41 11.66 36.28
CA LEU C 315 3.15 10.42 36.04
C LEU C 315 2.43 9.23 36.67
N ASP C 316 1.83 9.46 37.83
CA ASP C 316 1.08 8.43 38.53
C ASP C 316 -0.12 7.92 37.74
N LYS C 317 -0.60 8.70 36.76
CA LYS C 317 -1.66 8.23 35.86
C LYS C 317 -1.13 7.44 34.68
N LEU C 318 0.17 7.50 34.40
CA LEU C 318 0.74 6.96 33.18
C LEU C 318 1.11 5.49 33.35
N TYR C 319 1.09 4.77 32.23
CA TYR C 319 1.48 3.37 32.20
C TYR C 319 2.81 3.22 31.48
N VAL C 320 3.65 2.33 31.98
CA VAL C 320 4.95 2.04 31.37
C VAL C 320 4.86 0.65 30.72
N SER C 321 5.05 0.62 29.40
CA SER C 321 5.05 -0.65 28.68
C SER C 321 6.11 -1.58 29.23
N ALA C 322 5.84 -2.87 29.18
CA ALA C 322 6.70 -3.88 29.78
C ALA C 322 7.10 -4.92 28.75
N VAL C 323 8.20 -5.60 29.04
CA VAL C 323 8.71 -6.69 28.20
C VAL C 323 7.73 -7.85 28.27
N LEU C 324 6.92 -8.00 27.22
CA LEU C 324 5.81 -8.93 27.21
C LEU C 324 6.28 -10.33 26.86
N PRO C 325 5.48 -11.35 27.18
CA PRO C 325 5.76 -12.68 26.64
C PRO C 325 5.66 -12.66 25.12
N ALA C 326 6.42 -13.53 24.46
CA ALA C 326 6.50 -13.51 22.99
C ALA C 326 5.16 -13.87 22.35
N LYS C 327 4.41 -14.79 22.96
CA LYS C 327 3.07 -15.11 22.51
C LYS C 327 2.22 -13.85 22.41
N VAL C 328 2.25 -13.02 23.46
CA VAL C 328 1.44 -11.81 23.53
C VAL C 328 1.85 -10.83 22.43
N LEU C 329 3.15 -10.67 22.22
CA LEU C 329 3.63 -9.77 21.18
C LEU C 329 3.15 -10.21 19.80
N ARG C 330 3.06 -11.51 19.57
CA ARG C 330 2.46 -11.99 18.33
C ARG C 330 0.97 -11.70 18.26
N LEU C 331 0.29 -11.62 19.41
CA LEU C 331 -1.11 -11.23 19.39
C LEU C 331 -1.25 -9.76 19.03
N GLN C 332 -0.47 -8.89 19.68
CA GLN C 332 -0.36 -7.50 19.27
C GLN C 332 -0.09 -7.39 17.78
N THR C 333 0.82 -8.20 17.26
CA THR C 333 1.23 -8.10 15.86
C THR C 333 0.14 -8.62 14.92
N ARG C 334 -0.41 -9.81 15.20
CA ARG C 334 -1.48 -10.36 14.37
C ARG C 334 -2.68 -9.40 14.34
N THR C 335 -3.21 -9.09 15.52
CA THR C 335 -4.21 -8.03 15.71
C THR C 335 -3.88 -6.77 14.93
N TRP C 336 -2.72 -6.15 15.15
CA TRP C 336 -2.44 -4.87 14.49
C TRP C 336 -2.45 -5.02 12.97
N THR C 337 -1.80 -6.07 12.46
CA THR C 337 -1.81 -6.35 11.03
C THR C 337 -3.23 -6.49 10.50
N ARG C 338 -4.15 -7.01 11.32
CA ARG C 338 -5.54 -7.16 10.90
C ARG C 338 -6.19 -5.81 10.62
N ILE C 339 -6.00 -4.86 11.53
CA ILE C 339 -6.53 -3.51 11.39
C ILE C 339 -5.85 -2.85 10.19
N LYS C 340 -4.88 -3.55 9.60
CA LYS C 340 -4.18 -3.15 8.37
C LYS C 340 -3.85 -1.66 8.31
N GLN D 3 28.91 30.25 52.62
CA GLN D 3 27.50 30.30 52.24
C GLN D 3 27.23 30.71 50.81
N VAL D 4 26.08 30.23 50.33
CA VAL D 4 25.55 30.59 49.03
C VAL D 4 24.86 31.95 49.14
N GLN D 5 25.31 32.89 48.34
CA GLN D 5 24.82 34.27 48.35
C GLN D 5 25.33 34.95 47.08
N LEU D 6 24.69 36.06 46.74
CA LEU D 6 25.16 36.96 45.69
C LEU D 6 25.31 38.33 46.31
N VAL D 7 26.47 38.97 46.14
CA VAL D 7 26.67 40.33 46.59
C VAL D 7 26.52 41.24 45.38
N GLU D 8 25.66 42.22 45.48
CA GLU D 8 25.41 43.09 44.34
C GLU D 8 26.18 44.40 44.50
N THR D 9 26.49 45.02 43.36
CA THR D 9 27.41 46.14 43.27
C THR D 9 26.94 47.35 44.08
N GLY D 10 27.78 48.38 44.15
CA GLY D 10 27.40 49.58 44.87
C GLY D 10 26.20 50.28 44.26
N ASP D 11 25.70 51.26 45.01
CA ASP D 11 24.46 51.95 44.70
C ASP D 11 24.76 53.23 43.93
N GLU D 12 23.90 53.54 42.95
CA GLU D 12 24.30 54.42 41.87
C GLU D 12 23.16 55.38 41.56
N VAL D 13 23.52 56.52 40.97
CA VAL D 13 22.54 57.55 40.63
C VAL D 13 22.90 58.23 39.32
N LYS D 14 22.10 57.98 38.29
CA LYS D 14 22.47 58.46 36.95
C LYS D 14 21.48 59.47 36.43
N THR D 15 21.87 60.15 35.37
CA THR D 15 21.10 61.23 34.70
C THR D 15 20.54 60.65 33.42
N PRO D 16 19.30 60.98 33.04
CA PRO D 16 18.69 60.48 31.84
C PRO D 16 19.65 60.20 30.71
N GLY D 17 20.95 60.14 30.97
CA GLY D 17 21.88 59.88 29.86
C GLY D 17 22.11 58.42 29.64
N ALA D 18 21.60 57.62 30.57
CA ALA D 18 21.62 56.14 30.62
C ALA D 18 23.01 55.63 31.02
N SER D 19 23.17 54.33 30.84
CA SER D 19 24.38 53.52 31.13
C SER D 19 24.62 53.39 32.62
N VAL D 20 24.26 52.24 33.19
CA VAL D 20 24.50 51.97 34.63
C VAL D 20 24.75 50.49 34.66
N LYS D 21 25.93 50.06 35.10
CA LYS D 21 26.34 48.65 35.09
C LYS D 21 26.30 48.10 36.52
N VAL D 22 25.58 47.00 36.71
CA VAL D 22 25.31 46.44 38.02
C VAL D 22 25.91 45.04 38.08
N SER D 23 26.79 44.81 39.04
CA SER D 23 27.55 43.57 39.14
C SER D 23 26.89 42.66 40.16
N CYS D 24 27.14 41.35 40.02
CA CYS D 24 26.52 40.37 40.91
C CYS D 24 27.50 39.22 41.11
N LYS D 25 28.31 39.28 42.17
CA LYS D 25 29.27 38.22 42.48
C LYS D 25 28.64 37.14 43.35
N VAL D 26 28.66 35.90 42.87
CA VAL D 26 28.11 34.82 43.66
C VAL D 26 29.22 34.21 44.48
N SER D 27 28.83 33.54 45.56
CA SER D 27 29.75 32.74 46.34
C SER D 27 29.07 31.47 46.78
N GLY D 28 29.82 30.37 46.73
CA GLY D 28 29.42 29.13 47.37
C GLY D 28 28.67 28.12 46.52
N TYR D 29 28.53 28.35 45.21
CA TYR D 29 27.99 27.33 44.33
C TYR D 29 28.76 27.35 43.01
N THR D 30 28.86 26.19 42.37
CA THR D 30 29.44 26.11 41.04
C THR D 30 28.69 27.06 40.12
N PHE D 31 29.20 28.29 40.01
CA PHE D 31 28.54 29.39 39.33
C PHE D 31 27.92 29.02 37.99
N THR D 32 28.63 28.25 37.18
CA THR D 32 28.17 27.92 35.84
C THR D 32 27.05 26.88 35.82
N SER D 33 26.72 26.28 36.96
CA SER D 33 25.76 25.17 37.00
C SER D 33 24.31 25.63 37.09
N TYR D 34 24.07 26.95 37.06
CA TYR D 34 22.73 27.50 37.16
C TYR D 34 22.69 28.84 36.45
N GLY D 35 21.57 29.14 35.80
CA GLY D 35 21.37 30.42 35.17
C GLY D 35 21.25 31.53 36.20
N ILE D 36 21.00 32.73 35.69
CA ILE D 36 20.93 33.93 36.52
C ILE D 36 19.93 34.91 35.92
N SER D 37 19.10 35.49 36.77
CA SER D 37 17.95 36.27 36.34
C SER D 37 17.93 37.62 37.05
N TRP D 38 17.92 38.70 36.28
CA TRP D 38 17.84 40.04 36.83
C TRP D 38 16.38 40.45 36.98
N VAL D 39 16.01 40.87 38.19
CA VAL D 39 14.65 41.29 38.49
C VAL D 39 14.68 42.71 39.02
N ARG D 40 13.83 43.57 38.48
CA ARG D 40 13.76 44.98 38.81
C ARG D 40 12.52 45.26 39.63
N GLN D 41 12.59 46.27 40.48
CA GLN D 41 11.44 46.68 41.29
C GLN D 41 11.46 48.19 41.47
N ALA D 42 10.58 48.88 40.74
CA ALA D 42 10.44 50.32 40.88
C ALA D 42 10.01 50.66 42.30
N PRO D 43 10.32 51.88 42.78
CA PRO D 43 10.04 52.21 44.18
C PRO D 43 8.56 52.09 44.50
N GLY D 44 8.25 51.26 45.49
CA GLY D 44 6.86 51.04 45.89
C GLY D 44 6.00 50.37 44.85
N GLN D 45 6.57 49.52 43.99
CA GLN D 45 5.71 48.83 43.05
C GLN D 45 5.99 47.33 43.05
N GLY D 46 6.06 46.73 41.86
CA GLY D 46 6.08 45.29 41.72
C GLY D 46 7.36 44.77 41.07
N LEU D 47 7.50 43.45 41.10
CA LEU D 47 8.65 42.81 40.50
C LEU D 47 8.48 42.75 38.99
N GLU D 48 9.56 43.07 38.28
CA GLU D 48 9.56 43.06 36.81
C GLU D 48 10.76 42.26 36.32
N TRP D 49 10.47 41.12 35.72
CA TRP D 49 11.49 40.33 35.03
C TRP D 49 12.25 41.15 34.00
N MET D 50 13.57 41.07 34.05
CA MET D 50 14.40 41.74 33.05
C MET D 50 15.05 40.73 32.09
N GLY D 51 15.92 39.88 32.60
CA GLY D 51 16.66 38.98 31.74
C GLY D 51 17.24 37.79 32.47
N TRP D 52 17.75 36.85 31.66
CA TRP D 52 18.28 35.58 32.12
C TRP D 52 19.51 35.26 31.29
N ILE D 53 20.65 35.05 31.96
CA ILE D 53 21.88 34.66 31.28
C ILE D 53 22.22 33.24 31.67
N ASN D 54 22.72 32.47 30.72
CA ASN D 54 23.34 31.20 31.01
C ASN D 54 24.83 31.44 31.23
N PRO D 55 25.36 31.24 32.44
CA PRO D 55 26.79 31.45 32.64
C PRO D 55 27.62 30.54 31.78
N ASN D 56 27.18 29.29 31.59
CA ASN D 56 27.97 28.34 30.83
C ASN D 56 28.07 28.74 29.37
N SER D 57 26.93 29.05 28.75
CA SER D 57 26.91 29.37 27.33
C SER D 57 27.14 30.84 27.04
N GLY D 58 26.89 31.72 28.00
CA GLY D 58 26.87 33.13 27.72
C GLY D 58 25.66 33.61 26.95
N GLY D 59 24.73 32.71 26.62
CA GLY D 59 23.52 33.12 25.94
C GLY D 59 22.54 33.81 26.86
N THR D 60 21.67 34.65 26.27
CA THR D 60 20.81 35.54 27.02
C THR D 60 19.36 35.41 26.57
N ASN D 61 18.46 35.70 27.50
CA ASN D 61 17.03 35.89 27.21
C ASN D 61 16.58 37.20 27.85
N TYR D 62 16.52 38.25 27.03
CA TYR D 62 15.91 39.50 27.45
C TYR D 62 14.42 39.47 27.13
N ALA D 63 13.65 40.21 27.91
CA ALA D 63 12.24 40.42 27.61
C ALA D 63 12.11 41.59 26.64
N GLN D 64 11.09 41.51 25.78
CA GLN D 64 10.87 42.49 24.71
C GLN D 64 11.05 43.93 25.16
N LYS D 65 10.53 44.26 26.35
CA LYS D 65 10.63 45.61 26.88
C LYS D 65 12.06 46.13 26.88
N PHE D 66 13.06 45.24 26.84
CA PHE D 66 14.44 45.64 27.02
C PHE D 66 15.35 45.35 25.85
N GLN D 67 15.04 44.36 25.02
CA GLN D 67 15.91 43.99 23.91
C GLN D 67 16.32 45.21 23.11
N GLY D 68 17.62 45.46 23.06
CA GLY D 68 18.15 46.70 22.56
C GLY D 68 18.51 47.72 23.61
N ARG D 69 18.35 47.40 24.91
CA ARG D 69 18.78 48.30 25.97
C ARG D 69 19.65 47.63 27.02
N VAL D 70 19.27 46.43 27.49
CA VAL D 70 20.02 45.71 28.53
C VAL D 70 21.03 44.79 27.89
N THR D 71 22.23 44.74 28.47
CA THR D 71 23.33 43.93 27.94
C THR D 71 23.85 43.08 29.10
N MET D 72 23.53 41.79 29.08
CA MET D 72 23.79 40.91 30.21
C MET D 72 24.97 40.01 29.90
N THR D 73 26.04 40.14 30.69
CA THR D 73 27.29 39.43 30.47
C THR D 73 27.70 38.72 31.76
N ARG D 74 28.86 38.05 31.72
CA ARG D 74 29.37 37.33 32.88
C ARG D 74 30.86 37.09 32.72
N ASP D 75 31.62 37.28 33.80
CA ASP D 75 33.00 36.82 33.90
C ASP D 75 32.99 35.57 34.77
N THR D 76 33.03 34.41 34.12
CA THR D 76 32.95 33.14 34.84
C THR D 76 34.18 32.90 35.71
N SER D 77 35.35 33.40 35.29
CA SER D 77 36.57 33.19 36.07
C SER D 77 36.47 33.83 37.44
N ILE D 78 35.66 34.87 37.57
CA ILE D 78 35.40 35.53 38.84
C ILE D 78 34.11 35.06 39.50
N SER D 79 33.19 34.46 38.74
CA SER D 79 31.84 34.13 39.22
C SER D 79 31.07 35.41 39.58
N THR D 80 31.09 36.37 38.67
CA THR D 80 30.14 37.49 38.69
C THR D 80 29.44 37.58 37.35
N ALA D 81 28.18 37.99 37.41
CA ALA D 81 27.41 38.39 36.25
C ALA D 81 27.36 39.91 36.17
N TYR D 82 27.00 40.41 34.99
CA TYR D 82 26.86 41.85 34.80
C TYR D 82 25.59 42.16 34.06
N MET D 83 24.95 43.25 34.46
CA MET D 83 23.81 43.83 33.77
C MET D 83 24.10 45.32 33.56
N GLU D 84 23.60 45.86 32.46
CA GLU D 84 23.80 47.25 32.10
C GLU D 84 22.60 47.70 31.31
N LEU D 85 21.94 48.80 31.74
CA LEU D 85 21.07 49.49 30.79
C LEU D 85 21.79 50.75 30.34
N SER D 86 21.51 51.17 29.10
CA SER D 86 22.29 52.20 28.44
C SER D 86 21.51 53.47 28.12
N ARG D 87 20.17 53.42 28.10
CA ARG D 87 19.36 54.61 27.83
C ARG D 87 18.33 54.73 28.95
N LEU D 88 18.76 55.32 30.07
CA LEU D 88 17.94 55.42 31.27
C LEU D 88 16.97 56.57 31.15
N ARG D 89 15.74 56.34 31.59
CA ARG D 89 14.71 57.35 31.70
C ARG D 89 14.08 57.23 33.07
N SER D 90 13.69 58.38 33.64
CA SER D 90 13.09 58.49 34.97
C SER D 90 12.44 57.21 35.45
N ASP D 91 11.83 56.52 34.49
CA ASP D 91 11.17 55.23 34.68
C ASP D 91 12.05 54.21 35.39
N ASP D 92 13.33 54.14 35.01
CA ASP D 92 14.18 53.02 35.40
C ASP D 92 14.57 53.03 36.88
N THR D 93 14.25 54.10 37.61
CA THR D 93 14.55 54.22 39.03
C THR D 93 13.99 53.01 39.79
N ALA D 94 14.88 52.25 40.44
CA ALA D 94 14.46 50.99 41.05
C ALA D 94 15.60 50.35 41.82
N VAL D 95 15.24 49.37 42.65
CA VAL D 95 16.15 48.34 43.10
C VAL D 95 16.32 47.31 41.99
N TYR D 96 17.55 46.81 41.84
CA TYR D 96 17.88 45.86 40.78
C TYR D 96 18.32 44.55 41.42
N TYR D 97 17.39 43.60 41.52
CA TYR D 97 17.69 42.33 42.13
C TYR D 97 18.36 41.39 41.13
N CYS D 98 18.89 40.30 41.68
CA CYS D 98 19.75 39.38 40.92
C CYS D 98 19.74 38.04 41.65
N ALA D 99 19.20 37.00 41.02
CA ALA D 99 18.95 35.76 41.70
C ALA D 99 19.54 34.57 40.94
N ARG D 100 19.98 33.57 41.70
CA ARG D 100 20.30 32.27 41.12
C ARG D 100 19.04 31.62 40.58
N ASP D 101 19.08 31.16 39.34
CA ASP D 101 17.89 30.69 38.65
C ASP D 101 18.04 29.22 38.33
N LYS D 102 17.52 28.38 39.21
CA LYS D 102 17.37 26.95 39.03
C LYS D 102 16.10 26.60 38.25
N ARG D 103 15.61 27.57 37.46
CA ARG D 103 14.26 27.68 36.90
C ARG D 103 13.43 28.57 37.80
N TYR D 104 13.59 28.41 39.10
CA TYR D 104 13.05 29.33 40.09
C TYR D 104 14.20 30.09 40.75
N MET D 105 13.86 31.20 41.40
CA MET D 105 14.84 32.12 41.95
C MET D 105 15.03 31.78 43.41
N ASP D 106 15.86 30.77 43.68
CA ASP D 106 15.92 30.16 45.00
C ASP D 106 16.79 30.92 45.99
N VAL D 107 17.85 31.57 45.51
CA VAL D 107 18.69 32.44 46.35
C VAL D 107 18.86 33.79 45.65
N TRP D 108 18.27 34.82 46.22
CA TRP D 108 18.23 36.14 45.60
C TRP D 108 19.41 36.99 46.04
N GLY D 109 19.77 37.95 45.20
CA GLY D 109 20.73 38.97 45.62
C GLY D 109 20.13 39.87 46.69
N LYS D 110 20.75 41.01 46.98
CA LYS D 110 20.19 41.93 47.97
C LYS D 110 19.65 43.20 47.34
N GLY D 111 19.73 43.34 46.02
CA GLY D 111 19.23 44.55 45.40
C GLY D 111 20.26 45.65 45.37
N THR D 112 20.14 46.51 44.35
CA THR D 112 21.07 47.62 44.14
C THR D 112 20.25 48.84 43.74
N THR D 113 19.95 49.69 44.72
CA THR D 113 19.16 50.89 44.49
C THR D 113 19.82 51.78 43.43
N VAL D 114 19.17 51.91 42.27
CA VAL D 114 19.63 52.75 41.18
C VAL D 114 18.50 53.73 40.88
N THR D 115 18.75 55.01 41.14
CA THR D 115 17.77 56.06 40.93
C THR D 115 18.24 56.99 39.82
N VAL D 116 17.34 57.39 38.94
CA VAL D 116 17.70 58.20 37.78
C VAL D 116 16.95 59.52 37.85
N SER D 117 17.67 60.59 38.20
CA SER D 117 17.20 61.97 38.09
C SER D 117 18.22 62.91 37.47
N SER D 118 18.51 64.01 38.17
CA SER D 118 18.79 65.27 37.49
C SER D 118 17.99 65.42 36.19
N GLY D 119 18.60 66.07 35.22
CA GLY D 119 17.90 66.28 33.97
C GLY D 119 16.61 67.05 34.17
N VAL D 136 1.43 41.06 32.33
CA VAL D 136 1.20 40.73 33.73
C VAL D 136 -0.06 39.89 33.94
N LEU D 137 -0.05 39.17 35.05
CA LEU D 137 -1.13 38.30 35.49
C LEU D 137 -2.03 39.12 36.41
N THR D 138 -3.15 38.55 36.84
CA THR D 138 -4.02 39.25 37.79
C THR D 138 -4.04 38.50 39.13
N GLN D 139 -3.61 39.19 40.18
CA GLN D 139 -3.69 38.73 41.55
C GLN D 139 -4.10 39.94 42.37
N PRO D 140 -4.97 39.75 43.36
CA PRO D 140 -5.55 40.90 44.09
C PRO D 140 -4.47 41.73 44.76
N PRO D 141 -4.78 42.98 45.15
CA PRO D 141 -3.72 43.84 45.71
C PRO D 141 -3.56 43.76 47.22
N SER D 142 -4.66 43.56 47.95
CA SER D 142 -4.59 43.49 49.41
C SER D 142 -5.33 42.28 49.96
N VAL D 143 -4.92 41.92 51.16
CA VAL D 143 -5.67 41.02 52.04
C VAL D 143 -5.18 41.29 53.45
N SER D 144 -6.12 41.31 54.39
CA SER D 144 -5.79 41.46 55.79
C SER D 144 -6.40 40.30 56.59
N GLY D 145 -5.77 40.01 57.71
CA GLY D 145 -6.24 38.95 58.56
C GLY D 145 -5.64 38.96 59.95
N ALA D 146 -6.45 38.68 60.97
CA ALA D 146 -5.95 38.52 62.31
C ALA D 146 -5.14 37.23 62.41
N PRO D 147 -4.28 37.11 63.42
CA PRO D 147 -3.48 35.88 63.56
C PRO D 147 -4.35 34.64 63.71
N GLY D 148 -3.70 33.49 63.58
CA GLY D 148 -4.38 32.21 63.74
C GLY D 148 -5.45 31.93 62.71
N GLN D 149 -5.52 32.73 61.64
CA GLN D 149 -6.52 32.59 60.61
C GLN D 149 -5.93 31.86 59.40
N LYS D 150 -6.72 31.75 58.34
CA LYS D 150 -6.24 31.25 57.06
C LYS D 150 -6.66 32.21 55.95
N VAL D 151 -5.69 32.67 55.18
CA VAL D 151 -5.93 33.51 54.03
C VAL D 151 -5.42 32.78 52.79
N THR D 152 -6.05 33.04 51.66
CA THR D 152 -5.62 32.52 50.37
C THR D 152 -5.31 33.69 49.44
N ILE D 153 -4.34 33.49 48.56
CA ILE D 153 -3.94 34.48 47.58
C ILE D 153 -3.89 33.82 46.20
N SER D 154 -4.56 34.44 45.22
CA SER D 154 -4.86 33.81 43.94
C SER D 154 -4.27 34.60 42.77
N CYS D 155 -3.55 33.91 41.88
CA CYS D 155 -2.87 34.52 40.73
C CYS D 155 -3.23 33.77 39.45
N SER D 156 -3.63 34.52 38.41
CA SER D 156 -4.37 33.94 37.28
C SER D 156 -3.77 34.45 35.98
N GLY D 157 -3.70 33.61 34.96
CA GLY D 157 -3.07 34.04 33.73
C GLY D 157 -3.57 33.28 32.50
N SER D 158 -2.91 33.57 31.37
CA SER D 158 -3.16 32.88 30.11
C SER D 158 -2.88 31.39 30.26
N SER D 159 -3.33 30.61 29.26
CA SER D 159 -2.92 29.22 29.18
C SER D 159 -1.53 29.08 28.58
N SER D 160 -0.94 30.18 28.11
CA SER D 160 0.44 30.14 27.64
C SER D 160 1.38 29.88 28.81
N ASN D 161 0.98 30.21 30.03
CA ASN D 161 1.89 30.24 31.16
C ASN D 161 1.39 29.40 32.34
N ILE D 162 0.62 30.00 33.25
CA ILE D 162 0.21 29.31 34.47
C ILE D 162 -0.55 28.04 34.13
N GLY D 163 -1.29 28.02 33.03
CA GLY D 163 -1.86 26.76 32.61
C GLY D 163 -0.83 25.73 32.18
N ARG D 164 0.39 26.15 31.83
CA ARG D 164 1.31 25.21 31.18
C ARG D 164 2.58 24.96 31.95
N ASN D 165 3.25 26.01 32.39
CA ASN D 165 4.58 25.88 32.99
C ASN D 165 4.48 25.98 34.50
N TYR D 166 5.53 25.54 35.16
CA TYR D 166 5.52 25.49 36.62
C TYR D 166 5.47 26.88 37.22
N VAL D 167 4.96 26.96 38.44
CA VAL D 167 4.70 28.23 39.11
C VAL D 167 5.60 28.35 40.34
N SER D 168 6.14 29.55 40.57
CA SER D 168 6.90 29.85 41.75
C SER D 168 6.19 30.92 42.57
N TRP D 169 6.54 30.97 43.86
CA TRP D 169 6.00 31.97 44.79
C TRP D 169 7.14 32.57 45.59
N TYR D 170 7.09 33.88 45.78
CA TYR D 170 8.14 34.61 46.48
C TYR D 170 7.53 35.54 47.51
N GLN D 171 8.13 35.58 48.70
CA GLN D 171 7.58 36.29 49.86
C GLN D 171 8.49 37.47 50.16
N GLN D 172 8.09 38.67 49.72
CA GLN D 172 8.90 39.86 49.94
C GLN D 172 8.55 40.45 51.30
N LEU D 173 9.23 39.95 52.33
CA LEU D 173 9.07 40.51 53.67
C LEU D 173 9.59 41.95 53.69
N PRO D 174 9.00 42.81 54.53
CA PRO D 174 9.23 44.25 54.41
C PRO D 174 10.70 44.64 54.54
N GLY D 175 11.13 45.54 53.68
CA GLY D 175 12.49 46.06 53.69
C GLY D 175 13.52 45.20 53.02
N ALA D 176 13.26 43.91 52.86
CA ALA D 176 14.25 42.98 52.32
C ALA D 176 13.94 42.66 50.85
N ALA D 177 14.83 41.87 50.26
CA ALA D 177 14.65 41.36 48.90
C ALA D 177 13.52 40.33 48.88
N PRO D 178 13.10 39.90 47.69
CA PRO D 178 12.18 38.75 47.63
C PRO D 178 12.88 37.47 48.08
N LYS D 179 12.07 36.54 48.60
CA LYS D 179 12.54 35.25 49.06
C LYS D 179 11.71 34.16 48.39
N LEU D 180 12.37 33.14 47.83
CA LEU D 180 11.63 32.01 47.27
C LEU D 180 10.75 31.38 48.34
N LEU D 181 9.43 31.39 48.10
CA LEU D 181 8.48 30.74 48.98
C LEU D 181 8.08 29.35 48.50
N LEU D 182 7.89 29.17 47.20
CA LEU D 182 7.52 27.89 46.62
C LEU D 182 8.11 27.77 45.23
N TYR D 183 8.46 26.54 44.84
CA TYR D 183 8.83 26.20 43.49
C TYR D 183 8.00 25.02 43.03
N ASP D 184 8.07 24.72 41.74
CA ASP D 184 7.42 23.56 41.14
C ASP D 184 5.94 23.46 41.56
N ASN D 185 5.18 24.48 41.16
CA ASN D 185 3.74 24.54 41.40
C ASN D 185 3.37 24.52 42.88
N ASN D 186 3.99 23.64 43.67
CA ASN D 186 3.50 23.40 45.03
C ASN D 186 4.53 22.88 46.03
N LYS D 187 5.83 22.94 45.75
CA LYS D 187 6.86 22.37 46.60
C LYS D 187 7.53 23.45 47.43
N ARG D 188 7.74 23.14 48.73
CA ARG D 188 8.36 24.08 49.69
C ARG D 188 9.87 23.88 49.77
N PRO D 189 10.65 24.95 49.75
CA PRO D 189 12.06 24.84 50.12
C PRO D 189 12.20 24.49 51.59
N SER D 190 13.42 24.12 51.97
CA SER D 190 13.72 23.93 53.39
C SER D 190 13.73 25.28 54.10
N GLY D 191 13.03 25.37 55.22
CA GLY D 191 12.83 26.59 55.95
C GLY D 191 11.42 27.15 55.87
N ILE D 192 10.64 26.70 54.93
CA ILE D 192 9.28 27.22 54.69
C ILE D 192 8.29 26.23 55.29
N PRO D 193 7.52 26.60 56.31
CA PRO D 193 6.75 25.60 57.07
C PRO D 193 5.58 25.04 56.28
N ASP D 194 4.97 24.01 56.87
CA ASP D 194 3.89 23.25 56.22
C ASP D 194 2.63 24.06 56.00
N ARG D 195 2.52 25.23 56.63
CA ARG D 195 1.34 26.06 56.46
C ARG D 195 1.19 26.53 55.00
N PHE D 196 2.30 26.65 54.28
CA PHE D 196 2.30 27.28 52.98
C PHE D 196 2.03 26.25 51.90
N SER D 197 1.00 26.51 51.09
CA SER D 197 0.45 25.53 50.15
C SER D 197 0.09 26.24 48.87
N ALA D 198 -0.03 25.48 47.78
CA ALA D 198 -0.43 26.00 46.48
C ALA D 198 -1.40 25.03 45.82
N SER D 199 -2.61 25.51 45.55
CA SER D 199 -3.55 24.87 44.62
C SER D 199 -3.35 25.42 43.21
N LYS D 200 -3.43 24.51 42.24
CA LYS D 200 -3.25 24.84 40.82
C LYS D 200 -4.41 24.15 40.10
N SER D 201 -5.30 24.93 39.50
CA SER D 201 -6.31 24.37 38.61
C SER D 201 -6.43 25.28 37.40
N GLY D 202 -6.28 24.69 36.22
CA GLY D 202 -6.35 25.43 34.99
C GLY D 202 -5.32 26.53 34.90
N PRO D 203 -5.77 27.75 34.56
CA PRO D 203 -4.81 28.85 34.40
C PRO D 203 -4.55 29.61 35.69
N SER D 204 -4.72 28.97 36.84
CA SER D 204 -4.54 29.66 38.11
C SER D 204 -3.94 28.74 39.16
N THR D 205 -2.81 29.16 39.72
CA THR D 205 -2.39 28.74 41.04
C THR D 205 -3.16 29.59 42.05
N THR D 206 -3.05 29.22 43.34
CA THR D 206 -3.34 30.09 44.48
C THR D 206 -2.48 29.74 45.71
N LEU D 207 -1.61 30.66 46.14
CA LEU D 207 -0.95 30.50 47.44
C LEU D 207 -2.00 30.40 48.56
N ALA D 208 -1.66 29.70 49.64
CA ALA D 208 -2.61 29.48 50.72
C ALA D 208 -1.84 29.14 52.00
N ILE D 209 -1.82 30.08 52.94
CA ILE D 209 -1.14 29.92 54.22
C ILE D 209 -2.20 29.63 55.28
N THR D 210 -1.95 28.64 56.14
CA THR D 210 -3.01 28.05 56.95
C THR D 210 -3.13 28.61 58.37
N GLY D 211 -2.08 29.20 58.92
CA GLY D 211 -2.18 29.73 60.27
C GLY D 211 -1.36 30.98 60.46
N LEU D 212 -1.97 32.14 60.19
CA LEU D 212 -1.20 33.38 60.08
C LEU D 212 -0.46 33.65 61.39
N GLN D 213 0.84 33.87 61.27
CA GLN D 213 1.62 34.51 62.32
C GLN D 213 1.91 35.94 61.88
N THR D 214 2.23 36.78 62.87
CA THR D 214 2.51 38.18 62.59
C THR D 214 3.69 38.33 61.62
N GLY D 215 4.65 37.42 61.68
CA GLY D 215 5.81 37.49 60.80
C GLY D 215 5.49 37.23 59.34
N ASP D 216 4.33 36.66 59.03
CA ASP D 216 3.97 36.34 57.66
C ASP D 216 3.52 37.55 56.85
N GLU D 217 3.48 38.73 57.47
CA GLU D 217 3.08 39.94 56.77
C GLU D 217 4.17 40.36 55.78
N ALA D 218 3.80 40.41 54.49
CA ALA D 218 4.76 40.64 53.42
C ALA D 218 4.00 40.87 52.12
N ASP D 219 4.74 41.21 51.07
CA ASP D 219 4.23 41.16 49.71
C ASP D 219 4.46 39.78 49.12
N TYR D 220 3.48 39.28 48.38
CA TYR D 220 3.56 37.95 47.80
C TYR D 220 3.39 38.03 46.29
N PHE D 221 4.22 37.26 45.58
CA PHE D 221 4.34 37.35 44.13
C PHE D 221 4.40 35.94 43.53
N CYS D 222 3.50 35.66 42.60
CA CYS D 222 3.59 34.52 41.70
C CYS D 222 4.58 34.80 40.58
N GLY D 223 5.20 33.72 40.10
CA GLY D 223 6.09 33.83 38.95
C GLY D 223 5.97 32.66 38.01
N VAL D 224 5.76 32.92 36.71
CA VAL D 224 5.73 31.85 35.71
C VAL D 224 6.38 32.34 34.43
N TRP D 225 6.78 31.39 33.61
CA TRP D 225 7.32 31.66 32.29
C TRP D 225 6.20 31.65 31.26
N ASP D 226 6.24 32.60 30.34
CA ASP D 226 5.24 32.70 29.28
C ASP D 226 5.88 32.12 28.02
N SER D 227 5.55 30.85 27.73
CA SER D 227 6.15 30.15 26.60
C SER D 227 6.03 30.91 25.28
N SER D 228 5.08 31.85 25.18
CA SER D 228 4.87 32.64 23.97
C SER D 228 5.41 34.05 24.07
N LEU D 229 5.32 34.71 25.24
CA LEU D 229 5.92 36.02 25.40
C LEU D 229 7.43 35.96 25.54
N ARG D 230 7.98 34.82 25.95
CA ARG D 230 9.40 34.67 26.25
C ARG D 230 9.84 35.70 27.30
N ALA D 231 9.26 35.55 28.49
CA ALA D 231 9.57 36.35 29.65
C ALA D 231 9.01 35.66 30.88
N VAL D 232 9.53 36.04 32.04
CA VAL D 232 9.08 35.51 33.32
C VAL D 232 8.03 36.48 33.87
N LEU D 233 6.77 36.09 33.79
CA LEU D 233 5.70 36.96 34.26
C LEU D 233 5.65 36.95 35.78
N PHE D 234 5.56 38.15 36.36
CA PHE D 234 5.30 38.32 37.77
C PHE D 234 3.90 38.90 37.96
N GLY D 235 3.15 38.34 38.90
CA GLY D 235 1.90 38.95 39.28
C GLY D 235 2.12 40.30 39.93
N GLY D 236 1.12 41.15 39.84
CA GLY D 236 1.19 42.50 40.38
C GLY D 236 1.43 42.58 41.87
N GLY D 237 1.46 41.42 42.53
CA GLY D 237 1.76 41.34 43.94
C GLY D 237 0.51 41.49 44.77
N THR D 238 0.66 41.21 46.05
CA THR D 238 -0.49 41.30 46.94
C THR D 238 0.01 41.41 48.36
N LYS D 239 -0.25 42.55 48.99
CA LYS D 239 0.14 42.77 50.38
C LYS D 239 -0.84 42.12 51.34
N LEU D 240 -0.32 41.25 52.19
CA LEU D 240 -1.06 40.75 53.34
C LEU D 240 -0.58 41.50 54.58
N THR D 241 -1.48 42.27 55.19
CA THR D 241 -1.22 42.83 56.52
C THR D 241 -1.94 42.01 57.58
N VAL D 242 -1.30 41.90 58.74
CA VAL D 242 -1.78 41.06 59.83
C VAL D 242 -2.09 41.96 61.01
N LEU D 243 -3.31 41.87 61.53
CA LEU D 243 -3.64 42.59 62.76
C LEU D 243 -3.47 41.67 63.96
N SER E 6 30.35 34.68 -8.49
CA SER E 6 30.95 33.48 -7.90
C SER E 6 32.41 33.69 -7.52
N LEU E 7 32.91 32.83 -6.63
CA LEU E 7 34.31 32.86 -6.21
C LEU E 7 34.67 31.57 -5.48
N HIS E 8 35.60 30.81 -6.01
CA HIS E 8 35.99 29.52 -5.46
C HIS E 8 37.40 29.65 -4.89
N ILE E 9 37.59 29.21 -3.66
CA ILE E 9 38.86 29.39 -2.95
C ILE E 9 39.31 28.07 -2.33
N TYR E 10 40.61 27.81 -2.43
CA TYR E 10 41.25 26.64 -1.84
C TYR E 10 42.27 27.16 -0.85
N ASN E 11 42.03 26.92 0.44
CA ASN E 11 42.87 27.43 1.52
C ASN E 11 43.08 26.34 2.55
N TRP E 12 43.94 26.62 3.52
CA TRP E 12 44.26 25.63 4.54
C TRP E 12 43.13 25.53 5.56
N THR E 13 43.23 24.51 6.41
CA THR E 13 42.35 24.41 7.57
C THR E 13 42.69 25.52 8.55
N ASP E 14 41.70 25.89 9.36
CA ASP E 14 41.85 26.84 10.46
C ASP E 14 42.75 28.00 10.06
N TYR E 15 42.34 28.68 9.00
CA TYR E 15 43.18 29.69 8.39
C TYR E 15 42.36 30.91 8.01
N ILE E 16 41.28 31.16 8.73
CA ILE E 16 40.39 32.30 8.50
C ILE E 16 39.41 32.40 9.67
N ALA E 17 39.10 33.63 10.09
CA ALA E 17 38.06 33.81 11.09
C ALA E 17 36.70 33.45 10.48
N PRO E 18 35.76 32.97 11.31
CA PRO E 18 34.50 32.44 10.73
C PRO E 18 33.72 33.47 9.92
N THR E 19 33.40 34.62 10.51
CA THR E 19 32.59 35.62 9.84
C THR E 19 33.34 36.38 8.74
N THR E 20 34.56 35.99 8.42
CA THR E 20 35.31 36.72 7.39
C THR E 20 34.62 36.61 6.04
N LEU E 21 34.11 35.42 5.70
CA LEU E 21 33.36 35.27 4.46
C LEU E 21 31.97 35.88 4.57
N LYS E 22 31.24 35.56 5.65
CA LYS E 22 29.93 36.16 5.90
C LYS E 22 29.95 37.68 5.77
N ASP E 23 31.13 38.29 5.92
CA ASP E 23 31.30 39.72 5.70
C ASP E 23 31.64 40.04 4.24
N PHE E 24 32.55 39.29 3.61
CA PHE E 24 32.95 39.64 2.26
C PHE E 24 31.79 39.60 1.28
N THR E 25 30.87 38.65 1.45
CA THR E 25 29.69 38.59 0.61
C THR E 25 28.72 39.71 0.95
N LYS E 26 28.46 39.89 2.24
CA LYS E 26 27.56 40.92 2.72
C LYS E 26 28.01 42.32 2.30
N GLU E 27 29.32 42.53 2.07
CA GLU E 27 29.78 43.83 1.58
C GLU E 27 29.81 43.93 0.06
N SER E 28 30.34 42.92 -0.63
CA SER E 28 30.49 42.98 -2.08
C SER E 28 29.39 42.29 -2.86
N GLY E 29 28.65 41.37 -2.24
CA GLY E 29 27.65 40.59 -2.92
C GLY E 29 28.17 39.30 -3.51
N ILE E 30 29.48 39.20 -3.74
CA ILE E 30 30.06 37.98 -4.31
C ILE E 30 29.83 36.83 -3.35
N ASP E 31 29.35 35.71 -3.88
CA ASP E 31 29.20 34.50 -3.07
C ASP E 31 30.45 33.65 -3.17
N VAL E 32 30.92 33.17 -2.03
CA VAL E 32 32.16 32.43 -1.92
C VAL E 32 31.86 30.96 -1.64
N SER E 33 32.77 30.10 -2.08
CA SER E 33 32.72 28.67 -1.79
C SER E 33 34.09 28.26 -1.28
N TYR E 34 34.17 27.91 0.00
CA TYR E 34 35.44 27.70 0.69
C TYR E 34 35.79 26.22 0.68
N ASP E 35 36.97 25.90 0.15
CA ASP E 35 37.47 24.53 0.13
C ASP E 35 38.82 24.49 0.83
N VAL E 36 39.05 23.43 1.59
CA VAL E 36 40.17 23.38 2.53
C VAL E 36 41.06 22.17 2.25
N PHE E 37 42.35 22.34 2.54
CA PHE E 37 43.37 21.32 2.39
C PHE E 37 44.37 21.43 3.53
N ASP E 38 44.91 20.30 3.97
CA ASP E 38 45.73 20.31 5.18
C ASP E 38 47.23 20.25 4.93
N SER E 39 47.68 19.90 3.73
CA SER E 39 49.10 19.82 3.44
C SER E 39 49.44 20.72 2.26
N ASN E 40 50.74 20.93 2.04
CA ASN E 40 51.15 21.64 0.83
C ASN E 40 51.05 20.74 -0.40
N GLU E 41 51.34 19.45 -0.24
CA GLU E 41 51.35 18.55 -1.39
C GLU E 41 49.95 18.35 -1.95
N THR E 42 48.96 18.22 -1.06
CA THR E 42 47.57 18.08 -1.48
C THR E 42 47.17 19.16 -2.47
N LEU E 43 47.31 20.42 -2.05
CA LEU E 43 47.19 21.55 -2.99
C LEU E 43 48.04 21.35 -4.23
N GLU E 44 49.36 21.16 -4.06
CA GLU E 44 50.21 21.07 -5.24
C GLU E 44 49.73 19.97 -6.16
N GLY E 45 49.26 18.87 -5.59
CA GLY E 45 48.61 17.84 -6.37
C GLY E 45 47.51 18.39 -7.25
N LYS E 46 46.49 19.00 -6.63
CA LYS E 46 45.35 19.52 -7.38
C LYS E 46 45.73 20.49 -8.48
N LEU E 47 46.87 21.20 -8.34
CA LEU E 47 47.28 22.14 -9.37
C LEU E 47 47.84 21.42 -10.60
N VAL E 48 48.73 20.43 -10.39
CA VAL E 48 49.21 19.62 -11.51
C VAL E 48 48.06 18.92 -12.22
N SER E 49 47.07 18.46 -11.45
CA SER E 49 45.89 17.82 -12.05
C SER E 49 45.32 18.69 -13.17
N GLY E 50 45.48 20.01 -13.03
CA GLY E 50 45.38 20.95 -14.12
C GLY E 50 44.05 21.63 -14.25
N HIS E 51 42.97 21.00 -13.76
CA HIS E 51 41.63 21.45 -14.09
C HIS E 51 40.86 21.76 -12.81
N SER E 52 41.58 21.89 -11.70
CA SER E 52 41.10 22.37 -10.40
C SER E 52 40.41 23.73 -10.53
N GLY E 53 39.11 23.77 -10.20
CA GLY E 53 38.31 24.95 -10.45
C GLY E 53 38.31 25.97 -9.33
N TYR E 54 39.49 26.47 -8.98
CA TYR E 54 39.66 27.38 -7.85
C TYR E 54 40.13 28.73 -8.36
N ASP E 55 39.50 29.80 -7.88
CA ASP E 55 39.91 31.14 -8.26
C ASP E 55 41.10 31.64 -7.45
N ILE E 56 41.21 31.22 -6.19
CA ILE E 56 42.29 31.63 -5.30
C ILE E 56 42.80 30.40 -4.56
N VAL E 57 44.10 30.19 -4.62
CA VAL E 57 44.76 29.09 -3.91
C VAL E 57 45.90 29.65 -3.07
N VAL E 58 46.15 29.01 -1.93
CA VAL E 58 47.14 29.49 -0.97
C VAL E 58 48.25 28.45 -0.80
N PRO E 59 49.36 28.58 -1.53
CA PRO E 59 50.52 27.74 -1.24
C PRO E 59 51.51 28.43 -0.31
N SER E 60 52.45 27.66 0.21
CA SER E 60 53.54 28.24 0.96
C SER E 60 54.57 28.82 0.01
N ASN E 61 55.51 29.56 0.60
CA ASN E 61 56.50 30.31 -0.18
C ASN E 61 57.32 29.40 -1.09
N ASN E 62 57.78 28.25 -0.58
CA ASN E 62 58.68 27.44 -1.39
C ASN E 62 57.93 26.72 -2.52
N PHE E 63 56.67 26.33 -2.27
CA PHE E 63 55.89 25.67 -3.30
C PHE E 63 55.43 26.65 -4.37
N LEU E 64 55.00 27.83 -3.95
CA LEU E 64 54.70 28.91 -4.89
C LEU E 64 55.79 29.07 -5.93
N GLY E 65 57.06 28.86 -5.53
CA GLY E 65 58.17 29.18 -6.40
C GLY E 65 58.24 28.27 -7.61
N LYS E 66 58.12 26.97 -7.39
CA LYS E 66 58.17 26.04 -8.51
C LYS E 66 56.86 26.00 -9.30
N GLN E 67 55.73 26.35 -8.68
CA GLN E 67 54.47 26.38 -9.41
C GLN E 67 54.44 27.57 -10.37
N ILE E 68 55.19 28.62 -10.05
CA ILE E 68 55.37 29.74 -10.97
C ILE E 68 56.16 29.33 -12.20
N GLN E 69 57.30 28.68 -11.98
CA GLN E 69 58.18 28.17 -13.03
C GLN E 69 57.43 27.17 -13.91
N ALA E 70 56.22 26.79 -13.51
CA ALA E 70 55.36 25.94 -14.32
C ALA E 70 54.11 26.66 -14.81
N GLY E 71 54.01 27.97 -14.58
CA GLY E 71 52.91 28.75 -15.12
C GLY E 71 51.52 28.41 -14.60
N ALA E 72 51.41 28.13 -13.30
CA ALA E 72 50.09 27.82 -12.73
C ALA E 72 49.24 29.07 -12.54
N PHE E 73 49.87 30.22 -12.30
CA PHE E 73 49.16 31.43 -11.90
C PHE E 73 49.37 32.50 -12.96
N GLN E 74 48.29 33.16 -13.34
CA GLN E 74 48.43 34.36 -14.16
C GLN E 74 49.12 35.46 -13.36
N LYS E 75 49.45 36.55 -14.05
CA LYS E 75 50.11 37.68 -13.42
C LYS E 75 49.10 38.58 -12.72
N LEU E 76 49.60 39.30 -11.70
CA LEU E 76 48.73 40.17 -10.93
C LEU E 76 48.42 41.43 -11.73
N ASP E 77 47.13 41.75 -11.84
CA ASP E 77 46.67 43.03 -12.38
C ASP E 77 46.51 43.99 -11.20
N LYS E 78 47.63 44.63 -10.83
CA LYS E 78 47.65 45.43 -9.61
C LYS E 78 46.72 46.62 -9.66
N SER E 79 46.17 46.95 -10.84
CA SER E 79 45.08 47.91 -10.90
C SER E 79 43.94 47.52 -9.97
N LYS E 80 43.66 46.22 -9.89
CA LYS E 80 42.60 45.69 -9.04
C LYS E 80 43.08 45.38 -7.63
N LEU E 81 44.29 45.83 -7.26
CA LEU E 81 44.82 45.67 -5.92
C LEU E 81 45.37 47.01 -5.46
N PRO E 82 44.49 47.97 -5.15
CA PRO E 82 44.99 49.27 -4.66
C PRO E 82 45.57 49.17 -3.26
N ASN E 83 44.98 48.33 -2.40
CA ASN E 83 45.42 48.12 -1.03
C ASN E 83 46.76 47.42 -0.97
N TRP E 84 47.38 47.22 -2.14
CA TRP E 84 48.71 46.63 -2.20
C TRP E 84 49.73 47.46 -1.43
N LYS E 85 49.47 48.76 -1.27
CA LYS E 85 50.38 49.62 -0.51
C LYS E 85 50.47 49.19 0.95
N ASN E 86 49.39 48.64 1.51
CA ASN E 86 49.39 48.23 2.91
C ASN E 86 50.29 47.03 3.20
N LEU E 87 50.99 46.51 2.20
CA LEU E 87 51.87 45.36 2.38
C LEU E 87 53.23 45.84 2.85
N ASP E 88 53.77 45.17 3.89
CA ASP E 88 55.12 45.42 4.39
C ASP E 88 56.10 45.37 3.23
N PRO E 89 56.68 46.50 2.82
CA PRO E 89 57.58 46.50 1.67
C PRO E 89 58.82 45.64 1.89
N ALA E 90 59.27 45.52 3.13
CA ALA E 90 60.43 44.69 3.45
C ALA E 90 60.08 43.21 3.59
N LEU E 91 58.80 42.87 3.73
CA LEU E 91 58.41 41.46 3.69
C LEU E 91 58.36 40.95 2.26
N LEU E 92 57.79 41.74 1.35
CA LEU E 92 57.69 41.36 -0.06
C LEU E 92 59.05 40.99 -0.65
N LYS E 93 60.12 41.63 -0.18
CA LYS E 93 61.44 41.40 -0.75
C LYS E 93 62.12 40.14 -0.24
N GLN E 94 61.67 39.59 0.88
CA GLN E 94 62.14 38.26 1.27
C GLN E 94 61.53 37.21 0.35
N LEU E 95 60.36 37.50 -0.20
CA LEU E 95 59.63 36.54 -1.03
C LEU E 95 60.10 36.60 -2.48
N GLU E 96 60.73 37.70 -2.88
CA GLU E 96 61.18 37.85 -4.25
C GLU E 96 62.09 36.73 -4.72
N VAL E 97 62.58 35.89 -3.80
CA VAL E 97 63.39 34.76 -4.21
C VAL E 97 62.53 33.62 -4.77
N SER E 98 61.26 33.53 -4.37
CA SER E 98 60.30 32.64 -5.01
C SER E 98 59.42 33.32 -6.05
N ASP E 99 59.34 34.65 -6.04
CA ASP E 99 58.46 35.39 -6.93
C ASP E 99 59.12 36.73 -7.25
N PRO E 100 59.95 36.78 -8.30
CA PRO E 100 60.57 38.05 -8.68
C PRO E 100 59.54 39.11 -8.98
N GLY E 101 59.77 40.31 -8.45
CA GLY E 101 58.86 41.42 -8.69
C GLY E 101 57.48 41.25 -8.10
N ASN E 102 57.34 40.40 -7.08
CA ASN E 102 56.08 40.17 -6.36
C ASN E 102 54.90 40.11 -7.32
N GLN E 103 55.00 39.19 -8.28
CA GLN E 103 54.18 39.29 -9.49
C GLN E 103 52.97 38.36 -9.51
N TYR E 104 53.03 37.17 -8.89
CA TYR E 104 51.94 36.22 -8.95
C TYR E 104 51.22 35.98 -7.63
N ALA E 105 51.75 36.44 -6.50
CA ALA E 105 51.19 36.08 -5.22
C ALA E 105 51.10 37.28 -4.29
N VAL E 106 50.07 37.27 -3.44
CA VAL E 106 49.88 38.26 -2.40
C VAL E 106 50.01 37.56 -1.06
N PRO E 107 50.81 38.07 -0.12
CA PRO E 107 50.94 37.40 1.18
C PRO E 107 49.60 37.38 1.92
N TYR E 108 49.37 36.30 2.65
CA TYR E 108 48.18 36.16 3.47
C TYR E 108 48.58 36.16 4.95
N LEU E 109 48.99 35.00 5.45
CA LEU E 109 49.50 34.86 6.81
C LEU E 109 50.87 34.21 6.77
N TRP E 110 51.66 34.46 7.81
CA TRP E 110 52.95 33.80 7.95
C TRP E 110 53.17 33.44 9.41
N GLY E 111 54.10 32.51 9.62
CA GLY E 111 54.43 32.07 10.97
C GLY E 111 55.66 31.17 11.02
N THR E 112 55.71 30.34 12.05
CA THR E 112 56.85 29.45 12.25
C THR E 112 56.37 28.00 12.18
N ASN E 113 57.10 27.10 12.83
CA ASN E 113 56.63 25.74 13.09
C ASN E 113 57.50 25.17 14.21
N GLY E 114 56.91 24.31 15.04
CA GLY E 114 57.65 23.87 16.21
C GLY E 114 56.93 22.84 17.06
N ILE E 115 57.34 22.75 18.32
CA ILE E 115 56.77 21.79 19.26
C ILE E 115 55.60 22.45 19.97
N GLY E 116 54.43 21.83 19.87
CA GLY E 116 53.28 22.18 20.69
C GLY E 116 52.96 21.01 21.61
N TYR E 117 52.75 21.32 22.89
CA TYR E 117 52.67 20.24 23.86
C TYR E 117 51.75 20.58 25.03
N ASN E 118 51.31 19.51 25.69
CA ASN E 118 50.51 19.59 26.91
C ASN E 118 51.48 19.58 28.09
N VAL E 119 51.53 20.69 28.82
CA VAL E 119 52.54 20.88 29.85
C VAL E 119 52.43 19.82 30.94
N ALA E 120 51.28 19.77 31.61
CA ALA E 120 51.10 18.81 32.70
C ALA E 120 51.35 17.36 32.28
N LYS E 121 50.82 16.93 31.15
CA LYS E 121 51.11 15.57 30.74
C LYS E 121 52.52 15.29 30.24
N VAL E 122 53.24 16.26 29.74
CA VAL E 122 54.68 16.06 29.52
C VAL E 122 55.38 15.86 30.85
N LYS E 123 55.34 16.91 31.68
CA LYS E 123 56.00 16.94 32.97
C LYS E 123 55.62 15.70 33.78
N GLU E 124 54.43 15.16 33.50
CA GLU E 124 54.01 13.90 34.13
C GLU E 124 54.93 12.75 33.73
N VAL E 125 55.34 12.70 32.46
CA VAL E 125 56.14 11.58 31.97
C VAL E 125 57.60 11.94 31.76
N LEU E 126 57.97 13.22 31.93
CA LEU E 126 59.32 13.71 31.68
C LEU E 126 59.89 14.60 32.77
N GLY E 127 59.22 14.74 33.90
CA GLY E 127 59.68 15.57 34.99
C GLY E 127 59.97 16.99 34.56
N ASP E 128 61.00 17.58 35.18
CA ASP E 128 61.38 18.95 34.93
C ASP E 128 62.29 19.11 33.71
N GLN E 129 62.30 18.14 32.79
CA GLN E 129 63.16 18.24 31.62
C GLN E 129 62.71 19.43 30.78
N PRO E 130 63.64 20.28 30.34
CA PRO E 130 63.27 21.46 29.55
C PRO E 130 62.84 21.07 28.14
N ILE E 131 61.68 21.57 27.73
CA ILE E 131 61.17 21.35 26.38
C ILE E 131 61.66 22.53 25.53
N ASP E 132 62.75 22.32 24.79
CA ASP E 132 63.38 23.41 24.06
C ASP E 132 64.29 22.90 22.94
N SER E 133 64.48 21.60 22.86
CA SER E 133 65.28 21.01 21.81
C SER E 133 64.43 20.06 20.98
N TRP E 134 64.58 20.13 19.65
CA TRP E 134 63.95 19.16 18.77
C TRP E 134 64.19 17.71 19.20
N ALA E 135 65.22 17.47 20.02
CA ALA E 135 65.46 16.15 20.58
C ALA E 135 64.32 15.65 21.46
N ILE E 136 63.33 16.51 21.75
CA ILE E 136 62.08 16.02 22.35
C ILE E 136 61.39 15.03 21.42
N LEU E 137 61.35 15.35 20.14
CA LEU E 137 60.70 14.49 19.16
C LEU E 137 61.63 13.56 18.42
N PHE E 138 62.92 13.90 18.28
CA PHE E 138 63.80 13.16 17.37
C PHE E 138 64.74 12.22 18.11
N GLU E 139 64.49 11.93 19.38
CA GLU E 139 65.35 11.04 20.14
C GLU E 139 64.51 9.94 20.79
N PRO E 140 64.84 8.67 20.59
CA PRO E 140 63.98 7.60 21.11
C PRO E 140 63.87 7.61 22.62
N GLU E 141 64.95 7.96 23.31
CA GLU E 141 64.96 7.95 24.77
C GLU E 141 63.92 8.89 25.35
N ASN E 142 63.60 9.98 24.64
CA ASN E 142 62.48 10.84 25.02
C ASN E 142 61.16 10.28 24.49
N MET E 143 61.12 9.99 23.18
CA MET E 143 59.86 9.58 22.55
C MET E 143 59.33 8.26 23.09
N LYS E 144 60.21 7.37 23.54
CA LYS E 144 59.71 6.10 24.05
C LYS E 144 58.75 6.30 25.21
N LYS E 145 58.99 7.32 26.05
CA LYS E 145 58.10 7.60 27.17
C LYS E 145 56.91 8.45 26.74
N LEU E 146 57.16 9.48 25.92
CA LEU E 146 56.08 10.30 25.37
C LEU E 146 55.04 9.48 24.64
N ALA E 147 55.44 8.33 24.10
CA ALA E 147 54.54 7.55 23.25
C ALA E 147 53.32 7.02 24.00
N LYS E 148 53.37 6.94 25.33
CA LYS E 148 52.22 6.45 26.06
C LYS E 148 51.01 7.37 25.87
N CYS E 149 51.18 8.66 26.11
CA CYS E 149 50.12 9.64 25.93
C CYS E 149 50.14 10.27 24.55
N GLY E 150 50.72 9.59 23.55
CA GLY E 150 50.56 9.94 22.16
C GLY E 150 51.40 11.10 21.65
N VAL E 151 52.11 10.87 20.56
CA VAL E 151 52.83 11.93 19.84
C VAL E 151 52.35 11.91 18.39
N ALA E 152 52.27 13.10 17.80
CA ALA E 152 51.80 13.26 16.43
C ALA E 152 52.83 14.03 15.63
N PHE E 153 53.32 13.42 14.55
CA PHE E 153 54.12 14.16 13.59
C PHE E 153 53.20 14.81 12.56
N MET E 154 53.79 15.36 11.51
CA MET E 154 53.04 15.78 10.34
C MET E 154 53.22 14.76 9.22
N ASP E 155 52.45 14.96 8.16
CA ASP E 155 52.57 14.16 6.95
C ASP E 155 53.05 15.10 5.85
N SER E 156 54.38 15.20 5.73
CA SER E 156 55.05 16.02 4.73
C SER E 156 56.55 15.92 4.91
N GLY E 157 57.23 15.32 3.93
CA GLY E 157 58.68 15.38 3.91
C GLY E 157 59.22 16.79 3.87
N ASP E 158 58.42 17.75 3.39
CA ASP E 158 58.79 19.17 3.37
C ASP E 158 58.72 19.80 4.76
N GLU E 159 58.24 19.05 5.75
CA GLU E 159 58.21 19.50 7.14
C GLU E 159 59.04 18.60 8.05
N MET E 160 58.88 17.27 7.93
CA MET E 160 59.55 16.37 8.86
C MET E 160 61.02 16.20 8.54
N LEU E 161 61.42 16.42 7.30
CA LEU E 161 62.81 16.17 6.93
C LEU E 161 63.69 17.40 7.05
N PRO E 162 63.28 18.57 6.54
CA PRO E 162 64.08 19.79 6.82
C PRO E 162 64.20 20.08 8.30
N ALA E 163 63.20 19.69 9.10
CA ALA E 163 63.28 19.90 10.54
C ALA E 163 64.36 19.01 11.15
N ALA E 164 64.39 17.73 10.79
CA ALA E 164 65.37 16.82 11.36
C ALA E 164 66.78 17.17 10.92
N LEU E 165 66.97 17.50 9.64
CA LEU E 165 68.25 18.01 9.16
C LEU E 165 68.71 19.20 10.00
N ASN E 166 67.79 20.13 10.27
CA ASN E 166 68.14 21.30 11.06
C ASN E 166 68.40 20.94 12.52
N TYR E 167 67.76 19.88 13.02
CA TYR E 167 68.05 19.43 14.38
C TYR E 167 69.51 18.96 14.48
N LEU E 168 69.94 18.11 13.54
CA LEU E 168 71.30 17.59 13.56
C LEU E 168 72.35 18.66 13.30
N GLY E 169 71.97 19.78 12.68
CA GLY E 169 72.90 20.83 12.32
C GLY E 169 73.27 20.88 10.85
N LEU E 170 72.67 20.02 10.03
CA LEU E 170 72.88 20.04 8.60
C LEU E 170 72.04 21.15 7.96
N ASP E 171 72.27 21.40 6.68
CA ASP E 171 71.45 22.37 5.97
C ASP E 171 70.06 21.79 5.76
N PRO E 172 68.99 22.43 6.24
CA PRO E 172 67.65 21.98 5.88
C PRO E 172 67.35 22.13 4.40
N ASN E 173 68.14 22.90 3.67
CA ASN E 173 68.02 23.01 2.22
C ASN E 173 69.18 22.31 1.50
N THR E 174 69.66 21.20 2.05
CA THR E 174 70.73 20.47 1.39
C THR E 174 70.17 19.66 0.23
N HIS E 175 70.99 19.54 -0.81
CA HIS E 175 70.68 18.71 -1.97
C HIS E 175 71.40 17.37 -1.90
N ASP E 176 71.98 17.05 -0.73
CA ASP E 176 72.91 15.93 -0.61
C ASP E 176 72.18 14.70 -0.08
N PRO E 177 72.27 13.55 -0.76
CA PRO E 177 71.65 12.33 -0.20
C PRO E 177 72.21 11.91 1.15
N LYS E 178 73.54 11.95 1.33
CA LYS E 178 74.13 11.50 2.58
C LYS E 178 73.61 12.26 3.79
N ASP E 179 73.11 13.49 3.60
CA ASP E 179 72.43 14.19 4.67
C ASP E 179 71.06 13.59 4.92
N TYR E 180 70.23 13.52 3.87
CA TYR E 180 68.93 12.90 4.00
C TYR E 180 69.03 11.49 4.55
N LYS E 181 70.18 10.82 4.35
CA LYS E 181 70.39 9.53 4.99
C LYS E 181 70.49 9.66 6.51
N LYS E 182 71.22 10.67 7.01
CA LYS E 182 71.27 10.91 8.45
C LYS E 182 69.90 11.27 9.01
N ALA E 183 69.23 12.23 8.38
CA ALA E 183 67.91 12.64 8.86
C ALA E 183 66.94 11.46 8.81
N GLU E 184 66.95 10.72 7.70
CA GLU E 184 66.08 9.55 7.56
C GLU E 184 66.28 8.57 8.71
N GLU E 185 67.54 8.28 9.04
CA GLU E 185 67.78 7.36 10.15
C GLU E 185 67.28 7.91 11.47
N VAL E 186 67.29 9.23 11.66
CA VAL E 186 66.83 9.78 12.93
C VAL E 186 65.31 9.62 13.04
N LEU E 187 64.58 9.99 11.99
CA LEU E 187 63.12 9.88 12.03
C LEU E 187 62.67 8.43 12.18
N THR E 188 63.26 7.51 11.41
CA THR E 188 62.84 6.12 11.47
C THR E 188 63.17 5.45 12.79
N LYS E 189 64.04 6.04 13.62
CA LYS E 189 64.28 5.49 14.95
C LYS E 189 63.28 5.97 15.99
N VAL E 190 62.48 6.99 15.67
CA VAL E 190 61.39 7.42 16.55
C VAL E 190 60.03 7.15 15.95
N ARG E 191 59.94 6.72 14.69
CA ARG E 191 58.69 6.27 14.08
C ARG E 191 57.85 5.34 14.95
N PRO E 192 58.40 4.30 15.59
CA PRO E 192 57.53 3.41 16.38
C PRO E 192 56.74 4.12 17.47
N TYR E 193 57.19 5.28 17.93
CA TYR E 193 56.56 5.99 19.03
C TYR E 193 55.63 7.10 18.56
N VAL E 194 55.43 7.24 17.25
CA VAL E 194 54.55 8.26 16.69
C VAL E 194 53.16 7.66 16.57
N SER E 195 52.18 8.31 17.19
CA SER E 195 50.81 7.81 17.18
C SER E 195 50.11 7.99 15.84
N TYR E 196 50.61 8.89 14.98
CA TYR E 196 50.15 9.05 13.60
C TYR E 196 50.90 10.17 12.88
N PHE E 197 50.82 10.20 11.55
CA PHE E 197 51.36 11.30 10.75
C PHE E 197 50.17 12.08 10.20
N HIS E 198 50.04 13.35 10.60
CA HIS E 198 48.91 14.14 10.17
C HIS E 198 49.25 15.61 10.37
N SER E 199 48.73 16.47 9.49
CA SER E 199 48.97 17.90 9.54
C SER E 199 47.74 18.70 10.01
N SER E 200 46.73 18.04 10.58
CA SER E 200 45.58 18.81 11.06
C SER E 200 44.89 18.16 12.25
N LYS E 201 44.84 16.83 12.32
CA LYS E 201 44.11 16.23 13.43
C LYS E 201 44.79 16.46 14.77
N TYR E 202 45.98 17.07 14.81
CA TYR E 202 46.65 17.25 16.08
C TYR E 202 46.09 18.46 16.84
N ILE E 203 45.53 19.46 16.14
CA ILE E 203 44.96 20.62 16.81
C ILE E 203 43.87 20.18 17.78
N SER E 204 42.84 19.52 17.25
CA SER E 204 41.77 19.02 18.11
C SER E 204 42.29 17.96 19.07
N ASP E 205 43.36 17.25 18.68
CA ASP E 205 43.89 16.20 19.55
C ASP E 205 44.68 16.75 20.72
N LEU E 206 45.29 17.93 20.58
CA LEU E 206 45.94 18.52 21.74
C LEU E 206 44.92 19.10 22.72
N ALA E 207 43.90 19.77 22.20
CA ALA E 207 42.91 20.43 23.06
C ALA E 207 42.15 19.42 23.91
N ASN E 208 41.66 18.34 23.30
CA ASN E 208 40.87 17.36 24.04
C ASN E 208 41.69 16.49 24.98
N GLY E 209 42.97 16.27 24.68
CA GLY E 209 43.82 15.40 25.47
C GLY E 209 44.22 14.09 24.82
N ASN E 210 43.89 13.89 23.53
CA ASN E 210 44.23 12.62 22.89
C ASN E 210 45.74 12.44 22.78
N ILE E 211 46.44 13.47 22.32
CA ILE E 211 47.89 13.47 22.30
C ILE E 211 48.39 14.43 23.38
N CYS E 212 49.71 14.40 23.60
CA CYS E 212 50.37 15.27 24.57
C CYS E 212 51.46 16.14 23.96
N VAL E 213 51.87 15.85 22.72
CA VAL E 213 52.91 16.60 22.03
C VAL E 213 52.85 16.27 20.55
N ALA E 214 53.05 17.28 19.71
CA ALA E 214 52.90 17.10 18.28
C ALA E 214 53.69 18.17 17.56
N PHE E 215 54.38 17.77 16.50
CA PHE E 215 54.96 18.73 15.56
C PHE E 215 53.81 19.54 14.97
N GLY E 216 53.75 20.83 15.30
CA GLY E 216 52.64 21.67 14.88
C GLY E 216 53.14 23.01 14.35
N TYR E 217 52.20 23.77 13.80
CA TYR E 217 52.51 25.10 13.31
C TYR E 217 52.26 26.12 14.42
N SER E 218 52.92 27.27 14.27
CA SER E 218 52.76 28.43 15.15
C SER E 218 51.33 28.62 15.63
N GLY E 219 50.45 29.07 14.73
CA GLY E 219 49.09 29.40 15.14
C GLY E 219 48.22 28.20 15.43
N ASP E 220 48.51 27.07 14.77
CA ASP E 220 47.76 25.84 15.05
C ASP E 220 47.80 25.49 16.53
N VAL E 221 48.99 25.48 17.11
CA VAL E 221 49.10 25.20 18.54
C VAL E 221 48.45 26.31 19.35
N PHE E 222 48.66 27.58 18.95
CA PHE E 222 47.99 28.69 19.60
C PHE E 222 46.47 28.59 19.49
N GLN E 223 45.98 28.00 18.40
CA GLN E 223 44.55 27.71 18.31
C GLN E 223 44.16 26.63 19.29
N ALA E 224 44.78 25.45 19.17
CA ALA E 224 44.47 24.33 20.07
C ALA E 224 44.55 24.76 21.53
N ALA E 225 45.58 25.53 21.87
CA ALA E 225 45.68 26.08 23.22
C ALA E 225 44.43 26.86 23.61
N ALA E 226 43.93 27.67 22.69
CA ALA E 226 42.72 28.45 22.95
C ALA E 226 41.50 27.54 23.16
N ARG E 227 41.31 26.57 22.25
CA ARG E 227 40.21 25.62 22.42
C ARG E 227 40.31 24.89 23.74
N ALA E 228 41.52 24.53 24.15
CA ALA E 228 41.73 23.76 25.38
C ALA E 228 41.02 24.41 26.57
N GLU E 229 41.42 25.64 26.90
CA GLU E 229 40.84 26.33 28.05
C GLU E 229 39.40 26.71 27.79
N GLU E 230 39.04 27.04 26.54
CA GLU E 230 37.65 27.40 26.24
C GLU E 230 36.71 26.27 26.61
N ALA E 231 37.15 25.03 26.41
CA ALA E 231 36.36 23.89 26.86
C ALA E 231 36.43 23.71 28.37
N GLY E 232 37.42 24.30 29.03
CA GLY E 232 37.45 24.37 30.47
C GLY E 232 37.65 23.06 31.20
N LYS E 233 38.71 22.34 30.86
CA LYS E 233 39.13 21.19 31.64
C LYS E 233 40.58 21.32 32.12
N GLY E 234 41.22 22.47 31.88
CA GLY E 234 42.54 22.71 32.41
C GLY E 234 43.67 22.05 31.65
N ILE E 235 43.59 22.04 30.31
CA ILE E 235 44.64 21.45 29.50
C ILE E 235 45.58 22.57 29.05
N ASP E 236 46.80 22.52 29.57
CA ASP E 236 47.80 23.56 29.35
C ASP E 236 48.59 23.24 28.09
N ILE E 237 48.32 23.99 27.01
CA ILE E 237 49.01 23.81 25.74
C ILE E 237 49.97 24.98 25.54
N GLN E 238 51.16 24.68 25.03
CA GLN E 238 52.16 25.71 24.84
C GLN E 238 52.97 25.41 23.59
N TYR E 239 53.55 26.46 23.00
CA TYR E 239 54.25 26.35 21.74
C TYR E 239 55.65 26.95 21.90
N VAL E 240 56.67 26.16 21.56
CA VAL E 240 58.05 26.49 21.87
C VAL E 240 58.89 26.25 20.61
N ILE E 241 59.46 27.32 20.07
CA ILE E 241 60.42 27.22 18.98
C ILE E 241 61.72 26.68 19.56
N PRO E 242 62.14 25.47 19.21
CA PRO E 242 63.34 24.88 19.83
C PRO E 242 64.57 25.75 19.64
N LYS E 243 65.59 25.47 20.45
CA LYS E 243 66.82 26.26 20.43
C LYS E 243 67.55 26.13 19.10
N GLU E 244 67.44 24.97 18.44
CA GLU E 244 68.03 24.73 17.13
C GLU E 244 67.29 25.43 16.02
N GLY E 245 66.27 26.21 16.34
CA GLY E 245 65.48 26.88 15.33
C GLY E 245 64.42 25.97 14.73
N ALA E 246 63.83 26.47 13.63
CA ALA E 246 62.78 25.77 12.89
C ALA E 246 62.36 26.52 11.62
N ASN E 247 61.32 26.03 10.95
CA ASN E 247 60.87 26.63 9.70
C ASN E 247 60.30 28.03 9.92
N LEU E 248 60.67 28.96 9.05
CA LEU E 248 59.97 30.22 8.85
C LEU E 248 59.36 30.17 7.45
N TRP E 249 58.06 30.36 7.36
CA TRP E 249 57.37 30.21 6.09
C TRP E 249 56.36 31.34 5.93
N PHE E 250 56.04 31.61 4.67
CA PHE E 250 55.10 32.65 4.29
C PHE E 250 54.09 32.04 3.32
N ASP E 251 52.83 32.02 3.72
CA ASP E 251 51.76 31.54 2.85
C ASP E 251 51.23 32.71 2.04
N LEU E 252 51.12 32.52 0.73
CA LEU E 252 50.62 33.58 -0.15
C LEU E 252 49.38 33.12 -0.89
N MET E 253 48.67 34.09 -1.44
CA MET E 253 47.46 33.86 -2.22
C MET E 253 47.75 34.06 -3.69
N ALA E 254 47.25 33.15 -4.53
CA ALA E 254 47.53 33.21 -5.95
C ALA E 254 46.29 32.83 -6.73
N ILE E 255 46.22 33.34 -7.95
CA ILE E 255 45.09 33.16 -8.87
C ILE E 255 45.54 32.23 -9.99
N PRO E 256 44.97 31.04 -10.12
CA PRO E 256 45.39 30.13 -11.19
C PRO E 256 45.08 30.69 -12.56
N ALA E 257 45.91 30.31 -13.54
CA ALA E 257 45.74 30.82 -14.89
C ALA E 257 44.38 30.44 -15.49
N ASP E 258 43.85 29.27 -15.11
CA ASP E 258 42.58 28.79 -15.65
C ASP E 258 41.42 29.19 -14.72
N ALA E 259 41.26 30.49 -14.53
CA ALA E 259 40.32 31.03 -13.53
C ALA E 259 39.27 31.92 -14.21
N LYS E 260 38.00 31.66 -13.88
CA LYS E 260 36.89 32.49 -14.34
C LYS E 260 36.84 33.79 -13.56
N ALA E 261 36.66 33.70 -12.24
CA ALA E 261 36.24 34.85 -11.46
C ALA E 261 37.43 35.71 -11.09
N ALA E 262 38.43 35.75 -11.98
CA ALA E 262 39.65 36.51 -11.72
C ALA E 262 39.34 37.92 -11.26
N ASP E 263 38.31 38.55 -11.82
CA ASP E 263 37.90 39.87 -11.34
C ASP E 263 37.32 39.79 -9.94
N ASN E 264 36.59 38.71 -9.62
CA ASN E 264 36.09 38.54 -8.27
C ASN E 264 37.23 38.25 -7.30
N ALA E 265 38.22 37.47 -7.73
CA ALA E 265 39.33 37.11 -6.86
C ALA E 265 40.12 38.33 -6.42
N TYR E 266 40.39 39.26 -7.35
CA TYR E 266 41.06 40.51 -6.98
C TYR E 266 40.27 41.29 -5.96
N ALA E 267 38.93 41.24 -6.03
CA ALA E 267 38.12 41.98 -5.08
C ALA E 267 38.17 41.36 -3.68
N PHE E 268 38.31 40.03 -3.60
CA PHE E 268 38.44 39.40 -2.29
C PHE E 268 39.84 39.61 -1.71
N ILE E 269 40.86 39.59 -2.58
CA ILE E 269 42.21 39.88 -2.14
C ILE E 269 42.34 41.35 -1.73
N ASP E 270 41.67 42.25 -2.46
CA ASP E 270 41.78 43.65 -2.10
C ASP E 270 41.09 43.93 -0.77
N TYR E 271 40.04 43.19 -0.44
CA TYR E 271 39.37 43.33 0.86
C TYR E 271 40.14 42.67 1.99
N LEU E 272 41.02 41.72 1.69
CA LEU E 272 41.88 41.16 2.72
C LEU E 272 43.11 42.00 3.01
N LEU E 273 43.59 42.80 2.04
CA LEU E 273 44.71 43.68 2.30
C LEU E 273 44.35 44.88 3.16
N ARG E 274 43.09 44.99 3.59
CA ARG E 274 42.69 46.07 4.48
C ARG E 274 43.18 45.79 5.90
N PRO E 275 43.59 46.83 6.62
CA PRO E 275 44.15 46.60 7.96
C PRO E 275 43.14 45.97 8.91
N GLU E 276 41.94 46.57 9.00
CA GLU E 276 40.77 46.01 9.70
C GLU E 276 40.63 44.49 9.55
N VAL E 277 40.47 44.05 8.30
CA VAL E 277 40.00 42.69 8.03
C VAL E 277 41.03 41.66 8.47
N ILE E 278 42.26 41.78 7.98
CA ILE E 278 43.30 40.81 8.29
C ILE E 278 43.56 40.76 9.79
N ALA E 279 43.34 41.88 10.49
CA ALA E 279 43.40 41.87 11.95
C ALA E 279 42.37 40.90 12.52
N LYS E 280 41.14 40.97 12.04
CA LYS E 280 40.10 40.04 12.48
C LYS E 280 40.51 38.60 12.21
N VAL E 281 41.07 38.34 11.01
CA VAL E 281 41.56 37.00 10.70
C VAL E 281 42.61 36.59 11.73
N SER E 282 43.72 37.34 11.80
CA SER E 282 44.83 36.94 12.65
C SER E 282 44.43 36.84 14.12
N ASP E 283 43.58 37.76 14.61
CA ASP E 283 43.06 37.65 15.96
C ASP E 283 42.41 36.30 16.24
N TYR E 284 41.96 35.60 15.20
CA TYR E 284 41.32 34.31 15.35
C TYR E 284 42.30 33.16 15.12
N VAL E 285 42.98 33.15 13.98
CA VAL E 285 43.77 32.00 13.60
C VAL E 285 45.07 31.94 14.39
N GLY E 286 45.64 33.10 14.70
CA GLY E 286 46.86 33.14 15.48
C GLY E 286 48.12 33.15 14.66
N TYR E 287 48.09 33.76 13.48
CA TYR E 287 49.26 33.88 12.61
C TYR E 287 49.51 35.34 12.31
N ALA E 288 50.77 35.67 12.05
CA ALA E 288 51.12 37.05 11.72
C ALA E 288 50.81 37.35 10.27
N ASN E 289 50.24 38.54 10.03
CA ASN E 289 49.83 38.97 8.70
C ASN E 289 50.80 40.03 8.19
N ALA E 290 50.89 40.12 6.86
CA ALA E 290 51.83 41.02 6.20
C ALA E 290 51.32 42.45 6.10
N ILE E 291 50.28 42.83 6.84
CA ILE E 291 49.75 44.19 6.82
C ILE E 291 50.19 44.89 8.10
N PRO E 292 51.22 45.73 8.06
CA PRO E 292 51.70 46.38 9.29
C PRO E 292 50.63 47.19 10.01
N GLY E 293 49.73 47.84 9.27
CA GLY E 293 48.73 48.69 9.89
C GLY E 293 47.77 47.95 10.80
N ALA E 294 47.71 46.62 10.73
CA ALA E 294 46.71 45.85 11.43
C ALA E 294 47.10 45.47 12.86
N ARG E 295 48.40 45.43 13.18
CA ARG E 295 48.84 45.14 14.56
C ARG E 295 48.37 46.10 15.63
N PRO E 296 48.35 47.42 15.40
CA PRO E 296 47.74 48.31 16.40
C PRO E 296 46.32 47.90 16.76
N LEU E 297 45.60 47.34 15.79
CA LEU E 297 44.21 46.93 15.93
C LEU E 297 44.02 45.50 16.42
N MET E 298 45.08 44.73 16.55
CA MET E 298 44.94 43.32 16.87
C MET E 298 44.87 43.09 18.38
N ASP E 299 44.25 41.96 18.74
CA ASP E 299 44.30 41.45 20.10
C ASP E 299 45.74 41.42 20.58
N LYS E 300 45.99 42.00 21.76
CA LYS E 300 47.37 42.14 22.22
C LYS E 300 48.07 40.78 22.36
N SER E 301 47.40 39.80 22.99
CA SER E 301 47.95 38.45 23.17
C SER E 301 48.44 37.81 21.88
N VAL E 302 48.05 38.39 20.75
CA VAL E 302 48.49 37.96 19.44
C VAL E 302 49.53 38.92 18.88
N SER E 303 49.21 40.21 18.83
CA SER E 303 50.11 41.20 18.28
C SER E 303 51.36 41.41 19.14
N ASP E 304 51.30 41.09 20.43
CA ASP E 304 52.44 41.28 21.32
C ASP E 304 53.24 40.02 21.56
N SER E 305 52.94 38.93 20.87
CA SER E 305 53.60 37.67 21.16
C SER E 305 54.99 37.63 20.48
N GLU E 306 55.91 36.87 21.08
CA GLU E 306 57.24 36.66 20.52
C GLU E 306 57.38 35.34 19.78
N GLU E 307 56.37 34.48 19.89
CA GLU E 307 56.24 33.27 19.11
C GLU E 307 55.37 33.45 17.88
N VAL E 308 54.39 34.34 17.96
CA VAL E 308 53.55 34.73 16.82
C VAL E 308 54.30 35.72 15.96
N TYR E 309 54.61 36.90 16.52
CA TYR E 309 55.50 37.85 15.90
C TYR E 309 56.88 37.75 16.54
N PRO E 310 57.76 36.88 16.05
CA PRO E 310 59.06 36.69 16.70
C PRO E 310 59.95 37.91 16.50
N PRO E 311 60.92 38.11 17.37
CA PRO E 311 61.93 39.14 17.16
C PRO E 311 63.08 38.62 16.28
N GLN E 312 63.95 39.56 15.88
CA GLN E 312 65.02 39.23 14.94
C GLN E 312 66.02 38.23 15.52
N ALA E 313 66.28 38.33 16.83
CA ALA E 313 67.21 37.40 17.45
C ALA E 313 66.77 35.96 17.27
N VAL E 314 65.46 35.72 17.31
CA VAL E 314 64.92 34.39 17.04
C VAL E 314 65.03 34.06 15.55
N LEU E 315 64.68 35.03 14.69
CA LEU E 315 64.65 34.79 13.25
C LEU E 315 65.97 34.26 12.73
N ASP E 316 67.05 35.03 12.99
CA ASP E 316 68.41 34.73 12.56
C ASP E 316 68.78 33.25 12.65
N LYS E 317 68.16 32.51 13.56
CA LYS E 317 68.36 31.07 13.63
C LYS E 317 67.13 30.27 13.19
N LEU E 318 66.38 30.77 12.21
CA LEU E 318 65.32 30.03 11.54
C LEU E 318 65.69 29.80 10.08
N TYR E 319 65.27 28.66 9.53
CA TYR E 319 65.51 28.37 8.13
C TYR E 319 64.25 28.63 7.32
N VAL E 320 64.41 29.33 6.20
CA VAL E 320 63.36 29.47 5.20
C VAL E 320 63.58 28.41 4.13
N SER E 321 62.59 27.54 3.96
CA SER E 321 62.66 26.49 2.95
C SER E 321 62.88 27.09 1.57
N ALA E 322 63.76 26.46 0.79
CA ALA E 322 64.19 27.00 -0.49
C ALA E 322 63.56 26.23 -1.65
N VAL E 323 63.61 26.85 -2.83
CA VAL E 323 63.16 26.19 -4.06
C VAL E 323 64.22 25.19 -4.47
N LEU E 324 64.03 23.95 -3.99
CA LEU E 324 64.97 22.86 -4.17
C LEU E 324 65.01 22.43 -5.64
N PRO E 325 66.08 21.76 -6.06
CA PRO E 325 66.04 21.11 -7.37
C PRO E 325 65.04 19.97 -7.38
N ALA E 326 64.56 19.64 -8.59
CA ALA E 326 63.52 18.62 -8.69
C ALA E 326 64.04 17.22 -8.39
N LYS E 327 65.31 16.96 -8.70
CA LYS E 327 65.94 15.71 -8.27
C LYS E 327 65.89 15.57 -6.75
N VAL E 328 66.05 16.69 -6.03
CA VAL E 328 66.11 16.66 -4.58
C VAL E 328 64.74 16.38 -3.98
N LEU E 329 63.68 16.92 -4.59
CA LEU E 329 62.34 16.66 -4.09
C LEU E 329 61.98 15.19 -4.21
N ARG E 330 62.37 14.55 -5.32
CA ARG E 330 62.18 13.11 -5.44
C ARG E 330 62.92 12.35 -4.35
N LEU E 331 64.10 12.85 -3.93
CA LEU E 331 64.77 12.26 -2.77
C LEU E 331 63.95 12.48 -1.50
N GLN E 332 63.43 13.69 -1.30
CA GLN E 332 62.48 13.93 -0.22
C GLN E 332 61.33 12.93 -0.24
N THR E 333 60.64 12.85 -1.38
CA THR E 333 59.42 12.05 -1.45
C THR E 333 59.71 10.56 -1.29
N ARG E 334 60.84 10.08 -1.82
CA ARG E 334 61.23 8.70 -1.62
C ARG E 334 61.55 8.42 -0.15
N THR E 335 62.51 9.16 0.40
CA THR E 335 62.86 9.04 1.81
C THR E 335 61.64 9.15 2.71
N TRP E 336 60.75 10.10 2.44
CA TRP E 336 59.61 10.28 3.32
C TRP E 336 58.61 9.13 3.20
N THR E 337 58.42 8.62 1.99
CA THR E 337 57.53 7.47 1.81
C THR E 337 58.15 6.17 2.33
N ARG E 338 59.47 6.07 2.33
CA ARG E 338 60.08 4.91 2.98
C ARG E 338 59.78 4.89 4.46
N ILE E 339 59.72 6.07 5.08
CA ILE E 339 59.22 6.17 6.45
C ILE E 339 57.72 5.92 6.49
N LYS E 340 56.99 6.32 5.43
CA LYS E 340 55.52 6.17 5.28
C LYS E 340 54.72 6.28 6.58
N GLN F 3 51.23 68.58 14.86
CA GLN F 3 51.94 67.51 15.56
C GLN F 3 51.00 66.52 16.22
N VAL F 4 51.47 65.26 16.31
CA VAL F 4 50.76 64.25 17.09
C VAL F 4 50.75 64.65 18.56
N GLN F 5 49.58 64.50 19.18
CA GLN F 5 49.34 64.81 20.58
C GLN F 5 47.92 64.39 20.92
N LEU F 6 47.73 64.01 22.18
CA LEU F 6 46.38 63.91 22.73
C LEU F 6 46.22 65.04 23.73
N VAL F 7 45.06 65.68 23.71
CA VAL F 7 44.74 66.72 24.67
C VAL F 7 43.70 66.17 25.64
N GLU F 8 43.98 66.26 26.92
CA GLU F 8 43.08 65.70 27.91
C GLU F 8 42.20 66.79 28.49
N THR F 9 41.40 66.41 29.47
CA THR F 9 40.26 67.23 29.86
C THR F 9 40.70 68.32 30.84
N GLY F 10 39.72 69.03 31.38
CA GLY F 10 39.97 69.83 32.56
C GLY F 10 39.96 68.95 33.80
N ASP F 11 40.72 69.36 34.81
CA ASP F 11 40.80 68.56 36.00
C ASP F 11 39.58 68.82 36.88
N GLU F 12 39.23 67.84 37.71
CA GLU F 12 37.84 67.68 38.09
C GLU F 12 37.73 66.99 39.45
N VAL F 13 36.68 67.37 40.19
CA VAL F 13 36.47 66.94 41.57
C VAL F 13 35.09 66.29 41.68
N LYS F 14 35.05 65.17 42.37
CA LYS F 14 33.81 64.40 42.44
C LYS F 14 33.62 63.86 43.85
N THR F 15 32.42 63.36 44.11
CA THR F 15 31.99 62.84 45.43
C THR F 15 32.06 61.33 45.38
N PRO F 16 32.13 60.63 46.51
CA PRO F 16 32.31 59.21 46.51
C PRO F 16 30.99 58.53 46.19
N GLY F 17 30.91 57.87 45.06
CA GLY F 17 29.65 57.21 44.66
C GLY F 17 29.18 57.79 43.34
N ALA F 18 29.80 58.85 42.88
CA ALA F 18 29.36 59.40 41.60
C ALA F 18 30.27 58.90 40.48
N SER F 19 30.09 59.41 39.28
CA SER F 19 30.86 58.93 38.12
C SER F 19 31.68 60.08 37.54
N VAL F 20 32.72 59.73 36.78
CA VAL F 20 33.64 60.70 36.14
C VAL F 20 33.69 60.40 34.65
N LYS F 21 34.04 61.37 33.80
CA LYS F 21 34.11 61.07 32.35
C LYS F 21 35.19 61.95 31.75
N VAL F 22 36.35 61.39 31.44
CA VAL F 22 37.50 62.09 30.86
C VAL F 22 37.39 62.06 29.35
N SER F 23 37.77 63.14 28.70
CA SER F 23 37.82 63.20 27.24
C SER F 23 39.27 63.11 26.83
N CYS F 24 39.52 62.58 25.63
CA CYS F 24 40.88 62.51 25.08
C CYS F 24 40.80 62.76 23.58
N LYS F 25 41.22 63.95 23.17
CA LYS F 25 41.10 64.41 21.78
C LYS F 25 42.46 64.36 21.12
N VAL F 26 42.54 63.59 20.07
CA VAL F 26 43.78 63.31 19.36
C VAL F 26 43.93 64.25 18.18
N SER F 27 45.17 64.50 17.79
CA SER F 27 45.49 65.45 16.74
C SER F 27 46.62 64.90 15.90
N GLY F 28 46.58 65.18 14.60
CA GLY F 28 47.72 64.93 13.73
C GLY F 28 48.12 63.49 13.53
N TYR F 29 47.20 62.54 13.72
CA TYR F 29 47.46 61.16 13.32
C TYR F 29 46.11 60.48 13.09
N THR F 30 46.11 59.52 12.17
CA THR F 30 44.88 58.83 11.78
C THR F 30 44.26 58.14 12.98
N PHE F 31 43.42 58.86 13.73
CA PHE F 31 42.86 58.43 15.01
C PHE F 31 42.37 57.00 15.01
N THR F 32 41.74 56.57 13.92
CA THR F 32 41.13 55.25 13.83
C THR F 32 42.12 54.16 13.46
N SER F 33 43.42 54.44 13.52
CA SER F 33 44.46 53.58 12.96
C SER F 33 45.50 53.18 14.00
N TYR F 34 45.29 53.56 15.25
CA TYR F 34 46.04 53.12 16.41
C TYR F 34 45.06 53.03 17.57
N GLY F 35 45.23 52.02 18.42
CA GLY F 35 44.37 51.90 19.57
C GLY F 35 44.60 53.02 20.57
N ILE F 36 43.82 53.03 21.67
CA ILE F 36 44.02 54.04 22.72
C ILE F 36 43.84 53.37 24.08
N SER F 37 44.67 53.76 25.03
CA SER F 37 44.80 53.13 26.32
C SER F 37 44.66 54.18 27.41
N TRP F 38 44.19 53.75 28.58
CA TRP F 38 44.02 54.65 29.73
C TRP F 38 44.86 54.12 30.88
N VAL F 39 45.74 54.96 31.41
CA VAL F 39 46.58 54.60 32.54
C VAL F 39 46.28 55.54 33.70
N ARG F 40 46.12 54.95 34.88
CA ARG F 40 45.72 55.65 36.09
C ARG F 40 46.90 55.70 37.05
N GLN F 41 47.05 56.84 37.73
CA GLN F 41 48.16 57.03 38.67
C GLN F 41 47.67 57.74 39.92
N ALA F 42 47.51 56.98 41.00
CA ALA F 42 47.21 57.50 42.33
C ALA F 42 48.28 58.54 42.71
N PRO F 43 48.01 59.43 43.67
CA PRO F 43 49.00 60.46 44.00
C PRO F 43 50.32 59.84 44.47
N GLY F 44 51.38 60.17 43.74
CA GLY F 44 52.72 59.73 44.12
C GLY F 44 52.91 58.24 44.15
N GLN F 45 52.13 57.49 43.37
CA GLN F 45 52.30 56.04 43.33
C GLN F 45 52.64 55.55 41.92
N GLY F 46 52.25 54.31 41.61
CA GLY F 46 52.65 53.68 40.37
C GLY F 46 51.58 53.73 39.30
N LEU F 47 51.97 53.30 38.10
CA LEU F 47 51.06 53.32 36.96
C LEU F 47 50.15 52.10 37.01
N GLU F 48 48.96 52.26 36.44
CA GLU F 48 47.96 51.20 36.49
C GLU F 48 47.20 51.14 35.18
N TRP F 49 47.04 49.92 34.68
CA TRP F 49 46.30 49.68 33.44
C TRP F 49 44.80 49.74 33.70
N MET F 50 44.10 50.55 32.91
CA MET F 50 42.64 50.63 33.01
C MET F 50 41.96 49.87 31.87
N GLY F 51 42.23 50.23 30.63
CA GLY F 51 41.58 49.56 29.52
C GLY F 51 42.12 50.06 28.19
N TRP F 52 41.87 49.24 27.17
CA TRP F 52 42.28 49.52 25.80
C TRP F 52 41.02 49.59 24.94
N ILE F 53 41.00 50.49 23.96
CA ILE F 53 39.85 50.65 23.09
C ILE F 53 40.31 50.75 21.65
N ASN F 54 39.65 50.00 20.77
CA ASN F 54 39.90 49.94 19.33
C ASN F 54 39.04 51.01 18.65
N PRO F 55 39.63 52.15 18.28
CA PRO F 55 38.83 53.22 17.68
C PRO F 55 38.17 52.81 16.37
N ASN F 56 38.62 51.71 15.76
CA ASN F 56 38.02 51.27 14.50
C ASN F 56 36.73 50.49 14.73
N SER F 57 36.75 49.55 15.69
CA SER F 57 35.60 48.70 15.95
C SER F 57 34.84 49.04 17.22
N GLY F 58 35.38 49.92 18.07
CA GLY F 58 34.81 50.11 19.39
C GLY F 58 35.07 48.98 20.35
N GLY F 59 35.84 47.97 19.96
CA GLY F 59 36.12 46.87 20.86
C GLY F 59 36.92 47.34 22.08
N THR F 60 36.62 46.76 23.23
CA THR F 60 37.24 47.19 24.47
C THR F 60 37.77 46.01 25.27
N ASN F 61 39.04 46.11 25.66
CA ASN F 61 39.68 45.19 26.60
C ASN F 61 39.82 45.95 27.91
N TYR F 62 39.00 45.58 28.90
CA TYR F 62 39.08 46.22 30.20
C TYR F 62 39.94 45.39 31.15
N ALA F 63 40.62 46.08 32.06
CA ALA F 63 41.25 45.42 33.19
C ALA F 63 40.16 44.97 34.16
N GLN F 64 40.21 43.70 34.49
CA GLN F 64 39.23 43.00 35.30
C GLN F 64 38.88 43.75 36.58
N LYS F 65 39.82 44.57 37.10
CA LYS F 65 39.50 45.40 38.27
C LYS F 65 38.42 46.44 37.97
N PHE F 66 38.40 46.98 36.75
CA PHE F 66 37.51 48.08 36.43
C PHE F 66 36.29 47.64 35.64
N GLN F 67 36.39 46.59 34.81
CA GLN F 67 35.24 46.09 34.09
C GLN F 67 34.06 45.99 35.04
N GLY F 68 32.90 46.43 34.59
CA GLY F 68 31.78 46.53 35.49
C GLY F 68 31.71 47.80 36.31
N ARG F 69 32.51 48.82 36.00
CA ARG F 69 32.27 50.19 36.47
C ARG F 69 33.07 51.16 35.61
N VAL F 70 33.86 50.60 34.70
CA VAL F 70 34.53 51.25 33.57
C VAL F 70 33.71 51.21 32.28
N THR F 71 33.81 52.30 31.51
CA THR F 71 33.27 52.26 30.15
C THR F 71 34.10 53.13 29.21
N MET F 72 34.49 52.57 28.07
CA MET F 72 35.33 53.29 27.13
C MET F 72 34.65 53.38 25.77
N THR F 73 34.68 54.58 25.19
CA THR F 73 33.88 54.90 24.02
C THR F 73 34.63 55.88 23.15
N ARG F 74 34.03 56.22 22.02
CA ARG F 74 34.71 56.99 20.99
C ARG F 74 33.74 57.70 20.08
N ASP F 75 34.03 58.96 19.77
CA ASP F 75 33.37 59.68 18.68
C ASP F 75 34.40 59.81 17.56
N THR F 76 34.25 58.96 16.53
CA THR F 76 35.14 59.03 15.37
C THR F 76 35.05 60.39 14.71
N SER F 77 33.82 60.83 14.42
CA SER F 77 33.53 62.15 13.91
C SER F 77 34.34 63.26 14.59
N ILE F 78 34.36 63.26 15.93
CA ILE F 78 35.04 64.34 16.64
C ILE F 78 36.53 64.06 16.77
N SER F 79 36.90 62.78 16.79
CA SER F 79 38.27 62.31 17.08
C SER F 79 38.64 62.47 18.54
N THR F 80 37.69 62.28 19.46
CA THR F 80 38.04 62.09 20.86
C THR F 80 37.67 60.68 21.30
N ALA F 81 38.19 60.28 22.46
CA ALA F 81 37.92 58.97 23.01
C ALA F 81 37.56 59.15 24.48
N TYR F 82 36.52 58.46 24.93
CA TYR F 82 35.95 58.72 26.24
C TYR F 82 36.16 57.54 27.18
N MET F 83 36.12 57.90 28.47
CA MET F 83 36.27 57.04 29.65
C MET F 83 35.44 57.50 30.84
N GLU F 84 34.65 56.57 31.33
CA GLU F 84 33.79 56.80 32.47
C GLU F 84 34.05 55.72 33.52
N LEU F 85 34.74 56.09 34.60
CA LEU F 85 34.55 55.43 35.89
C LEU F 85 33.24 55.89 36.51
N SER F 86 32.55 54.98 37.18
CA SER F 86 31.22 55.28 37.73
C SER F 86 30.93 54.49 39.01
N ARG F 87 31.79 54.64 40.01
CA ARG F 87 31.49 54.30 41.39
C ARG F 87 32.65 54.74 42.28
N LEU F 88 33.03 56.01 42.13
CA LEU F 88 34.26 56.56 42.71
C LEU F 88 34.40 56.26 44.19
N ARG F 89 35.38 55.43 44.52
CA ARG F 89 35.78 55.18 45.89
C ARG F 89 36.81 56.23 46.31
N SER F 90 36.88 56.48 47.61
CA SER F 90 37.83 57.42 48.22
C SER F 90 39.20 57.23 47.61
N ASP F 91 39.42 56.02 47.08
CA ASP F 91 40.67 55.59 46.48
C ASP F 91 40.91 56.15 45.08
N ASP F 92 39.85 56.34 44.27
CA ASP F 92 40.06 56.61 42.82
C ASP F 92 40.74 57.91 42.53
N THR F 93 41.27 58.56 43.56
CA THR F 93 41.94 59.84 43.44
C THR F 93 43.25 59.67 42.69
N ALA F 94 43.39 60.33 41.55
CA ALA F 94 44.51 60.02 40.66
C ALA F 94 44.57 60.99 39.48
N VAL F 95 45.76 61.03 38.86
CA VAL F 95 45.92 61.56 37.51
C VAL F 95 45.55 60.47 36.53
N TYR F 96 44.73 60.81 35.53
CA TYR F 96 44.24 59.84 34.56
C TYR F 96 44.83 60.13 33.19
N TYR F 97 45.68 59.23 32.71
CA TYR F 97 46.40 59.42 31.47
C TYR F 97 45.72 58.68 30.32
N CYS F 98 46.18 59.01 29.12
CA CYS F 98 45.57 58.52 27.89
C CYS F 98 46.64 58.49 26.82
N ALA F 99 46.89 57.32 26.24
CA ALA F 99 48.02 57.17 25.35
C ALA F 99 47.64 56.36 24.11
N ARG F 100 48.05 56.89 22.96
CA ARG F 100 48.00 56.13 21.71
C ARG F 100 48.78 54.83 21.86
N ASP F 101 48.12 53.71 21.65
CA ASP F 101 48.71 52.40 21.92
C ASP F 101 48.81 51.59 20.64
N LYS F 102 50.02 51.54 20.08
CA LYS F 102 50.38 50.52 19.11
C LYS F 102 51.20 49.43 19.80
N ARG F 103 50.51 48.70 20.70
CA ARG F 103 51.06 47.67 21.56
C ARG F 103 51.82 48.30 22.73
N TYR F 104 52.55 49.38 22.45
CA TYR F 104 53.23 50.16 23.47
C TYR F 104 52.77 51.61 23.30
N MET F 105 52.78 52.36 24.41
CA MET F 105 52.15 53.68 24.47
C MET F 105 53.20 54.74 24.18
N ASP F 106 53.31 55.16 22.93
CA ASP F 106 54.41 56.03 22.51
C ASP F 106 54.15 57.50 22.74
N VAL F 107 52.91 57.95 22.69
CA VAL F 107 52.57 59.35 22.89
C VAL F 107 51.45 59.42 23.92
N TRP F 108 51.81 59.75 25.16
CA TRP F 108 50.83 59.87 26.23
C TRP F 108 50.16 61.25 26.17
N GLY F 109 49.01 61.37 26.84
CA GLY F 109 48.40 62.68 27.01
C GLY F 109 49.17 63.52 28.01
N LYS F 110 48.51 64.50 28.62
CA LYS F 110 49.03 65.21 29.78
C LYS F 110 48.34 64.83 31.09
N GLY F 111 47.39 63.91 31.05
CA GLY F 111 46.76 63.43 32.25
C GLY F 111 45.71 64.35 32.84
N THR F 112 44.79 63.75 33.60
CA THR F 112 43.72 64.49 34.24
C THR F 112 43.56 64.00 35.67
N THR F 113 43.82 64.88 36.63
CA THR F 113 43.50 64.59 38.03
C THR F 113 41.99 64.47 38.22
N VAL F 114 41.60 63.48 39.02
CA VAL F 114 40.23 63.34 39.50
C VAL F 114 40.31 63.12 41.00
N THR F 115 39.80 64.07 41.79
CA THR F 115 39.92 64.03 43.25
C THR F 115 38.56 63.79 43.88
N VAL F 116 38.38 62.59 44.42
CA VAL F 116 37.19 62.25 45.20
C VAL F 116 37.49 62.49 46.67
N SER F 117 36.53 63.11 47.37
CA SER F 117 36.78 63.53 48.76
C SER F 117 35.53 63.33 49.59
N SER F 118 35.62 62.44 50.58
CA SER F 118 34.67 62.22 51.68
C SER F 118 34.92 60.86 52.29
N GLY F 119 33.91 60.31 52.96
CA GLY F 119 34.01 58.99 53.53
C GLY F 119 32.64 58.41 53.83
N VAL F 136 50.53 41.76 40.01
CA VAL F 136 51.75 42.56 39.97
C VAL F 136 52.95 41.72 39.58
N LEU F 137 53.88 42.35 38.86
CA LEU F 137 55.20 41.78 38.60
C LEU F 137 56.24 42.62 39.35
N THR F 138 57.18 41.95 39.99
CA THR F 138 58.01 42.58 41.01
C THR F 138 59.25 43.24 40.42
N GLN F 139 59.51 44.46 40.87
CA GLN F 139 60.70 45.22 40.55
C GLN F 139 61.02 46.06 41.78
N PRO F 140 62.30 46.28 42.10
CA PRO F 140 62.64 46.96 43.36
C PRO F 140 62.17 48.40 43.34
N PRO F 141 61.93 49.00 44.51
CA PRO F 141 61.28 50.33 44.52
C PRO F 141 62.22 51.50 44.28
N SER F 142 63.53 51.33 44.43
CA SER F 142 64.43 52.47 44.38
C SER F 142 65.88 52.01 44.27
N VAL F 143 66.65 52.71 43.45
CA VAL F 143 68.10 52.57 43.37
C VAL F 143 68.71 53.96 43.51
N SER F 144 69.89 54.02 44.10
CA SER F 144 70.58 55.28 44.33
C SER F 144 71.99 55.17 43.76
N GLY F 145 72.23 55.87 42.65
CA GLY F 145 73.51 55.82 41.96
C GLY F 145 74.26 57.15 42.03
N ALA F 146 75.50 57.10 41.54
CA ALA F 146 76.37 58.25 41.45
C ALA F 146 76.55 58.67 40.00
N PRO F 147 76.74 59.96 39.73
CA PRO F 147 76.89 60.42 38.34
C PRO F 147 78.04 59.71 37.64
N GLY F 148 77.89 59.50 36.34
CA GLY F 148 78.94 58.89 35.56
C GLY F 148 78.90 57.37 35.57
N GLN F 149 78.49 56.78 36.70
CA GLN F 149 78.45 55.33 36.81
C GLN F 149 77.27 54.73 36.07
N LYS F 150 76.94 53.48 36.37
CA LYS F 150 75.81 52.79 35.75
C LYS F 150 74.98 52.12 36.84
N VAL F 151 73.73 51.81 36.49
CA VAL F 151 72.82 51.10 37.39
C VAL F 151 71.84 50.30 36.53
N THR F 152 71.26 49.26 37.12
CA THR F 152 70.33 48.38 36.44
C THR F 152 69.02 48.35 37.23
N ILE F 153 67.93 48.03 36.53
CA ILE F 153 66.60 47.96 37.15
C ILE F 153 65.87 46.77 36.55
N SER F 154 65.59 45.77 37.38
CA SER F 154 65.00 44.51 36.95
C SER F 154 63.51 44.50 37.18
N CYS F 155 62.82 43.60 36.46
CA CYS F 155 61.36 43.53 36.46
C CYS F 155 61.00 42.11 36.05
N SER F 156 60.34 41.36 36.93
CA SER F 156 60.31 39.91 36.81
C SER F 156 58.88 39.38 36.84
N GLY F 157 58.60 38.37 36.03
CA GLY F 157 57.24 37.91 35.98
C GLY F 157 57.03 36.42 35.97
N SER F 158 57.00 35.88 34.76
CA SER F 158 56.03 34.84 34.45
C SER F 158 55.99 34.45 32.99
N SER F 159 55.64 33.19 32.71
CA SER F 159 55.44 32.77 31.33
C SER F 159 54.34 33.57 30.65
N SER F 160 53.55 34.29 31.42
CA SER F 160 52.36 34.94 30.90
C SER F 160 52.63 36.35 30.41
N ASN F 161 53.56 37.04 31.04
CA ASN F 161 53.86 38.42 30.70
C ASN F 161 55.23 38.57 30.09
N ILE F 162 56.20 39.06 30.85
CA ILE F 162 57.57 39.23 30.42
C ILE F 162 58.09 38.00 29.68
N GLY F 163 57.72 36.80 30.11
CA GLY F 163 58.20 35.60 29.45
C GLY F 163 57.74 35.44 28.01
N ARG F 164 56.50 35.83 27.70
CA ARG F 164 55.94 35.61 26.38
C ARG F 164 55.98 36.86 25.52
N ASN F 165 55.27 37.90 25.93
CA ASN F 165 54.90 39.02 25.10
C ASN F 165 55.99 40.09 25.17
N TYR F 166 55.84 41.13 24.35
CA TYR F 166 56.91 42.12 24.27
C TYR F 166 56.88 43.06 25.48
N VAL F 167 58.00 43.77 25.67
CA VAL F 167 58.20 44.65 26.82
C VAL F 167 58.25 46.09 26.34
N SER F 168 57.71 46.99 27.15
CA SER F 168 57.92 48.42 27.02
C SER F 168 58.52 48.95 28.32
N TRP F 169 59.29 50.05 28.22
CA TRP F 169 59.81 50.76 29.38
C TRP F 169 59.43 52.23 29.27
N TYR F 170 59.11 52.84 30.41
CA TYR F 170 58.64 54.22 30.48
C TYR F 170 59.35 54.95 31.60
N GLN F 171 59.90 56.11 31.25
CA GLN F 171 60.59 56.99 32.18
C GLN F 171 59.70 58.19 32.48
N GLN F 172 59.28 58.32 33.73
CA GLN F 172 58.48 59.45 34.18
C GLN F 172 59.37 60.42 34.95
N LEU F 173 59.89 61.45 34.26
CA LEU F 173 60.65 62.47 34.96
C LEU F 173 59.79 63.20 35.98
N PRO F 174 60.39 63.96 36.91
CA PRO F 174 59.60 64.61 37.96
C PRO F 174 58.45 65.44 37.41
N GLY F 175 57.30 65.34 38.09
CA GLY F 175 56.12 66.13 37.78
C GLY F 175 55.65 66.02 36.34
N ALA F 176 56.05 64.95 35.66
CA ALA F 176 55.80 64.80 34.24
C ALA F 176 54.90 63.59 33.99
N ALA F 177 54.31 63.58 32.79
CA ALA F 177 53.65 62.38 32.30
C ALA F 177 54.70 61.35 31.89
N PRO F 178 54.33 60.07 31.87
CA PRO F 178 55.27 59.06 31.38
C PRO F 178 55.65 59.32 29.93
N LYS F 179 56.94 59.18 29.66
CA LYS F 179 57.49 59.20 28.30
C LYS F 179 57.80 57.76 27.92
N LEU F 180 57.91 57.51 26.61
CA LEU F 180 58.28 56.18 26.13
C LEU F 180 59.79 56.07 26.05
N LEU F 181 60.32 55.06 26.71
CA LEU F 181 61.75 54.83 26.86
C LEU F 181 62.26 53.70 25.97
N LEU F 182 61.58 52.55 25.99
CA LEU F 182 61.98 51.38 25.20
C LEU F 182 60.74 50.60 24.79
N TYR F 183 60.74 50.12 23.54
CA TYR F 183 59.70 49.25 23.03
C TYR F 183 60.34 48.03 22.42
N ASP F 184 59.50 47.09 21.97
CA ASP F 184 59.93 45.81 21.40
C ASP F 184 61.08 45.21 22.18
N ASN F 185 60.99 45.29 23.52
CA ASN F 185 61.94 44.70 24.46
C ASN F 185 63.20 45.52 24.65
N ASN F 186 63.78 46.05 23.56
CA ASN F 186 65.06 46.74 23.69
C ASN F 186 65.29 47.83 22.64
N LYS F 187 64.25 48.33 21.98
CA LYS F 187 64.41 49.36 20.97
C LYS F 187 64.11 50.74 21.55
N ARG F 188 64.86 51.74 21.08
CA ARG F 188 64.71 53.10 21.59
C ARG F 188 63.91 53.96 20.62
N PRO F 189 62.98 54.77 21.12
CA PRO F 189 62.37 55.80 20.28
C PRO F 189 63.41 56.81 19.83
N SER F 190 63.19 57.37 18.64
CA SER F 190 64.12 58.35 18.08
C SER F 190 64.25 59.56 19.00
N GLY F 191 64.98 59.40 20.10
CA GLY F 191 65.18 60.47 21.07
C GLY F 191 65.87 59.96 22.32
N ILE F 192 65.84 58.66 22.53
CA ILE F 192 66.42 58.04 23.72
C ILE F 192 67.87 57.66 23.40
N PRO F 193 68.85 58.08 24.22
CA PRO F 193 70.27 57.94 23.84
C PRO F 193 70.81 56.52 23.86
N ASP F 194 72.10 56.39 23.54
CA ASP F 194 72.74 55.07 23.58
C ASP F 194 72.70 54.48 24.98
N ARG F 195 72.81 55.34 26.00
CA ARG F 195 72.97 54.87 27.37
C ARG F 195 71.82 53.94 27.76
N PHE F 196 70.60 54.39 27.55
CA PHE F 196 69.41 53.59 27.84
C PHE F 196 69.32 52.41 26.89
N SER F 197 69.49 51.20 27.41
CA SER F 197 69.22 49.99 26.65
C SER F 197 68.92 48.86 27.63
N ALA F 198 67.89 48.08 27.32
CA ALA F 198 67.45 47.00 28.19
C ALA F 198 67.76 45.65 27.58
N SER F 199 67.84 44.64 28.46
CA SER F 199 68.03 43.26 28.06
C SER F 199 66.93 42.40 28.69
N LYS F 200 66.82 41.17 28.22
CA LYS F 200 65.69 40.30 28.49
C LYS F 200 66.22 38.87 28.60
N SER F 201 65.81 38.14 29.63
CA SER F 201 66.20 36.75 29.75
C SER F 201 65.22 36.02 30.65
N GLY F 202 64.68 34.91 30.16
CA GLY F 202 63.64 34.20 30.85
C GLY F 202 62.43 35.08 31.09
N PRO F 203 61.92 35.09 32.32
CA PRO F 203 60.80 35.97 32.64
C PRO F 203 61.23 37.28 33.31
N SER F 204 62.39 37.82 32.91
CA SER F 204 62.86 39.08 33.47
C SER F 204 63.42 39.95 32.35
N THR F 205 63.08 41.25 32.42
CA THR F 205 63.74 42.28 31.63
C THR F 205 64.44 43.23 32.58
N THR F 206 65.64 43.68 32.20
CA THR F 206 66.40 44.61 33.03
C THR F 206 66.83 45.81 32.20
N LEU F 207 66.41 46.99 32.62
CA LEU F 207 66.89 48.25 32.06
C LEU F 207 68.27 48.60 32.63
N ALA F 208 69.14 49.17 31.79
CA ALA F 208 70.50 49.50 32.22
C ALA F 208 70.91 50.83 31.61
N ILE F 209 70.84 51.88 32.42
CA ILE F 209 71.39 53.19 32.07
C ILE F 209 72.88 53.18 32.41
N THR F 210 73.70 53.75 31.52
CA THR F 210 75.17 53.60 31.66
C THR F 210 75.92 54.89 31.90
N GLY F 211 75.63 55.96 31.18
CA GLY F 211 76.40 57.18 31.32
C GLY F 211 75.71 58.13 32.28
N LEU F 212 75.16 57.54 33.35
CA LEU F 212 74.36 58.23 34.36
C LEU F 212 74.65 59.71 34.50
N GLN F 213 73.70 60.52 34.09
CA GLN F 213 73.66 61.94 34.33
C GLN F 213 72.71 62.23 35.48
N THR F 214 72.71 63.49 35.93
CA THR F 214 71.70 63.91 36.89
C THR F 214 70.33 64.04 36.23
N GLY F 215 70.29 64.27 34.91
CA GLY F 215 69.03 64.56 34.26
C GLY F 215 68.10 63.37 34.20
N ASP F 216 68.65 62.20 33.93
CA ASP F 216 67.80 61.02 33.81
C ASP F 216 67.43 60.44 35.17
N GLU F 217 67.35 61.29 36.19
CA GLU F 217 66.81 60.91 37.48
C GLU F 217 65.28 60.93 37.40
N ALA F 218 64.65 59.78 37.63
CA ALA F 218 63.21 59.68 37.47
C ALA F 218 62.72 58.32 37.97
N ASP F 219 61.40 58.13 37.90
CA ASP F 219 60.79 56.83 38.04
C ASP F 219 60.84 56.08 36.71
N TYR F 220 61.06 54.78 36.78
CA TYR F 220 61.12 53.93 35.60
C TYR F 220 60.11 52.79 35.73
N PHE F 221 59.29 52.61 34.70
CA PHE F 221 58.24 51.60 34.69
C PHE F 221 58.41 50.65 33.52
N CYS F 222 58.36 49.36 33.81
CA CYS F 222 58.23 48.32 32.80
C CYS F 222 56.76 48.03 32.56
N GLY F 223 56.44 47.60 31.34
CA GLY F 223 55.08 47.23 31.00
C GLY F 223 54.98 46.15 29.94
N VAL F 224 54.16 45.13 30.20
CA VAL F 224 53.92 44.04 29.25
C VAL F 224 52.48 43.59 29.36
N TRP F 225 52.06 42.78 28.39
CA TRP F 225 50.74 42.18 28.42
C TRP F 225 50.86 40.77 28.98
N ASP F 226 49.91 40.40 29.83
CA ASP F 226 49.87 39.10 30.49
C ASP F 226 48.74 38.30 29.83
N SER F 227 49.13 37.46 28.85
CA SER F 227 48.16 36.85 27.96
C SER F 227 47.14 35.98 28.67
N SER F 228 47.30 35.76 29.98
CA SER F 228 46.29 35.05 30.76
C SER F 228 45.36 35.99 31.52
N LEU F 229 45.88 37.03 32.18
CA LEU F 229 45.02 38.01 32.83
C LEU F 229 44.38 39.01 31.88
N ARG F 230 44.91 39.12 30.66
CA ARG F 230 44.38 40.03 29.64
C ARG F 230 44.41 41.48 30.14
N ALA F 231 45.61 41.93 30.47
CA ALA F 231 45.81 43.30 30.94
C ALA F 231 47.26 43.70 30.71
N VAL F 232 47.49 45.02 30.69
CA VAL F 232 48.82 45.58 30.53
C VAL F 232 49.44 45.71 31.92
N LEU F 233 50.26 44.73 32.29
CA LEU F 233 50.87 44.77 33.61
C LEU F 233 51.96 45.86 33.67
N PHE F 234 51.95 46.62 34.76
CA PHE F 234 53.05 47.52 35.10
C PHE F 234 53.78 47.01 36.32
N GLY F 235 55.07 47.30 36.36
CA GLY F 235 55.79 47.18 37.61
C GLY F 235 55.33 48.20 38.62
N GLY F 236 55.52 47.86 39.90
CA GLY F 236 55.21 48.81 40.94
C GLY F 236 55.93 50.13 40.75
N GLY F 237 57.15 50.09 40.21
CA GLY F 237 57.92 51.29 39.96
C GLY F 237 59.28 51.22 40.63
N THR F 238 60.14 52.15 40.22
CA THR F 238 61.46 52.23 40.81
C THR F 238 62.08 53.61 40.64
N LYS F 239 62.41 54.26 41.75
CA LYS F 239 62.78 55.67 41.78
C LYS F 239 64.30 55.77 41.90
N LEU F 240 64.97 55.97 40.77
CA LEU F 240 66.39 56.29 40.69
C LEU F 240 66.65 57.71 41.18
N THR F 241 67.29 57.87 42.34
CA THR F 241 67.84 59.16 42.74
C THR F 241 69.35 59.11 42.53
N VAL F 242 69.81 59.88 41.56
CA VAL F 242 71.23 60.03 41.25
C VAL F 242 71.79 61.15 42.11
N LEU F 243 73.03 60.99 42.57
CA LEU F 243 73.65 62.00 43.43
C LEU F 243 74.90 62.61 42.80
N SER G 6 -48.75 -43.98 -30.88
CA SER G 6 -49.70 -44.82 -30.14
C SER G 6 -49.01 -45.58 -29.01
N LEU G 7 -49.80 -46.02 -28.03
CA LEU G 7 -49.24 -46.71 -26.88
C LEU G 7 -50.26 -47.71 -26.34
N HIS G 8 -49.80 -48.92 -26.05
CA HIS G 8 -50.67 -50.04 -25.68
C HIS G 8 -50.27 -50.51 -24.29
N ILE G 9 -51.22 -50.55 -23.36
CA ILE G 9 -50.95 -50.88 -21.97
C ILE G 9 -51.86 -52.00 -21.47
N TYR G 10 -51.29 -52.85 -20.62
CA TYR G 10 -51.99 -53.97 -19.99
C TYR G 10 -51.87 -53.82 -18.49
N ASN G 11 -52.97 -53.42 -17.83
CA ASN G 11 -52.96 -53.21 -16.39
C ASN G 11 -54.24 -53.79 -15.79
N TRP G 12 -54.25 -53.91 -14.47
CA TRP G 12 -55.33 -54.59 -13.77
C TRP G 12 -56.63 -53.80 -13.89
N THR G 13 -57.73 -54.44 -13.53
CA THR G 13 -59.00 -53.73 -13.38
C THR G 13 -58.90 -52.77 -12.20
N ASP G 14 -59.69 -51.69 -12.26
CA ASP G 14 -59.86 -50.76 -11.15
C ASP G 14 -58.51 -50.34 -10.58
N TYR G 15 -57.62 -49.91 -11.47
CA TYR G 15 -56.22 -49.69 -11.10
C TYR G 15 -55.69 -48.40 -11.72
N ILE G 16 -56.59 -47.46 -12.01
CA ILE G 16 -56.21 -46.16 -12.58
C ILE G 16 -57.36 -45.17 -12.41
N ALA G 17 -57.03 -43.90 -12.22
CA ALA G 17 -58.07 -42.88 -12.18
C ALA G 17 -58.65 -42.71 -13.59
N PRO G 18 -59.91 -42.26 -13.70
CA PRO G 18 -60.53 -42.19 -15.03
C PRO G 18 -59.77 -41.30 -15.99
N THR G 19 -59.50 -40.06 -15.59
CA THR G 19 -58.87 -39.06 -16.44
C THR G 19 -57.35 -39.17 -16.45
N THR G 20 -56.77 -40.16 -15.78
CA THR G 20 -55.31 -40.31 -15.79
C THR G 20 -54.80 -40.47 -17.22
N LEU G 21 -55.56 -41.16 -18.07
CA LEU G 21 -55.17 -41.28 -19.46
C LEU G 21 -55.47 -40.00 -20.24
N LYS G 22 -56.73 -39.55 -20.22
CA LYS G 22 -57.12 -38.35 -20.95
C LYS G 22 -56.21 -37.17 -20.66
N ASP G 23 -55.59 -37.13 -19.48
CA ASP G 23 -54.60 -36.10 -19.19
C ASP G 23 -53.29 -36.38 -19.91
N PHE G 24 -52.75 -37.58 -19.75
CA PHE G 24 -51.49 -37.93 -20.39
C PHE G 24 -51.58 -37.78 -21.90
N THR G 25 -52.65 -38.31 -22.47
CA THR G 25 -52.92 -38.08 -23.89
C THR G 25 -52.93 -36.60 -24.22
N LYS G 26 -53.64 -35.79 -23.42
CA LYS G 26 -53.77 -34.37 -23.75
C LYS G 26 -52.48 -33.59 -23.50
N GLU G 27 -51.53 -34.11 -22.73
CA GLU G 27 -50.28 -33.38 -22.57
C GLU G 27 -49.24 -33.77 -23.61
N SER G 28 -49.02 -35.07 -23.81
CA SER G 28 -48.02 -35.52 -24.78
C SER G 28 -48.58 -35.60 -26.19
N GLY G 29 -49.88 -35.81 -26.35
CA GLY G 29 -50.47 -36.09 -27.64
C GLY G 29 -50.51 -37.55 -28.02
N ILE G 30 -49.87 -38.41 -27.24
CA ILE G 30 -49.83 -39.85 -27.50
C ILE G 30 -51.21 -40.42 -27.17
N ASP G 31 -51.76 -41.24 -28.06
CA ASP G 31 -52.99 -41.96 -27.79
C ASP G 31 -52.66 -43.29 -27.13
N VAL G 32 -53.51 -43.70 -26.18
CA VAL G 32 -53.29 -44.88 -25.36
C VAL G 32 -54.35 -45.92 -25.68
N SER G 33 -53.95 -47.19 -25.65
CA SER G 33 -54.85 -48.34 -25.74
C SER G 33 -54.73 -49.09 -24.43
N TYR G 34 -55.80 -49.08 -23.64
CA TYR G 34 -55.80 -49.60 -22.27
C TYR G 34 -56.55 -50.93 -22.23
N ASP G 35 -55.88 -51.97 -21.79
CA ASP G 35 -56.46 -53.31 -21.69
C ASP G 35 -56.22 -53.85 -20.29
N VAL G 36 -57.12 -54.71 -19.82
CA VAL G 36 -57.15 -55.08 -18.41
C VAL G 36 -57.23 -56.59 -18.21
N PHE G 37 -56.63 -57.05 -17.11
CA PHE G 37 -56.64 -58.43 -16.66
C PHE G 37 -56.94 -58.46 -15.16
N ASP G 38 -57.54 -59.56 -14.70
CA ASP G 38 -57.95 -59.64 -13.30
C ASP G 38 -57.04 -60.51 -12.44
N SER G 39 -56.14 -61.27 -13.04
CA SER G 39 -55.23 -62.13 -12.28
C SER G 39 -53.81 -61.95 -12.79
N ASN G 40 -52.86 -62.38 -11.95
CA ASN G 40 -51.47 -62.44 -12.42
C ASN G 40 -51.27 -63.52 -13.46
N GLU G 41 -52.03 -64.62 -13.36
CA GLU G 41 -51.88 -65.71 -14.32
C GLU G 41 -52.31 -65.29 -15.71
N THR G 42 -53.45 -64.59 -15.82
CA THR G 42 -53.92 -64.08 -17.11
C THR G 42 -52.82 -63.30 -17.82
N LEU G 43 -52.24 -62.32 -17.12
CA LEU G 43 -51.07 -61.62 -17.65
C LEU G 43 -49.95 -62.59 -18.03
N GLU G 44 -49.60 -63.53 -17.13
CA GLU G 44 -48.45 -64.38 -17.43
C GLU G 44 -48.71 -65.27 -18.63
N GLY G 45 -49.91 -65.82 -18.73
CA GLY G 45 -50.27 -66.55 -19.91
C GLY G 45 -50.01 -65.72 -21.13
N LYS G 46 -50.58 -64.51 -21.14
CA LYS G 46 -50.41 -63.58 -22.24
C LYS G 46 -48.95 -63.29 -22.56
N LEU G 47 -48.05 -63.41 -21.57
CA LEU G 47 -46.66 -63.09 -21.85
C LEU G 47 -45.95 -64.23 -22.57
N VAL G 48 -45.99 -65.45 -22.03
CA VAL G 48 -45.26 -66.54 -22.66
C VAL G 48 -45.84 -66.84 -24.04
N SER G 49 -47.18 -66.70 -24.18
CA SER G 49 -47.87 -66.52 -25.44
C SER G 49 -46.97 -65.95 -26.53
N GLY G 50 -46.29 -64.87 -26.21
CA GLY G 50 -45.16 -64.43 -26.99
C GLY G 50 -45.45 -63.16 -27.75
N HIS G 51 -46.66 -63.05 -28.32
CA HIS G 51 -46.84 -62.03 -29.35
C HIS G 51 -47.94 -61.04 -28.90
N SER G 52 -48.18 -60.95 -27.58
CA SER G 52 -49.05 -59.96 -26.94
C SER G 52 -48.60 -58.52 -27.21
N GLY G 53 -49.43 -57.77 -27.94
CA GLY G 53 -49.01 -56.46 -28.45
C GLY G 53 -49.10 -55.36 -27.42
N TYR G 54 -48.35 -55.49 -26.35
CA TYR G 54 -48.42 -54.58 -25.22
C TYR G 54 -47.08 -53.90 -25.00
N ASP G 55 -47.13 -52.59 -24.77
CA ASP G 55 -45.91 -51.83 -24.51
C ASP G 55 -45.60 -51.71 -23.02
N ILE G 56 -46.63 -51.71 -22.18
CA ILE G 56 -46.49 -51.65 -20.73
C ILE G 56 -47.41 -52.69 -20.12
N VAL G 57 -46.84 -53.57 -19.29
CA VAL G 57 -47.60 -54.57 -18.56
C VAL G 57 -47.27 -54.43 -17.07
N VAL G 58 -48.22 -54.82 -16.23
CA VAL G 58 -48.12 -54.59 -14.79
C VAL G 58 -48.26 -55.89 -14.03
N PRO G 59 -47.17 -56.61 -13.77
CA PRO G 59 -47.23 -57.79 -12.89
C PRO G 59 -46.96 -57.43 -11.44
N SER G 60 -47.34 -58.35 -10.56
CA SER G 60 -46.96 -58.26 -9.16
C SER G 60 -45.46 -58.56 -9.03
N ASN G 61 -44.95 -58.44 -7.80
CA ASN G 61 -43.50 -58.53 -7.60
C ASN G 61 -42.99 -59.95 -7.85
N ASN G 62 -43.70 -60.95 -7.32
CA ASN G 62 -43.20 -62.32 -7.40
C ASN G 62 -43.25 -62.85 -8.84
N PHE G 63 -44.24 -62.43 -9.61
CA PHE G 63 -44.34 -62.82 -11.01
C PHE G 63 -43.30 -62.12 -11.87
N LEU G 64 -42.87 -60.92 -11.46
CA LEU G 64 -41.85 -60.21 -12.22
C LEU G 64 -40.53 -60.98 -12.20
N GLY G 65 -40.18 -61.56 -11.03
CA GLY G 65 -39.09 -62.51 -10.82
C GLY G 65 -38.80 -63.56 -11.89
N LYS G 66 -39.76 -64.44 -12.12
CA LYS G 66 -39.63 -65.49 -13.11
C LYS G 66 -39.71 -64.90 -14.52
N GLN G 67 -40.53 -63.86 -14.69
CA GLN G 67 -40.68 -63.26 -16.02
C GLN G 67 -39.38 -62.61 -16.46
N ILE G 68 -38.63 -62.04 -15.51
CA ILE G 68 -37.29 -61.52 -15.82
C ILE G 68 -36.33 -62.67 -16.14
N GLN G 69 -36.27 -63.69 -15.27
CA GLN G 69 -35.46 -64.88 -15.49
C GLN G 69 -35.79 -65.61 -16.79
N ALA G 70 -36.69 -65.02 -17.60
CA ALA G 70 -36.99 -65.57 -18.91
C ALA G 70 -36.98 -64.51 -20.00
N GLY G 71 -36.43 -63.33 -19.74
CA GLY G 71 -36.26 -62.31 -20.75
C GLY G 71 -37.54 -61.85 -21.43
N ALA G 72 -38.54 -61.44 -20.65
CA ALA G 72 -39.77 -60.91 -21.21
C ALA G 72 -39.69 -59.42 -21.46
N PHE G 73 -38.83 -58.72 -20.73
CA PHE G 73 -38.81 -57.27 -20.71
C PHE G 73 -37.42 -56.79 -21.07
N GLN G 74 -37.34 -55.78 -21.93
CA GLN G 74 -36.06 -55.13 -22.18
C GLN G 74 -35.63 -54.32 -20.96
N LYS G 75 -34.32 -54.20 -20.76
CA LYS G 75 -33.80 -53.42 -19.65
C LYS G 75 -34.23 -51.96 -19.79
N LEU G 76 -34.42 -51.29 -18.64
CA LEU G 76 -34.88 -49.91 -18.66
C LEU G 76 -33.76 -48.99 -19.10
N ASP G 77 -34.07 -48.13 -20.06
CA ASP G 77 -33.22 -46.99 -20.43
C ASP G 77 -33.55 -45.85 -19.47
N LYS G 78 -32.80 -45.77 -18.36
CA LYS G 78 -33.13 -44.80 -17.32
C LYS G 78 -32.90 -43.37 -17.76
N SER G 79 -32.20 -43.17 -18.88
CA SER G 79 -32.08 -41.82 -19.44
C SER G 79 -33.45 -41.20 -19.64
N LYS G 80 -34.42 -42.00 -20.08
CA LYS G 80 -35.77 -41.54 -20.35
C LYS G 80 -36.70 -41.76 -19.17
N LEU G 81 -36.14 -42.07 -18.00
CA LEU G 81 -36.86 -42.01 -16.74
C LEU G 81 -36.19 -40.95 -15.87
N PRO G 82 -36.35 -39.66 -16.20
CA PRO G 82 -35.75 -38.62 -15.36
C PRO G 82 -36.32 -38.58 -13.95
N ASN G 83 -37.63 -38.70 -13.79
CA ASN G 83 -38.26 -38.62 -12.48
C ASN G 83 -38.01 -39.84 -11.60
N TRP G 84 -37.25 -40.84 -12.08
CA TRP G 84 -36.82 -41.98 -11.28
C TRP G 84 -36.32 -41.57 -9.89
N LYS G 85 -35.96 -40.30 -9.75
CA LYS G 85 -35.57 -39.77 -8.46
C LYS G 85 -36.72 -39.87 -7.46
N ASN G 86 -37.92 -39.49 -7.89
CA ASN G 86 -39.09 -39.38 -7.02
C ASN G 86 -39.48 -40.70 -6.36
N LEU G 87 -38.92 -41.82 -6.80
CA LEU G 87 -39.24 -43.12 -6.24
C LEU G 87 -38.52 -43.31 -4.90
N ASP G 88 -39.28 -43.74 -3.89
CA ASP G 88 -38.73 -44.08 -2.57
C ASP G 88 -37.60 -45.08 -2.75
N PRO G 89 -36.36 -44.69 -2.42
CA PRO G 89 -35.25 -45.66 -2.51
C PRO G 89 -35.43 -46.85 -1.58
N ALA G 90 -35.94 -46.61 -0.37
CA ALA G 90 -36.22 -47.71 0.55
C ALA G 90 -37.14 -48.74 -0.09
N LEU G 91 -38.14 -48.28 -0.86
CA LEU G 91 -39.01 -49.24 -1.54
C LEU G 91 -38.25 -50.01 -2.61
N LEU G 92 -37.58 -49.29 -3.51
CA LEU G 92 -36.92 -49.95 -4.64
C LEU G 92 -35.96 -51.04 -4.19
N LYS G 93 -35.36 -50.91 -2.99
CA LYS G 93 -34.41 -51.93 -2.54
C LYS G 93 -35.10 -53.20 -2.11
N GLN G 94 -36.35 -53.13 -1.67
CA GLN G 94 -36.98 -54.39 -1.32
C GLN G 94 -37.30 -55.20 -2.57
N LEU G 95 -37.69 -54.53 -3.66
CA LEU G 95 -37.96 -55.20 -4.91
C LEU G 95 -36.70 -55.72 -5.59
N GLU G 96 -35.51 -55.35 -5.11
CA GLU G 96 -34.27 -55.79 -5.75
C GLU G 96 -34.11 -57.30 -5.71
N VAL G 97 -35.06 -58.01 -5.12
CA VAL G 97 -34.95 -59.46 -5.06
C VAL G 97 -35.56 -60.10 -6.31
N SER G 98 -36.68 -59.56 -6.78
CA SER G 98 -37.25 -59.99 -8.06
C SER G 98 -36.55 -59.34 -9.24
N ASP G 99 -36.09 -58.09 -9.10
CA ASP G 99 -35.39 -57.37 -10.16
C ASP G 99 -34.14 -56.76 -9.53
N PRO G 100 -33.04 -57.52 -9.50
CA PRO G 100 -31.79 -56.97 -8.96
C PRO G 100 -31.33 -55.75 -9.76
N GLY G 101 -30.83 -54.75 -9.03
CA GLY G 101 -30.40 -53.51 -9.64
C GLY G 101 -31.51 -52.66 -10.23
N ASN G 102 -32.77 -53.07 -10.09
CA ASN G 102 -33.92 -52.32 -10.60
C ASN G 102 -33.77 -52.02 -12.09
N GLN G 103 -33.80 -53.08 -12.89
CA GLN G 103 -33.45 -52.95 -14.30
C GLN G 103 -34.63 -52.91 -15.25
N TYR G 104 -35.65 -53.75 -15.06
CA TYR G 104 -36.72 -53.86 -16.04
C TYR G 104 -38.02 -53.22 -15.60
N ALA G 105 -38.18 -52.92 -14.31
CA ALA G 105 -39.48 -52.61 -13.74
C ALA G 105 -39.47 -51.32 -12.96
N VAL G 106 -40.53 -50.54 -13.11
CA VAL G 106 -40.78 -49.33 -12.33
C VAL G 106 -41.98 -49.64 -11.45
N PRO G 107 -42.00 -49.24 -10.17
CA PRO G 107 -43.18 -49.45 -9.34
C PRO G 107 -44.38 -48.69 -9.90
N TYR G 108 -45.54 -49.02 -9.35
CA TYR G 108 -46.78 -48.33 -9.71
C TYR G 108 -47.60 -48.10 -8.45
N LEU G 109 -48.29 -49.15 -8.00
CA LEU G 109 -49.03 -49.14 -6.75
C LEU G 109 -48.61 -50.36 -5.94
N TRP G 110 -49.14 -50.45 -4.72
CA TRP G 110 -48.87 -51.59 -3.85
C TRP G 110 -49.85 -51.53 -2.70
N GLY G 111 -49.94 -52.64 -1.97
CA GLY G 111 -50.85 -52.77 -0.86
C GLY G 111 -50.81 -54.16 -0.25
N THR G 112 -51.90 -54.58 0.37
CA THR G 112 -51.96 -55.84 1.08
C THR G 112 -53.30 -56.50 0.85
N ASN G 113 -53.30 -57.81 0.62
CA ASN G 113 -54.58 -58.49 0.54
C ASN G 113 -55.09 -58.80 1.93
N GLY G 114 -56.39 -59.07 2.02
CA GLY G 114 -57.01 -59.29 3.30
C GLY G 114 -58.49 -59.59 3.15
N ILE G 115 -59.24 -59.34 4.20
CA ILE G 115 -60.69 -59.54 4.22
C ILE G 115 -61.37 -58.22 3.92
N GLY G 116 -62.42 -58.27 3.12
CA GLY G 116 -63.36 -57.16 3.00
C GLY G 116 -64.76 -57.67 3.27
N TYR G 117 -65.56 -56.86 3.95
CA TYR G 117 -66.85 -57.41 4.38
C TYR G 117 -67.89 -56.33 4.64
N ASN G 118 -69.15 -56.74 4.51
CA ASN G 118 -70.30 -55.94 4.92
C ASN G 118 -70.53 -56.17 6.42
N VAL G 119 -70.48 -55.08 7.19
CA VAL G 119 -70.55 -55.18 8.65
C VAL G 119 -71.91 -55.67 9.09
N ALA G 120 -72.95 -54.93 8.72
CA ALA G 120 -74.31 -55.29 9.13
C ALA G 120 -74.62 -56.74 8.82
N LYS G 121 -74.50 -57.15 7.55
CA LYS G 121 -74.85 -58.51 7.18
C LYS G 121 -73.93 -59.55 7.79
N VAL G 122 -72.70 -59.19 8.12
CA VAL G 122 -71.88 -60.12 8.90
C VAL G 122 -72.48 -60.30 10.30
N LYS G 123 -72.57 -59.20 11.05
CA LYS G 123 -73.02 -59.29 12.43
C LYS G 123 -74.45 -59.81 12.52
N GLU G 124 -75.21 -59.72 11.42
CA GLU G 124 -76.51 -60.37 11.34
C GLU G 124 -76.37 -61.89 11.35
N VAL G 125 -75.25 -62.40 10.85
CA VAL G 125 -75.03 -63.84 10.80
C VAL G 125 -73.96 -64.31 11.79
N LEU G 126 -73.13 -63.41 12.32
CA LEU G 126 -72.03 -63.80 13.18
C LEU G 126 -72.03 -63.14 14.56
N GLY G 127 -73.04 -62.34 14.89
CA GLY G 127 -73.09 -61.69 16.18
C GLY G 127 -71.88 -60.78 16.37
N ASP G 128 -71.61 -60.46 17.63
CA ASP G 128 -70.47 -59.63 17.97
C ASP G 128 -69.12 -60.33 17.79
N GLN G 129 -69.07 -61.48 17.08
CA GLN G 129 -67.80 -62.14 16.82
C GLN G 129 -66.86 -61.17 16.10
N PRO G 130 -65.63 -61.03 16.56
CA PRO G 130 -64.69 -60.11 15.90
C PRO G 130 -64.16 -60.70 14.60
N ILE G 131 -64.14 -59.87 13.56
CA ILE G 131 -63.66 -60.26 12.25
C ILE G 131 -62.19 -59.82 12.20
N ASP G 132 -61.30 -60.74 12.59
CA ASP G 132 -59.88 -60.40 12.69
C ASP G 132 -58.95 -61.56 12.38
N SER G 133 -59.50 -62.74 12.20
CA SER G 133 -58.69 -63.90 11.85
C SER G 133 -59.09 -64.41 10.47
N TRP G 134 -58.10 -64.89 9.71
CA TRP G 134 -58.38 -65.62 8.48
C TRP G 134 -59.32 -66.80 8.71
N ALA G 135 -59.56 -67.14 9.98
CA ALA G 135 -60.48 -68.22 10.30
C ALA G 135 -61.93 -67.87 10.01
N ILE G 136 -62.23 -66.59 9.76
CA ILE G 136 -63.53 -66.24 9.18
C ILE G 136 -63.74 -66.99 7.88
N LEU G 137 -62.75 -66.98 7.02
CA LEU G 137 -62.90 -67.61 5.71
C LEU G 137 -62.47 -69.07 5.67
N PHE G 138 -61.59 -69.50 6.57
CA PHE G 138 -60.96 -70.81 6.45
C PHE G 138 -61.46 -71.82 7.46
N GLU G 139 -62.52 -71.49 8.21
CA GLU G 139 -63.09 -72.44 9.15
C GLU G 139 -64.51 -72.78 8.72
N PRO G 140 -64.85 -74.07 8.58
CA PRO G 140 -66.18 -74.44 8.07
C PRO G 140 -67.32 -73.95 8.96
N GLU G 141 -67.09 -73.85 10.27
CA GLU G 141 -68.15 -73.43 11.17
C GLU G 141 -68.50 -71.96 11.02
N ASN G 142 -67.59 -71.14 10.49
CA ASN G 142 -67.90 -69.75 10.18
C ASN G 142 -68.45 -69.60 8.76
N MET G 143 -67.86 -70.30 7.79
CA MET G 143 -68.31 -70.17 6.41
C MET G 143 -69.67 -70.82 6.18
N LYS G 144 -70.00 -71.87 6.92
CA LYS G 144 -71.33 -72.45 6.80
C LYS G 144 -72.42 -71.43 7.11
N LYS G 145 -72.14 -70.51 8.05
CA LYS G 145 -73.09 -69.45 8.38
C LYS G 145 -72.98 -68.29 7.39
N LEU G 146 -71.76 -67.86 7.06
CA LEU G 146 -71.56 -66.77 6.13
C LEU G 146 -72.17 -67.06 4.76
N ALA G 147 -72.11 -68.32 4.32
CA ALA G 147 -72.40 -68.68 2.95
C ALA G 147 -73.85 -68.42 2.53
N LYS G 148 -74.73 -67.97 3.42
CA LYS G 148 -76.11 -67.72 3.03
C LYS G 148 -76.33 -66.35 2.40
N CYS G 149 -75.43 -65.39 2.66
CA CYS G 149 -75.33 -64.16 1.90
C CYS G 149 -74.00 -64.06 1.18
N GLY G 150 -73.49 -65.21 0.74
CA GLY G 150 -72.39 -65.29 -0.20
C GLY G 150 -71.01 -64.91 0.27
N VAL G 151 -70.02 -65.73 -0.07
CA VAL G 151 -68.60 -65.42 0.14
C VAL G 151 -67.88 -65.60 -1.19
N ALA G 152 -66.88 -64.75 -1.44
CA ALA G 152 -66.15 -64.73 -2.70
C ALA G 152 -64.66 -64.92 -2.45
N PHE G 153 -64.14 -66.09 -2.79
CA PHE G 153 -62.68 -66.22 -2.82
C PHE G 153 -62.15 -65.67 -4.13
N MET G 154 -60.83 -65.60 -4.24
CA MET G 154 -60.19 -65.22 -5.47
C MET G 154 -59.84 -66.45 -6.30
N ASP G 155 -59.73 -66.23 -7.61
CA ASP G 155 -59.34 -67.27 -8.54
C ASP G 155 -57.84 -67.12 -8.78
N SER G 156 -57.05 -67.75 -7.90
CA SER G 156 -55.61 -67.77 -7.98
C SER G 156 -55.03 -68.59 -6.83
N GLY G 157 -54.51 -69.78 -7.12
CA GLY G 157 -53.81 -70.54 -6.10
C GLY G 157 -52.63 -69.80 -5.51
N ASP G 158 -52.15 -68.75 -6.18
CA ASP G 158 -51.10 -67.91 -5.63
C ASP G 158 -51.63 -67.00 -4.53
N GLU G 159 -52.94 -66.73 -4.50
CA GLU G 159 -53.54 -65.91 -3.45
C GLU G 159 -54.21 -66.77 -2.38
N MET G 160 -55.02 -67.75 -2.78
CA MET G 160 -55.76 -68.57 -1.81
C MET G 160 -54.85 -69.50 -1.03
N LEU G 161 -53.80 -70.01 -1.67
CA LEU G 161 -53.05 -71.08 -1.04
C LEU G 161 -51.96 -70.55 -0.10
N PRO G 162 -51.14 -69.57 -0.51
CA PRO G 162 -50.21 -68.99 0.47
C PRO G 162 -50.92 -68.30 1.63
N ALA G 163 -52.16 -67.86 1.44
CA ALA G 163 -52.90 -67.26 2.54
C ALA G 163 -53.27 -68.31 3.59
N ALA G 164 -53.81 -69.45 3.14
CA ALA G 164 -54.19 -70.51 4.07
C ALA G 164 -52.98 -71.05 4.82
N LEU G 165 -51.85 -71.25 4.13
CA LEU G 165 -50.59 -71.59 4.75
C LEU G 165 -50.29 -70.66 5.92
N ASN G 166 -50.06 -69.38 5.61
CA ASN G 166 -49.87 -68.33 6.61
C ASN G 166 -50.90 -68.38 7.73
N TYR G 167 -52.14 -68.75 7.41
CA TYR G 167 -53.17 -68.84 8.43
C TYR G 167 -52.79 -69.90 9.47
N LEU G 168 -52.35 -71.08 9.01
CA LEU G 168 -51.96 -72.15 9.92
C LEU G 168 -50.58 -71.96 10.53
N GLY G 169 -49.79 -71.01 10.01
CA GLY G 169 -48.47 -70.72 10.55
C GLY G 169 -47.33 -71.36 9.80
N LEU G 170 -47.65 -72.21 8.82
CA LEU G 170 -46.65 -72.68 7.89
C LEU G 170 -46.05 -71.49 7.15
N ASP G 171 -44.95 -71.75 6.47
CA ASP G 171 -44.36 -70.73 5.61
C ASP G 171 -45.20 -70.57 4.36
N PRO G 172 -45.71 -69.37 4.08
CA PRO G 172 -46.42 -69.15 2.80
C PRO G 172 -45.51 -69.32 1.59
N ASN G 173 -44.19 -69.23 1.76
CA ASN G 173 -43.23 -69.55 0.70
C ASN G 173 -42.62 -70.93 0.86
N THR G 174 -43.36 -71.86 1.47
CA THR G 174 -42.86 -73.22 1.60
C THR G 174 -42.77 -73.88 0.24
N HIS G 175 -41.78 -74.76 0.09
CA HIS G 175 -41.68 -75.62 -1.08
C HIS G 175 -42.17 -77.02 -0.78
N ASP G 176 -42.70 -77.25 0.43
CA ASP G 176 -42.95 -78.59 0.93
C ASP G 176 -44.34 -79.04 0.54
N PRO G 177 -44.49 -80.14 -0.21
CA PRO G 177 -45.83 -80.64 -0.53
C PRO G 177 -46.65 -80.99 0.70
N LYS G 178 -46.03 -81.38 1.82
CA LYS G 178 -46.80 -81.68 3.02
C LYS G 178 -47.56 -80.46 3.49
N ASP G 179 -46.90 -79.31 3.59
CA ASP G 179 -47.60 -78.07 3.95
C ASP G 179 -48.78 -77.81 3.03
N TYR G 180 -48.56 -77.95 1.72
CA TYR G 180 -49.64 -77.71 0.77
C TYR G 180 -50.81 -78.64 0.99
N LYS G 181 -50.56 -79.85 1.52
CA LYS G 181 -51.69 -80.72 1.83
C LYS G 181 -52.49 -80.20 3.02
N LYS G 182 -51.82 -79.66 4.02
CA LYS G 182 -52.57 -79.12 5.14
C LYS G 182 -53.34 -77.88 4.70
N ALA G 183 -52.67 -76.97 4.00
CA ALA G 183 -53.35 -75.80 3.44
C ALA G 183 -54.51 -76.24 2.55
N GLU G 184 -54.28 -77.24 1.70
CA GLU G 184 -55.31 -77.69 0.78
C GLU G 184 -56.59 -78.11 1.49
N GLU G 185 -56.56 -79.16 2.29
CA GLU G 185 -57.83 -79.65 2.79
C GLU G 185 -58.24 -78.86 4.02
N VAL G 186 -57.92 -77.57 4.00
CA VAL G 186 -58.63 -76.52 4.71
C VAL G 186 -59.60 -75.91 3.72
N LEU G 187 -59.06 -75.28 2.68
CA LEU G 187 -59.84 -74.73 1.56
C LEU G 187 -60.91 -75.69 1.04
N THR G 188 -60.51 -76.88 0.58
CA THR G 188 -61.49 -77.87 0.14
C THR G 188 -62.44 -78.34 1.24
N LYS G 189 -62.34 -77.77 2.44
CA LYS G 189 -63.36 -78.03 3.45
C LYS G 189 -64.31 -76.85 3.63
N VAL G 190 -63.94 -75.66 3.15
CA VAL G 190 -64.85 -74.52 3.11
C VAL G 190 -65.38 -74.25 1.72
N ARG G 191 -64.81 -74.88 0.68
CA ARG G 191 -65.29 -74.70 -0.69
C ARG G 191 -66.80 -74.84 -0.86
N PRO G 192 -67.51 -75.80 -0.19
CA PRO G 192 -68.98 -75.87 -0.34
C PRO G 192 -69.69 -74.56 -0.01
N TYR G 193 -69.01 -73.67 0.71
CA TYR G 193 -69.60 -72.43 1.17
C TYR G 193 -69.10 -71.22 0.41
N VAL G 194 -68.20 -71.40 -0.55
CA VAL G 194 -67.74 -70.29 -1.39
C VAL G 194 -68.71 -70.13 -2.55
N SER G 195 -69.23 -68.90 -2.73
CA SER G 195 -70.24 -68.65 -3.74
C SER G 195 -69.65 -68.58 -5.15
N TYR G 196 -68.37 -68.25 -5.30
CA TYR G 196 -67.66 -68.29 -6.58
C TYR G 196 -66.19 -67.97 -6.32
N PHE G 197 -65.37 -68.23 -7.33
CA PHE G 197 -63.95 -67.89 -7.33
C PHE G 197 -63.73 -66.82 -8.41
N HIS G 198 -63.23 -65.65 -8.00
CA HIS G 198 -63.13 -64.54 -8.92
C HIS G 198 -62.28 -63.46 -8.25
N SER G 199 -61.25 -63.01 -8.96
CA SER G 199 -60.33 -61.97 -8.47
C SER G 199 -60.77 -60.55 -8.81
N SER G 200 -62.04 -60.32 -9.14
CA SER G 200 -62.47 -58.95 -9.46
C SER G 200 -63.97 -58.71 -9.30
N LYS G 201 -64.79 -59.73 -9.52
CA LYS G 201 -66.23 -59.56 -9.38
C LYS G 201 -66.64 -59.15 -7.98
N TYR G 202 -65.79 -59.42 -6.98
CA TYR G 202 -66.18 -59.15 -5.60
C TYR G 202 -66.26 -57.66 -5.28
N ILE G 203 -65.81 -56.76 -6.15
CA ILE G 203 -65.89 -55.34 -5.81
C ILE G 203 -67.32 -54.83 -5.93
N SER G 204 -67.88 -54.87 -7.14
CA SER G 204 -69.26 -54.44 -7.30
C SER G 204 -70.21 -55.33 -6.48
N ASP G 205 -69.83 -56.58 -6.26
CA ASP G 205 -70.69 -57.50 -5.53
C ASP G 205 -70.76 -57.16 -4.05
N LEU G 206 -69.65 -56.71 -3.45
CA LEU G 206 -69.74 -56.21 -2.09
C LEU G 206 -70.56 -54.93 -2.01
N ALA G 207 -70.37 -54.02 -2.98
CA ALA G 207 -70.97 -52.69 -2.87
C ALA G 207 -72.48 -52.71 -3.07
N ASN G 208 -72.99 -53.59 -3.94
CA ASN G 208 -74.44 -53.64 -4.16
C ASN G 208 -75.18 -54.49 -3.14
N GLY G 209 -74.49 -55.38 -2.45
CA GLY G 209 -75.13 -56.27 -1.50
C GLY G 209 -75.29 -57.71 -1.95
N ASN G 210 -74.59 -58.13 -3.00
CA ASN G 210 -74.71 -59.52 -3.44
C ASN G 210 -73.92 -60.47 -2.55
N ILE G 211 -72.80 -60.03 -1.99
CA ILE G 211 -72.04 -60.84 -1.05
C ILE G 211 -71.79 -60.00 0.19
N CYS G 212 -71.48 -60.69 1.30
CA CYS G 212 -71.19 -60.04 2.56
C CYS G 212 -69.70 -60.03 2.92
N VAL G 213 -68.94 -61.00 2.44
CA VAL G 213 -67.53 -61.13 2.76
C VAL G 213 -66.80 -61.73 1.58
N ALA G 214 -65.55 -61.33 1.41
CA ALA G 214 -64.77 -61.75 0.25
C ALA G 214 -63.29 -61.59 0.55
N PHE G 215 -62.50 -62.54 0.07
CA PHE G 215 -61.06 -62.36 -0.01
C PHE G 215 -60.77 -61.27 -1.04
N GLY G 216 -60.18 -60.16 -0.60
CA GLY G 216 -60.02 -59.00 -1.45
C GLY G 216 -58.67 -58.34 -1.28
N TYR G 217 -58.36 -57.44 -2.21
CA TYR G 217 -57.18 -56.62 -2.13
C TYR G 217 -57.48 -55.33 -1.39
N SER G 218 -56.46 -54.78 -0.74
CA SER G 218 -56.53 -53.52 0.00
C SER G 218 -57.42 -52.48 -0.68
N GLY G 219 -56.98 -51.98 -1.82
CA GLY G 219 -57.70 -50.88 -2.46
C GLY G 219 -59.03 -51.30 -3.04
N ASP G 220 -59.12 -52.52 -3.60
CA ASP G 220 -60.37 -53.02 -4.16
C ASP G 220 -61.53 -52.84 -3.19
N VAL G 221 -61.32 -53.21 -1.92
CA VAL G 221 -62.36 -53.06 -0.91
C VAL G 221 -62.60 -51.58 -0.63
N PHE G 222 -61.53 -50.83 -0.39
CA PHE G 222 -61.65 -49.38 -0.20
C PHE G 222 -62.34 -48.71 -1.38
N GLN G 223 -62.24 -49.30 -2.57
CA GLN G 223 -63.08 -48.87 -3.68
C GLN G 223 -64.53 -49.27 -3.44
N ALA G 224 -64.77 -50.57 -3.25
CA ALA G 224 -66.12 -51.08 -3.07
C ALA G 224 -66.84 -50.38 -1.91
N ALA G 225 -66.13 -50.12 -0.82
CA ALA G 225 -66.69 -49.34 0.26
C ALA G 225 -67.10 -47.95 -0.23
N ALA G 226 -66.21 -47.28 -0.96
CA ALA G 226 -66.50 -45.95 -1.45
C ALA G 226 -67.62 -45.97 -2.49
N ARG G 227 -67.76 -47.09 -3.23
CA ARG G 227 -68.88 -47.21 -4.16
C ARG G 227 -70.20 -47.36 -3.40
N ALA G 228 -70.18 -48.06 -2.26
CA ALA G 228 -71.40 -48.25 -1.49
C ALA G 228 -71.94 -46.92 -0.97
N GLU G 229 -71.14 -46.20 -0.18
CA GLU G 229 -71.47 -44.85 0.26
C GLU G 229 -72.07 -44.02 -0.86
N GLU G 230 -71.47 -44.13 -2.04
CA GLU G 230 -71.86 -43.29 -3.18
C GLU G 230 -73.29 -43.59 -3.60
N ALA G 231 -73.62 -44.87 -3.80
CA ALA G 231 -74.99 -45.24 -4.16
C ALA G 231 -75.97 -45.00 -3.02
N GLY G 232 -75.49 -44.96 -1.78
CA GLY G 232 -76.31 -44.54 -0.66
C GLY G 232 -77.48 -45.43 -0.31
N LYS G 233 -77.20 -46.69 0.04
CA LYS G 233 -78.23 -47.58 0.59
C LYS G 233 -77.83 -48.18 1.94
N GLY G 234 -76.79 -47.66 2.58
CA GLY G 234 -76.43 -48.08 3.92
C GLY G 234 -75.50 -49.27 4.02
N ILE G 235 -74.87 -49.68 2.92
CA ILE G 235 -73.98 -50.84 2.96
C ILE G 235 -72.61 -50.41 3.48
N ASP G 236 -72.20 -50.99 4.61
CA ASP G 236 -70.98 -50.63 5.30
C ASP G 236 -69.91 -51.67 4.97
N ILE G 237 -68.97 -51.29 4.11
CA ILE G 237 -67.86 -52.17 3.73
C ILE G 237 -66.62 -51.74 4.51
N GLN G 238 -65.85 -52.74 4.93
CA GLN G 238 -64.70 -52.51 5.80
C GLN G 238 -63.62 -53.53 5.47
N TYR G 239 -62.37 -53.08 5.47
CA TYR G 239 -61.22 -53.91 5.12
C TYR G 239 -60.37 -54.14 6.37
N VAL G 240 -60.01 -55.40 6.63
CA VAL G 240 -59.32 -55.76 7.86
C VAL G 240 -58.20 -56.75 7.54
N ILE G 241 -56.97 -56.36 7.85
CA ILE G 241 -55.81 -57.26 7.74
C ILE G 241 -55.86 -58.19 8.94
N PRO G 242 -56.04 -59.49 8.74
CA PRO G 242 -56.18 -60.42 9.88
C PRO G 242 -54.95 -60.39 10.79
N LYS G 243 -55.10 -61.04 11.94
CA LYS G 243 -54.06 -61.03 12.97
C LYS G 243 -52.89 -61.93 12.60
N GLU G 244 -53.15 -63.03 11.90
CA GLU G 244 -52.11 -63.92 11.38
C GLU G 244 -51.28 -63.27 10.26
N GLY G 245 -51.48 -61.99 9.98
CA GLY G 245 -50.83 -61.34 8.87
C GLY G 245 -51.54 -61.64 7.56
N ALA G 246 -50.93 -61.17 6.47
CA ALA G 246 -51.49 -61.34 5.13
C ALA G 246 -50.40 -61.03 4.12
N ASN G 247 -50.78 -61.05 2.84
CA ASN G 247 -49.84 -60.85 1.75
C ASN G 247 -49.46 -59.38 1.62
N LEU G 248 -48.16 -59.13 1.43
CA LEU G 248 -47.67 -57.81 1.03
C LEU G 248 -47.09 -57.93 -0.36
N TRP G 249 -47.65 -57.16 -1.28
CA TRP G 249 -47.36 -57.31 -2.71
C TRP G 249 -47.15 -55.92 -3.30
N PHE G 250 -46.27 -55.86 -4.29
CA PHE G 250 -46.03 -54.66 -5.07
C PHE G 250 -46.36 -54.96 -6.53
N ASP G 251 -46.82 -53.95 -7.25
CA ASP G 251 -47.08 -54.06 -8.68
C ASP G 251 -46.16 -53.11 -9.41
N LEU G 252 -45.52 -53.61 -10.47
CA LEU G 252 -44.53 -52.82 -11.20
C LEU G 252 -44.88 -52.78 -12.68
N MET G 253 -44.42 -51.73 -13.34
CA MET G 253 -44.61 -51.58 -14.76
C MET G 253 -43.37 -52.06 -15.49
N ALA G 254 -43.58 -52.82 -16.57
CA ALA G 254 -42.48 -53.39 -17.32
C ALA G 254 -42.78 -53.29 -18.82
N ILE G 255 -41.72 -53.16 -19.60
CA ILE G 255 -41.78 -52.97 -21.04
C ILE G 255 -41.38 -54.28 -21.70
N PRO G 256 -42.29 -54.97 -22.41
CA PRO G 256 -41.91 -56.23 -23.05
C PRO G 256 -40.81 -56.02 -24.08
N ALA G 257 -40.05 -57.10 -24.32
CA ALA G 257 -38.92 -57.02 -25.25
C ALA G 257 -39.39 -56.67 -26.66
N ASP G 258 -40.44 -57.33 -27.11
CA ASP G 258 -41.03 -57.07 -28.43
C ASP G 258 -41.86 -55.79 -28.50
N ALA G 259 -41.80 -54.91 -27.50
CA ALA G 259 -42.57 -53.67 -27.54
C ALA G 259 -42.07 -52.78 -28.67
N LYS G 260 -43.02 -52.11 -29.33
CA LYS G 260 -42.72 -51.26 -30.47
C LYS G 260 -42.97 -49.78 -30.19
N ALA G 261 -43.21 -49.43 -28.93
CA ALA G 261 -43.35 -48.03 -28.53
C ALA G 261 -42.51 -47.73 -27.30
N ALA G 262 -41.40 -48.46 -27.13
CA ALA G 262 -40.52 -48.34 -25.98
C ALA G 262 -40.26 -46.88 -25.63
N ASP G 263 -40.14 -46.01 -26.63
CA ASP G 263 -39.96 -44.60 -26.35
C ASP G 263 -41.25 -43.96 -25.80
N ASN G 264 -42.41 -44.35 -26.32
CA ASN G 264 -43.66 -43.82 -25.75
C ASN G 264 -43.89 -44.34 -24.34
N ALA G 265 -43.53 -45.61 -24.08
CA ALA G 265 -43.70 -46.18 -22.75
C ALA G 265 -42.91 -45.39 -21.71
N TYR G 266 -41.69 -44.98 -22.06
CA TYR G 266 -40.90 -44.17 -21.13
C TYR G 266 -41.56 -42.82 -20.88
N ALA G 267 -42.12 -42.22 -21.92
CA ALA G 267 -42.81 -40.94 -21.76
C ALA G 267 -44.07 -41.06 -20.91
N PHE G 268 -44.67 -42.25 -20.82
CA PHE G 268 -45.83 -42.46 -19.95
C PHE G 268 -45.42 -42.79 -18.52
N ILE G 269 -44.34 -43.54 -18.35
CA ILE G 269 -43.84 -43.85 -17.01
C ILE G 269 -43.18 -42.63 -16.36
N ASP G 270 -42.60 -41.73 -17.14
CA ASP G 270 -42.07 -40.51 -16.56
C ASP G 270 -43.19 -39.56 -16.14
N TYR G 271 -44.39 -39.71 -16.67
CA TYR G 271 -45.54 -38.91 -16.24
C TYR G 271 -46.21 -39.50 -15.00
N LEU G 272 -46.08 -40.80 -14.79
CA LEU G 272 -46.62 -41.42 -13.59
C LEU G 272 -45.67 -41.38 -12.40
N LEU G 273 -44.48 -40.82 -12.56
CA LEU G 273 -43.60 -40.57 -11.42
C LEU G 273 -43.70 -39.14 -10.91
N ARG G 274 -44.52 -38.31 -11.56
CA ARG G 274 -44.82 -36.99 -11.01
C ARG G 274 -45.57 -37.13 -9.69
N PRO G 275 -45.15 -36.43 -8.63
CA PRO G 275 -45.83 -36.57 -7.33
C PRO G 275 -47.29 -36.12 -7.37
N GLU G 276 -47.62 -35.29 -8.34
CA GLU G 276 -48.94 -34.74 -8.57
C GLU G 276 -49.86 -35.75 -9.25
N VAL G 277 -49.31 -36.53 -10.18
CA VAL G 277 -50.13 -37.45 -10.96
C VAL G 277 -50.44 -38.70 -10.16
N ILE G 278 -49.40 -39.35 -9.62
CA ILE G 278 -49.63 -40.59 -8.88
C ILE G 278 -50.52 -40.35 -7.68
N ALA G 279 -50.51 -39.14 -7.13
CA ALA G 279 -51.50 -38.76 -6.13
C ALA G 279 -52.91 -38.96 -6.68
N LYS G 280 -53.18 -38.42 -7.87
CA LYS G 280 -54.51 -38.54 -8.47
C LYS G 280 -54.92 -40.00 -8.64
N VAL G 281 -53.98 -40.87 -9.04
CA VAL G 281 -54.29 -42.29 -9.16
C VAL G 281 -54.65 -42.87 -7.81
N SER G 282 -53.69 -42.81 -6.85
CA SER G 282 -53.91 -43.41 -5.53
C SER G 282 -55.16 -42.87 -4.87
N ASP G 283 -55.39 -41.55 -4.97
CA ASP G 283 -56.61 -40.96 -4.44
C ASP G 283 -57.86 -41.69 -4.93
N TYR G 284 -57.83 -42.16 -6.17
CA TYR G 284 -58.99 -42.84 -6.74
C TYR G 284 -59.02 -44.34 -6.42
N VAL G 285 -57.95 -45.05 -6.79
CA VAL G 285 -58.01 -46.51 -6.77
C VAL G 285 -57.92 -47.04 -5.35
N GLY G 286 -57.34 -46.27 -4.44
CA GLY G 286 -57.26 -46.64 -3.05
C GLY G 286 -56.08 -47.50 -2.68
N TYR G 287 -55.00 -47.49 -3.48
CA TYR G 287 -53.76 -48.18 -3.18
C TYR G 287 -52.68 -47.15 -2.91
N ALA G 288 -51.65 -47.55 -2.17
CA ALA G 288 -50.53 -46.67 -1.86
C ALA G 288 -49.50 -46.71 -2.98
N ASN G 289 -48.99 -45.53 -3.36
CA ASN G 289 -48.01 -45.45 -4.42
C ASN G 289 -46.60 -45.53 -3.86
N ALA G 290 -45.61 -45.45 -4.75
CA ALA G 290 -44.20 -45.51 -4.40
C ALA G 290 -43.50 -44.16 -4.55
N ILE G 291 -44.26 -43.07 -4.53
CA ILE G 291 -43.69 -41.73 -4.67
C ILE G 291 -43.90 -40.98 -3.36
N PRO G 292 -42.85 -40.79 -2.55
CA PRO G 292 -43.04 -40.06 -1.28
C PRO G 292 -43.63 -38.68 -1.44
N GLY G 293 -43.28 -37.98 -2.51
CA GLY G 293 -43.80 -36.63 -2.72
C GLY G 293 -45.30 -36.54 -2.88
N ALA G 294 -46.00 -37.67 -3.00
CA ALA G 294 -47.42 -37.66 -3.37
C ALA G 294 -48.37 -37.74 -2.18
N ARG G 295 -47.98 -38.42 -1.10
CA ARG G 295 -48.78 -38.39 0.13
C ARG G 295 -49.11 -36.99 0.63
N PRO G 296 -48.18 -36.03 0.70
CA PRO G 296 -48.58 -34.68 1.14
C PRO G 296 -49.70 -34.08 0.30
N LEU G 297 -49.85 -34.52 -0.95
CA LEU G 297 -50.87 -34.03 -1.87
C LEU G 297 -52.07 -34.94 -2.00
N MET G 298 -52.17 -36.01 -1.23
CA MET G 298 -53.24 -36.97 -1.39
C MET G 298 -54.41 -36.69 -0.45
N ASP G 299 -55.59 -37.14 -0.88
CA ASP G 299 -56.75 -37.26 -0.02
C ASP G 299 -56.33 -37.89 1.31
N LYS G 300 -56.64 -37.22 2.41
CA LYS G 300 -56.10 -37.64 3.70
C LYS G 300 -56.55 -39.06 4.05
N SER G 301 -57.82 -39.41 3.76
CA SER G 301 -58.34 -40.75 4.05
C SER G 301 -57.60 -41.86 3.32
N VAL G 302 -56.87 -41.54 2.26
CA VAL G 302 -56.01 -42.50 1.60
C VAL G 302 -54.58 -42.41 2.10
N SER G 303 -54.09 -41.18 2.30
CA SER G 303 -52.71 -40.98 2.76
C SER G 303 -52.55 -41.24 4.25
N ASP G 304 -53.58 -41.02 5.05
CA ASP G 304 -53.49 -41.24 6.50
C ASP G 304 -54.04 -42.59 6.95
N SER G 305 -54.54 -43.41 6.04
CA SER G 305 -55.10 -44.70 6.43
C SER G 305 -54.00 -45.66 6.87
N GLU G 306 -54.23 -46.35 7.99
CA GLU G 306 -53.31 -47.38 8.44
C GLU G 306 -53.46 -48.69 7.67
N GLU G 307 -54.62 -48.92 7.06
CA GLU G 307 -54.78 -50.10 6.21
C GLU G 307 -54.07 -49.91 4.87
N VAL G 308 -54.06 -48.68 4.35
CA VAL G 308 -53.45 -48.39 3.05
C VAL G 308 -51.94 -48.31 3.17
N TYR G 309 -51.45 -47.33 3.96
CA TYR G 309 -50.04 -47.23 4.34
C TYR G 309 -49.86 -47.84 5.72
N PRO G 310 -49.60 -49.14 5.84
CA PRO G 310 -49.52 -49.76 7.16
C PRO G 310 -48.24 -49.35 7.86
N PRO G 311 -48.23 -49.37 9.18
CA PRO G 311 -47.00 -49.10 9.92
C PRO G 311 -46.16 -50.36 10.04
N GLN G 312 -45.04 -50.24 10.76
CA GLN G 312 -44.06 -51.32 10.82
C GLN G 312 -44.59 -52.52 11.60
N ALA G 313 -45.33 -52.28 12.69
CA ALA G 313 -45.88 -53.37 13.47
C ALA G 313 -46.80 -54.26 12.63
N VAL G 314 -47.27 -53.76 11.49
CA VAL G 314 -48.18 -54.51 10.63
C VAL G 314 -47.37 -55.12 9.50
N LEU G 315 -46.35 -54.41 9.03
CA LEU G 315 -45.48 -54.96 7.99
C LEU G 315 -44.69 -56.15 8.51
N ASP G 316 -44.31 -56.14 9.79
CA ASP G 316 -43.60 -57.26 10.40
C ASP G 316 -44.45 -58.52 10.47
N LYS G 317 -45.75 -58.43 10.19
CA LYS G 317 -46.66 -59.57 10.20
C LYS G 317 -47.04 -60.03 8.80
N LEU G 318 -46.59 -59.34 7.75
CA LEU G 318 -46.98 -59.66 6.38
C LEU G 318 -45.87 -60.43 5.67
N TYR G 319 -46.29 -61.33 4.78
CA TYR G 319 -45.37 -62.16 4.02
C TYR G 319 -45.33 -61.68 2.57
N VAL G 320 -44.12 -61.46 2.06
CA VAL G 320 -43.93 -61.06 0.67
C VAL G 320 -43.69 -62.33 -0.14
N SER G 321 -44.57 -62.58 -1.12
CA SER G 321 -44.46 -63.78 -1.94
C SER G 321 -43.11 -63.85 -2.62
N ALA G 322 -42.48 -65.01 -2.57
CA ALA G 322 -41.12 -65.19 -3.07
C ALA G 322 -41.12 -65.74 -4.48
N VAL G 323 -39.94 -65.72 -5.11
CA VAL G 323 -39.76 -66.33 -6.42
C VAL G 323 -39.58 -67.84 -6.20
N LEU G 324 -40.62 -68.57 -6.49
CA LEU G 324 -40.72 -69.98 -6.11
C LEU G 324 -40.06 -70.86 -7.16
N PRO G 325 -39.36 -71.94 -6.78
CA PRO G 325 -38.84 -72.86 -7.79
C PRO G 325 -39.99 -73.48 -8.57
N ALA G 326 -39.88 -73.47 -9.90
CA ALA G 326 -41.00 -73.85 -10.76
C ALA G 326 -41.59 -75.22 -10.41
N LYS G 327 -40.77 -76.12 -9.83
CA LYS G 327 -41.33 -77.34 -9.26
C LYS G 327 -42.44 -77.04 -8.26
N VAL G 328 -42.33 -75.93 -7.53
CA VAL G 328 -43.35 -75.57 -6.55
C VAL G 328 -44.58 -74.97 -7.21
N LEU G 329 -44.40 -74.13 -8.23
CA LEU G 329 -45.54 -73.52 -8.90
C LEU G 329 -46.48 -74.58 -9.47
N ARG G 330 -45.92 -75.63 -10.05
CA ARG G 330 -46.73 -76.77 -10.47
C ARG G 330 -47.49 -77.38 -9.31
N LEU G 331 -46.91 -77.36 -8.10
CA LEU G 331 -47.66 -77.80 -6.93
C LEU G 331 -48.82 -76.85 -6.64
N GLN G 332 -48.54 -75.54 -6.59
CA GLN G 332 -49.60 -74.54 -6.51
C GLN G 332 -50.72 -74.84 -7.50
N THR G 333 -50.36 -74.94 -8.79
CA THR G 333 -51.36 -75.02 -9.84
C THR G 333 -52.17 -76.31 -9.75
N ARG G 334 -51.48 -77.44 -9.58
CA ARG G 334 -52.18 -78.72 -9.43
C ARG G 334 -53.10 -78.69 -8.21
N THR G 335 -52.54 -78.37 -7.04
CA THR G 335 -53.34 -78.23 -5.82
C THR G 335 -54.50 -77.25 -6.02
N TRP G 336 -54.27 -76.18 -6.76
CA TRP G 336 -55.34 -75.18 -6.91
C TRP G 336 -56.38 -75.65 -7.91
N THR G 337 -55.94 -76.20 -9.05
CA THR G 337 -56.89 -76.76 -10.00
C THR G 337 -57.66 -77.93 -9.42
N ARG G 338 -57.04 -78.68 -8.50
CA ARG G 338 -57.76 -79.78 -7.86
C ARG G 338 -58.89 -79.24 -7.00
N ILE G 339 -58.66 -78.11 -6.33
CA ILE G 339 -59.73 -77.44 -5.60
C ILE G 339 -60.76 -76.87 -6.57
N LYS G 340 -60.31 -76.47 -7.77
CA LYS G 340 -61.16 -75.93 -8.85
C LYS G 340 -62.37 -75.10 -8.42
N GLN H 3 -34.29 -20.43 6.53
CA GLN H 3 -35.04 -21.39 7.33
C GLN H 3 -36.44 -21.64 6.78
N VAL H 4 -37.06 -22.70 7.30
CA VAL H 4 -38.41 -23.11 6.90
C VAL H 4 -39.38 -22.38 7.82
N GLN H 5 -40.15 -21.45 7.26
CA GLN H 5 -40.99 -20.58 8.06
C GLN H 5 -42.31 -20.29 7.38
N LEU H 6 -43.34 -20.05 8.19
CA LEU H 6 -44.59 -19.46 7.74
C LEU H 6 -44.75 -18.12 8.44
N VAL H 7 -45.05 -17.07 7.68
CA VAL H 7 -45.35 -15.77 8.27
C VAL H 7 -46.80 -15.43 7.99
N GLU H 8 -47.44 -14.80 8.96
CA GLU H 8 -48.88 -14.55 8.90
C GLU H 8 -49.17 -13.06 8.86
N THR H 9 -50.46 -12.74 8.93
CA THR H 9 -50.94 -11.40 8.65
C THR H 9 -50.68 -10.49 9.85
N GLY H 10 -51.18 -9.27 9.76
CA GLY H 10 -51.30 -8.44 10.94
C GLY H 10 -52.59 -8.75 11.68
N ASP H 11 -52.57 -8.59 12.99
CA ASP H 11 -53.76 -8.85 13.77
C ASP H 11 -54.80 -7.75 13.52
N GLU H 12 -56.06 -8.10 13.71
CA GLU H 12 -57.14 -7.42 12.99
C GLU H 12 -58.39 -7.40 13.85
N VAL H 13 -59.35 -6.55 13.46
CA VAL H 13 -60.53 -6.30 14.27
C VAL H 13 -61.69 -5.79 13.42
N LYS H 14 -62.76 -6.57 13.39
CA LYS H 14 -63.89 -6.28 12.49
C LYS H 14 -65.23 -6.45 13.17
N THR H 15 -66.27 -5.90 12.55
CA THR H 15 -67.66 -5.92 13.02
C THR H 15 -68.24 -7.29 12.73
N PRO H 16 -69.35 -7.66 13.38
CA PRO H 16 -69.91 -8.97 13.27
C PRO H 16 -70.84 -8.98 12.06
N GLY H 17 -70.44 -9.68 11.02
CA GLY H 17 -71.25 -9.69 9.79
C GLY H 17 -70.38 -9.30 8.63
N ALA H 18 -69.14 -8.91 8.88
CA ALA H 18 -68.25 -8.55 7.77
C ALA H 18 -67.38 -9.75 7.43
N SER H 19 -66.31 -9.53 6.69
CA SER H 19 -65.49 -10.70 6.30
C SER H 19 -64.06 -10.47 6.72
N VAL H 20 -63.31 -11.55 6.88
CA VAL H 20 -61.89 -11.50 7.34
C VAL H 20 -61.05 -12.22 6.31
N LYS H 21 -59.84 -11.75 6.02
CA LYS H 21 -59.00 -12.53 5.09
C LYS H 21 -57.58 -12.55 5.63
N VAL H 22 -57.10 -13.71 6.05
CA VAL H 22 -55.78 -13.96 6.62
C VAL H 22 -54.83 -14.33 5.49
N SER H 23 -53.57 -13.92 5.62
CA SER H 23 -52.55 -14.23 4.63
C SER H 23 -51.40 -14.98 5.30
N CYS H 24 -50.84 -15.96 4.58
CA CYS H 24 -49.84 -16.85 5.15
C CYS H 24 -48.77 -17.13 4.09
N LYS H 25 -47.66 -16.40 4.17
CA LYS H 25 -46.57 -16.49 3.21
C LYS H 25 -45.45 -17.38 3.75
N VAL H 26 -45.07 -18.38 2.97
CA VAL H 26 -44.07 -19.35 3.36
C VAL H 26 -42.82 -19.15 2.51
N SER H 27 -41.67 -19.41 3.11
CA SER H 27 -40.43 -19.65 2.38
C SER H 27 -39.57 -20.57 3.22
N GLY H 28 -38.45 -21.01 2.64
CA GLY H 28 -37.66 -22.05 3.24
C GLY H 28 -37.97 -23.44 2.75
N TYR H 29 -38.91 -23.58 1.82
CA TYR H 29 -39.25 -24.88 1.29
C TYR H 29 -40.07 -24.70 0.01
N THR H 30 -39.97 -25.70 -0.87
CA THR H 30 -40.79 -25.78 -2.08
C THR H 30 -42.28 -25.79 -1.74
N PHE H 31 -42.90 -24.60 -1.86
CA PHE H 31 -44.28 -24.36 -1.46
C PHE H 31 -45.25 -25.38 -2.05
N THR H 32 -45.09 -25.71 -3.33
CA THR H 32 -46.02 -26.55 -4.07
C THR H 32 -46.02 -28.01 -3.59
N SER H 33 -45.11 -28.39 -2.70
CA SER H 33 -44.87 -29.80 -2.40
C SER H 33 -45.54 -30.27 -1.10
N TYR H 34 -46.26 -29.39 -0.40
CA TYR H 34 -46.88 -29.76 0.87
C TYR H 34 -48.19 -28.99 0.98
N GLY H 35 -49.26 -29.66 1.42
CA GLY H 35 -50.54 -29.00 1.66
C GLY H 35 -50.47 -27.96 2.75
N ILE H 36 -51.59 -27.28 3.03
CA ILE H 36 -51.61 -26.23 4.06
C ILE H 36 -52.96 -26.27 4.77
N SER H 37 -52.95 -25.87 6.05
CA SER H 37 -54.01 -26.15 6.99
C SER H 37 -54.26 -24.92 7.84
N TRP H 38 -55.52 -24.67 8.19
CA TRP H 38 -55.88 -23.55 9.05
C TRP H 38 -56.45 -24.09 10.36
N VAL H 39 -55.88 -23.65 11.47
CA VAL H 39 -56.33 -24.04 12.81
C VAL H 39 -56.72 -22.79 13.59
N ARG H 40 -57.93 -22.82 14.15
CA ARG H 40 -58.49 -21.72 14.91
C ARG H 40 -58.33 -22.00 16.40
N GLN H 41 -58.49 -20.94 17.21
CA GLN H 41 -58.37 -21.10 18.66
C GLN H 41 -58.98 -19.86 19.34
N ALA H 42 -60.26 -19.97 19.72
CA ALA H 42 -60.94 -18.96 20.51
C ALA H 42 -60.12 -18.75 21.79
N PRO H 43 -60.18 -17.56 22.41
CA PRO H 43 -59.29 -17.29 23.54
C PRO H 43 -59.39 -18.34 24.63
N GLY H 44 -58.25 -18.92 24.98
CA GLY H 44 -58.17 -19.94 26.01
C GLY H 44 -59.02 -21.16 25.72
N GLN H 45 -58.83 -21.79 24.56
CA GLN H 45 -59.59 -22.99 24.23
C GLN H 45 -58.77 -23.87 23.29
N GLY H 46 -59.42 -24.90 22.75
CA GLY H 46 -58.72 -25.91 22.00
C GLY H 46 -58.58 -25.58 20.52
N LEU H 47 -57.74 -26.37 19.85
CA LEU H 47 -57.52 -26.19 18.44
C LEU H 47 -58.71 -26.71 17.64
N GLU H 48 -59.02 -26.01 16.55
CA GLU H 48 -60.13 -26.37 15.69
C GLU H 48 -59.68 -26.41 14.24
N TRP H 49 -60.00 -27.50 13.57
CA TRP H 49 -59.67 -27.65 12.17
C TRP H 49 -60.61 -26.82 11.32
N MET H 50 -60.05 -25.98 10.44
CA MET H 50 -60.85 -25.21 9.50
C MET H 50 -60.86 -25.88 8.12
N GLY H 51 -59.70 -26.00 7.48
CA GLY H 51 -59.68 -26.59 6.15
C GLY H 51 -58.27 -26.84 5.68
N TRP H 52 -58.19 -27.51 4.52
CA TRP H 52 -56.94 -27.94 3.92
C TRP H 52 -56.92 -27.46 2.48
N ILE H 53 -55.78 -26.94 2.03
CA ILE H 53 -55.62 -26.53 0.64
C ILE H 53 -54.34 -27.11 0.05
N ASN H 54 -54.46 -27.61 -1.16
CA ASN H 54 -53.43 -28.20 -2.01
C ASN H 54 -52.81 -27.12 -2.88
N PRO H 55 -51.66 -26.57 -2.50
CA PRO H 55 -51.06 -25.48 -3.30
C PRO H 55 -50.70 -25.90 -4.71
N ASN H 56 -50.62 -27.21 -4.99
CA ASN H 56 -50.32 -27.67 -6.34
C ASN H 56 -51.55 -27.61 -7.25
N SER H 57 -52.72 -28.03 -6.74
CA SER H 57 -53.89 -28.19 -7.57
C SER H 57 -55.06 -27.28 -7.20
N GLY H 58 -54.94 -26.50 -6.13
CA GLY H 58 -56.08 -25.75 -5.64
C GLY H 58 -57.12 -26.57 -4.93
N GLY H 59 -56.80 -27.82 -4.57
CA GLY H 59 -57.76 -28.65 -3.86
C GLY H 59 -58.14 -28.03 -2.53
N THR H 60 -59.34 -28.38 -2.06
CA THR H 60 -59.93 -27.68 -0.92
C THR H 60 -60.83 -28.61 -0.13
N ASN H 61 -60.41 -28.94 1.08
CA ASN H 61 -61.22 -29.67 2.04
C ASN H 61 -61.59 -28.70 3.16
N TYR H 62 -62.87 -28.36 3.24
CA TYR H 62 -63.36 -27.53 4.32
C TYR H 62 -64.01 -28.40 5.38
N ALA H 63 -63.86 -28.01 6.64
CA ALA H 63 -64.65 -28.60 7.70
C ALA H 63 -66.12 -28.20 7.50
N GLN H 64 -67.01 -29.18 7.59
CA GLN H 64 -68.44 -28.95 7.32
C GLN H 64 -68.98 -27.75 8.08
N LYS H 65 -68.42 -27.46 9.27
CA LYS H 65 -68.82 -26.27 10.02
C LYS H 65 -68.56 -24.98 9.27
N PHE H 66 -67.62 -24.97 8.33
CA PHE H 66 -67.13 -23.74 7.71
C PHE H 66 -67.46 -23.63 6.23
N GLN H 67 -67.39 -24.72 5.48
CA GLN H 67 -67.85 -24.73 4.10
C GLN H 67 -69.17 -23.97 4.00
N GLY H 68 -69.23 -23.06 3.05
CA GLY H 68 -70.36 -22.16 3.00
C GLY H 68 -70.12 -20.81 3.64
N ARG H 69 -68.89 -20.48 4.01
CA ARG H 69 -68.56 -19.15 4.51
C ARG H 69 -67.05 -18.97 4.57
N VAL H 70 -66.31 -20.06 4.39
CA VAL H 70 -64.86 -20.00 4.33
C VAL H 70 -64.43 -20.18 2.89
N THR H 71 -63.34 -19.52 2.52
CA THR H 71 -62.75 -19.64 1.19
C THR H 71 -61.25 -19.76 1.33
N MET H 72 -60.68 -20.87 0.91
CA MET H 72 -59.24 -21.07 1.01
C MET H 72 -58.64 -21.11 -0.38
N THR H 73 -57.65 -20.24 -0.60
CA THR H 73 -57.04 -20.01 -1.90
C THR H 73 -55.55 -19.78 -1.71
N ARG H 74 -54.83 -19.80 -2.82
CA ARG H 74 -53.40 -19.52 -2.82
C ARG H 74 -53.02 -18.76 -4.07
N ASP H 75 -52.00 -17.93 -3.95
CA ASP H 75 -51.24 -17.46 -5.10
C ASP H 75 -49.90 -18.19 -5.08
N THR H 76 -49.80 -19.20 -5.95
CA THR H 76 -48.56 -19.98 -6.02
C THR H 76 -47.40 -19.12 -6.50
N SER H 77 -47.69 -18.09 -7.31
CA SER H 77 -46.68 -17.14 -7.75
C SER H 77 -45.89 -16.54 -6.58
N ILE H 78 -46.59 -16.05 -5.56
CA ILE H 78 -45.95 -15.42 -4.42
C ILE H 78 -45.66 -16.38 -3.26
N SER H 79 -46.25 -17.58 -3.27
CA SER H 79 -46.08 -18.57 -2.20
C SER H 79 -46.76 -18.12 -0.90
N THR H 80 -47.99 -17.63 -1.01
CA THR H 80 -48.82 -17.37 0.16
C THR H 80 -50.08 -18.21 0.07
N ALA H 81 -50.83 -18.26 1.17
CA ALA H 81 -52.14 -18.89 1.18
C ALA H 81 -53.11 -17.98 1.90
N TYR H 82 -54.38 -18.06 1.52
CA TYR H 82 -55.40 -17.13 1.96
C TYR H 82 -56.58 -17.90 2.54
N MET H 83 -57.09 -17.43 3.68
CA MET H 83 -58.35 -17.91 4.23
C MET H 83 -59.31 -16.74 4.37
N GLU H 84 -60.56 -16.96 3.99
CA GLU H 84 -61.57 -15.93 4.15
C GLU H 84 -62.74 -16.48 4.94
N LEU H 85 -62.98 -15.93 6.11
CA LEU H 85 -64.24 -16.01 6.84
C LEU H 85 -65.11 -14.82 6.45
N SER H 86 -66.43 -15.05 6.44
CA SER H 86 -67.35 -14.26 5.63
C SER H 86 -68.75 -14.12 6.26
N ARG H 87 -68.82 -14.22 7.58
CA ARG H 87 -70.04 -14.03 8.36
C ARG H 87 -69.70 -13.88 9.84
N LEU H 88 -68.60 -13.20 10.10
CA LEU H 88 -67.95 -13.04 11.40
C LEU H 88 -68.92 -13.12 12.58
N ARG H 89 -68.73 -14.16 13.38
CA ARG H 89 -69.63 -14.44 14.48
C ARG H 89 -69.03 -13.75 15.70
N SER H 90 -69.88 -13.35 16.65
CA SER H 90 -69.35 -12.84 17.92
C SER H 90 -68.37 -13.83 18.52
N ASP H 91 -68.61 -15.11 18.24
CA ASP H 91 -67.79 -16.24 18.64
C ASP H 91 -66.45 -16.30 17.92
N ASP H 92 -66.42 -15.96 16.62
CA ASP H 92 -65.21 -16.20 15.85
C ASP H 92 -63.96 -15.49 16.39
N THR H 93 -64.06 -14.69 17.45
CA THR H 93 -62.90 -14.11 18.09
C THR H 93 -61.86 -15.17 18.46
N ALA H 94 -60.67 -15.10 17.85
CA ALA H 94 -59.70 -16.19 17.99
C ALA H 94 -58.35 -15.84 17.38
N VAL H 95 -57.37 -16.73 17.65
CA VAL H 95 -56.10 -16.78 16.95
C VAL H 95 -56.27 -17.72 15.76
N TYR H 96 -55.74 -17.32 14.60
CA TYR H 96 -55.90 -18.07 13.37
C TYR H 96 -54.53 -18.54 12.90
N TYR H 97 -54.26 -19.83 13.14
CA TYR H 97 -52.97 -20.42 12.83
C TYR H 97 -52.94 -20.99 11.41
N CYS H 98 -51.73 -21.15 10.90
CA CYS H 98 -51.49 -21.59 9.53
C CYS H 98 -50.33 -22.58 9.56
N ALA H 99 -50.54 -23.77 9.01
CA ALA H 99 -49.61 -24.88 9.21
C ALA H 99 -49.29 -25.57 7.89
N ARG H 100 -47.99 -25.75 7.64
CA ARG H 100 -47.55 -26.68 6.60
C ARG H 100 -48.03 -28.08 6.93
N ASP H 101 -48.78 -28.68 6.02
CA ASP H 101 -49.42 -29.96 6.28
C ASP H 101 -48.90 -30.99 5.27
N LYS H 102 -48.05 -31.88 5.75
CA LYS H 102 -47.71 -33.11 5.05
C LYS H 102 -48.30 -34.30 5.80
N ARG H 103 -49.63 -34.25 6.00
CA ARG H 103 -50.47 -35.18 6.77
C ARG H 103 -50.59 -34.68 8.21
N TYR H 104 -49.47 -34.50 8.89
CA TYR H 104 -49.46 -33.79 10.16
C TYR H 104 -48.98 -32.36 9.90
N MET H 105 -48.76 -31.59 10.97
CA MET H 105 -48.51 -30.15 10.88
C MET H 105 -47.14 -29.85 11.50
N ASP H 106 -46.10 -30.00 10.70
CA ASP H 106 -44.74 -29.93 11.21
C ASP H 106 -44.25 -28.50 11.46
N VAL H 107 -44.78 -27.52 10.72
CA VAL H 107 -44.28 -26.15 10.78
C VAL H 107 -45.49 -25.22 10.86
N TRP H 108 -45.69 -24.59 12.01
CA TRP H 108 -46.82 -23.69 12.21
C TRP H 108 -46.40 -22.24 11.99
N GLY H 109 -47.38 -21.41 11.66
CA GLY H 109 -47.19 -19.97 11.72
C GLY H 109 -47.30 -19.49 13.15
N LYS H 110 -47.18 -18.17 13.32
CA LYS H 110 -47.40 -17.58 14.64
C LYS H 110 -48.88 -17.27 14.87
N GLY H 111 -49.71 -17.37 13.84
CA GLY H 111 -51.13 -17.18 14.01
C GLY H 111 -51.54 -15.73 14.09
N THR H 112 -52.80 -15.44 13.76
CA THR H 112 -53.30 -14.08 13.71
C THR H 112 -54.59 -13.99 14.53
N THR H 113 -54.58 -13.14 15.55
CA THR H 113 -55.79 -12.87 16.31
C THR H 113 -56.80 -12.10 15.47
N VAL H 114 -58.07 -12.48 15.56
CA VAL H 114 -59.17 -11.78 14.92
C VAL H 114 -60.21 -11.54 16.00
N THR H 115 -60.48 -10.27 16.31
CA THR H 115 -61.40 -9.93 17.40
C THR H 115 -62.66 -9.31 16.82
N VAL H 116 -63.70 -10.14 16.65
CA VAL H 116 -65.03 -9.64 16.33
C VAL H 116 -65.66 -9.05 17.58
N SER H 117 -66.22 -7.84 17.44
CA SER H 117 -66.69 -7.07 18.59
C SER H 117 -68.05 -6.44 18.29
N SER H 118 -69.08 -6.88 19.03
CA SER H 118 -70.42 -6.32 19.17
C SER H 118 -71.45 -7.43 19.38
N GLY H 119 -72.71 -7.12 19.13
CA GLY H 119 -73.78 -8.09 19.28
C GLY H 119 -74.96 -7.80 18.38
N VAL H 136 -66.11 -34.55 18.14
CA VAL H 136 -64.98 -34.37 19.06
C VAL H 136 -64.43 -35.71 19.54
N LEU H 137 -63.27 -35.63 20.18
CA LEU H 137 -62.57 -36.78 20.74
C LEU H 137 -62.48 -36.60 22.25
N THR H 138 -63.09 -37.51 23.00
CA THR H 138 -63.11 -37.44 24.45
C THR H 138 -61.70 -37.46 25.01
N GLN H 139 -61.27 -36.32 25.57
CA GLN H 139 -59.94 -36.23 26.16
C GLN H 139 -60.02 -35.49 27.49
N PRO H 140 -59.35 -36.01 28.52
CA PRO H 140 -59.42 -35.39 29.83
C PRO H 140 -58.91 -33.97 29.78
N PRO H 141 -59.42 -33.11 30.63
CA PRO H 141 -59.13 -31.67 30.51
C PRO H 141 -57.78 -31.28 31.10
N SER H 142 -57.32 -31.97 32.15
CA SER H 142 -56.14 -31.51 32.86
C SER H 142 -55.58 -32.63 33.73
N VAL H 143 -54.25 -32.74 33.76
CA VAL H 143 -53.55 -33.64 34.66
C VAL H 143 -52.50 -32.83 35.42
N SER H 144 -52.36 -33.13 36.71
CA SER H 144 -51.42 -32.43 37.58
C SER H 144 -50.49 -33.45 38.20
N GLY H 145 -49.18 -33.28 37.99
CA GLY H 145 -48.19 -34.21 38.49
C GLY H 145 -46.92 -33.50 38.91
N ALA H 146 -46.20 -34.15 39.82
CA ALA H 146 -44.98 -33.58 40.37
C ALA H 146 -43.78 -33.89 39.47
N PRO H 147 -42.76 -33.03 39.49
CA PRO H 147 -41.55 -33.31 38.71
C PRO H 147 -40.98 -34.68 39.07
N GLY H 148 -40.33 -35.31 38.10
CA GLY H 148 -39.77 -36.64 38.29
C GLY H 148 -40.67 -37.80 37.91
N GLN H 149 -41.93 -37.77 38.36
CA GLN H 149 -42.88 -38.83 38.05
C GLN H 149 -43.23 -38.84 36.56
N LYS H 150 -44.07 -39.79 36.18
CA LYS H 150 -44.64 -39.86 34.84
C LYS H 150 -46.13 -39.57 34.91
N VAL H 151 -46.75 -39.36 33.74
CA VAL H 151 -48.19 -39.13 33.65
C VAL H 151 -48.62 -39.50 32.24
N THR H 152 -49.90 -39.88 32.11
CA THR H 152 -50.48 -40.27 30.84
C THR H 152 -51.66 -39.37 30.50
N ILE H 153 -51.87 -39.15 29.21
CA ILE H 153 -52.98 -38.36 28.69
C ILE H 153 -53.65 -39.16 27.58
N SER H 154 -54.92 -39.51 27.78
CA SER H 154 -55.62 -40.31 26.78
C SER H 154 -56.06 -39.45 25.61
N CYS H 155 -57.14 -39.89 24.94
CA CYS H 155 -57.75 -39.32 23.73
C CYS H 155 -58.39 -40.51 23.01
N SER H 156 -59.69 -40.48 22.75
CA SER H 156 -60.37 -41.68 22.28
C SER H 156 -61.38 -41.27 21.23
N GLY H 157 -61.43 -42.03 20.14
CA GLY H 157 -62.39 -41.75 19.08
C GLY H 157 -63.34 -42.89 18.80
N SER H 158 -62.98 -43.68 17.81
CA SER H 158 -63.97 -44.24 16.91
C SER H 158 -63.22 -45.01 15.84
N SER H 159 -63.94 -45.90 15.16
CA SER H 159 -63.37 -46.62 14.04
C SER H 159 -63.04 -45.72 12.84
N SER H 160 -63.21 -44.40 12.97
CA SER H 160 -63.13 -43.48 11.85
C SER H 160 -61.97 -42.52 11.95
N ASN H 161 -61.31 -42.44 13.10
CA ASN H 161 -60.28 -41.45 13.32
C ASN H 161 -59.06 -42.07 13.98
N ILE H 162 -59.03 -42.07 15.31
CA ILE H 162 -57.96 -42.77 16.01
C ILE H 162 -57.98 -44.26 15.67
N GLY H 163 -59.14 -44.80 15.30
CA GLY H 163 -59.20 -46.21 14.96
C GLY H 163 -58.56 -46.54 13.62
N ARG H 164 -58.77 -45.68 12.62
CA ARG H 164 -58.43 -46.01 11.24
C ARG H 164 -57.15 -45.35 10.74
N ASN H 165 -56.92 -44.10 11.10
CA ASN H 165 -55.89 -43.28 10.49
C ASN H 165 -54.76 -43.00 11.48
N TYR H 166 -53.77 -42.25 11.01
CA TYR H 166 -52.60 -41.93 11.82
C TYR H 166 -52.86 -40.75 12.73
N VAL H 167 -52.08 -40.66 13.81
CA VAL H 167 -52.29 -39.69 14.87
C VAL H 167 -51.12 -38.72 14.92
N SER H 168 -51.40 -37.48 15.28
CA SER H 168 -50.38 -36.51 15.62
C SER H 168 -50.62 -36.04 17.06
N TRP H 169 -49.58 -35.51 17.69
CA TRP H 169 -49.70 -34.88 19.00
C TRP H 169 -48.99 -33.54 18.92
N TYR H 170 -49.60 -32.51 19.51
CA TYR H 170 -49.06 -31.15 19.47
C TYR H 170 -48.99 -30.60 20.89
N GLN H 171 -47.83 -30.04 21.24
CA GLN H 171 -47.58 -29.47 22.56
C GLN H 171 -47.65 -27.96 22.43
N GLN H 172 -48.61 -27.35 23.13
CA GLN H 172 -48.75 -25.89 23.11
C GLN H 172 -48.18 -25.36 24.42
N LEU H 173 -46.87 -25.07 24.40
CA LEU H 173 -46.23 -24.35 25.49
C LEU H 173 -46.91 -23.00 25.72
N PRO H 174 -46.81 -22.46 26.92
CA PRO H 174 -47.58 -21.26 27.26
C PRO H 174 -47.24 -20.07 26.37
N GLY H 175 -48.28 -19.34 25.96
CA GLY H 175 -48.13 -18.17 25.12
C GLY H 175 -47.65 -18.43 23.72
N ALA H 176 -47.48 -19.69 23.33
CA ALA H 176 -46.84 -20.04 22.07
C ALA H 176 -47.84 -20.66 21.11
N ALA H 177 -47.53 -20.56 19.82
CA ALA H 177 -48.22 -21.34 18.81
C ALA H 177 -48.00 -22.83 19.07
N PRO H 178 -48.94 -23.68 18.68
CA PRO H 178 -48.75 -25.12 18.85
C PRO H 178 -47.50 -25.62 18.14
N LYS H 179 -46.86 -26.62 18.74
CA LYS H 179 -45.67 -27.27 18.18
C LYS H 179 -45.97 -28.74 17.94
N LEU H 180 -45.37 -29.31 16.90
CA LEU H 180 -45.54 -30.74 16.61
C LEU H 180 -44.80 -31.58 17.65
N LEU H 181 -45.54 -32.43 18.36
CA LEU H 181 -44.95 -33.28 19.38
C LEU H 181 -44.72 -34.71 18.91
N LEU H 182 -45.72 -35.33 18.29
CA LEU H 182 -45.57 -36.64 17.69
C LEU H 182 -46.29 -36.70 16.36
N TYR H 183 -45.82 -37.62 15.51
CA TYR H 183 -46.46 -37.91 14.23
C TYR H 183 -46.43 -39.41 14.05
N ASP H 184 -47.15 -39.88 13.03
CA ASP H 184 -47.26 -41.30 12.74
C ASP H 184 -47.48 -42.11 14.02
N ASN H 185 -48.43 -41.65 14.83
CA ASN H 185 -48.93 -42.36 16.00
C ASN H 185 -47.96 -42.36 17.17
N ASN H 186 -46.66 -42.49 16.88
CA ASN H 186 -45.70 -42.69 17.97
C ASN H 186 -44.29 -42.17 17.68
N LYS H 187 -44.03 -41.54 16.53
CA LYS H 187 -42.68 -41.12 16.16
C LYS H 187 -42.47 -39.66 16.51
N ARG H 188 -41.23 -39.33 16.92
CA ARG H 188 -40.86 -38.02 17.44
C ARG H 188 -40.16 -37.17 16.38
N PRO H 189 -40.51 -35.90 16.31
CA PRO H 189 -39.69 -34.95 15.53
C PRO H 189 -38.32 -34.76 16.17
N SER H 190 -37.37 -34.35 15.33
CA SER H 190 -36.00 -34.13 15.76
C SER H 190 -35.97 -32.96 16.74
N GLY H 191 -35.95 -33.27 18.04
CA GLY H 191 -35.94 -32.25 19.06
C GLY H 191 -36.91 -32.55 20.19
N ILE H 192 -37.54 -33.72 20.16
CA ILE H 192 -38.45 -34.17 21.20
C ILE H 192 -37.75 -35.30 21.96
N PRO H 193 -37.51 -35.16 23.26
CA PRO H 193 -36.69 -36.16 23.96
C PRO H 193 -37.42 -37.48 24.19
N ASP H 194 -36.64 -38.45 24.66
CA ASP H 194 -37.11 -39.82 24.83
C ASP H 194 -38.30 -39.90 25.78
N ARG H 195 -38.49 -38.90 26.63
CA ARG H 195 -39.57 -38.99 27.62
C ARG H 195 -40.94 -38.99 26.95
N PHE H 196 -41.09 -38.24 25.88
CA PHE H 196 -42.37 -38.16 25.18
C PHE H 196 -42.53 -39.37 24.26
N SER H 197 -43.59 -40.14 24.47
CA SER H 197 -43.93 -41.26 23.62
C SER H 197 -45.44 -41.46 23.64
N ALA H 198 -45.94 -42.19 22.64
CA ALA H 198 -47.37 -42.47 22.54
C ALA H 198 -47.59 -43.95 22.25
N SER H 199 -48.68 -44.47 22.81
CA SER H 199 -49.18 -45.80 22.50
C SER H 199 -50.50 -45.68 21.73
N LYS H 200 -51.08 -46.82 21.41
CA LYS H 200 -52.25 -46.90 20.56
C LYS H 200 -52.92 -48.24 20.81
N SER H 201 -54.14 -48.22 21.36
CA SER H 201 -54.89 -49.43 21.65
C SER H 201 -56.31 -49.25 21.16
N GLY H 202 -56.68 -50.00 20.12
CA GLY H 202 -57.99 -49.88 19.52
C GLY H 202 -58.25 -48.47 19.06
N PRO H 203 -59.32 -47.85 19.58
CA PRO H 203 -59.62 -46.47 19.22
C PRO H 203 -59.17 -45.44 20.25
N SER H 204 -58.02 -45.67 20.87
CA SER H 204 -57.48 -44.71 21.83
C SER H 204 -55.96 -44.63 21.68
N THR H 205 -55.44 -43.41 21.76
CA THR H 205 -54.01 -43.14 21.83
C THR H 205 -53.70 -42.45 23.15
N THR H 206 -52.59 -42.83 23.78
CA THR H 206 -52.21 -42.23 25.06
C THR H 206 -50.73 -41.85 25.05
N LEU H 207 -50.45 -40.58 24.77
CA LEU H 207 -49.23 -39.88 25.13
C LEU H 207 -48.79 -40.22 26.55
N ALA H 208 -47.46 -40.33 26.77
CA ALA H 208 -46.91 -40.54 28.11
C ALA H 208 -45.58 -39.82 28.25
N ILE H 209 -45.54 -38.82 29.12
CA ILE H 209 -44.34 -38.04 29.40
C ILE H 209 -43.75 -38.58 30.70
N THR H 210 -42.49 -39.02 30.68
CA THR H 210 -41.95 -39.88 31.73
C THR H 210 -41.08 -39.17 32.77
N GLY H 211 -40.15 -38.31 32.36
CA GLY H 211 -39.30 -37.64 33.32
C GLY H 211 -39.78 -36.24 33.61
N LEU H 212 -41.10 -36.13 33.80
CA LEU H 212 -41.81 -34.87 34.01
C LEU H 212 -40.97 -33.80 34.67
N GLN H 213 -40.60 -32.78 33.90
CA GLN H 213 -39.90 -31.61 34.40
C GLN H 213 -40.80 -30.39 34.24
N THR H 214 -40.44 -29.31 34.92
CA THR H 214 -41.30 -28.14 34.98
C THR H 214 -41.54 -27.53 33.60
N GLY H 215 -40.57 -27.65 32.69
CA GLY H 215 -40.73 -27.03 31.38
C GLY H 215 -41.84 -27.65 30.56
N ASP H 216 -42.14 -28.92 30.81
CA ASP H 216 -43.21 -29.60 30.08
C ASP H 216 -44.59 -29.06 30.37
N GLU H 217 -44.75 -28.07 31.27
CA GLU H 217 -46.06 -27.53 31.57
C GLU H 217 -46.66 -26.88 30.34
N ALA H 218 -47.71 -27.47 29.79
CA ALA H 218 -48.29 -27.00 28.54
C ALA H 218 -49.62 -27.70 28.29
N ASP H 219 -50.31 -27.24 27.26
CA ASP H 219 -51.48 -27.93 26.72
C ASP H 219 -51.04 -28.92 25.64
N TYR H 220 -51.65 -30.09 25.66
CA TYR H 220 -51.35 -31.15 24.71
C TYR H 220 -52.60 -31.52 23.94
N PHE H 221 -52.49 -31.56 22.61
CA PHE H 221 -53.60 -31.84 21.72
C PHE H 221 -53.27 -33.02 20.82
N CYS H 222 -54.12 -34.04 20.87
CA CYS H 222 -54.14 -35.07 19.85
C CYS H 222 -54.90 -34.58 18.64
N GLY H 223 -54.56 -35.11 17.47
CA GLY H 223 -55.19 -34.72 16.23
C GLY H 223 -55.16 -35.79 15.16
N VAL H 224 -56.31 -36.16 14.62
CA VAL H 224 -56.39 -37.21 13.61
C VAL H 224 -57.48 -36.85 12.61
N TRP H 225 -57.43 -37.53 11.47
CA TRP H 225 -58.42 -37.34 10.42
C TRP H 225 -59.53 -38.37 10.55
N ASP H 226 -60.77 -37.89 10.57
CA ASP H 226 -61.97 -38.72 10.63
C ASP H 226 -62.44 -39.00 9.21
N SER H 227 -62.27 -40.25 8.76
CA SER H 227 -62.58 -40.60 7.38
C SER H 227 -64.04 -40.40 7.03
N SER H 228 -64.92 -40.36 8.02
CA SER H 228 -66.34 -40.14 7.74
C SER H 228 -66.69 -38.65 7.71
N LEU H 229 -66.32 -37.90 8.75
CA LEU H 229 -66.62 -36.46 8.76
C LEU H 229 -65.79 -35.72 7.72
N ARG H 230 -64.59 -36.23 7.41
CA ARG H 230 -63.61 -35.56 6.55
C ARG H 230 -63.15 -34.24 7.16
N ALA H 231 -62.44 -34.31 8.29
CA ALA H 231 -61.88 -33.13 8.95
C ALA H 231 -60.85 -33.61 9.96
N VAL H 232 -59.85 -32.78 10.22
CA VAL H 232 -58.83 -33.08 11.21
C VAL H 232 -59.43 -32.88 12.60
N LEU H 233 -59.72 -33.98 13.29
CA LEU H 233 -60.28 -33.90 14.63
C LEU H 233 -59.19 -33.58 15.65
N PHE H 234 -59.50 -32.66 16.55
CA PHE H 234 -58.67 -32.39 17.71
C PHE H 234 -59.41 -32.85 18.96
N GLY H 235 -58.65 -33.43 19.89
CA GLY H 235 -59.17 -33.60 21.23
C GLY H 235 -59.28 -32.27 21.93
N GLY H 236 -60.27 -32.17 22.83
CA GLY H 236 -60.51 -30.92 23.53
C GLY H 236 -59.25 -30.31 24.14
N GLY H 237 -58.31 -31.16 24.53
CA GLY H 237 -57.03 -30.71 25.04
C GLY H 237 -56.86 -31.06 26.50
N THR H 238 -55.63 -31.42 26.88
CA THR H 238 -55.27 -31.60 28.26
C THR H 238 -54.31 -30.48 28.66
N LYS H 239 -54.49 -29.93 29.87
CA LYS H 239 -53.54 -28.97 30.42
C LYS H 239 -52.73 -29.63 31.52
N LEU H 240 -51.45 -29.88 31.24
CA LEU H 240 -50.53 -30.40 32.25
C LEU H 240 -50.02 -29.24 33.10
N THR H 241 -50.23 -29.32 34.42
CA THR H 241 -49.63 -28.38 35.36
C THR H 241 -48.66 -29.11 36.27
N VAL H 242 -47.39 -28.73 36.20
CA VAL H 242 -46.32 -29.38 36.95
C VAL H 242 -45.94 -28.51 38.13
N LEU H 243 -45.81 -29.13 39.29
CA LEU H 243 -45.49 -28.44 40.53
C LEU H 243 -43.99 -28.22 40.67
N SER I 6 62.73 -98.57 12.87
CA SER I 6 62.45 -97.72 11.71
C SER I 6 60.95 -97.50 11.50
N LEU I 7 60.62 -96.46 10.73
CA LEU I 7 59.24 -96.03 10.54
C LEU I 7 59.04 -95.53 9.12
N HIS I 8 57.96 -95.98 8.48
CA HIS I 8 57.67 -95.66 7.10
C HIS I 8 56.40 -94.82 7.06
N ILE I 9 56.44 -93.71 6.31
CA ILE I 9 55.34 -92.75 6.31
C ILE I 9 54.97 -92.41 4.88
N TYR I 10 53.65 -92.30 4.63
CA TYR I 10 53.09 -91.95 3.33
C TYR I 10 52.17 -90.75 3.54
N ASN I 11 52.71 -89.55 3.37
CA ASN I 11 52.02 -88.29 3.57
C ASN I 11 52.03 -87.47 2.29
N TRP I 12 51.21 -86.42 2.28
CA TRP I 12 51.10 -85.56 1.11
C TRP I 12 52.40 -84.83 0.82
N THR I 13 52.47 -84.23 -0.35
CA THR I 13 53.58 -83.37 -0.72
C THR I 13 53.40 -82.02 -0.03
N ASP I 14 54.53 -81.38 0.30
CA ASP I 14 54.55 -80.07 0.93
C ASP I 14 53.60 -80.05 2.13
N TYR I 15 53.87 -80.97 3.06
CA TYR I 15 52.96 -81.22 4.16
C TYR I 15 53.73 -81.56 5.42
N ILE I 16 54.90 -80.94 5.60
CA ILE I 16 55.74 -81.05 6.79
C ILE I 16 56.96 -80.14 6.62
N ALA I 17 57.41 -79.53 7.70
CA ALA I 17 58.65 -78.78 7.68
C ALA I 17 59.83 -79.73 7.54
N PRO I 18 60.98 -79.25 7.04
CA PRO I 18 62.13 -80.15 6.84
C PRO I 18 62.60 -80.82 8.12
N THR I 19 63.09 -80.01 9.06
CA THR I 19 63.71 -80.55 10.27
C THR I 19 62.75 -81.40 11.11
N THR I 20 61.44 -81.26 10.91
CA THR I 20 60.45 -81.95 11.75
C THR I 20 60.81 -83.41 11.96
N LEU I 21 61.20 -84.12 10.89
CA LEU I 21 61.67 -85.49 11.02
C LEU I 21 63.00 -85.54 11.77
N LYS I 22 64.01 -84.84 11.24
CA LYS I 22 65.35 -84.85 11.84
C LYS I 22 65.31 -84.57 13.33
N ASP I 23 64.39 -83.70 13.77
CA ASP I 23 64.19 -83.49 15.20
C ASP I 23 63.61 -84.74 15.87
N PHE I 24 62.62 -85.37 15.23
CA PHE I 24 62.01 -86.56 15.83
C PHE I 24 63.01 -87.70 15.94
N THR I 25 64.05 -87.71 15.09
CA THR I 25 65.06 -88.76 15.12
C THR I 25 66.06 -88.54 16.25
N LYS I 26 66.55 -87.31 16.43
CA LYS I 26 67.52 -87.08 17.50
C LYS I 26 66.91 -87.20 18.89
N GLU I 27 65.58 -87.17 19.02
CA GLU I 27 64.94 -87.33 20.32
C GLU I 27 64.63 -88.78 20.65
N SER I 28 64.05 -89.54 19.71
CA SER I 28 63.52 -90.87 19.99
C SER I 28 64.44 -92.01 19.61
N GLY I 29 65.34 -91.81 18.64
CA GLY I 29 66.14 -92.87 18.10
C GLY I 29 65.50 -93.60 16.93
N ILE I 30 64.27 -93.25 16.58
CA ILE I 30 63.57 -93.88 15.47
C ILE I 30 63.99 -93.22 14.17
N ASP I 31 64.24 -94.04 13.15
CA ASP I 31 64.47 -93.53 11.82
C ASP I 31 63.20 -93.56 10.99
N VAL I 32 63.05 -92.55 10.15
CA VAL I 32 61.84 -92.33 9.37
C VAL I 32 62.18 -92.43 7.89
N SER I 33 61.34 -93.11 7.14
CA SER I 33 61.37 -93.04 5.68
C SER I 33 60.12 -92.30 5.24
N TYR I 34 60.32 -91.13 4.62
CA TYR I 34 59.23 -90.28 4.18
C TYR I 34 59.01 -90.47 2.69
N ASP I 35 57.83 -90.95 2.32
CA ASP I 35 57.40 -91.08 0.94
C ASP I 35 56.12 -90.30 0.76
N VAL I 36 55.99 -89.63 -0.38
CA VAL I 36 54.97 -88.60 -0.56
C VAL I 36 54.06 -88.95 -1.73
N PHE I 37 52.77 -88.60 -1.58
CA PHE I 37 51.74 -88.74 -2.59
C PHE I 37 51.00 -87.41 -2.71
N ASP I 38 50.42 -87.15 -3.88
CA ASP I 38 49.80 -85.84 -4.10
C ASP I 38 48.29 -85.88 -4.26
N SER I 39 47.68 -87.04 -4.45
CA SER I 39 46.23 -87.12 -4.57
C SER I 39 45.68 -88.10 -3.53
N ASN I 40 44.47 -87.83 -3.04
CA ASN I 40 43.75 -88.82 -2.24
C ASN I 40 43.63 -90.13 -2.99
N GLU I 41 43.42 -90.06 -4.30
CA GLU I 41 43.24 -91.29 -5.09
C GLU I 41 44.48 -92.17 -5.04
N THR I 42 45.66 -91.58 -5.17
CA THR I 42 46.89 -92.36 -5.13
C THR I 42 47.00 -93.17 -3.85
N LEU I 43 46.78 -92.51 -2.70
CA LEU I 43 46.80 -93.24 -1.43
C LEU I 43 45.77 -94.38 -1.41
N GLU I 44 44.61 -94.21 -2.03
CA GLU I 44 43.65 -95.29 -1.92
C GLU I 44 44.08 -96.52 -2.72
N GLY I 45 44.78 -96.33 -3.83
CA GLY I 45 45.33 -97.48 -4.54
C GLY I 45 46.25 -98.30 -3.67
N LYS I 46 47.24 -97.63 -3.08
CA LYS I 46 48.16 -98.33 -2.18
C LYS I 46 47.41 -99.06 -1.07
N LEU I 47 46.34 -98.45 -0.55
CA LEU I 47 45.62 -99.02 0.59
C LEU I 47 44.76 -100.22 0.25
N VAL I 48 44.34 -100.41 -1.00
CA VAL I 48 43.59 -101.60 -1.39
C VAL I 48 44.45 -102.67 -2.08
N SER I 49 45.58 -102.31 -2.72
CA SER I 49 46.59 -103.29 -3.15
C SER I 49 46.94 -104.31 -2.07
N GLY I 50 46.75 -103.98 -0.81
CA GLY I 50 46.90 -104.96 0.25
C GLY I 50 48.09 -104.76 1.18
N HIS I 51 49.29 -104.55 0.59
CA HIS I 51 50.54 -104.56 1.34
C HIS I 51 51.32 -103.27 1.07
N SER I 52 50.69 -102.15 1.39
CA SER I 52 51.41 -100.89 1.52
C SER I 52 52.41 -101.01 2.67
N GLY I 53 53.69 -100.86 2.37
CA GLY I 53 54.71 -101.03 3.38
C GLY I 53 54.77 -99.92 4.41
N TYR I 54 53.70 -99.14 4.52
CA TYR I 54 53.69 -97.92 5.31
C TYR I 54 53.06 -98.16 6.68
N ASP I 55 53.65 -97.50 7.69
CA ASP I 55 53.17 -97.58 9.06
C ASP I 55 52.21 -96.45 9.41
N ILE I 56 52.32 -95.32 8.72
CA ILE I 56 51.45 -94.16 8.93
C ILE I 56 51.07 -93.64 7.57
N VAL I 57 49.77 -93.45 7.32
CA VAL I 57 49.28 -92.84 6.09
C VAL I 57 48.33 -91.71 6.46
N VAL I 58 48.31 -90.66 5.63
CA VAL I 58 47.46 -89.50 5.87
C VAL I 58 46.38 -89.44 4.80
N PRO I 59 45.22 -90.02 5.03
CA PRO I 59 44.07 -89.78 4.14
C PRO I 59 43.31 -88.52 4.54
N SER I 60 42.56 -88.02 3.57
CA SER I 60 41.61 -86.95 3.88
C SER I 60 40.41 -87.53 4.62
N ASN I 61 39.60 -86.62 5.19
CA ASN I 61 38.58 -87.03 6.16
C ASN I 61 37.54 -87.96 5.55
N ASN I 62 37.08 -87.67 4.32
CA ASN I 62 36.03 -88.47 3.72
C ASN I 62 36.53 -89.86 3.32
N PHE I 63 37.69 -89.90 2.66
CA PHE I 63 38.28 -91.17 2.23
C PHE I 63 38.56 -92.08 3.42
N LEU I 64 38.99 -91.48 4.53
CA LEU I 64 39.22 -92.25 5.75
C LEU I 64 37.99 -93.07 6.13
N GLY I 65 36.82 -92.46 6.00
CA GLY I 65 35.60 -93.19 6.35
C GLY I 65 35.40 -94.44 5.53
N LYS I 66 35.60 -94.32 4.21
CA LYS I 66 35.49 -95.48 3.31
C LYS I 66 36.53 -96.55 3.67
N GLN I 67 37.77 -96.12 3.94
CA GLN I 67 38.83 -97.08 4.25
C GLN I 67 38.58 -97.78 5.57
N ILE I 68 38.14 -97.04 6.60
CA ILE I 68 37.78 -97.65 7.88
C ILE I 68 36.67 -98.67 7.68
N GLN I 69 35.67 -98.33 6.86
CA GLN I 69 34.58 -99.27 6.58
C GLN I 69 35.11 -100.58 6.02
N ALA I 70 36.21 -100.54 5.27
CA ALA I 70 36.83 -101.74 4.70
C ALA I 70 37.99 -102.24 5.54
N GLY I 71 37.97 -101.98 6.85
CA GLY I 71 38.97 -102.46 7.79
C GLY I 71 40.40 -102.20 7.37
N ALA I 72 40.70 -100.95 7.00
CA ALA I 72 42.03 -100.62 6.50
C ALA I 72 43.03 -100.39 7.62
N PHE I 73 42.58 -99.89 8.77
CA PHE I 73 43.45 -99.44 9.83
C PHE I 73 43.18 -100.22 11.11
N GLN I 74 44.18 -100.27 11.98
CA GLN I 74 44.00 -100.85 13.29
C GLN I 74 43.50 -99.79 14.27
N LYS I 75 42.67 -100.21 15.22
CA LYS I 75 42.14 -99.30 16.24
C LYS I 75 43.27 -98.65 17.03
N LEU I 76 43.10 -97.38 17.37
CA LEU I 76 44.13 -96.61 18.06
C LEU I 76 44.21 -96.98 19.53
N ASP I 77 45.38 -97.43 19.97
CA ASP I 77 45.68 -97.61 21.39
C ASP I 77 46.02 -96.22 21.95
N LYS I 78 44.98 -95.51 22.37
CA LYS I 78 45.12 -94.13 22.82
C LYS I 78 45.98 -93.99 24.07
N SER I 79 46.26 -95.08 24.79
CA SER I 79 47.20 -94.99 25.89
C SER I 79 48.60 -94.63 25.39
N LYS I 80 48.91 -94.98 24.16
CA LYS I 80 50.19 -94.68 23.53
C LYS I 80 50.21 -93.30 22.87
N LEU I 81 49.15 -92.51 23.03
CA LEU I 81 49.10 -91.13 22.60
C LEU I 81 48.81 -90.27 23.83
N PRO I 82 49.82 -90.05 24.68
CA PRO I 82 49.59 -89.25 25.89
C PRO I 82 49.13 -87.83 25.60
N ASN I 83 49.50 -87.27 24.44
CA ASN I 83 49.13 -85.90 24.09
C ASN I 83 47.82 -85.84 23.31
N TRP I 84 46.92 -86.79 23.54
CA TRP I 84 45.59 -86.72 22.93
C TRP I 84 44.79 -85.56 23.52
N LYS I 85 45.05 -85.22 24.79
CA LYS I 85 44.39 -84.08 25.41
C LYS I 85 44.66 -82.77 24.68
N ASN I 86 45.75 -82.69 23.90
CA ASN I 86 46.06 -81.48 23.16
C ASN I 86 45.09 -81.24 22.00
N LEU I 87 44.30 -82.23 21.61
CA LEU I 87 43.44 -82.11 20.44
C LEU I 87 42.17 -81.33 20.78
N ASP I 88 41.80 -80.43 19.88
CA ASP I 88 40.56 -79.67 20.01
C ASP I 88 39.37 -80.63 19.97
N PRO I 89 38.55 -80.70 21.03
CA PRO I 89 37.38 -81.59 20.97
C PRO I 89 36.40 -81.21 19.88
N ALA I 90 36.07 -79.92 19.77
CA ALA I 90 35.12 -79.46 18.76
C ALA I 90 35.52 -79.89 17.35
N LEU I 91 36.76 -80.34 17.15
CA LEU I 91 37.16 -80.91 15.86
C LEU I 91 37.01 -82.43 15.86
N LEU I 92 37.71 -83.11 16.78
CA LEU I 92 37.57 -84.56 16.96
C LEU I 92 36.12 -85.01 16.77
N LYS I 93 35.23 -84.43 17.57
CA LYS I 93 33.80 -84.70 17.40
C LYS I 93 33.33 -84.45 15.97
N GLN I 94 33.88 -83.41 15.32
CA GLN I 94 33.47 -83.09 13.96
C GLN I 94 33.81 -84.19 12.97
N LEU I 95 34.80 -85.03 13.27
CA LEU I 95 35.16 -86.11 12.36
C LEU I 95 34.51 -87.44 12.71
N GLU I 96 33.63 -87.47 13.71
CA GLU I 96 32.87 -88.66 14.08
C GLU I 96 31.92 -88.99 12.93
N VAL I 97 31.83 -88.05 11.98
CA VAL I 97 31.20 -88.30 10.69
C VAL I 97 31.79 -89.54 10.04
N SER I 98 33.11 -89.71 10.12
CA SER I 98 33.81 -90.76 9.42
C SER I 98 34.58 -91.70 10.34
N ASP I 99 34.75 -91.33 11.61
CA ASP I 99 35.59 -92.07 12.55
C ASP I 99 34.91 -92.07 13.91
N PRO I 100 33.76 -92.74 14.04
CA PRO I 100 32.99 -92.65 15.28
C PRO I 100 33.80 -93.16 16.46
N GLY I 101 33.72 -92.43 17.57
CA GLY I 101 34.58 -92.70 18.70
C GLY I 101 36.04 -92.35 18.51
N ASN I 102 36.42 -91.79 17.35
CA ASN I 102 37.79 -91.39 17.06
C ASN I 102 38.77 -92.56 17.27
N GLN I 103 38.52 -93.66 16.56
CA GLN I 103 39.20 -94.90 16.90
C GLN I 103 40.33 -95.29 15.94
N TYR I 104 40.34 -94.79 14.70
CA TYR I 104 41.37 -95.17 13.75
C TYR I 104 42.19 -93.99 13.25
N ALA I 105 41.87 -92.76 13.64
CA ALA I 105 42.44 -91.59 12.99
C ALA I 105 42.79 -90.50 13.98
N VAL I 106 43.92 -89.85 13.72
CA VAL I 106 44.43 -88.74 14.53
C VAL I 106 44.54 -87.53 13.62
N PRO I 107 43.99 -86.38 13.99
CA PRO I 107 44.09 -85.21 13.12
C PRO I 107 45.54 -84.76 12.94
N TYR I 108 45.77 -84.09 11.82
CA TYR I 108 47.09 -83.58 11.47
C TYR I 108 47.00 -82.10 11.10
N LEU I 109 46.53 -81.84 9.88
CA LEU I 109 46.34 -80.48 9.38
C LEU I 109 44.99 -80.39 8.69
N TRP I 110 44.51 -79.16 8.51
CA TRP I 110 43.25 -78.95 7.81
C TRP I 110 43.30 -77.60 7.10
N GLY I 111 42.32 -77.40 6.22
CA GLY I 111 42.26 -76.15 5.46
C GLY I 111 41.14 -76.22 4.44
N THR I 112 41.20 -75.31 3.48
CA THR I 112 40.18 -75.20 2.45
C THR I 112 40.82 -75.20 1.08
N ASN I 113 40.01 -75.39 0.05
CA ASN I 113 40.48 -75.32 -1.32
C ASN I 113 39.79 -74.15 -2.02
N GLY I 114 40.41 -73.66 -3.08
CA GLY I 114 39.86 -72.50 -3.76
C GLY I 114 40.68 -72.05 -4.94
N ILE I 115 40.53 -70.77 -5.26
CA ILE I 115 41.12 -70.15 -6.43
C ILE I 115 42.42 -69.47 -6.00
N GLY I 116 43.55 -69.95 -6.54
CA GLY I 116 44.84 -69.33 -6.34
C GLY I 116 45.35 -68.68 -7.61
N TYR I 117 45.61 -67.38 -7.60
CA TYR I 117 45.89 -66.68 -8.85
C TYR I 117 47.04 -65.70 -8.69
N ASN I 118 47.56 -65.25 -9.85
CA ASN I 118 48.65 -64.28 -9.96
C ASN I 118 48.01 -62.92 -10.21
N VAL I 119 47.93 -62.09 -9.16
CA VAL I 119 47.13 -60.86 -9.17
C VAL I 119 47.45 -60.01 -10.41
N ALA I 120 48.73 -59.74 -10.62
CA ALA I 120 49.17 -59.04 -11.83
C ALA I 120 48.51 -59.58 -13.11
N LYS I 121 48.66 -60.87 -13.40
CA LYS I 121 48.32 -61.34 -14.74
C LYS I 121 46.82 -61.68 -14.93
N VAL I 122 46.08 -61.90 -13.84
CA VAL I 122 44.66 -62.22 -13.93
C VAL I 122 43.82 -61.05 -14.44
N LYS I 123 44.30 -59.81 -14.33
CA LYS I 123 43.58 -58.65 -14.84
C LYS I 123 44.23 -58.02 -16.06
N GLU I 124 45.48 -58.38 -16.37
CA GLU I 124 46.05 -58.22 -17.70
C GLU I 124 45.11 -58.87 -18.71
N VAL I 125 44.18 -59.70 -18.20
CA VAL I 125 43.30 -60.50 -19.04
C VAL I 125 41.87 -60.62 -18.51
N LEU I 126 41.59 -60.07 -17.32
CA LEU I 126 40.19 -59.91 -16.87
C LEU I 126 39.84 -58.51 -16.40
N GLY I 127 40.77 -57.57 -16.41
CA GLY I 127 40.41 -56.27 -15.86
C GLY I 127 40.09 -56.37 -14.38
N ASP I 128 39.39 -55.36 -13.90
CA ASP I 128 39.04 -55.35 -12.48
C ASP I 128 37.80 -56.18 -12.17
N GLN I 129 37.49 -57.19 -12.96
CA GLN I 129 36.41 -58.08 -12.54
C GLN I 129 36.82 -58.80 -11.27
N PRO I 130 35.92 -58.87 -10.28
CA PRO I 130 36.25 -59.49 -8.99
C PRO I 130 36.38 -61.00 -9.08
N ILE I 131 37.52 -61.51 -8.59
CA ILE I 131 37.75 -62.94 -8.40
C ILE I 131 37.10 -63.35 -7.09
N ASP I 132 35.83 -63.71 -7.14
CA ASP I 132 35.12 -64.08 -5.92
C ASP I 132 34.08 -65.18 -6.12
N SER I 133 34.00 -65.78 -7.30
CA SER I 133 33.06 -66.87 -7.58
C SER I 133 33.80 -67.95 -8.35
N TRP I 134 33.37 -69.20 -8.21
CA TRP I 134 33.98 -70.26 -9.02
C TRP I 134 33.83 -70.03 -10.51
N ALA I 135 32.92 -69.13 -10.92
CA ALA I 135 32.70 -68.80 -12.32
C ALA I 135 33.95 -68.27 -13.00
N ILE I 136 35.04 -68.04 -12.25
CA ILE I 136 36.27 -67.64 -12.92
C ILE I 136 36.84 -68.83 -13.68
N LEU I 137 36.55 -70.06 -13.21
CA LEU I 137 37.07 -71.30 -13.77
C LEU I 137 36.04 -72.17 -14.45
N PHE I 138 34.77 -72.08 -14.07
CA PHE I 138 33.75 -72.96 -14.59
C PHE I 138 32.92 -72.32 -15.70
N GLU I 139 33.07 -71.02 -15.91
CA GLU I 139 32.33 -70.50 -17.06
C GLU I 139 33.27 -70.27 -18.25
N PRO I 140 32.83 -70.58 -19.46
CA PRO I 140 33.75 -70.54 -20.62
C PRO I 140 34.24 -69.15 -20.95
N GLU I 141 33.40 -68.13 -20.79
CA GLU I 141 33.76 -66.79 -21.21
C GLU I 141 34.99 -66.32 -20.46
N ASN I 142 35.01 -66.54 -19.14
CA ASN I 142 36.16 -66.21 -18.31
C ASN I 142 37.35 -67.08 -18.67
N MET I 143 37.13 -68.39 -18.70
CA MET I 143 38.23 -69.31 -18.91
C MET I 143 38.83 -69.24 -20.30
N LYS I 144 37.99 -69.05 -21.33
CA LYS I 144 38.54 -68.81 -22.66
C LYS I 144 39.55 -67.67 -22.64
N LYS I 145 39.27 -66.62 -21.85
CA LYS I 145 40.28 -65.59 -21.63
C LYS I 145 41.49 -66.14 -20.91
N LEU I 146 41.31 -67.12 -20.03
CA LEU I 146 42.38 -67.46 -19.10
C LEU I 146 43.29 -68.59 -19.59
N ALA I 147 42.86 -69.39 -20.56
CA ALA I 147 43.75 -70.43 -21.09
C ALA I 147 45.04 -69.87 -21.65
N LYS I 148 45.05 -68.57 -22.01
CA LYS I 148 46.20 -67.96 -22.69
C LYS I 148 47.49 -68.03 -21.88
N CYS I 149 47.40 -68.07 -20.56
CA CYS I 149 48.62 -68.11 -19.75
C CYS I 149 48.34 -68.94 -18.50
N GLY I 150 47.75 -70.09 -18.67
CA GLY I 150 47.83 -71.07 -17.61
C GLY I 150 46.65 -71.21 -16.65
N VAL I 151 45.94 -72.32 -16.79
CA VAL I 151 44.84 -72.70 -15.91
C VAL I 151 45.03 -74.15 -15.52
N ALA I 152 45.13 -74.41 -14.21
CA ALA I 152 45.55 -75.72 -13.70
C ALA I 152 44.44 -76.33 -12.85
N PHE I 153 43.72 -77.32 -13.39
CA PHE I 153 42.79 -78.04 -12.55
C PHE I 153 43.52 -79.16 -11.83
N MET I 154 42.79 -79.85 -10.97
CA MET I 154 43.34 -80.88 -10.11
C MET I 154 42.90 -82.23 -10.63
N ASP I 155 43.88 -83.11 -10.90
CA ASP I 155 43.58 -84.42 -11.46
C ASP I 155 42.90 -85.30 -10.42
N SER I 156 41.69 -84.92 -10.01
CA SER I 156 40.94 -85.69 -9.03
C SER I 156 39.46 -85.34 -9.21
N GLY I 157 38.67 -86.33 -9.63
CA GLY I 157 37.23 -86.14 -9.74
C GLY I 157 36.55 -85.81 -8.43
N ASP I 158 37.16 -86.21 -7.31
CA ASP I 158 36.60 -85.85 -6.00
C ASP I 158 36.86 -84.40 -5.64
N GLU I 159 37.92 -83.78 -6.16
CA GLU I 159 38.17 -82.38 -5.84
C GLU I 159 37.55 -81.42 -6.85
N MET I 160 37.14 -81.93 -8.02
CA MET I 160 36.57 -81.09 -9.07
C MET I 160 35.08 -81.27 -9.28
N LEU I 161 34.55 -82.49 -9.30
CA LEU I 161 33.11 -82.67 -9.56
C LEU I 161 32.26 -82.09 -8.43
N PRO I 162 32.58 -82.34 -7.15
CA PRO I 162 31.81 -81.68 -6.07
C PRO I 162 32.00 -80.19 -6.01
N ALA I 163 33.07 -79.64 -6.61
CA ALA I 163 33.19 -78.20 -6.70
C ALA I 163 32.14 -77.61 -7.64
N ALA I 164 31.99 -78.19 -8.83
CA ALA I 164 31.05 -77.67 -9.82
C ALA I 164 29.60 -77.85 -9.44
N LEU I 165 29.32 -78.69 -8.44
CA LEU I 165 27.96 -78.79 -7.92
C LEU I 165 27.65 -77.64 -6.98
N ASN I 166 28.40 -77.55 -5.87
CA ASN I 166 28.31 -76.41 -4.96
C ASN I 166 28.17 -75.08 -5.69
N TYR I 167 29.04 -74.83 -6.67
CA TYR I 167 28.93 -73.66 -7.54
C TYR I 167 27.49 -73.45 -8.00
N LEU I 168 26.93 -74.44 -8.67
CA LEU I 168 25.61 -74.26 -9.28
C LEU I 168 24.49 -74.42 -8.26
N GLY I 169 24.75 -74.09 -7.01
CA GLY I 169 23.73 -74.20 -5.98
C GLY I 169 23.31 -75.61 -5.64
N LEU I 170 23.85 -76.63 -6.32
CA LEU I 170 23.53 -78.01 -6.03
C LEU I 170 24.27 -78.47 -4.77
N ASP I 171 24.06 -79.73 -4.42
CA ASP I 171 24.76 -80.38 -3.32
C ASP I 171 26.07 -80.97 -3.83
N PRO I 172 27.22 -80.60 -3.25
CA PRO I 172 28.46 -81.27 -3.64
C PRO I 172 28.47 -82.75 -3.31
N ASN I 173 27.81 -83.16 -2.24
CA ASN I 173 27.66 -84.57 -1.88
C ASN I 173 26.33 -85.13 -2.33
N THR I 174 25.97 -84.96 -3.60
CA THR I 174 24.69 -85.45 -4.08
C THR I 174 24.86 -86.89 -4.55
N HIS I 175 23.82 -87.69 -4.32
CA HIS I 175 23.75 -89.02 -4.88
C HIS I 175 23.02 -89.04 -6.22
N ASP I 176 22.37 -87.94 -6.58
CA ASP I 176 21.57 -87.90 -7.80
C ASP I 176 22.48 -87.94 -9.02
N PRO I 177 22.29 -88.89 -9.94
CA PRO I 177 23.12 -88.92 -11.15
C PRO I 177 22.75 -87.85 -12.16
N LYS I 178 21.61 -87.19 -12.01
CA LYS I 178 21.25 -86.08 -12.90
C LYS I 178 22.07 -84.84 -12.57
N ASP I 179 22.26 -84.56 -11.28
CA ASP I 179 23.08 -83.42 -10.88
C ASP I 179 24.50 -83.55 -11.39
N TYR I 180 25.14 -84.70 -11.12
CA TYR I 180 26.47 -84.96 -11.65
C TYR I 180 26.50 -84.81 -13.17
N LYS I 181 25.39 -85.15 -13.83
CA LYS I 181 25.30 -84.97 -15.27
C LYS I 181 25.37 -83.49 -15.64
N LYS I 182 24.70 -82.63 -14.87
CA LYS I 182 24.77 -81.20 -15.13
C LYS I 182 26.19 -80.67 -14.95
N ALA I 183 26.78 -80.91 -13.77
CA ALA I 183 28.14 -80.45 -13.54
C ALA I 183 29.14 -81.18 -14.43
N GLU I 184 28.78 -82.35 -14.97
CA GLU I 184 29.72 -83.01 -15.89
C GLU I 184 30.09 -82.06 -17.01
N GLU I 185 29.11 -81.33 -17.53
CA GLU I 185 29.36 -80.50 -18.70
C GLU I 185 29.82 -79.09 -18.35
N VAL I 186 29.60 -78.65 -17.10
CA VAL I 186 30.14 -77.38 -16.65
C VAL I 186 31.67 -77.42 -16.71
N LEU I 187 32.25 -78.56 -16.34
CA LEU I 187 33.69 -78.78 -16.45
C LEU I 187 34.12 -79.05 -17.91
N THR I 188 33.57 -80.11 -18.54
CA THR I 188 33.64 -80.15 -20.01
C THR I 188 33.22 -78.91 -20.79
N LYS I 189 32.63 -77.92 -20.14
CA LYS I 189 32.48 -76.64 -20.82
C LYS I 189 33.86 -76.00 -20.95
N VAL I 190 34.55 -75.84 -19.82
CA VAL I 190 35.81 -75.09 -19.81
C VAL I 190 37.02 -75.94 -20.10
N ARG I 191 36.87 -77.27 -20.10
CA ARG I 191 37.99 -78.19 -20.27
C ARG I 191 38.93 -77.81 -21.42
N PRO I 192 38.45 -77.36 -22.60
CA PRO I 192 39.38 -76.96 -23.67
C PRO I 192 40.49 -76.02 -23.23
N TYR I 193 40.26 -75.27 -22.15
CA TYR I 193 41.13 -74.17 -21.75
C TYR I 193 41.99 -74.48 -20.54
N VAL I 194 42.08 -75.74 -20.14
CA VAL I 194 42.79 -76.14 -18.93
C VAL I 194 44.19 -76.59 -19.33
N SER I 195 45.21 -75.88 -18.86
CA SER I 195 46.59 -76.16 -19.26
C SER I 195 46.98 -77.59 -18.92
N TYR I 196 46.68 -78.06 -17.71
CA TYR I 196 46.89 -79.45 -17.37
C TYR I 196 45.99 -79.81 -16.18
N PHE I 197 45.92 -81.10 -15.90
CA PHE I 197 45.26 -81.63 -14.71
C PHE I 197 46.34 -82.12 -13.76
N HIS I 198 46.49 -81.45 -12.63
CA HIS I 198 47.51 -81.82 -11.66
C HIS I 198 47.13 -81.28 -10.29
N SER I 199 47.59 -81.97 -9.24
CA SER I 199 47.31 -81.58 -7.87
C SER I 199 48.53 -81.05 -7.13
N SER I 200 49.67 -80.88 -7.81
CA SER I 200 50.85 -80.42 -7.09
C SER I 200 51.79 -79.54 -7.91
N LYS I 201 51.81 -79.70 -9.23
CA LYS I 201 52.70 -78.89 -10.07
C LYS I 201 52.33 -77.42 -10.06
N TYR I 202 51.16 -77.06 -9.54
CA TYR I 202 50.72 -75.67 -9.54
C TYR I 202 51.39 -74.86 -8.42
N ILE I 203 51.79 -75.52 -7.33
CA ILE I 203 52.53 -74.86 -6.26
C ILE I 203 53.72 -74.09 -6.83
N SER I 204 54.64 -74.81 -7.47
CA SER I 204 55.83 -74.18 -8.03
C SER I 204 55.51 -73.34 -9.26
N ASP I 205 54.55 -73.79 -10.07
CA ASP I 205 54.26 -73.07 -11.31
C ASP I 205 53.57 -71.74 -11.05
N LEU I 206 52.83 -71.61 -9.95
CA LEU I 206 52.22 -70.32 -9.66
C LEU I 206 53.28 -69.29 -9.26
N ALA I 207 54.27 -69.72 -8.46
CA ALA I 207 55.37 -68.86 -8.03
C ALA I 207 56.32 -68.52 -9.17
N ASN I 208 56.84 -69.56 -9.85
CA ASN I 208 57.50 -69.44 -11.14
C ASN I 208 56.81 -68.42 -12.02
N GLY I 209 55.49 -68.49 -12.08
CA GLY I 209 54.69 -67.62 -12.91
C GLY I 209 54.31 -68.21 -14.24
N ASN I 210 54.42 -69.52 -14.42
CA ASN I 210 54.01 -70.17 -15.65
C ASN I 210 52.52 -70.36 -15.76
N ILE I 211 51.75 -69.90 -14.77
CA ILE I 211 50.29 -69.94 -14.77
C ILE I 211 49.72 -68.84 -13.87
N CYS I 212 48.53 -68.34 -14.22
CA CYS I 212 47.92 -67.21 -13.53
C CYS I 212 46.72 -67.57 -12.68
N VAL I 213 46.20 -68.81 -12.80
CA VAL I 213 45.08 -69.29 -12.00
C VAL I 213 45.25 -70.79 -11.83
N ALA I 214 44.69 -71.31 -10.74
CA ALA I 214 44.86 -72.72 -10.39
C ALA I 214 43.84 -73.10 -9.32
N PHE I 215 43.31 -74.31 -9.43
CA PHE I 215 42.47 -74.88 -8.38
C PHE I 215 43.42 -75.34 -7.27
N GLY I 216 43.45 -74.59 -6.17
CA GLY I 216 44.50 -74.71 -5.18
C GLY I 216 44.00 -75.12 -3.80
N TYR I 217 44.98 -75.41 -2.94
CA TYR I 217 44.74 -75.79 -1.55
C TYR I 217 45.24 -74.66 -0.65
N SER I 218 44.46 -74.35 0.39
CA SER I 218 44.77 -73.33 1.39
C SER I 218 46.26 -73.06 1.55
N GLY I 219 46.97 -74.04 2.10
CA GLY I 219 48.40 -73.93 2.36
C GLY I 219 49.27 -74.03 1.13
N ASP I 220 48.94 -74.93 0.20
CA ASP I 220 49.67 -75.04 -1.06
C ASP I 220 49.79 -73.70 -1.77
N VAL I 221 48.76 -72.86 -1.68
CA VAL I 221 48.76 -71.58 -2.38
C VAL I 221 49.58 -70.56 -1.61
N PHE I 222 49.33 -70.44 -0.30
CA PHE I 222 50.21 -69.65 0.56
C PHE I 222 51.66 -70.11 0.46
N GLN I 223 51.88 -71.43 0.38
CA GLN I 223 53.23 -71.92 0.08
C GLN I 223 53.71 -71.36 -1.26
N ALA I 224 52.91 -71.54 -2.31
CA ALA I 224 53.23 -70.99 -3.61
C ALA I 224 53.50 -69.49 -3.53
N ALA I 225 52.60 -68.75 -2.88
CA ALA I 225 52.78 -67.32 -2.65
C ALA I 225 54.13 -67.03 -2.03
N ALA I 226 54.36 -67.52 -0.81
CA ALA I 226 55.59 -67.21 -0.08
C ALA I 226 56.83 -67.66 -0.84
N ARG I 227 56.69 -68.68 -1.70
CA ARG I 227 57.78 -69.03 -2.61
C ARG I 227 58.10 -67.88 -3.55
N ALA I 228 57.07 -67.18 -4.03
CA ALA I 228 57.23 -66.02 -4.91
C ALA I 228 57.25 -64.68 -4.16
N GLU I 229 56.46 -64.56 -3.07
CA GLU I 229 56.53 -63.41 -2.15
C GLU I 229 57.96 -63.06 -1.84
N GLU I 230 58.80 -64.06 -1.92
CA GLU I 230 60.23 -64.05 -1.67
C GLU I 230 61.10 -64.22 -2.92
N ALA I 231 60.68 -65.06 -3.87
CA ALA I 231 61.53 -65.53 -4.97
C ALA I 231 62.44 -64.47 -5.59
N GLY I 232 62.16 -63.20 -5.34
CA GLY I 232 62.98 -62.14 -5.91
C GLY I 232 62.59 -61.80 -7.33
N LYS I 233 61.30 -61.90 -7.67
CA LYS I 233 60.76 -61.42 -8.94
C LYS I 233 59.38 -60.77 -8.85
N GLY I 234 58.90 -60.39 -7.66
CA GLY I 234 57.71 -59.56 -7.55
C GLY I 234 56.42 -60.16 -8.05
N ILE I 235 56.30 -61.49 -8.07
CA ILE I 235 55.01 -62.12 -8.33
C ILE I 235 54.20 -62.11 -7.05
N ASP I 236 52.92 -61.74 -7.19
CA ASP I 236 51.96 -61.73 -6.09
C ASP I 236 50.90 -62.78 -6.37
N ILE I 237 50.86 -63.82 -5.53
CA ILE I 237 49.88 -64.90 -5.62
C ILE I 237 48.89 -64.75 -4.47
N GLN I 238 47.63 -65.04 -4.74
CA GLN I 238 46.61 -64.96 -3.70
C GLN I 238 45.60 -66.09 -3.87
N TYR I 239 44.76 -66.23 -2.85
CA TYR I 239 43.91 -67.39 -2.65
C TYR I 239 42.55 -66.91 -2.16
N VAL I 240 41.49 -67.24 -2.89
CA VAL I 240 40.17 -66.69 -2.62
C VAL I 240 39.15 -67.82 -2.53
N ILE I 241 38.51 -67.95 -1.37
CA ILE I 241 37.36 -68.83 -1.18
C ILE I 241 36.15 -68.15 -1.80
N PRO I 242 35.57 -68.72 -2.86
CA PRO I 242 34.57 -67.96 -3.65
C PRO I 242 33.26 -67.65 -2.95
N LYS I 243 32.32 -67.16 -3.76
CA LYS I 243 31.05 -66.63 -3.28
C LYS I 243 30.24 -67.70 -2.55
N GLU I 244 30.09 -68.86 -3.18
CA GLU I 244 29.28 -70.00 -2.77
C GLU I 244 29.96 -70.85 -1.70
N GLY I 245 31.17 -70.48 -1.29
CA GLY I 245 31.97 -71.34 -0.43
C GLY I 245 32.78 -72.32 -1.26
N ALA I 246 33.45 -73.23 -0.55
CA ALA I 246 34.27 -74.25 -1.20
C ALA I 246 34.44 -75.42 -0.23
N ASN I 247 35.32 -76.36 -0.58
CA ASN I 247 35.51 -77.57 0.22
C ASN I 247 36.22 -77.25 1.52
N LEU I 248 35.71 -77.83 2.62
CA LEU I 248 36.43 -77.90 3.87
C LEU I 248 36.83 -79.35 4.11
N TRP I 249 38.09 -79.57 4.49
CA TRP I 249 38.59 -80.93 4.60
C TRP I 249 39.53 -81.01 5.79
N PHE I 250 39.86 -82.25 6.16
CA PHE I 250 40.71 -82.56 7.29
C PHE I 250 41.57 -83.76 6.92
N ASP I 251 42.89 -83.61 7.03
CA ASP I 251 43.82 -84.72 6.78
C ASP I 251 44.20 -85.35 8.12
N LEU I 252 44.07 -86.67 8.20
CA LEU I 252 44.33 -87.40 9.43
C LEU I 252 45.36 -88.49 9.19
N MET I 253 46.08 -88.83 10.25
CA MET I 253 47.00 -89.95 10.19
C MET I 253 46.33 -91.21 10.70
N ALA I 254 46.84 -92.36 10.25
CA ALA I 254 46.26 -93.63 10.66
C ALA I 254 47.25 -94.75 10.37
N ILE I 255 47.23 -95.75 11.25
CA ILE I 255 48.16 -96.87 11.17
C ILE I 255 47.47 -97.99 10.40
N PRO I 256 47.96 -98.36 9.21
CA PRO I 256 47.32 -99.45 8.46
C PRO I 256 47.23 -100.71 9.30
N ALA I 257 46.17 -101.49 9.07
CA ALA I 257 46.00 -102.74 9.81
C ALA I 257 47.21 -103.65 9.67
N ASP I 258 47.87 -103.64 8.52
CA ASP I 258 49.00 -104.52 8.25
C ASP I 258 50.34 -103.87 8.57
N ALA I 259 50.36 -102.79 9.35
CA ALA I 259 51.60 -102.14 9.75
C ALA I 259 52.45 -103.05 10.63
N LYS I 260 53.75 -102.81 10.62
CA LYS I 260 54.70 -103.55 11.44
C LYS I 260 55.31 -102.73 12.58
N ALA I 261 55.62 -101.45 12.35
CA ALA I 261 56.31 -100.64 13.35
C ALA I 261 55.34 -99.76 14.13
N ALA I 262 54.16 -100.27 14.47
CA ALA I 262 53.11 -99.45 15.06
C ALA I 262 53.58 -98.77 16.35
N ASP I 263 54.46 -99.43 17.10
CA ASP I 263 55.08 -98.79 18.26
C ASP I 263 55.69 -97.44 17.88
N ASN I 264 56.59 -97.45 16.90
CA ASN I 264 57.19 -96.20 16.42
C ASN I 264 56.13 -95.26 15.88
N ALA I 265 55.17 -95.79 15.12
CA ALA I 265 54.12 -94.95 14.54
C ALA I 265 53.38 -94.15 15.60
N TYR I 266 53.18 -94.74 16.78
CA TYR I 266 52.61 -93.98 17.89
C TYR I 266 53.59 -92.93 18.42
N ALA I 267 54.87 -93.29 18.54
CA ALA I 267 55.86 -92.36 19.06
C ALA I 267 55.98 -91.11 18.19
N PHE I 268 55.84 -91.25 16.87
CA PHE I 268 55.87 -90.09 15.99
C PHE I 268 54.60 -89.27 16.11
N ILE I 269 53.44 -89.94 16.01
CA ILE I 269 52.15 -89.25 16.07
C ILE I 269 52.02 -88.46 17.38
N ASP I 270 52.52 -89.02 18.47
CA ASP I 270 52.49 -88.27 19.73
C ASP I 270 53.43 -87.08 19.69
N TYR I 271 54.60 -87.24 19.08
CA TYR I 271 55.50 -86.11 18.87
C TYR I 271 54.78 -84.95 18.19
N LEU I 272 54.11 -85.22 17.06
CA LEU I 272 53.34 -84.19 16.37
C LEU I 272 52.10 -83.73 17.13
N LEU I 273 51.78 -84.33 18.27
CA LEU I 273 50.69 -83.80 19.09
C LEU I 273 51.17 -82.76 20.08
N ARG I 274 52.45 -82.49 20.09
CA ARG I 274 52.89 -81.42 20.96
C ARG I 274 52.73 -80.08 20.25
N PRO I 275 52.34 -79.03 20.98
CA PRO I 275 52.04 -77.76 20.32
C PRO I 275 53.24 -77.14 19.63
N GLU I 276 54.43 -77.26 20.24
CA GLU I 276 55.69 -76.70 19.77
C GLU I 276 56.16 -77.33 18.47
N VAL I 277 55.70 -78.54 18.18
CA VAL I 277 56.12 -79.31 17.02
C VAL I 277 55.19 -79.08 15.84
N ILE I 278 53.88 -79.09 16.07
CA ILE I 278 52.95 -78.87 14.98
C ILE I 278 52.86 -77.40 14.62
N ALA I 279 53.22 -76.51 15.55
CA ALA I 279 53.37 -75.10 15.22
C ALA I 279 54.48 -74.92 14.20
N LYS I 280 55.66 -75.47 14.50
CA LYS I 280 56.81 -75.42 13.60
C LYS I 280 56.46 -76.02 12.24
N VAL I 281 55.57 -77.02 12.21
CA VAL I 281 55.13 -77.61 10.95
C VAL I 281 54.23 -76.63 10.19
N SER I 282 53.15 -76.18 10.84
CA SER I 282 52.22 -75.24 10.20
C SER I 282 52.90 -73.97 9.74
N ASP I 283 53.89 -73.48 10.51
CA ASP I 283 54.69 -72.34 10.08
C ASP I 283 55.23 -72.51 8.68
N TYR I 284 55.54 -73.75 8.30
CA TYR I 284 56.20 -74.02 7.02
C TYR I 284 55.19 -74.19 5.89
N VAL I 285 54.22 -75.09 6.08
CA VAL I 285 53.33 -75.45 4.98
C VAL I 285 52.14 -74.48 4.90
N GLY I 286 51.77 -73.82 5.99
CA GLY I 286 50.69 -72.88 5.97
C GLY I 286 49.30 -73.48 6.04
N TYR I 287 49.14 -74.57 6.78
CA TYR I 287 47.84 -75.16 7.04
C TYR I 287 47.57 -75.09 8.54
N ALA I 288 46.29 -75.07 8.92
CA ALA I 288 45.94 -75.07 10.33
C ALA I 288 46.08 -76.48 10.90
N ASN I 289 46.35 -76.55 12.20
CA ASN I 289 46.51 -77.80 12.90
C ASN I 289 45.37 -77.99 13.92
N ALA I 290 45.32 -79.18 14.51
CA ALA I 290 44.29 -79.53 15.47
C ALA I 290 44.72 -79.31 16.91
N ILE I 291 45.86 -78.68 17.12
CA ILE I 291 46.35 -78.38 18.47
C ILE I 291 46.19 -76.88 18.73
N PRO I 292 45.21 -76.47 19.54
CA PRO I 292 45.05 -75.03 19.83
C PRO I 292 46.28 -74.40 20.46
N GLY I 293 46.78 -74.98 21.55
CA GLY I 293 47.94 -74.46 22.26
C GLY I 293 49.12 -74.06 21.39
N ALA I 294 49.04 -74.37 20.09
CA ALA I 294 50.10 -74.06 19.13
C ALA I 294 49.92 -72.70 18.47
N ARG I 295 48.69 -72.22 18.27
CA ARG I 295 48.49 -70.91 17.65
C ARG I 295 49.27 -69.80 18.35
N PRO I 296 49.25 -69.67 19.70
CA PRO I 296 50.06 -68.62 20.34
C PRO I 296 51.56 -68.82 20.15
N LEU I 297 51.94 -69.89 19.48
CA LEU I 297 53.35 -70.24 19.25
C LEU I 297 53.77 -70.18 17.79
N MET I 298 52.85 -69.94 16.86
CA MET I 298 53.16 -69.99 15.45
C MET I 298 53.58 -68.61 14.93
N ASP I 299 54.07 -68.60 13.69
CA ASP I 299 54.27 -67.36 12.97
C ASP I 299 52.94 -66.63 12.83
N LYS I 300 52.93 -65.33 13.16
CA LYS I 300 51.68 -64.58 13.20
C LYS I 300 51.01 -64.55 11.82
N SER I 301 51.79 -64.43 10.74
CA SER I 301 51.23 -64.45 9.39
C SER I 301 50.65 -65.80 8.98
N VAL I 302 50.69 -66.79 9.86
CA VAL I 302 49.98 -68.05 9.66
C VAL I 302 48.90 -68.25 10.71
N SER I 303 49.22 -68.02 11.99
CA SER I 303 48.27 -68.17 13.07
C SER I 303 47.18 -67.11 13.07
N ASP I 304 47.33 -66.04 12.29
CA ASP I 304 46.34 -64.97 12.28
C ASP I 304 45.69 -64.74 10.93
N SER I 305 45.98 -65.56 9.92
CA SER I 305 45.34 -65.38 8.63
C SER I 305 43.88 -65.80 8.70
N GLU I 306 43.04 -65.11 7.92
CA GLU I 306 41.62 -65.47 7.83
C GLU I 306 41.37 -66.58 6.82
N GLU I 307 42.40 -67.07 6.14
CA GLU I 307 42.29 -68.14 5.16
C GLU I 307 43.05 -69.40 5.59
N VAL I 308 44.08 -69.25 6.43
CA VAL I 308 44.63 -70.39 7.12
C VAL I 308 43.67 -70.87 8.20
N TYR I 309 43.28 -69.96 9.12
CA TYR I 309 42.23 -70.24 10.09
C TYR I 309 41.01 -69.37 9.76
N PRO I 310 40.04 -69.86 9.01
CA PRO I 310 38.87 -69.02 8.66
C PRO I 310 37.97 -68.77 9.86
N PRO I 311 37.20 -67.69 9.85
CA PRO I 311 36.24 -67.45 10.93
C PRO I 311 34.93 -68.18 10.67
N GLN I 312 34.10 -68.25 11.70
CA GLN I 312 32.87 -69.05 11.65
C GLN I 312 31.89 -68.54 10.60
N ALA I 313 32.06 -67.31 10.12
CA ALA I 313 31.27 -66.84 8.99
C ALA I 313 31.52 -67.73 7.78
N VAL I 314 32.79 -67.93 7.44
CA VAL I 314 33.15 -68.59 6.19
C VAL I 314 32.90 -70.08 6.27
N LEU I 315 33.29 -70.70 7.38
CA LEU I 315 33.09 -72.13 7.64
C LEU I 315 31.64 -72.57 7.45
N ASP I 316 30.70 -71.64 7.48
CA ASP I 316 29.30 -71.96 7.23
C ASP I 316 28.94 -71.91 5.75
N LYS I 317 29.79 -71.31 4.90
CA LYS I 317 29.63 -71.42 3.46
C LYS I 317 30.22 -72.71 2.91
N LEU I 318 31.13 -73.34 3.66
CA LEU I 318 31.96 -74.43 3.18
C LEU I 318 31.25 -75.77 3.33
N TYR I 319 31.49 -76.65 2.35
CA TYR I 319 30.93 -77.99 2.37
C TYR I 319 32.01 -79.00 2.73
N VAL I 320 31.70 -79.91 3.64
CA VAL I 320 32.61 -80.99 4.00
C VAL I 320 32.16 -82.24 3.26
N SER I 321 33.00 -82.69 2.33
CA SER I 321 32.70 -83.89 1.54
C SER I 321 32.34 -85.05 2.46
N ALA I 322 31.43 -85.90 1.97
CA ALA I 322 30.83 -86.95 2.80
C ALA I 322 31.21 -88.33 2.29
N VAL I 323 31.17 -89.29 3.20
CA VAL I 323 31.41 -90.69 2.86
C VAL I 323 30.31 -91.17 1.94
N LEU I 324 30.58 -91.20 0.65
CA LEU I 324 29.58 -91.44 -0.38
C LEU I 324 29.28 -92.93 -0.54
N PRO I 325 28.12 -93.26 -1.09
CA PRO I 325 27.87 -94.65 -1.51
C PRO I 325 28.72 -95.01 -2.71
N ALA I 326 28.87 -96.32 -2.90
CA ALA I 326 29.81 -96.83 -3.90
C ALA I 326 29.38 -96.41 -5.30
N LYS I 327 28.10 -96.62 -5.62
CA LYS I 327 27.57 -96.33 -6.94
C LYS I 327 27.92 -94.91 -7.36
N VAL I 328 27.90 -93.99 -6.40
CA VAL I 328 28.20 -92.58 -6.65
C VAL I 328 29.66 -92.42 -7.05
N LEU I 329 30.57 -93.05 -6.30
CA LEU I 329 32.00 -92.90 -6.57
C LEU I 329 32.39 -93.47 -7.92
N ARG I 330 31.72 -94.54 -8.36
CA ARG I 330 31.93 -95.01 -9.72
C ARG I 330 31.37 -94.02 -10.74
N LEU I 331 30.37 -93.22 -10.36
CA LEU I 331 29.92 -92.15 -11.24
C LEU I 331 30.92 -90.99 -11.23
N GLN I 332 31.38 -90.62 -10.04
CA GLN I 332 32.47 -89.64 -9.92
C GLN I 332 33.66 -90.05 -10.78
N THR I 333 34.05 -91.32 -10.69
CA THR I 333 35.22 -91.81 -11.44
C THR I 333 34.93 -91.86 -12.93
N ARG I 334 33.82 -92.50 -13.33
CA ARG I 334 33.45 -92.54 -14.74
C ARG I 334 33.40 -91.14 -15.34
N THR I 335 32.73 -90.22 -14.66
CA THR I 335 32.61 -88.86 -15.18
C THR I 335 33.98 -88.21 -15.35
N TRP I 336 34.80 -88.27 -14.29
CA TRP I 336 36.11 -87.65 -14.37
C TRP I 336 36.94 -88.28 -15.48
N THR I 337 36.86 -89.60 -15.63
CA THR I 337 37.62 -90.28 -16.67
C THR I 337 37.19 -89.81 -18.06
N ARG I 338 35.92 -89.46 -18.23
CA ARG I 338 35.45 -88.88 -19.48
C ARG I 338 36.11 -87.55 -19.78
N ILE I 339 35.99 -86.60 -18.85
CA ILE I 339 36.70 -85.33 -18.98
C ILE I 339 38.18 -85.58 -19.24
N LYS I 340 38.68 -86.74 -18.80
CA LYS I 340 40.05 -87.19 -19.13
C LYS I 340 41.12 -86.20 -18.70
N GLN J 3 45.86 -63.94 40.13
CA GLN J 3 45.32 -64.05 38.78
C GLN J 3 46.41 -63.67 37.74
N VAL J 4 46.02 -63.63 36.47
CA VAL J 4 46.95 -63.31 35.39
C VAL J 4 47.47 -61.90 35.59
N GLN J 5 48.79 -61.73 35.61
CA GLN J 5 49.31 -60.37 35.57
C GLN J 5 50.79 -60.37 35.26
N LEU J 6 51.27 -59.18 34.87
CA LEU J 6 52.63 -58.92 34.45
C LEU J 6 53.12 -57.71 35.24
N VAL J 7 54.30 -57.82 35.84
CA VAL J 7 54.88 -56.72 36.61
C VAL J 7 56.16 -56.29 35.92
N GLU J 8 56.32 -54.98 35.76
CA GLU J 8 57.41 -54.43 34.95
C GLU J 8 58.39 -53.72 35.86
N THR J 9 59.62 -53.55 35.36
CA THR J 9 60.71 -53.14 36.21
C THR J 9 60.48 -51.69 36.65
N GLY J 10 61.34 -51.21 37.54
CA GLY J 10 61.20 -49.83 37.99
C GLY J 10 61.45 -48.85 36.84
N ASP J 11 60.60 -47.83 36.77
CA ASP J 11 60.77 -46.77 35.77
C ASP J 11 62.19 -46.21 35.82
N GLU J 12 62.79 -46.00 34.64
CA GLU J 12 64.22 -45.73 34.59
C GLU J 12 64.47 -44.49 33.73
N VAL J 13 65.73 -44.05 33.69
CA VAL J 13 66.09 -42.78 33.10
C VAL J 13 67.53 -42.80 32.64
N LYS J 14 67.76 -42.69 31.33
CA LYS J 14 69.06 -42.99 30.72
C LYS J 14 69.54 -41.81 29.90
N THR J 15 70.84 -41.82 29.61
CA THR J 15 71.53 -40.75 28.84
C THR J 15 71.69 -41.21 27.41
N PRO J 16 71.47 -40.33 26.40
CA PRO J 16 71.56 -40.69 25.01
C PRO J 16 72.79 -41.49 24.66
N GLY J 17 72.58 -42.72 24.27
CA GLY J 17 73.71 -43.58 23.91
C GLY J 17 73.75 -44.77 24.82
N ALA J 18 73.02 -44.71 25.93
CA ALA J 18 73.08 -45.86 26.85
C ALA J 18 72.03 -46.89 26.49
N SER J 19 72.01 -47.98 27.24
CA SER J 19 71.06 -49.11 27.05
C SER J 19 70.09 -49.13 28.21
N VAL J 20 68.96 -49.81 28.06
CA VAL J 20 67.96 -49.87 29.16
C VAL J 20 67.22 -51.18 29.04
N LYS J 21 67.37 -52.08 30.00
CA LYS J 21 66.72 -53.40 29.92
C LYS J 21 65.47 -53.39 30.79
N VAL J 22 64.29 -53.54 30.22
CA VAL J 22 63.06 -53.58 31.03
C VAL J 22 62.70 -55.04 31.20
N SER J 23 62.19 -55.43 32.36
CA SER J 23 61.82 -56.80 32.69
C SER J 23 60.32 -56.90 32.87
N CYS J 24 59.81 -58.12 32.73
CA CYS J 24 58.38 -58.39 32.80
C CYS J 24 58.21 -59.73 33.48
N LYS J 25 57.88 -59.72 34.78
CA LYS J 25 57.64 -60.97 35.50
C LYS J 25 56.15 -61.30 35.51
N VAL J 26 55.85 -62.55 35.18
CA VAL J 26 54.53 -63.04 34.81
C VAL J 26 53.97 -63.89 35.93
N SER J 27 52.70 -63.69 36.26
CA SER J 27 52.04 -64.48 37.29
C SER J 27 50.72 -65.03 36.78
N GLY J 28 50.36 -66.20 37.29
CA GLY J 28 49.02 -66.73 37.14
C GLY J 28 48.73 -67.49 35.87
N TYR J 29 49.74 -67.82 35.07
CA TYR J 29 49.54 -68.71 33.93
C TYR J 29 50.84 -69.42 33.61
N THR J 30 50.75 -70.42 32.74
CA THR J 30 51.94 -71.13 32.27
C THR J 30 52.68 -70.22 31.28
N PHE J 31 53.72 -69.55 31.78
CA PHE J 31 54.48 -68.55 31.03
C PHE J 31 54.82 -68.99 29.61
N THR J 32 55.28 -70.22 29.44
CA THR J 32 55.82 -70.68 28.18
C THR J 32 54.74 -71.11 27.18
N SER J 33 53.46 -70.99 27.54
CA SER J 33 52.38 -71.39 26.65
C SER J 33 51.80 -70.25 25.83
N TYR J 34 52.36 -69.05 25.95
CA TYR J 34 51.84 -67.88 25.26
C TYR J 34 52.97 -66.93 24.90
N GLY J 35 52.89 -66.36 23.70
CA GLY J 35 53.83 -65.36 23.27
C GLY J 35 53.80 -64.13 24.17
N ILE J 36 54.78 -63.25 24.03
CA ILE J 36 54.87 -62.05 24.85
C ILE J 36 55.46 -60.88 24.07
N SER J 37 54.73 -59.78 24.03
CA SER J 37 54.99 -58.67 23.13
C SER J 37 55.36 -57.41 23.92
N TRP J 38 56.09 -56.52 23.26
CA TRP J 38 56.49 -55.25 23.85
C TRP J 38 55.90 -54.13 23.01
N VAL J 39 55.09 -53.27 23.63
CA VAL J 39 54.45 -52.14 22.97
C VAL J 39 54.93 -50.86 23.62
N ARG J 40 55.42 -49.94 22.80
CA ARG J 40 55.99 -48.68 23.25
C ARG J 40 55.00 -47.54 23.01
N GLN J 41 55.04 -46.53 23.88
CA GLN J 41 54.16 -45.38 23.73
C GLN J 41 54.92 -44.11 24.11
N ALA J 42 55.28 -43.32 23.10
CA ALA J 42 55.89 -42.02 23.35
C ALA J 42 54.86 -41.08 24.00
N PRO J 43 55.31 -40.15 24.84
CA PRO J 43 54.37 -39.40 25.69
C PRO J 43 53.31 -38.67 24.88
N GLY J 44 52.07 -38.75 25.37
CA GLY J 44 50.93 -38.11 24.73
C GLY J 44 50.80 -38.43 23.25
N GLN J 45 50.87 -39.70 22.90
CA GLN J 45 50.84 -40.09 21.49
C GLN J 45 50.27 -41.50 21.39
N GLY J 46 50.52 -42.17 20.26
CA GLY J 46 49.91 -43.45 19.96
C GLY J 46 50.78 -44.64 20.32
N LEU J 47 50.21 -45.82 20.07
CA LEU J 47 50.89 -47.06 20.38
C LEU J 47 51.86 -47.46 19.27
N GLU J 48 52.97 -48.07 19.65
CA GLU J 48 53.92 -48.61 18.69
C GLU J 48 54.35 -50.01 19.11
N TRP J 49 54.18 -50.96 18.19
CA TRP J 49 54.65 -52.31 18.38
C TRP J 49 56.17 -52.38 18.28
N MET J 50 56.79 -53.22 19.12
CA MET J 50 58.24 -53.38 19.13
C MET J 50 58.67 -54.78 18.72
N GLY J 51 58.33 -55.80 19.50
CA GLY J 51 58.79 -57.15 19.22
C GLY J 51 58.03 -58.19 20.00
N TRP J 52 58.05 -59.42 19.46
CA TRP J 52 57.33 -60.56 19.98
C TRP J 52 58.32 -61.67 20.28
N ILE J 53 58.21 -62.28 21.46
CA ILE J 53 59.07 -63.41 21.77
C ILE J 53 58.17 -64.61 22.02
N ASN J 54 58.78 -65.79 21.85
CA ASN J 54 58.18 -67.08 22.14
C ASN J 54 58.83 -67.62 23.40
N PRO J 55 58.17 -67.55 24.56
CA PRO J 55 58.82 -68.01 25.81
C PRO J 55 59.14 -69.50 25.83
N ASN J 56 58.63 -70.27 24.88
CA ASN J 56 59.03 -71.66 24.77
C ASN J 56 60.38 -71.79 24.07
N SER J 57 60.46 -71.32 22.83
CA SER J 57 61.61 -71.57 21.98
C SER J 57 62.64 -70.44 21.99
N GLY J 58 62.34 -69.31 22.63
CA GLY J 58 63.20 -68.16 22.53
C GLY J 58 63.19 -67.48 21.17
N GLY J 59 62.38 -67.97 20.24
CA GLY J 59 62.31 -67.36 18.93
C GLY J 59 61.79 -65.94 19.01
N THR J 60 62.34 -65.07 18.15
CA THR J 60 61.93 -63.67 18.16
C THR J 60 61.43 -63.22 16.80
N ASN J 61 61.24 -61.90 16.68
CA ASN J 61 60.44 -61.23 15.65
C ASN J 61 60.28 -59.78 16.03
N TYR J 62 61.28 -58.97 15.72
CA TYR J 62 61.25 -57.54 15.91
C TYR J 62 60.73 -56.86 14.64
N ALA J 63 60.27 -55.63 14.79
CA ALA J 63 59.94 -54.79 13.64
C ALA J 63 61.22 -54.16 13.08
N GLN J 64 61.18 -53.80 11.79
CA GLN J 64 62.38 -53.29 11.13
C GLN J 64 62.92 -52.04 11.79
N LYS J 65 62.05 -51.21 12.37
CA LYS J 65 62.49 -49.99 13.03
C LYS J 65 63.48 -50.28 14.15
N PHE J 66 63.37 -51.43 14.81
CA PHE J 66 64.19 -51.76 15.98
C PHE J 66 65.14 -52.92 15.74
N GLN J 67 65.46 -53.26 14.49
CA GLN J 67 66.22 -54.48 14.28
C GLN J 67 67.71 -54.18 14.27
N GLY J 68 68.46 -55.00 15.00
CA GLY J 68 69.81 -54.68 15.39
C GLY J 68 69.93 -53.80 16.60
N ARG J 69 68.81 -53.48 17.27
CA ARG J 69 68.84 -52.62 18.44
C ARG J 69 68.17 -53.26 19.64
N VAL J 70 66.97 -53.80 19.47
CA VAL J 70 66.23 -54.41 20.57
C VAL J 70 66.61 -55.87 20.67
N THR J 71 66.71 -56.38 21.92
CA THR J 71 67.25 -57.72 22.15
C THR J 71 66.38 -58.39 23.22
N MET J 72 65.42 -59.18 22.76
CA MET J 72 64.34 -59.68 23.61
C MET J 72 64.63 -61.11 24.04
N THR J 73 64.72 -61.32 25.35
CA THR J 73 65.11 -62.58 25.94
C THR J 73 64.06 -63.04 26.95
N ARG J 74 64.38 -64.12 27.66
CA ARG J 74 63.50 -64.66 28.69
C ARG J 74 64.32 -65.58 29.60
N ASP J 75 64.15 -65.42 30.90
CA ASP J 75 64.54 -66.47 31.83
C ASP J 75 63.26 -67.24 32.15
N THR J 76 63.05 -68.35 31.45
CA THR J 76 61.83 -69.13 31.67
C THR J 76 61.82 -69.76 33.06
N SER J 77 63.00 -69.96 33.65
CA SER J 77 63.07 -70.45 35.03
C SER J 77 62.23 -69.59 35.97
N ILE J 78 62.23 -68.28 35.79
CA ILE J 78 61.56 -67.37 36.71
C ILE J 78 60.37 -66.68 36.04
N SER J 79 59.92 -67.20 34.90
CA SER J 79 58.73 -66.70 34.21
C SER J 79 58.85 -65.21 33.91
N THR J 80 60.01 -64.78 33.43
CA THR J 80 60.28 -63.37 33.21
C THR J 80 60.76 -63.15 31.78
N ALA J 81 60.20 -62.15 31.12
CA ALA J 81 60.67 -61.67 29.82
C ALA J 81 61.53 -60.42 30.00
N TYR J 82 62.40 -60.18 29.02
CA TYR J 82 63.32 -59.05 29.07
C TYR J 82 63.43 -58.41 27.70
N MET J 83 63.47 -57.08 27.69
CA MET J 83 63.70 -56.29 26.50
C MET J 83 64.80 -55.28 26.79
N GLU J 84 65.66 -55.04 25.80
CA GLU J 84 66.81 -54.16 25.95
C GLU J 84 67.01 -53.35 24.68
N LEU J 85 66.71 -52.06 24.72
CA LEU J 85 67.16 -51.17 23.67
C LEU J 85 68.57 -50.69 24.00
N SER J 86 69.47 -50.78 23.03
CA SER J 86 70.91 -50.65 23.26
C SER J 86 71.44 -49.25 22.95
N ARG J 87 71.01 -48.63 21.85
CA ARG J 87 71.49 -47.30 21.49
C ARG J 87 70.29 -46.34 21.53
N LEU J 88 70.05 -45.77 22.70
CA LEU J 88 68.92 -44.89 22.91
C LEU J 88 69.16 -43.52 22.26
N ARG J 89 68.11 -43.01 21.64
CA ARG J 89 68.04 -41.62 21.20
C ARG J 89 66.83 -40.95 21.87
N SER J 90 66.59 -39.68 21.54
CA SER J 90 65.53 -38.93 22.21
C SER J 90 64.14 -39.48 21.89
N ASP J 91 63.95 -39.99 20.65
CA ASP J 91 62.72 -40.62 20.18
C ASP J 91 62.16 -41.61 21.18
N ASP J 92 63.05 -42.24 21.93
CA ASP J 92 62.74 -43.45 22.69
C ASP J 92 62.13 -43.17 24.05
N THR J 93 62.11 -41.92 24.50
CA THR J 93 61.42 -41.56 25.74
C THR J 93 59.98 -42.04 25.68
N ALA J 94 59.59 -42.94 26.59
CA ALA J 94 58.30 -43.59 26.46
C ALA J 94 57.99 -44.46 27.67
N VAL J 95 56.71 -44.80 27.80
CA VAL J 95 56.27 -45.92 28.64
C VAL J 95 56.37 -47.21 27.83
N TYR J 96 56.97 -48.23 28.41
CA TYR J 96 57.22 -49.50 27.74
C TYR J 96 56.27 -50.57 28.27
N TYR J 97 55.22 -50.85 27.50
CA TYR J 97 54.27 -51.85 27.90
C TYR J 97 54.75 -53.25 27.51
N CYS J 98 54.29 -54.24 28.28
CA CYS J 98 54.62 -55.65 28.06
C CYS J 98 53.31 -56.44 28.13
N ALA J 99 52.99 -57.17 27.07
CA ALA J 99 51.69 -57.80 26.95
C ALA J 99 51.82 -59.30 26.79
N ARG J 100 50.73 -60.01 27.12
CA ARG J 100 50.59 -61.43 26.83
C ARG J 100 49.92 -61.58 25.48
N ASP J 101 50.60 -62.25 24.55
CA ASP J 101 50.14 -62.33 23.16
C ASP J 101 49.57 -63.72 22.91
N LYS J 102 48.27 -63.84 23.16
CA LYS J 102 47.43 -64.99 22.82
C LYS J 102 47.27 -65.08 21.31
N ARG J 103 47.91 -64.13 20.61
CA ARG J 103 47.76 -63.72 19.22
C ARG J 103 47.25 -62.29 19.23
N TYR J 104 46.43 -62.00 20.22
CA TYR J 104 46.03 -60.64 20.57
C TYR J 104 46.43 -60.40 22.02
N MET J 105 46.83 -59.17 22.30
CA MET J 105 47.39 -58.81 23.60
C MET J 105 46.26 -58.65 24.60
N ASP J 106 46.08 -59.64 25.48
CA ASP J 106 44.95 -59.67 26.40
C ASP J 106 45.28 -59.32 27.84
N VAL J 107 46.55 -59.25 28.21
CA VAL J 107 46.97 -58.90 29.56
C VAL J 107 48.17 -57.97 29.44
N TRP J 108 48.01 -56.72 29.87
CA TRP J 108 49.03 -55.70 29.72
C TRP J 108 49.64 -55.37 31.08
N GLY J 109 50.96 -55.29 31.13
CA GLY J 109 51.61 -54.66 32.26
C GLY J 109 51.34 -53.17 32.29
N LYS J 110 51.47 -52.58 33.47
CA LYS J 110 51.29 -51.14 33.64
C LYS J 110 52.48 -50.33 33.14
N GLY J 111 53.43 -50.98 32.48
CA GLY J 111 54.45 -50.29 31.72
C GLY J 111 55.54 -49.69 32.59
N THR J 112 56.67 -49.42 31.93
CA THR J 112 57.86 -48.85 32.56
C THR J 112 58.19 -47.55 31.83
N THR J 113 58.31 -46.45 32.60
CA THR J 113 58.44 -45.11 32.03
C THR J 113 59.92 -44.75 31.86
N VAL J 114 60.48 -45.21 30.76
CA VAL J 114 61.90 -45.00 30.45
C VAL J 114 62.04 -43.66 29.76
N THR J 115 62.84 -42.78 30.35
CA THR J 115 63.07 -41.42 29.85
C THR J 115 64.55 -41.26 29.54
N VAL J 116 64.86 -40.77 28.34
CA VAL J 116 66.23 -40.53 27.93
C VAL J 116 66.41 -39.03 27.72
N SER J 117 67.41 -38.45 28.37
CA SER J 117 67.62 -37.02 28.33
C SER J 117 69.02 -36.69 28.84
N SER J 118 69.57 -35.59 28.30
CA SER J 118 70.82 -34.92 28.67
C SER J 118 71.49 -34.37 27.43
N GLY J 119 72.19 -35.22 26.70
CA GLY J 119 72.95 -34.79 25.53
C GLY J 119 74.18 -34.00 25.90
N VAL J 136 51.88 -47.53 9.48
CA VAL J 136 50.72 -47.19 10.30
C VAL J 136 49.47 -47.20 9.43
N LEU J 137 48.31 -47.23 10.06
CA LEU J 137 47.03 -47.21 9.38
C LEU J 137 46.39 -45.85 9.60
N THR J 138 45.29 -45.59 8.90
CA THR J 138 44.59 -44.31 8.97
C THR J 138 43.28 -44.51 9.72
N GLN J 139 43.22 -43.98 10.95
CA GLN J 139 41.98 -43.85 11.69
C GLN J 139 41.86 -42.41 12.18
N PRO J 140 40.64 -41.89 12.28
CA PRO J 140 40.45 -40.49 12.66
C PRO J 140 41.03 -40.21 14.04
N PRO J 141 41.37 -38.94 14.33
CA PRO J 141 42.06 -38.66 15.59
C PRO J 141 41.13 -38.53 16.79
N SER J 142 39.88 -38.13 16.58
CA SER J 142 38.99 -37.90 17.70
C SER J 142 37.54 -37.81 17.25
N VAL J 143 36.65 -38.17 18.17
CA VAL J 143 35.22 -37.92 18.09
C VAL J 143 34.72 -37.61 19.50
N SER J 144 33.72 -36.74 19.58
CA SER J 144 33.07 -36.40 20.83
C SER J 144 31.60 -36.78 20.78
N GLY J 145 30.98 -36.90 21.96
CA GLY J 145 29.58 -37.25 22.01
C GLY J 145 28.98 -37.21 23.41
N ALA J 146 27.70 -36.85 23.49
CA ALA J 146 26.98 -36.88 24.75
C ALA J 146 26.47 -38.31 25.02
N PRO J 147 26.26 -38.67 26.28
CA PRO J 147 25.81 -40.03 26.60
C PRO J 147 24.50 -40.37 25.91
N GLY J 148 24.30 -41.66 25.67
CA GLY J 148 23.13 -42.13 24.95
C GLY J 148 23.24 -42.09 23.43
N GLN J 149 24.35 -41.57 22.90
CA GLN J 149 24.63 -41.57 21.47
C GLN J 149 25.18 -42.93 21.04
N LYS J 150 25.21 -43.17 19.73
CA LYS J 150 26.03 -44.23 19.16
C LYS J 150 27.10 -43.60 18.27
N VAL J 151 28.36 -43.96 18.53
CA VAL J 151 29.50 -43.47 17.76
C VAL J 151 30.24 -44.66 17.15
N THR J 152 30.83 -44.43 15.97
CA THR J 152 31.68 -45.40 15.30
C THR J 152 33.11 -44.87 15.23
N ILE J 153 34.07 -45.80 15.21
CA ILE J 153 35.48 -45.47 15.05
C ILE J 153 36.04 -46.44 14.01
N SER J 154 36.28 -45.96 12.80
CA SER J 154 36.73 -46.81 11.70
C SER J 154 38.24 -46.76 11.57
N CYS J 155 38.80 -47.82 10.99
CA CYS J 155 40.24 -48.01 10.89
C CYS J 155 40.51 -48.80 9.62
N SER J 156 41.20 -48.18 8.67
CA SER J 156 41.43 -48.79 7.36
C SER J 156 42.91 -49.04 7.14
N GLY J 157 43.21 -50.11 6.41
CA GLY J 157 44.57 -50.48 6.07
C GLY J 157 44.72 -51.09 4.70
N SER J 158 45.70 -51.97 4.54
CA SER J 158 46.06 -52.53 3.25
C SER J 158 45.44 -53.90 3.03
N SER J 159 45.57 -54.40 1.80
CA SER J 159 45.16 -55.76 1.50
C SER J 159 45.99 -56.76 2.28
N SER J 160 47.19 -56.37 2.69
CA SER J 160 48.12 -57.27 3.35
C SER J 160 47.87 -57.40 4.85
N ASN J 161 47.15 -56.45 5.45
CA ASN J 161 46.98 -56.47 6.90
C ASN J 161 45.52 -56.62 7.33
N ILE J 162 44.77 -55.52 7.43
CA ILE J 162 43.38 -55.62 7.87
C ILE J 162 42.56 -56.46 6.91
N GLY J 163 42.92 -56.44 5.62
CA GLY J 163 42.19 -57.24 4.65
C GLY J 163 42.29 -58.73 4.87
N ARG J 164 43.36 -59.21 5.52
CA ARG J 164 43.70 -60.62 5.50
C ARG J 164 43.76 -61.27 6.86
N ASN J 165 44.29 -60.58 7.86
CA ASN J 165 44.53 -61.14 9.18
C ASN J 165 43.55 -60.57 10.19
N TYR J 166 43.44 -61.22 11.34
CA TYR J 166 42.42 -60.82 12.30
C TYR J 166 42.78 -59.49 12.96
N VAL J 167 41.75 -58.80 13.44
CA VAL J 167 41.88 -57.47 13.99
C VAL J 167 41.56 -57.52 15.48
N SER J 168 42.35 -56.81 16.27
CA SER J 168 42.06 -56.61 17.68
C SER J 168 41.76 -55.14 17.95
N TRP J 169 41.04 -54.90 19.03
CA TRP J 169 40.72 -53.54 19.47
C TRP J 169 41.15 -53.41 20.93
N TYR J 170 41.80 -52.29 21.25
CA TYR J 170 42.28 -52.03 22.59
C TYR J 170 41.82 -50.66 23.05
N GLN J 171 41.36 -50.58 24.30
CA GLN J 171 40.79 -49.38 24.89
C GLN J 171 41.70 -48.89 26.00
N GLN J 172 42.34 -47.73 25.78
CA GLN J 172 43.27 -47.17 26.77
C GLN J 172 42.57 -46.06 27.54
N LEU J 173 41.92 -46.43 28.63
CA LEU J 173 41.35 -45.42 29.52
C LEU J 173 42.43 -44.52 30.11
N PRO J 174 42.07 -43.28 30.45
CA PRO J 174 43.09 -42.26 30.76
C PRO J 174 43.97 -42.67 31.93
N GLY J 175 45.28 -42.48 31.76
CA GLY J 175 46.26 -42.81 32.77
C GLY J 175 46.57 -44.28 32.91
N ALA J 176 45.81 -45.15 32.26
CA ALA J 176 45.99 -46.58 32.39
C ALA J 176 46.75 -47.15 31.18
N ALA J 177 47.10 -48.44 31.29
CA ALA J 177 47.64 -49.19 30.18
C ALA J 177 46.52 -49.48 29.19
N PRO J 178 46.87 -49.89 27.95
CA PRO J 178 45.84 -50.39 27.04
C PRO J 178 45.20 -51.65 27.57
N LYS J 179 43.98 -51.91 27.11
CA LYS J 179 43.16 -53.03 27.55
C LYS J 179 42.56 -53.71 26.34
N LEU J 180 42.51 -55.04 26.34
CA LEU J 180 41.89 -55.76 25.24
C LEU J 180 40.40 -55.43 25.21
N LEU J 181 39.96 -54.83 24.10
CA LEU J 181 38.56 -54.54 23.88
C LEU J 181 37.87 -55.54 22.98
N LEU J 182 38.53 -56.00 21.92
CA LEU J 182 37.99 -57.01 21.02
C LEU J 182 39.13 -57.81 20.41
N TYR J 183 38.86 -59.08 20.13
CA TYR J 183 39.78 -59.95 19.41
C TYR J 183 39.02 -60.67 18.29
N ASP J 184 39.77 -61.38 17.46
CA ASP J 184 39.22 -62.18 16.36
C ASP J 184 38.19 -61.39 15.55
N ASN J 185 38.61 -60.21 15.08
CA ASN J 185 37.81 -59.30 14.28
C ASN J 185 36.65 -58.66 15.04
N ASN J 186 35.90 -59.46 15.82
CA ASN J 186 34.64 -58.94 16.37
C ASN J 186 34.18 -59.66 17.64
N LYS J 187 35.07 -60.29 18.39
CA LYS J 187 34.73 -61.01 19.60
C LYS J 187 35.09 -60.19 20.83
N ARG J 188 34.26 -60.32 21.88
CA ARG J 188 34.54 -59.57 23.11
C ARG J 188 35.06 -60.50 24.21
N PRO J 189 36.06 -60.05 24.98
CA PRO J 189 36.44 -60.81 26.18
C PRO J 189 35.38 -60.65 27.26
N SER J 190 35.53 -61.36 28.38
CA SER J 190 34.58 -61.23 29.47
C SER J 190 34.72 -59.87 30.15
N GLY J 191 33.59 -59.32 30.60
CA GLY J 191 33.59 -57.99 31.16
C GLY J 191 33.56 -56.88 30.12
N ILE J 192 33.16 -57.19 28.90
CA ILE J 192 33.11 -56.20 27.82
C ILE J 192 31.67 -56.16 27.28
N PRO J 193 30.91 -55.11 27.57
CA PRO J 193 29.46 -55.14 27.30
C PRO J 193 29.13 -55.16 25.81
N ASP J 194 27.87 -55.53 25.54
CA ASP J 194 27.38 -55.72 24.17
C ASP J 194 27.56 -54.48 23.32
N ARG J 195 27.45 -53.31 23.94
CA ARG J 195 27.50 -52.04 23.24
C ARG J 195 28.66 -51.96 22.26
N PHE J 196 29.73 -52.71 22.54
CA PHE J 196 30.96 -52.66 21.76
C PHE J 196 30.91 -53.72 20.66
N SER J 197 31.15 -53.29 19.43
CA SER J 197 30.99 -54.14 18.26
C SER J 197 32.15 -53.87 17.32
N ALA J 198 32.29 -54.74 16.32
CA ALA J 198 33.31 -54.56 15.28
C ALA J 198 32.76 -55.08 13.96
N SER J 199 32.37 -54.16 13.09
CA SER J 199 32.04 -54.49 11.71
C SER J 199 33.32 -54.44 10.87
N LYS J 200 33.41 -55.33 9.90
CA LYS J 200 34.57 -55.40 9.02
C LYS J 200 34.10 -55.63 7.59
N SER J 201 34.80 -54.99 6.65
CA SER J 201 34.55 -55.18 5.24
C SER J 201 35.73 -54.60 4.47
N GLY J 202 36.35 -55.42 3.64
CA GLY J 202 37.54 -55.01 2.92
C GLY J 202 38.70 -54.79 3.86
N PRO J 203 39.56 -53.83 3.52
CA PRO J 203 40.70 -53.54 4.39
C PRO J 203 40.33 -52.59 5.51
N SER J 204 39.13 -52.74 6.07
CA SER J 204 38.64 -51.80 7.07
C SER J 204 37.70 -52.50 8.06
N THR J 205 38.08 -52.45 9.33
CA THR J 205 37.19 -52.65 10.46
C THR J 205 36.56 -51.30 10.84
N THR J 206 35.56 -51.33 11.73
CA THR J 206 35.16 -50.13 12.47
C THR J 206 34.62 -50.56 13.83
N LEU J 207 35.24 -50.09 14.90
CA LEU J 207 34.63 -50.28 16.21
C LEU J 207 33.29 -49.52 16.27
N ALA J 208 32.39 -50.00 17.14
CA ALA J 208 31.04 -49.40 17.18
C ALA J 208 30.45 -49.58 18.59
N ILE J 209 30.61 -48.55 19.43
CA ILE J 209 30.07 -48.55 20.78
C ILE J 209 28.75 -47.79 20.77
N THR J 210 27.83 -48.20 21.64
CA THR J 210 26.48 -47.66 21.43
C THR J 210 25.87 -47.04 22.67
N GLY J 211 26.04 -47.62 23.85
CA GLY J 211 25.40 -46.99 24.99
C GLY J 211 26.31 -45.99 25.65
N LEU J 212 26.75 -44.94 24.94
CA LEU J 212 27.84 -44.12 25.49
C LEU J 212 27.55 -43.68 26.90
N GLN J 213 28.44 -44.10 27.79
CA GLN J 213 28.52 -43.62 29.15
C GLN J 213 29.83 -42.86 29.27
N THR J 214 29.90 -41.98 30.27
CA THR J 214 31.16 -41.33 30.59
C THR J 214 32.28 -42.35 30.77
N GLY J 215 31.93 -43.57 31.21
CA GLY J 215 32.94 -44.57 31.52
C GLY J 215 33.86 -44.88 30.34
N ASP J 216 33.28 -45.14 29.17
CA ASP J 216 34.07 -45.44 27.97
C ASP J 216 34.39 -44.15 27.20
N GLU J 217 35.29 -43.38 27.83
CA GLU J 217 35.93 -42.20 27.26
C GLU J 217 37.43 -42.42 27.42
N ALA J 218 38.13 -42.61 26.29
CA ALA J 218 39.48 -43.17 26.33
C ALA J 218 40.11 -43.08 24.94
N ASP J 219 41.33 -43.60 24.84
CA ASP J 219 41.99 -43.80 23.55
C ASP J 219 41.69 -45.20 23.04
N TYR J 220 41.39 -45.29 21.74
CA TYR J 220 41.02 -46.55 21.11
C TYR J 220 41.98 -46.85 19.98
N PHE J 221 42.43 -48.10 19.92
CA PHE J 221 43.43 -48.52 18.94
C PHE J 221 42.97 -49.82 18.26
N CYS J 222 43.09 -49.84 16.95
CA CYS J 222 43.03 -51.08 16.19
C CYS J 222 44.43 -51.67 16.10
N GLY J 223 44.50 -52.99 16.00
CA GLY J 223 45.77 -53.66 15.87
C GLY J 223 45.68 -54.89 15.00
N VAL J 224 46.48 -54.93 13.93
CA VAL J 224 46.51 -56.09 13.04
C VAL J 224 47.95 -56.41 12.67
N TRP J 225 48.20 -57.68 12.40
CA TRP J 225 49.49 -58.11 11.91
C TRP J 225 49.57 -57.88 10.40
N ASP J 226 50.73 -57.43 9.94
CA ASP J 226 50.97 -57.22 8.52
C ASP J 226 51.82 -58.38 8.01
N SER J 227 51.20 -59.26 7.22
CA SER J 227 51.91 -60.43 6.72
C SER J 227 53.13 -60.05 5.89
N SER J 228 53.14 -58.85 5.31
CA SER J 228 54.22 -58.45 4.43
C SER J 228 55.16 -57.41 5.04
N LEU J 229 54.83 -56.85 6.21
CA LEU J 229 55.78 -56.01 6.94
C LEU J 229 56.50 -56.75 8.06
N ARG J 230 55.93 -57.84 8.56
CA ARG J 230 56.43 -58.55 9.74
C ARG J 230 56.45 -57.62 10.96
N ALA J 231 55.34 -56.89 11.14
CA ALA J 231 55.13 -56.10 12.34
C ALA J 231 53.64 -56.11 12.68
N VAL J 232 53.33 -55.69 13.90
CA VAL J 232 51.96 -55.60 14.40
C VAL J 232 51.55 -54.14 14.26
N LEU J 233 50.86 -53.81 13.17
CA LEU J 233 50.51 -52.42 12.92
C LEU J 233 49.49 -51.91 13.93
N PHE J 234 49.67 -50.66 14.32
CA PHE J 234 48.72 -49.96 15.17
C PHE J 234 48.17 -48.74 14.43
N GLY J 235 46.88 -48.48 14.63
CA GLY J 235 46.31 -47.24 14.16
C GLY J 235 46.77 -46.06 14.98
N GLY J 236 46.53 -44.87 14.43
CA GLY J 236 46.92 -43.64 15.12
C GLY J 236 46.23 -43.45 16.45
N GLY J 237 45.15 -44.17 16.69
CA GLY J 237 44.35 -43.98 17.88
C GLY J 237 43.23 -42.99 17.65
N THR J 238 42.13 -43.18 18.38
CA THR J 238 41.02 -42.25 18.35
C THR J 238 40.68 -41.89 19.78
N LYS J 239 40.63 -40.58 20.07
CA LYS J 239 40.16 -40.13 21.37
C LYS J 239 38.65 -39.95 21.32
N LEU J 240 37.96 -40.56 22.27
CA LEU J 240 36.53 -40.35 22.46
C LEU J 240 36.35 -39.54 23.73
N THR J 241 35.81 -38.33 23.61
CA THR J 241 35.52 -37.46 24.75
C THR J 241 34.02 -37.31 24.90
N VAL J 242 33.52 -37.67 26.08
CA VAL J 242 32.08 -37.76 26.35
C VAL J 242 31.65 -36.55 27.15
N LEU J 243 30.47 -36.03 26.84
CA LEU J 243 29.97 -34.79 27.44
C LEU J 243 28.70 -35.01 28.25
N SER K 6 -32.41 75.80 61.14
CA SER K 6 -33.51 75.48 62.06
C SER K 6 -33.12 74.53 63.18
N LEU K 7 -34.02 74.27 64.12
CA LEU K 7 -33.63 73.48 65.28
C LEU K 7 -34.75 72.53 65.69
N HIS K 8 -34.38 71.28 65.94
CA HIS K 8 -35.32 70.20 66.22
C HIS K 8 -35.12 69.73 67.65
N ILE K 9 -36.16 69.90 68.47
CA ILE K 9 -36.09 69.60 69.90
C ILE K 9 -37.10 68.51 70.22
N TYR K 10 -36.71 67.59 71.09
CA TYR K 10 -37.57 66.51 71.58
C TYR K 10 -37.54 66.59 73.11
N ASN K 11 -38.52 67.29 73.67
CA ASN K 11 -38.62 67.56 75.10
C ASN K 11 -39.94 67.02 75.64
N TRP K 12 -40.02 66.93 76.97
CA TRP K 12 -41.22 66.45 77.63
C TRP K 12 -42.41 67.38 77.38
N THR K 13 -43.59 66.83 77.64
CA THR K 13 -44.79 67.65 77.63
C THR K 13 -44.77 68.61 78.81
N ASP K 14 -45.45 69.75 78.63
CA ASP K 14 -45.71 70.68 79.72
C ASP K 14 -44.41 71.12 80.39
N TYR K 15 -43.38 71.27 79.58
CA TYR K 15 -42.02 71.34 80.10
C TYR K 15 -41.29 72.55 79.53
N ILE K 16 -42.04 73.59 79.17
CA ILE K 16 -41.48 74.86 78.71
C ILE K 16 -42.59 75.90 78.68
N ALA K 17 -42.24 77.16 78.93
CA ALA K 17 -43.21 78.23 78.78
C ALA K 17 -43.53 78.43 77.29
N PRO K 18 -44.73 78.92 76.96
CA PRO K 18 -45.07 79.12 75.54
C PRO K 18 -44.17 80.14 74.86
N THR K 19 -44.09 81.34 75.43
CA THR K 19 -43.31 82.42 74.87
C THR K 19 -41.82 82.10 74.70
N THR K 20 -41.34 81.00 75.30
CA THR K 20 -39.90 80.77 75.36
C THR K 20 -39.31 80.53 73.97
N LEU K 21 -40.04 79.83 73.10
CA LEU K 21 -39.52 79.63 71.75
C LEU K 21 -39.63 80.90 70.91
N LYS K 22 -40.79 81.55 70.93
CA LYS K 22 -40.95 82.82 70.22
C LYS K 22 -39.88 83.85 70.60
N ASP K 23 -39.43 83.83 71.84
CA ASP K 23 -38.37 84.76 72.24
C ASP K 23 -37.02 84.34 71.69
N PHE K 24 -36.69 83.04 71.71
CA PHE K 24 -35.40 82.60 71.20
C PHE K 24 -35.30 82.82 69.70
N THR K 25 -36.38 82.54 68.97
CA THR K 25 -36.41 82.80 67.53
C THR K 25 -36.22 84.28 67.22
N LYS K 26 -36.86 85.15 67.99
CA LYS K 26 -36.79 86.59 67.71
C LYS K 26 -35.40 87.15 67.97
N GLU K 27 -34.67 86.60 68.95
CA GLU K 27 -33.33 87.11 69.22
C GLU K 27 -32.30 86.52 68.25
N SER K 28 -32.26 85.19 68.13
CA SER K 28 -31.19 84.53 67.41
C SER K 28 -31.46 84.37 65.92
N GLY K 29 -32.73 84.35 65.50
CA GLY K 29 -33.07 84.06 64.13
C GLY K 29 -33.22 82.60 63.81
N ILE K 30 -32.80 81.72 64.72
CA ILE K 30 -32.97 80.28 64.54
C ILE K 30 -34.45 79.93 64.66
N ASP K 31 -34.93 79.05 63.79
CA ASP K 31 -36.28 78.51 63.88
C ASP K 31 -36.26 77.19 64.63
N VAL K 32 -37.27 76.98 65.46
CA VAL K 32 -37.36 75.82 66.34
C VAL K 32 -38.60 75.02 65.98
N SER K 33 -38.42 73.71 65.84
CA SER K 33 -39.52 72.77 65.75
C SER K 33 -39.55 72.01 67.07
N TYR K 34 -40.67 72.10 67.78
CA TYR K 34 -40.81 71.51 69.11
C TYR K 34 -41.72 70.30 69.02
N ASP K 35 -41.17 69.13 69.33
CA ASP K 35 -41.93 67.88 69.38
C ASP K 35 -41.72 67.25 70.75
N VAL K 36 -42.79 66.67 71.29
CA VAL K 36 -42.83 66.33 72.70
C VAL K 36 -43.04 64.83 72.90
N PHE K 37 -42.65 64.38 74.09
CA PHE K 37 -42.82 63.00 74.54
C PHE K 37 -43.16 63.02 76.03
N ASP K 38 -43.79 61.94 76.51
CA ASP K 38 -44.27 61.92 77.89
C ASP K 38 -43.60 60.90 78.79
N SER K 39 -42.83 59.96 78.24
CA SER K 39 -42.17 58.94 79.06
C SER K 39 -40.70 58.88 78.68
N ASN K 40 -39.85 58.66 79.69
CA ASN K 40 -38.42 58.43 79.43
C ASN K 40 -38.21 57.29 78.45
N GLU K 41 -39.15 56.34 78.39
CA GLU K 41 -38.99 55.20 77.49
C GLU K 41 -39.17 55.61 76.03
N THR K 42 -40.24 56.36 75.74
CA THR K 42 -40.49 56.81 74.38
C THR K 42 -39.25 57.46 73.78
N LEU K 43 -38.57 58.28 74.58
CA LEU K 43 -37.29 58.84 74.15
C LEU K 43 -36.23 57.78 73.95
N GLU K 44 -36.08 56.86 74.91
CA GLU K 44 -35.06 55.83 74.69
C GLU K 44 -35.37 55.03 73.43
N GLY K 45 -36.64 54.73 73.19
CA GLY K 45 -37.01 54.01 71.99
C GLY K 45 -36.61 54.74 70.71
N LYS K 46 -36.65 56.07 70.73
CA LYS K 46 -36.20 56.83 69.58
C LYS K 46 -34.68 56.72 69.42
N LEU K 47 -33.94 57.12 70.46
CA LEU K 47 -32.48 57.17 70.42
C LEU K 47 -31.84 55.85 69.97
N VAL K 48 -32.53 54.72 70.17
CA VAL K 48 -32.03 53.43 69.71
C VAL K 48 -32.46 53.15 68.28
N SER K 49 -33.65 53.58 67.90
CA SER K 49 -34.16 53.50 66.53
C SER K 49 -33.12 53.96 65.50
N GLY K 50 -32.25 54.87 65.91
CA GLY K 50 -31.31 55.45 65.00
C GLY K 50 -31.88 56.69 64.34
N HIS K 51 -30.96 57.49 63.79
CA HIS K 51 -31.20 58.88 63.37
C HIS K 51 -32.66 59.32 63.39
N SER K 52 -33.19 59.42 64.62
CA SER K 52 -34.40 60.17 64.92
C SER K 52 -33.99 61.64 64.98
N GLY K 53 -34.05 62.29 63.81
CA GLY K 53 -33.44 63.59 63.61
C GLY K 53 -33.82 64.70 64.55
N TYR K 54 -33.49 64.57 65.83
CA TYR K 54 -33.67 65.62 66.81
C TYR K 54 -32.31 66.16 67.22
N ASP K 55 -32.20 67.49 67.27
CA ASP K 55 -30.92 68.08 67.66
C ASP K 55 -30.75 68.10 69.17
N ILE K 56 -31.85 68.20 69.91
CA ILE K 56 -31.80 68.21 71.37
C ILE K 56 -32.86 67.25 71.88
N VAL K 57 -32.46 66.38 72.81
CA VAL K 57 -33.41 65.54 73.54
C VAL K 57 -33.15 65.75 75.02
N VAL K 58 -34.16 65.43 75.82
CA VAL K 58 -34.14 65.77 77.24
C VAL K 58 -34.35 64.53 78.09
N PRO K 59 -33.36 63.64 78.19
CA PRO K 59 -33.53 62.44 79.01
C PRO K 59 -33.36 62.73 80.49
N SER K 60 -33.95 61.86 81.31
CA SER K 60 -33.71 61.92 82.73
C SER K 60 -32.29 61.43 83.03
N ASN K 61 -31.88 61.63 84.29
CA ASN K 61 -30.48 61.38 84.67
C ASN K 61 -30.09 59.92 84.50
N ASN K 62 -30.93 58.99 84.98
CA ASN K 62 -30.57 57.57 84.89
C ASN K 62 -30.60 57.06 83.46
N PHE K 63 -31.56 57.53 82.66
CA PHE K 63 -31.62 57.12 81.26
C PHE K 63 -30.44 57.66 80.47
N LEU K 64 -30.11 58.94 80.66
CA LEU K 64 -28.92 59.51 80.05
C LEU K 64 -27.67 58.71 80.40
N GLY K 65 -27.64 58.14 81.62
CA GLY K 65 -26.49 57.34 82.02
C GLY K 65 -26.24 56.17 81.08
N LYS K 66 -27.30 55.47 80.70
CA LYS K 66 -27.14 54.32 79.81
C LYS K 66 -26.88 54.75 78.39
N GLN K 67 -27.54 55.81 77.93
CA GLN K 67 -27.42 56.23 76.54
C GLN K 67 -26.02 56.76 76.26
N ILE K 68 -25.46 57.49 77.21
CA ILE K 68 -24.05 57.87 77.15
C ILE K 68 -23.18 56.64 76.92
N GLN K 69 -23.45 55.55 77.64
CA GLN K 69 -22.65 54.34 77.49
C GLN K 69 -22.80 53.73 76.10
N ALA K 70 -23.88 54.04 75.40
CA ALA K 70 -24.10 53.53 74.05
C ALA K 70 -23.81 54.55 72.97
N GLY K 71 -22.97 55.55 73.27
CA GLY K 71 -22.59 56.55 72.30
C GLY K 71 -23.77 57.21 71.61
N ALA K 72 -24.74 57.67 72.40
CA ALA K 72 -25.92 58.30 71.81
C ALA K 72 -25.66 59.76 71.45
N PHE K 73 -24.93 60.47 72.30
CA PHE K 73 -24.76 61.91 72.18
C PHE K 73 -23.29 62.22 71.91
N GLN K 74 -23.08 63.35 71.24
CA GLN K 74 -21.74 63.88 71.02
C GLN K 74 -21.25 64.62 72.26
N LYS K 75 -19.93 64.68 72.42
CA LYS K 75 -19.35 65.43 73.53
C LYS K 75 -19.69 66.92 73.42
N LEU K 76 -19.82 67.56 74.57
CA LEU K 76 -20.23 68.95 74.63
C LEU K 76 -19.04 69.87 74.37
N ASP K 77 -19.21 70.81 73.44
CA ASP K 77 -18.21 71.83 73.17
C ASP K 77 -18.48 73.01 74.10
N LYS K 78 -18.03 72.87 75.35
CA LYS K 78 -18.36 73.82 76.40
C LYS K 78 -17.98 75.25 76.05
N SER K 79 -17.01 75.45 75.15
CA SER K 79 -16.73 76.80 74.65
C SER K 79 -17.97 77.43 74.04
N LYS K 80 -18.85 76.63 73.44
CA LYS K 80 -20.07 77.13 72.82
C LYS K 80 -21.19 77.32 73.82
N LEU K 81 -20.96 76.96 75.08
CA LEU K 81 -21.90 77.26 76.13
C LEU K 81 -21.26 78.26 77.08
N PRO K 82 -21.17 79.54 76.70
CA PRO K 82 -20.51 80.52 77.57
C PRO K 82 -21.16 80.67 78.93
N ASN K 83 -22.47 80.44 79.03
CA ASN K 83 -23.20 80.55 80.27
C ASN K 83 -23.14 79.28 81.12
N TRP K 84 -22.18 78.39 80.81
CA TRP K 84 -21.99 77.21 81.65
C TRP K 84 -21.68 77.60 83.09
N LYS K 85 -20.94 78.70 83.27
CA LYS K 85 -20.61 79.23 84.59
C LYS K 85 -21.83 79.46 85.48
N ASN K 86 -23.03 79.45 84.89
CA ASN K 86 -24.26 79.68 85.65
C ASN K 86 -24.81 78.42 86.32
N LEU K 87 -24.21 77.25 86.11
CA LEU K 87 -24.79 76.04 86.65
C LEU K 87 -24.31 75.79 88.07
N ASP K 88 -25.22 75.40 88.94
CA ASP K 88 -24.88 75.06 90.32
C ASP K 88 -23.83 73.95 90.33
N PRO K 89 -22.62 74.20 90.86
CA PRO K 89 -21.63 73.12 90.91
C PRO K 89 -22.08 71.92 91.71
N ALA K 90 -22.89 72.11 92.76
CA ALA K 90 -23.36 70.99 93.55
C ALA K 90 -24.23 70.06 92.71
N LEU K 91 -25.06 70.62 91.83
CA LEU K 91 -25.91 69.79 90.98
C LEU K 91 -25.09 69.05 89.92
N LEU K 92 -24.26 69.77 89.17
CA LEU K 92 -23.40 69.14 88.17
C LEU K 92 -22.59 67.99 88.77
N LYS K 93 -21.81 68.31 89.80
CA LYS K 93 -21.00 67.33 90.53
C LYS K 93 -21.81 66.09 90.87
N GLN K 94 -23.04 66.30 91.35
CA GLN K 94 -23.97 65.22 91.61
C GLN K 94 -24.24 64.37 90.37
N LEU K 95 -24.81 64.97 89.33
CA LEU K 95 -25.18 64.28 88.10
C LEU K 95 -24.01 63.57 87.42
N GLU K 96 -22.80 63.69 87.99
CA GLU K 96 -21.64 63.02 87.42
C GLU K 96 -21.77 61.49 87.53
N VAL K 97 -22.60 61.00 88.45
CA VAL K 97 -22.93 59.58 88.50
C VAL K 97 -23.34 59.08 87.12
N SER K 98 -24.11 59.89 86.40
CA SER K 98 -24.61 59.54 85.07
C SER K 98 -23.69 60.01 83.98
N ASP K 99 -23.15 61.22 84.13
CA ASP K 99 -22.43 61.92 83.08
C ASP K 99 -21.05 62.33 83.61
N PRO K 100 -20.14 61.37 83.77
CA PRO K 100 -18.84 61.68 84.40
C PRO K 100 -18.10 62.77 83.64
N GLY K 101 -17.61 63.76 84.38
CA GLY K 101 -16.99 64.91 83.76
C GLY K 101 -17.95 65.87 83.08
N ASN K 102 -19.25 65.73 83.32
CA ASN K 102 -20.29 66.56 82.72
C ASN K 102 -20.03 66.80 81.24
N GLN K 103 -19.91 65.72 80.47
CA GLN K 103 -19.42 65.84 79.11
C GLN K 103 -20.49 65.75 78.02
N TYR K 104 -21.67 65.21 78.30
CA TYR K 104 -22.69 65.10 77.27
C TYR K 104 -24.00 65.80 77.60
N ALA K 105 -24.26 66.12 78.86
CA ALA K 105 -25.58 66.60 79.27
C ALA K 105 -25.49 67.93 80.00
N VAL K 106 -26.52 68.74 79.81
CA VAL K 106 -26.64 70.05 80.44
C VAL K 106 -27.94 70.06 81.23
N PRO K 107 -27.93 70.44 82.50
CA PRO K 107 -29.17 70.38 83.28
C PRO K 107 -30.22 71.33 82.73
N TYR K 108 -31.48 70.97 82.97
CA TYR K 108 -32.64 71.72 82.52
C TYR K 108 -33.54 72.03 83.70
N LEU K 109 -34.35 71.05 84.08
CA LEU K 109 -35.26 71.15 85.20
C LEU K 109 -35.15 69.88 86.03
N TRP K 110 -35.42 70.01 87.33
CA TRP K 110 -35.43 68.85 88.21
C TRP K 110 -36.63 68.96 89.15
N GLY K 111 -37.01 67.81 89.69
CA GLY K 111 -38.15 67.76 90.58
C GLY K 111 -38.26 66.41 91.25
N THR K 112 -39.46 66.12 91.75
CA THR K 112 -39.73 64.91 92.50
C THR K 112 -41.07 64.34 92.10
N ASN K 113 -41.19 63.02 92.08
CA ASN K 113 -42.48 62.39 91.85
C ASN K 113 -43.18 62.14 93.18
N GLY K 114 -44.49 61.95 93.12
CA GLY K 114 -45.22 61.74 94.36
C GLY K 114 -46.70 61.50 94.18
N ILE K 115 -47.49 62.05 95.10
CA ILE K 115 -48.94 61.88 95.14
C ILE K 115 -49.59 63.24 94.91
N GLY K 116 -50.55 63.29 94.01
CA GLY K 116 -51.34 64.48 93.75
C GLY K 116 -52.82 64.16 93.81
N TYR K 117 -53.59 64.93 94.57
CA TYR K 117 -54.98 64.52 94.80
C TYR K 117 -55.92 65.72 94.88
N ASN K 118 -57.21 65.43 94.70
CA ASN K 118 -58.30 66.39 94.84
C ASN K 118 -58.74 66.33 96.30
N VAL K 119 -58.34 67.33 97.09
CA VAL K 119 -58.51 67.26 98.54
C VAL K 119 -59.97 67.05 98.91
N ALA K 120 -60.88 67.72 98.20
CA ALA K 120 -62.31 67.50 98.44
C ALA K 120 -62.67 66.03 98.36
N LYS K 121 -62.18 65.34 97.34
CA LYS K 121 -62.80 64.09 96.95
C LYS K 121 -62.15 62.90 97.64
N VAL K 122 -60.83 62.99 97.81
CA VAL K 122 -60.17 62.20 98.84
C VAL K 122 -60.89 62.10 100.18
N LYS K 123 -61.22 63.22 100.81
CA LYS K 123 -61.85 63.12 102.13
C LYS K 123 -63.29 62.64 102.05
N GLU K 124 -63.98 62.95 100.95
CA GLU K 124 -65.30 62.39 100.70
C GLU K 124 -65.32 60.85 100.76
N VAL K 125 -64.17 60.20 100.61
CA VAL K 125 -64.12 58.74 100.49
C VAL K 125 -62.98 58.13 101.31
N LEU K 126 -62.23 58.96 102.05
CA LEU K 126 -61.17 58.42 102.90
C LEU K 126 -61.17 58.94 104.33
N GLY K 127 -62.15 59.73 104.75
CA GLY K 127 -62.07 60.34 106.07
C GLY K 127 -60.88 61.27 106.11
N ASP K 128 -60.51 61.67 107.34
CA ASP K 128 -59.31 62.47 107.57
C ASP K 128 -58.04 61.63 107.62
N GLN K 129 -57.97 60.52 106.88
CA GLN K 129 -56.73 59.75 106.87
C GLN K 129 -55.59 60.59 106.29
N PRO K 130 -54.44 60.64 106.96
CA PRO K 130 -53.33 61.46 106.48
C PRO K 130 -52.78 60.93 105.16
N ILE K 131 -52.94 61.71 104.10
CA ILE K 131 -52.32 61.40 102.81
C ILE K 131 -50.84 61.72 102.93
N ASP K 132 -50.07 60.78 103.47
CA ASP K 132 -48.67 61.01 103.74
C ASP K 132 -47.76 59.83 103.46
N SER K 133 -48.32 58.69 103.05
CA SER K 133 -47.54 57.50 102.76
C SER K 133 -47.95 56.95 101.41
N TRP K 134 -47.01 56.27 100.74
CA TRP K 134 -47.33 55.62 99.48
C TRP K 134 -48.45 54.60 99.64
N ALA K 135 -48.73 54.19 100.89
CA ALA K 135 -49.79 53.22 101.15
C ALA K 135 -51.16 53.69 100.67
N ILE K 136 -51.33 54.98 100.35
CA ILE K 136 -52.57 55.43 99.73
C ILE K 136 -52.80 54.70 98.41
N LEU K 137 -51.74 54.57 97.61
CA LEU K 137 -51.83 53.94 96.30
C LEU K 137 -51.50 52.46 96.30
N PHE K 138 -50.66 51.99 97.23
CA PHE K 138 -50.16 50.62 97.18
C PHE K 138 -50.83 49.70 98.20
N GLU K 139 -52.00 50.09 98.70
CA GLU K 139 -52.76 49.25 99.61
C GLU K 139 -54.17 49.10 99.05
N PRO K 140 -54.69 47.87 98.94
CA PRO K 140 -56.00 47.66 98.30
C PRO K 140 -57.10 48.41 99.05
N GLU K 141 -57.32 47.99 100.29
CA GLU K 141 -57.91 48.76 101.38
C GLU K 141 -58.09 50.25 101.06
N ASN K 142 -56.99 50.95 100.77
CA ASN K 142 -57.09 52.38 100.48
C ASN K 142 -57.51 52.63 99.03
N MET K 143 -57.01 51.85 98.08
CA MET K 143 -57.37 52.02 96.68
C MET K 143 -58.76 51.48 96.36
N LYS K 144 -59.17 50.39 97.00
CA LYS K 144 -60.55 49.92 96.86
C LYS K 144 -61.55 51.04 97.07
N LYS K 145 -61.29 51.92 98.05
CA LYS K 145 -62.16 53.06 98.31
C LYS K 145 -62.03 54.11 97.21
N LEU K 146 -60.79 54.47 96.85
CA LEU K 146 -60.56 55.55 95.89
C LEU K 146 -61.08 55.22 94.51
N ALA K 147 -60.95 53.96 94.10
CA ALA K 147 -61.11 53.49 92.72
C ALA K 147 -62.24 54.16 91.94
N LYS K 148 -63.27 54.65 92.64
CA LYS K 148 -64.46 55.11 91.96
C LYS K 148 -64.40 56.58 91.62
N CYS K 149 -63.54 57.34 92.29
CA CYS K 149 -63.25 58.71 91.88
C CYS K 149 -62.34 58.71 90.66
N GLY K 150 -61.24 57.96 90.72
CA GLY K 150 -60.27 57.94 89.64
C GLY K 150 -58.84 57.95 90.14
N VAL K 151 -58.09 56.91 89.81
CA VAL K 151 -56.71 56.74 90.25
C VAL K 151 -55.85 56.52 89.00
N ALA K 152 -54.77 57.30 88.88
CA ALA K 152 -53.97 57.36 87.65
C ALA K 152 -52.53 56.97 87.94
N PHE K 153 -52.11 55.80 87.46
CA PHE K 153 -50.72 55.42 87.53
C PHE K 153 -49.98 55.85 86.26
N MET K 154 -48.67 56.01 86.39
CA MET K 154 -47.79 56.34 85.28
C MET K 154 -47.48 55.09 84.47
N ASP K 155 -47.71 55.17 83.16
CA ASP K 155 -47.43 54.07 82.27
C ASP K 155 -45.93 53.94 82.06
N SER K 156 -45.22 53.45 83.08
CA SER K 156 -43.77 53.35 83.06
C SER K 156 -43.26 52.48 84.21
N GLY K 157 -42.55 51.40 83.88
CA GLY K 157 -41.98 50.53 84.89
C GLY K 157 -40.84 51.17 85.66
N ASP K 158 -40.22 52.20 85.11
CA ASP K 158 -39.17 52.91 85.84
C ASP K 158 -39.72 53.86 86.88
N GLU K 159 -40.99 54.25 86.77
CA GLU K 159 -41.63 55.07 87.79
C GLU K 159 -42.29 54.22 88.86
N MET K 160 -43.04 53.20 88.43
CA MET K 160 -43.86 52.45 89.37
C MET K 160 -43.07 51.44 90.20
N LEU K 161 -42.14 50.73 89.57
CA LEU K 161 -41.50 49.64 90.29
C LEU K 161 -40.49 50.15 91.32
N PRO K 162 -39.58 51.07 90.97
CA PRO K 162 -38.66 51.61 91.99
C PRO K 162 -39.36 52.39 93.09
N ALA K 163 -40.62 52.77 92.91
CA ALA K 163 -41.37 53.43 93.98
C ALA K 163 -41.85 52.41 95.02
N ALA K 164 -42.43 51.29 94.56
CA ALA K 164 -42.96 50.29 95.47
C ALA K 164 -41.87 49.59 96.25
N LEU K 165 -40.65 49.58 95.74
CA LEU K 165 -39.53 49.04 96.49
C LEU K 165 -39.15 49.94 97.66
N ASN K 166 -38.83 51.21 97.38
CA ASN K 166 -38.61 52.19 98.45
C ASN K 166 -39.72 52.17 99.48
N TYR K 167 -40.97 52.18 99.01
CA TYR K 167 -42.13 52.13 99.90
C TYR K 167 -41.98 51.00 100.91
N LEU K 168 -41.78 49.79 100.43
CA LEU K 168 -41.64 48.64 101.31
C LEU K 168 -40.34 48.63 102.08
N GLY K 169 -39.49 49.65 101.93
CA GLY K 169 -38.23 49.69 102.64
C GLY K 169 -37.07 49.04 101.92
N LEU K 170 -37.32 48.43 100.77
CA LEU K 170 -36.26 47.80 99.99
C LEU K 170 -35.38 48.87 99.34
N ASP K 171 -34.50 48.43 98.47
CA ASP K 171 -33.71 49.35 97.66
C ASP K 171 -34.46 49.66 96.38
N PRO K 172 -34.73 50.92 96.07
CA PRO K 172 -35.37 51.25 94.78
C PRO K 172 -34.51 50.91 93.58
N ASN K 173 -33.20 50.80 93.76
CA ASN K 173 -32.30 50.40 92.69
C ASN K 173 -31.67 49.05 93.00
N THR K 174 -32.49 48.03 93.26
CA THR K 174 -31.97 46.72 93.62
C THR K 174 -31.81 45.87 92.37
N HIS K 175 -30.72 45.12 92.33
CA HIS K 175 -30.49 44.15 91.27
C HIS K 175 -31.08 42.79 91.64
N ASP K 176 -31.78 42.70 92.76
CA ASP K 176 -32.24 41.43 93.28
C ASP K 176 -33.62 41.10 92.72
N PRO K 177 -33.78 40.00 91.98
CA PRO K 177 -35.11 39.62 91.50
C PRO K 177 -36.07 39.20 92.62
N LYS K 178 -35.57 38.95 93.83
CA LYS K 178 -36.46 38.65 94.94
C LYS K 178 -37.27 39.87 95.32
N ASP K 179 -36.63 41.04 95.43
CA ASP K 179 -37.33 42.25 95.82
C ASP K 179 -38.37 42.66 94.78
N TYR K 180 -37.99 42.66 93.50
CA TYR K 180 -38.93 43.02 92.44
C TYR K 180 -40.16 42.12 92.43
N LYS K 181 -40.00 40.85 92.78
CA LYS K 181 -41.15 39.95 92.92
C LYS K 181 -42.12 40.46 93.98
N LYS K 182 -41.60 40.85 95.15
CA LYS K 182 -42.45 41.45 96.18
C LYS K 182 -43.19 42.66 95.67
N ALA K 183 -42.46 43.60 95.07
CA ALA K 183 -43.11 44.80 94.56
C ALA K 183 -44.03 44.49 93.38
N GLU K 184 -43.78 43.41 92.64
CA GLU K 184 -44.72 43.09 91.57
C GLU K 184 -46.09 42.80 92.17
N GLU K 185 -46.13 42.03 93.26
CA GLU K 185 -47.40 41.70 93.89
C GLU K 185 -48.05 42.94 94.50
N VAL K 186 -47.24 43.86 95.05
CA VAL K 186 -47.80 45.03 95.71
C VAL K 186 -48.65 45.83 94.75
N LEU K 187 -48.22 45.90 93.49
CA LEU K 187 -48.96 46.61 92.47
C LEU K 187 -50.10 45.77 91.90
N THR K 188 -49.82 44.55 91.44
CA THR K 188 -50.86 43.66 90.93
C THR K 188 -52.00 43.54 91.93
N LYS K 189 -51.71 43.77 93.21
CA LYS K 189 -52.78 43.75 94.20
C LYS K 189 -53.69 44.97 94.05
N VAL K 190 -53.12 46.13 93.74
CA VAL K 190 -53.92 47.34 93.58
C VAL K 190 -54.31 47.66 92.14
N ARG K 191 -53.74 46.95 91.16
CA ARG K 191 -54.05 47.12 89.74
C ARG K 191 -55.54 47.19 89.42
N PRO K 192 -56.40 46.32 89.96
CA PRO K 192 -57.81 46.34 89.54
C PRO K 192 -58.48 47.69 89.71
N TYR K 193 -57.98 48.52 90.63
CA TYR K 193 -58.61 49.78 91.00
C TYR K 193 -58.05 50.98 90.25
N VAL K 194 -57.04 50.76 89.41
CA VAL K 194 -56.35 51.85 88.72
C VAL K 194 -57.14 52.18 87.46
N SER K 195 -57.60 53.43 87.36
CA SER K 195 -58.43 53.84 86.23
C SER K 195 -57.68 53.73 84.91
N TYR K 196 -56.46 54.25 84.86
CA TYR K 196 -55.62 54.03 83.68
C TYR K 196 -54.15 54.14 84.07
N PHE K 197 -53.30 53.64 83.18
CA PHE K 197 -51.86 53.88 83.23
C PHE K 197 -51.51 54.97 82.22
N HIS K 198 -50.98 56.08 82.72
CA HIS K 198 -50.60 57.17 81.83
C HIS K 198 -49.68 58.10 82.59
N SER K 199 -48.71 58.66 81.87
CA SER K 199 -47.74 59.59 82.45
C SER K 199 -48.07 61.05 82.18
N SER K 200 -49.10 61.35 81.42
CA SER K 200 -49.27 62.75 81.04
C SER K 200 -50.68 63.28 81.19
N LYS K 201 -51.70 62.51 80.83
CA LYS K 201 -53.04 63.08 80.77
C LYS K 201 -53.73 63.16 82.13
N TYR K 202 -53.02 62.81 83.21
CA TYR K 202 -53.55 63.06 84.55
C TYR K 202 -53.48 64.53 84.93
N ILE K 203 -52.66 65.33 84.23
CA ILE K 203 -52.58 66.76 84.49
C ILE K 203 -53.95 67.40 84.29
N SER K 204 -54.46 67.38 83.06
CA SER K 204 -55.78 67.96 82.83
C SER K 204 -56.87 67.16 83.53
N ASP K 205 -56.62 65.89 83.87
CA ASP K 205 -57.63 65.09 84.55
C ASP K 205 -57.66 65.31 86.06
N LEU K 206 -56.55 65.75 86.67
CA LEU K 206 -56.63 66.15 88.08
C LEU K 206 -57.39 67.46 88.25
N ALA K 207 -57.21 68.41 87.32
CA ALA K 207 -57.85 69.72 87.41
C ALA K 207 -59.27 69.75 86.85
N ASN K 208 -59.63 68.81 85.97
CA ASN K 208 -61.01 68.71 85.50
C ASN K 208 -61.88 67.95 86.50
N GLY K 209 -61.30 67.44 87.57
CA GLY K 209 -62.02 66.64 88.55
C GLY K 209 -62.37 65.23 88.12
N ASN K 210 -61.82 64.77 86.99
CA ASN K 210 -62.14 63.45 86.47
C ASN K 210 -61.45 62.31 87.23
N ILE K 211 -60.50 62.63 88.12
CA ILE K 211 -59.89 61.64 89.00
C ILE K 211 -59.61 62.35 90.33
N CYS K 212 -59.33 61.58 91.38
CA CYS K 212 -59.08 62.18 92.68
C CYS K 212 -57.65 62.02 93.19
N VAL K 213 -56.92 60.99 92.76
CA VAL K 213 -55.53 60.79 93.16
C VAL K 213 -54.76 60.26 91.95
N ALA K 214 -53.48 60.59 91.91
CA ALA K 214 -52.67 60.28 90.74
C ALA K 214 -51.19 60.30 91.11
N PHE K 215 -50.47 59.30 90.64
CA PHE K 215 -49.01 59.28 90.71
C PHE K 215 -48.47 60.33 89.75
N GLY K 216 -47.90 61.42 90.28
CA GLY K 216 -47.58 62.57 89.47
C GLY K 216 -46.18 63.11 89.75
N TYR K 217 -45.75 63.99 88.85
CA TYR K 217 -44.47 64.66 88.96
C TYR K 217 -44.63 66.01 89.66
N SER K 218 -43.59 66.42 90.39
CA SER K 218 -43.52 67.70 91.10
C SER K 218 -44.28 68.82 90.41
N GLY K 219 -43.70 69.33 89.31
CA GLY K 219 -44.32 70.44 88.62
C GLY K 219 -45.65 70.10 87.97
N ASP K 220 -45.74 68.91 87.38
CA ASP K 220 -46.98 68.46 86.74
C ASP K 220 -48.20 68.66 87.64
N VAL K 221 -48.06 68.34 88.92
CA VAL K 221 -49.19 68.42 89.84
C VAL K 221 -49.50 69.87 90.18
N PHE K 222 -48.52 70.59 90.73
CA PHE K 222 -48.63 72.03 90.90
C PHE K 222 -49.05 72.76 89.63
N GLN K 223 -48.64 72.28 88.46
CA GLN K 223 -49.29 72.74 87.23
C GLN K 223 -50.78 72.47 87.26
N ALA K 224 -51.15 71.20 87.43
CA ALA K 224 -52.56 70.81 87.43
C ALA K 224 -53.36 71.62 88.45
N ALA K 225 -52.79 71.84 89.65
CA ALA K 225 -53.45 72.67 90.65
C ALA K 225 -53.69 74.07 90.12
N ALA K 226 -52.61 74.74 89.68
CA ALA K 226 -52.73 76.11 89.20
C ALA K 226 -53.73 76.21 88.06
N ARG K 227 -53.79 75.18 87.22
CA ARG K 227 -54.85 75.12 86.21
C ARG K 227 -56.21 75.10 86.87
N ALA K 228 -56.34 74.36 87.99
CA ALA K 228 -57.61 74.25 88.68
C ALA K 228 -57.95 75.44 89.58
N GLU K 229 -56.98 76.17 90.16
CA GLU K 229 -57.39 77.44 90.77
C GLU K 229 -57.92 78.39 89.71
N GLU K 230 -57.05 78.77 88.78
CA GLU K 230 -57.41 79.48 87.55
C GLU K 230 -58.67 78.96 86.86
N ALA K 231 -59.12 77.75 87.20
CA ALA K 231 -60.17 77.09 86.45
C ALA K 231 -61.54 77.72 86.62
N GLY K 232 -61.76 78.51 87.66
CA GLY K 232 -63.11 79.00 87.88
C GLY K 232 -64.09 77.93 88.31
N LYS K 233 -63.60 76.93 89.05
CA LYS K 233 -64.49 75.94 89.64
C LYS K 233 -63.92 75.39 90.94
N GLY K 234 -62.89 76.03 91.50
CA GLY K 234 -62.37 75.74 92.83
C GLY K 234 -62.16 74.29 93.11
N ILE K 235 -61.05 73.71 92.64
CA ILE K 235 -60.86 72.27 92.77
C ILE K 235 -59.49 72.05 93.39
N ASP K 236 -59.40 72.08 94.72
CA ASP K 236 -58.11 72.15 95.41
C ASP K 236 -57.28 70.89 95.17
N ILE K 237 -56.18 71.00 94.43
CA ILE K 237 -55.23 69.92 94.18
C ILE K 237 -54.01 70.17 95.06
N GLN K 238 -53.42 69.09 95.59
CA GLN K 238 -52.16 69.23 96.30
C GLN K 238 -51.27 68.03 95.98
N TYR K 239 -50.03 68.10 96.48
CA TYR K 239 -48.95 67.23 96.06
C TYR K 239 -48.07 66.91 97.27
N VAL K 240 -48.01 65.64 97.63
CA VAL K 240 -47.34 65.19 98.85
C VAL K 240 -46.23 64.19 98.50
N ILE K 241 -45.03 64.45 99.00
CA ILE K 241 -43.95 63.47 99.00
C ILE K 241 -44.14 62.57 100.21
N PRO K 242 -44.46 61.29 100.01
CA PRO K 242 -44.76 60.43 101.17
C PRO K 242 -43.59 60.28 102.12
N LYS K 243 -43.90 59.65 103.24
CA LYS K 243 -43.00 59.57 104.38
C LYS K 243 -41.80 58.66 104.12
N GLU K 244 -42.01 57.57 103.39
CA GLU K 244 -40.89 56.73 102.98
C GLU K 244 -39.99 57.46 102.00
N GLY K 245 -40.44 58.59 101.48
CA GLY K 245 -39.71 59.31 100.46
C GLY K 245 -40.33 59.12 99.09
N ALA K 246 -39.59 59.57 98.09
CA ALA K 246 -40.01 59.46 96.71
C ALA K 246 -38.79 59.58 95.82
N ASN K 247 -39.01 59.69 94.52
CA ASN K 247 -37.92 59.73 93.55
C ASN K 247 -37.44 61.16 93.36
N LEU K 248 -36.13 61.33 93.29
CA LEU K 248 -35.49 62.59 92.91
C LEU K 248 -34.86 62.40 91.56
N TRP K 249 -35.11 63.32 90.63
CA TRP K 249 -34.63 63.15 89.26
C TRP K 249 -34.22 64.50 88.68
N PHE K 250 -33.48 64.42 87.58
CA PHE K 250 -32.95 65.57 86.88
C PHE K 250 -33.05 65.31 85.38
N ASP K 251 -33.71 66.21 84.66
CA ASP K 251 -33.83 66.10 83.21
C ASP K 251 -32.77 66.99 82.58
N LEU K 252 -31.90 66.40 81.76
CA LEU K 252 -30.82 67.15 81.14
C LEU K 252 -31.01 67.16 79.63
N MET K 253 -30.42 68.16 78.98
CA MET K 253 -30.44 68.24 77.53
C MET K 253 -29.14 67.67 76.97
N ALA K 254 -29.25 67.03 75.81
CA ALA K 254 -28.10 66.41 75.18
C ALA K 254 -28.34 66.37 73.68
N ILE K 255 -27.25 66.48 72.93
CA ILE K 255 -27.27 66.56 71.48
C ILE K 255 -26.96 65.18 70.92
N PRO K 256 -27.87 64.53 70.20
CA PRO K 256 -27.58 63.21 69.65
C PRO K 256 -26.35 63.24 68.74
N ALA K 257 -25.83 62.03 68.47
CA ALA K 257 -24.65 61.92 67.63
C ALA K 257 -24.94 62.42 66.21
N ASP K 258 -25.95 61.82 65.58
CA ASP K 258 -26.37 62.18 64.23
C ASP K 258 -27.07 63.53 64.16
N ALA K 259 -27.00 64.32 65.23
CA ALA K 259 -27.55 65.67 65.18
C ALA K 259 -26.88 66.47 64.07
N LYS K 260 -27.66 67.29 63.38
CA LYS K 260 -27.16 68.02 62.23
C LYS K 260 -27.06 69.53 62.46
N ALA K 261 -28.01 70.12 63.19
CA ALA K 261 -27.94 71.55 63.52
C ALA K 261 -27.27 71.77 64.87
N ALA K 262 -26.15 71.09 65.14
CA ALA K 262 -25.54 71.14 66.47
C ALA K 262 -25.14 72.55 66.86
N ASP K 263 -24.62 73.34 65.91
CA ASP K 263 -24.28 74.73 66.22
C ASP K 263 -25.50 75.50 66.71
N ASN K 264 -26.69 75.19 66.18
CA ASN K 264 -27.89 75.85 66.70
C ASN K 264 -28.22 75.36 68.11
N ALA K 265 -28.25 74.04 68.30
CA ALA K 265 -28.58 73.42 69.58
C ALA K 265 -27.81 74.10 70.72
N TYR K 266 -26.53 74.40 70.47
CA TYR K 266 -25.74 75.16 71.44
C TYR K 266 -26.32 76.55 71.67
N ALA K 267 -26.82 77.20 70.61
CA ALA K 267 -27.36 78.55 70.76
C ALA K 267 -28.61 78.55 71.63
N PHE K 268 -29.43 77.50 71.53
CA PHE K 268 -30.62 77.39 72.38
C PHE K 268 -30.25 77.09 73.82
N ILE K 269 -29.53 75.98 74.03
CA ILE K 269 -29.06 75.56 75.34
C ILE K 269 -28.36 76.70 76.07
N ASP K 270 -27.61 77.52 75.34
CA ASP K 270 -27.01 78.69 75.97
C ASP K 270 -28.08 79.74 76.31
N TYR K 271 -29.09 79.89 75.45
CA TYR K 271 -30.20 80.79 75.74
C TYR K 271 -30.93 80.35 77.01
N LEU K 272 -31.19 79.04 77.16
CA LEU K 272 -31.83 78.54 78.36
C LEU K 272 -30.90 78.49 79.57
N LEU K 273 -29.66 78.97 79.44
CA LEU K 273 -28.79 79.11 80.60
C LEU K 273 -28.83 80.52 81.18
N ARG K 274 -29.59 81.44 80.57
CA ARG K 274 -29.55 82.69 81.29
C ARG K 274 -30.63 82.70 82.38
N PRO K 275 -30.40 83.35 83.51
CA PRO K 275 -31.42 83.34 84.59
C PRO K 275 -32.76 83.89 84.14
N GLU K 276 -32.72 84.92 83.31
CA GLU K 276 -33.90 85.64 82.82
C GLU K 276 -34.84 84.73 82.05
N VAL K 277 -34.31 83.67 81.44
CA VAL K 277 -35.05 82.80 80.55
C VAL K 277 -35.47 81.52 81.25
N ILE K 278 -34.54 80.89 81.96
CA ILE K 278 -34.88 79.68 82.73
C ILE K 278 -35.83 80.02 83.86
N ALA K 279 -35.80 81.26 84.36
CA ALA K 279 -36.82 81.69 85.32
C ALA K 279 -38.19 81.76 84.65
N LYS K 280 -38.25 82.40 83.49
CA LYS K 280 -39.51 82.48 82.74
C LYS K 280 -40.06 81.09 82.44
N VAL K 281 -39.17 80.14 82.15
CA VAL K 281 -39.62 78.77 81.91
C VAL K 281 -40.17 78.15 83.18
N SER K 282 -39.43 78.26 84.29
CA SER K 282 -39.85 77.66 85.54
C SER K 282 -41.17 78.25 86.04
N ASP K 283 -41.31 79.58 85.97
CA ASP K 283 -42.53 80.27 86.39
C ASP K 283 -43.77 79.58 85.84
N TYR K 284 -43.68 79.11 84.60
CA TYR K 284 -44.82 78.51 83.92
C TYR K 284 -45.00 77.05 84.30
N VAL K 285 -43.96 76.24 84.15
CA VAL K 285 -44.10 74.79 84.33
C VAL K 285 -44.02 74.40 85.81
N GLY K 286 -43.35 75.17 86.64
CA GLY K 286 -43.28 74.87 88.06
C GLY K 286 -42.32 73.77 88.45
N TYR K 287 -41.21 73.60 87.73
CA TYR K 287 -40.12 72.73 88.13
C TYR K 287 -38.92 73.58 88.50
N ALA K 288 -38.08 73.07 89.38
CA ALA K 288 -36.88 73.80 89.78
C ALA K 288 -35.81 73.67 88.70
N ASN K 289 -35.12 74.78 88.44
CA ASN K 289 -34.08 74.83 87.42
C ASN K 289 -32.69 74.71 88.06
N ALA K 290 -31.68 74.63 87.20
CA ALA K 290 -30.30 74.47 87.64
C ALA K 290 -29.54 75.78 87.68
N ILE K 291 -30.19 76.90 87.38
CA ILE K 291 -29.55 78.21 87.39
C ILE K 291 -29.88 78.91 88.70
N PRO K 292 -28.94 78.97 89.65
CA PRO K 292 -29.25 79.60 90.95
C PRO K 292 -29.62 81.07 90.82
N GLY K 293 -28.96 81.82 89.94
CA GLY K 293 -29.25 83.23 89.77
C GLY K 293 -30.63 83.55 89.23
N ALA K 294 -31.49 82.53 89.13
CA ALA K 294 -32.84 82.68 88.61
C ALA K 294 -33.90 82.75 89.70
N ARG K 295 -33.66 82.12 90.84
CA ARG K 295 -34.63 82.15 91.93
C ARG K 295 -34.99 83.57 92.39
N PRO K 296 -34.04 84.52 92.54
CA PRO K 296 -34.43 85.89 92.90
C PRO K 296 -35.22 86.59 91.80
N LEU K 297 -35.49 85.88 90.70
CA LEU K 297 -36.22 86.43 89.56
C LEU K 297 -37.56 85.75 89.31
N MET K 298 -37.80 84.56 89.85
CA MET K 298 -39.00 83.81 89.55
C MET K 298 -40.18 84.33 90.39
N ASP K 299 -41.36 83.85 90.03
CA ASP K 299 -42.51 84.03 90.91
C ASP K 299 -42.22 83.41 92.27
N LYS K 300 -42.68 84.08 93.32
CA LYS K 300 -42.39 83.62 94.67
C LYS K 300 -43.10 82.30 94.97
N SER K 301 -44.33 82.09 94.47
CA SER K 301 -45.05 80.84 94.71
C SER K 301 -44.49 79.64 93.94
N VAL K 302 -43.41 79.83 93.19
CA VAL K 302 -42.60 78.74 92.71
C VAL K 302 -41.21 78.75 93.34
N SER K 303 -40.59 79.93 93.43
CA SER K 303 -39.27 80.04 94.02
C SER K 303 -39.25 79.81 95.52
N ASP K 304 -40.41 79.71 96.17
CA ASP K 304 -40.46 79.53 97.61
C ASP K 304 -41.16 78.25 98.05
N SER K 305 -41.73 77.47 97.13
CA SER K 305 -42.44 76.26 97.52
C SER K 305 -41.46 75.20 98.00
N GLU K 306 -41.69 74.68 99.21
CA GLU K 306 -40.87 73.59 99.74
C GLU K 306 -41.00 72.30 98.95
N GLU K 307 -41.93 72.22 98.00
CA GLU K 307 -42.05 71.06 97.13
C GLU K 307 -41.43 71.28 95.76
N VAL K 308 -41.46 72.51 95.25
CA VAL K 308 -40.64 72.86 94.09
C VAL K 308 -39.15 72.73 94.45
N TYR K 309 -38.68 73.53 95.41
CA TYR K 309 -37.29 73.47 95.89
C TYR K 309 -37.29 72.80 97.26
N PRO K 310 -37.20 71.48 97.35
CA PRO K 310 -37.29 70.83 98.66
C PRO K 310 -36.13 71.22 99.54
N PRO K 311 -36.32 71.21 100.86
CA PRO K 311 -35.21 71.48 101.77
C PRO K 311 -34.42 70.21 102.05
N GLN K 312 -33.15 70.41 102.44
CA GLN K 312 -32.22 69.28 102.57
C GLN K 312 -32.77 68.14 103.40
N ALA K 313 -33.60 68.45 104.40
CA ALA K 313 -34.21 67.40 105.19
C ALA K 313 -35.01 66.45 104.31
N VAL K 314 -35.84 67.01 103.43
CA VAL K 314 -36.71 66.20 102.59
C VAL K 314 -35.89 65.42 101.57
N LEU K 315 -34.92 66.07 100.92
CA LEU K 315 -34.04 65.41 99.98
C LEU K 315 -33.41 64.17 100.58
N ASP K 316 -33.13 64.20 101.88
CA ASP K 316 -32.38 63.14 102.55
C ASP K 316 -33.08 61.79 102.43
N LYS K 317 -34.41 61.79 102.49
CA LYS K 317 -35.18 60.55 102.38
C LYS K 317 -35.78 60.35 100.99
N LEU K 318 -35.18 60.94 99.96
CA LEU K 318 -35.52 60.67 98.58
C LEU K 318 -34.46 59.77 97.95
N TYR K 319 -34.87 59.00 96.93
CA TYR K 319 -33.98 58.07 96.25
C TYR K 319 -33.74 58.55 94.82
N VAL K 320 -32.48 58.51 94.39
CA VAL K 320 -32.09 58.88 93.03
C VAL K 320 -31.86 57.59 92.25
N SER K 321 -32.62 57.42 91.16
CA SER K 321 -32.50 56.23 90.33
C SER K 321 -31.09 56.13 89.77
N ALA K 322 -30.60 54.91 89.68
CA ALA K 322 -29.25 54.63 89.21
C ALA K 322 -29.28 53.98 87.83
N VAL K 323 -28.12 54.00 87.18
CA VAL K 323 -27.93 53.37 85.88
C VAL K 323 -27.87 51.87 86.12
N LEU K 324 -28.91 51.15 85.69
CA LEU K 324 -29.00 49.78 86.17
C LEU K 324 -28.27 48.82 85.24
N PRO K 325 -27.94 47.62 85.74
CA PRO K 325 -27.48 46.56 84.83
C PRO K 325 -28.58 46.23 83.84
N ALA K 326 -28.17 45.73 82.66
CA ALA K 326 -29.13 45.44 81.61
C ALA K 326 -30.09 44.33 82.00
N LYS K 327 -29.61 43.32 82.72
CA LYS K 327 -30.46 42.20 83.12
C LYS K 327 -31.61 42.67 84.01
N VAL K 328 -31.32 43.65 84.88
CA VAL K 328 -32.31 44.13 85.84
C VAL K 328 -33.40 44.91 85.12
N LEU K 329 -33.01 45.81 84.21
CA LEU K 329 -33.97 46.55 83.39
C LEU K 329 -34.93 45.61 82.67
N ARG K 330 -34.39 44.53 82.09
CA ARG K 330 -35.24 43.54 81.46
C ARG K 330 -36.21 42.90 82.46
N LEU K 331 -35.81 42.79 83.73
CA LEU K 331 -36.75 42.34 84.74
C LEU K 331 -37.79 43.41 85.02
N GLN K 332 -37.33 44.64 85.28
CA GLN K 332 -38.22 45.80 85.34
C GLN K 332 -39.19 45.82 84.17
N THR K 333 -38.68 45.64 82.95
CA THR K 333 -39.53 45.73 81.76
C THR K 333 -40.46 44.52 81.65
N ARG K 334 -39.93 43.31 81.82
CA ARG K 334 -40.78 42.13 81.86
C ARG K 334 -41.86 42.27 82.93
N THR K 335 -41.45 42.64 84.15
CA THR K 335 -42.41 42.78 85.23
C THR K 335 -43.47 43.82 84.90
N TRP K 336 -43.04 44.99 84.43
CA TRP K 336 -44.02 46.03 84.12
C TRP K 336 -44.98 45.58 83.03
N THR K 337 -44.51 44.76 82.09
CA THR K 337 -45.39 44.29 81.03
C THR K 337 -46.44 43.31 81.55
N ARG K 338 -46.13 42.58 82.63
CA ARG K 338 -47.11 41.67 83.21
C ARG K 338 -48.27 42.42 83.84
N ILE K 339 -47.97 43.47 84.61
CA ILE K 339 -48.95 44.28 85.31
C ILE K 339 -49.82 44.97 84.26
N LYS K 340 -49.46 44.80 82.97
CA LYS K 340 -50.25 45.21 81.80
C LYS K 340 -51.11 46.46 81.99
N GLN L 3 -19.97 99.14 99.93
CA GLN L 3 -20.62 98.04 100.63
C GLN L 3 -22.08 97.93 100.21
N VAL L 4 -22.68 96.78 100.48
CA VAL L 4 -24.07 96.54 100.15
C VAL L 4 -24.97 97.36 101.08
N GLN L 5 -25.72 98.29 100.50
CA GLN L 5 -26.66 99.11 101.24
C GLN L 5 -27.64 99.75 100.27
N LEU L 6 -28.77 100.19 100.81
CA LEU L 6 -29.73 100.96 100.03
C LEU L 6 -29.89 102.31 100.71
N VAL L 7 -30.21 103.35 99.93
CA VAL L 7 -30.45 104.69 100.48
C VAL L 7 -31.79 105.17 99.96
N GLU L 8 -32.57 105.77 100.82
CA GLU L 8 -33.92 106.19 100.48
C GLU L 8 -34.03 107.70 100.67
N THR L 9 -34.82 108.32 99.80
CA THR L 9 -34.92 109.77 99.74
C THR L 9 -35.34 110.37 101.07
N GLY L 10 -35.24 111.70 101.15
CA GLY L 10 -35.57 112.42 102.35
C GLY L 10 -36.99 112.14 102.78
N ASP L 11 -37.28 112.31 104.07
CA ASP L 11 -38.64 112.10 104.55
C ASP L 11 -39.55 113.21 104.04
N GLU L 12 -40.81 112.87 103.84
CA GLU L 12 -41.70 113.80 103.17
C GLU L 12 -43.05 113.83 103.87
N VAL L 13 -43.81 114.88 103.57
CA VAL L 13 -45.08 115.16 104.22
C VAL L 13 -46.03 115.72 103.17
N LYS L 14 -47.09 114.96 102.90
CA LYS L 14 -47.99 115.28 101.78
C LYS L 14 -49.43 115.41 102.29
N THR L 15 -50.27 116.10 101.51
CA THR L 15 -51.67 116.39 101.87
C THR L 15 -52.56 115.26 101.35
N PRO L 16 -53.49 114.74 102.16
CA PRO L 16 -54.39 113.69 101.78
C PRO L 16 -54.89 113.93 100.37
N GLY L 17 -54.95 112.89 99.56
CA GLY L 17 -55.41 113.02 98.17
C GLY L 17 -54.26 113.40 97.28
N ALA L 18 -53.04 113.19 97.76
CA ALA L 18 -51.85 113.54 96.97
C ALA L 18 -50.91 112.35 96.87
N SER L 19 -50.11 112.32 95.80
CA SER L 19 -49.14 111.25 95.47
C SER L 19 -47.82 111.56 96.16
N VAL L 20 -46.99 110.54 96.38
CA VAL L 20 -45.70 110.73 97.08
C VAL L 20 -44.76 109.67 96.58
N LYS L 21 -43.64 110.02 95.94
CA LYS L 21 -42.73 109.00 95.37
C LYS L 21 -41.48 108.84 96.23
N VAL L 22 -41.17 107.64 96.67
CA VAL L 22 -39.97 107.31 97.44
C VAL L 22 -38.98 106.61 96.52
N SER L 23 -37.72 107.05 96.55
CA SER L 23 -36.70 106.44 95.72
C SER L 23 -35.73 105.65 96.60
N CYS L 24 -35.01 104.72 95.97
CA CYS L 24 -34.20 103.76 96.73
C CYS L 24 -33.01 103.34 95.83
N LYS L 25 -31.90 104.09 95.94
CA LYS L 25 -30.66 103.81 95.23
C LYS L 25 -29.88 102.72 95.96
N VAL L 26 -29.47 101.63 95.27
CA VAL L 26 -28.67 100.60 95.93
C VAL L 26 -27.22 100.86 95.62
N SER L 27 -26.34 100.42 96.50
CA SER L 27 -24.93 100.39 96.20
C SER L 27 -24.41 98.98 96.45
N GLY L 28 -23.31 98.66 95.78
CA GLY L 28 -22.48 97.53 96.14
C GLY L 28 -22.92 96.16 95.69
N TYR L 29 -23.93 96.04 94.84
CA TYR L 29 -24.26 94.75 94.23
C TYR L 29 -24.88 94.96 92.86
N THR L 30 -24.81 93.89 92.04
CA THR L 30 -25.45 93.93 90.72
C THR L 30 -26.95 94.08 90.90
N PHE L 31 -27.45 95.30 90.64
CA PHE L 31 -28.81 95.69 90.99
C PHE L 31 -29.84 94.74 90.38
N THR L 32 -29.72 94.47 89.08
CA THR L 32 -30.69 93.63 88.38
C THR L 32 -30.59 92.15 88.76
N SER L 33 -29.64 91.77 89.61
CA SER L 33 -29.43 90.37 89.92
C SER L 33 -30.34 89.86 91.04
N TYR L 34 -31.01 90.77 91.76
CA TYR L 34 -31.94 90.39 92.81
C TYR L 34 -33.15 91.31 92.77
N GLY L 35 -34.30 90.77 93.18
CA GLY L 35 -35.53 91.54 93.25
C GLY L 35 -35.47 92.63 94.31
N ILE L 36 -36.56 93.37 94.47
CA ILE L 36 -36.67 94.41 95.49
C ILE L 36 -38.11 94.60 95.97
N SER L 37 -38.31 94.59 97.27
CA SER L 37 -39.62 94.73 97.88
C SER L 37 -39.70 96.06 98.63
N TRP L 38 -40.93 96.49 98.87
CA TRP L 38 -41.21 97.71 99.62
C TRP L 38 -42.11 97.34 100.81
N VAL L 39 -41.62 97.54 102.02
CA VAL L 39 -42.32 97.15 103.23
C VAL L 39 -42.67 98.40 104.04
N ARG L 40 -43.96 98.53 104.37
CA ARG L 40 -44.49 99.69 105.06
C ARG L 40 -44.72 99.40 106.53
N GLN L 41 -44.53 100.41 107.37
CA GLN L 41 -44.75 100.26 108.81
C GLN L 41 -45.39 101.55 109.34
N ALA L 42 -46.67 101.47 109.68
CA ALA L 42 -47.38 102.58 110.31
C ALA L 42 -46.75 102.87 111.67
N PRO L 43 -46.89 104.12 112.17
CA PRO L 43 -46.18 104.48 113.39
C PRO L 43 -46.58 103.60 114.57
N GLY L 44 -45.58 103.02 115.22
CA GLY L 44 -45.83 102.19 116.38
C GLY L 44 -46.65 100.95 116.10
N GLN L 45 -46.47 100.33 114.92
CA GLN L 45 -47.24 99.15 114.57
C GLN L 45 -46.37 98.16 113.79
N GLY L 46 -46.99 97.25 113.03
CA GLY L 46 -46.29 96.15 112.39
C GLY L 46 -45.92 96.39 110.93
N LEU L 47 -45.23 95.40 110.37
CA LEU L 47 -44.76 95.49 109.00
C LEU L 47 -45.86 95.08 108.03
N GLU L 48 -46.01 95.87 106.97
CA GLU L 48 -46.95 95.58 105.89
C GLU L 48 -46.20 95.56 104.57
N TRP L 49 -46.11 94.37 103.98
CA TRP L 49 -45.63 94.19 102.62
C TRP L 49 -46.50 94.98 101.64
N MET L 50 -45.85 95.66 100.69
CA MET L 50 -46.54 96.39 99.62
C MET L 50 -46.38 95.66 98.30
N GLY L 51 -45.17 95.63 97.74
CA GLY L 51 -44.96 95.02 96.45
C GLY L 51 -43.52 94.60 96.24
N TRP L 52 -43.28 93.98 95.08
CA TRP L 52 -41.98 93.44 94.71
C TRP L 52 -41.74 93.74 93.23
N ILE L 53 -40.60 94.36 92.92
CA ILE L 53 -40.27 94.66 91.54
C ILE L 53 -39.09 93.79 91.12
N ASN L 54 -39.05 93.46 89.83
CA ASN L 54 -37.96 92.73 89.20
C ASN L 54 -37.10 93.73 88.47
N PRO L 55 -35.94 94.11 89.00
CA PRO L 55 -35.10 95.10 88.29
C PRO L 55 -34.72 94.65 86.88
N ASN L 56 -34.59 93.35 86.66
CA ASN L 56 -34.27 92.86 85.33
C ASN L 56 -35.42 93.09 84.36
N SER L 57 -36.60 92.59 84.71
CA SER L 57 -37.71 92.59 83.76
C SER L 57 -38.60 93.81 83.88
N GLY L 58 -38.63 94.47 85.03
CA GLY L 58 -39.63 95.49 85.29
C GLY L 58 -40.97 94.96 85.74
N GLY L 59 -41.13 93.64 85.81
CA GLY L 59 -42.35 93.06 86.32
C GLY L 59 -42.54 93.34 87.80
N THR L 60 -43.80 93.53 88.18
CA THR L 60 -44.18 93.90 89.53
C THR L 60 -45.20 92.91 90.09
N ASN L 61 -45.16 92.77 91.43
CA ASN L 61 -46.18 92.06 92.19
C ASN L 61 -46.71 92.98 93.29
N TYR L 62 -47.88 93.56 93.08
CA TYR L 62 -48.52 94.33 94.13
C TYR L 62 -49.45 93.44 94.95
N ALA L 63 -49.51 93.71 96.25
CA ALA L 63 -50.50 93.07 97.09
C ALA L 63 -51.87 93.67 96.85
N GLN L 64 -52.91 92.83 96.96
CA GLN L 64 -54.27 93.23 96.62
C GLN L 64 -54.67 94.53 97.29
N LYS L 65 -54.14 94.82 98.48
CA LYS L 65 -54.50 96.05 99.19
C LYS L 65 -54.18 97.29 98.35
N PHE L 66 -53.13 97.24 97.53
CA PHE L 66 -52.63 98.44 96.87
C PHE L 66 -52.78 98.45 95.36
N GLN L 67 -53.20 97.36 94.72
CA GLN L 67 -53.39 97.39 93.27
C GLN L 67 -54.42 98.44 92.90
N GLY L 68 -53.98 99.40 92.08
CA GLY L 68 -54.80 100.54 91.77
C GLY L 68 -54.06 101.83 92.09
N ARG L 69 -53.30 101.83 93.19
CA ARG L 69 -52.60 103.03 93.65
C ARG L 69 -51.09 102.96 93.57
N VAL L 70 -50.48 101.84 93.95
CA VAL L 70 -49.03 101.76 93.96
C VAL L 70 -48.52 101.49 92.55
N THR L 71 -47.61 102.36 92.06
CA THR L 71 -46.84 102.09 90.84
C THR L 71 -45.35 102.05 91.18
N MET L 72 -44.81 100.84 91.24
CA MET L 72 -43.39 100.62 91.46
C MET L 72 -42.69 100.54 90.10
N THR L 73 -41.64 101.35 89.93
CA THR L 73 -40.86 101.42 88.70
C THR L 73 -39.40 101.19 89.05
N ARG L 74 -38.55 101.15 88.02
CA ARG L 74 -37.12 101.13 88.29
C ARG L 74 -36.37 101.79 87.14
N ASP L 75 -35.33 102.54 87.50
CA ASP L 75 -34.32 102.99 86.55
C ASP L 75 -33.10 102.10 86.79
N THR L 76 -32.93 101.09 85.93
CA THR L 76 -31.76 100.22 86.03
C THR L 76 -30.48 100.92 85.63
N SER L 77 -30.58 102.04 84.91
CA SER L 77 -29.37 102.78 84.52
C SER L 77 -28.54 103.20 85.74
N ILE L 78 -29.15 103.32 86.90
CA ILE L 78 -28.45 103.87 88.06
C ILE L 78 -28.80 103.14 89.35
N SER L 79 -29.24 101.88 89.26
CA SER L 79 -29.54 101.06 90.44
C SER L 79 -30.54 101.74 91.34
N THR L 80 -31.83 101.68 91.02
CA THR L 80 -32.82 102.39 91.84
C THR L 80 -34.23 101.87 91.61
N ALA L 81 -34.97 101.73 92.70
CA ALA L 81 -36.40 101.49 92.69
C ALA L 81 -37.14 102.77 93.03
N TYR L 82 -38.32 102.94 92.42
CA TYR L 82 -39.19 104.08 92.66
C TYR L 82 -40.58 103.56 92.96
N MET L 83 -40.99 103.63 94.23
CA MET L 83 -42.36 103.38 94.63
C MET L 83 -43.09 104.71 94.75
N GLU L 84 -44.37 104.68 94.37
CA GLU L 84 -45.21 105.87 94.36
C GLU L 84 -46.61 105.47 94.79
N LEU L 85 -47.06 105.96 95.94
CA LEU L 85 -48.47 105.92 96.25
C LEU L 85 -49.15 107.16 95.67
N SER L 86 -50.38 106.97 95.21
CA SER L 86 -51.05 107.97 94.37
C SER L 86 -52.17 108.71 95.07
N ARG L 87 -53.04 108.01 95.79
CA ARG L 87 -54.17 108.65 96.49
C ARG L 87 -53.98 108.43 97.99
N LEU L 88 -53.31 109.39 98.64
CA LEU L 88 -52.95 109.22 100.04
C LEU L 88 -54.12 109.56 100.95
N ARG L 89 -54.06 108.99 102.14
CA ARG L 89 -54.94 109.32 103.25
C ARG L 89 -54.22 108.91 104.53
N SER L 90 -54.64 109.52 105.64
CA SER L 90 -53.93 109.40 106.90
C SER L 90 -53.63 107.95 107.29
N ASP L 91 -54.33 106.98 106.71
CA ASP L 91 -54.02 105.57 106.93
C ASP L 91 -52.66 105.18 106.37
N ASP L 92 -52.07 106.02 105.51
CA ASP L 92 -50.80 105.70 104.88
C ASP L 92 -49.62 106.33 105.58
N THR L 93 -49.86 107.07 106.66
CA THR L 93 -48.80 107.72 107.43
C THR L 93 -47.85 106.67 107.99
N ALA L 94 -46.62 106.62 107.48
CA ALA L 94 -45.77 105.49 107.83
C ALA L 94 -44.32 105.74 107.41
N VAL L 95 -43.43 104.90 107.96
CA VAL L 95 -42.09 104.70 107.44
C VAL L 95 -42.16 103.68 106.31
N TYR L 96 -41.43 103.93 105.23
CA TYR L 96 -41.45 103.09 104.04
C TYR L 96 -40.08 102.45 103.86
N TYR L 97 -39.97 101.18 104.23
CA TYR L 97 -38.72 100.47 104.04
C TYR L 97 -38.63 99.89 102.63
N CYS L 98 -37.40 99.61 102.23
CA CYS L 98 -37.09 99.16 100.87
C CYS L 98 -35.90 98.22 100.98
N ALA L 99 -36.14 96.91 100.80
CA ALA L 99 -35.13 95.91 101.10
C ALA L 99 -34.73 95.13 99.85
N ARG L 100 -33.49 94.66 99.85
CA ARG L 100 -33.04 93.71 98.84
C ARG L 100 -33.71 92.36 99.09
N ASP L 101 -34.31 91.77 98.05
CA ASP L 101 -35.13 90.59 98.18
C ASP L 101 -34.61 89.50 97.25
N LYS L 102 -33.88 88.54 97.81
CA LYS L 102 -33.52 87.32 97.10
C LYS L 102 -34.44 86.21 97.60
N ARG L 103 -35.75 86.53 97.69
CA ARG L 103 -36.84 85.77 98.30
C ARG L 103 -37.08 86.26 99.73
N TYR L 104 -36.03 86.23 100.56
CA TYR L 104 -36.05 86.89 101.84
C TYR L 104 -35.29 88.21 101.74
N MET L 105 -35.65 89.15 102.63
CA MET L 105 -35.17 90.53 102.55
C MET L 105 -33.95 90.67 103.46
N ASP L 106 -32.76 90.48 102.88
CA ASP L 106 -31.53 90.38 103.64
C ASP L 106 -30.75 91.69 103.76
N VAL L 107 -31.16 92.75 103.06
CA VAL L 107 -30.50 94.04 103.18
C VAL L 107 -31.57 95.14 103.13
N TRP L 108 -31.86 95.76 104.26
CA TRP L 108 -32.96 96.71 104.37
C TRP L 108 -32.45 98.14 104.24
N GLY L 109 -33.31 99.00 103.69
CA GLY L 109 -33.02 100.41 103.66
C GLY L 109 -33.06 101.01 105.07
N LYS L 110 -33.31 102.31 105.16
CA LYS L 110 -33.47 102.92 106.47
C LYS L 110 -34.88 103.46 106.71
N GLY L 111 -35.72 103.46 105.69
CA GLY L 111 -37.09 103.93 105.86
C GLY L 111 -37.23 105.40 105.51
N THR L 112 -38.31 105.74 104.81
CA THR L 112 -38.61 107.11 104.40
C THR L 112 -39.90 107.52 105.08
N THR L 113 -39.79 108.37 106.10
CA THR L 113 -40.93 108.69 106.96
C THR L 113 -41.90 109.58 106.20
N VAL L 114 -42.94 108.99 105.64
CA VAL L 114 -44.00 109.73 104.95
C VAL L 114 -45.13 109.94 105.94
N THR L 115 -45.47 111.21 106.19
CA THR L 115 -46.59 111.57 107.05
C THR L 115 -47.59 112.41 106.27
N VAL L 116 -48.85 112.03 106.32
CA VAL L 116 -49.93 112.71 105.58
C VAL L 116 -50.89 113.34 106.58
N SER L 117 -51.01 114.67 106.53
CA SER L 117 -51.77 115.43 107.55
C SER L 117 -52.69 116.44 106.86
N SER L 118 -53.26 117.37 107.64
CA SER L 118 -54.25 118.35 107.18
C SER L 118 -55.51 117.55 106.85
N GLY L 119 -56.16 117.72 105.70
CA GLY L 119 -57.45 117.07 105.49
C GLY L 119 -58.39 118.06 104.80
N VAL L 136 -53.16 88.37 107.39
CA VAL L 136 -52.02 88.31 108.29
C VAL L 136 -52.06 87.02 109.11
N LEU L 137 -50.98 86.75 109.85
CA LEU L 137 -50.87 85.53 110.63
C LEU L 137 -51.08 85.87 112.10
N THR L 138 -51.02 84.87 112.98
CA THR L 138 -51.16 85.07 114.41
C THR L 138 -49.85 84.69 115.10
N GLN L 139 -49.24 85.67 115.79
CA GLN L 139 -48.14 85.46 116.71
C GLN L 139 -48.42 86.34 117.91
N PRO L 140 -48.07 85.88 119.11
CA PRO L 140 -48.39 86.65 120.32
C PRO L 140 -47.73 88.01 120.31
N PRO L 141 -48.28 88.98 121.04
CA PRO L 141 -47.76 90.36 120.93
C PRO L 141 -46.48 90.61 121.71
N SER L 142 -46.27 89.92 122.83
CA SER L 142 -45.17 90.27 123.70
C SER L 142 -44.78 89.11 124.60
N VAL L 143 -43.49 89.02 124.91
CA VAL L 143 -42.96 88.15 125.96
C VAL L 143 -41.83 88.89 126.67
N SER L 144 -41.71 88.66 127.98
CA SER L 144 -40.63 89.24 128.75
C SER L 144 -39.78 88.14 129.39
N GLY L 145 -38.56 88.49 129.79
CA GLY L 145 -37.67 87.52 130.39
C GLY L 145 -36.29 88.04 130.78
N ALA L 146 -35.86 87.71 131.99
CA ALA L 146 -34.53 88.04 132.44
C ALA L 146 -33.48 87.29 131.62
N PRO L 147 -32.23 87.75 131.63
CA PRO L 147 -31.18 87.06 130.85
C PRO L 147 -31.03 85.60 131.26
N GLY L 148 -30.31 84.85 130.44
CA GLY L 148 -30.04 83.45 130.70
C GLY L 148 -31.21 82.55 130.38
N GLN L 149 -32.42 83.11 130.45
CA GLN L 149 -33.62 82.37 130.10
C GLN L 149 -33.56 81.90 128.65
N LYS L 150 -34.43 80.93 128.31
CA LYS L 150 -34.75 80.65 126.92
C LYS L 150 -36.19 81.09 126.65
N VAL L 151 -36.42 81.74 125.52
CA VAL L 151 -37.76 82.13 125.12
C VAL L 151 -38.03 81.58 123.73
N THR L 152 -39.32 81.44 123.40
CA THR L 152 -39.77 81.09 122.07
C THR L 152 -40.86 82.07 121.62
N ILE L 153 -40.88 82.33 120.31
CA ILE L 153 -41.79 83.32 119.71
C ILE L 153 -42.36 82.70 118.45
N SER L 154 -43.56 82.13 118.54
CA SER L 154 -44.10 81.39 117.41
C SER L 154 -45.30 82.07 116.78
N CYS L 155 -45.61 81.60 115.59
CA CYS L 155 -46.30 82.37 114.56
C CYS L 155 -46.91 81.38 113.58
N SER L 156 -48.24 81.31 113.55
CA SER L 156 -48.95 80.32 112.75
C SER L 156 -49.83 81.01 111.72
N GLY L 157 -50.09 80.31 110.63
CA GLY L 157 -50.97 80.80 109.59
C GLY L 157 -51.56 79.66 108.79
N SER L 158 -51.93 79.96 107.56
CA SER L 158 -52.72 79.08 106.74
C SER L 158 -51.89 77.90 106.22
N SER L 159 -52.54 77.06 105.43
CA SER L 159 -51.85 76.02 104.67
C SER L 159 -51.19 76.57 103.42
N SER L 160 -51.68 77.70 102.92
CA SER L 160 -51.12 78.28 101.70
C SER L 160 -49.68 78.75 101.93
N ASN L 161 -49.39 79.28 103.11
CA ASN L 161 -48.19 80.06 103.33
C ASN L 161 -47.15 79.33 104.18
N ILE L 162 -47.31 79.38 105.51
CA ILE L 162 -46.29 78.84 106.41
C ILE L 162 -46.15 77.33 106.26
N GLY L 163 -47.22 76.65 105.85
CA GLY L 163 -47.11 75.23 105.57
C GLY L 163 -46.38 74.89 104.29
N ARG L 164 -46.37 75.79 103.30
CA ARG L 164 -45.89 75.41 101.97
C ARG L 164 -44.60 76.09 101.61
N ASN L 165 -44.47 77.38 101.85
CA ASN L 165 -43.31 78.16 101.43
C ASN L 165 -42.34 78.35 102.60
N TYR L 166 -41.13 78.80 102.25
CA TYR L 166 -40.07 79.01 103.21
C TYR L 166 -40.38 80.22 104.09
N VAL L 167 -39.77 80.25 105.26
CA VAL L 167 -40.11 81.21 106.31
C VAL L 167 -38.90 82.11 106.55
N SER L 168 -39.18 83.39 106.79
CA SER L 168 -38.16 84.34 107.18
C SER L 168 -38.42 84.88 108.58
N TRP L 169 -37.36 85.36 109.22
CA TRP L 169 -37.43 85.98 110.53
C TRP L 169 -36.63 87.27 110.49
N TYR L 170 -37.22 88.36 110.96
CA TYR L 170 -36.58 89.66 110.97
C TYR L 170 -36.63 90.25 112.37
N GLN L 171 -35.47 90.66 112.87
CA GLN L 171 -35.33 91.23 114.20
C GLN L 171 -35.32 92.76 114.08
N GLN L 172 -36.39 93.42 114.54
CA GLN L 172 -36.42 94.88 114.52
C GLN L 172 -35.97 95.40 115.88
N LEU L 173 -34.66 95.61 116.00
CA LEU L 173 -34.06 96.31 117.12
C LEU L 173 -34.69 97.68 117.30
N PRO L 174 -34.78 98.18 118.53
CA PRO L 174 -35.51 99.43 118.78
C PRO L 174 -34.90 100.60 118.02
N GLY L 175 -35.75 101.28 117.26
CA GLY L 175 -35.37 102.45 116.49
C GLY L 175 -34.87 102.14 115.10
N ALA L 176 -34.22 101.00 114.91
CA ALA L 176 -33.61 100.69 113.62
C ALA L 176 -34.63 100.08 112.66
N ALA L 177 -34.17 99.90 111.42
CA ALA L 177 -34.91 99.16 110.42
C ALA L 177 -34.96 97.68 110.80
N PRO L 178 -35.82 96.89 110.14
CA PRO L 178 -35.75 95.43 110.32
C PRO L 178 -34.43 94.88 109.79
N LYS L 179 -34.13 93.66 110.22
CA LYS L 179 -32.87 92.99 109.89
C LYS L 179 -33.15 91.50 109.72
N LEU L 180 -32.69 90.93 108.60
CA LEU L 180 -32.90 89.52 108.38
C LEU L 180 -32.28 88.71 109.50
N LEU L 181 -33.11 88.01 110.27
CA LEU L 181 -32.64 87.11 111.33
C LEU L 181 -32.53 85.67 110.86
N LEU L 182 -33.53 85.15 110.14
CA LEU L 182 -33.46 83.81 109.59
C LEU L 182 -34.11 83.79 108.21
N TYR L 183 -33.61 82.90 107.36
CA TYR L 183 -34.16 82.64 106.03
C TYR L 183 -34.28 81.13 105.86
N ASP L 184 -34.89 80.71 104.75
CA ASP L 184 -35.00 79.30 104.39
C ASP L 184 -35.47 78.46 105.58
N ASN L 185 -36.65 78.81 106.09
CA ASN L 185 -37.25 78.14 107.24
C ASN L 185 -36.44 78.34 108.52
N ASN L 186 -35.15 77.97 108.52
CA ASN L 186 -34.41 77.91 109.78
C ASN L 186 -32.90 78.16 109.63
N LYS L 187 -32.49 79.01 108.69
CA LYS L 187 -31.08 79.27 108.42
C LYS L 187 -30.67 80.64 108.94
N ARG L 188 -29.41 80.76 109.36
CA ARG L 188 -28.89 82.02 109.88
C ARG L 188 -27.92 82.68 108.92
N PRO L 189 -28.11 83.97 108.67
CA PRO L 189 -27.07 84.76 108.01
C PRO L 189 -25.84 84.86 108.91
N SER L 190 -24.68 85.04 108.28
CA SER L 190 -23.46 85.25 109.06
C SER L 190 -23.58 86.53 109.87
N GLY L 191 -23.17 86.46 111.13
CA GLY L 191 -23.37 87.54 112.07
C GLY L 191 -24.58 87.36 112.98
N ILE L 192 -25.31 86.25 112.85
CA ILE L 192 -26.45 85.93 113.69
C ILE L 192 -26.09 84.69 114.50
N PRO L 193 -25.97 84.79 115.82
CA PRO L 193 -25.38 83.70 116.60
C PRO L 193 -26.28 82.48 116.70
N ASP L 194 -25.68 81.37 117.10
CA ASP L 194 -26.36 80.07 117.13
C ASP L 194 -27.39 79.95 118.24
N ARG L 195 -27.50 80.95 119.12
CA ARG L 195 -28.60 81.00 120.08
C ARG L 195 -29.96 80.96 119.39
N PHE L 196 -30.01 81.23 118.09
CA PHE L 196 -31.25 81.46 117.36
C PHE L 196 -31.61 80.22 116.53
N SER L 197 -32.89 79.86 116.55
CA SER L 197 -33.35 78.60 115.99
C SER L 197 -34.73 78.83 115.38
N ALA L 198 -35.23 77.80 114.68
CA ALA L 198 -36.57 77.85 114.11
C ALA L 198 -37.10 76.43 113.95
N SER L 199 -37.98 76.03 114.86
CA SER L 199 -38.83 74.88 114.58
C SER L 199 -39.97 75.29 113.66
N LYS L 200 -40.12 74.59 112.54
CA LYS L 200 -41.35 74.59 111.76
C LYS L 200 -42.01 73.23 111.94
N SER L 201 -43.32 73.23 112.10
CA SER L 201 -44.07 71.99 112.00
C SER L 201 -45.48 72.34 111.52
N GLY L 202 -45.88 71.72 110.43
CA GLY L 202 -47.15 72.02 109.81
C GLY L 202 -47.25 73.48 109.39
N PRO L 203 -48.36 74.12 109.76
CA PRO L 203 -48.57 75.52 109.35
C PRO L 203 -48.05 76.52 110.38
N SER L 204 -46.92 76.19 111.01
CA SER L 204 -46.45 76.97 112.15
C SER L 204 -44.94 76.91 112.27
N THR L 205 -44.35 78.00 112.74
CA THR L 205 -42.92 78.08 113.05
C THR L 205 -42.72 78.71 114.42
N THR L 206 -41.62 78.33 115.07
CA THR L 206 -41.18 78.87 116.36
C THR L 206 -39.78 79.45 116.21
N LEU L 207 -39.63 80.77 116.34
CA LEU L 207 -38.30 81.29 116.61
C LEU L 207 -37.92 80.91 118.04
N ALA L 208 -36.63 80.67 118.26
CA ALA L 208 -36.16 80.18 119.56
C ALA L 208 -34.83 80.86 119.91
N ILE L 209 -34.90 81.83 120.82
CA ILE L 209 -33.74 82.54 121.34
C ILE L 209 -33.40 81.93 122.71
N THR L 210 -32.14 81.53 122.89
CA THR L 210 -31.76 80.73 124.05
C THR L 210 -30.91 81.46 125.07
N GLY L 211 -29.81 82.09 124.68
CA GLY L 211 -29.00 82.74 125.68
C GLY L 211 -29.33 84.21 125.83
N LEU L 212 -30.54 84.56 126.31
CA LEU L 212 -30.92 85.98 126.27
C LEU L 212 -29.91 86.86 126.99
N GLN L 213 -29.36 87.78 126.20
CA GLN L 213 -28.73 88.98 126.66
C GLN L 213 -29.74 90.12 126.53
N THR L 214 -29.37 91.29 127.06
CA THR L 214 -30.22 92.45 126.84
C THR L 214 -30.15 92.90 125.39
N GLY L 215 -29.07 92.57 124.69
CA GLY L 215 -28.89 93.03 123.32
C GLY L 215 -30.05 92.69 122.41
N ASP L 216 -30.50 91.43 122.46
CA ASP L 216 -31.59 90.97 121.59
C ASP L 216 -32.94 91.19 122.27
N GLU L 217 -33.19 92.45 122.62
CA GLU L 217 -34.51 92.96 122.96
C GLU L 217 -34.98 93.81 121.78
N ALA L 218 -36.11 93.41 121.19
CA ALA L 218 -36.54 93.96 119.91
C ALA L 218 -37.94 93.47 119.54
N ASP L 219 -38.40 93.83 118.33
CA ASP L 219 -39.58 93.23 117.75
C ASP L 219 -39.15 92.10 116.80
N TYR L 220 -39.99 91.08 116.71
CA TYR L 220 -39.67 89.90 115.91
C TYR L 220 -40.84 89.58 114.99
N PHE L 221 -40.54 89.38 113.71
CA PHE L 221 -41.54 89.17 112.68
C PHE L 221 -41.21 87.93 111.86
N CYS L 222 -42.18 87.03 111.76
CA CYS L 222 -42.13 85.98 110.78
C CYS L 222 -42.49 86.54 109.40
N GLY L 223 -42.10 85.82 108.36
CA GLY L 223 -42.38 86.28 107.01
C GLY L 223 -42.42 85.15 106.00
N VAL L 224 -43.59 84.93 105.39
CA VAL L 224 -43.76 83.90 104.38
C VAL L 224 -44.64 84.42 103.26
N TRP L 225 -44.37 83.96 102.05
CA TRP L 225 -45.20 84.27 100.90
C TRP L 225 -46.46 83.42 100.91
N ASP L 226 -47.59 84.05 100.58
CA ASP L 226 -48.88 83.37 100.55
C ASP L 226 -49.15 82.97 99.10
N SER L 227 -49.01 81.67 98.81
CA SER L 227 -49.16 81.20 97.43
C SER L 227 -50.53 81.49 96.84
N SER L 228 -51.53 81.77 97.68
CA SER L 228 -52.88 82.06 97.20
C SER L 228 -53.16 83.55 97.18
N LEU L 229 -53.03 84.23 98.32
CA LEU L 229 -53.29 85.67 98.39
C LEU L 229 -52.33 86.46 97.50
N ARG L 230 -51.22 85.85 97.06
CA ARG L 230 -50.21 86.51 96.25
C ARG L 230 -49.68 87.77 96.94
N ALA L 231 -49.18 87.57 98.15
CA ALA L 231 -48.49 88.62 98.89
C ALA L 231 -47.59 87.98 99.92
N VAL L 232 -46.67 88.77 100.45
CA VAL L 232 -45.82 88.36 101.57
C VAL L 232 -46.55 88.70 102.86
N LEU L 233 -46.85 87.68 103.65
CA LEU L 233 -47.53 87.87 104.92
C LEU L 233 -46.52 88.10 106.03
N PHE L 234 -46.84 89.04 106.93
CA PHE L 234 -46.09 89.29 108.14
C PHE L 234 -46.94 88.98 109.35
N GLY L 235 -46.29 88.56 110.42
CA GLY L 235 -46.95 88.48 111.70
C GLY L 235 -47.11 89.84 112.33
N GLY L 236 -47.90 89.88 113.40
CA GLY L 236 -48.11 91.14 114.09
C GLY L 236 -46.85 91.65 114.76
N GLY L 237 -45.95 90.75 115.12
CA GLY L 237 -44.76 91.10 115.86
C GLY L 237 -44.82 90.55 117.28
N THR L 238 -43.69 90.68 117.96
CA THR L 238 -43.58 90.21 119.34
C THR L 238 -42.51 91.06 120.04
N LYS L 239 -42.94 92.06 120.80
CA LYS L 239 -42.00 92.83 121.59
C LYS L 239 -41.36 91.91 122.62
N LEU L 240 -40.04 91.82 122.60
CA LEU L 240 -39.32 90.95 123.52
C LEU L 240 -38.61 91.86 124.51
N THR L 241 -39.21 92.11 125.67
CA THR L 241 -38.53 92.94 126.66
C THR L 241 -37.71 92.09 127.63
N VAL L 242 -36.46 92.51 127.84
CA VAL L 242 -35.50 91.78 128.65
C VAL L 242 -35.29 92.53 129.96
N LEU L 243 -35.44 91.83 131.08
CA LEU L 243 -35.24 92.43 132.39
C LEU L 243 -33.89 92.04 132.99
N SER M 6 3.75 -4.90 -12.15
CA SER M 6 5.08 -4.97 -11.58
C SER M 6 5.04 -5.79 -10.28
N LEU M 7 6.21 -6.29 -9.85
CA LEU M 7 6.28 -7.25 -8.76
C LEU M 7 7.63 -7.12 -8.06
N HIS M 8 7.64 -7.38 -6.75
CA HIS M 8 8.86 -7.38 -5.94
C HIS M 8 9.06 -8.75 -5.29
N ILE M 9 10.30 -9.24 -5.34
CA ILE M 9 10.65 -10.56 -4.83
C ILE M 9 11.91 -10.48 -3.98
N TYR M 10 11.85 -11.09 -2.79
CA TYR M 10 12.99 -11.28 -1.90
C TYR M 10 13.26 -12.79 -1.82
N ASN M 11 14.32 -13.22 -2.50
CA ASN M 11 14.73 -14.62 -2.57
C ASN M 11 16.21 -14.73 -2.21
N TRP M 12 16.68 -15.96 -2.12
CA TRP M 12 18.06 -16.23 -1.74
C TRP M 12 19.01 -16.04 -2.92
N THR M 13 20.29 -15.86 -2.60
CA THR M 13 21.32 -15.84 -3.63
C THR M 13 21.45 -17.22 -4.27
N ASP M 14 21.83 -17.22 -5.55
CA ASP M 14 22.07 -18.45 -6.32
C ASP M 14 20.89 -19.41 -6.19
N TYR M 15 19.68 -18.86 -6.27
CA TYR M 15 18.49 -19.64 -5.98
C TYR M 15 17.49 -19.55 -7.14
N ILE M 16 18.00 -19.33 -8.35
CA ILE M 16 17.15 -19.10 -9.51
C ILE M 16 17.97 -19.17 -10.80
N ALA M 17 17.39 -19.71 -11.85
CA ALA M 17 18.07 -19.76 -13.14
C ALA M 17 18.13 -18.37 -13.74
N PRO M 18 19.17 -18.07 -14.55
CA PRO M 18 19.34 -16.70 -15.06
C PRO M 18 18.15 -16.16 -15.84
N THR M 19 17.74 -16.85 -16.89
CA THR M 19 16.67 -16.35 -17.76
C THR M 19 15.28 -16.64 -17.22
N THR M 20 15.17 -17.35 -16.09
CA THR M 20 13.89 -17.63 -15.46
C THR M 20 13.02 -16.38 -15.30
N LEU M 21 13.61 -15.27 -14.88
CA LEU M 21 12.80 -14.06 -14.76
C LEU M 21 12.54 -13.42 -16.11
N LYS M 22 13.56 -13.35 -16.98
CA LYS M 22 13.34 -12.87 -18.33
C LYS M 22 12.21 -13.63 -19.02
N ASP M 23 12.06 -14.91 -18.71
CA ASP M 23 10.99 -15.70 -19.29
C ASP M 23 9.63 -15.29 -18.76
N PHE M 24 9.44 -15.36 -17.43
CA PHE M 24 8.13 -15.04 -16.86
C PHE M 24 7.68 -13.63 -17.19
N THR M 25 8.62 -12.73 -17.49
CA THR M 25 8.26 -11.38 -17.91
C THR M 25 7.74 -11.38 -19.34
N LYS M 26 8.49 -11.98 -20.28
CA LYS M 26 8.07 -11.96 -21.68
C LYS M 26 6.73 -12.63 -21.89
N GLU M 27 6.48 -13.74 -21.16
CA GLU M 27 5.18 -14.41 -21.28
C GLU M 27 4.07 -13.59 -20.67
N SER M 28 4.30 -12.99 -19.50
CA SER M 28 3.23 -12.37 -18.73
C SER M 28 3.11 -10.87 -18.90
N GLY M 29 4.23 -10.16 -19.13
CA GLY M 29 4.24 -8.70 -19.16
C GLY M 29 4.62 -8.06 -17.84
N ILE M 30 4.51 -8.81 -16.76
CA ILE M 30 4.84 -8.35 -15.42
C ILE M 30 6.35 -8.18 -15.31
N ASP M 31 6.80 -7.10 -14.64
CA ASP M 31 8.21 -6.93 -14.34
C ASP M 31 8.49 -7.37 -12.90
N VAL M 32 9.77 -7.61 -12.63
CA VAL M 32 10.23 -8.25 -11.41
C VAL M 32 11.43 -7.48 -10.89
N SER M 33 11.33 -7.04 -9.64
CA SER M 33 12.48 -6.53 -8.89
C SER M 33 12.99 -7.68 -8.04
N TYR M 34 14.07 -8.32 -8.50
CA TYR M 34 14.65 -9.46 -7.81
C TYR M 34 15.75 -8.95 -6.88
N ASP M 35 15.46 -8.89 -5.59
CA ASP M 35 16.44 -8.55 -4.57
C ASP M 35 16.68 -9.78 -3.71
N VAL M 36 17.94 -9.97 -3.29
CA VAL M 36 18.38 -11.23 -2.72
C VAL M 36 18.91 -11.04 -1.30
N PHE M 37 19.06 -12.16 -0.61
CA PHE M 37 19.61 -12.25 0.74
C PHE M 37 20.24 -13.63 0.90
N ASP M 38 21.00 -13.82 1.98
CA ASP M 38 21.73 -15.07 2.18
C ASP M 38 21.47 -15.77 3.51
N SER M 39 20.78 -15.15 4.46
CA SER M 39 20.49 -15.77 5.75
C SER M 39 18.99 -15.73 6.01
N ASN M 40 18.47 -16.80 6.63
CA ASN M 40 17.08 -16.78 7.08
C ASN M 40 16.81 -15.56 7.96
N GLU M 41 17.77 -15.19 8.81
CA GLU M 41 17.56 -14.08 9.73
C GLU M 41 17.34 -12.77 8.98
N THR M 42 18.23 -12.45 8.04
CA THR M 42 18.08 -11.25 7.20
C THR M 42 16.65 -11.04 6.73
N LEU M 43 16.06 -12.08 6.13
CA LEU M 43 14.63 -12.04 5.81
C LEU M 43 13.78 -11.80 7.05
N GLU M 44 13.92 -12.62 8.09
CA GLU M 44 13.08 -12.38 9.27
C GLU M 44 13.29 -10.99 9.83
N GLY M 45 14.47 -10.41 9.62
CA GLY M 45 14.71 -9.02 9.97
C GLY M 45 13.81 -8.08 9.22
N LYS M 46 13.94 -8.09 7.89
CA LYS M 46 13.09 -7.33 6.98
C LYS M 46 11.62 -7.42 7.34
N LEU M 47 11.19 -8.59 7.83
CA LEU M 47 9.76 -8.83 8.01
C LEU M 47 9.22 -8.21 9.29
N VAL M 48 9.99 -8.24 10.39
CA VAL M 48 9.46 -7.68 11.63
C VAL M 48 9.57 -6.15 11.63
N SER M 49 10.54 -5.59 10.88
CA SER M 49 10.51 -4.16 10.58
C SER M 49 9.18 -3.75 9.95
N GLY M 50 8.56 -4.65 9.20
CA GLY M 50 7.18 -4.55 8.80
C GLY M 50 6.92 -3.91 7.45
N HIS M 51 7.72 -2.93 7.03
CA HIS M 51 7.32 -2.06 5.93
C HIS M 51 8.21 -2.27 4.71
N SER M 52 8.63 -3.51 4.44
CA SER M 52 9.36 -3.83 3.23
C SER M 52 8.37 -4.25 2.14
N GLY M 53 8.42 -3.55 1.01
CA GLY M 53 7.43 -3.71 -0.04
C GLY M 53 7.62 -4.92 -0.94
N TYR M 54 7.84 -6.08 -0.34
CA TYR M 54 8.02 -7.31 -1.10
C TYR M 54 6.68 -8.03 -1.24
N ASP M 55 6.34 -8.39 -2.46
CA ASP M 55 5.11 -9.13 -2.73
C ASP M 55 5.31 -10.63 -2.65
N ILE M 56 6.54 -11.08 -2.86
CA ILE M 56 6.93 -12.48 -2.68
C ILE M 56 8.24 -12.53 -1.90
N VAL M 57 8.23 -13.27 -0.79
CA VAL M 57 9.46 -13.66 -0.12
C VAL M 57 9.60 -15.17 -0.26
N VAL M 58 10.52 -15.74 0.53
CA VAL M 58 10.89 -17.16 0.59
C VAL M 58 11.57 -17.47 1.93
N PRO M 59 10.85 -17.77 3.00
CA PRO M 59 11.53 -18.24 4.23
C PRO M 59 11.66 -19.76 4.21
N SER M 60 12.49 -20.26 5.11
CA SER M 60 12.61 -21.70 5.32
C SER M 60 11.52 -22.17 6.29
N ASN M 61 11.29 -23.49 6.28
CA ASN M 61 10.14 -24.08 6.96
C ASN M 61 10.06 -23.65 8.42
N ASN M 62 11.16 -23.80 9.16
CA ASN M 62 11.12 -23.50 10.59
C ASN M 62 10.89 -22.02 10.86
N PHE M 63 11.23 -21.16 9.91
CA PHE M 63 11.00 -19.72 10.06
C PHE M 63 9.57 -19.35 9.68
N LEU M 64 9.16 -19.71 8.47
CA LEU M 64 7.77 -19.61 8.01
C LEU M 64 6.76 -19.87 9.11
N GLY M 65 6.95 -20.97 9.84
CA GLY M 65 5.99 -21.37 10.85
C GLY M 65 5.72 -20.34 11.93
N LYS M 66 6.76 -19.60 12.37
CA LYS M 66 6.66 -18.55 13.38
C LYS M 66 6.40 -17.15 12.80
N GLN M 67 6.36 -17.04 11.48
CA GLN M 67 5.99 -15.77 10.88
C GLN M 67 4.49 -15.74 10.64
N ILE M 68 3.96 -16.85 10.13
CA ILE M 68 2.53 -17.14 10.12
C ILE M 68 1.94 -16.89 11.49
N GLN M 69 2.64 -17.30 12.55
CA GLN M 69 2.17 -17.04 13.92
C GLN M 69 2.11 -15.55 14.25
N ALA M 70 2.76 -14.69 13.47
CA ALA M 70 2.72 -13.24 13.68
C ALA M 70 1.98 -12.52 12.57
N GLY M 71 1.28 -13.25 11.71
CA GLY M 71 0.49 -12.63 10.65
C GLY M 71 1.28 -11.97 9.56
N ALA M 72 2.61 -12.19 9.52
CA ALA M 72 3.44 -11.54 8.51
C ALA M 72 2.89 -11.76 7.11
N PHE M 73 2.18 -12.86 6.89
CA PHE M 73 1.68 -13.24 5.59
C PHE M 73 0.16 -13.21 5.54
N GLN M 74 -0.36 -13.13 4.31
CA GLN M 74 -1.79 -13.24 4.06
C GLN M 74 -2.10 -14.62 3.51
N LYS M 75 -3.34 -15.08 3.75
CA LYS M 75 -3.68 -16.43 3.33
C LYS M 75 -3.69 -16.53 1.80
N LEU M 76 -3.53 -17.77 1.32
CA LEU M 76 -3.47 -18.05 -0.11
C LEU M 76 -4.86 -18.23 -0.68
N ASP M 77 -5.26 -17.32 -1.57
CA ASP M 77 -6.35 -17.59 -2.49
C ASP M 77 -5.89 -18.64 -3.49
N LYS M 78 -6.16 -19.92 -3.21
CA LYS M 78 -5.65 -21.00 -4.05
C LYS M 78 -6.30 -21.02 -5.42
N SER M 79 -7.48 -20.40 -5.58
CA SER M 79 -8.10 -20.29 -6.88
C SER M 79 -7.26 -19.51 -7.87
N LYS M 80 -6.20 -18.84 -7.42
CA LYS M 80 -5.25 -18.18 -8.30
C LYS M 80 -3.93 -18.95 -8.38
N LEU M 81 -3.93 -20.21 -7.94
CA LEU M 81 -2.84 -21.15 -8.11
C LEU M 81 -3.41 -22.41 -8.76
N PRO M 82 -3.68 -22.36 -10.07
CA PRO M 82 -4.27 -23.54 -10.73
C PRO M 82 -3.35 -24.75 -10.70
N ASN M 83 -2.06 -24.55 -10.96
CA ASN M 83 -1.08 -25.63 -10.96
C ASN M 83 -0.68 -26.05 -9.55
N TRP M 84 -1.38 -25.58 -8.52
CA TRP M 84 -1.24 -26.15 -7.18
C TRP M 84 -1.36 -27.67 -7.23
N LYS M 85 -2.11 -28.20 -8.19
CA LYS M 85 -2.20 -29.64 -8.38
C LYS M 85 -0.84 -30.31 -8.58
N ASN M 86 0.11 -29.61 -9.20
CA ASN M 86 1.40 -30.19 -9.59
C ASN M 86 2.30 -30.51 -8.40
N LEU M 87 1.89 -30.14 -7.20
CA LEU M 87 2.71 -30.30 -6.01
C LEU M 87 2.55 -31.70 -5.42
N ASP M 88 3.65 -32.22 -4.85
CA ASP M 88 3.67 -33.50 -4.16
C ASP M 88 2.92 -33.36 -2.85
N PRO M 89 1.76 -33.99 -2.70
CA PRO M 89 1.01 -33.88 -1.44
C PRO M 89 1.72 -34.54 -0.28
N ALA M 90 2.56 -35.54 -0.53
CA ALA M 90 3.37 -36.11 0.56
C ALA M 90 4.36 -35.09 1.11
N LEU M 91 4.66 -34.03 0.37
CA LEU M 91 5.56 -32.97 0.83
C LEU M 91 4.77 -31.95 1.66
N LEU M 92 3.93 -31.15 0.98
CA LEU M 92 2.83 -30.41 1.59
C LEU M 92 2.36 -30.98 2.91
N LYS M 93 2.12 -32.30 2.93
CA LYS M 93 1.79 -33.02 4.16
C LYS M 93 2.83 -32.77 5.24
N GLN M 94 4.10 -33.09 4.95
CA GLN M 94 5.18 -32.95 5.91
C GLN M 94 5.29 -31.53 6.47
N LEU M 95 4.68 -30.55 5.81
CA LEU M 95 4.88 -29.15 6.15
C LEU M 95 3.84 -28.59 7.12
N GLU M 96 2.75 -29.30 7.33
CA GLU M 96 1.61 -28.69 8.01
C GLU M 96 1.91 -28.38 9.48
N VAL M 97 2.97 -29.00 10.03
CA VAL M 97 3.48 -28.63 11.34
C VAL M 97 3.89 -27.16 11.38
N SER M 98 4.26 -26.60 10.22
CA SER M 98 4.58 -25.18 10.11
C SER M 98 3.40 -24.37 9.59
N ASP M 99 2.95 -24.65 8.36
CA ASP M 99 1.80 -24.01 7.76
C ASP M 99 0.65 -25.00 7.73
N PRO M 100 -0.23 -25.02 8.73
CA PRO M 100 -1.30 -26.03 8.77
C PRO M 100 -2.25 -25.85 7.61
N GLY M 101 -2.50 -26.95 6.89
CA GLY M 101 -3.36 -26.86 5.72
C GLY M 101 -2.79 -26.07 4.55
N ASN M 102 -1.48 -25.83 4.55
CA ASN M 102 -0.79 -25.12 3.47
C ASN M 102 -1.52 -23.83 3.08
N GLN M 103 -1.71 -22.93 4.05
CA GLN M 103 -2.54 -21.76 3.81
C GLN M 103 -1.79 -20.54 3.30
N TYR M 104 -0.54 -20.37 3.70
CA TYR M 104 0.21 -19.17 3.35
C TYR M 104 1.43 -19.44 2.50
N ALA M 105 1.83 -20.72 2.37
CA ALA M 105 3.17 -21.06 1.90
C ALA M 105 3.07 -22.02 0.72
N VAL M 106 3.77 -21.69 -0.35
CA VAL M 106 3.91 -22.56 -1.53
C VAL M 106 5.35 -23.05 -1.57
N PRO M 107 5.60 -24.36 -1.61
CA PRO M 107 6.97 -24.85 -1.67
C PRO M 107 7.69 -24.33 -2.91
N TYR M 108 9.03 -24.34 -2.83
CA TYR M 108 9.85 -23.87 -3.93
C TYR M 108 10.94 -24.90 -4.20
N LEU M 109 12.00 -24.87 -3.39
CA LEU M 109 13.11 -25.80 -3.50
C LEU M 109 13.46 -26.32 -2.12
N TRP M 110 13.98 -27.54 -2.05
CA TRP M 110 14.39 -28.13 -0.78
C TRP M 110 15.73 -28.82 -0.95
N GLY M 111 16.33 -29.16 0.19
CA GLY M 111 17.62 -29.82 0.18
C GLY M 111 18.12 -30.11 1.58
N THR M 112 19.45 -30.11 1.74
CA THR M 112 20.06 -30.42 3.02
C THR M 112 21.31 -29.55 3.20
N ASN M 113 21.72 -29.38 4.45
CA ASN M 113 23.04 -28.81 4.68
C ASN M 113 24.06 -29.92 4.87
N GLY M 114 25.33 -29.56 4.77
CA GLY M 114 26.37 -30.54 4.95
C GLY M 114 27.73 -29.94 4.67
N ILE M 115 28.66 -30.81 4.30
CA ILE M 115 30.04 -30.44 4.07
C ILE M 115 30.31 -30.35 2.57
N GLY M 116 31.08 -29.34 2.17
CA GLY M 116 31.65 -29.27 0.84
C GLY M 116 33.14 -29.00 0.93
N TYR M 117 33.96 -29.86 0.34
CA TYR M 117 35.40 -29.78 0.53
C TYR M 117 36.14 -29.92 -0.80
N ASN M 118 37.35 -29.39 -0.82
CA ASN M 118 38.27 -29.52 -1.96
C ASN M 118 39.00 -30.84 -1.77
N VAL M 119 38.56 -31.88 -2.47
CA VAL M 119 39.06 -33.23 -2.19
C VAL M 119 40.56 -33.31 -2.36
N ALA M 120 41.13 -32.54 -3.29
CA ALA M 120 42.57 -32.54 -3.47
C ALA M 120 43.27 -31.83 -2.32
N LYS M 121 42.77 -30.66 -1.94
CA LYS M 121 43.43 -29.89 -0.90
C LYS M 121 43.19 -30.50 0.48
N VAL M 122 42.06 -31.19 0.67
CA VAL M 122 41.83 -31.90 1.92
C VAL M 122 42.83 -33.05 2.07
N LYS M 123 42.81 -33.98 1.12
CA LYS M 123 43.73 -35.13 1.18
C LYS M 123 45.17 -34.67 1.13
N GLU M 124 45.42 -33.44 0.69
CA GLU M 124 46.74 -32.83 0.85
C GLU M 124 47.09 -32.66 2.32
N VAL M 125 46.17 -32.17 3.16
CA VAL M 125 46.51 -31.90 4.56
C VAL M 125 46.17 -33.07 5.47
N LEU M 126 45.15 -33.86 5.15
CA LEU M 126 44.48 -34.74 6.10
C LEU M 126 44.67 -36.21 5.79
N GLY M 127 45.49 -36.54 4.81
CA GLY M 127 45.59 -37.91 4.37
C GLY M 127 44.22 -38.44 3.95
N ASP M 128 44.20 -39.74 3.69
CA ASP M 128 42.99 -40.37 3.17
C ASP M 128 42.00 -40.71 4.27
N GLN M 129 42.03 -40.01 5.39
CA GLN M 129 41.02 -40.28 6.40
C GLN M 129 39.66 -39.86 5.86
N PRO M 130 38.62 -40.66 6.11
CA PRO M 130 37.33 -40.42 5.45
C PRO M 130 36.71 -39.10 5.88
N ILE M 131 36.14 -38.39 4.91
CA ILE M 131 35.38 -37.18 5.18
C ILE M 131 33.90 -37.56 5.22
N ASP M 132 33.47 -38.11 6.36
CA ASP M 132 32.10 -38.60 6.48
C ASP M 132 31.49 -38.24 7.84
N SER M 133 32.09 -37.32 8.58
CA SER M 133 31.62 -37.02 9.93
C SER M 133 31.75 -35.53 10.21
N TRP M 134 30.72 -34.98 10.88
CA TRP M 134 30.81 -33.62 11.40
C TRP M 134 32.07 -33.43 12.23
N ALA M 135 32.61 -34.52 12.78
CA ALA M 135 33.87 -34.45 13.52
C ALA M 135 34.99 -33.83 12.70
N ILE M 136 34.85 -33.82 11.37
CA ILE M 136 35.80 -33.09 10.52
C ILE M 136 35.81 -31.60 10.90
N LEU M 137 34.63 -30.99 10.96
CA LEU M 137 34.53 -29.57 11.25
C LEU M 137 34.53 -29.25 12.74
N PHE M 138 34.09 -30.19 13.58
CA PHE M 138 33.84 -29.90 14.98
C PHE M 138 34.89 -30.47 15.92
N GLU M 139 35.92 -31.13 15.41
CA GLU M 139 36.97 -31.59 16.30
C GLU M 139 38.23 -30.77 16.07
N PRO M 140 38.86 -30.28 17.14
CA PRO M 140 40.02 -29.38 16.98
C PRO M 140 41.17 -30.03 16.24
N GLU M 141 41.45 -31.31 16.50
CA GLU M 141 42.61 -31.95 15.91
C GLU M 141 42.48 -32.02 14.39
N ASN M 142 41.27 -32.16 13.87
CA ASN M 142 41.06 -32.07 12.44
C ASN M 142 41.16 -30.62 11.95
N MET M 143 40.64 -29.68 12.74
CA MET M 143 40.51 -28.30 12.27
C MET M 143 41.86 -27.60 12.21
N LYS M 144 42.72 -27.82 13.22
CA LYS M 144 44.07 -27.26 13.22
C LYS M 144 44.75 -27.47 11.89
N LYS M 145 44.52 -28.63 11.28
CA LYS M 145 45.12 -28.94 9.98
C LYS M 145 44.40 -28.24 8.84
N LEU M 146 43.09 -28.51 8.69
CA LEU M 146 42.29 -27.84 7.65
C LEU M 146 42.42 -26.32 7.69
N ALA M 147 42.75 -25.78 8.86
CA ALA M 147 42.70 -24.33 9.05
C ALA M 147 43.61 -23.61 8.08
N LYS M 148 44.83 -24.09 7.87
CA LYS M 148 45.77 -23.43 6.98
C LYS M 148 45.44 -23.63 5.51
N CYS M 149 44.18 -24.01 5.23
CA CYS M 149 43.67 -24.12 3.88
C CYS M 149 42.28 -23.51 3.73
N GLY M 150 41.65 -23.10 4.83
CA GLY M 150 40.36 -22.41 4.76
C GLY M 150 39.17 -23.24 5.19
N VAL M 151 38.52 -22.84 6.29
CA VAL M 151 37.28 -23.45 6.74
C VAL M 151 36.23 -22.35 6.83
N ALA M 152 35.01 -22.65 6.42
CA ALA M 152 33.94 -21.66 6.33
C ALA M 152 32.69 -22.17 7.03
N PHE M 153 32.31 -21.51 8.11
CA PHE M 153 31.04 -21.77 8.80
C PHE M 153 30.03 -20.74 8.35
N MET M 154 28.77 -21.16 8.25
CA MET M 154 27.71 -20.21 7.97
C MET M 154 27.47 -19.31 9.17
N ASP M 155 27.09 -18.08 8.89
CA ASP M 155 26.76 -17.11 9.94
C ASP M 155 25.29 -17.26 10.26
N SER M 156 24.98 -18.17 11.19
CA SER M 156 23.62 -18.42 11.64
C SER M 156 23.62 -19.45 12.76
N GLY M 157 23.25 -19.03 13.97
CA GLY M 157 23.05 -19.99 15.04
C GLY M 157 22.05 -21.07 14.68
N ASP M 158 21.08 -20.73 13.81
CA ASP M 158 20.11 -21.71 13.34
C ASP M 158 20.78 -22.81 12.53
N GLU M 159 21.90 -22.52 11.87
CA GLU M 159 22.58 -23.55 11.09
C GLU M 159 23.57 -24.32 11.95
N MET M 160 24.45 -23.61 12.66
CA MET M 160 25.53 -24.27 13.38
C MET M 160 25.03 -25.04 14.60
N LEU M 161 24.53 -24.31 15.60
CA LEU M 161 24.21 -24.93 16.89
C LEU M 161 23.36 -26.20 16.78
N PRO M 162 22.31 -26.28 15.95
CA PRO M 162 21.66 -27.59 15.76
C PRO M 162 22.58 -28.65 15.19
N ALA M 163 23.24 -28.37 14.05
CA ALA M 163 24.20 -29.31 13.48
C ALA M 163 25.29 -29.69 14.47
N ALA M 164 25.53 -28.87 15.50
CA ALA M 164 26.42 -29.25 16.58
C ALA M 164 25.73 -30.20 17.56
N LEU M 165 24.48 -29.90 17.92
CA LEU M 165 23.68 -30.78 18.77
C LEU M 165 23.62 -32.19 18.19
N ASN M 166 23.47 -32.30 16.87
CA ASN M 166 23.24 -33.59 16.24
C ASN M 166 24.52 -34.40 16.09
N TYR M 167 25.66 -33.72 15.87
CA TYR M 167 26.94 -34.42 15.87
C TYR M 167 27.22 -35.05 17.23
N LEU M 168 26.80 -34.39 18.31
CA LEU M 168 27.01 -34.91 19.66
C LEU M 168 26.05 -36.03 20.02
N GLY M 169 24.94 -36.18 19.29
CA GLY M 169 23.91 -37.15 19.60
C GLY M 169 22.72 -36.59 20.33
N LEU M 170 22.74 -35.29 20.65
CA LEU M 170 21.62 -34.63 21.30
C LEU M 170 20.51 -34.37 20.28
N ASP M 171 19.40 -33.81 20.76
CA ASP M 171 18.32 -33.42 19.87
C ASP M 171 18.65 -32.07 19.25
N PRO M 172 18.63 -31.95 17.92
CA PRO M 172 18.88 -30.64 17.29
C PRO M 172 17.78 -29.61 17.59
N ASN M 173 16.76 -30.01 18.34
CA ASN M 173 15.67 -29.11 18.68
C ASN M 173 15.53 -28.83 20.17
N THR M 174 16.24 -29.57 21.02
CA THR M 174 16.18 -29.44 22.47
C THR M 174 15.97 -28.01 22.98
N HIS M 175 15.06 -27.85 23.93
CA HIS M 175 14.90 -26.57 24.61
C HIS M 175 15.81 -26.45 25.83
N ASP M 176 16.47 -27.54 26.20
CA ASP M 176 17.35 -27.52 27.35
C ASP M 176 18.52 -26.57 27.09
N PRO M 177 18.82 -25.64 28.00
CA PRO M 177 20.02 -24.80 27.83
C PRO M 177 21.32 -25.51 28.15
N LYS M 178 21.30 -26.69 28.79
CA LYS M 178 22.54 -27.42 29.01
C LYS M 178 23.06 -28.09 27.74
N ASP M 179 22.17 -28.69 26.94
CA ASP M 179 22.59 -29.24 25.65
C ASP M 179 23.31 -28.17 24.84
N TYR M 180 22.67 -27.01 24.68
CA TYR M 180 23.30 -25.87 24.02
C TYR M 180 24.64 -25.48 24.64
N LYS M 181 24.91 -25.88 25.89
CA LYS M 181 26.18 -25.54 26.54
C LYS M 181 27.32 -26.37 25.96
N LYS M 182 27.08 -27.64 25.69
CA LYS M 182 28.12 -28.52 25.18
C LYS M 182 28.34 -28.27 23.69
N ALA M 183 27.24 -28.21 22.93
CA ALA M 183 27.30 -27.80 21.54
C ALA M 183 27.99 -26.45 21.36
N GLU M 184 27.91 -25.58 22.37
CA GLU M 184 28.66 -24.32 22.32
C GLU M 184 30.16 -24.58 22.40
N GLU M 185 30.55 -25.44 23.35
CA GLU M 185 31.96 -25.66 23.63
C GLU M 185 32.64 -26.38 22.47
N VAL M 186 31.90 -27.27 21.80
CA VAL M 186 32.38 -27.89 20.57
C VAL M 186 32.73 -26.81 19.55
N LEU M 187 31.82 -25.88 19.32
CA LEU M 187 32.05 -24.83 18.32
C LEU M 187 33.10 -23.83 18.78
N THR M 188 33.02 -23.35 20.03
CA THR M 188 34.03 -22.42 20.53
C THR M 188 35.40 -23.06 20.70
N LYS M 189 35.50 -24.39 20.61
CA LYS M 189 36.79 -25.06 20.61
C LYS M 189 37.41 -25.15 19.22
N VAL M 190 36.65 -24.82 18.18
CA VAL M 190 37.18 -24.82 16.81
C VAL M 190 37.11 -23.44 16.16
N ARG M 191 36.42 -22.47 16.76
CA ARG M 191 36.39 -21.11 16.23
C ARG M 191 37.76 -20.56 15.86
N PRO M 192 38.85 -20.79 16.61
CA PRO M 192 40.17 -20.30 16.17
C PRO M 192 40.55 -20.69 14.75
N TYR M 193 40.12 -21.86 14.26
CA TYR M 193 40.54 -22.35 12.96
C TYR M 193 39.56 -22.00 11.85
N VAL M 194 38.47 -21.31 12.19
CA VAL M 194 37.46 -20.91 11.22
C VAL M 194 37.93 -19.66 10.51
N SER M 195 38.06 -19.74 9.18
CA SER M 195 38.54 -18.59 8.42
C SER M 195 37.54 -17.44 8.46
N TYR M 196 36.24 -17.73 8.35
CA TYR M 196 35.22 -16.69 8.45
C TYR M 196 33.86 -17.35 8.73
N PHE M 197 32.89 -16.50 9.09
CA PHE M 197 31.49 -16.90 9.23
C PHE M 197 30.72 -16.21 8.12
N HIS M 198 30.21 -16.97 7.16
CA HIS M 198 29.46 -16.37 6.07
C HIS M 198 28.64 -17.47 5.40
N SER M 199 27.36 -17.18 5.13
CA SER M 199 26.42 -18.14 4.59
C SER M 199 26.23 -18.01 3.08
N SER M 200 27.23 -17.50 2.36
CA SER M 200 27.11 -17.47 0.90
C SER M 200 28.45 -17.43 0.18
N LYS M 201 29.34 -16.52 0.57
CA LYS M 201 30.56 -16.33 -0.23
C LYS M 201 31.49 -17.55 -0.22
N TYR M 202 31.14 -18.64 0.46
CA TYR M 202 31.94 -19.86 0.36
C TYR M 202 31.76 -20.52 -1.00
N ILE M 203 30.56 -20.42 -1.58
CA ILE M 203 30.27 -20.96 -2.90
C ILE M 203 31.39 -20.65 -3.87
N SER M 204 31.63 -19.35 -4.10
CA SER M 204 32.71 -18.95 -4.99
C SER M 204 34.08 -19.22 -4.39
N ASP M 205 34.20 -19.13 -3.06
CA ASP M 205 35.50 -19.41 -2.43
C ASP M 205 35.93 -20.85 -2.64
N LEU M 206 34.99 -21.80 -2.47
CA LEU M 206 35.29 -23.19 -2.78
C LEU M 206 35.71 -23.36 -4.24
N ALA M 207 34.96 -22.77 -5.16
CA ALA M 207 35.17 -22.99 -6.58
C ALA M 207 36.47 -22.38 -7.09
N ASN M 208 36.97 -21.34 -6.41
CA ASN M 208 38.24 -20.72 -6.77
C ASN M 208 39.40 -21.23 -5.91
N GLY M 209 39.15 -22.18 -5.01
CA GLY M 209 40.23 -22.73 -4.22
C GLY M 209 40.76 -21.85 -3.11
N ASN M 210 40.00 -20.84 -2.68
CA ASN M 210 40.43 -20.04 -1.54
C ASN M 210 40.31 -20.82 -0.24
N ILE M 211 39.33 -21.71 -0.14
CA ILE M 211 39.08 -22.53 1.03
C ILE M 211 38.96 -23.98 0.58
N CYS M 212 39.21 -24.91 1.51
CA CYS M 212 39.25 -26.33 1.20
C CYS M 212 38.12 -27.12 1.82
N VAL M 213 37.16 -26.44 2.45
CA VAL M 213 36.12 -27.09 3.25
C VAL M 213 35.18 -26.02 3.79
N ALA M 214 33.89 -26.33 3.84
CA ALA M 214 32.90 -25.34 4.23
C ALA M 214 31.62 -26.04 4.68
N PHE M 215 31.01 -25.50 5.73
CA PHE M 215 29.64 -25.83 6.11
C PHE M 215 28.73 -25.18 5.07
N GLY M 216 28.31 -25.94 4.06
CA GLY M 216 27.54 -25.41 2.96
C GLY M 216 26.23 -26.14 2.75
N TYR M 217 25.37 -25.51 1.96
CA TYR M 217 24.12 -26.14 1.56
C TYR M 217 24.36 -27.09 0.41
N SER M 218 23.53 -28.13 0.32
CA SER M 218 23.65 -29.15 -0.72
C SER M 218 23.84 -28.55 -2.11
N GLY M 219 22.75 -28.06 -2.70
CA GLY M 219 22.81 -27.43 -4.01
C GLY M 219 23.78 -26.27 -4.10
N ASP M 220 24.09 -25.63 -2.98
CA ASP M 220 25.12 -24.60 -2.96
C ASP M 220 26.46 -25.17 -3.41
N VAL M 221 26.92 -26.23 -2.74
CA VAL M 221 28.22 -26.82 -3.06
C VAL M 221 28.23 -27.41 -4.46
N PHE M 222 27.14 -28.07 -4.85
CA PHE M 222 27.01 -28.51 -6.23
C PHE M 222 27.25 -27.36 -7.20
N GLN M 223 26.67 -26.18 -6.91
CA GLN M 223 26.94 -25.02 -7.76
C GLN M 223 28.42 -24.64 -7.71
N ALA M 224 29.01 -24.69 -6.51
CA ALA M 224 30.44 -24.43 -6.37
C ALA M 224 31.26 -25.36 -7.25
N ALA M 225 30.98 -26.66 -7.18
CA ALA M 225 31.72 -27.63 -7.97
C ALA M 225 31.60 -27.34 -9.47
N ALA M 226 30.38 -27.09 -9.94
CA ALA M 226 30.18 -26.81 -11.36
C ALA M 226 31.00 -25.61 -11.80
N ARG M 227 30.98 -24.54 -11.01
CA ARG M 227 31.82 -23.38 -11.31
C ARG M 227 33.30 -23.76 -11.38
N ALA M 228 33.72 -24.74 -10.59
CA ALA M 228 35.12 -25.13 -10.58
C ALA M 228 35.52 -25.76 -11.92
N GLU M 229 34.66 -26.65 -12.45
CA GLU M 229 34.91 -27.20 -13.78
C GLU M 229 34.71 -26.16 -14.87
N GLU M 230 33.73 -25.27 -14.70
CA GLU M 230 33.56 -24.17 -15.65
C GLU M 230 34.85 -23.37 -15.76
N ALA M 231 35.60 -23.22 -14.66
CA ALA M 231 36.90 -22.56 -14.63
C ALA M 231 38.04 -23.46 -15.09
N GLY M 232 37.80 -24.78 -15.20
CA GLY M 232 38.78 -25.72 -15.70
C GLY M 232 40.17 -25.61 -15.13
N LYS M 233 40.28 -25.22 -13.87
CA LYS M 233 41.55 -25.28 -13.14
C LYS M 233 41.70 -26.57 -12.33
N GLY M 234 40.82 -27.54 -12.55
CA GLY M 234 40.96 -28.84 -11.92
C GLY M 234 40.80 -28.84 -10.42
N ILE M 235 39.74 -28.21 -9.91
CA ILE M 235 39.42 -28.25 -8.49
C ILE M 235 38.20 -29.15 -8.31
N ASP M 236 38.40 -30.27 -7.62
CA ASP M 236 37.38 -31.28 -7.41
C ASP M 236 36.63 -30.95 -6.12
N ILE M 237 35.49 -30.28 -6.26
CA ILE M 237 34.65 -29.93 -5.11
C ILE M 237 33.61 -31.02 -4.92
N GLN M 238 33.38 -31.42 -3.66
CA GLN M 238 32.52 -32.57 -3.39
C GLN M 238 31.67 -32.30 -2.16
N TYR M 239 30.43 -32.75 -2.22
CA TYR M 239 29.45 -32.56 -1.16
C TYR M 239 29.16 -33.87 -0.45
N VAL M 240 29.05 -33.82 0.87
CA VAL M 240 28.88 -35.05 1.66
C VAL M 240 28.00 -34.81 2.87
N ILE M 241 26.92 -35.59 2.99
CA ILE M 241 26.06 -35.57 4.16
C ILE M 241 26.65 -36.53 5.19
N PRO M 242 27.09 -36.07 6.35
CA PRO M 242 27.89 -36.91 7.24
C PRO M 242 27.13 -38.12 7.79
N LYS M 243 27.92 -39.11 8.22
CA LYS M 243 27.48 -40.24 9.04
C LYS M 243 26.42 -39.89 10.08
N GLU M 244 26.58 -38.78 10.79
CA GLU M 244 25.68 -38.46 11.89
C GLU M 244 24.35 -37.84 11.46
N GLY M 245 24.04 -37.80 10.16
CA GLY M 245 22.87 -37.08 9.71
C GLY M 245 23.20 -35.64 9.40
N ALA M 246 22.16 -34.87 9.13
CA ALA M 246 22.30 -33.46 8.82
C ALA M 246 20.90 -32.83 8.85
N ASN M 247 20.79 -31.62 8.33
CA ASN M 247 19.57 -30.83 8.37
C ASN M 247 18.80 -30.94 7.07
N LEU M 248 17.48 -31.07 7.19
CA LEU M 248 16.57 -31.15 6.06
C LEU M 248 15.58 -30.00 6.15
N TRP M 249 15.45 -29.24 5.07
CA TRP M 249 14.67 -28.02 5.10
C TRP M 249 13.93 -27.86 3.77
N PHE M 250 12.86 -27.06 3.81
CA PHE M 250 12.06 -26.75 2.64
C PHE M 250 11.86 -25.24 2.59
N ASP M 251 12.28 -24.61 1.50
CA ASP M 251 12.05 -23.19 1.29
C ASP M 251 10.71 -22.99 0.60
N LEU M 252 9.92 -22.04 1.08
CA LEU M 252 8.61 -21.80 0.52
C LEU M 252 8.42 -20.33 0.20
N MET M 253 7.63 -20.06 -0.84
CA MET M 253 7.30 -18.72 -1.23
C MET M 253 6.05 -18.26 -0.47
N ALA M 254 6.00 -16.97 -0.16
CA ALA M 254 4.89 -16.46 0.61
C ALA M 254 4.70 -14.98 0.31
N ILE M 255 3.52 -14.49 0.65
CA ILE M 255 3.06 -13.15 0.34
C ILE M 255 2.74 -12.44 1.66
N PRO M 256 3.44 -11.37 2.01
CA PRO M 256 3.14 -10.68 3.28
C PRO M 256 1.73 -10.10 3.28
N ALA M 257 1.26 -9.76 4.48
CA ALA M 257 -0.09 -9.22 4.61
C ALA M 257 -0.23 -7.89 3.87
N ASP M 258 0.85 -7.11 3.79
CA ASP M 258 0.83 -5.80 3.16
C ASP M 258 1.30 -5.82 1.71
N ALA M 259 1.19 -6.96 1.03
CA ALA M 259 1.68 -7.04 -0.34
C ALA M 259 0.86 -6.16 -1.26
N LYS M 260 1.55 -5.27 -1.97
CA LYS M 260 0.87 -4.36 -2.89
C LYS M 260 0.48 -5.06 -4.17
N ALA M 261 1.37 -5.86 -4.73
CA ALA M 261 1.15 -6.55 -6.01
C ALA M 261 0.74 -8.00 -5.81
N ALA M 262 -0.16 -8.24 -4.85
CA ALA M 262 -0.54 -9.60 -4.50
C ALA M 262 -1.06 -10.38 -5.71
N ASP M 263 -1.97 -9.78 -6.48
CA ASP M 263 -2.52 -10.46 -7.64
C ASP M 263 -1.47 -10.85 -8.66
N ASN M 264 -0.29 -10.21 -8.64
CA ASN M 264 0.78 -10.68 -9.52
C ASN M 264 1.54 -11.84 -8.89
N ALA M 265 1.94 -11.69 -7.63
CA ALA M 265 2.68 -12.71 -6.88
C ALA M 265 2.02 -14.08 -7.06
N TYR M 266 0.71 -14.09 -7.31
CA TYR M 266 0.01 -15.33 -7.65
C TYR M 266 0.35 -15.78 -9.07
N ALA M 267 0.39 -14.86 -10.02
CA ALA M 267 0.74 -15.25 -11.39
C ALA M 267 2.19 -15.75 -11.48
N PHE M 268 3.08 -15.24 -10.64
CA PHE M 268 4.45 -15.75 -10.63
C PHE M 268 4.54 -17.11 -9.96
N ILE M 269 4.06 -17.20 -8.72
CA ILE M 269 4.08 -18.47 -7.99
C ILE M 269 3.50 -19.60 -8.81
N ASP M 270 2.44 -19.32 -9.57
CA ASP M 270 1.87 -20.38 -10.40
C ASP M 270 2.81 -20.74 -11.55
N TYR M 271 3.42 -19.73 -12.19
CA TYR M 271 4.38 -19.99 -13.26
C TYR M 271 5.50 -20.91 -12.81
N LEU M 272 5.94 -20.77 -11.56
CA LEU M 272 6.94 -21.68 -11.02
C LEU M 272 6.36 -23.02 -10.57
N LEU M 273 5.04 -23.14 -10.45
CA LEU M 273 4.41 -24.44 -10.26
C LEU M 273 4.35 -25.27 -11.53
N ARG M 274 4.61 -24.68 -12.69
CA ARG M 274 4.68 -25.46 -13.92
C ARG M 274 5.83 -26.47 -13.83
N PRO M 275 5.66 -27.67 -14.41
CA PRO M 275 6.75 -28.65 -14.39
C PRO M 275 7.99 -28.23 -15.16
N GLU M 276 7.82 -27.68 -16.37
CA GLU M 276 8.93 -27.35 -17.24
C GLU M 276 9.74 -26.18 -16.69
N VAL M 277 9.05 -25.21 -16.07
CA VAL M 277 9.71 -24.05 -15.50
C VAL M 277 10.63 -24.45 -14.36
N ILE M 278 10.08 -25.13 -13.34
CA ILE M 278 10.88 -25.42 -12.14
C ILE M 278 12.03 -26.35 -12.50
N ALA M 279 11.84 -27.23 -13.50
CA ALA M 279 12.92 -28.13 -13.92
C ALA M 279 14.12 -27.35 -14.46
N LYS M 280 13.86 -26.17 -15.03
CA LYS M 280 14.92 -25.29 -15.49
C LYS M 280 15.55 -24.52 -14.34
N VAL M 281 14.75 -24.18 -13.32
CA VAL M 281 15.31 -23.58 -12.10
C VAL M 281 16.24 -24.57 -11.40
N SER M 282 15.72 -25.76 -11.09
CA SER M 282 16.52 -26.76 -10.39
C SER M 282 17.76 -27.14 -11.18
N ASP M 283 17.65 -27.23 -12.51
CA ASP M 283 18.80 -27.59 -13.34
C ASP M 283 19.97 -26.65 -13.08
N TYR M 284 19.70 -25.36 -12.91
CA TYR M 284 20.75 -24.38 -12.74
C TYR M 284 21.25 -24.28 -11.29
N VAL M 285 20.40 -24.52 -10.30
CA VAL M 285 20.77 -24.24 -8.91
C VAL M 285 21.13 -25.51 -8.15
N GLY M 286 20.59 -26.65 -8.56
CA GLY M 286 20.96 -27.91 -7.96
C GLY M 286 20.22 -28.28 -6.68
N TYR M 287 19.03 -27.74 -6.48
CA TYR M 287 18.16 -28.10 -5.36
C TYR M 287 16.95 -28.86 -5.88
N ALA M 288 16.46 -29.80 -5.07
CA ALA M 288 15.28 -30.54 -5.46
C ALA M 288 14.04 -29.67 -5.35
N ASN M 289 13.16 -29.78 -6.34
CA ASN M 289 11.92 -29.04 -6.32
C ASN M 289 10.82 -29.92 -5.73
N ALA M 290 9.61 -29.36 -5.62
CA ALA M 290 8.45 -30.07 -5.11
C ALA M 290 7.43 -30.39 -6.20
N ILE M 291 7.86 -30.43 -7.45
CA ILE M 291 6.99 -30.71 -8.59
C ILE M 291 7.48 -32.00 -9.24
N PRO M 292 6.82 -33.13 -8.97
CA PRO M 292 7.31 -34.41 -9.53
C PRO M 292 7.32 -34.44 -11.05
N GLY M 293 6.25 -33.98 -11.69
CA GLY M 293 6.15 -33.99 -13.15
C GLY M 293 7.33 -33.36 -13.87
N ALA M 294 8.10 -32.54 -13.13
CA ALA M 294 9.28 -31.88 -13.67
C ALA M 294 10.50 -32.79 -13.71
N ARG M 295 10.55 -33.82 -12.88
CA ARG M 295 11.78 -34.60 -12.74
C ARG M 295 12.23 -35.28 -14.03
N PRO M 296 11.35 -36.00 -14.80
CA PRO M 296 11.83 -36.59 -16.06
C PRO M 296 12.21 -35.57 -17.12
N LEU M 297 12.31 -34.30 -16.71
CA LEU M 297 12.71 -33.21 -17.58
C LEU M 297 14.02 -32.56 -17.17
N MET M 298 14.53 -32.86 -15.98
CA MET M 298 15.73 -32.24 -15.46
C MET M 298 16.98 -32.98 -15.92
N ASP M 299 18.10 -32.28 -15.90
CA ASP M 299 19.37 -32.90 -16.23
C ASP M 299 19.63 -34.06 -15.29
N LYS M 300 20.05 -35.19 -15.86
CA LYS M 300 20.10 -36.42 -15.08
C LYS M 300 21.14 -36.34 -13.96
N SER M 301 22.06 -35.36 -13.99
CA SER M 301 23.00 -35.20 -12.89
C SER M 301 22.38 -34.54 -11.67
N VAL M 302 21.27 -33.85 -11.84
CA VAL M 302 20.52 -33.32 -10.71
C VAL M 302 19.37 -34.23 -10.35
N SER M 303 18.69 -34.80 -11.35
CA SER M 303 17.51 -35.60 -11.08
C SER M 303 17.85 -36.96 -10.48
N ASP M 304 19.04 -37.49 -10.76
CA ASP M 304 19.41 -38.81 -10.28
C ASP M 304 20.35 -38.79 -9.08
N SER M 305 20.88 -37.63 -8.71
CA SER M 305 21.85 -37.57 -7.63
C SER M 305 21.20 -37.89 -6.29
N GLU M 306 21.88 -38.74 -5.50
CA GLU M 306 21.38 -39.09 -4.18
C GLU M 306 21.62 -38.00 -3.13
N GLU M 307 22.44 -36.99 -3.42
CA GLU M 307 22.51 -35.80 -2.58
C GLU M 307 21.51 -34.72 -2.97
N VAL M 308 21.01 -34.73 -4.21
CA VAL M 308 19.98 -33.77 -4.59
C VAL M 308 18.60 -34.27 -4.15
N TYR M 309 18.25 -35.48 -4.55
CA TYR M 309 17.04 -36.16 -4.08
C TYR M 309 17.46 -37.37 -3.24
N PRO M 310 17.53 -37.25 -1.92
CA PRO M 310 18.07 -38.36 -1.11
C PRO M 310 17.10 -39.53 -1.01
N PRO M 311 17.61 -40.74 -0.80
CA PRO M 311 16.73 -41.89 -0.55
C PRO M 311 16.29 -41.92 0.89
N GLN M 312 15.16 -42.62 1.14
CA GLN M 312 14.61 -42.58 2.49
C GLN M 312 15.47 -43.33 3.50
N ALA M 313 16.50 -44.08 3.07
CA ALA M 313 17.49 -44.50 4.06
C ALA M 313 18.26 -43.30 4.60
N VAL M 314 18.48 -42.28 3.77
CA VAL M 314 19.21 -41.09 4.19
C VAL M 314 18.29 -40.11 4.93
N LEU M 315 17.06 -39.93 4.43
CA LEU M 315 16.12 -39.02 5.09
C LEU M 315 15.92 -39.38 6.55
N ASP M 316 15.86 -40.69 6.85
CA ASP M 316 15.62 -41.15 8.21
C ASP M 316 16.72 -40.72 9.18
N LYS M 317 17.88 -40.31 8.67
CA LYS M 317 18.95 -39.79 9.52
C LYS M 317 18.91 -38.28 9.65
N LEU M 318 18.27 -37.59 8.72
CA LEU M 318 18.19 -36.15 8.78
C LEU M 318 17.21 -35.72 9.86
N TYR M 319 17.35 -34.46 10.28
CA TYR M 319 16.40 -33.83 11.18
C TYR M 319 15.77 -32.64 10.47
N VAL M 320 14.55 -32.31 10.88
CA VAL M 320 13.84 -31.14 10.39
C VAL M 320 13.69 -30.17 11.55
N SER M 321 14.19 -28.95 11.37
CA SER M 321 14.14 -27.90 12.39
C SER M 321 12.71 -27.65 12.79
N ALA M 322 12.42 -27.83 14.08
CA ALA M 322 11.08 -27.58 14.58
C ALA M 322 10.88 -26.11 14.89
N VAL M 323 9.63 -25.66 14.83
CA VAL M 323 9.30 -24.29 15.24
C VAL M 323 9.62 -24.17 16.73
N LEU M 324 10.88 -23.90 17.01
CA LEU M 324 11.40 -23.68 18.35
C LEU M 324 10.63 -22.58 19.06
N PRO M 325 10.43 -22.66 20.37
CA PRO M 325 9.79 -21.56 21.09
C PRO M 325 10.69 -20.33 21.12
N ALA M 326 10.08 -19.20 21.50
CA ALA M 326 10.81 -17.93 21.49
C ALA M 326 11.80 -17.85 22.63
N LYS M 327 11.43 -18.36 23.82
CA LYS M 327 12.35 -18.54 24.95
C LYS M 327 13.66 -19.15 24.49
N VAL M 328 13.57 -20.05 23.50
CA VAL M 328 14.71 -20.81 23.02
C VAL M 328 15.49 -20.06 21.95
N LEU M 329 14.80 -19.32 21.06
CA LEU M 329 15.51 -18.66 19.96
C LEU M 329 16.44 -17.57 20.48
N ARG M 330 16.12 -16.96 21.62
CA ARG M 330 17.08 -16.11 22.32
C ARG M 330 18.31 -16.91 22.73
N LEU M 331 18.10 -18.09 23.32
CA LEU M 331 19.24 -18.94 23.69
C LEU M 331 20.10 -19.23 22.47
N GLN M 332 19.48 -19.65 21.36
CA GLN M 332 20.18 -19.77 20.09
C GLN M 332 21.04 -18.56 19.81
N THR M 333 20.40 -17.41 19.57
CA THR M 333 21.10 -16.22 19.11
C THR M 333 21.97 -15.57 20.18
N ARG M 334 21.70 -15.81 21.46
CA ARG M 334 22.65 -15.41 22.50
C ARG M 334 23.94 -16.22 22.38
N THR M 335 23.80 -17.55 22.41
CA THR M 335 24.97 -18.43 22.31
C THR M 335 25.75 -18.18 21.03
N TRP M 336 25.06 -18.10 19.89
CA TRP M 336 25.73 -17.81 18.62
C TRP M 336 26.54 -16.52 18.68
N THR M 337 26.03 -15.50 19.36
CA THR M 337 26.73 -14.23 19.45
C THR M 337 27.99 -14.34 20.29
N ARG M 338 27.91 -15.06 21.42
CA ARG M 338 29.05 -15.30 22.29
C ARG M 338 30.24 -15.95 21.58
N ILE M 339 30.04 -16.55 20.40
CA ILE M 339 31.07 -17.31 19.71
C ILE M 339 31.81 -16.34 18.80
N LYS M 340 31.73 -15.05 19.11
CA LYS M 340 32.34 -14.01 18.27
C LYS M 340 32.84 -12.82 19.09
N GLN N 3 -2.86 -49.19 -25.01
CA GLN N 3 -2.31 -48.25 -24.04
C GLN N 3 -0.80 -48.05 -24.15
N VAL N 4 -0.24 -47.51 -23.08
CA VAL N 4 1.10 -46.96 -22.97
C VAL N 4 2.03 -47.91 -23.70
N GLN N 5 2.72 -47.40 -24.72
CA GLN N 5 3.52 -48.22 -25.61
C GLN N 5 4.25 -47.28 -26.56
N LEU N 6 5.24 -47.84 -27.24
CA LEU N 6 6.04 -47.12 -28.23
C LEU N 6 6.10 -47.99 -29.47
N VAL N 7 5.63 -47.45 -30.59
CA VAL N 7 5.69 -48.10 -31.88
C VAL N 7 6.92 -47.56 -32.61
N GLU N 8 7.81 -48.47 -33.02
CA GLU N 8 8.99 -48.14 -33.79
C GLU N 8 8.81 -48.55 -35.25
N THR N 9 9.32 -47.69 -36.12
CA THR N 9 9.82 -47.99 -37.46
C THR N 9 10.04 -49.46 -37.82
N GLY N 10 9.84 -49.77 -39.10
CA GLY N 10 10.14 -51.08 -39.60
C GLY N 10 11.63 -51.25 -39.85
N ASP N 11 12.12 -52.44 -39.49
CA ASP N 11 13.51 -52.83 -39.71
C ASP N 11 13.97 -52.52 -41.11
N GLU N 12 15.25 -52.18 -41.24
CA GLU N 12 15.73 -51.40 -42.37
C GLU N 12 17.17 -51.83 -42.66
N VAL N 13 17.61 -51.63 -43.91
CA VAL N 13 18.88 -52.18 -44.36
C VAL N 13 19.64 -51.18 -45.22
N LYS N 14 20.77 -50.74 -44.67
CA LYS N 14 21.57 -49.71 -45.35
C LYS N 14 23.00 -50.19 -45.53
N THR N 15 23.80 -49.41 -46.23
CA THR N 15 25.21 -49.74 -46.53
C THR N 15 26.12 -48.68 -45.95
N PRO N 16 27.45 -48.82 -45.97
CA PRO N 16 28.39 -47.85 -45.39
C PRO N 16 28.33 -46.32 -45.53
N GLY N 17 27.35 -45.73 -46.19
CA GLY N 17 27.15 -44.27 -46.27
C GLY N 17 25.90 -43.98 -45.50
N ALA N 18 25.84 -44.62 -44.33
CA ALA N 18 24.70 -44.61 -43.41
C ALA N 18 24.03 -43.25 -43.31
N SER N 19 22.75 -43.27 -43.57
CA SER N 19 21.87 -42.11 -43.31
C SER N 19 20.56 -42.77 -42.93
N VAL N 20 20.53 -43.29 -41.71
CA VAL N 20 19.39 -44.06 -41.18
C VAL N 20 18.58 -43.12 -40.31
N LYS N 21 17.27 -43.30 -40.28
CA LYS N 21 16.43 -42.49 -39.37
C LYS N 21 15.41 -43.44 -38.77
N VAL N 22 15.38 -43.60 -37.46
CA VAL N 22 14.41 -44.54 -36.87
C VAL N 22 13.24 -43.74 -36.31
N SER N 23 12.02 -44.21 -36.49
CA SER N 23 10.86 -43.50 -35.97
C SER N 23 10.33 -44.21 -34.74
N CYS N 24 10.06 -43.44 -33.69
CA CYS N 24 9.48 -43.97 -32.46
C CYS N 24 8.24 -43.14 -32.11
N LYS N 25 7.08 -43.65 -32.48
CA LYS N 25 5.81 -43.04 -32.11
C LYS N 25 5.37 -43.56 -30.73
N VAL N 26 4.36 -42.91 -30.17
CA VAL N 26 3.87 -43.26 -28.85
C VAL N 26 2.36 -43.41 -28.85
N SER N 27 1.79 -43.41 -27.65
CA SER N 27 0.47 -43.95 -27.36
C SER N 27 0.30 -44.13 -25.86
N GLY N 28 -0.83 -43.67 -25.31
CA GLY N 28 -1.21 -43.98 -23.94
C GLY N 28 -0.73 -43.02 -22.88
N TYR N 29 0.41 -42.36 -23.09
CA TYR N 29 0.99 -41.44 -22.11
C TYR N 29 1.25 -40.09 -22.76
N THR N 30 1.06 -39.01 -21.99
CA THR N 30 1.39 -37.67 -22.46
C THR N 30 2.86 -37.63 -22.88
N PHE N 31 3.07 -37.37 -24.17
CA PHE N 31 4.38 -37.54 -24.78
C PHE N 31 5.42 -36.60 -24.18
N THR N 32 5.11 -35.30 -24.15
CA THR N 32 6.09 -34.31 -23.73
C THR N 32 6.24 -34.19 -22.21
N SER N 33 5.76 -35.16 -21.44
CA SER N 33 5.88 -35.14 -19.99
C SER N 33 6.97 -36.07 -19.48
N TYR N 34 7.77 -36.63 -20.38
CA TYR N 34 8.89 -37.50 -20.06
C TYR N 34 9.90 -37.35 -21.19
N GLY N 35 11.16 -37.65 -20.90
CA GLY N 35 12.16 -37.77 -21.94
C GLY N 35 11.95 -39.03 -22.75
N ILE N 36 12.84 -39.22 -23.73
CA ILE N 36 12.90 -40.47 -24.49
C ILE N 36 14.34 -40.81 -24.80
N SER N 37 14.75 -42.00 -24.42
CA SER N 37 16.10 -42.53 -24.58
C SER N 37 16.19 -43.41 -25.82
N TRP N 38 17.42 -43.54 -26.32
CA TRP N 38 17.73 -44.40 -27.46
C TRP N 38 18.89 -45.31 -27.07
N VAL N 39 18.66 -46.62 -27.08
CA VAL N 39 19.61 -47.59 -26.53
C VAL N 39 19.88 -48.65 -27.58
N ARG N 40 21.01 -48.51 -28.29
CA ARG N 40 21.42 -49.46 -29.31
C ARG N 40 21.90 -50.77 -28.70
N GLN N 41 21.73 -51.87 -29.45
CA GLN N 41 22.23 -53.18 -29.04
C GLN N 41 22.71 -53.97 -30.25
N ALA N 42 23.98 -54.34 -30.24
CA ALA N 42 24.57 -55.14 -31.30
C ALA N 42 24.04 -56.57 -31.24
N PRO N 43 24.16 -57.32 -32.34
CA PRO N 43 23.72 -58.73 -32.33
C PRO N 43 24.55 -59.56 -31.35
N GLY N 44 23.86 -60.20 -30.42
CA GLY N 44 24.50 -61.07 -29.45
C GLY N 44 25.20 -60.39 -28.30
N GLN N 45 25.22 -59.06 -28.25
CA GLN N 45 26.02 -58.36 -27.25
C GLN N 45 25.15 -57.49 -26.35
N GLY N 46 25.76 -56.57 -25.61
CA GLY N 46 25.07 -55.84 -24.56
C GLY N 46 24.36 -54.58 -25.04
N LEU N 47 23.91 -53.80 -24.07
CA LEU N 47 23.19 -52.56 -24.34
C LEU N 47 24.16 -51.38 -24.37
N GLU N 48 23.96 -50.48 -25.33
CA GLU N 48 24.72 -49.24 -25.41
C GLU N 48 23.81 -48.03 -25.48
N TRP N 49 24.01 -47.12 -24.54
CA TRP N 49 23.35 -45.82 -24.53
C TRP N 49 23.76 -44.98 -25.73
N MET N 50 22.78 -44.40 -26.42
CA MET N 50 23.06 -43.49 -27.52
C MET N 50 22.84 -42.04 -27.07
N GLY N 51 21.59 -41.68 -26.81
CA GLY N 51 21.26 -40.34 -26.37
C GLY N 51 19.91 -40.28 -25.70
N TRP N 52 19.57 -39.07 -25.24
CA TRP N 52 18.33 -38.80 -24.52
C TRP N 52 17.79 -37.45 -24.95
N ILE N 53 16.51 -37.42 -25.35
CA ILE N 53 15.92 -36.18 -25.87
C ILE N 53 14.80 -35.77 -24.93
N ASN N 54 14.60 -34.45 -24.83
CA ASN N 54 13.48 -33.91 -24.09
C ASN N 54 12.38 -33.52 -25.05
N PRO N 55 11.21 -34.16 -24.99
CA PRO N 55 10.10 -33.74 -25.87
C PRO N 55 9.60 -32.35 -25.57
N ASN N 56 9.53 -31.94 -24.30
CA ASN N 56 8.94 -30.65 -23.97
C ASN N 56 9.78 -29.50 -24.53
N SER N 57 11.09 -29.56 -24.34
CA SER N 57 11.97 -28.47 -24.76
C SER N 57 12.61 -28.70 -26.11
N GLY N 58 12.79 -29.95 -26.53
CA GLY N 58 13.54 -30.26 -27.72
C GLY N 58 15.03 -30.42 -27.48
N GLY N 59 15.52 -30.07 -26.30
CA GLY N 59 16.92 -30.23 -25.98
C GLY N 59 17.36 -31.67 -25.94
N THR N 60 18.67 -31.85 -25.90
CA THR N 60 19.22 -33.17 -26.22
C THR N 60 20.58 -33.40 -25.54
N ASN N 61 20.83 -34.66 -25.20
CA ASN N 61 22.05 -35.16 -24.57
C ASN N 61 22.53 -36.35 -25.38
N TYR N 62 23.58 -36.17 -26.18
CA TYR N 62 24.19 -37.27 -26.91
C TYR N 62 25.33 -37.86 -26.09
N ALA N 63 25.39 -39.18 -26.00
CA ALA N 63 26.59 -39.80 -25.46
C ALA N 63 27.79 -39.37 -26.29
N GLN N 64 28.91 -39.12 -25.60
CA GLN N 64 30.09 -38.55 -26.26
C GLN N 64 30.54 -39.38 -27.46
N LYS N 65 30.39 -40.71 -27.42
CA LYS N 65 30.84 -41.56 -28.52
C LYS N 65 30.20 -41.16 -29.84
N PHE N 66 28.91 -40.83 -29.82
CA PHE N 66 28.19 -40.59 -31.07
C PHE N 66 28.02 -39.13 -31.43
N GLN N 67 28.12 -38.20 -30.47
CA GLN N 67 27.87 -36.79 -30.71
C GLN N 67 28.57 -36.36 -31.99
N GLY N 68 27.85 -35.63 -32.83
CA GLY N 68 28.38 -35.22 -34.11
C GLY N 68 28.19 -36.21 -35.24
N ARG N 69 27.32 -37.20 -35.08
CA ARG N 69 26.89 -38.01 -36.20
C ARG N 69 25.50 -38.57 -35.89
N VAL N 70 25.03 -38.30 -34.66
CA VAL N 70 23.70 -38.65 -34.20
C VAL N 70 22.84 -37.39 -34.12
N THR N 71 21.57 -37.52 -34.44
CA THR N 71 20.64 -36.41 -34.40
C THR N 71 19.33 -36.90 -33.81
N MET N 72 18.87 -36.27 -32.74
CA MET N 72 17.61 -36.65 -32.11
C MET N 72 16.63 -35.49 -32.19
N THR N 73 15.48 -35.75 -32.80
CA THR N 73 14.45 -34.74 -33.03
C THR N 73 13.10 -35.31 -32.61
N ARG N 74 12.03 -34.59 -32.93
CA ARG N 74 10.69 -34.96 -32.50
C ARG N 74 9.67 -34.05 -33.16
N ASP N 75 8.51 -34.61 -33.47
CA ASP N 75 7.35 -33.85 -33.90
C ASP N 75 6.31 -34.02 -32.79
N THR N 76 6.32 -33.11 -31.81
CA THR N 76 5.41 -33.21 -30.68
C THR N 76 3.96 -33.22 -31.12
N SER N 77 3.65 -32.58 -32.25
CA SER N 77 2.31 -32.62 -32.80
C SER N 77 1.87 -34.06 -33.08
N ILE N 78 2.66 -34.78 -33.88
CA ILE N 78 2.37 -36.18 -34.15
C ILE N 78 2.62 -37.05 -32.92
N SER N 79 3.46 -36.59 -31.99
CA SER N 79 3.88 -37.37 -30.82
C SER N 79 4.74 -38.57 -31.23
N THR N 80 5.77 -38.30 -32.03
CA THR N 80 6.78 -39.31 -32.37
C THR N 80 8.16 -38.70 -32.17
N ALA N 81 9.14 -39.55 -31.90
CA ALA N 81 10.52 -39.13 -31.78
C ALA N 81 11.34 -39.78 -32.88
N TYR N 82 12.46 -39.12 -33.20
CA TYR N 82 13.28 -39.50 -34.34
C TYR N 82 14.74 -39.52 -33.92
N MET N 83 15.44 -40.61 -34.21
CA MET N 83 16.88 -40.67 -34.02
C MET N 83 17.54 -40.89 -35.38
N GLU N 84 18.65 -40.18 -35.64
CA GLU N 84 19.28 -40.15 -36.96
C GLU N 84 20.80 -40.38 -36.85
N LEU N 85 21.22 -41.64 -36.95
CA LEU N 85 22.65 -41.97 -37.07
C LEU N 85 23.10 -41.71 -38.50
N SER N 86 24.24 -41.03 -38.67
CA SER N 86 24.54 -40.44 -39.98
C SER N 86 26.02 -40.62 -40.38
N ARG N 87 26.57 -41.82 -40.16
CA ARG N 87 27.49 -42.49 -41.12
C ARG N 87 27.62 -43.92 -40.60
N LEU N 88 26.73 -44.80 -41.08
CA LEU N 88 26.83 -46.19 -40.63
C LEU N 88 28.17 -46.76 -41.04
N ARG N 89 28.82 -47.38 -40.07
CA ARG N 89 29.83 -48.41 -40.29
C ARG N 89 29.22 -49.76 -39.92
N SER N 90 29.78 -50.81 -40.52
CA SER N 90 29.25 -52.15 -40.27
C SER N 90 29.13 -52.46 -38.78
N ASP N 91 29.99 -51.84 -37.95
CA ASP N 91 29.88 -51.93 -36.50
C ASP N 91 28.50 -51.50 -35.98
N ASP N 92 27.82 -50.61 -36.69
CA ASP N 92 26.54 -50.08 -36.24
C ASP N 92 25.40 -51.08 -36.41
N THR N 93 25.65 -52.23 -37.04
CA THR N 93 24.68 -53.30 -37.21
C THR N 93 24.08 -53.69 -35.86
N ALA N 94 22.80 -53.42 -35.64
CA ALA N 94 22.26 -53.51 -34.28
C ALA N 94 20.74 -53.34 -34.31
N VAL N 95 20.10 -53.87 -33.26
CA VAL N 95 18.73 -53.49 -32.94
C VAL N 95 18.77 -52.15 -32.22
N TYR N 96 17.91 -51.23 -32.63
CA TYR N 96 17.88 -49.87 -32.10
C TYR N 96 16.61 -49.67 -31.29
N TYR N 97 16.77 -49.50 -29.98
CA TYR N 97 15.64 -49.44 -29.05
C TYR N 97 15.23 -48.01 -28.73
N CYS N 98 13.95 -47.83 -28.42
CA CYS N 98 13.42 -46.53 -28.05
C CYS N 98 12.73 -46.65 -26.69
N ALA N 99 13.07 -45.75 -25.76
CA ALA N 99 12.71 -45.93 -24.36
C ALA N 99 12.18 -44.62 -23.79
N ARG N 100 10.94 -44.65 -23.31
CA ARG N 100 10.43 -43.60 -22.43
C ARG N 100 11.29 -43.51 -21.19
N ASP N 101 11.92 -42.36 -20.99
CA ASP N 101 12.83 -42.16 -19.86
C ASP N 101 12.13 -41.33 -18.79
N LYS N 102 11.66 -42.02 -17.75
CA LYS N 102 11.21 -41.40 -16.51
C LYS N 102 12.37 -41.19 -15.52
N ARG N 103 13.61 -41.13 -16.04
CA ARG N 103 14.90 -41.30 -15.36
C ARG N 103 15.35 -42.75 -15.43
N TYR N 104 14.39 -43.69 -15.39
CA TYR N 104 14.64 -45.09 -15.68
C TYR N 104 13.68 -45.55 -16.77
N MET N 105 14.22 -46.28 -17.75
CA MET N 105 13.50 -46.64 -18.97
C MET N 105 12.45 -47.70 -18.64
N ASP N 106 11.30 -47.24 -18.16
CA ASP N 106 10.25 -48.14 -17.69
C ASP N 106 9.39 -48.70 -18.82
N VAL N 107 9.45 -48.14 -20.02
CA VAL N 107 8.69 -48.63 -21.17
C VAL N 107 9.59 -48.59 -22.39
N TRP N 108 9.82 -49.74 -23.00
CA TRP N 108 10.68 -49.88 -24.15
C TRP N 108 9.85 -50.09 -25.41
N GLY N 109 10.45 -49.81 -26.55
CA GLY N 109 9.86 -50.14 -27.83
C GLY N 109 10.09 -51.60 -28.17
N LYS N 110 9.97 -51.91 -29.46
CA LYS N 110 10.24 -53.26 -29.94
C LYS N 110 11.64 -53.39 -30.54
N GLY N 111 12.26 -52.28 -30.91
CA GLY N 111 13.59 -52.31 -31.50
C GLY N 111 13.56 -52.47 -33.01
N THR N 112 14.08 -51.50 -33.74
CA THR N 112 14.22 -51.59 -35.19
C THR N 112 15.59 -52.15 -35.54
N THR N 113 15.60 -53.24 -36.30
CA THR N 113 16.83 -53.95 -36.65
C THR N 113 17.45 -53.29 -37.88
N VAL N 114 18.49 -52.48 -37.66
CA VAL N 114 19.23 -51.84 -38.73
C VAL N 114 20.51 -52.64 -38.95
N THR N 115 20.70 -53.14 -40.17
CA THR N 115 21.87 -53.95 -40.52
C THR N 115 22.59 -53.30 -41.70
N VAL N 116 23.70 -52.64 -41.40
CA VAL N 116 24.57 -52.05 -42.42
C VAL N 116 25.63 -53.08 -42.81
N SER N 117 25.56 -53.57 -44.04
CA SER N 117 26.46 -54.62 -44.50
C SER N 117 27.10 -54.23 -45.83
N SER N 118 28.42 -54.47 -45.91
CA SER N 118 29.32 -54.40 -47.06
C SER N 118 30.63 -53.74 -46.65
N GLY N 119 31.43 -53.36 -47.63
CA GLY N 119 32.71 -52.74 -47.34
C GLY N 119 33.49 -52.38 -48.59
N VAL N 136 33.40 -47.64 -19.07
CA VAL N 136 32.21 -48.40 -18.75
C VAL N 136 32.49 -49.15 -17.43
N LEU N 137 31.47 -49.77 -16.85
CA LEU N 137 31.55 -50.37 -15.53
C LEU N 137 31.55 -51.90 -15.61
N THR N 138 32.19 -52.54 -14.62
CA THR N 138 32.45 -53.96 -14.66
C THR N 138 31.33 -54.77 -14.03
N GLN N 139 31.03 -55.91 -14.66
CA GLN N 139 29.98 -56.86 -14.31
C GLN N 139 30.32 -58.21 -14.91
N PRO N 140 30.10 -59.31 -14.18
CA PRO N 140 30.48 -60.62 -14.71
C PRO N 140 29.78 -60.92 -15.97
N PRO N 141 30.26 -61.88 -16.79
CA PRO N 141 29.58 -62.19 -18.05
C PRO N 141 28.52 -63.27 -17.94
N SER N 142 28.51 -64.04 -16.85
CA SER N 142 27.50 -65.06 -16.64
C SER N 142 27.66 -65.76 -15.29
N VAL N 143 26.53 -66.06 -14.64
CA VAL N 143 26.47 -67.03 -13.57
C VAL N 143 25.47 -68.10 -14.00
N SER N 144 25.71 -69.33 -13.55
CA SER N 144 24.80 -70.44 -13.76
C SER N 144 24.37 -70.99 -12.41
N GLY N 145 23.06 -71.15 -12.22
CA GLY N 145 22.52 -71.67 -10.99
C GLY N 145 21.52 -72.78 -11.26
N ALA N 146 21.19 -73.50 -10.20
CA ALA N 146 20.16 -74.52 -10.23
C ALA N 146 18.87 -73.99 -9.61
N PRO N 147 17.72 -74.54 -10.00
CA PRO N 147 16.44 -74.02 -9.49
C PRO N 147 16.39 -73.99 -7.96
N GLY N 148 15.62 -73.04 -7.45
CA GLY N 148 15.41 -72.94 -6.01
C GLY N 148 16.44 -72.10 -5.30
N GLN N 149 17.66 -72.05 -5.81
CA GLN N 149 18.77 -71.42 -5.11
C GLN N 149 18.87 -69.94 -5.40
N LYS N 150 19.75 -69.29 -4.67
CA LYS N 150 20.00 -67.86 -4.79
C LYS N 150 21.16 -67.59 -5.73
N VAL N 151 21.20 -66.35 -6.21
CA VAL N 151 22.22 -65.87 -7.13
C VAL N 151 22.33 -64.34 -7.12
N THR N 152 23.56 -63.84 -7.22
CA THR N 152 23.82 -62.40 -7.09
C THR N 152 24.64 -61.93 -8.29
N ILE N 153 24.24 -60.80 -8.85
CA ILE N 153 24.91 -60.22 -10.02
C ILE N 153 25.42 -58.85 -9.61
N SER N 154 26.69 -58.79 -9.18
CA SER N 154 27.29 -57.53 -8.77
C SER N 154 27.70 -56.70 -9.98
N CYS N 155 27.73 -55.38 -9.78
CA CYS N 155 28.06 -54.45 -10.85
C CYS N 155 28.79 -53.28 -10.20
N SER N 156 30.07 -53.11 -10.53
CA SER N 156 30.92 -52.13 -9.86
C SER N 156 31.24 -50.97 -10.79
N GLY N 157 31.13 -49.75 -10.26
CA GLY N 157 31.37 -48.53 -11.02
C GLY N 157 32.34 -47.63 -10.27
N SER N 158 32.13 -46.32 -10.45
CA SER N 158 33.02 -45.29 -9.94
C SER N 158 32.27 -44.36 -9.00
N SER N 159 33.04 -43.52 -8.30
CA SER N 159 32.48 -42.56 -7.35
C SER N 159 31.75 -41.46 -8.10
N SER N 160 31.41 -41.69 -9.36
CA SER N 160 30.64 -40.76 -10.16
C SER N 160 29.41 -41.36 -10.81
N ASN N 161 29.31 -42.68 -10.90
CA ASN N 161 28.15 -43.33 -11.50
C ASN N 161 27.36 -44.15 -10.49
N ILE N 162 27.76 -45.39 -10.20
CA ILE N 162 27.08 -46.12 -9.15
C ILE N 162 27.26 -45.42 -7.81
N GLY N 163 28.29 -44.58 -7.68
CA GLY N 163 28.56 -43.94 -6.41
C GLY N 163 27.66 -42.76 -6.11
N ARG N 164 27.26 -42.01 -7.13
CA ARG N 164 26.47 -40.81 -6.89
C ARG N 164 24.98 -41.02 -7.16
N ASN N 165 24.63 -41.57 -8.32
CA ASN N 165 23.29 -41.48 -8.87
C ASN N 165 22.48 -42.76 -8.66
N TYR N 166 21.17 -42.63 -8.80
CA TYR N 166 20.25 -43.75 -8.65
C TYR N 166 20.45 -44.77 -9.78
N VAL N 167 20.01 -46.00 -9.54
CA VAL N 167 20.36 -47.14 -10.37
C VAL N 167 19.08 -47.82 -10.87
N SER N 168 19.12 -48.26 -12.13
CA SER N 168 18.10 -49.13 -12.68
C SER N 168 18.72 -50.50 -12.98
N TRP N 169 17.86 -51.52 -13.06
CA TRP N 169 18.25 -52.83 -13.57
C TRP N 169 17.33 -53.21 -14.73
N TYR N 170 17.82 -54.11 -15.57
CA TYR N 170 17.09 -54.51 -16.77
C TYR N 170 17.28 -56.00 -17.03
N GLN N 171 16.16 -56.69 -17.25
CA GLN N 171 16.14 -58.13 -17.49
C GLN N 171 15.66 -58.36 -18.92
N GLN N 172 16.50 -59.03 -19.72
CA GLN N 172 16.19 -59.27 -21.13
C GLN N 172 15.96 -60.76 -21.33
N LEU N 173 14.70 -61.19 -21.19
CA LEU N 173 14.36 -62.56 -21.49
C LEU N 173 14.65 -62.85 -22.96
N PRO N 174 14.97 -64.11 -23.30
CA PRO N 174 15.51 -64.41 -24.64
C PRO N 174 14.58 -63.95 -25.75
N GLY N 175 15.19 -63.34 -26.78
CA GLY N 175 14.46 -62.84 -27.93
C GLY N 175 13.72 -61.55 -27.72
N ALA N 176 13.37 -61.21 -26.48
CA ALA N 176 12.56 -60.04 -26.20
C ALA N 176 13.42 -58.79 -26.00
N ALA N 177 12.74 -57.65 -25.94
CA ALA N 177 13.39 -56.38 -25.68
C ALA N 177 13.81 -56.31 -24.21
N PRO N 178 14.69 -55.36 -23.87
CA PRO N 178 14.98 -55.11 -22.44
C PRO N 178 13.70 -54.76 -21.67
N LYS N 179 13.75 -55.01 -20.36
CA LYS N 179 12.63 -54.73 -19.48
C LYS N 179 13.13 -54.10 -18.19
N LEU N 180 12.36 -53.16 -17.66
CA LEU N 180 12.68 -52.57 -16.37
C LEU N 180 12.50 -53.60 -15.26
N LEU N 181 13.57 -53.85 -14.50
CA LEU N 181 13.52 -54.79 -13.39
C LEU N 181 13.50 -54.11 -12.02
N LEU N 182 14.42 -53.19 -11.77
CA LEU N 182 14.41 -52.38 -10.56
C LEU N 182 14.70 -50.94 -10.92
N TYR N 183 14.09 -50.03 -10.15
CA TYR N 183 14.33 -48.60 -10.32
C TYR N 183 14.66 -47.99 -8.97
N ASP N 184 15.25 -46.80 -9.01
CA ASP N 184 15.68 -46.09 -7.81
C ASP N 184 16.43 -47.01 -6.85
N ASN N 185 17.45 -47.68 -7.38
CA ASN N 185 18.34 -48.58 -6.65
C ASN N 185 17.70 -49.92 -6.29
N ASN N 186 16.42 -49.91 -5.88
CA ASN N 186 15.87 -51.16 -5.35
C ASN N 186 14.34 -51.20 -5.33
N LYS N 187 13.64 -50.41 -6.12
CA LYS N 187 12.19 -50.42 -6.13
C LYS N 187 11.67 -51.36 -7.20
N ARG N 188 10.68 -52.15 -6.85
CA ARG N 188 10.16 -53.09 -7.83
C ARG N 188 9.01 -52.48 -8.61
N PRO N 189 9.07 -52.48 -9.92
CA PRO N 189 7.88 -52.15 -10.72
C PRO N 189 6.77 -53.15 -10.44
N SER N 190 5.53 -52.68 -10.51
CA SER N 190 4.38 -53.55 -10.34
C SER N 190 4.50 -54.76 -11.27
N GLY N 191 4.37 -55.95 -10.69
CA GLY N 191 4.56 -57.17 -11.44
C GLY N 191 5.93 -57.78 -11.35
N ILE N 192 6.81 -57.26 -10.49
CA ILE N 192 8.10 -57.89 -10.22
C ILE N 192 8.02 -58.53 -8.84
N PRO N 193 8.24 -59.83 -8.71
CA PRO N 193 8.02 -60.51 -7.42
C PRO N 193 9.15 -60.19 -6.44
N ASP N 194 8.99 -60.66 -5.20
CA ASP N 194 9.90 -60.35 -4.11
C ASP N 194 11.31 -60.91 -4.32
N ARG N 195 11.45 -61.89 -5.22
CA ARG N 195 12.73 -62.57 -5.39
C ARG N 195 13.81 -61.64 -5.89
N PHE N 196 13.44 -60.69 -6.74
CA PHE N 196 14.40 -59.72 -7.27
C PHE N 196 14.57 -58.57 -6.28
N SER N 197 15.81 -58.23 -6.00
CA SER N 197 16.14 -57.17 -5.04
C SER N 197 17.62 -56.89 -5.11
N ALA N 198 17.98 -55.63 -4.89
CA ALA N 198 19.35 -55.17 -4.95
C ALA N 198 19.75 -54.52 -3.63
N SER N 199 21.01 -54.71 -3.24
CA SER N 199 21.64 -53.95 -2.17
C SER N 199 22.71 -53.04 -2.79
N LYS N 200 23.35 -52.24 -1.95
CA LYS N 200 24.30 -51.27 -2.48
C LYS N 200 25.27 -50.86 -1.38
N SER N 201 26.52 -50.63 -1.77
CA SER N 201 27.55 -50.12 -0.88
C SER N 201 28.68 -49.60 -1.74
N GLY N 202 29.06 -48.34 -1.52
CA GLY N 202 30.05 -47.68 -2.32
C GLY N 202 29.69 -47.72 -3.79
N PRO N 203 30.68 -47.95 -4.65
CA PRO N 203 30.40 -48.01 -6.10
C PRO N 203 29.95 -49.37 -6.57
N SER N 204 29.20 -50.10 -5.74
CA SER N 204 28.72 -51.43 -6.11
C SER N 204 27.24 -51.56 -5.77
N THR N 205 26.46 -52.02 -6.74
CA THR N 205 25.08 -52.45 -6.54
C THR N 205 24.96 -53.89 -7.01
N THR N 206 24.39 -54.76 -6.17
CA THR N 206 24.41 -56.19 -6.39
C THR N 206 22.96 -56.66 -6.47
N LEU N 207 22.52 -57.03 -7.67
CA LEU N 207 21.21 -57.67 -7.78
C LEU N 207 21.28 -59.07 -7.15
N ALA N 208 20.14 -59.55 -6.66
CA ALA N 208 20.10 -60.84 -6.01
C ALA N 208 18.69 -61.41 -6.20
N ILE N 209 18.53 -62.25 -7.21
CA ILE N 209 17.25 -62.96 -7.37
C ILE N 209 17.39 -64.21 -6.52
N THR N 210 16.31 -64.62 -5.84
CA THR N 210 16.45 -65.58 -4.75
C THR N 210 15.68 -66.88 -4.91
N GLY N 211 14.63 -66.91 -5.70
CA GLY N 211 13.82 -68.11 -5.78
C GLY N 211 13.92 -68.82 -7.11
N LEU N 212 15.16 -69.03 -7.60
CA LEU N 212 15.44 -69.29 -9.02
C LEU N 212 14.26 -70.00 -9.67
N GLN N 213 13.63 -69.38 -10.66
CA GLN N 213 12.79 -70.22 -11.49
C GLN N 213 13.50 -70.43 -12.82
N THR N 214 13.07 -71.45 -13.54
CA THR N 214 13.64 -71.68 -14.86
C THR N 214 13.37 -70.49 -15.77
N GLY N 215 12.25 -69.80 -15.57
CA GLY N 215 11.87 -68.73 -16.48
C GLY N 215 12.77 -67.49 -16.37
N ASP N 216 13.13 -67.10 -15.14
CA ASP N 216 13.94 -65.90 -14.98
C ASP N 216 15.39 -66.15 -15.38
N GLU N 217 15.56 -66.96 -16.41
CA GLU N 217 16.83 -67.09 -17.13
C GLU N 217 16.88 -66.04 -18.22
N ALA N 218 17.85 -65.13 -18.15
CA ALA N 218 17.91 -64.00 -19.06
C ALA N 218 19.23 -63.25 -18.87
N ASP N 219 19.46 -62.28 -19.75
CA ASP N 219 20.53 -61.30 -19.54
C ASP N 219 20.06 -60.22 -18.58
N TYR N 220 20.95 -59.81 -17.69
CA TYR N 220 20.66 -58.78 -16.70
C TYR N 220 21.66 -57.64 -16.83
N PHE N 221 21.14 -56.41 -16.90
CA PHE N 221 21.95 -55.22 -17.07
C PHE N 221 21.69 -54.22 -15.95
N CYS N 222 22.77 -53.63 -15.44
CA CYS N 222 22.70 -52.46 -14.60
C CYS N 222 22.86 -51.22 -15.47
N GLY N 223 22.31 -50.10 -14.99
CA GLY N 223 22.38 -48.85 -15.74
C GLY N 223 22.28 -47.60 -14.91
N VAL N 224 23.29 -46.74 -14.96
CA VAL N 224 23.30 -45.49 -14.19
C VAL N 224 23.92 -44.37 -15.01
N TRP N 225 23.59 -43.16 -14.60
CA TRP N 225 24.15 -41.97 -15.22
C TRP N 225 25.48 -41.60 -14.58
N ASP N 226 26.49 -41.38 -15.44
CA ASP N 226 27.81 -40.91 -15.01
C ASP N 226 27.79 -39.39 -14.99
N SER N 227 27.72 -38.80 -13.79
CA SER N 227 27.56 -37.35 -13.70
C SER N 227 28.74 -36.61 -14.29
N SER N 228 29.88 -37.26 -14.48
CA SER N 228 31.02 -36.61 -15.08
C SER N 228 31.31 -37.07 -16.51
N LEU N 229 30.70 -38.17 -16.95
CA LEU N 229 30.76 -38.50 -18.38
C LEU N 229 29.53 -38.02 -19.14
N ARG N 230 28.38 -37.92 -18.46
CA ARG N 230 27.13 -37.52 -19.09
C ARG N 230 26.72 -38.54 -20.15
N ALA N 231 26.14 -39.64 -19.67
CA ALA N 231 25.65 -40.76 -20.47
C ALA N 231 25.09 -41.81 -19.51
N VAL N 232 24.25 -42.71 -20.00
CA VAL N 232 23.68 -43.76 -19.18
C VAL N 232 24.51 -45.01 -19.38
N LEU N 233 25.31 -45.38 -18.38
CA LEU N 233 26.27 -46.46 -18.51
C LEU N 233 25.62 -47.81 -18.24
N PHE N 234 26.05 -48.83 -18.99
CA PHE N 234 25.52 -50.17 -18.88
C PHE N 234 26.64 -51.18 -18.61
N GLY N 235 26.31 -52.20 -17.83
CA GLY N 235 27.22 -53.31 -17.67
C GLY N 235 27.25 -54.19 -18.89
N GLY N 236 28.24 -55.08 -18.92
CA GLY N 236 28.31 -56.06 -19.99
C GLY N 236 27.12 -56.97 -20.03
N GLY N 237 26.46 -57.19 -18.88
CA GLY N 237 25.27 -58.00 -18.81
C GLY N 237 25.53 -59.44 -18.42
N THR N 238 25.04 -59.85 -17.25
CA THR N 238 25.20 -61.22 -16.81
C THR N 238 24.12 -62.10 -17.43
N LYS N 239 24.52 -63.29 -17.84
CA LYS N 239 23.64 -64.25 -18.51
C LYS N 239 23.37 -65.40 -17.54
N LEU N 240 22.24 -65.29 -16.82
CA LEU N 240 21.85 -66.30 -15.82
C LEU N 240 21.12 -67.44 -16.52
N THR N 241 21.76 -68.61 -16.59
CA THR N 241 21.16 -69.80 -17.19
C THR N 241 20.87 -70.83 -16.11
N VAL N 242 19.61 -71.24 -16.02
CA VAL N 242 19.14 -72.11 -14.98
C VAL N 242 19.00 -73.51 -15.56
N LEU N 243 18.95 -74.49 -14.67
CA LEU N 243 18.99 -75.89 -15.05
C LEU N 243 17.70 -76.61 -14.63
N SER O 6 56.75 -98.79 -28.39
CA SER O 6 56.85 -99.45 -27.10
C SER O 6 55.49 -99.82 -26.53
N LEU O 7 55.51 -100.57 -25.43
CA LEU O 7 54.29 -101.08 -24.83
C LEU O 7 54.58 -101.48 -23.38
N HIS O 8 53.63 -101.20 -22.50
CA HIS O 8 53.73 -101.52 -21.08
C HIS O 8 52.63 -102.50 -20.69
N ILE O 9 53.02 -103.67 -20.20
CA ILE O 9 52.10 -104.74 -19.82
C ILE O 9 52.23 -105.04 -18.34
N TYR O 10 51.08 -105.27 -17.69
CA TYR O 10 50.99 -105.71 -16.30
C TYR O 10 50.28 -107.06 -16.30
N ASN O 11 50.99 -108.13 -15.96
CA ASN O 11 50.42 -109.47 -15.96
C ASN O 11 50.85 -110.21 -14.70
N TRP O 12 50.36 -111.44 -14.56
CA TRP O 12 50.59 -112.26 -13.38
C TRP O 12 51.95 -112.95 -13.47
N THR O 13 52.45 -113.37 -12.31
CA THR O 13 53.66 -114.18 -12.29
C THR O 13 53.39 -115.54 -12.92
N ASP O 14 54.40 -116.08 -13.61
CA ASP O 14 54.34 -117.44 -14.16
C ASP O 14 53.13 -117.61 -15.07
N TYR O 15 52.83 -116.56 -15.83
CA TYR O 15 51.60 -116.48 -16.60
C TYR O 15 51.89 -116.23 -18.07
N ILE O 16 53.12 -116.52 -18.50
CA ILE O 16 53.53 -116.34 -19.88
C ILE O 16 54.73 -117.24 -20.14
N ALA O 17 54.88 -117.69 -21.41
CA ALA O 17 56.04 -118.45 -21.81
C ALA O 17 57.23 -117.51 -21.98
N PRO O 18 58.46 -118.01 -21.78
CA PRO O 18 59.62 -117.10 -21.80
C PRO O 18 59.79 -116.34 -23.11
N THR O 19 59.76 -117.03 -24.24
CA THR O 19 60.04 -116.37 -25.51
C THR O 19 58.81 -115.71 -26.13
N THR O 20 57.64 -115.82 -25.50
CA THR O 20 56.44 -115.17 -26.02
C THR O 20 56.68 -113.68 -26.29
N LEU O 21 57.35 -113.01 -25.35
CA LEU O 21 57.66 -111.59 -25.56
C LEU O 21 58.72 -111.41 -26.63
N LYS O 22 59.83 -112.14 -26.55
CA LYS O 22 60.87 -112.03 -27.57
C LYS O 22 60.31 -112.28 -28.97
N ASP O 23 59.30 -113.14 -29.09
CA ASP O 23 58.72 -113.42 -30.40
C ASP O 23 57.89 -112.23 -30.88
N PHE O 24 56.93 -111.78 -30.07
CA PHE O 24 56.09 -110.65 -30.45
C PHE O 24 56.91 -109.40 -30.72
N THR O 25 57.93 -109.16 -29.90
CA THR O 25 58.89 -108.09 -30.15
C THR O 25 59.49 -108.21 -31.55
N LYS O 26 60.09 -109.36 -31.84
CA LYS O 26 60.75 -109.57 -33.13
C LYS O 26 59.80 -109.35 -34.31
N GLU O 27 58.60 -109.94 -34.27
CA GLU O 27 57.70 -109.84 -35.43
C GLU O 27 57.25 -108.41 -35.69
N SER O 28 56.92 -107.66 -34.63
CA SER O 28 56.26 -106.37 -34.78
C SER O 28 57.18 -105.16 -34.63
N GLY O 29 58.22 -105.24 -33.80
CA GLY O 29 59.09 -104.12 -33.51
C GLY O 29 58.82 -103.45 -32.17
N ILE O 30 57.61 -103.60 -31.66
CA ILE O 30 57.23 -103.13 -30.33
C ILE O 30 58.09 -103.80 -29.26
N ASP O 31 58.54 -103.02 -28.27
CA ASP O 31 59.32 -103.51 -27.13
C ASP O 31 58.44 -103.52 -25.88
N VAL O 32 58.17 -104.71 -25.37
CA VAL O 32 57.28 -104.90 -24.24
C VAL O 32 58.07 -104.72 -22.95
N SER O 33 57.47 -104.03 -21.99
CA SER O 33 57.96 -103.96 -20.62
C SER O 33 56.98 -104.74 -19.76
N TYR O 34 57.41 -105.92 -19.31
CA TYR O 34 56.55 -106.86 -18.59
C TYR O 34 56.76 -106.65 -17.09
N ASP O 35 55.74 -106.12 -16.41
CA ASP O 35 55.69 -106.07 -14.97
C ASP O 35 54.68 -107.08 -14.46
N VAL O 36 54.90 -107.54 -13.23
CA VAL O 36 54.19 -108.71 -12.71
C VAL O 36 53.52 -108.36 -11.38
N PHE O 37 52.41 -109.05 -11.13
CA PHE O 37 51.70 -109.01 -9.85
C PHE O 37 51.17 -110.41 -9.57
N ASP O 38 50.71 -110.63 -8.33
CA ASP O 38 50.30 -111.97 -7.92
C ASP O 38 48.93 -112.04 -7.26
N SER O 39 48.30 -110.91 -6.94
CA SER O 39 46.96 -110.92 -6.36
C SER O 39 46.09 -109.97 -7.15
N ASN O 40 44.85 -110.38 -7.43
CA ASN O 40 43.87 -109.52 -8.09
C ASN O 40 43.80 -108.16 -7.42
N GLU O 41 43.97 -108.12 -6.09
CA GLU O 41 43.95 -106.85 -5.37
C GLU O 41 45.09 -105.94 -5.81
N THR O 42 46.33 -106.42 -5.72
CA THR O 42 47.53 -105.70 -6.15
C THR O 42 47.31 -104.93 -7.45
N LEU O 43 46.59 -105.55 -8.39
CA LEU O 43 46.18 -104.84 -9.60
C LEU O 43 45.13 -103.78 -9.30
N GLU O 44 44.08 -104.10 -8.54
CA GLU O 44 42.99 -103.13 -8.41
C GLU O 44 43.44 -101.91 -7.63
N GLY O 45 44.42 -102.06 -6.74
CA GLY O 45 45.04 -100.90 -6.12
C GLY O 45 45.64 -100.02 -7.18
N LYS O 46 46.57 -100.59 -7.96
CA LYS O 46 47.18 -99.90 -9.10
C LYS O 46 46.16 -99.16 -9.94
N LEU O 47 45.03 -99.81 -10.25
CA LEU O 47 44.06 -99.22 -11.15
C LEU O 47 43.32 -98.06 -10.49
N VAL O 48 43.05 -98.13 -9.19
CA VAL O 48 42.26 -97.04 -8.60
C VAL O 48 43.15 -95.83 -8.30
N SER O 49 44.44 -96.03 -7.98
CA SER O 49 45.40 -94.94 -8.04
C SER O 49 45.37 -94.22 -9.38
N GLY O 50 44.86 -94.87 -10.42
CA GLY O 50 44.43 -94.24 -11.64
C GLY O 50 45.50 -93.72 -12.56
N HIS O 51 46.79 -93.81 -12.20
CA HIS O 51 47.83 -93.19 -13.01
C HIS O 51 48.99 -94.17 -13.25
N SER O 52 48.69 -95.43 -13.55
CA SER O 52 49.76 -96.40 -13.78
C SER O 52 49.90 -96.59 -15.28
N GLY O 53 51.02 -96.13 -15.83
CA GLY O 53 51.25 -96.13 -17.27
C GLY O 53 51.25 -97.51 -17.91
N TYR O 54 50.24 -98.32 -17.59
CA TYR O 54 50.11 -99.65 -18.15
C TYR O 54 49.14 -99.61 -19.32
N ASP O 55 49.55 -100.19 -20.45
CA ASP O 55 48.70 -100.26 -21.63
C ASP O 55 47.86 -101.52 -21.66
N ILE O 56 48.33 -102.60 -21.03
CA ILE O 56 47.61 -103.86 -20.93
C ILE O 56 47.67 -104.31 -19.47
N VAL O 57 46.51 -104.68 -18.93
CA VAL O 57 46.42 -105.33 -17.63
C VAL O 57 45.67 -106.64 -17.80
N VAL O 58 45.62 -107.43 -16.73
CA VAL O 58 44.93 -108.72 -16.74
C VAL O 58 44.20 -108.94 -15.41
N PRO O 59 42.96 -108.46 -15.27
CA PRO O 59 42.15 -108.81 -14.11
C PRO O 59 41.34 -110.08 -14.35
N SER O 60 40.98 -110.73 -13.25
CA SER O 60 40.07 -111.86 -13.33
C SER O 60 38.64 -111.36 -13.50
N ASN O 61 37.79 -112.24 -14.04
CA ASN O 61 36.46 -111.85 -14.51
C ASN O 61 35.70 -111.02 -13.48
N ASN O 62 35.69 -111.46 -12.21
CA ASN O 62 34.88 -110.78 -11.22
C ASN O 62 35.44 -109.39 -10.89
N PHE O 63 36.77 -109.24 -10.89
CA PHE O 63 37.36 -107.94 -10.65
C PHE O 63 37.16 -107.01 -11.84
N LEU O 64 37.45 -107.50 -13.04
CA LEU O 64 37.18 -106.79 -14.29
C LEU O 64 35.79 -106.17 -14.29
N GLY O 65 34.79 -106.93 -13.84
CA GLY O 65 33.42 -106.46 -13.90
C GLY O 65 33.19 -105.16 -13.15
N LYS O 66 33.69 -105.08 -11.92
CA LYS O 66 33.55 -103.85 -11.13
C LYS O 66 34.46 -102.72 -11.59
N GLN O 67 35.57 -103.04 -12.24
CA GLN O 67 36.47 -101.99 -12.69
C GLN O 67 35.91 -101.29 -13.92
N ILE O 68 35.23 -102.06 -14.79
CA ILE O 68 34.46 -101.48 -15.88
C ILE O 68 33.46 -100.46 -15.32
N GLN O 69 32.71 -100.86 -14.29
CA GLN O 69 31.72 -99.99 -13.66
C GLN O 69 32.32 -98.69 -13.11
N ALA O 70 33.66 -98.59 -13.04
CA ALA O 70 34.34 -97.37 -12.64
C ALA O 70 35.09 -96.71 -13.80
N GLY O 71 34.91 -97.21 -15.01
CA GLY O 71 35.55 -96.61 -16.17
C GLY O 71 37.06 -96.77 -16.21
N ALA O 72 37.57 -97.86 -15.64
CA ALA O 72 39.03 -98.05 -15.61
C ALA O 72 39.58 -98.24 -17.02
N PHE O 73 38.81 -98.89 -17.88
CA PHE O 73 39.28 -99.31 -19.19
C PHE O 73 38.53 -98.56 -20.29
N GLN O 74 39.13 -98.54 -21.48
CA GLN O 74 38.40 -98.01 -22.62
C GLN O 74 37.83 -99.15 -23.47
N LYS O 75 36.91 -98.79 -24.36
CA LYS O 75 36.24 -99.80 -25.17
C LYS O 75 37.15 -100.36 -26.25
N LEU O 76 37.11 -101.68 -26.41
CA LEU O 76 37.80 -102.36 -27.50
C LEU O 76 37.33 -101.84 -28.85
N ASP O 77 38.23 -101.19 -29.58
CA ASP O 77 38.03 -101.00 -31.02
C ASP O 77 38.35 -102.34 -31.67
N LYS O 78 37.32 -103.12 -31.98
CA LYS O 78 37.51 -104.51 -32.39
C LYS O 78 38.10 -104.63 -33.79
N SER O 79 37.90 -103.61 -34.63
CA SER O 79 38.45 -103.57 -35.98
C SER O 79 39.97 -103.62 -35.96
N LYS O 80 40.56 -103.60 -34.77
CA LYS O 80 41.98 -103.83 -34.62
C LYS O 80 42.28 -105.17 -33.94
N LEU O 81 41.27 -106.00 -33.71
CA LEU O 81 41.43 -107.38 -33.26
C LEU O 81 40.88 -108.29 -34.34
N PRO O 82 41.64 -108.51 -35.43
CA PRO O 82 41.11 -109.33 -36.53
C PRO O 82 40.95 -110.80 -36.15
N ASN O 83 41.84 -111.34 -35.31
CA ASN O 83 41.72 -112.72 -34.87
C ASN O 83 40.71 -112.91 -33.76
N TRP O 84 39.91 -111.87 -33.46
CA TRP O 84 38.78 -112.02 -32.54
C TRP O 84 37.91 -113.21 -32.91
N LYS O 85 37.83 -113.51 -34.21
CA LYS O 85 37.10 -114.68 -34.67
C LYS O 85 37.62 -115.97 -34.03
N ASN O 86 38.92 -116.03 -33.69
CA ASN O 86 39.51 -117.24 -33.14
C ASN O 86 39.02 -117.56 -31.73
N LEU O 87 38.19 -116.73 -31.12
CA LEU O 87 37.77 -116.94 -29.74
C LEU O 87 36.54 -117.84 -29.67
N ASP O 88 36.55 -118.74 -28.69
CA ASP O 88 35.43 -119.60 -28.33
C ASP O 88 34.25 -118.73 -27.92
N PRO O 89 33.16 -118.72 -28.71
CA PRO O 89 32.02 -117.88 -28.34
C PRO O 89 31.33 -118.33 -27.06
N ALA O 90 31.25 -119.64 -26.83
CA ALA O 90 30.69 -120.17 -25.60
C ALA O 90 31.39 -119.62 -24.36
N LEU O 91 32.62 -119.14 -24.51
CA LEU O 91 33.37 -118.56 -23.40
C LEU O 91 32.93 -117.12 -23.19
N LEU O 92 33.44 -116.20 -24.02
CA LEU O 92 32.88 -114.87 -24.25
C LEU O 92 31.46 -114.69 -23.73
N LYS O 93 30.55 -115.56 -24.20
CA LYS O 93 29.18 -115.56 -23.69
C LYS O 93 29.13 -115.59 -22.17
N GLN O 94 29.75 -116.59 -21.56
CA GLN O 94 29.70 -116.72 -20.11
C GLN O 94 30.23 -115.46 -19.40
N LEU O 95 31.05 -114.68 -20.09
CA LEU O 95 31.70 -113.52 -19.50
C LEU O 95 30.85 -112.27 -19.53
N GLU O 96 29.73 -112.29 -20.27
CA GLU O 96 28.98 -111.06 -20.50
C GLU O 96 28.23 -110.57 -19.27
N VAL O 97 28.15 -111.40 -18.21
CA VAL O 97 27.68 -110.93 -16.91
C VAL O 97 28.67 -109.96 -16.28
N SER O 98 29.95 -110.04 -16.66
CA SER O 98 30.98 -109.13 -16.18
C SER O 98 31.28 -108.03 -17.19
N ASP O 99 31.56 -108.39 -18.43
CA ASP O 99 31.81 -107.43 -19.50
C ASP O 99 30.68 -107.55 -20.52
N PRO O 100 29.55 -106.87 -20.29
CA PRO O 100 28.39 -107.03 -21.18
C PRO O 100 28.73 -106.64 -22.61
N GLY O 101 28.41 -107.53 -23.55
CA GLY O 101 28.77 -107.31 -24.94
C GLY O 101 30.24 -107.49 -25.25
N ASN O 102 31.02 -108.03 -24.32
CA ASN O 102 32.46 -108.24 -24.50
C ASN O 102 33.15 -106.99 -25.05
N GLN O 103 32.90 -105.86 -24.36
CA GLN O 103 33.28 -104.56 -24.91
C GLN O 103 34.67 -104.10 -24.48
N TYR O 104 35.15 -104.52 -23.31
CA TYR O 104 36.38 -103.98 -22.77
C TYR O 104 37.51 -104.98 -22.61
N ALA O 105 37.20 -106.28 -22.52
CA ALA O 105 38.17 -107.28 -22.10
C ALA O 105 38.20 -108.47 -23.06
N VAL O 106 39.40 -108.91 -23.37
CA VAL O 106 39.66 -110.07 -24.23
C VAL O 106 40.20 -111.19 -23.35
N PRO O 107 39.69 -112.41 -23.47
CA PRO O 107 40.18 -113.50 -22.62
C PRO O 107 41.64 -113.82 -22.89
N TYR O 108 42.29 -114.39 -21.88
CA TYR O 108 43.69 -114.79 -21.99
C TYR O 108 43.85 -116.24 -21.59
N LEU O 109 43.65 -116.52 -20.31
CA LEU O 109 43.73 -117.88 -19.78
C LEU O 109 42.64 -118.06 -18.74
N TRP O 110 42.29 -119.32 -18.49
CA TRP O 110 41.34 -119.62 -17.43
C TRP O 110 41.72 -120.94 -16.78
N GLY O 111 41.10 -121.21 -15.63
CA GLY O 111 41.36 -122.41 -14.89
C GLY O 111 40.58 -122.48 -13.59
N THR O 112 41.14 -123.15 -12.59
CA THR O 112 40.46 -123.37 -11.32
C THR O 112 41.47 -123.27 -10.20
N ASN O 113 41.01 -122.86 -9.02
CA ASN O 113 41.84 -122.96 -7.83
C ASN O 113 41.53 -124.27 -7.12
N GLY O 114 42.48 -124.70 -6.29
CA GLY O 114 42.31 -125.98 -5.63
C GLY O 114 43.49 -126.31 -4.74
N ILE O 115 43.66 -127.61 -4.50
CA ILE O 115 44.70 -128.13 -3.62
C ILE O 115 45.85 -128.67 -4.46
N GLY O 116 47.07 -128.34 -4.06
CA GLY O 116 48.26 -128.95 -4.61
C GLY O 116 49.13 -129.49 -3.49
N TYR O 117 49.44 -130.78 -3.50
CA TYR O 117 50.08 -131.41 -2.35
C TYR O 117 51.27 -132.26 -2.78
N ASN O 118 52.13 -132.53 -1.80
CA ASN O 118 53.35 -133.32 -1.97
C ASN O 118 52.99 -134.72 -1.49
N VAL O 119 52.69 -135.63 -2.43
CA VAL O 119 52.06 -136.90 -2.10
C VAL O 119 52.91 -137.69 -1.12
N ALA O 120 54.23 -137.73 -1.34
CA ALA O 120 55.10 -138.51 -0.48
C ALA O 120 54.96 -138.15 1.00
N LYS O 121 54.83 -136.85 1.32
CA LYS O 121 54.78 -136.46 2.73
C LYS O 121 53.43 -135.97 3.21
N VAL O 122 52.44 -135.85 2.32
CA VAL O 122 51.06 -135.86 2.79
C VAL O 122 50.69 -137.27 3.26
N LYS O 123 50.96 -138.27 2.42
CA LYS O 123 50.78 -139.65 2.81
C LYS O 123 51.60 -139.99 4.04
N GLU O 124 52.72 -139.28 4.25
CA GLU O 124 53.56 -139.55 5.40
C GLU O 124 52.85 -139.16 6.69
N VAL O 125 52.03 -138.12 6.67
CA VAL O 125 51.72 -137.65 8.02
C VAL O 125 50.26 -138.08 8.11
N LEU O 126 49.59 -138.16 6.94
CA LEU O 126 48.14 -138.31 6.89
C LEU O 126 47.67 -139.70 6.48
N GLY O 127 48.56 -140.68 6.37
CA GLY O 127 48.19 -142.02 5.92
C GLY O 127 47.55 -142.03 4.53
N ASP O 128 46.92 -143.16 4.23
CA ASP O 128 46.22 -143.34 2.96
C ASP O 128 44.84 -142.67 2.94
N GLN O 129 44.60 -141.71 3.85
CA GLN O 129 43.36 -140.95 3.81
C GLN O 129 43.28 -140.19 2.49
N PRO O 130 42.13 -140.19 1.82
CA PRO O 130 42.03 -139.53 0.51
C PRO O 130 42.16 -138.02 0.63
N ILE O 131 42.81 -137.42 -0.38
CA ILE O 131 42.92 -135.97 -0.46
C ILE O 131 41.94 -135.49 -1.52
N ASP O 132 40.67 -135.33 -1.14
CA ASP O 132 39.63 -134.98 -2.09
C ASP O 132 38.66 -133.93 -1.57
N SER O 133 38.81 -133.47 -0.34
CA SER O 133 37.90 -132.49 0.25
C SER O 133 38.69 -131.29 0.75
N TRP O 134 38.07 -130.11 0.65
CA TRP O 134 38.61 -128.93 1.31
C TRP O 134 38.83 -129.14 2.80
N ALA O 135 38.21 -130.18 3.38
CA ALA O 135 38.40 -130.50 4.78
C ALA O 135 39.86 -130.77 5.13
N ILE O 136 40.68 -131.12 4.13
CA ILE O 136 42.13 -131.19 4.34
C ILE O 136 42.64 -129.86 4.88
N LEU O 137 42.36 -128.78 4.18
CA LEU O 137 42.86 -127.47 4.59
C LEU O 137 42.04 -126.87 5.72
N PHE O 138 40.72 -127.08 5.72
CA PHE O 138 39.84 -126.35 6.62
C PHE O 138 39.52 -127.11 7.91
N GLU O 139 39.92 -128.38 8.02
CA GLU O 139 39.66 -128.93 9.33
C GLU O 139 40.93 -128.96 10.17
N PRO O 140 40.82 -128.64 11.46
CA PRO O 140 42.02 -128.57 12.31
C PRO O 140 42.72 -129.90 12.52
N GLU O 141 41.97 -130.99 12.65
CA GLU O 141 42.58 -132.29 12.89
C GLU O 141 43.47 -132.74 11.75
N ASN O 142 43.17 -132.31 10.53
CA ASN O 142 44.09 -132.53 9.43
C ASN O 142 45.28 -131.58 9.46
N MET O 143 45.06 -130.33 9.89
CA MET O 143 46.08 -129.31 9.76
C MET O 143 47.04 -129.30 10.95
N LYS O 144 46.55 -129.70 12.14
CA LYS O 144 47.41 -130.10 13.25
C LYS O 144 48.57 -130.93 12.76
N LYS O 145 48.27 -131.86 11.87
CA LYS O 145 49.27 -132.79 11.37
C LYS O 145 50.10 -132.18 10.23
N LEU O 146 49.44 -131.64 9.21
CA LEU O 146 50.16 -131.09 8.06
C LEU O 146 51.07 -129.93 8.42
N ALA O 147 50.86 -129.29 9.58
CA ALA O 147 51.68 -128.14 9.94
C ALA O 147 53.13 -128.48 10.23
N LYS O 148 53.46 -129.76 10.43
CA LYS O 148 54.84 -130.19 10.59
C LYS O 148 55.53 -130.37 9.25
N CYS O 149 55.20 -129.53 8.27
CA CYS O 149 55.36 -129.96 6.90
C CYS O 149 55.07 -128.81 5.95
N GLY O 150 54.30 -127.83 6.40
CA GLY O 150 54.04 -126.63 5.63
C GLY O 150 52.71 -126.63 4.89
N VAL O 151 51.90 -125.59 5.12
CA VAL O 151 50.60 -125.43 4.46
C VAL O 151 50.46 -123.97 4.05
N ALA O 152 50.23 -123.71 2.76
CA ALA O 152 50.29 -122.36 2.21
C ALA O 152 48.91 -121.91 1.73
N PHE O 153 48.28 -121.01 2.47
CA PHE O 153 47.08 -120.33 2.01
C PHE O 153 47.46 -119.15 1.14
N MET O 154 46.55 -118.78 0.24
CA MET O 154 46.75 -117.56 -0.53
C MET O 154 46.39 -116.34 0.28
N ASP O 155 47.06 -115.24 -0.03
CA ASP O 155 46.82 -113.96 0.64
C ASP O 155 45.78 -113.20 -0.18
N SER O 156 44.51 -113.50 0.08
CA SER O 156 43.39 -112.92 -0.65
C SER O 156 42.07 -113.42 -0.08
N GLY O 157 41.38 -112.59 0.70
CA GLY O 157 40.05 -112.92 1.17
C GLY O 157 39.10 -113.28 0.05
N ASP O 158 39.43 -112.81 -1.17
CA ASP O 158 38.67 -113.18 -2.35
C ASP O 158 38.85 -114.65 -2.71
N GLU O 159 40.05 -115.19 -2.47
CA GLU O 159 40.26 -116.59 -2.80
C GLU O 159 39.85 -117.51 -1.66
N MET O 160 40.16 -117.14 -0.42
CA MET O 160 39.91 -118.00 0.72
C MET O 160 38.43 -118.04 1.09
N LEU O 161 37.91 -116.92 1.58
CA LEU O 161 36.54 -116.88 2.13
C LEU O 161 35.49 -117.53 1.23
N PRO O 162 35.46 -117.31 -0.09
CA PRO O 162 34.50 -118.08 -0.91
C PRO O 162 34.76 -119.57 -0.87
N ALA O 163 36.02 -120.00 -1.06
CA ALA O 163 36.35 -121.41 -0.94
C ALA O 163 35.97 -121.96 0.43
N ALA O 164 35.96 -121.12 1.46
CA ALA O 164 35.49 -121.51 2.78
C ALA O 164 34.00 -121.79 2.74
N LEU O 165 33.20 -120.73 2.48
CA LEU O 165 31.75 -120.80 2.29
C LEU O 165 31.33 -122.04 1.51
N ASN O 166 32.07 -122.35 0.45
CA ASN O 166 31.71 -123.43 -0.46
C ASN O 166 31.92 -124.78 0.20
N TYR O 167 33.05 -124.97 0.89
CA TYR O 167 33.29 -126.20 1.64
C TYR O 167 32.17 -126.48 2.63
N LEU O 168 31.60 -125.44 3.23
CA LEU O 168 30.48 -125.63 4.16
C LEU O 168 29.16 -125.90 3.44
N GLY O 169 29.03 -125.52 2.16
CA GLY O 169 27.80 -125.66 1.42
C GLY O 169 27.06 -124.37 1.17
N LEU O 170 27.62 -123.23 1.56
CA LEU O 170 26.96 -121.95 1.39
C LEU O 170 27.28 -121.41 0.00
N ASP O 171 26.57 -120.36 -0.39
CA ASP O 171 26.89 -119.73 -1.68
C ASP O 171 28.21 -118.97 -1.53
N PRO O 172 29.20 -119.23 -2.36
CA PRO O 172 30.43 -118.41 -2.33
C PRO O 172 30.19 -116.97 -2.76
N ASN O 173 28.96 -116.65 -3.16
CA ASN O 173 28.59 -115.29 -3.52
C ASN O 173 27.54 -114.71 -2.57
N THR O 174 27.38 -115.31 -1.40
CA THR O 174 26.40 -114.84 -0.43
C THR O 174 26.60 -113.37 -0.08
N HIS O 175 25.51 -112.72 0.30
CA HIS O 175 25.54 -111.35 0.76
C HIS O 175 25.28 -111.19 2.24
N ASP O 176 24.84 -112.25 2.93
CA ASP O 176 24.41 -112.19 4.32
C ASP O 176 25.56 -112.56 5.24
N PRO O 177 25.91 -111.69 6.19
CA PRO O 177 27.20 -111.82 6.89
C PRO O 177 27.33 -112.97 7.89
N LYS O 178 26.23 -113.48 8.43
CA LYS O 178 26.33 -114.63 9.34
C LYS O 178 26.76 -115.88 8.61
N ASP O 179 26.75 -115.86 7.28
CA ASP O 179 27.50 -116.85 6.51
C ASP O 179 28.99 -116.58 6.63
N TYR O 180 29.42 -115.36 6.28
CA TYR O 180 30.83 -115.01 6.39
C TYR O 180 31.36 -115.25 7.79
N LYS O 181 30.50 -115.14 8.81
CA LYS O 181 30.89 -115.49 10.17
C LYS O 181 31.16 -116.99 10.29
N LYS O 182 30.25 -117.82 9.75
CA LYS O 182 30.48 -119.26 9.76
C LYS O 182 31.75 -119.62 9.00
N ALA O 183 31.97 -118.99 7.84
CA ALA O 183 33.17 -119.25 7.06
C ALA O 183 34.41 -118.68 7.74
N GLU O 184 34.27 -117.51 8.37
CA GLU O 184 35.40 -116.90 9.08
C GLU O 184 35.93 -117.82 10.18
N GLU O 185 35.04 -118.45 10.94
CA GLU O 185 35.48 -119.28 12.05
C GLU O 185 36.04 -120.62 11.61
N VAL O 186 35.69 -121.08 10.40
CA VAL O 186 36.38 -122.26 9.85
C VAL O 186 37.84 -121.91 9.56
N LEU O 187 38.08 -120.74 8.99
CA LEU O 187 39.45 -120.33 8.66
C LEU O 187 40.24 -120.00 9.91
N THR O 188 39.74 -119.05 10.71
CA THR O 188 40.45 -118.68 11.93
C THR O 188 40.63 -119.81 12.96
N LYS O 189 40.26 -121.03 12.61
CA LYS O 189 40.53 -122.18 13.47
C LYS O 189 41.56 -123.14 12.89
N VAL O 190 41.97 -122.91 11.64
CA VAL O 190 43.15 -123.55 11.06
C VAL O 190 44.32 -122.59 10.93
N ARG O 191 44.11 -121.28 11.13
CA ARG O 191 45.21 -120.33 10.99
C ARG O 191 46.46 -120.70 11.79
N PRO O 192 46.38 -121.19 13.03
CA PRO O 192 47.61 -121.59 13.73
C PRO O 192 48.49 -122.56 12.96
N TYR O 193 47.92 -123.43 12.14
CA TYR O 193 48.68 -124.45 11.42
C TYR O 193 49.06 -124.00 10.01
N VAL O 194 48.64 -122.81 9.61
CA VAL O 194 49.00 -122.25 8.31
C VAL O 194 50.41 -121.67 8.42
N SER O 195 51.32 -122.15 7.56
CA SER O 195 52.67 -121.62 7.58
C SER O 195 52.69 -120.15 7.19
N TYR O 196 52.02 -119.78 6.10
CA TYR O 196 52.02 -118.39 5.63
C TYR O 196 50.83 -118.17 4.71
N PHE O 197 50.60 -116.89 4.39
CA PHE O 197 49.62 -116.48 3.39
C PHE O 197 50.38 -115.86 2.23
N HIS O 198 50.19 -116.39 1.03
CA HIS O 198 50.90 -115.92 -0.14
C HIS O 198 50.29 -116.56 -1.36
N SER O 199 50.25 -115.80 -2.46
CA SER O 199 49.57 -116.21 -3.68
C SER O 199 50.55 -116.62 -4.80
N SER O 200 51.84 -116.77 -4.50
CA SER O 200 52.80 -117.08 -5.55
C SER O 200 53.96 -117.91 -5.03
N LYS O 201 54.43 -117.57 -3.83
CA LYS O 201 55.57 -118.22 -3.20
C LYS O 201 55.44 -119.75 -3.16
N TYR O 202 54.21 -120.26 -3.18
CA TYR O 202 54.02 -121.70 -2.99
C TYR O 202 54.50 -122.51 -4.18
N ILE O 203 54.46 -121.96 -5.39
CA ILE O 203 54.89 -122.70 -6.58
C ILE O 203 56.28 -123.28 -6.35
N SER O 204 57.25 -122.40 -6.05
CA SER O 204 58.60 -122.86 -5.77
C SER O 204 58.64 -123.68 -4.49
N ASP O 205 57.94 -123.23 -3.45
CA ASP O 205 57.96 -123.93 -2.17
C ASP O 205 57.48 -125.37 -2.31
N LEU O 206 56.50 -125.63 -3.18
CA LEU O 206 56.09 -127.01 -3.41
C LEU O 206 57.14 -127.78 -4.22
N ALA O 207 57.84 -127.11 -5.14
CA ALA O 207 58.83 -127.78 -5.99
C ALA O 207 60.01 -128.32 -5.19
N ASN O 208 60.25 -127.77 -3.99
CA ASN O 208 61.43 -128.08 -3.20
C ASN O 208 61.04 -128.54 -1.80
N GLY O 209 59.85 -129.11 -1.65
CA GLY O 209 59.44 -129.74 -0.40
C GLY O 209 59.47 -128.87 0.85
N ASN O 210 59.55 -127.55 0.67
CA ASN O 210 59.50 -126.67 1.84
C ASN O 210 58.14 -126.73 2.51
N ILE O 211 57.08 -126.85 1.70
CA ILE O 211 55.75 -127.16 2.16
C ILE O 211 55.32 -128.46 1.49
N CYS O 212 54.15 -128.97 1.90
CA CYS O 212 53.63 -130.20 1.32
C CYS O 212 52.21 -130.09 0.80
N VAL O 213 51.60 -128.91 0.92
CA VAL O 213 50.18 -128.72 0.58
C VAL O 213 49.87 -127.23 0.50
N ALA O 214 49.06 -126.85 -0.47
CA ALA O 214 48.88 -125.43 -0.75
C ALA O 214 47.55 -125.20 -1.44
N PHE O 215 46.84 -124.15 -1.02
CA PHE O 215 45.73 -123.62 -1.79
C PHE O 215 46.31 -122.92 -3.01
N GLY O 216 46.45 -123.63 -4.12
CA GLY O 216 47.05 -123.00 -5.28
C GLY O 216 46.14 -123.01 -6.49
N TYR O 217 46.48 -122.22 -7.51
CA TYR O 217 45.71 -122.27 -8.74
C TYR O 217 46.13 -123.48 -9.56
N SER O 218 45.21 -123.94 -10.42
CA SER O 218 45.42 -125.06 -11.33
C SER O 218 46.83 -125.11 -11.91
N GLY O 219 47.07 -124.31 -12.95
CA GLY O 219 48.35 -124.33 -13.63
C GLY O 219 49.52 -124.01 -12.73
N ASP O 220 49.30 -123.20 -11.70
CA ASP O 220 50.34 -122.91 -10.72
C ASP O 220 50.96 -124.19 -10.16
N VAL O 221 50.12 -125.09 -9.66
CA VAL O 221 50.61 -126.36 -9.13
C VAL O 221 51.17 -127.23 -10.25
N PHE O 222 50.53 -127.22 -11.42
CA PHE O 222 51.09 -127.93 -12.55
C PHE O 222 52.49 -127.43 -12.88
N GLN O 223 52.74 -126.13 -12.75
CA GLN O 223 54.11 -125.64 -12.91
C GLN O 223 55.00 -126.14 -11.79
N ALA O 224 54.51 -126.04 -10.54
CA ALA O 224 55.22 -126.59 -9.40
C ALA O 224 55.58 -128.06 -9.62
N ALA O 225 54.66 -128.82 -10.21
CA ALA O 225 54.93 -130.22 -10.53
C ALA O 225 56.15 -130.33 -11.45
N ALA O 226 56.13 -129.63 -12.58
CA ALA O 226 57.19 -129.77 -13.56
C ALA O 226 58.54 -129.32 -13.00
N ARG O 227 58.55 -128.28 -12.16
CA ARG O 227 59.80 -127.89 -11.52
C ARG O 227 60.34 -128.99 -10.62
N ALA O 228 59.46 -129.79 -10.03
CA ALA O 228 59.92 -130.90 -9.19
C ALA O 228 60.61 -131.97 -10.03
N GLU O 229 60.09 -132.21 -11.24
CA GLU O 229 60.67 -133.23 -12.10
C GLU O 229 62.04 -132.81 -12.65
N GLU O 230 62.17 -131.54 -13.05
CA GLU O 230 63.47 -131.06 -13.51
C GLU O 230 64.46 -130.95 -12.36
N ALA O 231 63.99 -130.60 -11.17
CA ALA O 231 64.87 -130.57 -10.01
C ALA O 231 65.52 -131.93 -9.78
N GLY O 232 64.75 -133.00 -9.97
CA GLY O 232 65.29 -134.34 -9.98
C GLY O 232 65.42 -135.01 -8.64
N LYS O 233 65.07 -134.34 -7.54
CA LYS O 233 64.99 -135.04 -6.26
C LYS O 233 63.73 -135.89 -6.14
N GLY O 234 62.90 -135.91 -7.17
CA GLY O 234 61.77 -136.80 -7.22
C GLY O 234 60.70 -136.48 -6.21
N ILE O 235 59.97 -135.38 -6.43
CA ILE O 235 58.93 -134.91 -5.52
C ILE O 235 57.63 -134.88 -6.30
N ASP O 236 56.68 -135.72 -5.91
CA ASP O 236 55.45 -135.91 -6.66
C ASP O 236 54.43 -134.87 -6.19
N ILE O 237 54.05 -133.97 -7.11
CA ILE O 237 53.11 -132.90 -6.84
C ILE O 237 51.82 -133.18 -7.60
N GLN O 238 50.69 -132.98 -6.95
CA GLN O 238 49.41 -133.30 -7.56
C GLN O 238 48.40 -132.20 -7.25
N TYR O 239 47.41 -132.07 -8.13
CA TYR O 239 46.40 -131.02 -8.04
C TYR O 239 45.02 -131.66 -7.97
N VAL O 240 44.22 -131.28 -6.97
CA VAL O 240 42.96 -131.97 -6.73
C VAL O 240 41.81 -130.98 -6.61
N ILE O 241 41.02 -130.82 -7.66
CA ILE O 241 39.80 -130.02 -7.55
C ILE O 241 38.85 -130.77 -6.63
N PRO O 242 38.63 -130.29 -5.40
CA PRO O 242 38.03 -131.14 -4.36
C PRO O 242 36.60 -131.57 -4.66
N LYS O 243 36.18 -132.61 -3.93
CA LYS O 243 34.83 -133.16 -3.97
C LYS O 243 33.72 -132.11 -3.90
N GLU O 244 33.91 -131.03 -3.13
CA GLU O 244 32.86 -130.05 -2.91
C GLU O 244 32.86 -128.92 -3.94
N GLY O 245 33.61 -129.03 -5.02
CA GLY O 245 33.72 -127.96 -5.98
C GLY O 245 34.91 -127.06 -5.71
N ALA O 246 35.00 -125.99 -6.49
CA ALA O 246 36.11 -125.04 -6.37
C ALA O 246 35.72 -123.77 -7.15
N ASN O 247 36.67 -122.85 -7.24
CA ASN O 247 36.46 -121.61 -7.98
C ASN O 247 36.87 -121.78 -9.44
N LEU O 248 36.05 -121.23 -10.33
CA LEU O 248 36.32 -121.17 -11.76
C LEU O 248 36.41 -119.71 -12.16
N TRP O 249 37.53 -119.33 -12.77
CA TRP O 249 37.83 -117.94 -13.04
C TRP O 249 38.39 -117.81 -14.44
N PHE O 250 38.26 -116.61 -15.01
CA PHE O 250 38.74 -116.31 -16.35
C PHE O 250 39.55 -115.02 -16.30
N ASP O 251 40.81 -115.09 -16.70
CA ASP O 251 41.65 -113.90 -16.77
C ASP O 251 41.54 -113.28 -18.15
N LEU O 252 41.48 -111.96 -18.20
CA LEU O 252 41.26 -111.24 -19.45
C LEU O 252 42.19 -110.05 -19.55
N MET O 253 42.52 -109.68 -20.78
CA MET O 253 43.34 -108.51 -21.04
C MET O 253 42.44 -107.31 -21.30
N ALA O 254 42.78 -106.18 -20.69
CA ALA O 254 42.02 -104.95 -20.85
C ALA O 254 42.97 -103.78 -20.98
N ILE O 255 42.50 -102.74 -21.64
CA ILE O 255 43.28 -101.53 -21.90
C ILE O 255 42.69 -100.40 -21.07
N PRO O 256 43.44 -99.84 -20.11
CA PRO O 256 42.93 -98.73 -19.30
C PRO O 256 42.51 -97.55 -20.17
N ALA O 257 41.77 -96.64 -19.55
CA ALA O 257 41.27 -95.48 -20.30
C ALA O 257 42.41 -94.55 -20.71
N ASP O 258 43.36 -94.33 -19.81
CA ASP O 258 44.48 -93.43 -20.04
C ASP O 258 45.58 -94.03 -20.89
N ALA O 259 45.51 -95.33 -21.18
CA ALA O 259 46.58 -96.09 -21.84
C ALA O 259 47.29 -95.30 -22.93
N LYS O 260 48.61 -95.20 -22.78
CA LYS O 260 49.39 -94.32 -23.63
C LYS O 260 49.58 -94.91 -25.02
N ALA O 261 49.67 -96.24 -25.11
CA ALA O 261 50.02 -96.90 -26.35
C ALA O 261 48.90 -97.81 -26.83
N ALA O 262 47.67 -97.26 -26.88
CA ALA O 262 46.51 -98.08 -27.20
C ALA O 262 46.68 -98.83 -28.51
N ASP O 263 47.31 -98.20 -29.51
CA ASP O 263 47.50 -98.84 -30.79
C ASP O 263 48.35 -100.10 -30.70
N ASN O 264 49.32 -100.12 -29.78
CA ASN O 264 50.17 -101.31 -29.66
C ASN O 264 49.47 -102.40 -28.85
N ALA O 265 48.91 -102.04 -27.70
CA ALA O 265 48.18 -103.00 -26.88
C ALA O 265 47.15 -103.79 -27.69
N TYR O 266 46.71 -103.25 -28.84
CA TYR O 266 45.89 -104.02 -29.77
C TYR O 266 46.72 -105.00 -30.58
N ALA O 267 47.89 -104.57 -31.05
CA ALA O 267 48.74 -105.48 -31.82
C ALA O 267 49.21 -106.65 -30.98
N PHE O 268 49.39 -106.45 -29.67
CA PHE O 268 49.80 -107.55 -28.80
C PHE O 268 48.64 -108.51 -28.54
N ILE O 269 47.46 -107.97 -28.23
CA ILE O 269 46.29 -108.83 -28.01
C ILE O 269 46.05 -109.71 -29.23
N ASP O 270 46.01 -109.11 -30.42
CA ASP O 270 45.75 -109.90 -31.61
C ASP O 270 46.83 -110.95 -31.84
N TYR O 271 48.04 -110.69 -31.34
CA TYR O 271 49.12 -111.67 -31.48
C TYR O 271 48.89 -112.89 -30.59
N LEU O 272 48.33 -112.69 -29.40
CA LEU O 272 47.98 -113.80 -28.52
C LEU O 272 46.64 -114.44 -28.88
N LEU O 273 45.96 -113.92 -29.89
CA LEU O 273 44.80 -114.57 -30.48
C LEU O 273 45.16 -115.50 -31.63
N ARG O 274 46.47 -115.73 -31.89
CA ARG O 274 46.81 -116.75 -32.87
C ARG O 274 46.78 -118.13 -32.22
N PRO O 275 46.28 -119.14 -32.94
CA PRO O 275 46.23 -120.50 -32.35
C PRO O 275 47.60 -120.98 -31.91
N GLU O 276 48.58 -120.84 -32.80
CA GLU O 276 50.01 -121.02 -32.59
C GLU O 276 50.47 -120.43 -31.26
N VAL O 277 50.52 -119.10 -31.21
CA VAL O 277 51.06 -118.35 -30.08
C VAL O 277 50.53 -118.79 -28.71
N ILE O 278 49.20 -118.78 -28.53
CA ILE O 278 48.68 -119.09 -27.20
C ILE O 278 48.93 -120.55 -26.84
N ALA O 279 48.97 -121.44 -27.84
CA ALA O 279 49.36 -122.81 -27.58
C ALA O 279 50.75 -122.90 -26.99
N LYS O 280 51.65 -121.96 -27.33
CA LYS O 280 52.96 -122.00 -26.68
C LYS O 280 52.89 -121.41 -25.28
N VAL O 281 52.06 -120.39 -25.07
CA VAL O 281 51.84 -119.87 -23.72
C VAL O 281 51.36 -120.98 -22.80
N SER O 282 50.21 -121.58 -23.14
CA SER O 282 49.60 -122.59 -22.29
C SER O 282 50.54 -123.78 -22.07
N ASP O 283 51.36 -124.13 -23.08
CA ASP O 283 52.30 -125.23 -22.92
C ASP O 283 53.25 -124.97 -21.76
N TYR O 284 53.68 -123.71 -21.58
CA TYR O 284 54.61 -123.39 -20.52
C TYR O 284 53.92 -123.12 -19.19
N VAL O 285 52.79 -122.41 -19.20
CA VAL O 285 52.16 -122.05 -17.93
C VAL O 285 51.10 -123.04 -17.50
N GLY O 286 50.45 -123.72 -18.44
CA GLY O 286 49.57 -124.82 -18.08
C GLY O 286 48.17 -124.40 -17.69
N TYR O 287 47.65 -123.33 -18.27
CA TYR O 287 46.26 -122.91 -18.10
C TYR O 287 45.54 -123.07 -19.43
N ALA O 288 44.25 -123.41 -19.36
CA ALA O 288 43.44 -123.53 -20.57
C ALA O 288 43.22 -122.15 -21.18
N ASN O 289 43.45 -122.04 -22.48
CA ASN O 289 43.22 -120.80 -23.19
C ASN O 289 41.80 -120.74 -23.72
N ALA O 290 41.45 -119.60 -24.32
CA ALA O 290 40.16 -119.38 -24.93
C ALA O 290 40.20 -119.50 -26.45
N ILE O 291 41.27 -120.06 -27.00
CA ILE O 291 41.41 -120.29 -28.43
C ILE O 291 41.28 -121.78 -28.68
N PRO O 292 40.16 -122.27 -29.22
CA PRO O 292 40.08 -123.72 -29.52
C PRO O 292 41.10 -124.17 -30.56
N GLY O 293 41.40 -123.30 -31.52
CA GLY O 293 42.36 -123.62 -32.57
C GLY O 293 43.72 -124.03 -32.06
N ALA O 294 43.97 -123.80 -30.77
CA ALA O 294 45.25 -124.13 -30.15
C ALA O 294 45.32 -125.59 -29.70
N ARG O 295 44.28 -126.07 -29.00
CA ARG O 295 44.29 -127.41 -28.40
C ARG O 295 44.88 -128.51 -29.28
N PRO O 296 44.51 -128.63 -30.58
CA PRO O 296 45.18 -129.63 -31.42
C PRO O 296 46.66 -129.37 -31.64
N LEU O 297 47.18 -128.20 -31.26
CA LEU O 297 48.59 -127.88 -31.38
C LEU O 297 49.34 -127.94 -30.07
N MET O 298 48.63 -128.02 -28.95
CA MET O 298 49.23 -127.94 -27.63
C MET O 298 49.81 -129.28 -27.20
N ASP O 299 50.77 -129.21 -26.28
CA ASP O 299 51.33 -130.42 -25.70
C ASP O 299 50.22 -131.27 -25.10
N LYS O 300 50.12 -132.51 -25.57
CA LYS O 300 48.99 -133.36 -25.24
C LYS O 300 48.86 -133.58 -23.74
N SER O 301 49.95 -133.38 -22.98
CA SER O 301 49.83 -133.47 -21.52
C SER O 301 49.06 -132.29 -20.93
N VAL O 302 49.06 -131.13 -21.58
CA VAL O 302 48.27 -130.00 -21.10
C VAL O 302 46.87 -129.99 -21.72
N SER O 303 46.79 -130.27 -23.01
CA SER O 303 45.52 -130.15 -23.71
C SER O 303 44.56 -131.28 -23.35
N ASP O 304 45.09 -132.48 -23.12
CA ASP O 304 44.25 -133.63 -22.81
C ASP O 304 44.06 -133.83 -21.32
N SER O 305 44.37 -132.84 -20.49
CA SER O 305 44.22 -133.01 -19.05
C SER O 305 42.80 -132.69 -18.61
N GLU O 306 42.32 -133.43 -17.62
CA GLU O 306 41.00 -133.19 -17.04
C GLU O 306 41.04 -132.16 -15.92
N GLU O 307 42.22 -131.68 -15.51
CA GLU O 307 42.34 -130.60 -14.55
C GLU O 307 42.98 -129.35 -15.16
N VAL O 308 43.25 -129.35 -16.46
CA VAL O 308 43.48 -128.12 -17.20
C VAL O 308 42.18 -127.78 -17.93
N TYR O 309 41.75 -128.67 -18.83
CA TYR O 309 40.45 -128.53 -19.48
C TYR O 309 39.47 -129.48 -18.81
N PRO O 310 38.65 -129.02 -17.87
CA PRO O 310 37.76 -129.95 -17.13
C PRO O 310 36.59 -130.39 -17.98
N PRO O 311 36.09 -131.60 -17.78
CA PRO O 311 34.84 -132.01 -18.43
C PRO O 311 33.67 -131.40 -17.67
N GLN O 312 32.50 -131.41 -18.30
CA GLN O 312 31.45 -130.55 -17.76
C GLN O 312 30.76 -131.16 -16.54
N ALA O 313 30.84 -132.49 -16.37
CA ALA O 313 30.46 -133.07 -15.09
C ALA O 313 31.17 -132.31 -13.97
N VAL O 314 32.42 -131.93 -14.23
CA VAL O 314 33.24 -131.26 -13.22
C VAL O 314 32.92 -129.76 -13.16
N LEU O 315 32.83 -129.09 -14.32
CA LEU O 315 32.48 -127.67 -14.36
C LEU O 315 31.26 -127.37 -13.52
N ASP O 316 30.16 -128.08 -13.81
CA ASP O 316 28.89 -127.88 -13.14
C ASP O 316 29.01 -127.95 -11.62
N LYS O 317 30.22 -128.21 -11.11
CA LYS O 317 30.48 -128.25 -9.69
C LYS O 317 31.30 -127.06 -9.22
N LEU O 318 31.90 -126.32 -10.15
CA LEU O 318 32.64 -125.15 -9.74
C LEU O 318 31.69 -123.97 -9.57
N TYR O 319 32.21 -122.92 -8.96
CA TYR O 319 31.47 -121.67 -8.83
C TYR O 319 32.28 -120.57 -9.50
N VAL O 320 31.62 -119.80 -10.34
CA VAL O 320 32.20 -118.57 -10.86
C VAL O 320 31.83 -117.43 -9.93
N SER O 321 32.83 -116.81 -9.31
CA SER O 321 32.58 -115.67 -8.46
C SER O 321 31.98 -114.51 -9.26
N ALA O 322 30.93 -113.93 -8.70
CA ALA O 322 30.24 -112.83 -9.36
C ALA O 322 30.80 -111.48 -8.91
N VAL O 323 30.33 -110.43 -9.57
CA VAL O 323 30.60 -109.05 -9.17
C VAL O 323 29.81 -108.75 -7.91
N LEU O 324 30.45 -108.84 -6.76
CA LEU O 324 29.73 -108.67 -5.52
C LEU O 324 29.40 -107.18 -5.32
N PRO O 325 28.33 -106.88 -4.59
CA PRO O 325 28.04 -105.48 -4.26
C PRO O 325 29.15 -104.88 -3.43
N ALA O 326 29.48 -103.61 -3.72
CA ALA O 326 30.62 -102.98 -3.07
C ALA O 326 30.44 -102.84 -1.56
N LYS O 327 29.21 -102.96 -1.05
CA LYS O 327 28.98 -103.12 0.38
C LYS O 327 29.59 -104.41 0.93
N VAL O 328 29.71 -105.44 0.10
CA VAL O 328 30.10 -106.77 0.54
C VAL O 328 31.61 -106.99 0.49
N LEU O 329 32.26 -106.60 -0.62
CA LEU O 329 33.71 -106.66 -0.70
C LEU O 329 34.36 -105.95 0.47
N ARG O 330 33.66 -104.97 1.05
CA ARG O 330 34.13 -104.35 2.29
C ARG O 330 34.00 -105.32 3.46
N LEU O 331 32.94 -106.12 3.48
CA LEU O 331 32.85 -107.21 4.46
C LEU O 331 33.94 -108.26 4.21
N GLN O 332 34.14 -108.63 2.94
CA GLN O 332 35.23 -109.53 2.59
C GLN O 332 36.55 -109.06 3.17
N THR O 333 36.95 -107.83 2.86
CA THR O 333 38.26 -107.33 3.24
C THR O 333 38.43 -107.27 4.76
N ARG O 334 37.47 -106.65 5.45
CA ARG O 334 37.44 -106.69 6.91
C ARG O 334 37.70 -108.08 7.46
N THR O 335 36.83 -109.02 7.09
CA THR O 335 36.92 -110.38 7.61
C THR O 335 38.31 -110.98 7.39
N TRP O 336 38.85 -110.81 6.18
CA TRP O 336 40.16 -111.37 5.86
C TRP O 336 41.25 -110.74 6.72
N THR O 337 41.25 -109.41 6.82
CA THR O 337 42.22 -108.72 7.68
C THR O 337 42.10 -109.18 9.13
N ARG O 338 40.89 -109.48 9.59
CA ARG O 338 40.67 -109.93 10.95
C ARG O 338 41.33 -111.28 11.23
N ILE O 339 41.66 -112.05 10.19
CA ILE O 339 42.20 -113.39 10.32
C ILE O 339 43.71 -113.23 10.41
N LYS O 340 44.16 -112.00 10.66
CA LYS O 340 45.59 -111.69 10.73
C LYS O 340 45.93 -110.58 11.74
N GLN P 3 36.07 -135.57 -49.25
CA GLN P 3 36.59 -134.25 -48.96
C GLN P 3 37.84 -134.44 -48.06
N VAL P 4 37.62 -134.50 -46.74
CA VAL P 4 38.64 -134.73 -45.73
C VAL P 4 38.96 -136.21 -45.67
N GLN P 5 40.26 -136.50 -45.49
CA GLN P 5 40.85 -137.80 -45.79
C GLN P 5 42.36 -137.66 -45.76
N LEU P 6 43.06 -138.71 -45.37
CA LEU P 6 44.48 -138.76 -45.65
C LEU P 6 44.71 -139.88 -46.64
N VAL P 7 45.71 -139.71 -47.50
CA VAL P 7 46.08 -140.72 -48.49
C VAL P 7 47.54 -141.11 -48.23
N GLU P 8 47.74 -142.38 -47.91
CA GLU P 8 49.07 -142.88 -47.58
C GLU P 8 49.80 -143.33 -48.85
N THR P 9 51.10 -143.53 -48.72
CA THR P 9 51.89 -144.04 -49.82
C THR P 9 51.48 -145.47 -50.17
N GLY P 10 51.95 -145.92 -51.32
CA GLY P 10 51.89 -147.33 -51.63
C GLY P 10 52.71 -148.14 -50.66
N ASP P 11 52.51 -149.46 -50.72
CA ASP P 11 53.09 -150.38 -49.76
C ASP P 11 54.37 -151.03 -50.28
N GLU P 12 55.40 -151.04 -49.43
CA GLU P 12 56.76 -151.45 -49.78
C GLU P 12 57.18 -152.71 -49.02
N VAL P 13 58.23 -153.35 -49.54
CA VAL P 13 58.73 -154.61 -49.02
C VAL P 13 60.25 -154.49 -48.94
N LYS P 14 60.70 -154.08 -47.77
CA LYS P 14 62.12 -153.81 -47.51
C LYS P 14 62.73 -155.00 -46.78
N THR P 15 63.98 -154.85 -46.37
CA THR P 15 64.76 -155.94 -45.74
C THR P 15 65.42 -155.46 -44.46
N PRO P 16 65.87 -156.38 -43.59
CA PRO P 16 66.41 -156.10 -42.28
C PRO P 16 67.51 -155.05 -42.21
N GLY P 17 67.55 -154.18 -43.21
CA GLY P 17 68.57 -153.12 -43.26
C GLY P 17 67.98 -151.77 -42.92
N ALA P 18 66.67 -151.77 -42.73
CA ALA P 18 65.82 -150.63 -42.34
C ALA P 18 65.80 -149.57 -43.43
N SER P 19 65.55 -148.35 -42.98
CA SER P 19 65.41 -147.11 -43.77
C SER P 19 64.17 -147.21 -44.65
N VAL P 20 63.02 -146.78 -44.12
CA VAL P 20 61.77 -146.73 -44.93
C VAL P 20 61.14 -145.37 -44.73
N LYS P 21 60.37 -144.90 -45.70
CA LYS P 21 59.70 -143.58 -45.55
C LYS P 21 58.26 -143.80 -45.99
N VAL P 22 57.31 -143.38 -45.17
CA VAL P 22 55.89 -143.60 -45.48
C VAL P 22 55.22 -142.25 -45.71
N SER P 23 54.59 -142.10 -46.87
CA SER P 23 54.04 -140.80 -47.26
C SER P 23 52.62 -140.71 -46.77
N CYS P 24 52.30 -139.65 -46.05
CA CYS P 24 50.92 -139.30 -45.71
C CYS P 24 50.63 -137.90 -46.24
N LYS P 25 49.61 -137.80 -47.10
CA LYS P 25 49.25 -136.56 -47.76
C LYS P 25 47.78 -136.28 -47.48
N VAL P 26 47.50 -135.12 -46.98
CA VAL P 26 46.16 -134.72 -46.58
C VAL P 26 45.52 -133.89 -47.66
N SER P 27 44.19 -133.93 -47.69
CA SER P 27 43.36 -133.05 -48.49
C SER P 27 42.04 -132.85 -47.75
N GLY P 28 41.40 -131.73 -47.98
CA GLY P 28 40.11 -131.49 -47.38
C GLY P 28 40.12 -130.77 -46.04
N TYR P 29 41.29 -130.33 -45.57
CA TYR P 29 41.36 -129.55 -44.35
C TYR P 29 42.71 -128.84 -44.32
N THR P 30 42.80 -127.86 -43.42
CA THR P 30 43.98 -126.99 -43.29
C THR P 30 45.09 -127.81 -42.62
N PHE P 31 46.05 -128.25 -43.44
CA PHE P 31 47.04 -129.24 -43.00
C PHE P 31 47.73 -128.85 -41.69
N THR P 32 48.12 -127.58 -41.57
CA THR P 32 48.88 -127.12 -40.42
C THR P 32 47.99 -126.70 -39.25
N SER P 33 46.76 -127.22 -39.19
CA SER P 33 45.82 -126.82 -38.14
C SER P 33 45.48 -127.95 -37.19
N TYR P 34 45.98 -129.16 -37.45
CA TYR P 34 45.89 -130.29 -36.54
C TYR P 34 47.19 -131.06 -36.62
N GLY P 35 47.52 -131.74 -35.52
CA GLY P 35 48.65 -132.65 -35.52
C GLY P 35 48.43 -133.85 -36.41
N ILE P 36 49.48 -134.66 -36.54
CA ILE P 36 49.40 -135.91 -37.26
C ILE P 36 50.16 -137.05 -36.58
N SER P 37 49.43 -138.13 -36.29
CA SER P 37 49.88 -139.25 -35.50
C SER P 37 50.19 -140.43 -36.40
N TRP P 38 51.00 -141.35 -35.89
CA TRP P 38 51.41 -142.54 -36.63
C TRP P 38 51.15 -143.75 -35.74
N VAL P 39 50.20 -144.59 -36.14
CA VAL P 39 49.82 -145.77 -35.38
C VAL P 39 50.22 -147.00 -36.19
N ARG P 40 50.96 -147.90 -35.55
CA ARG P 40 51.52 -149.08 -36.18
C ARG P 40 50.69 -150.30 -35.80
N GLN P 41 50.66 -151.31 -36.67
CA GLN P 41 49.88 -152.52 -36.37
C GLN P 41 50.43 -153.72 -37.12
N ALA P 42 50.91 -154.71 -36.36
CA ALA P 42 51.42 -155.96 -36.90
C ALA P 42 50.28 -156.83 -37.43
N PRO P 43 50.60 -157.95 -38.07
CA PRO P 43 49.52 -158.88 -38.47
C PRO P 43 48.80 -159.45 -37.26
N GLY P 44 47.49 -159.24 -37.22
CA GLY P 44 46.64 -159.85 -36.21
C GLY P 44 46.83 -159.35 -34.78
N GLN P 45 47.70 -158.36 -34.58
CA GLN P 45 47.93 -157.84 -33.25
C GLN P 45 47.37 -156.41 -33.14
N GLY P 46 47.62 -155.78 -32.00
CA GLY P 46 46.96 -154.54 -31.65
C GLY P 46 47.67 -153.30 -32.18
N LEU P 47 47.07 -152.15 -31.87
CA LEU P 47 47.59 -150.87 -32.33
C LEU P 47 48.78 -150.44 -31.49
N GLU P 48 49.73 -149.77 -32.13
CA GLU P 48 50.88 -149.22 -31.42
C GLU P 48 51.18 -147.80 -31.89
N TRP P 49 51.32 -146.92 -30.92
CA TRP P 49 51.63 -145.52 -31.14
C TRP P 49 53.12 -145.34 -31.41
N MET P 50 53.45 -144.62 -32.48
CA MET P 50 54.84 -144.31 -32.81
C MET P 50 55.21 -142.88 -32.42
N GLY P 51 54.48 -141.90 -32.95
CA GLY P 51 54.81 -140.52 -32.62
C GLY P 51 53.73 -139.58 -33.11
N TRP P 52 53.94 -138.29 -32.82
CA TRP P 52 53.00 -137.22 -33.14
C TRP P 52 53.81 -136.01 -33.61
N ILE P 53 53.40 -135.44 -34.73
CA ILE P 53 54.11 -134.29 -35.28
C ILE P 53 53.16 -133.11 -35.36
N ASN P 54 53.70 -131.91 -35.18
CA ASN P 54 52.93 -130.69 -35.36
C ASN P 54 53.25 -130.11 -36.72
N PRO P 55 52.31 -130.10 -37.66
CA PRO P 55 52.59 -129.50 -38.97
C PRO P 55 52.90 -128.02 -38.90
N ASN P 56 52.33 -127.30 -37.94
CA ASN P 56 52.53 -125.86 -37.86
C ASN P 56 53.94 -125.53 -37.40
N SER P 57 54.44 -126.25 -36.39
CA SER P 57 55.73 -125.91 -35.80
C SER P 57 56.87 -126.82 -36.25
N GLY P 58 56.57 -128.03 -36.71
CA GLY P 58 57.60 -128.99 -37.05
C GLY P 58 58.13 -129.79 -35.88
N GLY P 59 57.78 -129.43 -34.65
CA GLY P 59 58.18 -130.21 -33.50
C GLY P 59 57.55 -131.59 -33.52
N THR P 60 58.25 -132.55 -32.93
CA THR P 60 57.85 -133.95 -32.93
C THR P 60 57.86 -134.49 -31.51
N ASN P 61 56.93 -135.40 -31.23
CA ASN P 61 56.91 -136.16 -29.99
C ASN P 61 56.99 -137.64 -30.34
N TYR P 62 58.16 -138.23 -30.15
CA TYR P 62 58.35 -139.65 -30.41
C TYR P 62 58.02 -140.47 -29.17
N ALA P 63 57.64 -141.72 -29.39
CA ALA P 63 57.52 -142.67 -28.29
C ALA P 63 58.92 -143.14 -27.89
N GLN P 64 59.16 -143.21 -26.58
CA GLN P 64 60.47 -143.59 -26.07
C GLN P 64 60.99 -144.88 -26.70
N LYS P 65 60.09 -145.81 -27.02
CA LYS P 65 60.47 -147.05 -27.69
C LYS P 65 61.31 -146.80 -28.94
N PHE P 66 60.90 -145.81 -29.75
CA PHE P 66 61.39 -145.67 -31.12
C PHE P 66 62.40 -144.57 -31.33
N GLN P 67 62.33 -143.48 -30.54
CA GLN P 67 63.28 -142.38 -30.64
C GLN P 67 64.69 -142.87 -30.94
N GLY P 68 65.32 -142.23 -31.92
CA GLY P 68 66.56 -142.76 -32.41
C GLY P 68 66.42 -143.80 -33.50
N ARG P 69 65.19 -144.01 -34.03
CA ARG P 69 65.09 -144.84 -35.20
C ARG P 69 63.93 -144.31 -36.06
N VAL P 70 63.01 -143.59 -35.43
CA VAL P 70 61.91 -142.93 -36.12
C VAL P 70 62.26 -141.47 -36.32
N THR P 71 61.78 -140.88 -37.42
CA THR P 71 62.03 -139.47 -37.69
C THR P 71 60.80 -138.93 -38.40
N MET P 72 60.12 -137.97 -37.78
CA MET P 72 58.86 -137.49 -38.32
C MET P 72 59.05 -136.07 -38.85
N THR P 73 58.79 -135.89 -40.13
CA THR P 73 58.99 -134.64 -40.84
C THR P 73 57.72 -134.32 -41.61
N ARG P 74 57.74 -133.21 -42.34
CA ARG P 74 56.53 -132.75 -43.02
C ARG P 74 56.89 -131.67 -44.03
N ASP P 75 56.22 -131.69 -45.18
CA ASP P 75 56.40 -130.64 -46.18
C ASP P 75 55.06 -129.91 -46.27
N THR P 76 54.88 -128.93 -45.40
CA THR P 76 53.65 -128.14 -45.34
C THR P 76 53.28 -127.61 -46.73
N SER P 77 54.29 -127.18 -47.49
CA SER P 77 54.16 -126.88 -48.92
C SER P 77 53.21 -127.83 -49.62
N ILE P 78 53.63 -129.10 -49.74
CA ILE P 78 52.82 -130.10 -50.43
C ILE P 78 51.60 -130.50 -49.61
N SER P 79 51.60 -130.17 -48.31
CA SER P 79 50.60 -130.67 -47.35
C SER P 79 50.71 -132.19 -47.23
N THR P 80 51.93 -132.68 -47.06
CA THR P 80 52.17 -134.08 -46.78
C THR P 80 53.07 -134.19 -45.55
N ALA P 81 52.95 -135.32 -44.85
CA ALA P 81 53.81 -135.61 -43.72
C ALA P 81 54.56 -136.91 -43.99
N TYR P 82 55.67 -137.09 -43.27
CA TYR P 82 56.58 -138.20 -43.53
C TYR P 82 57.02 -138.81 -42.21
N MET P 83 56.89 -140.13 -42.10
CA MET P 83 57.51 -140.92 -41.04
C MET P 83 58.66 -141.72 -41.64
N GLU P 84 59.75 -141.88 -40.90
CA GLU P 84 60.97 -142.52 -41.40
C GLU P 84 61.52 -143.51 -40.37
N LEU P 85 61.10 -144.76 -40.47
CA LEU P 85 61.72 -145.83 -39.68
C LEU P 85 63.03 -146.29 -40.33
N SER P 86 64.02 -146.55 -39.47
CA SER P 86 65.42 -146.53 -39.85
C SER P 86 66.15 -147.85 -39.68
N ARG P 87 65.78 -148.69 -38.70
CA ARG P 87 66.36 -150.02 -38.55
C ARG P 87 65.20 -151.02 -38.55
N LEU P 88 64.63 -151.25 -39.74
CA LEU P 88 63.64 -152.29 -39.92
C LEU P 88 64.16 -153.62 -39.40
N ARG P 89 63.27 -154.39 -38.78
CA ARG P 89 63.58 -155.73 -38.33
C ARG P 89 62.34 -156.58 -38.43
N SER P 90 62.54 -157.89 -38.26
CA SER P 90 61.47 -158.88 -38.27
C SER P 90 60.17 -158.38 -37.62
N ASP P 91 60.30 -157.74 -36.46
CA ASP P 91 59.14 -157.27 -35.71
C ASP P 91 58.41 -156.14 -36.45
N ASP P 92 59.15 -155.25 -37.10
CA ASP P 92 58.59 -154.03 -37.68
C ASP P 92 57.61 -154.30 -38.81
N THR P 93 57.46 -155.56 -39.20
CA THR P 93 56.51 -155.98 -40.22
C THR P 93 55.08 -155.66 -39.79
N ALA P 94 54.44 -154.71 -40.46
CA ALA P 94 53.17 -154.19 -39.94
C ALA P 94 52.50 -153.29 -40.99
N VAL P 95 51.26 -152.93 -40.69
CA VAL P 95 50.54 -151.88 -41.40
C VAL P 95 50.79 -150.57 -40.67
N TYR P 96 51.16 -149.53 -41.41
CA TYR P 96 51.57 -148.25 -40.82
C TYR P 96 50.51 -147.19 -41.10
N TYR P 97 49.72 -146.86 -40.08
CA TYR P 97 48.61 -145.95 -40.22
C TYR P 97 49.02 -144.50 -40.01
N CYS P 98 48.49 -143.62 -40.84
CA CYS P 98 48.62 -142.18 -40.66
C CYS P 98 47.30 -141.61 -40.15
N ALA P 99 47.36 -140.79 -39.12
CA ALA P 99 46.16 -140.32 -38.43
C ALA P 99 46.23 -138.82 -38.14
N ARG P 100 45.12 -138.14 -38.41
CA ARG P 100 44.97 -136.74 -38.02
C ARG P 100 44.57 -136.64 -36.57
N ASP P 101 45.28 -135.80 -35.82
CA ASP P 101 45.14 -135.74 -34.36
C ASP P 101 44.53 -134.39 -33.96
N LYS P 102 43.21 -134.39 -33.82
CA LYS P 102 42.33 -133.39 -33.22
C LYS P 102 42.46 -133.35 -31.64
N ARG P 103 43.46 -134.12 -31.17
CA ARG P 103 43.68 -134.64 -29.82
C ARG P 103 43.29 -136.12 -29.84
N TYR P 104 42.11 -136.39 -30.39
CA TYR P 104 41.70 -137.74 -30.76
C TYR P 104 41.89 -137.90 -32.27
N MET P 105 42.04 -139.16 -32.70
CA MET P 105 42.35 -139.46 -34.10
C MET P 105 41.03 -139.67 -34.84
N ASP P 106 40.50 -138.58 -35.41
CA ASP P 106 39.17 -138.58 -35.99
C ASP P 106 39.12 -139.06 -37.44
N VAL P 107 40.19 -138.86 -38.21
CA VAL P 107 40.25 -139.37 -39.58
C VAL P 107 41.58 -140.09 -39.77
N TRP P 108 41.50 -141.33 -40.26
CA TRP P 108 42.66 -142.19 -40.44
C TRP P 108 42.97 -142.33 -41.92
N GLY P 109 44.16 -142.85 -42.20
CA GLY P 109 44.49 -143.31 -43.53
C GLY P 109 43.96 -144.71 -43.72
N LYS P 110 44.71 -145.51 -44.46
CA LYS P 110 44.33 -146.88 -44.76
C LYS P 110 45.53 -147.79 -44.60
N GLY P 111 46.60 -147.26 -44.01
CA GLY P 111 47.81 -148.01 -43.79
C GLY P 111 48.70 -148.07 -45.01
N THR P 112 49.94 -148.46 -44.77
CA THR P 112 50.91 -148.74 -45.83
C THR P 112 51.61 -150.02 -45.38
N THR P 113 51.20 -151.15 -45.97
CA THR P 113 51.67 -152.47 -45.51
C THR P 113 53.16 -152.59 -45.80
N VAL P 114 53.98 -152.52 -44.76
CA VAL P 114 55.44 -152.61 -44.87
C VAL P 114 55.87 -153.95 -44.27
N THR P 115 56.54 -154.75 -45.08
CA THR P 115 57.02 -156.07 -44.67
C THR P 115 58.53 -156.11 -44.75
N VAL P 116 59.16 -156.52 -43.67
CA VAL P 116 60.60 -156.73 -43.67
C VAL P 116 60.85 -158.16 -44.15
N SER P 117 61.46 -158.30 -45.31
CA SER P 117 61.59 -159.63 -45.85
C SER P 117 62.68 -160.41 -45.11
N SER P 118 62.68 -161.72 -45.35
CA SER P 118 63.76 -162.63 -44.95
C SER P 118 64.03 -162.45 -43.45
N GLY P 119 65.28 -162.58 -43.03
CA GLY P 119 65.67 -162.48 -41.63
C GLY P 119 66.41 -163.73 -41.21
N VAL P 136 50.67 -152.38 -22.60
CA VAL P 136 50.84 -151.16 -21.79
C VAL P 136 49.75 -151.04 -20.73
N LEU P 137 48.48 -150.90 -21.11
CA LEU P 137 47.40 -150.86 -20.13
C LEU P 137 46.44 -152.02 -20.33
N THR P 138 45.78 -152.42 -19.25
CA THR P 138 45.09 -153.71 -19.19
C THR P 138 43.72 -153.65 -19.86
N GLN P 139 43.47 -154.58 -20.79
CA GLN P 139 42.23 -154.69 -21.52
C GLN P 139 42.04 -156.15 -21.94
N PRO P 140 40.84 -156.70 -21.79
CA PRO P 140 40.63 -158.13 -22.07
C PRO P 140 40.82 -158.44 -23.55
N PRO P 141 41.12 -159.70 -23.88
CA PRO P 141 41.39 -160.04 -25.29
C PRO P 141 40.15 -160.26 -26.14
N SER P 142 39.05 -160.71 -25.53
CA SER P 142 37.82 -160.93 -26.31
C SER P 142 36.65 -161.21 -25.38
N VAL P 143 35.48 -160.75 -25.80
CA VAL P 143 34.19 -161.16 -25.25
C VAL P 143 33.30 -161.55 -26.42
N SER P 144 32.42 -162.52 -26.19
CA SER P 144 31.49 -162.99 -27.20
C SER P 144 30.06 -162.73 -26.74
N GLY P 145 29.24 -162.22 -27.66
CA GLY P 145 27.89 -161.82 -27.34
C GLY P 145 26.89 -162.38 -28.33
N ALA P 146 25.62 -162.29 -27.95
CA ALA P 146 24.47 -162.70 -28.74
C ALA P 146 23.65 -161.48 -29.16
N PRO P 147 23.03 -161.50 -30.34
CA PRO P 147 22.34 -160.31 -30.84
C PRO P 147 21.27 -159.83 -29.88
N GLY P 148 21.09 -158.51 -29.85
CA GLY P 148 20.10 -157.88 -29.01
C GLY P 148 20.57 -157.54 -27.59
N GLN P 149 21.54 -158.28 -27.05
CA GLN P 149 22.02 -158.02 -25.69
C GLN P 149 23.06 -156.93 -25.60
N LYS P 150 23.59 -156.79 -24.38
CA LYS P 150 24.57 -155.79 -24.01
C LYS P 150 25.89 -156.44 -23.62
N VAL P 151 26.99 -155.79 -24.01
CA VAL P 151 28.33 -156.21 -23.60
C VAL P 151 29.10 -154.95 -23.21
N THR P 152 30.05 -155.13 -22.29
CA THR P 152 30.91 -154.03 -21.87
C THR P 152 32.36 -154.44 -21.96
N ILE P 153 33.18 -153.55 -22.52
CA ILE P 153 34.64 -153.74 -22.59
C ILE P 153 35.30 -152.68 -21.72
N SER P 154 35.99 -153.13 -20.68
CA SER P 154 36.68 -152.24 -19.75
C SER P 154 38.15 -152.10 -20.13
N CYS P 155 38.78 -151.05 -19.59
CA CYS P 155 40.14 -150.69 -19.95
C CYS P 155 40.75 -149.98 -18.74
N SER P 156 41.52 -150.71 -17.95
CA SER P 156 42.16 -150.16 -16.77
C SER P 156 43.59 -149.72 -17.08
N GLY P 157 44.00 -148.63 -16.44
CA GLY P 157 45.35 -148.15 -16.58
C GLY P 157 45.90 -147.59 -15.28
N SER P 158 46.60 -146.47 -15.37
CA SER P 158 47.30 -145.88 -14.23
C SER P 158 46.69 -144.52 -13.88
N SER P 159 47.07 -144.03 -12.71
CA SER P 159 46.71 -142.66 -12.29
C SER P 159 47.46 -141.58 -13.07
N SER P 160 48.12 -141.98 -14.16
CA SER P 160 48.90 -141.09 -15.00
C SER P 160 48.43 -141.10 -16.45
N ASN P 161 47.36 -141.81 -16.76
CA ASN P 161 46.83 -141.84 -18.12
C ASN P 161 45.31 -141.77 -18.12
N ILE P 162 44.64 -142.93 -18.09
CA ILE P 162 43.19 -142.96 -17.94
C ILE P 162 42.75 -142.14 -16.74
N GLY P 163 43.57 -142.09 -15.69
CA GLY P 163 43.20 -141.36 -14.49
C GLY P 163 43.18 -139.85 -14.68
N ARG P 164 44.02 -139.31 -15.56
CA ARG P 164 44.15 -137.88 -15.73
C ARG P 164 43.61 -137.35 -17.05
N ASN P 165 43.89 -138.03 -18.15
CA ASN P 165 43.75 -137.45 -19.48
C ASN P 165 42.53 -138.03 -20.20
N TYR P 166 41.99 -137.24 -21.14
CA TYR P 166 40.78 -137.63 -21.86
C TYR P 166 41.02 -138.89 -22.68
N VAL P 167 39.96 -139.68 -22.87
CA VAL P 167 40.05 -141.00 -23.47
C VAL P 167 39.38 -140.99 -24.84
N SER P 168 39.98 -141.72 -25.79
CA SER P 168 39.34 -142.04 -27.06
C SER P 168 39.10 -143.54 -27.13
N TRP P 169 38.08 -143.95 -27.87
CA TRP P 169 37.86 -145.35 -28.24
C TRP P 169 37.90 -145.51 -29.75
N TYR P 170 38.25 -146.71 -30.20
CA TYR P 170 38.46 -146.98 -31.62
C TYR P 170 37.85 -148.33 -31.99
N GLN P 171 37.09 -148.34 -33.09
CA GLN P 171 36.46 -149.53 -33.61
C GLN P 171 37.10 -149.87 -34.95
N GLN P 172 37.72 -151.03 -35.03
CA GLN P 172 38.33 -151.53 -36.26
C GLN P 172 37.51 -152.73 -36.74
N LEU P 173 36.52 -152.46 -37.59
CA LEU P 173 35.77 -153.54 -38.21
C LEU P 173 36.70 -154.39 -39.07
N PRO P 174 36.35 -155.67 -39.29
CA PRO P 174 37.29 -156.60 -39.93
C PRO P 174 37.83 -156.08 -41.26
N GLY P 175 39.14 -156.19 -41.44
CA GLY P 175 39.77 -155.88 -42.70
C GLY P 175 40.15 -154.43 -42.89
N ALA P 176 39.42 -153.52 -42.27
CA ALA P 176 39.55 -152.10 -42.53
C ALA P 176 40.39 -151.40 -41.46
N ALA P 177 40.69 -150.13 -41.72
CA ALA P 177 41.48 -149.31 -40.82
C ALA P 177 40.73 -149.05 -39.52
N PRO P 178 41.44 -148.66 -38.46
CA PRO P 178 40.75 -148.23 -37.24
C PRO P 178 39.85 -147.02 -37.51
N LYS P 179 38.90 -146.81 -36.60
CA LYS P 179 37.91 -145.76 -36.73
C LYS P 179 37.64 -145.13 -35.37
N LEU P 180 37.45 -143.82 -35.36
CA LEU P 180 37.09 -143.11 -34.13
C LEU P 180 35.71 -143.56 -33.65
N LEU P 181 35.65 -144.12 -32.45
CA LEU P 181 34.39 -144.55 -31.87
C LEU P 181 33.88 -143.57 -30.81
N LEU P 182 34.75 -143.13 -29.90
CA LEU P 182 34.37 -142.13 -28.90
C LEU P 182 35.54 -141.19 -28.68
N TYR P 183 35.23 -139.92 -28.46
CA TYR P 183 36.22 -138.93 -28.04
C TYR P 183 35.78 -138.28 -26.74
N ASP P 184 36.68 -137.43 -26.22
CA ASP P 184 36.50 -136.71 -24.97
C ASP P 184 35.87 -137.54 -23.88
N ASN P 185 36.35 -138.79 -23.71
CA ASN P 185 35.88 -139.77 -22.72
C ASN P 185 34.62 -140.50 -23.18
N ASN P 186 33.62 -139.75 -23.63
CA ASN P 186 32.30 -140.37 -23.80
C ASN P 186 31.41 -139.64 -24.80
N LYS P 187 31.94 -138.80 -25.67
CA LYS P 187 31.16 -138.07 -26.66
C LYS P 187 31.28 -138.77 -28.00
N ARG P 188 30.14 -139.06 -28.64
CA ARG P 188 30.31 -139.91 -29.80
C ARG P 188 30.23 -139.08 -31.08
N PRO P 189 31.06 -139.37 -32.07
CA PRO P 189 31.01 -138.63 -33.32
C PRO P 189 29.73 -138.92 -34.09
N SER P 190 29.31 -137.96 -34.91
CA SER P 190 28.14 -138.13 -35.74
C SER P 190 28.29 -139.36 -36.62
N GLY P 191 27.25 -140.18 -36.68
CA GLY P 191 27.31 -141.47 -37.31
C GLY P 191 27.43 -142.64 -36.36
N ILE P 192 27.73 -142.39 -35.09
CA ILE P 192 27.80 -143.42 -34.07
C ILE P 192 26.50 -143.40 -33.28
N PRO P 193 25.78 -144.51 -33.18
CA PRO P 193 24.43 -144.49 -32.57
C PRO P 193 24.47 -144.52 -31.04
N ASP P 194 23.27 -144.42 -30.46
CA ASP P 194 23.07 -144.41 -29.02
C ASP P 194 23.42 -145.73 -28.35
N ARG P 195 23.85 -146.71 -29.14
CA ARG P 195 24.25 -147.98 -28.52
C ARG P 195 25.61 -147.86 -27.82
N PHE P 196 26.46 -146.92 -28.23
CA PHE P 196 27.84 -146.83 -27.77
C PHE P 196 27.97 -145.81 -26.66
N SER P 197 28.34 -146.28 -25.47
CA SER P 197 28.40 -145.48 -24.26
C SER P 197 29.71 -145.82 -23.55
N ALA P 198 30.25 -144.87 -22.79
CA ALA P 198 31.46 -145.10 -22.00
C ALA P 198 31.23 -144.60 -20.59
N SER P 199 31.50 -145.47 -19.62
CA SER P 199 31.71 -145.03 -18.24
C SER P 199 33.14 -144.53 -18.07
N LYS P 200 33.52 -144.29 -16.83
CA LYS P 200 34.83 -143.82 -16.40
C LYS P 200 34.77 -143.60 -14.90
N SER P 201 35.57 -144.33 -14.13
CA SER P 201 35.67 -144.08 -12.70
C SER P 201 37.05 -144.54 -12.27
N GLY P 202 37.90 -143.61 -11.87
CA GLY P 202 39.25 -143.95 -11.53
C GLY P 202 40.09 -144.29 -12.76
N PRO P 203 41.10 -145.14 -12.59
CA PRO P 203 41.98 -145.47 -13.72
C PRO P 203 41.37 -146.50 -14.67
N SER P 204 40.05 -146.46 -14.85
CA SER P 204 39.38 -147.40 -15.74
C SER P 204 38.23 -146.71 -16.45
N THR P 205 38.25 -146.78 -17.77
CA THR P 205 37.09 -146.46 -18.60
C THR P 205 36.56 -147.76 -19.20
N THR P 206 35.24 -147.89 -19.25
CA THR P 206 34.59 -149.09 -19.75
C THR P 206 33.64 -148.70 -20.87
N LEU P 207 33.90 -149.22 -22.06
CA LEU P 207 32.94 -149.08 -23.15
C LEU P 207 31.72 -149.93 -22.80
N ALA P 208 30.68 -149.81 -23.63
CA ALA P 208 29.45 -150.54 -23.44
C ALA P 208 28.53 -150.33 -24.63
N ILE P 209 28.65 -151.15 -25.66
CA ILE P 209 27.57 -151.12 -26.62
C ILE P 209 26.35 -151.70 -25.92
N THR P 210 25.17 -151.43 -26.45
CA THR P 210 23.95 -151.96 -25.86
C THR P 210 23.05 -152.70 -26.84
N GLY P 211 23.10 -152.37 -28.12
CA GLY P 211 22.19 -152.99 -29.05
C GLY P 211 22.64 -154.28 -29.69
N LEU P 212 23.87 -154.75 -29.41
CA LEU P 212 24.61 -155.68 -30.31
C LEU P 212 23.98 -155.94 -31.65
N GLN P 213 24.54 -155.39 -32.70
CA GLN P 213 24.20 -155.87 -34.03
C GLN P 213 25.33 -156.76 -34.53
N THR P 214 24.99 -157.67 -35.44
CA THR P 214 26.03 -158.48 -36.06
C THR P 214 27.05 -157.59 -36.77
N GLY P 215 26.59 -156.48 -37.34
CA GLY P 215 27.42 -155.58 -38.12
C GLY P 215 28.57 -154.94 -37.38
N ASP P 216 28.48 -154.78 -36.05
CA ASP P 216 29.54 -154.15 -35.29
C ASP P 216 30.45 -155.16 -34.58
N GLU P 217 30.50 -156.39 -35.09
CA GLU P 217 31.58 -157.29 -34.71
C GLU P 217 32.90 -156.72 -35.19
N ALA P 218 33.81 -156.45 -34.24
CA ALA P 218 35.02 -155.72 -34.61
C ALA P 218 36.02 -155.78 -33.47
N ASP P 219 37.18 -155.17 -33.71
CA ASP P 219 38.20 -154.95 -32.70
C ASP P 219 38.03 -153.58 -32.04
N TYR P 220 38.34 -153.51 -30.76
CA TYR P 220 38.11 -152.31 -29.98
C TYR P 220 39.36 -151.89 -29.21
N PHE P 221 39.63 -150.59 -29.21
CA PHE P 221 40.86 -150.05 -28.63
C PHE P 221 40.55 -148.77 -27.88
N CYS P 222 40.95 -148.73 -26.61
CA CYS P 222 41.04 -147.50 -25.84
C CYS P 222 42.41 -146.86 -26.08
N GLY P 223 42.46 -145.54 -25.85
CA GLY P 223 43.70 -144.83 -26.07
C GLY P 223 43.78 -143.51 -25.35
N VAL P 224 44.77 -143.34 -24.48
CA VAL P 224 44.94 -142.08 -23.76
C VAL P 224 46.41 -141.70 -23.71
N TRP P 225 46.68 -140.60 -23.03
CA TRP P 225 48.01 -140.04 -23.02
C TRP P 225 48.57 -140.33 -21.63
N ASP P 226 49.83 -140.76 -21.57
CA ASP P 226 50.44 -141.11 -20.29
C ASP P 226 51.42 -140.01 -19.90
N SER P 227 50.86 -138.89 -19.45
CA SER P 227 51.60 -137.65 -19.17
C SER P 227 52.96 -137.86 -18.50
N SER P 228 53.22 -139.07 -18.02
CA SER P 228 54.47 -139.44 -17.35
C SER P 228 55.39 -140.33 -18.18
N LEU P 229 54.87 -141.19 -19.08
CA LEU P 229 55.75 -141.85 -20.05
C LEU P 229 56.01 -140.99 -21.27
N ARG P 230 55.06 -140.13 -21.62
CA ARG P 230 54.98 -139.35 -22.85
C ARG P 230 54.77 -140.22 -24.08
N ALA P 231 53.54 -140.72 -24.23
CA ALA P 231 53.09 -141.46 -25.40
C ALA P 231 51.57 -141.61 -25.32
N VAL P 232 50.99 -142.05 -26.44
CA VAL P 232 49.57 -142.37 -26.53
C VAL P 232 49.44 -143.88 -26.34
N LEU P 233 49.07 -144.30 -25.14
CA LEU P 233 48.95 -145.73 -24.89
C LEU P 233 47.68 -146.29 -25.54
N PHE P 234 47.74 -147.57 -25.89
CA PHE P 234 46.61 -148.28 -26.49
C PHE P 234 46.32 -149.54 -25.70
N GLY P 235 45.04 -149.89 -25.62
CA GLY P 235 44.66 -151.16 -25.05
C GLY P 235 45.12 -152.32 -25.91
N GLY P 236 44.98 -153.52 -25.35
CA GLY P 236 45.32 -154.72 -26.09
C GLY P 236 44.38 -155.01 -27.25
N GLY P 237 43.20 -154.40 -27.25
CA GLY P 237 42.23 -154.68 -28.28
C GLY P 237 41.33 -155.85 -27.90
N THR P 238 40.02 -155.61 -27.81
CA THR P 238 39.08 -156.64 -27.37
C THR P 238 38.19 -157.02 -28.54
N LYS P 239 38.12 -158.32 -28.83
CA LYS P 239 37.56 -158.84 -30.07
C LYS P 239 36.14 -159.34 -29.82
N LEU P 240 35.16 -158.45 -30.04
CA LEU P 240 33.75 -158.78 -29.85
C LEU P 240 33.22 -159.53 -31.07
N THR P 241 33.07 -160.84 -30.93
CA THR P 241 32.45 -161.67 -31.96
C THR P 241 31.01 -161.97 -31.59
N VAL P 242 30.09 -161.67 -32.50
CA VAL P 242 28.66 -161.74 -32.22
C VAL P 242 28.13 -163.09 -32.71
N LEU P 243 27.29 -163.73 -31.89
CA LEU P 243 26.64 -164.98 -32.29
C LEU P 243 25.12 -164.84 -32.28
N SER Q 6 37.36 -5.28 -0.72
CA SER Q 6 37.27 -4.14 -1.65
C SER Q 6 38.57 -3.88 -2.40
N LEU Q 7 38.43 -3.07 -3.45
CA LEU Q 7 39.54 -2.69 -4.32
C LEU Q 7 39.15 -1.41 -5.05
N HIS Q 8 40.10 -0.48 -5.17
CA HIS Q 8 39.86 0.81 -5.79
C HIS Q 8 40.82 0.99 -6.96
N ILE Q 9 40.25 1.28 -8.14
CA ILE Q 9 41.01 1.39 -9.38
C ILE Q 9 40.88 2.81 -9.92
N TYR Q 10 41.91 3.25 -10.65
CA TYR Q 10 41.90 4.55 -11.34
C TYR Q 10 42.39 4.29 -12.76
N ASN Q 11 41.47 4.05 -13.69
CA ASN Q 11 41.84 3.79 -15.07
C ASN Q 11 41.27 4.87 -15.98
N TRP Q 12 41.68 4.84 -17.24
CA TRP Q 12 41.25 5.83 -18.22
C TRP Q 12 39.78 5.62 -18.59
N THR Q 13 39.22 6.64 -19.24
CA THR Q 13 37.89 6.50 -19.82
C THR Q 13 37.93 5.53 -20.99
N ASP Q 14 36.86 4.75 -21.12
CA ASP Q 14 36.67 3.87 -22.26
C ASP Q 14 37.87 2.93 -22.43
N TYR Q 15 38.22 2.25 -21.34
CA TYR Q 15 39.51 1.58 -21.38
C TYR Q 15 39.32 0.16 -20.79
N ILE Q 16 38.08 -0.34 -20.79
CA ILE Q 16 37.74 -1.61 -20.14
C ILE Q 16 36.42 -2.11 -20.72
N ALA Q 17 36.28 -3.43 -20.84
CA ALA Q 17 35.01 -4.00 -21.26
C ALA Q 17 33.98 -3.86 -20.14
N PRO Q 18 32.68 -3.77 -20.49
CA PRO Q 18 31.68 -3.51 -19.45
C PRO Q 18 31.65 -4.56 -18.35
N THR Q 19 31.75 -5.84 -18.72
CA THR Q 19 31.63 -6.94 -17.78
C THR Q 19 32.97 -7.48 -17.30
N THR Q 20 34.07 -6.80 -17.63
CA THR Q 20 35.37 -7.23 -17.12
C THR Q 20 35.38 -7.26 -15.60
N LEU Q 21 34.79 -6.25 -14.96
CA LEU Q 21 34.76 -6.21 -13.50
C LEU Q 21 33.71 -7.16 -12.94
N LYS Q 22 32.47 -7.08 -13.46
CA LYS Q 22 31.40 -7.96 -12.99
C LYS Q 22 31.81 -9.42 -12.98
N ASP Q 23 32.56 -9.85 -14.00
CA ASP Q 23 33.07 -11.21 -14.01
C ASP Q 23 34.14 -11.41 -12.94
N PHE Q 24 35.04 -10.43 -12.75
CA PHE Q 24 36.12 -10.60 -11.79
C PHE Q 24 35.59 -10.74 -10.37
N THR Q 25 34.56 -9.98 -10.01
CA THR Q 25 33.98 -10.07 -8.67
C THR Q 25 33.29 -11.43 -8.46
N LYS Q 26 32.49 -11.87 -9.43
CA LYS Q 26 31.82 -13.16 -9.30
C LYS Q 26 32.81 -14.30 -9.08
N GLU Q 27 33.96 -14.24 -9.73
CA GLU Q 27 34.96 -15.30 -9.58
C GLU Q 27 35.70 -15.19 -8.25
N SER Q 28 36.25 -14.02 -7.95
CA SER Q 28 37.17 -13.87 -6.83
C SER Q 28 36.48 -13.44 -5.54
N GLY Q 29 35.37 -12.71 -5.64
CA GLY Q 29 34.69 -12.16 -4.48
C GLY Q 29 35.04 -10.72 -4.18
N ILE Q 30 36.07 -10.17 -4.84
CA ILE Q 30 36.50 -8.80 -4.57
C ILE Q 30 35.55 -7.84 -5.23
N ASP Q 31 35.00 -6.93 -4.44
CA ASP Q 31 34.16 -5.86 -4.96
C ASP Q 31 35.03 -4.66 -5.33
N VAL Q 32 34.78 -4.11 -6.52
CA VAL Q 32 35.71 -3.23 -7.20
C VAL Q 32 35.12 -1.83 -7.25
N SER Q 33 35.94 -0.82 -6.95
CA SER Q 33 35.56 0.58 -7.08
C SER Q 33 36.35 1.19 -8.24
N TYR Q 34 35.66 1.44 -9.35
CA TYR Q 34 36.28 1.87 -10.59
C TYR Q 34 35.99 3.34 -10.83
N ASP Q 35 37.02 4.18 -10.72
CA ASP Q 35 36.97 5.58 -11.10
C ASP Q 35 37.85 5.82 -12.32
N VAL Q 36 37.52 6.87 -13.08
CA VAL Q 36 38.17 7.11 -14.37
C VAL Q 36 38.72 8.53 -14.46
N PHE Q 37 39.74 8.68 -15.32
CA PHE Q 37 40.41 9.94 -15.61
C PHE Q 37 40.72 9.97 -17.11
N ASP Q 38 40.84 11.17 -17.67
CA ASP Q 38 40.96 11.29 -19.12
C ASP Q 38 42.34 11.72 -19.59
N SER Q 39 43.12 12.38 -18.75
CA SER Q 39 44.46 12.76 -19.13
C SER Q 39 45.47 12.07 -18.22
N ASN Q 40 46.74 12.02 -18.64
CA ASN Q 40 47.79 11.64 -17.71
C ASN Q 40 47.90 12.64 -16.58
N GLU Q 41 47.91 13.93 -16.91
CA GLU Q 41 48.19 14.97 -15.91
C GLU Q 41 47.21 14.90 -14.75
N THR Q 42 45.96 14.51 -15.02
CA THR Q 42 44.99 14.31 -13.95
C THR Q 42 45.45 13.23 -13.00
N LEU Q 43 45.94 12.10 -13.53
CA LEU Q 43 46.44 11.01 -12.69
C LEU Q 43 47.64 11.46 -11.87
N GLU Q 44 48.63 12.09 -12.54
CA GLU Q 44 49.77 12.63 -11.82
C GLU Q 44 49.33 13.51 -10.66
N GLY Q 45 48.37 14.40 -10.90
CA GLY Q 45 47.90 15.27 -9.83
C GLY Q 45 47.39 14.50 -8.62
N LYS Q 46 46.51 13.52 -8.84
CA LYS Q 46 46.04 12.69 -7.74
C LYS Q 46 47.17 11.98 -7.02
N LEU Q 47 48.27 11.68 -7.73
CA LEU Q 47 49.37 10.96 -7.10
C LEU Q 47 50.15 11.84 -6.13
N VAL Q 48 50.65 12.98 -6.61
CA VAL Q 48 51.42 13.88 -5.76
C VAL Q 48 50.56 14.41 -4.61
N SER Q 49 49.25 14.54 -4.83
CA SER Q 49 48.32 14.93 -3.78
C SER Q 49 48.44 14.05 -2.54
N GLY Q 50 49.16 12.94 -2.66
CA GLY Q 50 49.56 12.15 -1.51
C GLY Q 50 48.67 10.97 -1.22
N HIS Q 51 47.40 11.22 -0.91
CA HIS Q 51 46.54 10.14 -0.44
C HIS Q 51 45.30 9.96 -1.30
N SER Q 52 45.48 9.57 -2.56
CA SER Q 52 44.39 9.06 -3.37
C SER Q 52 44.35 7.56 -3.13
N GLY Q 53 43.41 7.12 -2.30
CA GLY Q 53 43.36 5.75 -1.83
C GLY Q 53 43.05 4.71 -2.90
N TYR Q 54 43.57 4.89 -4.11
CA TYR Q 54 43.41 3.89 -5.14
C TYR Q 54 44.44 2.80 -4.96
N ASP Q 55 44.01 1.54 -5.10
CA ASP Q 55 44.93 0.42 -5.02
C ASP Q 55 45.58 0.13 -6.36
N ILE Q 56 45.01 0.64 -7.46
CA ILE Q 56 45.53 0.44 -8.80
C ILE Q 56 45.33 1.72 -9.60
N VAL Q 57 46.39 2.20 -10.24
CA VAL Q 57 46.32 3.32 -11.16
C VAL Q 57 47.09 2.96 -12.43
N VAL Q 58 46.63 3.51 -13.55
CA VAL Q 58 47.22 3.20 -14.86
C VAL Q 58 47.87 4.45 -15.46
N PRO Q 59 49.17 4.64 -15.26
CA PRO Q 59 49.88 5.70 -15.97
C PRO Q 59 50.44 5.26 -17.32
N SER Q 60 50.59 6.24 -18.20
CA SER Q 60 51.29 6.02 -19.46
C SER Q 60 52.75 5.66 -19.19
N ASN Q 61 53.45 5.25 -20.24
CA ASN Q 61 54.79 4.67 -20.04
C ASN Q 61 55.80 5.72 -19.61
N ASN Q 62 55.67 6.97 -20.06
CA ASN Q 62 56.68 7.96 -19.72
C ASN Q 62 56.42 8.54 -18.32
N PHE Q 63 55.15 8.77 -17.98
CA PHE Q 63 54.80 9.31 -16.67
C PHE Q 63 55.15 8.31 -15.58
N LEU Q 64 54.84 7.04 -15.80
CA LEU Q 64 55.24 5.98 -14.87
C LEU Q 64 56.72 6.07 -14.50
N GLY Q 65 57.56 6.41 -15.49
CA GLY Q 65 58.98 6.49 -15.22
C GLY Q 65 59.35 7.53 -14.18
N LYS Q 66 58.88 8.77 -14.38
CA LYS Q 66 59.14 9.80 -13.39
C LYS Q 66 58.41 9.60 -12.07
N GLN Q 67 57.28 8.89 -12.10
CA GLN Q 67 56.59 8.58 -10.85
C GLN Q 67 57.34 7.53 -10.03
N ILE Q 68 58.04 6.62 -10.71
CA ILE Q 68 58.88 5.66 -9.99
C ILE Q 68 60.05 6.37 -9.33
N GLN Q 69 60.52 7.47 -9.92
CA GLN Q 69 61.62 8.23 -9.33
C GLN Q 69 61.21 9.00 -8.08
N ALA Q 70 59.90 9.16 -7.86
CA ALA Q 70 59.36 9.68 -6.61
C ALA Q 70 58.76 8.58 -5.76
N GLY Q 71 59.08 7.32 -6.06
CA GLY Q 71 58.56 6.20 -5.31
C GLY Q 71 57.05 6.13 -5.26
N ALA Q 72 56.37 6.73 -6.23
CA ALA Q 72 54.91 6.84 -6.21
C ALA Q 72 54.24 5.49 -5.97
N PHE Q 73 54.91 4.41 -6.33
CA PHE Q 73 54.36 3.06 -6.21
C PHE Q 73 55.32 2.20 -5.41
N GLN Q 74 54.85 1.02 -5.04
CA GLN Q 74 55.65 0.01 -4.39
C GLN Q 74 56.17 -1.00 -5.41
N LYS Q 75 57.14 -1.80 -4.99
CA LYS Q 75 57.67 -2.84 -5.86
C LYS Q 75 56.67 -4.00 -6.01
N LEU Q 76 56.57 -4.51 -7.24
CA LEU Q 76 55.69 -5.64 -7.53
C LEU Q 76 56.21 -6.92 -6.89
N ASP Q 77 55.36 -7.57 -6.11
CA ASP Q 77 55.63 -8.92 -5.61
C ASP Q 77 55.22 -9.87 -6.74
N LYS Q 78 56.15 -10.12 -7.66
CA LYS Q 78 55.88 -10.93 -8.85
C LYS Q 78 55.51 -12.37 -8.52
N SER Q 79 55.73 -12.83 -7.29
CA SER Q 79 55.29 -14.16 -6.88
C SER Q 79 53.78 -14.28 -6.77
N LYS Q 80 53.05 -13.17 -6.85
CA LYS Q 80 51.60 -13.16 -6.79
C LYS Q 80 50.97 -12.88 -8.15
N LEU Q 81 51.78 -12.66 -9.18
CA LEU Q 81 51.31 -12.54 -10.55
C LEU Q 81 51.76 -13.78 -11.30
N PRO Q 82 51.14 -14.94 -11.06
CA PRO Q 82 51.63 -16.16 -11.72
C PRO Q 82 51.47 -16.10 -13.24
N ASN Q 83 50.45 -15.41 -13.73
CA ASN Q 83 50.25 -15.20 -15.17
C ASN Q 83 51.22 -14.18 -15.73
N TRP Q 84 52.22 -13.77 -14.94
CA TRP Q 84 53.26 -12.90 -15.49
C TRP Q 84 53.95 -13.57 -16.67
N LYS Q 85 54.06 -14.89 -16.64
CA LYS Q 85 54.62 -15.64 -17.75
C LYS Q 85 53.90 -15.35 -19.07
N ASN Q 86 52.67 -14.85 -19.00
CA ASN Q 86 51.88 -14.57 -20.21
C ASN Q 86 52.27 -13.28 -20.90
N LEU Q 87 53.17 -12.48 -20.32
CA LEU Q 87 53.52 -11.18 -20.88
C LEU Q 87 54.58 -11.32 -21.96
N ASP Q 88 54.36 -10.63 -23.07
CA ASP Q 88 55.34 -10.57 -24.16
C ASP Q 88 56.66 -10.01 -23.64
N PRO Q 89 57.75 -10.78 -23.68
CA PRO Q 89 59.04 -10.25 -23.18
C PRO Q 89 59.51 -9.01 -23.94
N ALA Q 90 59.51 -9.05 -25.27
CA ALA Q 90 60.03 -7.97 -26.11
C ALA Q 90 59.36 -6.64 -25.82
N LEU Q 91 58.24 -6.66 -25.11
CA LEU Q 91 57.52 -5.43 -24.75
C LEU Q 91 58.01 -4.95 -23.38
N LEU Q 92 57.77 -5.75 -22.34
CA LEU Q 92 58.46 -5.68 -21.06
C LEU Q 92 59.85 -5.06 -21.16
N LYS Q 93 60.75 -5.73 -21.89
CA LYS Q 93 62.11 -5.24 -22.03
C LYS Q 93 62.16 -3.85 -22.64
N GLN Q 94 61.26 -3.55 -23.58
CA GLN Q 94 61.17 -2.20 -24.11
C GLN Q 94 60.86 -1.20 -23.01
N LEU Q 95 59.79 -1.45 -22.26
CA LEU Q 95 59.35 -0.59 -21.16
C LEU Q 95 60.40 -0.42 -20.07
N GLU Q 96 61.50 -1.18 -20.12
CA GLU Q 96 62.52 -1.06 -19.09
C GLU Q 96 63.16 0.33 -19.08
N VAL Q 97 63.13 1.01 -20.23
CA VAL Q 97 63.52 2.41 -20.35
C VAL Q 97 62.93 3.23 -19.21
N SER Q 98 61.62 3.13 -19.00
CA SER Q 98 60.97 3.88 -17.93
C SER Q 98 61.05 3.16 -16.59
N ASP Q 99 60.77 1.86 -16.58
CA ASP Q 99 60.71 1.06 -15.35
C ASP Q 99 61.76 -0.04 -15.45
N PRO Q 100 62.97 0.20 -14.95
CA PRO Q 100 64.02 -0.82 -15.02
C PRO Q 100 63.64 -2.06 -14.22
N GLY Q 101 63.96 -3.22 -14.76
CA GLY Q 101 63.64 -4.47 -14.12
C GLY Q 101 62.17 -4.81 -14.08
N ASN Q 102 61.31 -4.00 -14.72
CA ASN Q 102 59.86 -4.17 -14.70
C ASN Q 102 59.36 -4.42 -13.28
N GLN Q 103 59.74 -3.51 -12.38
CA GLN Q 103 59.56 -3.74 -10.95
C GLN Q 103 58.31 -3.06 -10.38
N TYR Q 104 57.78 -2.04 -11.02
CA TYR Q 104 56.67 -1.28 -10.46
C TYR Q 104 55.40 -1.31 -11.30
N ALA Q 105 55.46 -1.84 -12.52
CA ALA Q 105 54.35 -1.69 -13.45
C ALA Q 105 54.11 -2.97 -14.25
N VAL Q 106 52.85 -3.22 -14.55
CA VAL Q 106 52.41 -4.34 -15.37
C VAL Q 106 51.69 -3.76 -16.57
N PRO Q 107 52.01 -4.16 -17.80
CA PRO Q 107 51.34 -3.56 -18.95
C PRO Q 107 49.86 -3.92 -19.02
N TYR Q 108 49.08 -2.98 -19.57
CA TYR Q 108 47.65 -3.18 -19.80
C TYR Q 108 47.32 -3.14 -21.29
N LEU Q 109 47.23 -1.97 -21.92
CA LEU Q 109 47.08 -1.91 -23.37
C LEU Q 109 48.09 -0.92 -23.92
N TRP Q 110 48.12 -0.79 -25.23
CA TRP Q 110 49.04 0.15 -25.86
C TRP Q 110 48.52 0.47 -27.25
N GLY Q 111 49.01 1.58 -27.80
CA GLY Q 111 48.60 2.02 -29.11
C GLY Q 111 49.27 3.30 -29.57
N THR Q 112 48.59 4.05 -30.43
CA THR Q 112 49.19 5.21 -31.07
C THR Q 112 48.19 6.36 -31.07
N ASN Q 113 48.72 7.56 -31.22
CA ASN Q 113 47.88 8.74 -31.43
C ASN Q 113 47.94 9.16 -32.89
N GLY Q 114 46.90 9.86 -33.33
CA GLY Q 114 46.84 10.23 -34.71
C GLY Q 114 45.62 11.07 -35.02
N ILE Q 115 45.25 11.07 -36.30
CA ILE Q 115 44.15 11.86 -36.81
C ILE Q 115 42.97 10.93 -37.02
N GLY Q 116 42.00 11.00 -36.06
CA GLY Q 116 40.75 10.31 -36.21
C GLY Q 116 39.69 11.25 -36.76
N TYR Q 117 39.20 10.95 -37.97
CA TYR Q 117 38.34 11.93 -38.63
C TYR Q 117 37.06 11.35 -39.22
N ASN Q 118 36.35 12.19 -39.98
CA ASN Q 118 35.08 11.84 -40.59
C ASN Q 118 35.23 12.02 -42.10
N VAL Q 119 35.17 10.92 -42.85
CA VAL Q 119 35.50 10.97 -44.27
C VAL Q 119 34.44 11.74 -45.05
N ALA Q 120 33.17 11.61 -44.65
CA ALA Q 120 32.11 12.32 -45.34
C ALA Q 120 32.34 13.83 -45.35
N LYS Q 121 32.71 14.39 -44.20
CA LYS Q 121 32.77 15.83 -44.03
C LYS Q 121 34.15 16.42 -44.25
N VAL Q 122 35.22 15.67 -43.93
CA VAL Q 122 36.57 15.99 -44.39
C VAL Q 122 36.64 16.40 -45.87
N LYS Q 123 36.30 15.48 -46.78
CA LYS Q 123 36.44 15.76 -48.21
C LYS Q 123 35.53 16.88 -48.66
N GLU Q 124 34.28 16.85 -48.21
CA GLU Q 124 33.27 17.87 -48.50
C GLU Q 124 33.82 19.29 -48.29
N VAL Q 125 34.85 19.44 -47.46
CA VAL Q 125 35.35 20.77 -47.10
C VAL Q 125 36.86 20.92 -47.31
N LEU Q 126 37.55 19.84 -47.69
CA LEU Q 126 38.99 19.93 -47.94
C LEU Q 126 39.42 19.53 -49.35
N GLY Q 127 38.56 18.86 -50.12
CA GLY Q 127 39.01 18.31 -51.39
C GLY Q 127 39.71 16.99 -51.13
N ASP Q 128 39.66 16.06 -52.09
CA ASP Q 128 40.19 14.72 -51.87
C ASP Q 128 41.71 14.70 -51.70
N GLN Q 129 42.20 15.50 -50.77
CA GLN Q 129 43.62 15.60 -50.47
C GLN Q 129 44.07 14.45 -49.58
N PRO Q 130 45.32 14.00 -49.72
CA PRO Q 130 45.83 12.96 -48.81
C PRO Q 130 45.74 13.32 -47.33
N ILE Q 131 44.82 12.67 -46.63
CA ILE Q 131 44.77 12.73 -45.17
C ILE Q 131 45.82 11.77 -44.64
N ASP Q 132 47.05 12.26 -44.51
CA ASP Q 132 48.16 11.37 -44.16
C ASP Q 132 49.37 12.11 -43.58
N SER Q 133 49.24 13.37 -43.18
CA SER Q 133 50.30 14.12 -42.53
C SER Q 133 49.69 14.94 -41.41
N TRP Q 134 50.48 15.22 -40.37
CA TRP Q 134 49.97 16.03 -39.27
C TRP Q 134 49.50 17.39 -39.77
N ALA Q 135 50.14 17.92 -40.81
CA ALA Q 135 49.85 19.22 -41.43
C ALA Q 135 48.38 19.40 -41.77
N ILE Q 136 47.58 18.35 -41.72
CA ILE Q 136 46.13 18.49 -41.78
C ILE Q 136 45.64 19.35 -40.62
N LEU Q 137 46.30 19.24 -39.48
CA LEU Q 137 45.95 19.94 -38.25
C LEU Q 137 46.91 21.06 -37.88
N PHE Q 138 48.22 20.89 -38.07
CA PHE Q 138 49.17 21.92 -37.67
C PHE Q 138 49.52 22.87 -38.81
N GLU Q 139 48.67 22.98 -39.83
CA GLU Q 139 48.80 24.02 -40.83
C GLU Q 139 47.50 24.84 -40.84
N PRO Q 140 47.57 26.17 -40.79
CA PRO Q 140 46.34 26.98 -40.80
C PRO Q 140 45.56 26.85 -42.10
N GLU Q 141 46.26 26.48 -43.15
CA GLU Q 141 45.78 26.50 -44.52
C GLU Q 141 44.81 25.35 -44.78
N ASN Q 142 45.12 24.19 -44.18
CA ASN Q 142 44.15 23.12 -44.08
C ASN Q 142 43.07 23.45 -43.05
N MET Q 143 43.46 24.02 -41.91
CA MET Q 143 42.56 24.11 -40.76
C MET Q 143 41.53 25.22 -40.86
N LYS Q 144 41.71 26.28 -41.68
CA LYS Q 144 40.67 27.30 -41.68
C LYS Q 144 39.43 26.90 -42.47
N LYS Q 145 39.57 26.06 -43.49
CA LYS Q 145 38.42 25.34 -44.03
C LYS Q 145 37.90 24.38 -42.97
N LEU Q 146 38.79 23.55 -42.44
CA LEU Q 146 38.51 22.63 -41.34
C LEU Q 146 38.11 23.34 -40.06
N ALA Q 147 38.03 24.67 -40.04
CA ALA Q 147 37.40 25.33 -38.89
C ALA Q 147 35.96 24.90 -38.77
N LYS Q 148 35.19 25.05 -39.85
CA LYS Q 148 33.97 24.31 -40.16
C LYS Q 148 33.02 23.95 -39.01
N CYS Q 149 32.58 22.69 -38.96
CA CYS Q 149 31.74 22.18 -37.90
C CYS Q 149 32.55 21.35 -36.89
N GLY Q 150 33.78 21.75 -36.60
CA GLY Q 150 34.48 21.19 -35.43
C GLY Q 150 35.81 20.47 -35.66
N VAL Q 151 36.75 20.71 -34.71
CA VAL Q 151 38.09 20.14 -34.69
C VAL Q 151 38.40 19.94 -33.22
N ALA Q 152 39.13 18.87 -32.89
CA ALA Q 152 39.40 18.64 -31.48
C ALA Q 152 40.88 18.37 -31.24
N PHE Q 153 41.38 18.90 -30.13
CA PHE Q 153 42.73 18.63 -29.66
C PHE Q 153 42.68 18.03 -28.26
N MET Q 154 43.82 17.47 -27.85
CA MET Q 154 43.97 16.91 -26.50
C MET Q 154 44.17 18.04 -25.51
N ASP Q 155 43.44 18.00 -24.39
CA ASP Q 155 43.64 18.99 -23.33
C ASP Q 155 44.92 18.65 -22.57
N SER Q 156 46.00 18.38 -23.31
CA SER Q 156 47.24 17.91 -22.73
C SER Q 156 48.41 18.47 -23.53
N GLY Q 157 49.33 19.15 -22.85
CA GLY Q 157 50.56 19.58 -23.49
C GLY Q 157 51.49 18.43 -23.87
N ASP Q 158 51.38 17.29 -23.18
CA ASP Q 158 52.27 16.17 -23.45
C ASP Q 158 51.92 15.47 -24.75
N GLU Q 159 50.65 15.54 -25.14
CA GLU Q 159 50.27 15.02 -26.44
C GLU Q 159 50.64 16.00 -27.54
N MET Q 160 50.30 17.28 -27.36
CA MET Q 160 50.30 18.23 -28.47
C MET Q 160 51.71 18.65 -28.91
N LEU Q 161 52.50 19.18 -27.98
CA LEU Q 161 53.80 19.74 -28.38
C LEU Q 161 54.74 18.71 -28.99
N PRO Q 162 55.01 17.55 -28.38
CA PRO Q 162 55.89 16.55 -29.03
C PRO Q 162 55.39 16.08 -30.39
N ALA Q 163 54.08 16.13 -30.64
CA ALA Q 163 53.56 15.84 -31.96
C ALA Q 163 53.97 16.91 -32.96
N ALA Q 164 53.87 18.18 -32.57
CA ALA Q 164 54.27 19.26 -33.45
C ALA Q 164 55.76 19.31 -33.69
N LEU Q 165 56.55 18.55 -32.94
CA LEU Q 165 57.99 18.51 -33.21
C LEU Q 165 58.29 17.50 -34.31
N ASN Q 166 57.84 16.26 -34.10
CA ASN Q 166 58.10 15.22 -35.07
C ASN Q 166 57.32 15.45 -36.36
N TYR Q 167 56.33 16.33 -36.35
CA TYR Q 167 55.82 16.88 -37.61
C TYR Q 167 56.90 17.74 -38.27
N LEU Q 168 57.49 18.66 -37.52
CA LEU Q 168 58.48 19.54 -38.13
C LEU Q 168 59.85 18.88 -38.29
N GLY Q 169 59.97 17.59 -37.98
CA GLY Q 169 61.25 16.92 -38.12
C GLY Q 169 62.20 17.17 -36.97
N LEU Q 170 61.67 17.54 -35.81
CA LEU Q 170 62.45 17.79 -34.61
C LEU Q 170 62.25 16.66 -33.61
N ASP Q 171 63.32 16.30 -32.91
CA ASP Q 171 63.26 15.27 -31.88
C ASP Q 171 62.12 15.60 -30.93
N PRO Q 172 61.06 14.78 -30.88
CA PRO Q 172 59.93 15.09 -30.00
C PRO Q 172 60.29 15.06 -28.53
N ASN Q 173 61.28 14.27 -28.13
CA ASN Q 173 61.78 14.28 -26.75
C ASN Q 173 63.04 15.14 -26.66
N THR Q 174 62.91 16.40 -27.07
CA THR Q 174 64.05 17.30 -27.06
C THR Q 174 64.10 18.08 -25.75
N HIS Q 175 65.32 18.38 -25.30
CA HIS Q 175 65.54 19.20 -24.13
C HIS Q 175 65.84 20.64 -24.48
N ASP Q 176 65.78 21.00 -25.77
CA ASP Q 176 66.11 22.36 -26.17
C ASP Q 176 64.90 23.28 -26.02
N PRO Q 177 65.05 24.41 -25.35
CA PRO Q 177 63.90 25.32 -25.16
C PRO Q 177 63.46 26.07 -26.40
N LYS Q 178 64.12 25.91 -27.56
CA LYS Q 178 63.65 26.58 -28.77
C LYS Q 178 62.89 25.65 -29.70
N ASP Q 179 63.49 24.49 -30.05
CA ASP Q 179 62.79 23.41 -30.74
C ASP Q 179 61.40 23.20 -30.19
N TYR Q 180 61.23 23.70 -28.96
CA TYR Q 180 60.03 23.58 -28.18
C TYR Q 180 59.13 24.79 -28.46
N LYS Q 181 59.66 25.82 -29.15
CA LYS Q 181 58.92 27.02 -29.45
C LYS Q 181 58.90 27.34 -30.95
N LYS Q 182 59.81 26.72 -31.73
CA LYS Q 182 59.55 26.38 -33.13
C LYS Q 182 58.39 25.42 -33.21
N ALA Q 183 58.06 24.82 -32.06
CA ALA Q 183 56.88 23.99 -31.83
C ALA Q 183 55.70 24.82 -31.40
N GLU Q 184 55.96 25.73 -30.48
CA GLU Q 184 55.01 26.66 -29.89
C GLU Q 184 54.25 27.43 -30.97
N GLU Q 185 54.94 28.30 -31.72
CA GLU Q 185 54.25 29.22 -32.62
C GLU Q 185 53.38 28.45 -33.62
N VAL Q 186 53.86 27.28 -34.08
CA VAL Q 186 53.16 26.53 -35.11
C VAL Q 186 51.88 25.94 -34.55
N LEU Q 187 51.90 25.49 -33.29
CA LEU Q 187 50.67 25.04 -32.65
C LEU Q 187 49.71 26.20 -32.43
N THR Q 188 50.25 27.38 -32.15
CA THR Q 188 49.40 28.54 -31.91
C THR Q 188 48.91 29.16 -33.22
N LYS Q 189 49.70 29.04 -34.30
CA LYS Q 189 49.22 29.48 -35.60
C LYS Q 189 47.85 28.89 -35.90
N VAL Q 190 47.65 27.63 -35.51
CA VAL Q 190 46.43 26.88 -35.83
C VAL Q 190 45.44 26.83 -34.66
N ARG Q 191 45.86 27.21 -33.46
CA ARG Q 191 44.94 27.31 -32.33
C ARG Q 191 43.68 28.13 -32.59
N PRO Q 192 43.69 29.20 -33.41
CA PRO Q 192 42.46 30.01 -33.56
C PRO Q 192 41.18 29.21 -33.80
N TYR Q 193 41.24 28.12 -34.59
CA TYR Q 193 40.03 27.49 -35.11
C TYR Q 193 39.76 26.17 -34.43
N VAL Q 194 39.60 26.10 -33.11
CA VAL Q 194 39.62 24.83 -32.42
C VAL Q 194 38.39 24.75 -31.49
N SER Q 195 37.37 24.01 -31.92
CA SER Q 195 36.10 23.87 -31.19
C SER Q 195 36.30 23.53 -29.72
N TYR Q 196 37.44 22.92 -29.38
CA TYR Q 196 37.91 22.79 -28.01
C TYR Q 196 39.20 21.99 -27.85
N PHE Q 197 39.60 21.82 -26.60
CA PHE Q 197 40.67 20.92 -26.19
C PHE Q 197 40.05 19.92 -25.22
N HIS Q 198 40.15 18.62 -25.52
CA HIS Q 198 39.62 17.61 -24.61
C HIS Q 198 40.08 16.22 -25.01
N SER Q 199 40.90 15.59 -24.17
CA SER Q 199 41.34 14.23 -24.45
C SER Q 199 40.25 13.19 -24.22
N SER Q 200 39.02 13.60 -23.90
CA SER Q 200 37.98 12.66 -23.50
C SER Q 200 36.80 12.63 -24.46
N LYS Q 201 36.03 13.72 -24.58
CA LYS Q 201 34.75 13.64 -25.26
C LYS Q 201 34.85 13.81 -26.77
N TYR Q 202 36.06 13.94 -27.33
CA TYR Q 202 36.19 14.01 -28.78
C TYR Q 202 35.71 12.73 -29.45
N ILE Q 203 35.62 11.64 -28.69
CA ILE Q 203 35.03 10.38 -29.15
C ILE Q 203 33.58 10.60 -29.51
N SER Q 204 32.73 10.79 -28.49
CA SER Q 204 31.30 10.85 -28.71
C SER Q 204 30.90 12.04 -29.59
N ASP Q 205 31.78 13.02 -29.77
CA ASP Q 205 31.54 14.07 -30.76
C ASP Q 205 31.87 13.59 -32.17
N LEU Q 206 32.89 12.75 -32.32
CA LEU Q 206 33.17 12.18 -33.64
C LEU Q 206 32.03 11.27 -34.09
N ALA Q 207 31.56 10.39 -33.20
CA ALA Q 207 30.48 9.48 -33.53
C ALA Q 207 29.12 10.16 -33.62
N ASN Q 208 29.02 11.46 -33.25
CA ASN Q 208 27.82 12.24 -33.46
C ASN Q 208 27.96 13.21 -34.62
N GLY Q 209 29.07 13.17 -35.34
CA GLY Q 209 29.37 14.17 -36.33
C GLY Q 209 29.55 15.57 -35.79
N ASN Q 210 29.49 15.74 -34.46
CA ASN Q 210 29.59 17.04 -33.81
C ASN Q 210 30.96 17.67 -34.03
N ILE Q 211 31.90 16.90 -34.57
CA ILE Q 211 33.16 17.43 -35.09
C ILE Q 211 33.54 16.56 -36.28
N CYS Q 212 34.37 17.09 -37.18
CA CYS Q 212 34.81 16.26 -38.31
C CYS Q 212 36.15 15.62 -38.07
N VAL Q 213 37.02 16.29 -37.31
CA VAL Q 213 38.40 15.88 -37.10
C VAL Q 213 38.71 15.97 -35.62
N ALA Q 214 39.58 15.08 -35.15
CA ALA Q 214 40.07 15.17 -33.77
C ALA Q 214 41.45 14.54 -33.67
N PHE Q 215 42.33 15.19 -32.92
CA PHE Q 215 43.55 14.51 -32.47
C PHE Q 215 43.14 13.43 -31.48
N GLY Q 216 43.47 12.18 -31.81
CA GLY Q 216 42.88 11.05 -31.14
C GLY Q 216 43.88 9.94 -30.88
N TYR Q 217 43.47 9.04 -29.99
CA TYR Q 217 44.21 7.82 -29.71
C TYR Q 217 43.67 6.68 -30.55
N SER Q 218 44.56 5.75 -30.89
CA SER Q 218 44.25 4.54 -31.66
C SER Q 218 42.86 4.00 -31.38
N GLY Q 219 42.70 3.33 -30.24
CA GLY Q 219 41.42 2.68 -29.95
C GLY Q 219 40.28 3.67 -29.80
N ASP Q 220 40.55 4.84 -29.22
CA ASP Q 220 39.53 5.87 -29.06
C ASP Q 220 38.79 6.14 -30.36
N VAL Q 221 39.51 6.22 -31.47
CA VAL Q 221 38.89 6.50 -32.76
C VAL Q 221 38.07 5.30 -33.24
N PHE Q 222 38.69 4.12 -33.24
CA PHE Q 222 38.00 2.87 -33.51
C PHE Q 222 36.77 2.69 -32.63
N GLN Q 223 36.83 3.20 -31.39
CA GLN Q 223 35.63 3.24 -30.57
C GLN Q 223 34.56 4.12 -31.22
N ALA Q 224 34.95 5.31 -31.68
CA ALA Q 224 34.00 6.17 -32.39
C ALA Q 224 33.44 5.46 -33.62
N ALA Q 225 34.31 4.80 -34.39
CA ALA Q 225 33.91 4.06 -35.58
C ALA Q 225 32.72 3.14 -35.31
N ALA Q 226 32.93 2.11 -34.49
CA ALA Q 226 31.86 1.17 -34.19
C ALA Q 226 30.72 1.82 -33.40
N ARG Q 227 30.97 2.94 -32.74
CA ARG Q 227 29.86 3.76 -32.25
C ARG Q 227 29.12 4.40 -33.41
N ALA Q 228 29.87 4.92 -34.38
CA ALA Q 228 29.24 5.64 -35.48
C ALA Q 228 28.40 4.72 -36.35
N GLU Q 229 28.85 3.47 -36.54
CA GLU Q 229 28.11 2.57 -37.40
C GLU Q 229 26.88 2.00 -36.67
N GLU Q 230 27.07 1.50 -35.45
CA GLU Q 230 25.95 0.93 -34.71
C GLU Q 230 24.86 1.94 -34.43
N ALA Q 231 25.16 3.23 -34.60
CA ALA Q 231 24.13 4.25 -34.51
C ALA Q 231 23.07 4.06 -35.59
N GLY Q 232 23.51 3.82 -36.83
CA GLY Q 232 22.62 3.64 -37.95
C GLY Q 232 22.63 4.79 -38.94
N LYS Q 233 23.07 5.98 -38.51
CA LYS Q 233 23.13 7.15 -39.38
C LYS Q 233 24.38 7.19 -40.25
N GLY Q 234 25.04 6.05 -40.42
CA GLY Q 234 26.11 5.86 -41.39
C GLY Q 234 27.17 6.93 -41.45
N ILE Q 235 27.80 7.22 -40.32
CA ILE Q 235 28.84 8.23 -40.23
C ILE Q 235 30.18 7.51 -40.35
N ASP Q 236 30.92 7.80 -41.42
CA ASP Q 236 32.13 7.05 -41.74
C ASP Q 236 33.30 7.70 -41.00
N ILE Q 237 33.83 6.99 -39.99
CA ILE Q 237 34.95 7.44 -39.19
C ILE Q 237 36.18 6.64 -39.59
N GLN Q 238 37.34 7.30 -39.64
CA GLN Q 238 38.60 6.63 -39.92
C GLN Q 238 39.68 7.16 -38.97
N TYR Q 239 40.87 6.59 -39.08
CA TYR Q 239 41.97 6.90 -38.19
C TYR Q 239 43.28 6.78 -38.95
N VAL Q 240 44.10 7.82 -38.91
CA VAL Q 240 45.33 7.90 -39.71
C VAL Q 240 46.52 8.09 -38.80
N ILE Q 241 47.51 7.20 -38.95
CA ILE Q 241 48.85 7.41 -38.41
C ILE Q 241 49.65 8.12 -39.49
N PRO Q 242 49.88 9.43 -39.37
CA PRO Q 242 50.41 10.21 -40.49
C PRO Q 242 51.80 9.81 -40.96
N LYS Q 243 52.26 10.51 -42.00
CA LYS Q 243 53.50 10.18 -42.68
C LYS Q 243 54.71 10.46 -41.79
N GLU Q 244 54.81 11.67 -41.25
CA GLU Q 244 55.93 12.05 -40.40
C GLU Q 244 56.07 11.12 -39.20
N GLY Q 245 55.01 10.41 -38.85
CA GLY Q 245 55.00 9.55 -37.70
C GLY Q 245 54.00 9.99 -36.66
N ALA Q 246 54.21 9.50 -35.44
CA ALA Q 246 53.29 9.70 -34.32
C ALA Q 246 53.85 9.00 -33.09
N ASN Q 247 53.06 8.93 -32.02
CA ASN Q 247 53.55 8.45 -30.74
C ASN Q 247 53.06 7.02 -30.48
N LEU Q 248 54.00 6.12 -30.27
CA LEU Q 248 53.72 4.81 -29.69
C LEU Q 248 53.81 4.93 -28.17
N TRP Q 249 52.80 4.40 -27.47
CA TRP Q 249 52.80 4.49 -26.01
C TRP Q 249 52.29 3.17 -25.42
N PHE Q 250 52.29 3.11 -24.09
CA PHE Q 250 51.92 1.93 -23.35
C PHE Q 250 51.32 2.38 -22.02
N ASP Q 251 50.25 1.73 -21.59
CA ASP Q 251 49.65 2.03 -20.30
C ASP Q 251 49.82 0.85 -19.36
N LEU Q 252 50.37 1.12 -18.18
CA LEU Q 252 50.79 0.09 -17.25
C LEU Q 252 50.08 0.28 -15.92
N MET Q 253 49.82 -0.83 -15.23
CA MET Q 253 49.13 -0.79 -13.95
C MET Q 253 50.15 -0.81 -12.82
N ALA Q 254 49.94 0.07 -11.84
CA ALA Q 254 50.83 0.17 -10.71
C ALA Q 254 50.02 0.22 -9.43
N ILE Q 255 50.70 0.01 -8.31
CA ILE Q 255 50.08 -0.04 -6.99
C ILE Q 255 50.70 1.07 -6.14
N PRO Q 256 49.97 2.14 -5.84
CA PRO Q 256 50.58 3.27 -5.11
C PRO Q 256 51.19 2.82 -3.79
N ALA Q 257 52.10 3.65 -3.28
CA ALA Q 257 52.82 3.31 -2.06
C ALA Q 257 51.85 2.94 -0.94
N ASP Q 258 50.96 3.86 -0.60
CA ASP Q 258 50.00 3.69 0.49
C ASP Q 258 48.87 2.71 0.18
N ALA Q 259 48.88 2.12 -1.01
CA ALA Q 259 47.83 1.19 -1.43
C ALA Q 259 47.55 0.18 -0.34
N LYS Q 260 46.32 0.20 0.19
CA LYS Q 260 46.00 -0.68 1.31
C LYS Q 260 45.77 -2.11 0.85
N ALA Q 261 44.83 -2.30 -0.08
CA ALA Q 261 44.42 -3.64 -0.47
C ALA Q 261 45.24 -4.21 -1.61
N ALA Q 262 46.55 -3.94 -1.63
CA ALA Q 262 47.39 -4.37 -2.74
C ALA Q 262 47.29 -5.87 -2.99
N ASP Q 263 47.05 -6.65 -1.93
CA ASP Q 263 46.77 -8.08 -2.10
C ASP Q 263 45.64 -8.31 -3.09
N ASN Q 264 44.63 -7.44 -3.07
CA ASN Q 264 43.56 -7.53 -4.06
C ASN Q 264 44.01 -6.98 -5.41
N ALA Q 265 44.76 -5.87 -5.41
CA ALA Q 265 45.28 -5.32 -6.65
C ALA Q 265 46.02 -6.37 -7.46
N TYR Q 266 46.75 -7.26 -6.77
CA TYR Q 266 47.38 -8.38 -7.45
C TYR Q 266 46.33 -9.35 -8.01
N ALA Q 267 45.26 -9.59 -7.25
CA ALA Q 267 44.23 -10.52 -7.72
C ALA Q 267 43.58 -10.01 -9.00
N PHE Q 268 43.33 -8.70 -9.07
CA PHE Q 268 42.78 -8.12 -10.29
C PHE Q 268 43.78 -8.15 -11.43
N ILE Q 269 45.06 -7.85 -11.14
CA ILE Q 269 46.07 -7.82 -12.19
C ILE Q 269 46.30 -9.22 -12.76
N ASP Q 270 46.44 -10.21 -11.88
CA ASP Q 270 46.59 -11.58 -12.36
C ASP Q 270 45.40 -12.02 -13.21
N TYR Q 271 44.22 -11.46 -12.93
CA TYR Q 271 43.04 -11.73 -13.73
C TYR Q 271 43.23 -11.22 -15.17
N LEU Q 272 43.57 -9.93 -15.30
CA LEU Q 272 43.76 -9.30 -16.60
C LEU Q 272 44.99 -9.82 -17.35
N LEU Q 273 45.77 -10.72 -16.74
CA LEU Q 273 46.88 -11.38 -17.41
C LEU Q 273 46.51 -12.70 -18.06
N ARG Q 274 45.30 -13.19 -17.83
CA ARG Q 274 44.83 -14.35 -18.57
C ARG Q 274 44.45 -13.92 -19.98
N PRO Q 275 44.78 -14.70 -21.01
CA PRO Q 275 44.48 -14.29 -22.39
C PRO Q 275 42.97 -14.21 -22.62
N GLU Q 276 42.24 -15.21 -22.11
CA GLU Q 276 40.79 -15.24 -22.09
C GLU Q 276 40.15 -13.90 -21.72
N VAL Q 277 40.81 -13.13 -20.86
CA VAL Q 277 40.26 -11.91 -20.30
C VAL Q 277 40.66 -10.67 -21.09
N ILE Q 278 41.97 -10.45 -21.26
CA ILE Q 278 42.42 -9.23 -21.91
C ILE Q 278 41.99 -9.19 -23.37
N ALA Q 279 41.73 -10.36 -23.95
CA ALA Q 279 41.08 -10.41 -25.25
C ALA Q 279 39.71 -9.75 -25.20
N LYS Q 280 38.87 -10.19 -24.26
CA LYS Q 280 37.55 -9.60 -24.08
C LYS Q 280 37.64 -8.10 -23.82
N VAL Q 281 38.71 -7.65 -23.17
CA VAL Q 281 38.93 -6.21 -23.01
C VAL Q 281 39.22 -5.56 -24.36
N SER Q 282 40.26 -6.04 -25.05
CA SER Q 282 40.67 -5.43 -26.31
C SER Q 282 39.57 -5.48 -27.36
N ASP Q 283 38.79 -6.57 -27.37
CA ASP Q 283 37.64 -6.66 -28.25
C ASP Q 283 36.72 -5.45 -28.09
N TYR Q 284 36.58 -4.96 -26.86
CA TYR Q 284 35.66 -3.87 -26.59
C TYR Q 284 36.30 -2.50 -26.89
N VAL Q 285 37.45 -2.21 -26.28
CA VAL Q 285 38.00 -0.86 -26.38
C VAL Q 285 38.76 -0.66 -27.70
N GLY Q 286 39.49 -1.67 -28.16
CA GLY Q 286 40.17 -1.58 -29.44
C GLY Q 286 41.62 -1.16 -29.37
N TYR Q 287 42.36 -1.65 -28.37
CA TYR Q 287 43.78 -1.41 -28.24
C TYR Q 287 44.49 -2.75 -28.11
N ALA Q 288 45.69 -2.84 -28.69
CA ALA Q 288 46.48 -4.05 -28.53
C ALA Q 288 46.88 -4.24 -27.07
N ASN Q 289 46.74 -5.47 -26.57
CA ASN Q 289 47.15 -5.77 -25.22
C ASN Q 289 48.63 -6.12 -25.15
N ALA Q 290 49.06 -6.73 -24.05
CA ALA Q 290 50.45 -7.16 -23.90
C ALA Q 290 50.59 -8.68 -23.83
N ILE Q 291 49.51 -9.43 -24.03
CA ILE Q 291 49.51 -10.88 -23.94
C ILE Q 291 49.44 -11.43 -25.37
N PRO Q 292 50.54 -11.99 -25.90
CA PRO Q 292 50.47 -12.54 -27.27
C PRO Q 292 49.44 -13.65 -27.43
N GLY Q 293 49.19 -14.44 -26.38
CA GLY Q 293 48.22 -15.52 -26.46
C GLY Q 293 46.79 -15.07 -26.64
N ALA Q 294 46.49 -13.77 -26.48
CA ALA Q 294 45.12 -13.28 -26.54
C ALA Q 294 44.63 -13.01 -27.94
N ARG Q 295 45.52 -12.61 -28.84
CA ARG Q 295 45.14 -12.26 -30.20
C ARG Q 295 44.53 -13.39 -31.01
N PRO Q 296 45.00 -14.64 -30.92
CA PRO Q 296 44.25 -15.74 -31.58
C PRO Q 296 42.82 -15.81 -31.12
N LEU Q 297 42.50 -15.16 -29.99
CA LEU Q 297 41.20 -15.20 -29.35
C LEU Q 297 40.37 -13.94 -29.57
N MET Q 298 40.99 -12.83 -29.96
CA MET Q 298 40.27 -11.58 -30.12
C MET Q 298 39.41 -11.59 -31.39
N ASP Q 299 38.41 -10.73 -31.41
CA ASP Q 299 37.68 -10.47 -32.65
C ASP Q 299 38.65 -10.07 -33.75
N LYS Q 300 38.47 -10.65 -34.94
CA LYS Q 300 39.42 -10.45 -36.03
C LYS Q 300 39.57 -8.97 -36.39
N SER Q 301 38.55 -8.14 -36.12
CA SER Q 301 38.67 -6.71 -36.40
C SER Q 301 39.84 -6.10 -35.63
N VAL Q 302 39.96 -6.41 -34.35
CA VAL Q 302 40.97 -5.77 -33.52
C VAL Q 302 42.31 -6.47 -33.69
N SER Q 303 42.28 -7.79 -33.89
CA SER Q 303 43.51 -8.55 -33.94
C SER Q 303 44.25 -8.36 -35.26
N ASP Q 304 43.50 -8.23 -36.35
CA ASP Q 304 44.09 -8.13 -37.68
C ASP Q 304 44.29 -6.70 -38.15
N SER Q 305 43.79 -5.70 -37.44
CA SER Q 305 43.87 -4.34 -37.93
C SER Q 305 45.30 -3.81 -37.82
N GLU Q 306 45.92 -3.52 -38.97
CA GLU Q 306 47.27 -2.98 -39.00
C GLU Q 306 47.43 -1.67 -38.24
N GLU Q 307 46.33 -1.04 -37.80
CA GLU Q 307 46.42 0.17 -36.98
C GLU Q 307 46.07 -0.08 -35.53
N VAL Q 308 45.73 -1.31 -35.16
CA VAL Q 308 45.63 -1.72 -33.77
C VAL Q 308 46.88 -2.45 -33.32
N TYR Q 309 47.37 -3.38 -34.16
CA TYR Q 309 48.70 -3.98 -34.04
C TYR Q 309 49.52 -3.54 -35.25
N PRO Q 310 50.20 -2.40 -35.19
CA PRO Q 310 50.94 -1.93 -36.36
C PRO Q 310 52.08 -2.88 -36.69
N PRO Q 311 52.49 -2.95 -37.96
CA PRO Q 311 53.63 -3.79 -38.33
C PRO Q 311 54.94 -3.04 -38.10
N GLN Q 312 56.00 -3.83 -37.83
CA GLN Q 312 57.29 -3.28 -37.39
C GLN Q 312 57.82 -2.12 -38.23
N ALA Q 313 57.51 -2.10 -39.52
CA ALA Q 313 57.95 -0.98 -40.34
C ALA Q 313 57.28 0.32 -39.93
N VAL Q 314 55.97 0.25 -39.62
CA VAL Q 314 55.24 1.46 -39.23
C VAL Q 314 55.59 1.90 -37.80
N LEU Q 315 56.06 0.99 -36.95
CA LEU Q 315 56.53 1.37 -35.61
C LEU Q 315 57.75 2.28 -35.71
N ASP Q 316 58.70 1.91 -36.56
CA ASP Q 316 59.97 2.63 -36.64
C ASP Q 316 59.82 4.04 -37.18
N LYS Q 317 58.70 4.35 -37.86
CA LYS Q 317 58.33 5.71 -38.20
C LYS Q 317 57.68 6.47 -37.04
N LEU Q 318 57.72 5.92 -35.82
CA LEU Q 318 57.04 6.53 -34.68
C LEU Q 318 58.01 6.82 -33.55
N TYR Q 319 57.55 7.61 -32.57
CA TYR Q 319 58.37 8.00 -31.44
C TYR Q 319 57.75 7.50 -30.13
N VAL Q 320 58.58 7.00 -29.24
CA VAL Q 320 58.18 6.66 -27.88
C VAL Q 320 58.61 7.80 -26.96
N SER Q 321 57.65 8.44 -26.31
CA SER Q 321 57.96 9.53 -25.41
C SER Q 321 58.88 9.05 -24.29
N ALA Q 322 59.87 9.88 -23.94
CA ALA Q 322 60.91 9.50 -22.99
C ALA Q 322 60.76 10.36 -21.73
N VAL Q 323 61.42 9.95 -20.64
CA VAL Q 323 61.12 10.38 -19.28
C VAL Q 323 61.80 11.72 -19.13
N LEU Q 324 61.12 12.81 -19.36
CA LEU Q 324 61.90 14.02 -19.62
C LEU Q 324 62.48 14.61 -18.35
N PRO Q 325 63.59 15.31 -18.46
CA PRO Q 325 64.10 16.10 -17.35
C PRO Q 325 63.08 17.14 -16.91
N ALA Q 326 63.19 17.53 -15.63
CA ALA Q 326 62.16 18.34 -14.99
C ALA Q 326 62.08 19.74 -15.60
N LYS Q 327 63.24 20.37 -15.81
CA LYS Q 327 63.37 21.64 -16.51
C LYS Q 327 62.40 21.72 -17.67
N VAL Q 328 62.43 20.68 -18.50
CA VAL Q 328 61.71 20.66 -19.76
C VAL Q 328 60.21 20.46 -19.53
N LEU Q 329 59.87 19.55 -18.61
CA LEU Q 329 58.48 19.19 -18.34
C LEU Q 329 57.65 20.38 -17.88
N ARG Q 330 58.26 21.34 -17.21
CA ARG Q 330 57.50 22.54 -16.85
C ARG Q 330 57.55 23.58 -17.96
N LEU Q 331 58.71 23.72 -18.63
CA LEU Q 331 58.83 24.42 -19.91
C LEU Q 331 57.69 23.99 -20.82
N GLN Q 332 57.30 22.73 -20.70
CA GLN Q 332 56.22 22.18 -21.50
C GLN Q 332 54.87 22.69 -20.99
N THR Q 333 54.65 22.62 -19.67
CA THR Q 333 53.34 22.96 -19.11
C THR Q 333 53.08 24.47 -19.15
N ARG Q 334 54.10 25.28 -18.88
CA ARG Q 334 54.06 26.69 -19.26
C ARG Q 334 53.54 26.87 -20.67
N THR Q 335 54.14 26.17 -21.62
CA THR Q 335 53.85 26.43 -23.02
C THR Q 335 52.39 26.12 -23.36
N TRP Q 336 51.87 25.03 -22.79
CA TRP Q 336 50.50 24.64 -23.09
C TRP Q 336 49.49 25.55 -22.40
N THR Q 337 49.79 25.97 -21.16
CA THR Q 337 48.93 26.92 -20.47
C THR Q 337 48.94 28.28 -21.16
N ARG Q 338 49.99 28.56 -21.93
CA ARG Q 338 50.03 29.78 -22.73
C ARG Q 338 49.01 29.74 -23.84
N ILE Q 339 48.91 28.59 -24.54
CA ILE Q 339 47.95 28.40 -25.62
C ILE Q 339 46.55 28.30 -25.02
N LYS Q 340 46.48 28.29 -23.69
CA LYS Q 340 45.37 28.81 -22.87
C LYS Q 340 43.98 28.89 -23.53
N GLN R 3 52.83 -34.80 -34.25
CA GLN R 3 52.86 -33.38 -34.58
C GLN R 3 51.47 -32.80 -34.50
N VAL R 4 51.37 -31.54 -34.90
CA VAL R 4 50.10 -30.84 -35.04
C VAL R 4 49.47 -31.23 -36.37
N GLN R 5 48.16 -31.49 -36.33
CA GLN R 5 47.38 -31.94 -37.47
C GLN R 5 45.91 -31.97 -37.05
N LEU R 6 45.03 -31.83 -38.04
CA LEU R 6 43.60 -31.95 -37.76
C LEU R 6 43.06 -33.11 -38.60
N VAL R 7 42.21 -33.94 -37.98
CA VAL R 7 41.54 -35.03 -38.69
C VAL R 7 40.07 -34.65 -38.79
N GLU R 8 39.43 -35.08 -39.88
CA GLU R 8 38.06 -34.70 -40.17
C GLU R 8 37.23 -35.94 -40.44
N THR R 9 35.95 -35.84 -40.11
CA THR R 9 35.00 -36.91 -40.41
C THR R 9 35.16 -37.37 -41.85
N GLY R 10 34.86 -38.64 -42.09
CA GLY R 10 34.88 -39.19 -43.43
C GLY R 10 33.93 -38.47 -44.36
N ASP R 11 33.84 -38.94 -45.59
CA ASP R 11 33.06 -38.25 -46.59
C ASP R 11 31.60 -38.67 -46.51
N GLU R 12 30.73 -37.83 -47.07
CA GLU R 12 29.32 -37.94 -46.75
C GLU R 12 28.50 -37.50 -47.95
N VAL R 13 27.25 -37.93 -47.98
CA VAL R 13 26.38 -37.65 -49.12
C VAL R 13 24.93 -37.59 -48.64
N LYS R 14 24.21 -36.54 -49.05
CA LYS R 14 22.91 -36.25 -48.48
C LYS R 14 21.98 -35.75 -49.56
N THR R 15 20.68 -35.57 -49.19
CA THR R 15 19.55 -35.06 -49.97
C THR R 15 19.10 -33.69 -49.43
N PRO R 16 18.71 -32.76 -50.31
CA PRO R 16 18.28 -31.46 -49.88
C PRO R 16 17.60 -31.54 -48.51
N GLY R 17 17.28 -30.39 -47.91
CA GLY R 17 16.73 -30.39 -46.53
C GLY R 17 17.47 -31.42 -45.68
N ALA R 18 18.66 -31.78 -46.15
CA ALA R 18 19.50 -32.83 -45.55
C ALA R 18 19.89 -32.51 -44.13
N SER R 19 20.91 -31.63 -44.00
CA SER R 19 21.61 -31.12 -42.79
C SER R 19 22.75 -32.06 -42.43
N VAL R 20 23.98 -31.74 -42.83
CA VAL R 20 25.14 -32.61 -42.53
C VAL R 20 25.96 -31.95 -41.44
N LYS R 21 26.70 -32.74 -40.66
CA LYS R 21 27.53 -32.24 -39.54
C LYS R 21 28.86 -32.99 -39.54
N VAL R 22 29.94 -32.25 -39.80
CA VAL R 22 31.33 -32.62 -39.92
C VAL R 22 32.00 -32.44 -38.56
N SER R 23 33.09 -33.18 -38.33
CA SER R 23 33.79 -33.14 -37.04
C SER R 23 35.29 -33.07 -37.30
N CYS R 24 35.96 -32.15 -36.63
CA CYS R 24 37.38 -31.87 -36.88
C CYS R 24 38.16 -32.04 -35.58
N LYS R 25 38.92 -33.14 -35.48
CA LYS R 25 39.61 -33.52 -34.25
C LYS R 25 41.05 -33.02 -34.25
N VAL R 26 41.53 -32.43 -33.10
CA VAL R 26 42.78 -31.69 -33.28
C VAL R 26 43.80 -32.62 -32.69
N SER R 27 45.05 -32.44 -33.03
CA SER R 27 46.14 -33.21 -32.43
C SER R 27 47.35 -32.32 -32.34
N GLY R 28 48.12 -32.47 -31.26
CA GLY R 28 49.45 -31.91 -31.13
C GLY R 28 49.55 -30.43 -30.78
N TYR R 29 48.45 -29.77 -30.38
CA TYR R 29 48.55 -28.42 -29.83
C TYR R 29 47.46 -28.26 -28.78
N THR R 30 47.58 -27.21 -27.97
CA THR R 30 46.53 -26.86 -27.02
C THR R 30 45.32 -26.37 -27.80
N PHE R 31 44.30 -27.23 -27.90
CA PHE R 31 43.10 -26.93 -28.70
C PHE R 31 42.45 -25.61 -28.33
N THR R 32 42.29 -25.34 -27.04
CA THR R 32 41.53 -24.20 -26.52
C THR R 32 42.33 -22.91 -26.57
N SER R 33 43.11 -22.71 -27.64
CA SER R 33 44.16 -21.71 -27.61
C SER R 33 44.36 -21.05 -28.96
N TYR R 34 43.61 -21.47 -29.97
CA TYR R 34 43.60 -20.95 -31.32
C TYR R 34 42.22 -21.23 -31.88
N GLY R 35 41.64 -20.23 -32.53
CA GLY R 35 40.35 -20.43 -33.15
C GLY R 35 40.40 -21.46 -34.26
N ILE R 36 39.26 -22.08 -34.55
CA ILE R 36 39.15 -23.05 -35.63
C ILE R 36 38.09 -22.62 -36.63
N SER R 37 38.52 -22.48 -37.89
CA SER R 37 37.76 -21.95 -38.99
C SER R 37 37.15 -23.10 -39.80
N TRP R 38 36.40 -22.73 -40.83
CA TRP R 38 35.82 -23.70 -41.77
C TRP R 38 35.82 -23.06 -43.14
N VAL R 39 36.70 -23.52 -44.02
CA VAL R 39 36.80 -22.99 -45.38
C VAL R 39 36.26 -24.04 -46.35
N ARG R 40 35.22 -23.68 -47.08
CA ARG R 40 34.54 -24.53 -48.03
C ARG R 40 35.10 -24.36 -49.43
N GLN R 41 35.25 -25.46 -50.15
CA GLN R 41 35.70 -25.42 -51.54
C GLN R 41 34.74 -26.22 -52.40
N ALA R 42 34.01 -25.52 -53.26
CA ALA R 42 33.13 -26.14 -54.24
C ALA R 42 33.97 -26.92 -55.27
N PRO R 43 33.37 -27.88 -55.98
CA PRO R 43 34.16 -28.73 -56.88
C PRO R 43 34.89 -27.91 -57.93
N GLY R 44 36.22 -27.95 -57.87
CA GLY R 44 37.05 -27.26 -58.84
C GLY R 44 36.85 -25.76 -58.87
N GLN R 45 36.61 -25.16 -57.71
CA GLN R 45 36.38 -23.72 -57.63
C GLN R 45 37.13 -23.16 -56.43
N GLY R 46 37.12 -21.83 -56.33
CA GLY R 46 37.89 -21.15 -55.32
C GLY R 46 37.43 -21.44 -53.90
N LEU R 47 38.15 -20.87 -52.95
CA LEU R 47 37.85 -21.07 -51.55
C LEU R 47 36.77 -20.10 -51.06
N GLU R 48 35.99 -20.59 -50.09
CA GLU R 48 34.89 -19.83 -49.51
C GLU R 48 34.90 -20.02 -48.01
N TRP R 49 35.11 -18.91 -47.28
CA TRP R 49 35.07 -18.88 -45.83
C TRP R 49 33.65 -19.02 -45.29
N MET R 50 33.52 -19.69 -44.16
CA MET R 50 32.23 -19.97 -43.51
C MET R 50 32.11 -19.40 -42.11
N GLY R 51 33.19 -19.42 -41.34
CA GLY R 51 33.21 -19.00 -39.96
C GLY R 51 34.27 -19.73 -39.16
N TRP R 52 34.69 -19.11 -38.04
CA TRP R 52 35.49 -19.79 -37.03
C TRP R 52 34.84 -19.68 -35.65
N ILE R 53 35.12 -20.69 -34.83
CA ILE R 53 34.61 -20.78 -33.46
C ILE R 53 35.77 -20.69 -32.49
N ASN R 54 35.53 -20.02 -31.36
CA ASN R 54 36.52 -19.94 -30.28
C ASN R 54 36.45 -21.22 -29.45
N PRO R 55 37.47 -22.08 -29.50
CA PRO R 55 37.45 -23.29 -28.66
C PRO R 55 37.40 -23.00 -27.19
N ASN R 56 37.81 -21.80 -26.77
CA ASN R 56 37.85 -21.45 -25.36
C ASN R 56 36.47 -21.06 -24.85
N SER R 57 35.77 -20.19 -25.58
CA SER R 57 34.52 -19.60 -25.11
C SER R 57 33.32 -20.02 -25.95
N GLY R 58 33.51 -20.83 -26.98
CA GLY R 58 32.40 -21.19 -27.83
C GLY R 58 31.80 -20.05 -28.61
N GLY R 59 32.44 -18.89 -28.62
CA GLY R 59 32.03 -17.83 -29.53
C GLY R 59 31.99 -18.29 -30.97
N THR R 60 31.30 -17.50 -31.79
CA THR R 60 31.04 -17.89 -33.17
C THR R 60 31.07 -16.64 -34.04
N ASN R 61 31.46 -16.83 -35.30
CA ASN R 61 31.44 -15.79 -36.32
C ASN R 61 30.99 -16.44 -37.63
N TYR R 62 29.72 -16.27 -38.00
CA TYR R 62 29.21 -16.82 -39.25
C TYR R 62 29.25 -15.75 -40.33
N ALA R 63 29.89 -16.08 -41.45
CA ALA R 63 29.78 -15.25 -42.63
C ALA R 63 28.31 -15.13 -43.03
N GLN R 64 27.98 -13.97 -43.60
CA GLN R 64 26.61 -13.57 -43.84
C GLN R 64 25.80 -14.66 -44.56
N LYS R 65 26.40 -15.28 -45.58
CA LYS R 65 25.69 -16.24 -46.42
C LYS R 65 25.18 -17.46 -45.66
N PHE R 66 25.72 -17.73 -44.48
CA PHE R 66 25.33 -18.93 -43.74
C PHE R 66 24.65 -18.62 -42.41
N GLN R 67 24.57 -17.34 -42.02
CA GLN R 67 23.95 -16.97 -40.76
C GLN R 67 22.57 -17.59 -40.59
N GLY R 68 22.37 -18.22 -39.43
CA GLY R 68 21.14 -18.92 -39.15
C GLY R 68 21.05 -20.31 -39.73
N ARG R 69 22.05 -20.75 -40.51
CA ARG R 69 21.98 -22.03 -41.17
C ARG R 69 23.13 -22.94 -40.79
N VAL R 70 24.26 -22.36 -40.35
CA VAL R 70 25.41 -23.11 -39.87
C VAL R 70 25.41 -23.04 -38.34
N THR R 71 26.03 -24.04 -37.70
CA THR R 71 26.05 -24.05 -36.22
C THR R 71 27.37 -24.66 -35.76
N MET R 72 28.34 -23.80 -35.47
CA MET R 72 29.69 -24.25 -35.18
C MET R 72 29.90 -24.39 -33.66
N THR R 73 30.31 -25.58 -33.23
CA THR R 73 30.47 -25.88 -31.81
C THR R 73 31.74 -26.70 -31.59
N ARG R 74 32.05 -26.93 -30.31
CA ARG R 74 33.23 -27.71 -29.94
C ARG R 74 33.01 -28.42 -28.62
N ASP R 75 33.52 -29.65 -28.52
CA ASP R 75 33.60 -30.39 -27.26
C ASP R 75 35.07 -30.37 -26.84
N THR R 76 35.44 -29.41 -25.99
CA THR R 76 36.85 -29.27 -25.62
C THR R 76 37.34 -30.48 -24.83
N SER R 77 36.44 -31.25 -24.22
CA SER R 77 36.78 -32.50 -23.56
C SER R 77 37.65 -33.37 -24.45
N ILE R 78 37.15 -33.71 -25.64
CA ILE R 78 37.85 -34.66 -26.50
C ILE R 78 38.89 -33.97 -27.37
N SER R 79 38.72 -32.67 -27.63
CA SER R 79 39.41 -31.90 -28.67
C SER R 79 38.88 -32.24 -30.06
N THR R 80 37.63 -31.89 -30.35
CA THR R 80 37.17 -31.74 -31.72
C THR R 80 36.27 -30.52 -31.81
N ALA R 81 36.10 -30.03 -33.03
CA ALA R 81 35.13 -28.99 -33.37
C ALA R 81 34.11 -29.58 -34.34
N TYR R 82 32.97 -28.89 -34.45
CA TYR R 82 31.87 -29.38 -35.28
C TYR R 82 31.24 -28.22 -36.04
N MET R 83 31.08 -28.41 -37.35
CA MET R 83 30.26 -27.55 -38.21
C MET R 83 29.06 -28.35 -38.73
N GLU R 84 27.94 -27.64 -38.90
CA GLU R 84 26.68 -28.24 -39.31
C GLU R 84 25.90 -27.24 -40.15
N LEU R 85 25.66 -27.59 -41.42
CA LEU R 85 24.68 -26.91 -42.26
C LEU R 85 23.36 -27.68 -42.19
N SER R 86 22.26 -26.96 -41.97
CA SER R 86 21.00 -27.58 -41.62
C SER R 86 19.99 -27.61 -42.77
N ARG R 87 20.25 -26.94 -43.90
CA ARG R 87 19.42 -27.20 -45.09
C ARG R 87 20.29 -27.18 -46.34
N LEU R 88 21.00 -28.28 -46.54
CA LEU R 88 21.85 -28.46 -47.71
C LEU R 88 21.05 -28.19 -48.98
N ARG R 89 21.69 -27.57 -49.96
CA ARG R 89 21.14 -27.51 -51.30
C ARG R 89 22.24 -27.89 -52.28
N SER R 90 21.82 -28.53 -53.39
CA SER R 90 22.65 -28.89 -54.52
C SER R 90 23.87 -27.97 -54.68
N ASP R 91 23.66 -26.68 -54.42
CA ASP R 91 24.73 -25.71 -54.47
C ASP R 91 25.82 -25.99 -53.45
N ASP R 92 25.47 -26.52 -52.27
CA ASP R 92 26.42 -26.69 -51.18
C ASP R 92 27.36 -27.88 -51.38
N THR R 93 27.22 -28.63 -52.46
CA THR R 93 28.15 -29.71 -52.80
C THR R 93 29.57 -29.17 -52.89
N ALA R 94 30.43 -29.57 -51.96
CA ALA R 94 31.74 -28.93 -51.83
C ALA R 94 32.58 -29.67 -50.79
N VAL R 95 33.90 -29.52 -50.91
CA VAL R 95 34.81 -29.97 -49.87
C VAL R 95 34.70 -29.03 -48.67
N TYR R 96 34.94 -29.56 -47.47
CA TYR R 96 34.78 -28.79 -46.23
C TYR R 96 36.07 -28.87 -45.42
N TYR R 97 36.92 -27.86 -45.59
CA TYR R 97 38.18 -27.84 -44.86
C TYR R 97 38.01 -27.32 -43.44
N CYS R 98 38.96 -27.68 -42.57
CA CYS R 98 38.98 -27.22 -41.19
C CYS R 98 40.43 -26.90 -40.82
N ALA R 99 40.70 -25.62 -40.58
CA ALA R 99 42.05 -25.16 -40.32
C ALA R 99 42.12 -24.49 -38.96
N ARG R 100 43.28 -24.62 -38.32
CA ARG R 100 43.57 -23.87 -37.12
C ARG R 100 43.89 -22.43 -37.49
N ASP R 101 43.33 -21.50 -36.71
CA ASP R 101 43.39 -20.07 -37.04
C ASP R 101 44.08 -19.31 -35.91
N LYS R 102 45.39 -19.16 -36.04
CA LYS R 102 46.17 -18.20 -35.25
C LYS R 102 46.23 -16.84 -35.96
N ARG R 103 45.03 -16.28 -36.16
CA ARG R 103 44.77 -15.11 -37.01
C ARG R 103 44.79 -15.55 -38.46
N TYR R 104 45.79 -16.34 -38.82
CA TYR R 104 45.88 -16.97 -40.13
C TYR R 104 45.75 -18.47 -39.97
N MET R 105 45.57 -19.15 -41.11
CA MET R 105 45.35 -20.60 -41.11
C MET R 105 46.69 -21.25 -41.39
N ASP R 106 47.34 -21.68 -40.32
CA ASP R 106 48.66 -22.30 -40.38
C ASP R 106 48.59 -23.78 -40.69
N VAL R 107 47.60 -24.49 -40.15
CA VAL R 107 47.50 -25.93 -40.32
C VAL R 107 46.07 -26.31 -40.68
N TRP R 108 45.92 -27.08 -41.76
CA TRP R 108 44.64 -27.36 -42.39
C TRP R 108 44.28 -28.82 -42.23
N GLY R 109 42.98 -29.09 -42.30
CA GLY R 109 42.48 -30.45 -42.34
C GLY R 109 42.63 -31.07 -43.71
N LYS R 110 42.25 -32.35 -43.80
CA LYS R 110 42.25 -33.04 -45.08
C LYS R 110 41.14 -32.54 -46.00
N GLY R 111 40.08 -31.98 -45.43
CA GLY R 111 38.86 -31.73 -46.15
C GLY R 111 37.91 -32.91 -46.07
N THR R 112 36.62 -32.59 -46.05
CA THR R 112 35.57 -33.60 -46.07
C THR R 112 34.71 -33.36 -47.30
N THR R 113 34.46 -34.43 -48.06
CA THR R 113 33.83 -34.32 -49.38
C THR R 113 32.33 -34.58 -49.22
N VAL R 114 31.56 -33.50 -49.09
CA VAL R 114 30.11 -33.59 -48.91
C VAL R 114 29.45 -33.24 -50.24
N THR R 115 28.90 -34.25 -50.90
CA THR R 115 28.07 -34.06 -52.08
C THR R 115 26.61 -34.26 -51.70
N VAL R 116 25.81 -33.22 -51.85
CA VAL R 116 24.36 -33.31 -51.72
C VAL R 116 23.78 -33.21 -53.12
N SER R 117 22.63 -33.86 -53.33
CA SER R 117 21.94 -33.74 -54.62
C SER R 117 20.59 -34.42 -54.57
N SER R 118 19.65 -33.87 -55.36
CA SER R 118 18.38 -34.49 -55.73
C SER R 118 17.52 -33.43 -56.42
N GLY R 119 16.39 -33.83 -56.99
CA GLY R 119 15.49 -32.86 -57.61
C GLY R 119 14.50 -33.42 -58.60
N VAL R 136 33.80 -10.48 -52.90
CA VAL R 136 35.01 -11.06 -53.46
C VAL R 136 36.08 -10.01 -53.71
N LEU R 137 37.30 -10.48 -53.98
CA LEU R 137 38.40 -9.63 -54.39
C LEU R 137 38.84 -10.06 -55.78
N THR R 138 39.28 -9.09 -56.58
CA THR R 138 39.87 -9.42 -57.87
C THR R 138 41.27 -9.96 -57.65
N GLN R 139 41.52 -11.15 -58.19
CA GLN R 139 42.87 -11.60 -58.42
C GLN R 139 42.74 -12.41 -59.71
N PRO R 140 43.74 -12.37 -60.57
CA PRO R 140 43.60 -12.93 -61.92
C PRO R 140 43.42 -14.43 -61.87
N PRO R 141 43.11 -15.07 -63.00
CA PRO R 141 42.81 -16.50 -62.97
C PRO R 141 44.00 -17.40 -63.25
N SER R 142 44.97 -16.92 -64.03
CA SER R 142 46.00 -17.83 -64.52
C SER R 142 47.25 -17.04 -64.87
N VAL R 143 48.41 -17.70 -64.70
CA VAL R 143 49.66 -17.34 -65.35
C VAL R 143 50.39 -18.64 -65.67
N SER R 144 51.27 -18.56 -66.67
CA SER R 144 52.16 -19.66 -67.02
C SER R 144 53.60 -19.14 -67.03
N GLY R 145 54.52 -20.00 -66.63
CA GLY R 145 55.92 -19.61 -66.62
C GLY R 145 56.86 -20.77 -66.85
N ALA R 146 57.92 -20.53 -67.61
CA ALA R 146 58.98 -21.51 -67.76
C ALA R 146 59.86 -21.52 -66.53
N PRO R 147 60.59 -22.61 -66.27
CA PRO R 147 61.49 -22.64 -65.12
C PRO R 147 62.49 -21.50 -65.14
N GLY R 148 62.72 -20.91 -63.96
CA GLY R 148 63.66 -19.82 -63.84
C GLY R 148 63.02 -18.45 -63.67
N GLN R 149 62.31 -17.99 -64.71
CA GLN R 149 61.49 -16.78 -64.65
C GLN R 149 60.82 -16.41 -63.32
N LYS R 150 60.70 -15.10 -63.09
CA LYS R 150 59.92 -14.56 -61.99
C LYS R 150 58.47 -14.34 -62.41
N VAL R 151 57.56 -14.59 -61.48
CA VAL R 151 56.15 -14.37 -61.72
C VAL R 151 55.59 -13.56 -60.55
N THR R 152 54.57 -12.75 -60.84
CA THR R 152 53.86 -11.98 -59.82
C THR R 152 52.37 -12.25 -59.93
N ILE R 153 51.71 -12.28 -58.77
CA ILE R 153 50.27 -12.51 -58.68
C ILE R 153 49.67 -11.48 -57.72
N SER R 154 48.73 -10.71 -58.22
CA SER R 154 48.19 -9.59 -57.46
C SER R 154 46.96 -10.05 -56.66
N CYS R 155 46.29 -9.07 -56.05
CA CYS R 155 45.04 -9.25 -55.30
C CYS R 155 44.53 -7.88 -54.86
N SER R 156 43.45 -7.40 -55.48
CA SER R 156 42.95 -6.06 -55.22
C SER R 156 41.71 -6.13 -54.33
N GLY R 157 41.57 -5.14 -53.45
CA GLY R 157 40.46 -5.10 -52.53
C GLY R 157 40.22 -3.68 -52.07
N SER R 158 39.18 -3.52 -51.26
CA SER R 158 38.76 -2.22 -50.81
C SER R 158 39.55 -1.76 -49.59
N SER R 159 39.40 -0.48 -49.24
CA SER R 159 40.08 0.07 -48.08
C SER R 159 39.75 -0.70 -46.81
N SER R 160 38.57 -1.32 -46.75
CA SER R 160 38.05 -1.95 -45.54
C SER R 160 38.66 -3.32 -45.26
N ASN R 161 39.39 -3.91 -46.20
CA ASN R 161 39.97 -5.24 -45.96
C ASN R 161 41.47 -5.30 -46.24
N ILE R 162 41.87 -5.50 -47.50
CA ILE R 162 43.29 -5.64 -47.81
C ILE R 162 44.08 -4.41 -47.41
N GLY R 163 43.54 -3.22 -47.65
CA GLY R 163 44.23 -2.01 -47.23
C GLY R 163 44.42 -1.92 -45.73
N ARG R 164 43.53 -2.50 -44.94
CA ARG R 164 43.51 -2.28 -43.49
C ARG R 164 44.12 -3.41 -42.66
N ASN R 165 43.82 -4.65 -42.99
CA ASN R 165 44.17 -5.80 -42.16
C ASN R 165 45.36 -6.54 -42.76
N TYR R 166 45.82 -7.56 -42.03
CA TYR R 166 46.95 -8.36 -42.45
C TYR R 166 46.51 -9.42 -43.47
N VAL R 167 47.41 -9.69 -44.42
CA VAL R 167 47.10 -10.51 -45.59
C VAL R 167 47.78 -11.87 -45.44
N SER R 168 47.07 -12.93 -45.76
CA SER R 168 47.58 -14.29 -45.70
C SER R 168 47.47 -14.94 -47.07
N TRP R 169 48.57 -15.57 -47.51
CA TRP R 169 48.63 -16.23 -48.81
C TRP R 169 48.66 -17.75 -48.63
N TYR R 170 47.99 -18.46 -49.54
CA TYR R 170 47.76 -19.89 -49.40
C TYR R 170 48.02 -20.55 -50.75
N GLN R 171 48.90 -21.54 -50.76
CA GLN R 171 49.27 -22.27 -51.96
C GLN R 171 48.58 -23.63 -51.96
N GLN R 172 47.73 -23.88 -52.96
CA GLN R 172 47.01 -25.15 -53.04
C GLN R 172 47.65 -26.02 -54.11
N LEU R 173 48.61 -26.84 -53.68
CA LEU R 173 49.25 -27.79 -54.59
C LEU R 173 48.23 -28.82 -55.06
N PRO R 174 48.41 -29.35 -56.27
CA PRO R 174 47.32 -30.08 -56.94
C PRO R 174 46.82 -31.27 -56.13
N GLY R 175 45.50 -31.37 -56.01
CA GLY R 175 44.85 -32.45 -55.31
C GLY R 175 44.89 -32.37 -53.80
N ALA R 176 45.78 -31.54 -53.23
CA ALA R 176 45.94 -31.47 -51.80
C ALA R 176 45.02 -30.40 -51.21
N ALA R 177 45.11 -30.22 -49.90
CA ALA R 177 44.46 -29.15 -49.19
C ALA R 177 45.24 -27.85 -49.38
N PRO R 178 44.68 -26.71 -48.98
CA PRO R 178 45.49 -25.48 -48.97
C PRO R 178 46.64 -25.57 -47.97
N LYS R 179 47.65 -24.73 -48.21
CA LYS R 179 48.81 -24.66 -47.34
C LYS R 179 49.12 -23.19 -47.09
N LEU R 180 49.38 -22.83 -45.84
CA LEU R 180 49.79 -21.46 -45.55
C LEU R 180 51.10 -21.14 -46.24
N LEU R 181 51.06 -20.15 -47.14
CA LEU R 181 52.23 -19.69 -47.84
C LEU R 181 52.88 -18.48 -47.18
N LEU R 182 52.08 -17.44 -46.91
CA LEU R 182 52.56 -16.23 -46.25
C LEU R 182 51.51 -15.76 -45.26
N TYR R 183 52.00 -15.20 -44.16
CA TYR R 183 51.16 -14.60 -43.14
C TYR R 183 51.74 -13.23 -42.79
N ASP R 184 50.93 -12.40 -42.13
CA ASP R 184 51.35 -11.06 -41.73
C ASP R 184 51.94 -10.30 -42.91
N ASN R 185 51.22 -10.32 -44.03
CA ASN R 185 51.53 -9.54 -45.22
C ASN R 185 52.76 -10.03 -45.99
N ASN R 186 53.83 -10.35 -45.28
CA ASN R 186 55.06 -10.73 -45.98
C ASN R 186 55.90 -11.74 -45.21
N LYS R 187 55.38 -12.38 -44.17
CA LYS R 187 56.18 -13.26 -43.32
C LYS R 187 56.02 -14.70 -43.78
N ARG R 188 57.14 -15.34 -44.09
CA ARG R 188 57.13 -16.72 -44.58
C ARG R 188 57.30 -17.70 -43.42
N PRO R 189 56.49 -18.75 -43.42
CA PRO R 189 56.58 -19.76 -42.35
C PRO R 189 57.83 -20.63 -42.46
N SER R 190 57.94 -21.58 -41.55
CA SER R 190 59.01 -22.57 -41.58
C SER R 190 58.75 -23.57 -42.69
N GLY R 191 59.55 -23.53 -43.74
CA GLY R 191 59.40 -24.42 -44.88
C GLY R 191 59.18 -23.71 -46.21
N ILE R 192 58.79 -22.44 -46.20
CA ILE R 192 58.56 -21.67 -47.42
C ILE R 192 59.88 -20.97 -47.78
N PRO R 193 60.47 -21.25 -48.94
CA PRO R 193 61.80 -20.74 -49.25
C PRO R 193 61.77 -19.26 -49.63
N ASP R 194 62.98 -18.74 -49.87
CA ASP R 194 63.16 -17.31 -50.17
C ASP R 194 62.43 -16.88 -51.43
N ARG R 195 62.01 -17.83 -52.27
CA ARG R 195 61.46 -17.45 -53.57
C ARG R 195 60.18 -16.65 -53.40
N PHE R 196 59.41 -16.95 -52.37
CA PHE R 196 58.05 -16.47 -52.24
C PHE R 196 58.05 -15.20 -51.39
N SER R 197 57.88 -14.05 -52.04
CA SER R 197 57.86 -12.77 -51.37
C SER R 197 56.57 -12.04 -51.74
N ALA R 198 56.00 -11.32 -50.78
CA ALA R 198 54.78 -10.56 -51.03
C ALA R 198 55.02 -9.07 -50.80
N SER R 199 54.36 -8.25 -51.61
CA SER R 199 54.42 -6.81 -51.49
C SER R 199 53.01 -6.31 -51.28
N LYS R 200 52.88 -5.27 -50.46
CA LYS R 200 51.61 -4.61 -50.20
C LYS R 200 51.69 -3.14 -50.55
N SER R 201 50.78 -2.70 -51.41
CA SER R 201 50.72 -1.31 -51.87
C SER R 201 49.28 -0.85 -51.73
N GLY R 202 49.02 0.01 -50.75
CA GLY R 202 47.68 0.49 -50.51
C GLY R 202 46.71 -0.64 -50.24
N PRO R 203 45.69 -0.78 -51.11
CA PRO R 203 44.68 -1.85 -50.97
C PRO R 203 44.90 -3.09 -51.83
N SER R 204 46.07 -3.26 -52.45
CA SER R 204 46.36 -4.45 -53.25
C SER R 204 47.70 -5.05 -52.80
N THR R 205 47.74 -6.38 -52.79
CA THR R 205 48.94 -7.14 -52.47
C THR R 205 49.37 -7.97 -53.67
N THR R 206 50.68 -8.07 -53.90
CA THR R 206 51.24 -8.84 -55.01
C THR R 206 52.26 -9.85 -54.49
N LEU R 207 51.87 -11.12 -54.40
CA LEU R 207 52.87 -12.18 -54.25
C LEU R 207 53.80 -12.24 -55.47
N ALA R 208 55.06 -12.59 -55.23
CA ALA R 208 56.02 -12.79 -56.31
C ALA R 208 56.83 -14.03 -56.01
N ILE R 209 56.79 -15.01 -56.91
CA ILE R 209 57.62 -16.21 -56.86
C ILE R 209 58.88 -15.92 -57.66
N THR R 210 60.06 -16.41 -57.19
CA THR R 210 61.31 -15.89 -57.75
C THR R 210 62.04 -16.85 -58.68
N GLY R 211 61.72 -18.14 -58.64
CA GLY R 211 62.43 -19.09 -59.50
C GLY R 211 61.61 -20.34 -59.75
N LEU R 212 60.73 -20.27 -60.76
CA LEU R 212 59.69 -21.28 -60.90
C LEU R 212 60.29 -22.66 -61.12
N GLN R 213 59.88 -23.59 -60.27
CA GLN R 213 60.16 -25.00 -60.44
C GLN R 213 58.80 -25.67 -60.65
N THR R 214 58.76 -26.74 -61.43
CA THR R 214 57.54 -27.52 -61.65
C THR R 214 56.93 -27.98 -60.33
N GLY R 215 57.65 -27.74 -59.23
CA GLY R 215 57.13 -27.95 -57.90
C GLY R 215 56.05 -26.97 -57.51
N ASP R 216 56.36 -25.69 -57.45
CA ASP R 216 55.34 -24.70 -57.11
C ASP R 216 54.42 -24.41 -58.29
N GLU R 217 53.82 -25.47 -58.83
CA GLU R 217 52.75 -25.42 -59.83
C GLU R 217 51.44 -25.69 -59.09
N ALA R 218 50.67 -24.64 -58.83
CA ALA R 218 49.52 -24.77 -57.93
C ALA R 218 48.59 -23.57 -58.07
N ASP R 219 47.54 -23.57 -57.24
CA ASP R 219 46.68 -22.41 -57.05
C ASP R 219 47.22 -21.52 -55.93
N TYR R 220 46.85 -20.25 -55.98
CA TYR R 220 47.32 -19.29 -55.01
C TYR R 220 46.18 -18.35 -54.62
N PHE R 221 45.96 -18.20 -53.30
CA PHE R 221 44.82 -17.47 -52.78
C PHE R 221 45.30 -16.42 -51.77
N CYS R 222 44.97 -15.15 -52.03
CA CYS R 222 45.08 -14.16 -50.97
C CYS R 222 43.91 -14.33 -50.01
N GLY R 223 44.14 -13.97 -48.76
CA GLY R 223 43.10 -14.13 -47.76
C GLY R 223 43.20 -13.11 -46.65
N VAL R 224 42.26 -12.17 -46.62
CA VAL R 224 42.22 -11.13 -45.61
C VAL R 224 40.83 -11.09 -45.01
N TRP R 225 40.72 -10.37 -43.91
CA TRP R 225 39.46 -10.19 -43.21
C TRP R 225 38.92 -8.80 -43.49
N ASP R 226 37.61 -8.71 -43.70
CA ASP R 226 36.93 -7.46 -44.03
C ASP R 226 36.32 -6.88 -42.77
N SER R 227 36.95 -5.84 -42.20
CA SER R 227 36.44 -5.20 -40.98
C SER R 227 35.12 -4.49 -41.22
N SER R 228 34.44 -4.71 -42.34
CA SER R 228 33.09 -4.19 -42.55
C SER R 228 32.08 -5.31 -42.78
N LEU R 229 32.24 -6.10 -43.85
CA LEU R 229 31.37 -7.26 -43.99
C LEU R 229 31.57 -8.30 -42.90
N ARG R 230 32.64 -8.18 -42.10
CA ARG R 230 32.98 -9.17 -41.09
C ARG R 230 32.95 -10.58 -41.65
N ALA R 231 34.02 -10.96 -42.34
CA ALA R 231 34.19 -12.28 -42.92
C ALA R 231 35.61 -12.35 -43.49
N VAL R 232 36.14 -13.56 -43.56
CA VAL R 232 37.44 -13.80 -44.18
C VAL R 232 37.22 -13.95 -45.67
N LEU R 233 37.68 -12.96 -46.43
CA LEU R 233 37.52 -12.99 -47.88
C LEU R 233 38.69 -13.73 -48.53
N PHE R 234 38.43 -14.25 -49.71
CA PHE R 234 39.44 -14.96 -50.50
C PHE R 234 39.46 -14.41 -51.91
N GLY R 235 40.64 -14.42 -52.51
CA GLY R 235 40.77 -14.09 -53.91
C GLY R 235 40.15 -15.17 -54.77
N GLY R 236 40.17 -14.92 -56.08
CA GLY R 236 39.61 -15.87 -57.01
C GLY R 236 40.39 -17.17 -57.10
N GLY R 237 41.66 -17.16 -56.74
CA GLY R 237 42.51 -18.31 -56.91
C GLY R 237 43.11 -18.36 -58.30
N THR R 238 44.31 -17.81 -58.44
CA THR R 238 44.97 -17.85 -59.73
C THR R 238 45.75 -19.15 -59.86
N LYS R 239 45.66 -19.76 -61.03
CA LYS R 239 46.34 -21.00 -61.34
C LYS R 239 47.68 -20.71 -62.01
N LEU R 240 48.76 -21.23 -61.44
CA LEU R 240 50.05 -21.22 -62.12
C LEU R 240 50.37 -22.61 -62.64
N THR R 241 50.69 -22.70 -63.92
CA THR R 241 51.21 -23.93 -64.52
C THR R 241 52.57 -23.64 -65.14
N VAL R 242 53.57 -24.41 -64.73
CA VAL R 242 54.94 -24.26 -65.22
C VAL R 242 55.15 -25.18 -66.41
N LEU R 243 55.87 -24.68 -67.41
CA LEU R 243 56.19 -25.45 -68.61
C LEU R 243 57.67 -25.83 -68.66
N SER S 6 -72.40 -77.56 -28.42
CA SER S 6 -71.28 -76.67 -28.67
C SER S 6 -69.98 -77.27 -28.14
N LEU S 7 -68.91 -77.03 -28.89
CA LEU S 7 -67.59 -77.60 -28.68
C LEU S 7 -66.57 -76.57 -29.17
N HIS S 8 -65.49 -76.38 -28.41
CA HIS S 8 -64.45 -75.44 -28.78
C HIS S 8 -63.11 -76.15 -28.88
N ILE S 9 -62.38 -75.85 -29.95
CA ILE S 9 -61.13 -76.52 -30.27
C ILE S 9 -60.05 -75.48 -30.53
N TYR S 10 -58.83 -75.80 -30.11
CA TYR S 10 -57.64 -74.97 -30.34
C TYR S 10 -56.60 -75.84 -31.02
N ASN S 11 -56.75 -75.99 -32.34
CA ASN S 11 -55.86 -76.75 -33.21
C ASN S 11 -54.97 -75.82 -34.02
N TRP S 12 -53.94 -76.40 -34.63
CA TRP S 12 -52.97 -75.64 -35.40
C TRP S 12 -53.58 -75.16 -36.72
N THR S 13 -52.91 -74.20 -37.34
CA THR S 13 -53.23 -73.86 -38.72
C THR S 13 -53.02 -75.07 -39.62
N ASP S 14 -53.87 -75.21 -40.63
CA ASP S 14 -53.67 -76.18 -41.72
C ASP S 14 -53.52 -77.60 -41.18
N TYR S 15 -54.30 -77.93 -40.14
CA TYR S 15 -54.09 -79.17 -39.42
C TYR S 15 -55.38 -79.98 -39.34
N ILE S 16 -56.30 -79.75 -40.28
CA ILE S 16 -57.55 -80.50 -40.37
C ILE S 16 -58.06 -80.39 -41.81
N ALA S 17 -58.82 -81.39 -42.24
CA ALA S 17 -59.46 -81.32 -43.54
C ALA S 17 -60.61 -80.32 -43.50
N PRO S 18 -60.96 -79.70 -44.64
CA PRO S 18 -61.98 -78.64 -44.60
C PRO S 18 -63.34 -79.12 -44.15
N THR S 19 -63.77 -80.30 -44.61
CA THR S 19 -65.09 -80.83 -44.32
C THR S 19 -65.07 -81.86 -43.19
N THR S 20 -64.02 -81.89 -42.37
CA THR S 20 -64.01 -82.77 -41.21
C THR S 20 -65.07 -82.35 -40.20
N LEU S 21 -65.06 -81.06 -39.82
CA LEU S 21 -66.00 -80.58 -38.81
C LEU S 21 -67.43 -80.63 -39.31
N LYS S 22 -67.67 -80.12 -40.52
CA LYS S 22 -69.02 -80.11 -41.08
C LYS S 22 -69.63 -81.51 -41.08
N ASP S 23 -68.87 -82.50 -41.54
CA ASP S 23 -69.35 -83.88 -41.52
C ASP S 23 -69.63 -84.34 -40.10
N PHE S 24 -68.69 -84.11 -39.18
CA PHE S 24 -68.89 -84.45 -37.78
C PHE S 24 -70.26 -84.02 -37.28
N THR S 25 -70.56 -82.73 -37.45
CA THR S 25 -71.75 -82.12 -36.90
C THR S 25 -73.02 -82.81 -37.40
N LYS S 26 -73.10 -83.05 -38.71
CA LYS S 26 -74.27 -83.73 -39.27
C LYS S 26 -74.51 -85.08 -38.59
N GLU S 27 -73.42 -85.83 -38.33
CA GLU S 27 -73.57 -87.13 -37.70
C GLU S 27 -73.96 -87.01 -36.23
N SER S 28 -73.26 -86.15 -35.48
CA SER S 28 -73.37 -86.12 -34.03
C SER S 28 -74.36 -85.09 -33.50
N GLY S 29 -74.65 -84.03 -34.25
CA GLY S 29 -75.50 -82.97 -33.77
C GLY S 29 -74.80 -81.90 -32.97
N ILE S 30 -73.49 -82.02 -32.75
CA ILE S 30 -72.69 -81.06 -32.01
C ILE S 30 -72.24 -79.96 -32.97
N ASP S 31 -72.11 -78.74 -32.48
CA ASP S 31 -71.45 -77.67 -33.22
C ASP S 31 -70.05 -77.43 -32.67
N VAL S 32 -69.20 -76.86 -33.52
CA VAL S 32 -67.75 -76.85 -33.32
C VAL S 32 -67.23 -75.44 -33.57
N SER S 33 -66.75 -74.78 -32.52
CA SER S 33 -66.02 -73.52 -32.65
C SER S 33 -64.54 -73.86 -32.79
N TYR S 34 -64.03 -73.75 -34.01
CA TYR S 34 -62.66 -74.14 -34.34
C TYR S 34 -61.78 -72.91 -34.41
N ASP S 35 -60.90 -72.76 -33.42
CA ASP S 35 -59.90 -71.70 -33.39
C ASP S 35 -58.51 -72.30 -33.62
N VAL S 36 -57.62 -71.50 -34.22
CA VAL S 36 -56.32 -72.00 -34.66
C VAL S 36 -55.19 -71.14 -34.09
N PHE S 37 -53.99 -71.76 -34.05
CA PHE S 37 -52.78 -71.16 -33.51
C PHE S 37 -51.60 -71.74 -34.28
N ASP S 38 -50.40 -71.16 -34.10
CA ASP S 38 -49.32 -71.58 -34.99
C ASP S 38 -48.06 -72.06 -34.27
N SER S 39 -47.79 -71.62 -33.05
CA SER S 39 -46.68 -72.23 -32.34
C SER S 39 -47.22 -72.93 -31.11
N ASN S 40 -46.45 -73.90 -30.62
CA ASN S 40 -46.64 -74.44 -29.26
C ASN S 40 -46.70 -73.34 -28.22
N GLU S 41 -45.79 -72.35 -28.32
CA GLU S 41 -45.71 -71.30 -27.30
C GLU S 41 -47.05 -70.61 -27.10
N THR S 42 -47.72 -70.24 -28.20
CA THR S 42 -49.02 -69.57 -28.10
C THR S 42 -49.97 -70.35 -27.21
N LEU S 43 -50.31 -71.58 -27.63
CA LEU S 43 -51.14 -72.47 -26.82
C LEU S 43 -50.71 -72.49 -25.35
N GLU S 44 -49.43 -72.73 -25.10
CA GLU S 44 -48.95 -72.81 -23.73
C GLU S 44 -49.26 -71.53 -22.96
N GLY S 45 -49.26 -70.39 -23.65
CA GLY S 45 -49.72 -69.15 -23.07
C GLY S 45 -51.19 -69.22 -22.68
N LYS S 46 -52.05 -69.50 -23.67
CA LYS S 46 -53.49 -69.58 -23.43
C LYS S 46 -53.86 -70.58 -22.34
N LEU S 47 -52.98 -71.53 -22.03
CA LEU S 47 -53.25 -72.52 -20.99
C LEU S 47 -52.98 -71.96 -19.59
N VAL S 48 -51.77 -71.44 -19.38
CA VAL S 48 -51.44 -70.83 -18.09
C VAL S 48 -52.24 -69.56 -17.84
N SER S 49 -52.68 -68.87 -18.90
CA SER S 49 -53.65 -67.79 -18.70
C SER S 49 -54.88 -68.26 -17.95
N GLY S 50 -55.11 -69.57 -17.89
CA GLY S 50 -56.07 -70.14 -16.98
C GLY S 50 -57.36 -70.53 -17.64
N HIS S 51 -58.16 -69.53 -18.01
CA HIS S 51 -59.59 -69.74 -18.21
C HIS S 51 -59.94 -69.63 -19.70
N SER S 52 -59.06 -70.11 -20.57
CA SER S 52 -59.34 -70.20 -21.99
C SER S 52 -60.31 -71.36 -22.23
N GLY S 53 -61.58 -71.04 -22.49
CA GLY S 53 -62.63 -72.03 -22.53
C GLY S 53 -62.62 -72.98 -23.71
N TYR S 54 -61.44 -73.39 -24.15
CA TYR S 54 -61.34 -74.41 -25.19
C TYR S 54 -61.58 -75.78 -24.58
N ASP S 55 -62.49 -76.54 -25.18
CA ASP S 55 -62.75 -77.89 -24.71
C ASP S 55 -61.70 -78.88 -25.19
N ILE S 56 -60.91 -78.51 -26.19
CA ILE S 56 -59.85 -79.36 -26.73
C ILE S 56 -58.71 -78.45 -27.17
N VAL S 57 -57.49 -78.77 -26.73
CA VAL S 57 -56.28 -78.13 -27.24
C VAL S 57 -55.33 -79.24 -27.68
N VAL S 58 -54.45 -78.89 -28.62
CA VAL S 58 -53.65 -79.90 -29.32
C VAL S 58 -52.16 -79.64 -29.12
N PRO S 59 -51.57 -79.98 -27.98
CA PRO S 59 -50.15 -79.69 -27.78
C PRO S 59 -49.23 -80.78 -28.29
N SER S 60 -48.01 -80.36 -28.63
CA SER S 60 -46.97 -81.29 -29.00
C SER S 60 -46.54 -82.10 -27.77
N ASN S 61 -45.80 -83.18 -28.03
CA ASN S 61 -45.57 -84.18 -27.00
C ASN S 61 -44.74 -83.64 -25.85
N ASN S 62 -43.67 -82.90 -26.14
CA ASN S 62 -42.80 -82.44 -25.05
C ASN S 62 -43.52 -81.42 -24.20
N PHE S 63 -44.30 -80.53 -24.83
CA PHE S 63 -45.05 -79.50 -24.12
C PHE S 63 -46.16 -80.11 -23.28
N LEU S 64 -46.87 -81.08 -23.83
CA LEU S 64 -47.89 -81.79 -23.06
C LEU S 64 -47.31 -82.32 -21.74
N GLY S 65 -46.08 -82.81 -21.76
CA GLY S 65 -45.50 -83.39 -20.56
C GLY S 65 -45.45 -82.42 -19.40
N LYS S 66 -45.13 -81.15 -19.65
CA LYS S 66 -45.10 -80.20 -18.55
C LYS S 66 -46.50 -79.73 -18.16
N GLN S 67 -47.32 -79.39 -19.15
CA GLN S 67 -48.73 -79.07 -18.93
C GLN S 67 -49.39 -80.15 -18.10
N ILE S 68 -49.06 -81.41 -18.38
CA ILE S 68 -49.55 -82.52 -17.55
C ILE S 68 -49.04 -82.36 -16.12
N GLN S 69 -47.76 -82.00 -15.95
CA GLN S 69 -47.22 -81.78 -14.61
C GLN S 69 -47.88 -80.62 -13.90
N ALA S 70 -48.39 -79.64 -14.65
CA ALA S 70 -49.18 -78.57 -14.06
C ALA S 70 -50.66 -78.92 -13.99
N GLY S 71 -51.05 -80.11 -14.42
CA GLY S 71 -52.44 -80.53 -14.35
C GLY S 71 -53.38 -79.68 -15.15
N ALA S 72 -52.94 -79.18 -16.30
CA ALA S 72 -53.80 -78.34 -17.13
C ALA S 72 -54.96 -79.14 -17.70
N PHE S 73 -54.80 -80.45 -17.82
CA PHE S 73 -55.77 -81.33 -18.44
C PHE S 73 -56.34 -82.28 -17.41
N GLN S 74 -57.56 -82.74 -17.66
CA GLN S 74 -58.19 -83.75 -16.83
C GLN S 74 -57.86 -85.15 -17.38
N LYS S 75 -57.95 -86.15 -16.51
CA LYS S 75 -57.71 -87.52 -16.93
C LYS S 75 -58.76 -87.99 -17.91
N LEU S 76 -58.35 -88.85 -18.83
CA LEU S 76 -59.25 -89.30 -19.89
C LEU S 76 -60.12 -90.44 -19.40
N ASP S 77 -61.42 -90.31 -19.61
CA ASP S 77 -62.38 -91.38 -19.33
C ASP S 77 -62.47 -92.26 -20.57
N LYS S 78 -61.43 -93.09 -20.74
CA LYS S 78 -61.29 -93.95 -21.92
C LYS S 78 -62.45 -94.91 -22.10
N SER S 79 -63.37 -95.02 -21.13
CA SER S 79 -64.62 -95.73 -21.37
C SER S 79 -65.47 -95.02 -22.41
N LYS S 80 -65.21 -93.73 -22.65
CA LYS S 80 -65.97 -92.93 -23.60
C LYS S 80 -65.27 -92.78 -24.94
N LEU S 81 -64.01 -93.22 -25.04
CA LEU S 81 -63.30 -93.31 -26.31
C LEU S 81 -63.25 -94.77 -26.73
N PRO S 82 -64.33 -95.32 -27.29
CA PRO S 82 -64.30 -96.74 -27.65
C PRO S 82 -63.28 -97.04 -28.73
N ASN S 83 -63.20 -96.22 -29.78
CA ASN S 83 -62.26 -96.42 -30.88
C ASN S 83 -60.82 -96.18 -30.44
N TRP S 84 -60.62 -95.99 -29.13
CA TRP S 84 -59.26 -95.92 -28.59
C TRP S 84 -58.45 -97.15 -28.99
N LYS S 85 -59.12 -98.30 -29.17
CA LYS S 85 -58.44 -99.51 -29.61
C LYS S 85 -57.68 -99.31 -30.92
N ASN S 86 -58.23 -98.49 -31.84
CA ASN S 86 -57.65 -98.29 -33.15
C ASN S 86 -56.24 -97.68 -33.10
N LEU S 87 -55.81 -97.20 -31.94
CA LEU S 87 -54.55 -96.51 -31.77
C LEU S 87 -53.36 -97.47 -31.79
N ASP S 88 -52.43 -97.26 -32.72
CA ASP S 88 -51.12 -97.90 -32.79
C ASP S 88 -50.47 -97.96 -31.41
N PRO S 89 -50.38 -99.14 -30.79
CA PRO S 89 -49.81 -99.21 -29.44
C PRO S 89 -48.34 -98.79 -29.37
N ALA S 90 -47.57 -99.08 -30.42
CA ALA S 90 -46.16 -98.68 -30.45
C ALA S 90 -45.98 -97.18 -30.36
N LEU S 91 -47.00 -96.39 -30.70
CA LEU S 91 -46.89 -94.94 -30.65
C LEU S 91 -47.28 -94.44 -29.26
N LEU S 92 -48.51 -94.75 -28.82
CA LEU S 92 -48.91 -94.82 -27.41
C LEU S 92 -47.76 -95.11 -26.45
N LYS S 93 -47.18 -96.32 -26.54
CA LYS S 93 -46.11 -96.69 -25.63
C LYS S 93 -44.93 -95.73 -25.72
N GLN S 94 -44.59 -95.29 -26.93
CA GLN S 94 -43.55 -94.28 -27.09
C GLN S 94 -43.88 -93.01 -26.32
N LEU S 95 -44.97 -92.34 -26.71
CA LEU S 95 -45.47 -91.12 -26.08
C LEU S 95 -45.60 -91.18 -24.56
N GLU S 96 -45.40 -92.36 -23.97
CA GLU S 96 -45.46 -92.47 -22.52
C GLU S 96 -44.38 -91.65 -21.84
N VAL S 97 -43.30 -91.30 -22.57
CA VAL S 97 -42.29 -90.40 -22.05
C VAL S 97 -42.92 -89.13 -21.49
N SER S 98 -43.86 -88.54 -22.25
CA SER S 98 -44.54 -87.33 -21.80
C SER S 98 -45.75 -87.64 -20.93
N ASP S 99 -46.74 -88.36 -21.48
CA ASP S 99 -47.97 -88.72 -20.80
C ASP S 99 -47.88 -90.17 -20.32
N PRO S 100 -47.37 -90.42 -19.12
CA PRO S 100 -47.26 -91.81 -18.65
C PRO S 100 -48.63 -92.43 -18.50
N GLY S 101 -48.74 -93.70 -18.87
CA GLY S 101 -50.02 -94.39 -18.79
C GLY S 101 -51.07 -93.94 -19.78
N ASN S 102 -50.71 -93.08 -20.74
CA ASN S 102 -51.63 -92.55 -21.75
C ASN S 102 -52.90 -92.01 -21.11
N GLN S 103 -52.72 -91.13 -20.12
CA GLN S 103 -53.84 -90.77 -19.27
C GLN S 103 -54.49 -89.44 -19.62
N TYR S 104 -53.77 -88.51 -20.24
CA TYR S 104 -54.31 -87.18 -20.49
C TYR S 104 -54.48 -86.82 -21.96
N ALA S 105 -53.80 -87.50 -22.89
CA ALA S 105 -53.81 -87.06 -24.27
C ALA S 105 -54.06 -88.22 -25.23
N VAL S 106 -54.52 -87.85 -26.42
CA VAL S 106 -54.83 -88.77 -27.50
C VAL S 106 -54.05 -88.31 -28.73
N PRO S 107 -53.29 -89.19 -29.39
CA PRO S 107 -52.54 -88.75 -30.57
C PRO S 107 -53.47 -88.27 -31.68
N TYR S 108 -53.02 -87.25 -32.40
CA TYR S 108 -53.73 -86.74 -33.56
C TYR S 108 -52.91 -87.04 -34.81
N LEU S 109 -51.89 -86.23 -35.04
CA LEU S 109 -50.98 -86.40 -36.17
C LEU S 109 -49.55 -86.35 -35.66
N TRP S 110 -48.60 -86.67 -36.53
CA TRP S 110 -47.20 -86.60 -36.18
C TRP S 110 -46.38 -86.46 -37.45
N GLY S 111 -45.14 -85.99 -37.27
CA GLY S 111 -44.28 -85.77 -38.41
C GLY S 111 -42.93 -85.25 -37.97
N THR S 112 -42.25 -84.57 -38.90
CA THR S 112 -40.90 -84.09 -38.65
C THR S 112 -40.76 -82.67 -39.19
N ASN S 113 -39.73 -81.99 -38.71
CA ASN S 113 -39.36 -80.68 -39.25
C ASN S 113 -38.18 -80.85 -40.19
N GLY S 114 -37.98 -79.86 -41.06
CA GLY S 114 -36.95 -79.97 -42.05
C GLY S 114 -36.95 -78.81 -43.02
N ILE S 115 -36.26 -79.03 -44.13
CA ILE S 115 -35.85 -77.98 -45.06
C ILE S 115 -36.76 -78.06 -46.28
N GLY S 116 -37.84 -77.27 -46.27
CA GLY S 116 -38.66 -77.09 -47.46
C GLY S 116 -38.10 -75.96 -48.32
N TYR S 117 -37.99 -76.22 -49.62
CA TYR S 117 -37.40 -75.24 -50.51
C TYR S 117 -38.02 -75.32 -51.90
N ASN S 118 -37.59 -74.39 -52.75
CA ASN S 118 -38.01 -74.24 -54.14
C ASN S 118 -36.80 -74.59 -55.01
N VAL S 119 -36.80 -75.81 -55.58
CA VAL S 119 -35.63 -76.29 -56.29
C VAL S 119 -35.29 -75.38 -57.47
N ALA S 120 -36.29 -74.72 -58.05
CA ALA S 120 -36.03 -73.83 -59.17
C ALA S 120 -35.17 -72.65 -58.74
N LYS S 121 -35.50 -72.03 -57.62
CA LYS S 121 -34.89 -70.78 -57.19
C LYS S 121 -33.66 -71.07 -56.33
N VAL S 122 -33.76 -72.05 -55.44
CA VAL S 122 -32.59 -72.68 -54.82
C VAL S 122 -31.38 -72.88 -55.73
N LYS S 123 -31.53 -73.60 -56.84
CA LYS S 123 -30.32 -74.01 -57.54
C LYS S 123 -29.78 -72.90 -58.42
N GLU S 124 -30.70 -72.10 -58.96
CA GLU S 124 -30.42 -70.82 -59.59
C GLU S 124 -29.42 -70.01 -58.78
N VAL S 125 -29.33 -70.26 -57.47
CA VAL S 125 -28.43 -69.52 -56.60
C VAL S 125 -27.55 -70.40 -55.70
N LEU S 126 -27.52 -71.71 -55.94
CA LEU S 126 -26.67 -72.56 -55.10
C LEU S 126 -25.94 -73.66 -55.86
N GLY S 127 -26.25 -73.87 -57.13
CA GLY S 127 -25.58 -74.92 -57.87
C GLY S 127 -25.96 -76.31 -57.40
N ASP S 128 -25.57 -77.33 -58.15
CA ASP S 128 -25.89 -78.71 -57.80
C ASP S 128 -25.24 -79.12 -56.49
N GLN S 129 -25.61 -78.45 -55.37
CA GLN S 129 -25.05 -78.90 -54.10
C GLN S 129 -26.07 -79.77 -53.37
N PRO S 130 -25.63 -80.79 -52.62
CA PRO S 130 -26.58 -81.61 -51.87
C PRO S 130 -27.37 -80.83 -50.82
N ILE S 131 -28.62 -80.48 -51.17
CA ILE S 131 -29.55 -79.87 -50.23
C ILE S 131 -29.96 -80.95 -49.24
N ASP S 132 -29.14 -81.19 -48.22
CA ASP S 132 -29.41 -82.33 -47.36
C ASP S 132 -28.73 -82.25 -46.00
N SER S 133 -28.24 -81.09 -45.62
CA SER S 133 -27.69 -80.90 -44.28
C SER S 133 -28.20 -79.58 -43.73
N TRP S 134 -28.46 -79.53 -42.43
CA TRP S 134 -28.94 -78.29 -41.82
C TRP S 134 -28.05 -77.12 -42.18
N ALA S 135 -26.76 -77.37 -42.40
CA ALA S 135 -25.77 -76.39 -42.78
C ALA S 135 -26.15 -75.63 -44.06
N ILE S 136 -27.21 -76.06 -44.74
CA ILE S 136 -27.81 -75.20 -45.77
C ILE S 136 -28.31 -73.93 -45.11
N LEU S 137 -28.94 -74.06 -43.95
CA LEU S 137 -29.57 -72.95 -43.24
C LEU S 137 -28.72 -72.36 -42.13
N PHE S 138 -27.98 -73.20 -41.40
CA PHE S 138 -27.19 -72.75 -40.26
C PHE S 138 -25.75 -72.41 -40.64
N GLU S 139 -25.37 -72.56 -41.91
CA GLU S 139 -24.10 -71.96 -42.25
C GLU S 139 -24.35 -70.60 -42.87
N PRO S 140 -23.62 -69.56 -42.46
CA PRO S 140 -23.83 -68.23 -43.06
C PRO S 140 -23.50 -68.22 -44.53
N GLU S 141 -22.72 -69.21 -44.97
CA GLU S 141 -21.99 -69.17 -46.24
C GLU S 141 -22.89 -69.49 -47.43
N ASN S 142 -23.90 -70.34 -47.22
CA ASN S 142 -24.92 -70.60 -48.22
C ASN S 142 -25.98 -69.51 -48.26
N MET S 143 -26.24 -68.85 -47.14
CA MET S 143 -27.38 -67.95 -47.00
C MET S 143 -27.11 -66.50 -47.36
N LYS S 144 -25.85 -66.05 -47.32
CA LYS S 144 -25.37 -64.94 -48.13
C LYS S 144 -26.25 -64.70 -49.35
N LYS S 145 -26.42 -65.76 -50.15
CA LYS S 145 -27.03 -65.71 -51.46
C LYS S 145 -28.54 -65.96 -51.38
N LEU S 146 -28.94 -67.01 -50.66
CA LEU S 146 -30.34 -67.31 -50.43
C LEU S 146 -31.15 -66.11 -49.96
N ALA S 147 -30.48 -65.07 -49.44
CA ALA S 147 -31.16 -63.95 -48.83
C ALA S 147 -32.09 -63.24 -49.81
N LYS S 148 -31.63 -63.05 -51.07
CA LYS S 148 -32.48 -62.39 -52.06
C LYS S 148 -33.70 -63.22 -52.38
N CYS S 149 -33.55 -64.54 -52.44
CA CYS S 149 -34.67 -65.39 -52.77
C CYS S 149 -35.73 -65.39 -51.67
N GLY S 150 -35.36 -65.01 -50.44
CA GLY S 150 -36.29 -65.12 -49.32
C GLY S 150 -36.13 -66.42 -48.56
N VAL S 151 -35.78 -66.32 -47.27
CA VAL S 151 -35.63 -67.47 -46.39
C VAL S 151 -36.58 -67.27 -45.21
N ALA S 152 -36.78 -68.33 -44.41
CA ALA S 152 -37.73 -68.24 -43.31
C ALA S 152 -37.44 -69.27 -42.24
N PHE S 153 -37.12 -68.81 -41.03
CA PHE S 153 -37.00 -69.65 -39.85
C PHE S 153 -38.30 -69.72 -39.06
N MET S 154 -38.37 -70.72 -38.19
CA MET S 154 -39.50 -70.89 -37.28
C MET S 154 -39.38 -69.93 -36.11
N ASP S 155 -40.40 -69.10 -35.92
CA ASP S 155 -40.47 -68.27 -34.73
C ASP S 155 -40.76 -69.15 -33.51
N SER S 156 -39.71 -69.69 -32.90
CA SER S 156 -39.81 -70.59 -31.74
C SER S 156 -38.42 -71.05 -31.32
N GLY S 157 -38.01 -70.70 -30.09
CA GLY S 157 -36.76 -71.22 -29.56
C GLY S 157 -36.75 -72.73 -29.37
N ASP S 158 -37.89 -73.38 -29.52
CA ASP S 158 -38.01 -74.83 -29.39
C ASP S 158 -37.86 -75.55 -30.72
N GLU S 159 -37.94 -74.83 -31.82
CA GLU S 159 -37.65 -75.38 -33.14
C GLU S 159 -36.20 -75.14 -33.54
N MET S 160 -35.67 -73.97 -33.20
CA MET S 160 -34.36 -73.56 -33.69
C MET S 160 -33.23 -74.08 -32.81
N LEU S 161 -33.15 -73.59 -31.58
CA LEU S 161 -32.03 -73.94 -30.71
C LEU S 161 -31.82 -75.46 -30.62
N PRO S 162 -32.86 -76.31 -30.53
CA PRO S 162 -32.61 -77.75 -30.60
C PRO S 162 -32.08 -78.22 -31.95
N ALA S 163 -32.54 -77.64 -33.06
CA ALA S 163 -32.02 -78.04 -34.36
C ALA S 163 -30.52 -77.74 -34.47
N ALA S 164 -30.10 -76.56 -34.01
CA ALA S 164 -28.70 -76.18 -34.11
C ALA S 164 -27.80 -77.11 -33.31
N LEU S 165 -28.30 -77.61 -32.17
CA LEU S 165 -27.52 -78.54 -31.38
C LEU S 165 -27.28 -79.84 -32.12
N ASN S 166 -28.21 -80.26 -32.97
CA ASN S 166 -28.05 -81.55 -33.59
C ASN S 166 -27.27 -81.44 -34.91
N TYR S 167 -27.39 -80.31 -35.63
CA TYR S 167 -26.46 -80.08 -36.73
C TYR S 167 -25.03 -80.05 -36.22
N LEU S 168 -24.80 -79.38 -35.09
CA LEU S 168 -23.43 -79.32 -34.58
C LEU S 168 -23.04 -80.58 -33.79
N GLY S 169 -23.63 -81.72 -34.15
CA GLY S 169 -23.30 -82.99 -33.53
C GLY S 169 -23.37 -82.98 -32.02
N LEU S 170 -24.28 -82.20 -31.46
CA LEU S 170 -24.47 -82.15 -30.01
C LEU S 170 -25.77 -82.86 -29.63
N ASP S 171 -26.28 -82.52 -28.44
CA ASP S 171 -27.54 -83.02 -27.93
C ASP S 171 -28.57 -81.90 -27.98
N PRO S 172 -29.62 -82.01 -28.79
CA PRO S 172 -30.65 -80.95 -28.78
C PRO S 172 -31.40 -80.83 -27.46
N ASN S 173 -31.62 -81.93 -26.75
CA ASN S 173 -32.22 -81.89 -25.42
C ASN S 173 -31.13 -81.84 -24.35
N THR S 174 -30.32 -80.78 -24.38
CA THR S 174 -29.28 -80.66 -23.37
C THR S 174 -29.63 -79.63 -22.31
N HIS S 175 -29.05 -79.85 -21.14
CA HIS S 175 -29.23 -78.99 -19.99
C HIS S 175 -28.07 -78.05 -19.78
N ASP S 176 -26.94 -78.31 -20.43
CA ASP S 176 -25.74 -77.52 -20.23
C ASP S 176 -25.93 -76.11 -20.79
N PRO S 177 -25.98 -75.09 -19.94
CA PRO S 177 -26.30 -73.74 -20.43
C PRO S 177 -25.34 -73.24 -21.47
N LYS S 178 -24.07 -73.61 -21.40
CA LYS S 178 -23.13 -73.38 -22.50
C LYS S 178 -23.64 -74.05 -23.77
N ASP S 179 -23.56 -75.38 -23.85
CA ASP S 179 -23.98 -76.17 -25.02
C ASP S 179 -24.95 -75.44 -25.95
N TYR S 180 -25.88 -74.66 -25.39
CA TYR S 180 -26.66 -73.71 -26.19
C TYR S 180 -25.83 -72.50 -26.65
N LYS S 181 -24.49 -72.64 -26.81
CA LYS S 181 -23.56 -71.50 -26.86
C LYS S 181 -23.20 -71.08 -28.28
N LYS S 182 -22.80 -72.03 -29.13
CA LYS S 182 -22.70 -71.68 -30.53
C LYS S 182 -23.99 -72.07 -31.16
N ALA S 183 -24.77 -72.85 -30.41
CA ALA S 183 -26.20 -72.91 -30.62
C ALA S 183 -26.58 -71.47 -30.82
N GLU S 184 -26.36 -70.63 -29.80
CA GLU S 184 -26.42 -69.18 -30.01
C GLU S 184 -25.85 -68.82 -31.36
N GLU S 185 -24.52 -68.66 -31.41
CA GLU S 185 -23.95 -67.85 -32.48
C GLU S 185 -24.13 -68.47 -33.86
N VAL S 186 -24.14 -69.79 -33.97
CA VAL S 186 -24.51 -70.39 -35.26
C VAL S 186 -25.81 -69.80 -35.77
N LEU S 187 -26.87 -69.93 -34.97
CA LEU S 187 -28.16 -69.35 -35.29
C LEU S 187 -28.05 -67.83 -35.36
N THR S 188 -27.54 -67.22 -34.28
CA THR S 188 -27.47 -65.76 -34.24
C THR S 188 -26.58 -65.19 -35.33
N LYS S 189 -25.65 -65.96 -35.89
CA LYS S 189 -24.82 -65.42 -36.99
C LYS S 189 -25.43 -65.62 -38.37
N VAL S 190 -26.27 -66.64 -38.59
CA VAL S 190 -26.92 -66.68 -39.90
C VAL S 190 -28.07 -65.68 -39.95
N ARG S 191 -28.46 -65.12 -38.79
CA ARG S 191 -29.65 -64.28 -38.68
C ARG S 191 -29.68 -63.00 -39.52
N PRO S 192 -28.54 -62.36 -39.86
CA PRO S 192 -28.64 -61.23 -40.81
C PRO S 192 -29.55 -61.52 -42.00
N TYR S 193 -29.56 -62.76 -42.50
CA TYR S 193 -30.25 -63.12 -43.74
C TYR S 193 -31.47 -63.95 -43.37
N VAL S 194 -32.53 -63.32 -42.87
CA VAL S 194 -33.75 -64.06 -42.56
C VAL S 194 -34.97 -63.21 -42.87
N SER S 195 -35.58 -63.40 -44.06
CA SER S 195 -36.66 -62.53 -44.53
C SER S 195 -37.80 -62.38 -43.52
N TYR S 196 -37.85 -63.29 -42.53
CA TYR S 196 -38.62 -63.14 -41.30
C TYR S 196 -38.52 -64.39 -40.44
N PHE S 197 -39.04 -64.32 -39.22
CA PHE S 197 -39.24 -65.48 -38.36
C PHE S 197 -40.73 -65.80 -38.30
N HIS S 198 -41.10 -67.05 -38.54
CA HIS S 198 -42.51 -67.42 -38.49
C HIS S 198 -42.65 -68.93 -38.50
N SER S 199 -43.79 -69.42 -38.00
CA SER S 199 -44.08 -70.85 -37.96
C SER S 199 -45.31 -71.24 -38.76
N SER S 200 -45.90 -70.32 -39.53
CA SER S 200 -47.10 -70.67 -40.30
C SER S 200 -47.18 -69.95 -41.64
N LYS S 201 -46.64 -68.72 -41.71
CA LYS S 201 -46.84 -67.91 -42.91
C LYS S 201 -46.14 -68.50 -44.13
N TYR S 202 -45.08 -69.29 -43.92
CA TYR S 202 -44.24 -69.69 -45.05
C TYR S 202 -44.95 -70.64 -46.01
N ILE S 203 -46.03 -71.31 -45.58
CA ILE S 203 -46.73 -72.23 -46.47
C ILE S 203 -47.22 -71.49 -47.71
N SER S 204 -47.87 -70.35 -47.52
CA SER S 204 -48.34 -69.56 -48.65
C SER S 204 -47.21 -68.83 -49.35
N ASP S 205 -46.14 -68.50 -48.64
CA ASP S 205 -44.99 -67.88 -49.30
C ASP S 205 -44.25 -68.86 -50.20
N LEU S 206 -44.05 -70.09 -49.73
CA LEU S 206 -43.37 -71.07 -50.56
C LEU S 206 -44.16 -71.35 -51.84
N ALA S 207 -45.49 -71.44 -51.73
CA ALA S 207 -46.34 -71.69 -52.89
C ALA S 207 -46.27 -70.53 -53.89
N ASN S 208 -46.37 -69.29 -53.40
CA ASN S 208 -46.29 -68.12 -54.29
C ASN S 208 -44.87 -67.74 -54.68
N GLY S 209 -43.87 -68.54 -54.30
CA GLY S 209 -42.50 -68.23 -54.64
C GLY S 209 -41.97 -67.00 -53.93
N ASN S 210 -42.82 -66.36 -53.11
CA ASN S 210 -42.42 -65.17 -52.39
C ASN S 210 -41.15 -65.39 -51.59
N ILE S 211 -40.89 -66.62 -51.17
CA ILE S 211 -39.62 -67.02 -50.58
C ILE S 211 -39.24 -68.37 -51.19
N CYS S 212 -37.94 -68.65 -51.21
CA CYS S 212 -37.46 -69.87 -51.87
C CYS S 212 -37.22 -71.01 -50.90
N VAL S 213 -36.93 -70.71 -49.64
CA VAL S 213 -36.53 -71.71 -48.64
C VAL S 213 -37.22 -71.37 -47.33
N ALA S 214 -37.46 -72.40 -46.51
CA ALA S 214 -37.96 -72.17 -45.17
C ALA S 214 -37.67 -73.37 -44.29
N PHE S 215 -37.34 -73.09 -43.02
CA PHE S 215 -37.45 -74.12 -41.98
C PHE S 215 -38.91 -74.46 -41.81
N GLY S 216 -39.30 -75.67 -42.21
CA GLY S 216 -40.70 -76.06 -42.23
C GLY S 216 -40.98 -77.32 -41.43
N TYR S 217 -42.27 -77.53 -41.18
CA TYR S 217 -42.78 -78.82 -40.73
C TYR S 217 -43.07 -79.71 -41.93
N SER S 218 -42.99 -81.03 -41.70
CA SER S 218 -43.11 -82.00 -42.79
C SER S 218 -44.34 -81.76 -43.66
N GLY S 219 -45.54 -81.91 -43.11
CA GLY S 219 -46.74 -81.79 -43.91
C GLY S 219 -46.93 -80.39 -44.47
N ASP S 220 -46.58 -79.36 -43.69
CA ASP S 220 -46.63 -77.97 -44.15
C ASP S 220 -46.02 -77.82 -45.54
N VAL S 221 -44.83 -78.37 -45.74
CA VAL S 221 -44.14 -78.24 -47.01
C VAL S 221 -44.91 -78.94 -48.11
N PHE S 222 -45.14 -80.23 -47.95
CA PHE S 222 -46.04 -81.02 -48.80
C PHE S 222 -47.33 -80.30 -49.16
N GLN S 223 -47.91 -79.57 -48.20
CA GLN S 223 -49.04 -78.69 -48.54
C GLN S 223 -48.63 -77.65 -49.58
N ALA S 224 -47.53 -76.93 -49.33
CA ALA S 224 -47.07 -75.92 -50.27
C ALA S 224 -46.82 -76.52 -51.65
N ALA S 225 -46.21 -77.70 -51.71
CA ALA S 225 -45.97 -78.41 -52.96
C ALA S 225 -47.25 -78.49 -53.78
N ALA S 226 -48.26 -79.19 -53.26
CA ALA S 226 -49.53 -79.32 -53.97
C ALA S 226 -50.26 -77.99 -54.09
N ARG S 227 -49.90 -77.00 -53.27
CA ARG S 227 -50.45 -75.66 -53.45
C ARG S 227 -49.91 -75.00 -54.71
N ALA S 228 -48.62 -75.19 -54.98
CA ALA S 228 -48.02 -74.66 -56.20
C ALA S 228 -48.57 -75.37 -57.43
N GLU S 229 -48.55 -76.71 -57.40
CA GLU S 229 -49.08 -77.50 -58.51
C GLU S 229 -50.44 -77.01 -58.95
N GLU S 230 -51.34 -76.75 -57.99
CA GLU S 230 -52.68 -76.32 -58.33
C GLU S 230 -52.71 -74.86 -58.76
N ALA S 231 -51.81 -74.04 -58.23
CA ALA S 231 -51.63 -72.72 -58.79
C ALA S 231 -51.32 -72.81 -60.27
N GLY S 232 -50.39 -73.68 -60.64
CA GLY S 232 -50.06 -73.94 -62.02
C GLY S 232 -48.93 -73.12 -62.59
N LYS S 233 -48.11 -72.49 -61.75
CA LYS S 233 -47.03 -71.65 -62.22
C LYS S 233 -45.68 -72.36 -62.19
N GLY S 234 -45.67 -73.68 -61.96
CA GLY S 234 -44.48 -74.50 -62.10
C GLY S 234 -43.54 -74.52 -60.92
N ILE S 235 -43.98 -74.08 -59.75
CA ILE S 235 -43.08 -73.94 -58.61
C ILE S 235 -42.87 -75.31 -57.98
N ASP S 236 -41.63 -75.79 -58.02
CA ASP S 236 -41.30 -77.16 -57.67
C ASP S 236 -40.73 -77.13 -56.26
N ILE S 237 -41.58 -77.44 -55.27
CA ILE S 237 -41.28 -77.38 -53.85
C ILE S 237 -41.03 -78.79 -53.35
N GLN S 238 -40.00 -78.96 -52.52
CA GLN S 238 -39.69 -80.29 -51.97
C GLN S 238 -39.34 -80.15 -50.49
N TYR S 239 -39.17 -81.30 -49.82
CA TYR S 239 -38.96 -81.32 -48.38
C TYR S 239 -37.84 -82.31 -48.05
N VAL S 240 -36.94 -81.89 -47.16
CA VAL S 240 -35.69 -82.60 -46.91
C VAL S 240 -35.50 -82.83 -45.42
N ILE S 241 -35.16 -84.05 -45.04
CA ILE S 241 -34.67 -84.36 -43.70
C ILE S 241 -33.15 -84.42 -43.77
N PRO S 242 -32.42 -83.54 -43.08
CA PRO S 242 -30.99 -83.37 -43.33
C PRO S 242 -30.16 -84.60 -42.97
N LYS S 243 -28.88 -84.51 -43.36
CA LYS S 243 -27.91 -85.58 -43.11
C LYS S 243 -27.79 -85.89 -41.62
N GLU S 244 -27.75 -84.85 -40.79
CA GLU S 244 -27.53 -85.03 -39.36
C GLU S 244 -28.78 -85.51 -38.63
N GLY S 245 -29.95 -85.24 -39.17
CA GLY S 245 -31.21 -85.59 -38.55
C GLY S 245 -32.09 -84.37 -38.34
N ALA S 246 -33.24 -84.63 -37.72
CA ALA S 246 -34.23 -83.59 -37.48
C ALA S 246 -35.11 -84.01 -36.31
N ASN S 247 -36.14 -83.22 -36.02
CA ASN S 247 -37.02 -83.47 -34.90
C ASN S 247 -38.17 -84.37 -35.30
N LEU S 248 -38.48 -85.36 -34.47
CA LEU S 248 -39.67 -86.18 -34.60
C LEU S 248 -40.62 -85.80 -33.48
N TRP S 249 -41.85 -85.41 -33.83
CA TRP S 249 -42.81 -84.92 -32.85
C TRP S 249 -44.16 -85.57 -33.07
N PHE S 250 -45.04 -85.39 -32.09
CA PHE S 250 -46.38 -85.98 -32.10
C PHE S 250 -47.33 -84.97 -31.49
N ASP S 251 -48.39 -84.62 -32.21
CA ASP S 251 -49.39 -83.72 -31.66
C ASP S 251 -50.56 -84.52 -31.08
N LEU S 252 -50.92 -84.19 -29.86
CA LEU S 252 -51.93 -84.93 -29.12
C LEU S 252 -53.07 -84.00 -28.72
N MET S 253 -54.25 -84.56 -28.57
CA MET S 253 -55.41 -83.81 -28.11
C MET S 253 -55.61 -84.08 -26.63
N ALA S 254 -55.95 -83.02 -25.89
CA ALA S 254 -56.21 -83.15 -24.46
C ALA S 254 -57.38 -82.24 -24.09
N ILE S 255 -58.04 -82.58 -22.98
CA ILE S 255 -59.22 -81.86 -22.53
C ILE S 255 -58.84 -81.08 -21.27
N PRO S 256 -58.83 -79.75 -21.31
CA PRO S 256 -58.33 -78.98 -20.17
C PRO S 256 -59.14 -79.23 -18.91
N ALA S 257 -58.60 -78.76 -17.79
CA ALA S 257 -59.22 -78.97 -16.49
C ALA S 257 -60.63 -78.41 -16.46
N ASP S 258 -60.75 -77.09 -16.54
CA ASP S 258 -62.03 -76.39 -16.53
C ASP S 258 -62.83 -76.57 -17.82
N ALA S 259 -62.59 -77.65 -18.54
CA ALA S 259 -63.33 -77.89 -19.77
C ALA S 259 -64.78 -78.25 -19.45
N LYS S 260 -65.70 -77.44 -19.95
CA LYS S 260 -67.12 -77.65 -19.68
C LYS S 260 -67.68 -78.78 -20.54
N ALA S 261 -67.59 -78.63 -21.87
CA ALA S 261 -68.24 -79.55 -22.80
C ALA S 261 -67.50 -80.86 -22.97
N ALA S 262 -66.78 -81.30 -21.94
CA ALA S 262 -65.87 -82.45 -22.06
C ALA S 262 -66.55 -83.67 -22.67
N ASP S 263 -67.78 -83.97 -22.23
CA ASP S 263 -68.53 -85.08 -22.83
C ASP S 263 -68.65 -84.93 -24.34
N ASN S 264 -68.50 -83.72 -24.88
CA ASN S 264 -68.48 -83.58 -26.33
C ASN S 264 -67.06 -83.71 -26.88
N ALA S 265 -66.08 -83.16 -26.16
CA ALA S 265 -64.68 -83.34 -26.55
C ALA S 265 -64.35 -84.80 -26.75
N TYR S 266 -64.95 -85.68 -25.94
CA TYR S 266 -64.83 -87.12 -26.15
C TYR S 266 -65.51 -87.54 -27.46
N ALA S 267 -66.68 -86.96 -27.76
CA ALA S 267 -67.39 -87.34 -28.97
C ALA S 267 -66.58 -87.01 -30.21
N PHE S 268 -66.02 -85.80 -30.28
CA PHE S 268 -65.18 -85.42 -31.40
C PHE S 268 -63.94 -86.31 -31.49
N ILE S 269 -63.26 -86.52 -30.35
CA ILE S 269 -62.04 -87.32 -30.37
C ILE S 269 -62.33 -88.74 -30.85
N ASP S 270 -63.38 -89.37 -30.31
CA ASP S 270 -63.72 -90.72 -30.75
C ASP S 270 -63.98 -90.75 -32.26
N TYR S 271 -64.63 -89.72 -32.78
CA TYR S 271 -64.85 -89.59 -34.22
C TYR S 271 -63.53 -89.63 -34.98
N LEU S 272 -62.61 -88.70 -34.67
CA LEU S 272 -61.28 -88.65 -35.30
C LEU S 272 -60.41 -89.86 -34.99
N LEU S 273 -60.88 -90.86 -34.25
CA LEU S 273 -60.18 -92.13 -34.11
C LEU S 273 -60.64 -93.18 -35.10
N ARG S 274 -61.62 -92.88 -35.90
CA ARG S 274 -62.07 -93.86 -36.87
C ARG S 274 -61.20 -93.75 -38.12
N PRO S 275 -60.92 -94.88 -38.78
CA PRO S 275 -59.98 -94.86 -39.92
C PRO S 275 -60.52 -94.02 -41.07
N GLU S 276 -61.75 -94.35 -41.51
CA GLU S 276 -62.61 -93.51 -42.34
C GLU S 276 -62.32 -92.03 -42.23
N VAL S 277 -62.17 -91.54 -41.00
CA VAL S 277 -62.10 -90.11 -40.76
C VAL S 277 -60.68 -89.57 -40.85
N ILE S 278 -59.76 -90.10 -40.04
CA ILE S 278 -58.44 -89.49 -39.97
C ILE S 278 -57.70 -89.65 -41.30
N ALA S 279 -58.02 -90.69 -42.06
CA ALA S 279 -57.51 -90.80 -43.43
C ALA S 279 -57.89 -89.55 -44.22
N LYS S 280 -59.19 -89.22 -44.21
CA LYS S 280 -59.65 -88.00 -44.86
C LYS S 280 -58.92 -86.76 -44.34
N VAL S 281 -58.53 -86.77 -43.06
CA VAL S 281 -57.73 -85.67 -42.53
C VAL S 281 -56.32 -85.71 -43.10
N SER S 282 -55.64 -86.86 -42.98
CA SER S 282 -54.26 -86.96 -43.44
C SER S 282 -54.14 -86.70 -44.93
N ASP S 283 -55.10 -87.18 -45.73
CA ASP S 283 -55.07 -86.94 -47.17
C ASP S 283 -54.96 -85.46 -47.49
N TYR S 284 -55.57 -84.60 -46.68
CA TYR S 284 -55.60 -83.17 -46.93
C TYR S 284 -54.36 -82.46 -46.40
N VAL S 285 -54.12 -82.55 -45.09
CA VAL S 285 -53.01 -81.81 -44.48
C VAL S 285 -51.67 -82.48 -44.67
N GLY S 286 -51.64 -83.74 -45.09
CA GLY S 286 -50.41 -84.40 -45.47
C GLY S 286 -49.48 -84.77 -44.33
N TYR S 287 -50.01 -84.99 -43.13
CA TYR S 287 -49.26 -85.54 -42.02
C TYR S 287 -49.73 -86.97 -41.72
N ALA S 288 -48.80 -87.79 -41.24
CA ALA S 288 -49.17 -89.13 -40.80
C ALA S 288 -50.07 -89.06 -39.58
N ASN S 289 -50.85 -90.11 -39.38
CA ASN S 289 -51.72 -90.22 -38.21
C ASN S 289 -51.18 -91.33 -37.31
N ALA S 290 -51.93 -91.62 -36.24
CA ALA S 290 -51.61 -92.69 -35.32
C ALA S 290 -52.56 -93.87 -35.45
N ILE S 291 -53.36 -93.92 -36.51
CA ILE S 291 -54.29 -95.02 -36.73
C ILE S 291 -53.80 -95.89 -37.87
N PRO S 292 -53.25 -97.08 -37.59
CA PRO S 292 -52.76 -97.93 -38.69
C PRO S 292 -53.84 -98.36 -39.66
N GLY S 293 -55.03 -98.69 -39.15
CA GLY S 293 -56.13 -99.11 -40.03
C GLY S 293 -56.54 -98.09 -41.06
N ALA S 294 -56.13 -96.82 -40.90
CA ALA S 294 -56.48 -95.76 -41.84
C ALA S 294 -55.55 -95.72 -43.04
N ARG S 295 -54.26 -95.97 -42.82
CA ARG S 295 -53.27 -95.92 -43.88
C ARG S 295 -53.64 -96.69 -45.15
N PRO S 296 -54.22 -97.93 -45.09
CA PRO S 296 -54.66 -98.57 -46.34
C PRO S 296 -55.81 -97.86 -47.04
N LEU S 297 -56.31 -96.79 -46.42
CA LEU S 297 -57.41 -96.02 -46.97
C LEU S 297 -57.00 -94.64 -47.47
N MET S 298 -55.81 -94.17 -47.13
CA MET S 298 -55.39 -92.82 -47.48
C MET S 298 -54.96 -92.74 -48.94
N ASP S 299 -55.01 -91.53 -49.49
CA ASP S 299 -54.39 -91.28 -50.79
C ASP S 299 -52.94 -91.75 -50.76
N LYS S 300 -52.52 -92.37 -51.88
CA LYS S 300 -51.22 -93.02 -51.93
C LYS S 300 -50.08 -92.01 -51.73
N SER S 301 -50.23 -90.78 -52.27
CA SER S 301 -49.18 -89.77 -52.11
C SER S 301 -48.74 -89.62 -50.66
N VAL S 302 -49.69 -89.76 -49.74
CA VAL S 302 -49.42 -89.52 -48.34
C VAL S 302 -49.07 -90.81 -47.61
N SER S 303 -49.79 -91.89 -47.91
CA SER S 303 -49.57 -93.15 -47.21
C SER S 303 -48.29 -93.85 -47.64
N ASP S 304 -47.71 -93.49 -48.78
CA ASP S 304 -46.52 -94.16 -49.29
C ASP S 304 -45.29 -93.26 -49.33
N SER S 305 -45.38 -92.01 -48.90
CA SER S 305 -44.24 -91.11 -48.95
C SER S 305 -43.29 -91.39 -47.80
N GLU S 306 -42.06 -91.77 -48.10
CA GLU S 306 -41.05 -92.03 -47.08
C GLU S 306 -40.73 -90.82 -46.22
N GLU S 307 -41.31 -89.65 -46.50
CA GLU S 307 -41.17 -88.50 -45.62
C GLU S 307 -42.47 -88.11 -44.91
N VAL S 308 -43.60 -88.73 -45.28
CA VAL S 308 -44.80 -88.65 -44.45
C VAL S 308 -44.78 -89.71 -43.36
N TYR S 309 -44.60 -90.98 -43.74
CA TYR S 309 -44.34 -92.09 -42.82
C TYR S 309 -42.89 -92.52 -43.02
N PRO S 310 -41.93 -91.92 -42.32
CA PRO S 310 -40.51 -92.27 -42.54
C PRO S 310 -40.23 -93.72 -42.20
N PRO S 311 -39.21 -94.32 -42.82
CA PRO S 311 -38.85 -95.70 -42.47
C PRO S 311 -37.92 -95.73 -41.27
N GLN S 312 -38.01 -96.84 -40.51
CA GLN S 312 -37.31 -97.01 -39.25
C GLN S 312 -35.85 -96.58 -39.26
N ALA S 313 -35.18 -96.77 -40.39
CA ALA S 313 -33.79 -96.33 -40.51
C ALA S 313 -33.66 -94.84 -40.26
N VAL S 314 -34.59 -94.05 -40.79
CA VAL S 314 -34.53 -92.61 -40.63
C VAL S 314 -35.08 -92.14 -39.28
N LEU S 315 -35.92 -92.95 -38.62
CA LEU S 315 -36.43 -92.61 -37.29
C LEU S 315 -35.32 -92.59 -36.26
N ASP S 316 -34.25 -93.34 -36.48
CA ASP S 316 -33.15 -93.42 -35.54
C ASP S 316 -32.16 -92.29 -35.69
N LYS S 317 -32.08 -91.69 -36.89
CA LYS S 317 -31.31 -90.49 -37.15
C LYS S 317 -32.00 -89.21 -36.64
N LEU S 318 -32.98 -89.31 -35.75
CA LEU S 318 -33.78 -88.17 -35.35
C LEU S 318 -33.75 -87.96 -33.85
N TYR S 319 -34.11 -86.76 -33.43
CA TYR S 319 -34.21 -86.40 -32.03
C TYR S 319 -35.65 -86.12 -31.68
N VAL S 320 -36.12 -86.66 -30.56
CA VAL S 320 -37.46 -86.43 -30.05
C VAL S 320 -37.34 -85.51 -28.85
N SER S 321 -37.80 -84.27 -28.99
CA SER S 321 -37.71 -83.29 -27.92
C SER S 321 -38.27 -83.84 -26.62
N ALA S 322 -37.50 -83.67 -25.54
CA ALA S 322 -37.86 -84.20 -24.24
C ALA S 322 -38.29 -83.08 -23.30
N VAL S 323 -38.87 -83.48 -22.17
CA VAL S 323 -39.54 -82.55 -21.26
C VAL S 323 -38.45 -81.98 -20.35
N LEU S 324 -38.02 -80.74 -20.65
CA LEU S 324 -36.84 -80.13 -20.06
C LEU S 324 -37.14 -79.51 -18.69
N PRO S 325 -36.14 -79.47 -17.82
CA PRO S 325 -36.29 -78.69 -16.58
C PRO S 325 -36.53 -77.22 -16.88
N ALA S 326 -37.27 -76.56 -15.98
CA ALA S 326 -37.72 -75.19 -16.23
C ALA S 326 -36.54 -74.24 -16.42
N LYS S 327 -35.50 -74.39 -15.59
CA LYS S 327 -34.25 -73.64 -15.70
C LYS S 327 -33.81 -73.54 -17.15
N VAL S 328 -33.83 -74.68 -17.85
CA VAL S 328 -33.38 -74.75 -19.22
C VAL S 328 -34.35 -74.03 -20.16
N LEU S 329 -35.65 -74.13 -19.88
CA LEU S 329 -36.69 -73.60 -20.77
C LEU S 329 -36.80 -72.08 -20.73
N ARG S 330 -36.28 -71.43 -19.69
CA ARG S 330 -36.21 -69.97 -19.71
C ARG S 330 -34.97 -69.52 -20.47
N LEU S 331 -33.81 -70.03 -20.06
CA LEU S 331 -32.58 -70.00 -20.84
C LEU S 331 -32.83 -70.12 -22.33
N GLN S 332 -33.72 -71.06 -22.69
CA GLN S 332 -34.08 -71.24 -24.09
C GLN S 332 -34.88 -70.07 -24.64
N THR S 333 -35.71 -69.44 -23.80
CA THR S 333 -36.57 -68.35 -24.29
C THR S 333 -35.83 -67.02 -24.29
N ARG S 334 -35.04 -66.73 -23.25
CA ARG S 334 -34.09 -65.63 -23.31
C ARG S 334 -33.31 -65.62 -24.61
N THR S 335 -32.69 -66.76 -24.92
CA THR S 335 -31.80 -66.86 -26.08
C THR S 335 -32.52 -66.49 -27.37
N TRP S 336 -33.67 -67.12 -27.60
CA TRP S 336 -34.44 -66.86 -28.81
C TRP S 336 -34.90 -65.41 -28.91
N THR S 337 -35.09 -64.75 -27.76
CA THR S 337 -35.51 -63.36 -27.74
C THR S 337 -34.34 -62.40 -27.88
N ARG S 338 -33.12 -62.86 -27.57
CA ARG S 338 -31.92 -62.09 -27.86
C ARG S 338 -31.67 -62.02 -29.36
N ILE S 339 -31.79 -63.17 -30.04
CA ILE S 339 -31.77 -63.20 -31.50
C ILE S 339 -32.89 -62.32 -32.03
N LYS S 340 -33.98 -62.20 -31.28
CA LYS S 340 -34.88 -61.06 -31.40
C LYS S 340 -35.54 -60.91 -32.77
N GLN T 3 -59.95 -118.83 -46.41
CA GLN T 3 -58.91 -117.91 -45.97
C GLN T 3 -58.89 -116.69 -46.90
N VAL T 4 -57.92 -115.78 -46.78
CA VAL T 4 -57.90 -114.64 -47.66
C VAL T 4 -57.60 -115.10 -49.08
N GLN T 5 -58.42 -114.62 -50.02
CA GLN T 5 -58.32 -114.89 -51.45
C GLN T 5 -59.37 -114.06 -52.19
N LEU T 6 -59.07 -113.70 -53.43
CA LEU T 6 -60.05 -113.10 -54.31
C LEU T 6 -60.32 -114.05 -55.47
N VAL T 7 -61.56 -114.03 -55.95
CA VAL T 7 -61.95 -114.84 -57.10
C VAL T 7 -62.52 -113.90 -58.15
N GLU T 8 -62.13 -114.13 -59.39
CA GLU T 8 -62.52 -113.27 -60.48
C GLU T 8 -63.58 -113.99 -61.31
N THR T 9 -64.06 -113.33 -62.35
CA THR T 9 -65.22 -113.83 -63.07
C THR T 9 -64.80 -114.78 -64.19
N GLY T 10 -65.79 -115.26 -64.94
CA GLY T 10 -65.50 -116.09 -66.07
C GLY T 10 -64.69 -115.33 -67.10
N ASP T 11 -63.72 -116.03 -67.70
CA ASP T 11 -62.98 -115.52 -68.83
C ASP T 11 -63.96 -115.02 -69.88
N GLU T 12 -63.61 -113.97 -70.61
CA GLU T 12 -64.62 -113.43 -71.51
C GLU T 12 -63.99 -113.00 -72.84
N VAL T 13 -64.87 -112.57 -73.75
CA VAL T 13 -64.49 -112.35 -75.15
C VAL T 13 -65.51 -111.42 -75.81
N LYS T 14 -65.04 -110.26 -76.27
CA LYS T 14 -65.92 -109.21 -76.76
C LYS T 14 -65.28 -108.60 -78.01
N THR T 15 -66.12 -107.82 -78.80
CA THR T 15 -66.00 -107.10 -80.08
C THR T 15 -65.70 -105.63 -79.84
N PRO T 16 -64.76 -105.08 -80.61
CA PRO T 16 -64.28 -103.73 -80.43
C PRO T 16 -65.45 -102.76 -80.36
N GLY T 17 -65.37 -101.76 -79.49
CA GLY T 17 -66.45 -100.77 -79.37
C GLY T 17 -67.42 -101.13 -78.26
N ALA T 18 -67.28 -102.30 -77.68
CA ALA T 18 -68.22 -102.72 -76.62
C ALA T 18 -67.64 -102.37 -75.25
N SER T 19 -67.61 -103.33 -74.33
CA SER T 19 -67.56 -103.04 -72.88
C SER T 19 -67.45 -104.35 -72.13
N VAL T 20 -66.60 -104.43 -71.11
CA VAL T 20 -66.49 -105.71 -70.37
C VAL T 20 -66.59 -105.40 -68.88
N LYS T 21 -67.28 -106.23 -68.11
CA LYS T 21 -67.49 -105.96 -66.69
C LYS T 21 -67.01 -107.15 -65.87
N VAL T 22 -65.81 -107.03 -65.32
CA VAL T 22 -65.22 -108.06 -64.48
C VAL T 22 -65.68 -107.86 -63.04
N SER T 23 -65.59 -108.92 -62.24
CA SER T 23 -65.97 -108.85 -60.84
C SER T 23 -64.94 -109.64 -60.04
N CYS T 24 -64.84 -109.32 -58.76
CA CYS T 24 -63.75 -109.83 -57.94
C CYS T 24 -64.24 -110.01 -56.50
N LYS T 25 -64.61 -111.24 -56.15
CA LYS T 25 -65.19 -111.55 -54.86
C LYS T 25 -64.12 -111.92 -53.87
N VAL T 26 -64.07 -111.20 -52.75
CA VAL T 26 -63.15 -111.44 -51.65
C VAL T 26 -63.81 -112.35 -50.62
N SER T 27 -63.11 -112.57 -49.53
CA SER T 27 -63.46 -113.53 -48.48
C SER T 27 -62.23 -113.58 -47.59
N GLY T 28 -62.32 -114.16 -46.38
CA GLY T 28 -61.14 -114.25 -45.53
C GLY T 28 -60.67 -112.95 -44.89
N TYR T 29 -61.22 -111.80 -45.26
CA TYR T 29 -60.87 -110.54 -44.61
C TYR T 29 -62.06 -109.60 -44.71
N THR T 30 -62.03 -108.54 -43.91
CA THR T 30 -63.05 -107.49 -44.01
C THR T 30 -62.78 -106.67 -45.27
N PHE T 31 -63.65 -106.86 -46.27
CA PHE T 31 -63.49 -106.23 -47.59
C PHE T 31 -63.29 -104.73 -47.50
N THR T 32 -64.02 -104.06 -46.61
CA THR T 32 -64.09 -102.61 -46.53
C THR T 32 -62.96 -102.02 -45.70
N SER T 33 -61.81 -102.68 -45.66
CA SER T 33 -60.75 -102.33 -44.72
C SER T 33 -59.39 -102.24 -45.40
N TYR T 34 -59.33 -102.47 -46.71
CA TYR T 34 -58.13 -102.31 -47.53
C TYR T 34 -58.60 -101.85 -48.90
N GLY T 35 -57.70 -101.21 -49.64
CA GLY T 35 -58.00 -100.87 -51.02
C GLY T 35 -58.11 -102.11 -51.88
N ILE T 36 -58.44 -101.95 -53.17
CA ILE T 36 -58.47 -103.07 -54.12
C ILE T 36 -58.14 -102.57 -55.52
N SER T 37 -57.03 -103.06 -56.07
CA SER T 37 -56.46 -102.55 -57.32
C SER T 37 -56.79 -103.46 -58.49
N TRP T 38 -56.50 -102.97 -59.69
CA TRP T 38 -56.71 -103.72 -60.94
C TRP T 38 -55.46 -103.58 -61.79
N VAL T 39 -54.69 -104.66 -61.93
CA VAL T 39 -53.43 -104.66 -62.65
C VAL T 39 -53.56 -105.59 -63.86
N ARG T 40 -53.57 -105.01 -65.05
CA ARG T 40 -53.76 -105.73 -66.30
C ARG T 40 -52.43 -106.18 -66.90
N GLN T 41 -52.43 -107.39 -67.47
CA GLN T 41 -51.25 -107.95 -68.15
C GLN T 41 -51.62 -108.35 -69.56
N ALA T 42 -51.15 -107.58 -70.55
CA ALA T 42 -51.33 -107.89 -71.96
C ALA T 42 -50.72 -109.24 -72.30
N PRO T 43 -51.14 -109.87 -73.40
CA PRO T 43 -50.72 -111.26 -73.67
C PRO T 43 -49.21 -111.37 -73.77
N GLY T 44 -48.63 -112.18 -72.88
CA GLY T 44 -47.21 -112.43 -72.90
C GLY T 44 -46.34 -111.20 -72.75
N GLN T 45 -46.78 -110.23 -71.94
CA GLN T 45 -45.97 -109.04 -71.71
C GLN T 45 -45.91 -108.68 -70.22
N GLY T 46 -45.71 -107.40 -69.91
CA GLY T 46 -45.49 -106.95 -68.56
C GLY T 46 -46.75 -106.45 -67.87
N LEU T 47 -46.56 -105.99 -66.64
CA LEU T 47 -47.69 -105.58 -65.81
C LEU T 47 -48.03 -104.11 -66.01
N GLU T 48 -49.31 -103.81 -65.89
CA GLU T 48 -49.83 -102.46 -66.12
C GLU T 48 -51.00 -102.23 -65.14
N TRP T 49 -50.72 -101.44 -64.12
CA TRP T 49 -51.73 -100.94 -63.19
C TRP T 49 -52.80 -100.13 -63.93
N MET T 50 -54.06 -100.28 -63.47
CA MET T 50 -55.19 -99.53 -64.03
C MET T 50 -55.76 -98.54 -63.02
N GLY T 51 -56.33 -99.04 -61.92
CA GLY T 51 -57.07 -98.22 -60.98
C GLY T 51 -57.32 -98.81 -59.59
N TRP T 52 -57.37 -97.92 -58.60
CA TRP T 52 -57.52 -98.19 -57.18
C TRP T 52 -58.94 -97.84 -56.75
N ILE T 53 -59.45 -98.55 -55.77
CA ILE T 53 -60.76 -98.19 -55.22
C ILE T 53 -60.75 -98.42 -53.71
N ASN T 54 -61.23 -97.44 -52.97
CA ASN T 54 -61.46 -97.52 -51.54
C ASN T 54 -62.84 -98.13 -51.32
N PRO T 55 -62.91 -99.41 -50.94
CA PRO T 55 -64.23 -100.04 -50.73
C PRO T 55 -65.05 -99.35 -49.65
N ASN T 56 -64.40 -98.71 -48.69
CA ASN T 56 -65.13 -98.02 -47.63
C ASN T 56 -65.88 -96.81 -48.17
N SER T 57 -65.19 -95.97 -48.93
CA SER T 57 -65.78 -94.72 -49.40
C SER T 57 -66.32 -94.79 -50.82
N GLY T 58 -65.81 -95.70 -51.64
CA GLY T 58 -66.20 -95.79 -53.03
C GLY T 58 -65.40 -94.94 -53.98
N GLY T 59 -64.54 -94.05 -53.46
CA GLY T 59 -63.70 -93.24 -54.31
C GLY T 59 -62.75 -94.07 -55.15
N THR T 60 -62.29 -93.48 -56.25
CA THR T 60 -61.48 -94.16 -57.24
C THR T 60 -60.18 -93.40 -57.47
N ASN T 61 -59.26 -94.06 -58.18
CA ASN T 61 -58.01 -93.46 -58.68
C ASN T 61 -57.65 -94.18 -59.98
N TYR T 62 -57.98 -93.57 -61.11
CA TYR T 62 -57.67 -94.14 -62.42
C TYR T 62 -56.37 -93.57 -62.94
N ALA T 63 -55.54 -94.43 -63.51
CA ALA T 63 -54.37 -93.96 -64.23
C ALA T 63 -54.80 -93.27 -65.52
N GLN T 64 -54.13 -92.16 -65.84
CA GLN T 64 -54.45 -91.32 -67.00
C GLN T 64 -54.91 -92.10 -68.23
N LYS T 65 -54.20 -93.17 -68.58
CA LYS T 65 -54.47 -93.93 -69.79
C LYS T 65 -55.90 -94.48 -69.84
N PHE T 66 -56.64 -94.48 -68.72
CA PHE T 66 -57.96 -95.07 -68.71
C PHE T 66 -59.07 -94.14 -68.22
N GLN T 67 -58.77 -92.93 -67.76
CA GLN T 67 -59.83 -92.06 -67.28
C GLN T 67 -60.71 -91.63 -68.45
N GLY T 68 -62.01 -91.90 -68.31
CA GLY T 68 -62.97 -91.77 -69.39
C GLY T 68 -63.52 -93.08 -69.90
N ARG T 69 -62.87 -94.21 -69.56
CA ARG T 69 -63.27 -95.54 -70.00
C ARG T 69 -63.47 -96.54 -68.87
N VAL T 70 -62.75 -96.44 -67.78
CA VAL T 70 -62.86 -97.42 -66.72
C VAL T 70 -63.75 -96.84 -65.63
N THR T 71 -64.55 -97.71 -65.02
CA THR T 71 -65.53 -97.30 -64.01
C THR T 71 -65.51 -98.35 -62.91
N MET T 72 -64.78 -98.07 -61.85
CA MET T 72 -64.56 -99.05 -60.79
C MET T 72 -65.55 -98.82 -59.66
N THR T 73 -66.30 -99.86 -59.31
CA THR T 73 -67.36 -99.79 -58.34
C THR T 73 -67.23 -100.98 -57.39
N ARG T 74 -67.89 -100.86 -56.24
CA ARG T 74 -67.89 -101.96 -55.28
C ARG T 74 -69.28 -102.12 -54.71
N ASP T 75 -69.72 -103.37 -54.59
CA ASP T 75 -70.91 -103.72 -53.81
C ASP T 75 -70.40 -104.31 -52.51
N THR T 76 -70.44 -103.50 -51.44
CA THR T 76 -70.00 -103.98 -50.13
C THR T 76 -71.03 -104.90 -49.50
N SER T 77 -72.30 -104.81 -49.92
CA SER T 77 -73.33 -105.76 -49.52
C SER T 77 -72.93 -107.20 -49.80
N ILE T 78 -71.88 -107.39 -50.59
CA ILE T 78 -71.37 -108.71 -50.97
C ILE T 78 -69.94 -108.89 -50.46
N SER T 79 -69.07 -107.90 -50.68
CA SER T 79 -67.64 -108.09 -50.83
C SER T 79 -67.33 -108.60 -52.25
N THR T 80 -67.63 -107.77 -53.26
CA THR T 80 -67.05 -107.88 -54.60
C THR T 80 -66.75 -106.48 -55.13
N ALA T 81 -65.62 -106.36 -55.83
CA ALA T 81 -65.29 -105.14 -56.57
C ALA T 81 -65.51 -105.39 -58.06
N TYR T 82 -65.81 -104.32 -58.79
CA TYR T 82 -66.16 -104.41 -60.19
C TYR T 82 -65.32 -103.41 -61.00
N MET T 83 -64.78 -103.87 -62.12
CA MET T 83 -64.13 -103.02 -63.12
C MET T 83 -64.87 -103.16 -64.45
N GLU T 84 -64.98 -102.05 -65.19
CA GLU T 84 -65.69 -102.02 -66.46
C GLU T 84 -64.98 -101.07 -67.43
N LEU T 85 -64.18 -101.62 -68.35
CA LEU T 85 -63.74 -100.87 -69.53
C LEU T 85 -64.85 -100.84 -70.57
N SER T 86 -64.85 -99.77 -71.38
CA SER T 86 -66.05 -99.49 -72.15
C SER T 86 -65.75 -98.83 -73.49
N ARG T 87 -64.52 -98.99 -74.03
CA ARG T 87 -64.34 -98.97 -75.48
C ARG T 87 -63.29 -99.95 -76.02
N LEU T 88 -62.87 -100.96 -75.24
CA LEU T 88 -62.30 -102.23 -75.69
C LEU T 88 -61.89 -102.21 -77.16
N ARG T 89 -60.62 -101.99 -77.47
CA ARG T 89 -60.15 -102.16 -78.84
C ARG T 89 -58.87 -102.98 -78.80
N SER T 90 -58.83 -104.00 -79.66
CA SER T 90 -57.72 -104.94 -79.88
C SER T 90 -56.57 -104.85 -78.88
N ASP T 91 -56.07 -103.64 -78.64
CA ASP T 91 -54.98 -103.39 -77.72
C ASP T 91 -55.31 -103.79 -76.28
N ASP T 92 -56.58 -104.07 -75.97
CA ASP T 92 -56.97 -104.37 -74.59
C ASP T 92 -56.93 -105.85 -74.24
N THR T 93 -56.79 -106.75 -75.21
CA THR T 93 -56.69 -108.18 -74.90
C THR T 93 -55.59 -108.38 -73.86
N ALA T 94 -55.94 -108.98 -72.73
CA ALA T 94 -55.04 -109.00 -71.58
C ALA T 94 -55.66 -109.78 -70.44
N VAL T 95 -54.80 -110.27 -69.56
CA VAL T 95 -55.24 -110.77 -68.26
C VAL T 95 -55.57 -109.58 -67.37
N TYR T 96 -56.71 -109.63 -66.71
CA TYR T 96 -57.17 -108.58 -65.81
C TYR T 96 -57.16 -109.10 -64.38
N TYR T 97 -56.06 -108.84 -63.67
CA TYR T 97 -55.95 -109.29 -62.29
C TYR T 97 -56.68 -108.34 -61.36
N CYS T 98 -56.70 -108.69 -60.08
CA CYS T 98 -57.44 -107.95 -59.07
C CYS T 98 -56.85 -108.30 -57.71
N ALA T 99 -56.25 -107.31 -57.05
CA ALA T 99 -55.49 -107.55 -55.84
C ALA T 99 -56.05 -106.76 -54.67
N ARG T 100 -55.73 -107.24 -53.47
CA ARG T 100 -56.01 -106.51 -52.24
C ARG T 100 -54.85 -105.56 -51.98
N ASP T 101 -55.15 -104.25 -51.94
CA ASP T 101 -54.12 -103.23 -51.83
C ASP T 101 -54.12 -102.64 -50.42
N LYS T 102 -53.10 -103.00 -49.66
CA LYS T 102 -52.78 -102.34 -48.40
C LYS T 102 -51.51 -101.54 -48.61
N ARG T 103 -51.53 -100.71 -49.67
CA ARG T 103 -50.42 -99.93 -50.24
C ARG T 103 -49.61 -100.81 -51.18
N TYR T 104 -49.40 -102.06 -50.81
CA TYR T 104 -48.83 -103.08 -51.67
C TYR T 104 -49.84 -104.20 -51.82
N MET T 105 -49.78 -104.89 -52.95
CA MET T 105 -50.79 -105.88 -53.31
C MET T 105 -50.34 -107.24 -52.78
N ASP T 106 -50.87 -107.64 -51.62
CA ASP T 106 -50.41 -108.85 -50.95
C ASP T 106 -51.16 -110.11 -51.35
N VAL T 107 -52.40 -110.02 -51.82
CA VAL T 107 -53.08 -111.20 -52.35
C VAL T 107 -53.65 -110.82 -53.71
N TRP T 108 -53.47 -111.70 -54.69
CA TRP T 108 -53.88 -111.45 -56.06
C TRP T 108 -54.98 -112.45 -56.43
N GLY T 109 -56.02 -111.96 -57.10
CA GLY T 109 -56.84 -112.85 -57.91
C GLY T 109 -56.00 -113.52 -58.97
N LYS T 110 -56.48 -114.67 -59.46
CA LYS T 110 -55.78 -115.35 -60.54
C LYS T 110 -56.23 -114.86 -61.92
N GLY T 111 -56.77 -113.65 -61.99
CA GLY T 111 -56.99 -112.99 -63.26
C GLY T 111 -58.16 -113.50 -64.08
N THR T 112 -58.82 -112.60 -64.77
CA THR T 112 -59.78 -112.92 -65.80
C THR T 112 -59.16 -112.62 -67.16
N THR T 113 -59.45 -113.47 -68.14
CA THR T 113 -58.79 -113.45 -69.44
C THR T 113 -59.78 -112.87 -70.46
N VAL T 114 -59.74 -111.56 -70.64
CA VAL T 114 -60.63 -110.85 -71.56
C VAL T 114 -59.91 -110.67 -72.88
N THR T 115 -60.34 -111.40 -73.89
CA THR T 115 -59.77 -111.33 -75.23
C THR T 115 -60.73 -110.58 -76.14
N VAL T 116 -60.32 -109.41 -76.61
CA VAL T 116 -61.06 -108.65 -77.60
C VAL T 116 -60.51 -109.00 -78.98
N SER T 117 -61.38 -109.00 -79.98
CA SER T 117 -61.02 -109.39 -81.33
C SER T 117 -61.46 -108.34 -82.33
N SER T 118 -60.87 -108.41 -83.54
CA SER T 118 -61.34 -107.83 -84.79
C SER T 118 -60.62 -106.52 -85.14
N GLY T 119 -61.20 -105.74 -86.05
CA GLY T 119 -60.58 -104.51 -86.50
C GLY T 119 -61.04 -104.02 -87.86
N VAL T 136 -42.51 -95.48 -67.87
CA VAL T 136 -42.10 -96.77 -67.36
C VAL T 136 -40.91 -96.56 -66.44
N LEU T 137 -40.47 -97.62 -65.77
CA LEU T 137 -39.20 -97.59 -65.07
C LEU T 137 -38.24 -98.52 -65.82
N THR T 138 -36.97 -98.13 -65.85
CA THR T 138 -35.96 -98.94 -66.51
C THR T 138 -35.72 -100.22 -65.70
N GLN T 139 -36.11 -101.35 -66.26
CA GLN T 139 -35.80 -102.64 -65.67
C GLN T 139 -35.24 -103.52 -66.78
N PRO T 140 -34.12 -104.21 -66.55
CA PRO T 140 -33.55 -105.09 -67.58
C PRO T 140 -34.50 -106.23 -67.92
N PRO T 141 -34.28 -106.92 -69.03
CA PRO T 141 -35.27 -107.92 -69.48
C PRO T 141 -34.95 -109.33 -69.01
N SER T 142 -33.68 -109.64 -68.75
CA SER T 142 -33.29 -111.02 -68.56
C SER T 142 -32.07 -111.09 -67.67
N VAL T 143 -31.96 -112.19 -66.91
CA VAL T 143 -30.71 -112.71 -66.36
C VAL T 143 -30.82 -114.23 -66.35
N SER T 144 -29.66 -114.88 -66.32
CA SER T 144 -29.58 -116.32 -66.17
C SER T 144 -28.53 -116.65 -65.12
N GLY T 145 -28.72 -117.79 -64.46
CA GLY T 145 -27.79 -118.20 -63.42
C GLY T 145 -27.90 -119.67 -63.06
N ALA T 146 -26.82 -120.22 -62.55
CA ALA T 146 -26.75 -121.58 -62.06
C ALA T 146 -27.20 -121.64 -60.61
N PRO T 147 -27.61 -122.81 -60.12
CA PRO T 147 -28.04 -122.91 -58.71
C PRO T 147 -26.97 -122.44 -57.74
N GLY T 148 -27.43 -121.97 -56.58
CA GLY T 148 -26.54 -121.52 -55.53
C GLY T 148 -25.90 -120.18 -55.75
N GLN T 149 -25.99 -119.61 -56.93
CA GLN T 149 -25.32 -118.35 -57.20
C GLN T 149 -26.17 -117.16 -56.77
N LYS T 150 -25.55 -116.00 -56.70
CA LYS T 150 -26.28 -114.78 -56.48
C LYS T 150 -26.74 -114.23 -57.82
N VAL T 151 -27.52 -113.14 -57.78
CA VAL T 151 -28.00 -112.42 -58.95
C VAL T 151 -28.70 -111.16 -58.45
N THR T 152 -28.60 -110.08 -59.21
CA THR T 152 -29.27 -108.83 -58.85
C THR T 152 -30.12 -108.35 -60.02
N ILE T 153 -31.33 -107.89 -59.70
CA ILE T 153 -32.22 -107.28 -60.67
C ILE T 153 -32.50 -105.85 -60.23
N SER T 154 -32.09 -104.89 -61.04
CA SER T 154 -32.10 -103.48 -60.67
C SER T 154 -33.31 -102.78 -61.28
N CYS T 155 -34.02 -101.99 -60.47
CA CYS T 155 -35.12 -101.18 -60.94
C CYS T 155 -34.89 -99.75 -60.48
N SER T 156 -34.95 -98.80 -61.41
CA SER T 156 -34.52 -97.43 -61.14
C SER T 156 -35.38 -96.46 -61.93
N GLY T 157 -35.63 -95.29 -61.35
CA GLY T 157 -36.50 -94.31 -61.96
C GLY T 157 -36.32 -92.91 -61.43
N SER T 158 -37.41 -92.15 -61.47
CA SER T 158 -37.39 -90.73 -61.15
C SER T 158 -37.36 -90.51 -59.64
N SER T 159 -37.15 -89.25 -59.25
CA SER T 159 -37.30 -88.86 -57.86
C SER T 159 -38.76 -88.92 -57.41
N SER T 160 -39.69 -88.69 -58.34
CA SER T 160 -41.10 -88.60 -57.98
C SER T 160 -41.71 -89.95 -57.65
N ASN T 161 -41.03 -91.06 -57.99
CA ASN T 161 -41.57 -92.38 -57.75
C ASN T 161 -40.58 -93.15 -56.86
N ILE T 162 -39.77 -94.05 -57.43
CA ILE T 162 -38.89 -94.95 -56.67
C ILE T 162 -38.04 -94.22 -55.64
N GLY T 163 -37.67 -92.97 -55.94
CA GLY T 163 -36.85 -92.21 -55.00
C GLY T 163 -37.56 -91.78 -53.74
N ARG T 164 -38.87 -91.54 -53.80
CA ARG T 164 -39.61 -90.95 -52.67
C ARG T 164 -40.52 -91.92 -51.94
N ASN T 165 -41.27 -92.75 -52.66
CA ASN T 165 -42.28 -93.62 -52.11
C ASN T 165 -41.74 -95.02 -51.83
N TYR T 166 -42.49 -95.76 -51.04
CA TYR T 166 -42.10 -97.13 -50.71
C TYR T 166 -42.23 -98.03 -51.92
N VAL T 167 -41.36 -99.05 -51.98
CA VAL T 167 -41.21 -99.90 -53.14
C VAL T 167 -41.77 -101.28 -52.81
N SER T 168 -42.35 -101.93 -53.81
CA SER T 168 -42.85 -103.29 -53.68
C SER T 168 -42.32 -104.15 -54.82
N TRP T 169 -42.03 -105.41 -54.50
CA TRP T 169 -41.50 -106.38 -55.45
C TRP T 169 -42.47 -107.54 -55.59
N TYR T 170 -42.60 -108.07 -56.81
CA TYR T 170 -43.62 -109.04 -57.14
C TYR T 170 -43.01 -110.12 -58.03
N GLN T 171 -43.05 -111.37 -57.56
CA GLN T 171 -42.52 -112.51 -58.30
C GLN T 171 -43.66 -113.25 -58.99
N GLN T 172 -43.73 -113.11 -60.31
CA GLN T 172 -44.72 -113.86 -61.10
C GLN T 172 -44.11 -115.19 -61.53
N LEU T 173 -44.38 -116.23 -60.75
CA LEU T 173 -43.90 -117.54 -61.11
C LEU T 173 -44.64 -118.03 -62.36
N PRO T 174 -43.97 -118.79 -63.23
CA PRO T 174 -44.51 -119.02 -64.58
C PRO T 174 -45.87 -119.69 -64.55
N GLY T 175 -46.80 -119.13 -65.31
CA GLY T 175 -48.18 -119.58 -65.37
C GLY T 175 -49.07 -118.97 -64.32
N ALA T 176 -48.53 -118.71 -63.13
CA ALA T 176 -49.32 -118.21 -62.03
C ALA T 176 -49.64 -116.73 -62.23
N ALA T 177 -50.41 -116.19 -61.29
CA ALA T 177 -50.59 -114.76 -61.12
C ALA T 177 -49.38 -114.21 -60.36
N PRO T 178 -49.21 -112.89 -60.32
CA PRO T 178 -48.13 -112.33 -59.50
C PRO T 178 -48.32 -112.63 -58.02
N LYS T 179 -47.24 -112.46 -57.28
CA LYS T 179 -47.21 -112.73 -55.84
C LYS T 179 -46.37 -111.64 -55.19
N LEU T 180 -46.85 -111.12 -54.06
CA LEU T 180 -46.06 -110.14 -53.33
C LEU T 180 -44.74 -110.77 -52.89
N LEU T 181 -43.63 -110.21 -53.36
CA LEU T 181 -42.31 -110.67 -52.95
C LEU T 181 -41.72 -109.84 -51.82
N LEU T 182 -41.71 -108.51 -51.98
CA LEU T 182 -41.20 -107.60 -50.96
C LEU T 182 -42.09 -106.38 -50.90
N TYR T 183 -42.19 -105.78 -49.71
CA TYR T 183 -42.89 -104.53 -49.52
C TYR T 183 -42.02 -103.63 -48.65
N ASP T 184 -42.33 -102.33 -48.68
CA ASP T 184 -41.64 -101.33 -47.85
C ASP T 184 -40.13 -101.35 -48.09
N ASN T 185 -39.74 -101.43 -49.36
CA ASN T 185 -38.35 -101.38 -49.84
C ASN T 185 -37.55 -102.64 -49.51
N ASN T 186 -37.87 -103.34 -48.43
CA ASN T 186 -37.12 -104.56 -48.09
C ASN T 186 -37.75 -105.42 -47.01
N LYS T 187 -39.07 -105.48 -46.93
CA LYS T 187 -39.74 -106.29 -45.93
C LYS T 187 -40.32 -107.55 -46.56
N ARG T 188 -39.86 -108.71 -46.09
CA ARG T 188 -40.35 -109.97 -46.65
C ARG T 188 -41.65 -110.40 -45.96
N PRO T 189 -42.65 -110.81 -46.74
CA PRO T 189 -43.84 -111.42 -46.16
C PRO T 189 -43.51 -112.76 -45.54
N SER T 190 -44.51 -113.43 -44.96
CA SER T 190 -44.30 -114.77 -44.44
C SER T 190 -44.48 -115.77 -45.59
N GLY T 191 -43.39 -116.41 -46.00
CA GLY T 191 -43.40 -117.25 -47.18
C GLY T 191 -42.33 -116.86 -48.17
N ILE T 192 -41.35 -116.07 -47.72
CA ILE T 192 -40.24 -115.61 -48.55
C ILE T 192 -38.97 -115.81 -47.73
N PRO T 193 -38.01 -116.61 -48.19
CA PRO T 193 -36.83 -116.92 -47.37
C PRO T 193 -35.79 -115.79 -47.39
N ASP T 194 -34.74 -116.02 -46.61
CA ASP T 194 -33.72 -115.00 -46.38
C ASP T 194 -33.04 -114.57 -47.67
N ARG T 195 -33.01 -115.44 -48.67
CA ARG T 195 -32.24 -115.16 -49.88
C ARG T 195 -32.71 -113.90 -50.59
N PHE T 196 -34.00 -113.59 -50.48
CA PHE T 196 -34.60 -112.48 -51.21
C PHE T 196 -34.45 -111.21 -50.39
N SER T 197 -33.65 -110.26 -50.88
CA SER T 197 -33.45 -109.00 -50.19
C SER T 197 -33.20 -107.90 -51.22
N ALA T 198 -33.75 -106.72 -50.96
CA ALA T 198 -33.61 -105.58 -51.85
C ALA T 198 -32.88 -104.45 -51.14
N SER T 199 -32.37 -103.52 -51.93
CA SER T 199 -31.69 -102.33 -51.45
C SER T 199 -32.50 -101.10 -51.86
N LYS T 200 -31.89 -99.93 -51.75
CA LYS T 200 -32.44 -98.70 -52.29
C LYS T 200 -31.35 -97.64 -52.21
N SER T 201 -31.07 -96.98 -53.32
CA SER T 201 -30.01 -95.97 -53.39
C SER T 201 -30.54 -94.85 -54.28
N GLY T 202 -31.03 -93.79 -53.65
CA GLY T 202 -31.67 -92.72 -54.38
C GLY T 202 -32.92 -93.23 -55.09
N PRO T 203 -32.92 -93.14 -56.41
CA PRO T 203 -34.12 -93.53 -57.17
C PRO T 203 -33.97 -94.90 -57.83
N SER T 204 -33.17 -95.77 -57.24
CA SER T 204 -32.95 -97.12 -57.73
C SER T 204 -33.22 -98.11 -56.61
N THR T 205 -33.67 -99.31 -56.99
CA THR T 205 -33.78 -100.43 -56.05
C THR T 205 -33.27 -101.69 -56.73
N THR T 206 -32.38 -102.42 -56.06
CA THR T 206 -31.81 -103.66 -56.58
C THR T 206 -32.25 -104.83 -55.71
N LEU T 207 -33.16 -105.65 -56.25
CA LEU T 207 -33.50 -106.92 -55.61
C LEU T 207 -32.36 -107.92 -55.80
N ALA T 208 -31.97 -108.61 -54.73
CA ALA T 208 -30.89 -109.58 -54.77
C ALA T 208 -31.36 -110.88 -54.12
N ILE T 209 -31.09 -112.01 -54.78
CA ILE T 209 -31.49 -113.32 -54.29
C ILE T 209 -30.26 -114.22 -54.30
N THR T 210 -29.91 -114.76 -53.13
CA THR T 210 -28.56 -115.23 -52.84
C THR T 210 -28.26 -116.65 -53.30
N GLY T 211 -29.18 -117.59 -53.09
CA GLY T 211 -28.92 -118.97 -53.46
C GLY T 211 -30.01 -119.52 -54.33
N LEU T 212 -29.88 -119.36 -55.64
CA LEU T 212 -30.97 -119.71 -56.54
C LEU T 212 -31.29 -121.20 -56.45
N GLN T 213 -32.49 -121.54 -56.91
CA GLN T 213 -32.86 -122.90 -57.22
C GLN T 213 -33.94 -122.82 -58.29
N THR T 214 -33.95 -123.80 -59.19
CA THR T 214 -34.87 -123.84 -60.32
C THR T 214 -36.32 -123.54 -59.96
N GLY T 215 -36.62 -123.41 -58.67
CA GLY T 215 -37.93 -122.94 -58.27
C GLY T 215 -38.07 -121.44 -58.30
N ASP T 216 -36.96 -120.71 -58.40
CA ASP T 216 -36.98 -119.26 -58.47
C ASP T 216 -37.16 -118.74 -59.89
N GLU T 217 -37.22 -119.62 -60.89
CA GLU T 217 -37.44 -119.22 -62.27
C GLU T 217 -38.78 -118.48 -62.39
N ALA T 218 -38.71 -117.17 -62.65
CA ALA T 218 -39.92 -116.35 -62.70
C ALA T 218 -39.58 -114.98 -63.24
N ASP T 219 -40.63 -114.24 -63.59
CA ASP T 219 -40.51 -112.83 -63.92
C ASP T 219 -40.65 -112.01 -62.65
N TYR T 220 -39.84 -110.95 -62.53
CA TYR T 220 -39.80 -110.15 -61.32
C TYR T 220 -40.16 -108.70 -61.66
N PHE T 221 -40.98 -108.09 -60.80
CA PHE T 221 -41.44 -106.73 -61.02
C PHE T 221 -41.22 -105.89 -59.78
N CYS T 222 -40.58 -104.75 -59.98
CA CYS T 222 -40.67 -103.64 -59.05
C CYS T 222 -42.00 -102.91 -59.27
N GLY T 223 -42.47 -102.25 -58.23
CA GLY T 223 -43.72 -101.52 -58.36
C GLY T 223 -43.88 -100.45 -57.31
N VAL T 224 -43.82 -99.18 -57.74
CA VAL T 224 -43.96 -98.04 -56.85
C VAL T 224 -45.02 -97.11 -57.42
N TRP T 225 -45.28 -96.05 -56.69
CA TRP T 225 -46.34 -95.12 -57.00
C TRP T 225 -45.74 -93.74 -57.28
N ASP T 226 -45.91 -93.25 -58.51
CA ASP T 226 -45.42 -91.95 -58.93
C ASP T 226 -46.35 -90.86 -58.41
N SER T 227 -45.87 -90.08 -57.44
CA SER T 227 -46.72 -89.08 -56.80
C SER T 227 -47.16 -87.97 -57.74
N SER T 228 -46.50 -87.83 -58.89
CA SER T 228 -46.86 -86.79 -59.87
C SER T 228 -47.89 -87.35 -60.84
N LEU T 229 -47.49 -88.31 -61.67
CA LEU T 229 -48.42 -88.98 -62.58
C LEU T 229 -49.66 -89.50 -61.88
N ARG T 230 -49.54 -89.81 -60.58
CA ARG T 230 -50.59 -90.48 -59.83
C ARG T 230 -50.97 -91.77 -60.52
N ALA T 231 -50.12 -92.78 -60.40
CA ALA T 231 -50.32 -94.11 -60.96
C ALA T 231 -49.32 -95.04 -60.31
N VAL T 232 -49.68 -96.31 -60.25
CA VAL T 232 -48.79 -97.35 -59.74
C VAL T 232 -47.91 -97.83 -60.87
N LEU T 233 -46.65 -97.41 -60.87
CA LEU T 233 -45.71 -97.73 -61.93
C LEU T 233 -45.08 -99.10 -61.70
N PHE T 234 -45.01 -99.89 -62.76
CA PHE T 234 -44.38 -101.20 -62.74
C PHE T 234 -43.14 -101.19 -63.63
N GLY T 235 -42.14 -101.96 -63.21
CA GLY T 235 -40.96 -102.15 -64.05
C GLY T 235 -41.32 -102.86 -65.34
N GLY T 236 -40.34 -103.02 -66.22
CA GLY T 236 -40.59 -103.71 -67.47
C GLY T 236 -40.74 -105.20 -67.33
N GLY T 237 -40.18 -105.78 -66.26
CA GLY T 237 -40.20 -107.23 -66.09
C GLY T 237 -38.84 -107.83 -66.40
N THR T 238 -38.34 -108.68 -65.50
CA THR T 238 -37.04 -109.32 -65.68
C THR T 238 -37.24 -110.82 -65.54
N LYS T 239 -36.87 -111.57 -66.57
CA LYS T 239 -37.03 -113.02 -66.58
C LYS T 239 -35.73 -113.67 -66.13
N LEU T 240 -35.78 -114.33 -64.98
CA LEU T 240 -34.68 -115.12 -64.42
C LEU T 240 -34.91 -116.58 -64.80
N THR T 241 -34.07 -117.13 -65.68
CA THR T 241 -34.08 -118.56 -65.89
C THR T 241 -32.85 -119.21 -65.28
N VAL T 242 -33.08 -120.34 -64.61
CA VAL T 242 -32.03 -121.07 -63.91
C VAL T 242 -31.58 -122.23 -64.77
N LEU T 243 -30.28 -122.49 -64.79
CA LEU T 243 -29.70 -123.55 -65.61
C LEU T 243 -29.02 -124.61 -64.74
N SER U 6 -34.76 65.04 47.20
CA SER U 6 -36.04 65.73 47.06
C SER U 6 -36.06 66.68 45.87
N LEU U 7 -37.23 66.79 45.25
CA LEU U 7 -37.42 67.63 44.07
C LEU U 7 -38.77 68.33 44.19
N HIS U 8 -38.83 69.56 43.69
CA HIS U 8 -40.02 70.40 43.80
C HIS U 8 -40.44 70.88 42.42
N ILE U 9 -41.62 70.45 41.98
CA ILE U 9 -42.18 70.84 40.69
C ILE U 9 -43.32 71.81 40.91
N TYR U 10 -43.54 72.67 39.92
CA TYR U 10 -44.68 73.60 39.87
C TYR U 10 -45.33 73.42 38.50
N ASN U 11 -46.23 72.44 38.39
CA ASN U 11 -46.89 72.12 37.14
C ASN U 11 -48.39 72.40 37.21
N TRP U 12 -49.03 72.42 36.04
CA TRP U 12 -50.43 72.81 35.97
C TRP U 12 -51.34 71.75 36.57
N THR U 13 -52.60 72.14 36.74
CA THR U 13 -53.62 71.22 37.22
C THR U 13 -53.99 70.21 36.13
N ASP U 14 -54.11 68.95 36.53
CA ASP U 14 -54.49 67.86 35.61
C ASP U 14 -53.53 67.77 34.44
N TYR U 15 -52.23 67.89 34.72
CA TYR U 15 -51.27 68.02 33.64
C TYR U 15 -50.24 66.90 33.74
N ILE U 16 -50.59 65.81 34.41
CA ILE U 16 -49.68 64.69 34.66
C ILE U 16 -50.53 63.45 34.98
N ALA U 17 -49.95 62.27 34.75
CA ALA U 17 -50.59 61.00 35.10
C ALA U 17 -50.40 60.70 36.58
N PRO U 18 -51.31 59.93 37.19
CA PRO U 18 -51.22 59.71 38.65
C PRO U 18 -49.93 59.06 39.09
N THR U 19 -49.46 58.05 38.37
CA THR U 19 -48.31 57.27 38.77
C THR U 19 -47.01 57.76 38.15
N THR U 20 -47.05 58.82 37.34
CA THR U 20 -45.82 59.32 36.69
C THR U 20 -44.73 59.61 37.71
N LEU U 21 -45.10 60.23 38.84
CA LEU U 21 -44.13 60.48 39.89
C LEU U 21 -43.83 59.22 40.69
N LYS U 22 -44.88 58.60 41.25
CA LYS U 22 -44.78 57.36 42.02
C LYS U 22 -43.86 56.35 41.37
N ASP U 23 -43.97 56.19 40.04
CA ASP U 23 -43.04 55.36 39.31
C ASP U 23 -41.63 55.95 39.35
N PHE U 24 -41.49 57.19 38.90
CA PHE U 24 -40.20 57.87 38.85
C PHE U 24 -39.44 57.75 40.16
N THR U 25 -40.16 57.86 41.29
CA THR U 25 -39.52 57.75 42.60
C THR U 25 -38.95 56.35 42.82
N LYS U 26 -39.71 55.32 42.47
CA LYS U 26 -39.22 53.95 42.62
C LYS U 26 -37.94 53.72 41.82
N GLU U 27 -37.86 54.28 40.61
CA GLU U 27 -36.68 54.03 39.79
C GLU U 27 -35.46 54.77 40.31
N SER U 28 -35.58 56.08 40.52
CA SER U 28 -34.43 56.94 40.77
C SER U 28 -34.05 57.05 42.24
N GLY U 29 -35.03 56.95 43.14
CA GLY U 29 -34.82 57.23 44.55
C GLY U 29 -35.16 58.64 44.96
N ILE U 30 -35.66 59.46 44.03
CA ILE U 30 -35.99 60.87 44.30
C ILE U 30 -37.46 60.99 44.66
N ASP U 31 -37.75 61.79 45.68
CA ASP U 31 -39.09 62.00 46.22
C ASP U 31 -39.56 63.37 45.76
N VAL U 32 -40.64 63.41 45.02
CA VAL U 32 -41.00 64.68 44.39
C VAL U 32 -42.10 65.36 45.21
N SER U 33 -42.00 66.68 45.31
CA SER U 33 -43.05 67.54 45.85
C SER U 33 -43.73 68.25 44.69
N TYR U 34 -44.94 67.81 44.37
CA TYR U 34 -45.67 68.29 43.19
C TYR U 34 -46.71 69.31 43.66
N ASP U 35 -46.49 70.57 43.30
CA ASP U 35 -47.45 71.64 43.53
C ASP U 35 -48.00 72.13 42.20
N VAL U 36 -49.24 72.63 42.23
CA VAL U 36 -49.98 72.94 41.01
C VAL U 36 -50.50 74.37 41.02
N PHE U 37 -50.83 74.85 39.82
CA PHE U 37 -51.30 76.19 39.56
C PHE U 37 -52.18 76.14 38.31
N ASP U 38 -53.13 77.08 38.20
CA ASP U 38 -54.12 76.98 37.14
C ASP U 38 -53.98 77.99 36.02
N SER U 39 -53.47 79.19 36.29
CA SER U 39 -53.23 80.15 35.23
C SER U 39 -51.73 80.40 35.09
N ASN U 40 -51.35 80.90 33.91
CA ASN U 40 -49.95 81.17 33.63
C ASN U 40 -49.50 82.46 34.31
N GLU U 41 -50.44 83.39 34.56
CA GLU U 41 -50.13 84.58 35.35
C GLU U 41 -49.63 84.20 36.73
N THR U 42 -50.28 83.22 37.37
CA THR U 42 -49.91 82.79 38.71
C THR U 42 -48.43 82.44 38.79
N LEU U 43 -48.01 81.47 37.97
CA LEU U 43 -46.59 81.12 37.87
C LEU U 43 -45.69 82.35 37.79
N GLU U 44 -46.05 83.32 36.95
CA GLU U 44 -45.14 84.45 36.83
C GLU U 44 -45.11 85.28 38.11
N GLY U 45 -46.16 85.21 38.92
CA GLY U 45 -46.11 85.77 40.24
C GLY U 45 -44.99 85.15 41.05
N LYS U 46 -45.09 83.84 41.29
CA LYS U 46 -44.08 83.09 42.03
C LYS U 46 -42.65 83.30 41.54
N LEU U 47 -42.48 83.74 40.29
CA LEU U 47 -41.17 83.94 39.70
C LEU U 47 -40.57 85.29 40.05
N VAL U 48 -41.24 86.38 39.67
CA VAL U 48 -40.77 87.72 40.04
C VAL U 48 -40.55 87.82 41.55
N SER U 49 -41.34 87.10 42.37
CA SER U 49 -41.10 86.98 43.81
C SER U 49 -39.96 86.00 44.09
N GLY U 50 -38.74 86.47 43.81
CA GLY U 50 -37.49 85.77 44.03
C GLY U 50 -37.55 84.31 44.43
N HIS U 51 -37.18 84.05 45.68
CA HIS U 51 -36.73 82.71 46.10
C HIS U 51 -37.96 81.84 46.30
N SER U 52 -38.33 81.06 45.28
CA SER U 52 -39.44 80.09 45.34
C SER U 52 -38.85 78.73 45.03
N GLY U 53 -38.44 78.01 46.07
CA GLY U 53 -37.66 76.79 45.95
C GLY U 53 -38.17 75.70 45.04
N TYR U 54 -38.85 76.07 43.97
CA TYR U 54 -39.23 75.11 42.94
C TYR U 54 -38.04 74.83 42.05
N ASP U 55 -37.78 73.55 41.78
CA ASP U 55 -36.71 73.17 40.89
C ASP U 55 -37.16 73.04 39.45
N ILE U 56 -38.45 72.82 39.23
CA ILE U 56 -39.04 72.71 37.89
C ILE U 56 -40.31 73.55 37.87
N VAL U 57 -40.42 74.44 36.89
CA VAL U 57 -41.62 75.23 36.67
C VAL U 57 -41.97 75.16 35.19
N VAL U 58 -43.27 75.12 34.88
CA VAL U 58 -43.74 74.86 33.53
C VAL U 58 -44.51 76.08 33.00
N PRO U 59 -43.83 77.00 32.32
CA PRO U 59 -44.52 78.10 31.65
C PRO U 59 -44.90 77.76 30.22
N SER U 60 -45.88 78.52 29.71
CA SER U 60 -46.20 78.45 28.30
C SER U 60 -45.15 79.22 27.49
N ASN U 61 -45.21 79.02 26.17
CA ASN U 61 -44.09 79.43 25.33
C ASN U 61 -43.88 80.95 25.33
N ASN U 62 -44.96 81.73 25.26
CA ASN U 62 -44.78 83.18 25.20
C ASN U 62 -44.30 83.73 26.54
N PHE U 63 -44.84 83.20 27.65
CA PHE U 63 -44.42 83.63 28.97
C PHE U 63 -42.98 83.23 29.24
N LEU U 64 -42.64 81.97 28.95
CA LEU U 64 -41.27 81.51 29.05
C LEU U 64 -40.30 82.50 28.41
N GLY U 65 -40.70 83.12 27.30
CA GLY U 65 -39.80 83.99 26.57
C GLY U 65 -39.41 85.23 27.37
N LYS U 66 -40.38 85.89 27.99
CA LYS U 66 -40.04 87.07 28.77
C LYS U 66 -39.38 86.73 30.10
N GLN U 67 -39.59 85.53 30.61
CA GLN U 67 -38.91 85.09 31.82
C GLN U 67 -37.43 84.82 31.54
N ILE U 68 -37.12 84.23 30.37
CA ILE U 68 -35.73 84.08 29.93
C ILE U 68 -35.05 85.44 29.77
N GLN U 69 -35.80 86.51 29.51
CA GLN U 69 -35.20 87.84 29.38
C GLN U 69 -34.85 88.46 30.73
N ALA U 70 -35.50 88.04 31.82
CA ALA U 70 -35.12 88.42 33.17
C ALA U 70 -34.28 87.36 33.86
N GLY U 71 -33.72 86.41 33.09
CA GLY U 71 -32.87 85.37 33.62
C GLY U 71 -33.53 84.54 34.69
N ALA U 72 -34.87 84.40 34.62
CA ALA U 72 -35.60 83.65 35.61
C ALA U 72 -35.17 82.19 35.66
N PHE U 73 -34.48 81.72 34.63
CA PHE U 73 -34.05 80.34 34.54
C PHE U 73 -32.56 80.27 34.23
N GLN U 74 -31.97 79.11 34.47
CA GLN U 74 -30.56 78.88 34.21
C GLN U 74 -30.37 78.10 32.93
N LYS U 75 -29.23 78.30 32.28
CA LYS U 75 -28.93 77.59 31.03
C LYS U 75 -28.89 76.07 31.24
N LEU U 76 -29.45 75.35 30.27
CA LEU U 76 -29.58 73.90 30.37
C LEU U 76 -28.24 73.21 30.14
N ASP U 77 -27.90 72.27 31.03
CA ASP U 77 -26.75 71.39 30.80
C ASP U 77 -27.25 70.18 30.02
N LYS U 78 -27.34 70.36 28.69
CA LYS U 78 -27.92 69.35 27.82
C LYS U 78 -27.14 68.05 27.80
N SER U 79 -25.97 68.02 28.42
CA SER U 79 -25.27 66.75 28.61
C SER U 79 -25.97 65.87 29.63
N LYS U 80 -26.88 66.41 30.43
CA LYS U 80 -27.61 65.65 31.44
C LYS U 80 -29.02 65.27 31.01
N LEU U 81 -29.47 65.76 29.85
CA LEU U 81 -30.70 65.28 29.25
C LEU U 81 -30.30 64.38 28.08
N PRO U 82 -29.95 63.12 28.34
CA PRO U 82 -29.50 62.26 27.24
C PRO U 82 -30.58 62.02 26.21
N ASN U 83 -31.83 61.88 26.66
CA ASN U 83 -32.95 61.64 25.76
C ASN U 83 -33.40 62.93 25.08
N TRP U 84 -32.51 63.92 25.04
CA TRP U 84 -32.83 65.14 24.30
C TRP U 84 -33.06 64.83 22.83
N LYS U 85 -32.37 63.80 22.31
CA LYS U 85 -32.60 63.34 20.95
C LYS U 85 -34.07 63.00 20.69
N ASN U 86 -34.74 62.40 21.68
CA ASN U 86 -36.12 61.97 21.51
C ASN U 86 -37.05 63.12 21.13
N LEU U 87 -36.62 64.36 21.33
CA LEU U 87 -37.46 65.51 21.01
C LEU U 87 -37.53 65.74 19.49
N ASP U 88 -38.74 66.00 19.00
CA ASP U 88 -39.03 66.42 17.64
C ASP U 88 -38.28 67.70 17.30
N PRO U 89 -37.35 67.66 16.34
CA PRO U 89 -36.64 68.90 15.96
C PRO U 89 -37.56 69.98 15.41
N ALA U 90 -38.60 69.60 14.65
CA ALA U 90 -39.51 70.58 14.07
C ALA U 90 -40.20 71.41 15.14
N LEU U 91 -40.37 70.85 16.33
CA LEU U 91 -41.03 71.59 17.41
C LEU U 91 -40.06 72.53 18.11
N LEU U 92 -38.83 72.08 18.37
CA LEU U 92 -37.83 72.93 19.02
C LEU U 92 -37.54 74.16 18.17
N LYS U 93 -37.23 73.96 16.88
CA LYS U 93 -36.94 75.06 15.97
C LYS U 93 -38.05 76.12 16.01
N GLN U 94 -39.31 75.66 16.09
CA GLN U 94 -40.43 76.57 16.25
C GLN U 94 -40.31 77.37 17.54
N LEU U 95 -40.20 76.67 18.68
CA LEU U 95 -40.10 77.27 20.01
C LEU U 95 -38.90 78.17 20.20
N GLU U 96 -38.09 78.38 19.16
CA GLU U 96 -36.96 79.28 19.30
C GLU U 96 -37.37 80.74 19.27
N VAL U 97 -38.59 81.04 18.83
CA VAL U 97 -39.21 82.35 18.98
C VAL U 97 -39.02 82.84 20.40
N SER U 98 -39.31 81.98 21.37
CA SER U 98 -39.21 82.36 22.78
C SER U 98 -37.84 82.04 23.38
N ASP U 99 -37.40 80.78 23.23
CA ASP U 99 -36.15 80.29 23.81
C ASP U 99 -35.13 80.07 22.70
N PRO U 100 -34.40 81.11 22.29
CA PRO U 100 -33.47 80.96 21.18
C PRO U 100 -32.38 79.96 21.49
N GLY U 101 -32.08 79.11 20.53
CA GLY U 101 -31.09 78.07 20.72
C GLY U 101 -31.51 76.96 21.66
N ASN U 102 -32.79 76.92 22.07
CA ASN U 102 -33.31 75.94 23.01
C ASN U 102 -32.39 75.80 24.22
N GLN U 103 -32.18 76.91 24.93
CA GLN U 103 -31.18 76.93 25.98
C GLN U 103 -31.73 76.80 27.40
N TYR U 104 -33.01 77.12 27.64
CA TYR U 104 -33.54 77.09 29.00
C TYR U 104 -34.77 76.20 29.17
N ALA U 105 -35.42 75.77 28.09
CA ALA U 105 -36.74 75.18 28.19
C ALA U 105 -36.81 73.87 27.42
N VAL U 106 -37.40 72.87 28.05
CA VAL U 106 -37.63 71.55 27.45
C VAL U 106 -39.13 71.39 27.29
N PRO U 107 -39.63 71.05 26.10
CA PRO U 107 -41.09 70.92 25.93
C PRO U 107 -41.65 69.78 26.75
N TYR U 108 -42.89 69.97 27.20
CA TYR U 108 -43.63 68.96 27.94
C TYR U 108 -44.80 68.49 27.10
N LEU U 109 -45.89 69.26 27.11
CA LEU U 109 -47.06 68.98 26.30
C LEU U 109 -47.44 70.25 25.54
N TRP U 110 -48.33 70.09 24.56
CA TRP U 110 -48.83 71.24 23.83
C TRP U 110 -50.22 70.95 23.31
N GLY U 111 -50.90 72.01 22.87
CA GLY U 111 -52.24 71.89 22.35
C GLY U 111 -52.87 73.21 21.96
N THR U 112 -54.21 73.25 21.97
CA THR U 112 -54.94 74.44 21.53
C THR U 112 -56.02 74.78 22.54
N ASN U 113 -56.52 76.01 22.45
CA ASN U 113 -57.64 76.46 23.24
C ASN U 113 -58.89 76.55 22.37
N GLY U 114 -60.05 76.50 23.01
CA GLY U 114 -61.28 76.57 22.25
C GLY U 114 -62.49 76.28 23.10
N ILE U 115 -63.57 75.87 22.42
CA ILE U 115 -64.90 75.79 22.99
C ILE U 115 -65.19 74.35 23.39
N GLY U 116 -65.36 74.11 24.69
CA GLY U 116 -65.83 72.84 25.20
C GLY U 116 -67.25 73.01 25.74
N TYR U 117 -68.15 72.14 25.26
CA TYR U 117 -69.56 72.33 25.53
C TYR U 117 -70.23 70.99 25.82
N ASN U 118 -71.54 71.06 26.05
CA ASN U 118 -72.40 69.95 26.44
C ASN U 118 -73.53 69.89 25.42
N VAL U 119 -73.37 69.05 24.39
CA VAL U 119 -74.26 69.07 23.23
C VAL U 119 -75.70 68.84 23.67
N ALA U 120 -75.91 67.97 24.66
CA ALA U 120 -77.26 67.66 25.12
C ALA U 120 -78.01 68.92 25.52
N LYS U 121 -77.32 69.85 26.21
CA LYS U 121 -77.92 71.08 26.73
C LYS U 121 -77.64 72.29 25.88
N VAL U 122 -76.84 72.17 24.81
CA VAL U 122 -76.50 73.33 24.01
C VAL U 122 -77.55 73.49 22.94
N LYS U 123 -77.71 72.45 22.12
CA LYS U 123 -78.78 72.45 21.12
C LYS U 123 -80.14 72.70 21.76
N GLU U 124 -80.41 72.04 22.91
CA GLU U 124 -81.66 72.22 23.63
C GLU U 124 -82.03 73.69 23.85
N VAL U 125 -81.04 74.53 24.14
CA VAL U 125 -81.31 75.93 24.41
C VAL U 125 -80.35 76.79 23.59
N LEU U 126 -80.22 76.44 22.32
CA LEU U 126 -79.57 77.26 21.30
C LEU U 126 -79.94 76.79 19.90
N GLY U 127 -80.85 75.84 19.79
CA GLY U 127 -81.03 75.35 18.44
C GLY U 127 -79.79 74.58 17.98
N ASP U 128 -79.85 74.17 16.71
CA ASP U 128 -78.82 73.31 16.14
C ASP U 128 -77.64 74.08 15.53
N GLN U 129 -77.85 75.36 15.17
CA GLN U 129 -76.85 76.37 14.81
C GLN U 129 -75.40 75.93 15.05
N PRO U 130 -74.55 75.96 14.02
CA PRO U 130 -73.28 75.23 14.08
C PRO U 130 -72.36 75.83 15.13
N ILE U 131 -72.02 75.01 16.13
CA ILE U 131 -70.98 75.36 17.11
C ILE U 131 -69.68 75.51 16.33
N ASP U 132 -69.63 76.53 15.49
CA ASP U 132 -68.58 76.72 14.49
C ASP U 132 -67.55 77.75 14.92
N SER U 133 -67.99 78.98 15.15
CA SER U 133 -67.09 80.11 15.31
C SER U 133 -67.07 80.59 16.77
N TRP U 134 -66.07 81.42 17.07
CA TRP U 134 -65.98 82.05 18.39
C TRP U 134 -67.28 82.74 18.75
N ALA U 135 -67.89 83.42 17.78
CA ALA U 135 -69.11 84.21 17.94
C ALA U 135 -70.18 83.47 18.73
N ILE U 136 -70.04 82.15 18.86
CA ILE U 136 -70.77 81.44 19.90
C ILE U 136 -70.55 82.11 21.24
N LEU U 137 -69.30 82.41 21.57
CA LEU U 137 -68.92 82.95 22.87
C LEU U 137 -68.79 84.47 22.92
N PHE U 138 -68.43 85.13 21.83
CA PHE U 138 -68.17 86.56 21.90
C PHE U 138 -69.31 87.40 21.32
N GLU U 139 -70.44 86.76 20.89
CA GLU U 139 -71.63 87.50 20.52
C GLU U 139 -72.67 87.36 21.64
N PRO U 140 -73.32 88.46 22.05
CA PRO U 140 -74.28 88.36 23.15
C PRO U 140 -75.55 87.64 22.73
N GLU U 141 -75.92 87.83 21.48
CA GLU U 141 -77.10 87.23 20.86
C GLU U 141 -77.13 85.72 21.02
N ASN U 142 -75.97 85.08 21.12
CA ASN U 142 -75.85 83.66 21.45
C ASN U 142 -75.92 83.40 22.95
N MET U 143 -75.28 84.25 23.76
CA MET U 143 -75.11 84.03 25.20
C MET U 143 -76.30 84.48 26.02
N LYS U 144 -77.21 85.26 25.43
CA LYS U 144 -78.43 85.61 26.15
C LYS U 144 -79.12 84.35 26.65
N LYS U 145 -79.43 83.43 25.75
CA LYS U 145 -80.02 82.17 26.18
C LYS U 145 -79.01 81.26 26.86
N LEU U 146 -77.72 81.37 26.51
CA LEU U 146 -76.69 80.53 27.12
C LEU U 146 -76.41 80.87 28.58
N ALA U 147 -76.91 82.01 29.07
CA ALA U 147 -76.75 82.34 30.49
C ALA U 147 -77.32 81.18 31.31
N LYS U 148 -78.51 80.70 30.89
CA LYS U 148 -78.95 79.31 31.01
C LYS U 148 -78.33 78.54 32.18
N CYS U 149 -77.47 77.58 31.87
CA CYS U 149 -76.89 76.64 32.82
C CYS U 149 -75.38 76.81 32.92
N GLY U 150 -74.89 78.05 32.81
CA GLY U 150 -73.49 78.30 33.04
C GLY U 150 -72.58 78.38 31.82
N VAL U 151 -72.03 79.57 31.60
CA VAL U 151 -70.99 79.85 30.61
C VAL U 151 -69.71 80.17 31.38
N ALA U 152 -68.55 79.80 30.83
CA ALA U 152 -67.30 79.92 31.58
C ALA U 152 -66.16 80.40 30.69
N PHE U 153 -65.55 81.52 31.08
CA PHE U 153 -64.35 82.07 30.45
C PHE U 153 -63.13 81.80 31.33
N MET U 154 -61.96 82.02 30.75
CA MET U 154 -60.70 81.85 31.46
C MET U 154 -60.38 83.10 32.27
N ASP U 155 -60.04 82.91 33.54
CA ASP U 155 -59.59 84.04 34.35
C ASP U 155 -58.17 84.43 33.95
N SER U 156 -58.00 84.93 32.72
CA SER U 156 -56.68 85.31 32.22
C SER U 156 -56.88 86.23 31.02
N GLY U 157 -56.38 87.46 31.12
CA GLY U 157 -56.42 88.37 30.00
C GLY U 157 -55.62 87.92 28.79
N ASP U 158 -54.72 86.94 28.95
CA ASP U 158 -53.92 86.45 27.85
C ASP U 158 -54.62 85.36 27.06
N GLU U 159 -55.59 84.68 27.69
CA GLU U 159 -56.47 83.77 26.97
C GLU U 159 -57.44 84.59 26.14
N MET U 160 -58.26 85.41 26.80
CA MET U 160 -59.37 86.13 26.19
C MET U 160 -58.95 87.13 25.12
N LEU U 161 -58.42 88.29 25.54
CA LEU U 161 -58.21 89.43 24.66
C LEU U 161 -57.58 89.02 23.33
N PRO U 162 -56.57 88.13 23.30
CA PRO U 162 -56.07 87.65 22.00
C PRO U 162 -57.03 86.78 21.23
N ALA U 163 -57.97 86.10 21.90
CA ALA U 163 -58.96 85.32 21.16
C ALA U 163 -59.95 86.24 20.45
N ALA U 164 -60.38 87.31 21.12
CA ALA U 164 -61.34 88.25 20.52
C ALA U 164 -60.73 89.09 19.42
N LEU U 165 -59.40 89.14 19.35
CA LEU U 165 -58.74 89.80 18.23
C LEU U 165 -58.78 88.92 16.99
N ASN U 166 -58.06 87.80 17.02
CA ASN U 166 -58.23 86.75 16.02
C ASN U 166 -59.66 86.55 15.55
N TYR U 167 -60.58 86.43 16.50
CA TYR U 167 -62.00 86.33 16.13
C TYR U 167 -62.40 87.47 15.20
N LEU U 168 -62.12 88.70 15.58
CA LEU U 168 -62.52 89.81 14.73
C LEU U 168 -61.60 90.04 13.55
N GLY U 169 -61.00 88.99 13.01
CA GLY U 169 -60.10 89.11 11.88
C GLY U 169 -58.96 90.07 12.16
N LEU U 170 -58.68 90.31 13.43
CA LEU U 170 -57.57 91.14 13.85
C LEU U 170 -56.35 90.30 14.21
N ASP U 171 -55.28 90.99 14.58
CA ASP U 171 -54.07 90.36 15.07
C ASP U 171 -54.19 90.12 16.57
N PRO U 172 -54.09 88.87 17.04
CA PRO U 172 -54.08 88.66 18.50
C PRO U 172 -52.87 89.28 19.18
N ASN U 173 -51.71 89.26 18.54
CA ASN U 173 -50.51 89.89 19.09
C ASN U 173 -50.34 91.32 18.58
N THR U 174 -51.39 92.13 18.71
CA THR U 174 -51.34 93.50 18.21
C THR U 174 -50.72 94.41 19.27
N HIS U 175 -50.37 95.63 18.84
CA HIS U 175 -49.93 96.67 19.76
C HIS U 175 -50.83 97.90 19.74
N ASP U 176 -51.71 98.04 18.75
CA ASP U 176 -52.67 99.14 18.75
C ASP U 176 -53.48 99.16 20.06
N PRO U 177 -53.59 100.30 20.72
CA PRO U 177 -54.31 100.32 22.01
C PRO U 177 -55.82 100.16 21.90
N LYS U 178 -56.42 100.36 20.72
CA LYS U 178 -57.88 100.29 20.63
C LYS U 178 -58.40 99.01 20.00
N ASP U 179 -57.57 98.33 19.19
CA ASP U 179 -57.83 96.92 18.89
C ASP U 179 -58.20 96.23 20.18
N TYR U 180 -57.37 96.43 21.20
CA TYR U 180 -57.61 95.89 22.51
C TYR U 180 -58.89 96.40 23.13
N LYS U 181 -59.65 97.29 22.46
CA LYS U 181 -60.86 97.75 23.13
C LYS U 181 -62.14 97.40 22.35
N LYS U 182 -62.12 97.34 21.02
CA LYS U 182 -63.06 96.46 20.33
C LYS U 182 -62.87 95.02 20.78
N ALA U 183 -61.61 94.62 21.02
CA ALA U 183 -61.35 93.45 21.85
C ALA U 183 -62.16 93.55 23.13
N GLU U 184 -61.96 94.64 23.87
CA GLU U 184 -62.73 94.82 25.09
C GLU U 184 -64.22 94.96 24.77
N GLU U 185 -64.59 95.75 23.76
CA GLU U 185 -66.00 95.90 23.38
C GLU U 185 -66.65 94.53 23.19
N VAL U 186 -66.06 93.71 22.33
CA VAL U 186 -66.59 92.37 22.10
C VAL U 186 -66.66 91.58 23.41
N LEU U 187 -65.56 91.54 24.16
CA LEU U 187 -65.55 90.80 25.41
C LEU U 187 -66.46 91.43 26.45
N THR U 188 -66.43 92.77 26.59
CA THR U 188 -67.24 93.43 27.61
C THR U 188 -68.72 93.11 27.43
N LYS U 189 -69.18 92.97 26.19
CA LYS U 189 -70.61 92.82 25.97
C LYS U 189 -71.13 91.47 26.47
N VAL U 190 -70.40 90.38 26.17
CA VAL U 190 -70.83 89.08 26.65
C VAL U 190 -70.40 88.79 28.09
N ARG U 191 -69.71 89.75 28.73
CA ARG U 191 -69.51 89.65 30.17
C ARG U 191 -70.79 89.35 30.94
N PRO U 192 -71.83 90.25 30.94
CA PRO U 192 -72.99 90.06 31.84
C PRO U 192 -73.61 88.67 31.85
N TYR U 193 -73.20 87.82 30.93
CA TYR U 193 -73.73 86.46 30.83
C TYR U 193 -72.81 85.40 31.41
N VAL U 194 -71.58 85.73 31.77
CA VAL U 194 -70.64 84.71 32.25
C VAL U 194 -71.00 84.34 33.69
N SER U 195 -71.16 83.04 33.94
CA SER U 195 -71.24 82.57 35.33
C SER U 195 -69.97 82.90 36.10
N TYR U 196 -68.81 82.47 35.60
CA TYR U 196 -67.58 82.79 36.32
C TYR U 196 -66.41 82.84 35.36
N PHE U 197 -65.41 83.63 35.74
CA PHE U 197 -64.09 83.62 35.14
C PHE U 197 -63.21 82.63 35.90
N HIS U 198 -62.57 81.72 35.17
CA HIS U 198 -61.73 80.69 35.78
C HIS U 198 -60.96 79.88 34.75
N SER U 199 -59.80 79.33 35.13
CA SER U 199 -58.97 78.58 34.20
C SER U 199 -58.81 77.12 34.56
N SER U 200 -59.58 76.61 35.53
CA SER U 200 -59.44 75.20 35.89
C SER U 200 -60.75 74.55 36.34
N LYS U 201 -61.52 75.22 37.18
CA LYS U 201 -62.66 74.54 37.79
C LYS U 201 -63.75 74.14 36.80
N TYR U 202 -63.69 74.62 35.56
CA TYR U 202 -64.77 74.30 34.62
C TYR U 202 -64.76 72.82 34.26
N ILE U 203 -63.61 72.16 34.30
CA ILE U 203 -63.55 70.73 33.95
C ILE U 203 -64.52 69.93 34.82
N SER U 204 -64.29 69.95 36.13
CA SER U 204 -65.20 69.25 37.04
C SER U 204 -66.62 69.76 36.90
N ASP U 205 -66.79 71.01 36.51
CA ASP U 205 -68.13 71.56 36.26
C ASP U 205 -68.69 71.06 34.93
N LEU U 206 -67.95 71.24 33.83
CA LEU U 206 -68.36 70.75 32.52
C LEU U 206 -68.79 69.29 32.58
N ALA U 207 -68.08 68.49 33.37
CA ALA U 207 -68.41 67.07 33.49
C ALA U 207 -69.73 66.85 34.24
N ASN U 208 -69.97 67.62 35.30
CA ASN U 208 -71.15 67.46 36.14
C ASN U 208 -72.35 68.28 35.66
N GLY U 209 -72.33 68.76 34.41
CA GLY U 209 -73.43 69.54 33.89
C GLY U 209 -73.59 70.88 34.59
N ASN U 210 -72.77 71.12 35.62
CA ASN U 210 -72.90 72.33 36.41
C ASN U 210 -72.77 73.57 35.54
N ILE U 211 -71.91 73.52 34.53
CA ILE U 211 -71.88 74.50 33.44
C ILE U 211 -72.07 73.72 32.15
N CYS U 212 -72.49 74.42 31.11
CA CYS U 212 -72.72 73.74 29.85
C CYS U 212 -71.71 74.11 28.77
N VAL U 213 -70.83 75.06 29.01
CA VAL U 213 -69.94 75.51 27.96
C VAL U 213 -68.73 76.08 28.70
N ALA U 214 -67.60 76.23 28.01
CA ALA U 214 -66.45 76.82 28.65
C ALA U 214 -65.41 77.21 27.61
N PHE U 215 -64.69 78.31 27.87
CA PHE U 215 -63.45 78.56 27.15
C PHE U 215 -62.42 77.60 27.73
N GLY U 216 -62.11 76.56 26.98
CA GLY U 216 -61.23 75.52 27.48
C GLY U 216 -59.96 75.30 26.70
N TYR U 217 -59.02 74.64 27.36
CA TYR U 217 -57.87 74.08 26.68
C TYR U 217 -58.27 72.79 25.98
N SER U 218 -57.35 72.25 25.16
CA SER U 218 -57.66 71.04 24.42
C SER U 218 -57.90 69.86 25.35
N GLY U 219 -56.83 69.27 25.88
CA GLY U 219 -56.97 68.10 26.72
C GLY U 219 -57.88 68.32 27.92
N ASP U 220 -58.00 69.57 28.38
CA ASP U 220 -58.95 69.90 29.44
C ASP U 220 -60.35 69.39 29.11
N VAL U 221 -60.86 69.73 27.93
CA VAL U 221 -62.20 69.33 27.55
C VAL U 221 -62.29 67.82 27.38
N PHE U 222 -61.48 67.27 26.46
CA PHE U 222 -61.27 65.84 26.31
C PHE U 222 -61.16 65.09 27.62
N GLN U 223 -60.55 65.73 28.62
CA GLN U 223 -60.50 65.13 29.96
C GLN U 223 -61.86 65.16 30.63
N ALA U 224 -62.58 66.29 30.50
CA ALA U 224 -63.91 66.39 31.09
C ALA U 224 -64.85 65.35 30.48
N ALA U 225 -64.83 65.23 29.15
CA ALA U 225 -65.67 64.24 28.47
C ALA U 225 -65.43 62.84 29.03
N ALA U 226 -64.19 62.38 28.99
CA ALA U 226 -63.86 61.05 29.52
C ALA U 226 -64.11 60.94 31.01
N ARG U 227 -64.35 62.05 31.71
CA ARG U 227 -64.91 61.98 33.06
C ARG U 227 -66.42 61.85 33.04
N ALA U 228 -67.08 62.44 32.03
CA ALA U 228 -68.54 62.38 31.98
C ALA U 228 -69.02 60.98 31.65
N GLU U 229 -68.27 60.26 30.80
CA GLU U 229 -68.63 58.88 30.48
C GLU U 229 -68.52 57.99 31.72
N GLU U 230 -67.40 58.10 32.44
CA GLU U 230 -67.20 57.27 33.63
C GLU U 230 -68.04 57.73 34.81
N ALA U 231 -68.72 58.87 34.70
CA ALA U 231 -69.77 59.19 35.65
C ALA U 231 -70.97 58.26 35.45
N GLY U 232 -71.40 58.08 34.21
CA GLY U 232 -72.50 57.19 33.88
C GLY U 232 -73.76 57.90 33.46
N LYS U 233 -73.88 59.21 33.70
CA LYS U 233 -75.09 59.96 33.41
C LYS U 233 -75.19 60.36 31.94
N GLY U 234 -74.25 59.94 31.09
CA GLY U 234 -74.36 60.18 29.66
C GLY U 234 -74.26 61.63 29.25
N ILE U 235 -73.40 62.41 29.90
CA ILE U 235 -73.26 63.83 29.61
C ILE U 235 -72.25 64.00 28.48
N ASP U 236 -72.74 64.43 27.33
CA ASP U 236 -71.98 64.41 26.09
C ASP U 236 -71.17 65.71 25.99
N ILE U 237 -69.85 65.60 26.18
CA ILE U 237 -68.94 66.73 26.12
C ILE U 237 -68.20 66.68 24.79
N GLN U 238 -67.96 67.85 24.18
CA GLN U 238 -67.24 67.95 22.93
C GLN U 238 -66.33 69.16 22.95
N TYR U 239 -65.33 69.16 22.05
CA TYR U 239 -64.36 70.24 21.97
C TYR U 239 -64.24 70.70 20.52
N VAL U 240 -64.28 72.01 20.31
CA VAL U 240 -64.31 72.59 18.98
C VAL U 240 -63.18 73.62 18.85
N ILE U 241 -62.59 73.69 17.68
CA ILE U 241 -61.67 74.76 17.30
C ILE U 241 -62.40 75.62 16.27
N PRO U 242 -62.74 76.87 16.59
CA PRO U 242 -63.56 77.68 15.70
C PRO U 242 -63.00 77.95 14.31
N LYS U 243 -63.70 78.80 13.55
CA LYS U 243 -63.39 79.00 12.14
C LYS U 243 -62.21 79.94 12.00
N GLU U 244 -62.28 81.08 12.66
CA GLU U 244 -61.22 82.09 12.62
C GLU U 244 -59.91 81.55 13.16
N GLY U 245 -59.96 80.49 13.96
CA GLY U 245 -58.78 79.90 14.55
C GLY U 245 -58.83 79.99 16.06
N ALA U 246 -57.67 79.81 16.67
CA ALA U 246 -57.54 79.73 18.13
C ALA U 246 -56.05 79.72 18.44
N ASN U 247 -55.70 79.54 19.71
CA ASN U 247 -54.32 79.62 20.16
C ASN U 247 -53.65 78.25 20.07
N LEU U 248 -52.50 78.21 19.39
CA LEU U 248 -51.57 77.09 19.48
C LEU U 248 -50.50 77.46 20.48
N TRP U 249 -50.26 76.58 21.46
CA TRP U 249 -49.31 76.90 22.52
C TRP U 249 -48.45 75.68 22.82
N PHE U 250 -47.48 75.90 23.71
CA PHE U 250 -46.50 74.89 24.11
C PHE U 250 -46.15 75.15 25.56
N ASP U 251 -46.13 74.10 26.39
CA ASP U 251 -45.71 74.22 27.78
C ASP U 251 -44.37 73.52 27.97
N LEU U 252 -43.38 74.27 28.42
CA LEU U 252 -42.02 73.79 28.52
C LEU U 252 -41.60 73.77 29.99
N MET U 253 -40.71 72.85 30.33
CA MET U 253 -40.17 72.80 31.68
C MET U 253 -38.86 73.58 31.76
N ALA U 254 -38.69 74.31 32.85
CA ALA U 254 -37.50 75.13 33.05
C ALA U 254 -37.11 75.09 34.52
N ILE U 255 -35.82 75.32 34.76
CA ILE U 255 -35.22 75.22 36.08
C ILE U 255 -34.91 76.63 36.57
N PRO U 256 -35.56 77.11 37.63
CA PRO U 256 -35.35 78.50 38.06
C PRO U 256 -33.89 78.76 38.41
N ALA U 257 -33.52 80.05 38.34
CA ALA U 257 -32.12 80.43 38.45
C ALA U 257 -31.53 79.98 39.78
N ASP U 258 -32.27 80.20 40.87
CA ASP U 258 -31.85 79.81 42.20
C ASP U 258 -32.25 78.38 42.55
N ALA U 259 -32.43 77.50 41.58
CA ALA U 259 -32.77 76.13 41.89
C ALA U 259 -31.63 75.44 42.63
N LYS U 260 -31.98 74.68 43.67
CA LYS U 260 -30.99 73.98 44.50
C LYS U 260 -30.69 72.61 43.89
N ALA U 261 -31.67 71.70 43.93
CA ALA U 261 -31.47 70.33 43.47
C ALA U 261 -31.54 70.17 41.94
N ALA U 262 -30.89 71.05 41.18
CA ALA U 262 -31.01 71.04 39.72
C ALA U 262 -30.59 69.71 39.11
N ASP U 263 -29.65 69.00 39.74
CA ASP U 263 -29.29 67.66 39.27
C ASP U 263 -30.47 66.71 39.32
N ASN U 264 -31.46 66.95 40.17
CA ASN U 264 -32.64 66.10 40.19
C ASN U 264 -33.62 66.52 39.10
N ALA U 265 -33.83 67.83 38.95
CA ALA U 265 -34.70 68.34 37.89
C ALA U 265 -34.31 67.78 36.53
N TYR U 266 -33.01 67.56 36.31
CA TYR U 266 -32.54 66.90 35.10
C TYR U 266 -32.97 65.44 35.08
N ALA U 267 -32.80 64.73 36.21
CA ALA U 267 -33.19 63.33 36.26
C ALA U 267 -34.66 63.14 35.96
N PHE U 268 -35.50 64.05 36.46
CA PHE U 268 -36.93 64.00 36.15
C PHE U 268 -37.18 64.30 34.67
N ILE U 269 -36.79 65.50 34.23
CA ILE U 269 -36.95 65.94 32.85
C ILE U 269 -36.45 64.88 31.86
N ASP U 270 -35.39 64.15 32.24
CA ASP U 270 -34.94 63.06 31.38
C ASP U 270 -35.93 61.90 31.38
N TYR U 271 -36.38 61.49 32.57
CA TYR U 271 -37.37 60.43 32.70
C TYR U 271 -38.56 60.68 31.77
N LEU U 272 -39.19 61.86 31.89
CA LEU U 272 -40.31 62.27 31.01
C LEU U 272 -39.88 62.59 29.59
N LEU U 273 -38.66 62.31 29.16
CA LEU U 273 -38.31 62.32 27.75
C LEU U 273 -38.25 60.92 27.13
N ARG U 274 -38.48 59.89 27.93
CA ARG U 274 -38.63 58.56 27.39
C ARG U 274 -39.99 58.42 26.73
N PRO U 275 -40.07 57.75 25.58
CA PRO U 275 -41.39 57.61 24.92
C PRO U 275 -42.36 56.83 25.78
N GLU U 276 -41.90 55.70 26.32
CA GLU U 276 -42.59 54.91 27.34
C GLU U 276 -43.29 55.74 28.42
N VAL U 277 -42.74 56.89 28.77
CA VAL U 277 -43.32 57.68 29.85
C VAL U 277 -44.35 58.67 29.33
N ILE U 278 -43.90 59.65 28.54
CA ILE U 278 -44.77 60.76 28.14
C ILE U 278 -46.02 60.25 27.43
N ALA U 279 -45.96 59.05 26.84
CA ALA U 279 -47.16 58.37 26.38
C ALA U 279 -48.16 58.19 27.52
N LYS U 280 -47.70 57.57 28.61
CA LYS U 280 -48.57 57.35 29.77
C LYS U 280 -49.08 58.67 30.32
N VAL U 281 -48.23 59.70 30.33
CA VAL U 281 -48.70 61.05 30.69
C VAL U 281 -49.75 61.53 29.70
N SER U 282 -49.42 61.51 28.41
CA SER U 282 -50.35 62.01 27.41
C SER U 282 -51.64 61.20 27.36
N ASP U 283 -51.56 59.88 27.59
CA ASP U 283 -52.77 59.07 27.63
C ASP U 283 -53.75 59.58 28.68
N TYR U 284 -53.23 60.08 29.80
CA TYR U 284 -54.09 60.48 30.92
C TYR U 284 -54.69 61.86 30.70
N VAL U 285 -53.83 62.89 30.58
CA VAL U 285 -54.32 64.27 30.52
C VAL U 285 -54.79 64.68 29.14
N GLY U 286 -54.53 63.86 28.11
CA GLY U 286 -55.10 64.10 26.79
C GLY U 286 -54.49 65.24 26.01
N TYR U 287 -53.22 65.54 26.22
CA TYR U 287 -52.50 66.53 25.44
C TYR U 287 -51.38 65.86 24.64
N ALA U 288 -51.04 66.45 23.51
CA ALA U 288 -49.97 65.94 22.66
C ALA U 288 -48.61 66.32 23.24
N ASN U 289 -47.68 65.37 23.20
CA ASN U 289 -46.35 65.57 23.75
C ASN U 289 -45.43 66.10 22.64
N ALA U 290 -44.12 66.03 22.87
CA ALA U 290 -43.13 66.44 21.90
C ALA U 290 -42.21 65.31 21.47
N ILE U 291 -42.51 64.07 21.87
CA ILE U 291 -41.71 62.91 21.49
C ILE U 291 -42.46 62.11 20.43
N PRO U 292 -42.03 62.16 19.18
CA PRO U 292 -42.73 61.38 18.13
C PRO U 292 -42.77 59.89 18.44
N GLY U 293 -41.65 59.30 18.86
CA GLY U 293 -41.60 57.89 19.17
C GLY U 293 -42.59 57.42 20.21
N ALA U 294 -43.30 58.35 20.86
CA ALA U 294 -44.22 58.00 21.94
C ALA U 294 -45.65 57.76 21.46
N ARG U 295 -46.08 58.37 20.35
CA ARG U 295 -47.47 58.23 19.93
C ARG U 295 -47.80 56.90 19.24
N PRO U 296 -46.84 56.13 18.68
CA PRO U 296 -47.17 54.75 18.33
C PRO U 296 -47.48 53.90 19.55
N LEU U 297 -47.17 54.41 20.75
CA LEU U 297 -47.34 53.71 22.00
C LEU U 297 -48.54 54.21 22.80
N MET U 298 -49.13 55.33 22.42
CA MET U 298 -50.22 55.94 23.19
C MET U 298 -51.55 55.24 22.91
N ASP U 299 -52.59 55.70 23.61
CA ASP U 299 -53.94 55.24 23.32
C ASP U 299 -54.43 55.89 22.04
N LYS U 300 -55.01 55.08 21.15
CA LYS U 300 -55.38 55.53 19.82
C LYS U 300 -56.22 56.82 19.87
N SER U 301 -57.21 56.88 20.76
CA SER U 301 -58.12 58.03 20.82
C SER U 301 -57.43 59.32 21.28
N VAL U 302 -56.17 59.25 21.71
CA VAL U 302 -55.34 60.43 21.86
C VAL U 302 -54.40 60.59 20.68
N SER U 303 -53.67 59.52 20.34
CA SER U 303 -52.69 59.59 19.27
C SER U 303 -53.33 59.80 17.90
N ASP U 304 -54.58 59.39 17.74
CA ASP U 304 -55.27 59.55 16.46
C ASP U 304 -56.20 60.76 16.41
N SER U 305 -56.71 61.22 17.55
CA SER U 305 -57.65 62.33 17.58
C SER U 305 -57.10 63.54 16.82
N GLU U 306 -57.85 64.00 15.81
CA GLU U 306 -57.41 65.16 15.04
C GLU U 306 -57.37 66.44 15.87
N GLU U 307 -58.05 66.49 17.00
CA GLU U 307 -58.01 67.70 17.81
C GLU U 307 -57.00 67.61 18.95
N VAL U 308 -56.37 66.46 19.15
CA VAL U 308 -55.22 66.36 20.04
C VAL U 308 -53.93 66.65 19.27
N TYR U 309 -53.74 65.99 18.12
CA TYR U 309 -52.64 66.25 17.19
C TYR U 309 -53.25 66.80 15.89
N PRO U 310 -53.54 68.10 15.84
CA PRO U 310 -54.20 68.61 14.64
C PRO U 310 -53.34 68.46 13.44
N PRO U 311 -53.92 68.38 12.24
CA PRO U 311 -53.14 68.35 11.00
C PRO U 311 -52.79 69.75 10.50
N GLN U 312 -51.74 69.77 9.65
CA GLN U 312 -51.10 71.03 9.25
C GLN U 312 -52.10 72.08 8.77
N ALA U 313 -53.11 71.67 8.01
CA ALA U 313 -54.10 72.62 7.49
C ALA U 313 -54.78 73.38 8.62
N VAL U 314 -55.01 72.71 9.75
CA VAL U 314 -55.70 73.35 10.87
C VAL U 314 -54.74 74.24 11.66
N LEU U 315 -53.49 73.80 11.81
CA LEU U 315 -52.48 74.59 12.51
C LEU U 315 -52.25 75.93 11.82
N ASP U 316 -52.28 75.93 10.48
CA ASP U 316 -52.06 77.14 9.69
C ASP U 316 -53.26 78.08 9.70
N LYS U 317 -54.21 77.87 10.60
CA LYS U 317 -55.30 78.80 10.86
C LYS U 317 -55.28 79.32 12.29
N LEU U 318 -54.31 78.92 13.09
CA LEU U 318 -54.20 79.27 14.50
C LEU U 318 -53.08 80.28 14.72
N TYR U 319 -53.11 80.92 15.88
CA TYR U 319 -52.12 81.93 16.25
C TYR U 319 -51.26 81.45 17.40
N VAL U 320 -49.97 81.71 17.33
CA VAL U 320 -49.04 81.40 18.40
C VAL U 320 -48.65 82.74 19.03
N SER U 321 -49.16 83.00 20.23
CA SER U 321 -48.83 84.21 20.94
C SER U 321 -47.32 84.36 21.04
N ALA U 322 -46.84 85.60 20.95
CA ALA U 322 -45.41 85.88 20.96
C ALA U 322 -45.09 86.88 22.04
N VAL U 323 -43.81 86.91 22.43
CA VAL U 323 -43.33 87.62 23.60
C VAL U 323 -43.55 89.11 23.40
N LEU U 324 -44.52 89.70 24.11
CA LEU U 324 -44.90 91.05 23.73
C LEU U 324 -44.16 92.12 24.52
N PRO U 325 -44.02 93.31 23.93
CA PRO U 325 -43.51 94.45 24.69
C PRO U 325 -44.34 94.71 25.92
N ALA U 326 -43.67 95.20 26.97
CA ALA U 326 -44.30 95.33 28.28
C ALA U 326 -45.46 96.32 28.27
N LYS U 327 -45.23 97.50 27.67
CA LYS U 327 -46.27 98.50 27.39
C LYS U 327 -47.60 97.85 27.07
N VAL U 328 -47.56 96.87 26.17
CA VAL U 328 -48.76 96.18 25.71
C VAL U 328 -49.30 95.26 26.80
N LEU U 329 -48.42 94.58 27.52
CA LEU U 329 -48.85 93.58 28.50
C LEU U 329 -49.59 94.22 29.67
N ARG U 330 -49.14 95.40 30.11
CA ARG U 330 -49.89 96.12 31.14
C ARG U 330 -51.26 96.54 30.61
N LEU U 331 -51.28 97.11 29.39
CA LEU U 331 -52.54 97.34 28.69
C LEU U 331 -53.45 96.14 28.79
N GLN U 332 -52.95 94.98 28.35
CA GLN U 332 -53.69 93.73 28.48
C GLN U 332 -54.10 93.47 29.91
N THR U 333 -53.16 93.61 30.85
CA THR U 333 -53.48 93.39 32.26
C THR U 333 -54.53 94.39 32.75
N ARG U 334 -54.31 95.67 32.49
CA ARG U 334 -55.30 96.69 32.85
C ARG U 334 -56.67 96.37 32.26
N THR U 335 -56.69 96.04 30.96
CA THR U 335 -57.96 95.85 30.26
C THR U 335 -58.76 94.71 30.86
N TRP U 336 -58.09 93.62 31.23
CA TRP U 336 -58.77 92.47 31.79
C TRP U 336 -59.27 92.72 33.21
N THR U 337 -58.54 93.54 33.97
CA THR U 337 -58.97 93.89 35.33
C THR U 337 -60.18 94.82 35.31
N ARG U 338 -60.25 95.69 34.30
CA ARG U 338 -61.43 96.52 34.11
C ARG U 338 -62.67 95.67 33.84
N ILE U 339 -62.52 94.67 32.96
CA ILE U 339 -63.57 93.68 32.74
C ILE U 339 -63.94 92.94 34.04
N LYS U 340 -63.03 92.92 35.03
CA LYS U 340 -63.38 92.48 36.38
C LYS U 340 -63.92 91.06 36.50
N GLN V 3 -34.44 42.60 6.94
CA GLN V 3 -35.36 43.45 6.18
C GLN V 3 -36.74 43.47 6.82
N VAL V 4 -37.46 44.59 6.70
CA VAL V 4 -38.67 44.77 7.51
C VAL V 4 -39.80 43.90 6.97
N GLN V 5 -40.44 43.16 7.88
CA GLN V 5 -41.42 42.12 7.58
C GLN V 5 -41.89 41.43 8.87
N LEU V 6 -43.07 40.85 8.84
CA LEU V 6 -43.51 39.96 9.91
C LEU V 6 -43.81 38.61 9.28
N VAL V 7 -43.40 37.54 9.94
CA VAL V 7 -43.70 36.18 9.49
C VAL V 7 -44.70 35.59 10.45
N GLU V 8 -45.69 34.90 9.92
CA GLU V 8 -46.72 34.27 10.71
C GLU V 8 -46.53 32.76 10.64
N THR V 9 -47.19 32.07 11.57
CA THR V 9 -46.92 30.66 11.77
C THR V 9 -47.56 29.82 10.67
N GLY V 10 -47.23 28.53 10.70
CA GLY V 10 -47.90 27.53 9.89
C GLY V 10 -49.41 27.64 10.02
N ASP V 11 -50.09 27.39 8.92
CA ASP V 11 -51.54 27.33 8.89
C ASP V 11 -52.02 26.20 9.80
N GLU V 12 -53.33 26.12 10.00
CA GLU V 12 -53.77 25.33 11.14
C GLU V 12 -55.26 25.08 11.03
N VAL V 13 -55.70 23.97 11.62
CA VAL V 13 -57.07 23.48 11.45
C VAL V 13 -57.53 22.86 12.77
N LYS V 14 -58.73 23.25 13.22
CA LYS V 14 -59.17 22.93 14.57
C LYS V 14 -60.67 22.63 14.55
N THR V 15 -61.09 22.02 15.64
CA THR V 15 -62.48 21.55 15.88
C THR V 15 -63.10 22.58 16.79
N PRO V 16 -64.33 23.04 16.54
CA PRO V 16 -64.99 24.00 17.39
C PRO V 16 -64.92 23.60 18.86
N GLY V 17 -64.50 24.52 19.71
CA GLY V 17 -64.38 24.21 21.13
C GLY V 17 -62.95 24.28 21.59
N ALA V 18 -62.01 24.33 20.66
CA ALA V 18 -60.60 24.23 21.08
C ALA V 18 -60.00 25.63 21.19
N SER V 19 -58.76 25.81 20.74
CA SER V 19 -58.10 27.13 20.89
C SER V 19 -56.92 27.22 19.95
N VAL V 20 -56.82 28.27 19.16
CA VAL V 20 -55.68 28.41 18.21
C VAL V 20 -54.93 29.67 18.55
N LYS V 21 -53.63 29.72 18.27
CA LYS V 21 -52.81 30.92 18.55
C LYS V 21 -51.63 31.01 17.59
N VAL V 22 -51.67 32.03 16.75
CA VAL V 22 -50.78 32.46 15.68
C VAL V 22 -49.64 33.29 16.27
N SER V 23 -48.43 33.09 15.75
CA SER V 23 -47.24 33.77 16.25
C SER V 23 -46.65 34.62 15.14
N CYS V 24 -46.25 35.84 15.46
CA CYS V 24 -45.93 36.82 14.43
C CYS V 24 -44.56 37.39 14.73
N LYS V 25 -43.54 36.69 14.26
CA LYS V 25 -42.15 37.09 14.49
C LYS V 25 -41.79 38.29 13.63
N VAL V 26 -41.24 39.36 14.24
CA VAL V 26 -40.99 40.53 13.38
C VAL V 26 -39.54 40.38 13.01
N SER V 27 -39.08 41.17 12.04
CA SER V 27 -37.67 41.48 11.92
C SER V 27 -37.52 42.74 11.08
N GLY V 28 -36.36 43.35 11.18
CA GLY V 28 -36.04 44.51 10.38
C GLY V 28 -36.27 45.85 11.03
N TYR V 29 -36.96 45.90 12.17
CA TYR V 29 -37.16 47.14 12.91
C TYR V 29 -37.11 46.88 14.42
N THR V 30 -37.08 47.96 15.19
CA THR V 30 -37.12 47.87 16.65
C THR V 30 -38.53 47.48 17.07
N PHE V 31 -38.68 46.22 17.47
CA PHE V 31 -39.98 45.62 17.77
C PHE V 31 -40.79 46.46 18.76
N THR V 32 -40.14 46.96 19.81
CA THR V 32 -40.83 47.58 20.94
C THR V 32 -41.07 49.07 20.76
N SER V 33 -41.04 49.57 19.52
CA SER V 33 -41.22 50.98 19.23
C SER V 33 -42.51 51.27 18.50
N TYR V 34 -43.27 50.23 18.16
CA TYR V 34 -44.53 50.34 17.42
C TYR V 34 -45.48 49.30 17.96
N GLY V 35 -46.77 49.62 17.92
CA GLY V 35 -47.77 48.64 18.30
C GLY V 35 -47.78 47.46 17.35
N ILE V 36 -48.59 46.45 17.68
CA ILE V 36 -48.87 45.34 16.76
C ILE V 36 -50.32 44.89 16.83
N SER V 37 -51.01 45.06 15.72
CA SER V 37 -52.41 44.81 15.50
C SER V 37 -52.64 43.40 14.97
N TRP V 38 -53.90 42.95 15.03
CA TRP V 38 -54.36 41.70 14.43
C TRP V 38 -55.67 41.96 13.70
N VAL V 39 -55.66 41.77 12.39
CA VAL V 39 -56.84 42.01 11.55
C VAL V 39 -57.26 40.71 10.89
N ARG V 40 -58.45 40.23 11.24
CA ARG V 40 -59.00 38.98 10.75
C ARG V 40 -59.79 39.19 9.46
N GLN V 41 -59.61 38.28 8.49
CA GLN V 41 -60.37 38.33 7.25
C GLN V 41 -61.08 37.01 7.04
N ALA V 42 -62.42 37.05 7.14
CA ALA V 42 -63.27 35.88 6.92
C ALA V 42 -63.12 35.37 5.48
N PRO V 43 -63.55 34.12 5.22
CA PRO V 43 -63.39 33.58 3.85
C PRO V 43 -64.15 34.42 2.82
N GLY V 44 -63.41 35.24 2.08
CA GLY V 44 -64.00 36.03 1.03
C GLY V 44 -64.84 37.20 1.49
N GLN V 45 -64.49 37.81 2.62
CA GLN V 45 -65.25 38.94 3.15
C GLN V 45 -64.29 39.97 3.72
N GLY V 46 -64.85 41.11 4.14
CA GLY V 46 -64.03 42.24 4.50
C GLY V 46 -63.16 42.00 5.72
N LEU V 47 -62.46 43.05 6.12
CA LEU V 47 -61.55 42.91 7.25
C LEU V 47 -62.25 43.24 8.58
N GLU V 48 -61.67 42.70 9.64
CA GLU V 48 -62.24 42.74 10.98
C GLU V 48 -61.08 42.71 11.98
N TRP V 49 -60.55 43.90 12.28
CA TRP V 49 -59.73 44.19 13.44
C TRP V 49 -60.13 43.42 14.70
N MET V 50 -59.15 43.11 15.55
CA MET V 50 -59.37 42.32 16.75
C MET V 50 -58.79 42.99 17.98
N GLY V 51 -57.47 43.10 17.99
CA GLY V 51 -56.79 43.55 19.20
C GLY V 51 -55.36 43.98 18.99
N TRP V 52 -55.01 45.03 19.75
CA TRP V 52 -53.79 45.82 19.58
C TRP V 52 -52.92 45.67 20.81
N ILE V 53 -51.71 45.16 20.65
CA ILE V 53 -50.82 44.98 21.79
C ILE V 53 -49.74 46.06 21.73
N ASN V 54 -49.19 46.37 22.89
CA ASN V 54 -48.05 47.27 23.00
C ASN V 54 -46.81 46.42 23.30
N PRO V 55 -45.91 46.23 22.35
CA PRO V 55 -44.71 45.42 22.64
C PRO V 55 -43.90 45.96 23.81
N ASN V 56 -43.84 47.29 23.96
CA ASN V 56 -43.05 47.88 25.03
C ASN V 56 -43.66 47.55 26.39
N SER V 57 -44.93 47.90 26.58
CA SER V 57 -45.56 47.77 27.89
C SER V 57 -46.23 46.42 28.10
N GLY V 58 -46.73 45.79 27.03
CA GLY V 58 -47.47 44.55 27.14
C GLY V 58 -48.97 44.74 27.24
N GLY V 59 -49.46 45.97 27.34
CA GLY V 59 -50.89 46.20 27.45
C GLY V 59 -51.61 45.87 26.14
N THR V 60 -52.91 45.59 26.29
CA THR V 60 -53.71 45.12 25.16
C THR V 60 -54.99 45.94 25.03
N ASN V 61 -55.52 45.97 23.81
CA ASN V 61 -56.80 46.60 23.50
C ASN V 61 -57.60 45.63 22.63
N TYR V 62 -58.67 45.07 23.16
CA TYR V 62 -59.54 44.17 22.42
C TYR V 62 -60.85 44.84 22.06
N ALA V 63 -61.28 44.68 20.82
CA ALA V 63 -62.67 44.97 20.48
C ALA V 63 -63.56 43.90 21.10
N GLN V 64 -64.73 44.31 21.60
CA GLN V 64 -65.47 43.48 22.55
C GLN V 64 -66.13 42.26 21.93
N LYS V 65 -66.30 42.21 20.61
CA LYS V 65 -66.67 40.93 19.98
C LYS V 65 -65.70 39.82 20.36
N PHE V 66 -64.50 40.16 20.81
CA PHE V 66 -63.57 39.16 21.30
C PHE V 66 -63.25 39.32 22.78
N GLN V 67 -63.29 40.56 23.31
CA GLN V 67 -63.08 40.79 24.73
C GLN V 67 -63.61 39.69 25.63
N GLY V 68 -62.70 38.86 26.12
CA GLY V 68 -63.02 37.68 26.88
C GLY V 68 -62.64 36.37 26.23
N ARG V 69 -62.29 36.37 24.94
CA ARG V 69 -61.95 35.17 24.20
C ARG V 69 -60.61 35.28 23.48
N VAL V 70 -59.80 36.28 23.83
CA VAL V 70 -58.56 36.53 23.12
C VAL V 70 -57.50 36.97 24.11
N THR V 71 -56.26 36.53 23.86
CA THR V 71 -55.14 36.86 24.75
C THR V 71 -53.92 37.19 23.91
N MET V 72 -53.59 38.47 23.82
CA MET V 72 -52.52 38.93 22.94
C MET V 72 -51.27 39.17 23.77
N THR V 73 -50.25 38.35 23.56
CA THR V 73 -49.02 38.37 24.33
C THR V 73 -47.86 38.74 23.42
N ARG V 74 -46.68 38.88 24.02
CA ARG V 74 -45.47 39.17 23.26
C ARG V 74 -44.24 38.77 24.06
N ASP V 75 -43.30 38.09 23.41
CA ASP V 75 -41.98 37.82 23.96
C ASP V 75 -40.98 38.74 23.26
N THR V 76 -40.53 39.79 23.96
CA THR V 76 -39.57 40.69 23.33
C THR V 76 -38.19 40.04 23.21
N SER V 77 -37.95 38.97 23.94
CA SER V 77 -36.67 38.25 23.83
C SER V 77 -36.47 37.80 22.40
N ILE V 78 -37.56 37.73 21.65
CA ILE V 78 -37.56 37.14 20.32
C ILE V 78 -38.00 38.10 19.22
N SER V 79 -38.77 39.14 19.53
CA SER V 79 -39.52 39.90 18.52
C SER V 79 -40.56 39.00 17.83
N THR V 80 -41.38 38.35 18.65
CA THR V 80 -42.58 37.67 18.17
C THR V 80 -43.77 38.17 18.96
N ALA V 81 -44.92 38.25 18.30
CA ALA V 81 -46.19 38.62 18.91
C ALA V 81 -47.16 37.47 18.76
N TYR V 82 -47.99 37.24 19.78
CA TYR V 82 -48.81 36.04 19.87
C TYR V 82 -50.28 36.43 20.07
N MET V 83 -51.17 35.50 19.73
CA MET V 83 -52.60 35.75 19.58
C MET V 83 -53.36 34.44 19.72
N GLU V 84 -54.34 34.41 20.62
CA GLU V 84 -55.02 33.15 20.95
C GLU V 84 -56.50 33.37 21.18
N LEU V 85 -57.34 32.75 20.34
CA LEU V 85 -58.77 32.64 20.58
C LEU V 85 -59.09 31.32 21.27
N SER V 86 -59.82 31.40 22.38
CA SER V 86 -59.92 30.28 23.31
C SER V 86 -61.32 29.65 23.39
N ARG V 87 -62.12 29.78 22.31
CA ARG V 87 -63.18 28.80 22.00
C ARG V 87 -63.87 29.11 20.68
N LEU V 88 -63.07 29.28 19.63
CA LEU V 88 -63.43 28.99 18.25
C LEU V 88 -64.84 28.46 18.04
N ARG V 89 -65.75 29.26 17.49
CA ARG V 89 -66.90 28.66 16.84
C ARG V 89 -66.65 28.53 15.35
N SER V 90 -67.39 27.63 14.70
CA SER V 90 -67.39 27.44 13.25
C SER V 90 -67.28 28.76 12.50
N ASP V 91 -67.74 29.84 13.13
CA ASP V 91 -67.76 31.17 12.57
C ASP V 91 -66.37 31.79 12.40
N ASP V 92 -65.33 31.24 13.02
CA ASP V 92 -64.02 31.89 13.07
C ASP V 92 -63.06 31.44 11.98
N THR V 93 -63.49 30.60 11.05
CA THR V 93 -62.62 30.27 9.93
C THR V 93 -62.31 31.52 9.13
N ALA V 94 -61.01 31.85 9.03
CA ALA V 94 -60.58 33.13 8.47
C ALA V 94 -59.07 33.27 8.38
N VAL V 95 -58.59 34.09 7.43
CA VAL V 95 -57.19 34.50 7.44
C VAL V 95 -56.96 35.40 8.66
N TYR V 96 -55.90 35.11 9.40
CA TYR V 96 -55.53 35.90 10.58
C TYR V 96 -54.26 36.67 10.29
N TYR V 97 -54.41 37.94 9.93
CA TYR V 97 -53.26 38.78 9.66
C TYR V 97 -52.65 39.32 10.94
N CYS V 98 -51.53 40.02 10.77
CA CYS V 98 -50.73 40.61 11.84
C CYS V 98 -49.88 41.74 11.28
N ALA V 99 -50.12 42.95 11.73
CA ALA V 99 -49.45 44.07 11.09
C ALA V 99 -48.72 44.89 12.13
N ARG V 100 -47.77 45.68 11.63
CA ARG V 100 -47.18 46.73 12.43
C ARG V 100 -48.08 47.95 12.46
N ASP V 101 -48.22 48.54 13.64
CA ASP V 101 -49.17 49.63 13.84
C ASP V 101 -48.41 50.88 14.31
N LYS V 102 -48.20 51.81 13.37
CA LYS V 102 -47.87 53.20 13.70
C LYS V 102 -49.13 54.04 13.76
N ARG V 103 -50.10 53.70 14.61
CA ARG V 103 -51.47 54.19 14.44
C ARG V 103 -52.02 53.58 13.16
N TYR V 104 -51.41 53.92 12.01
CA TYR V 104 -51.72 53.22 10.78
C TYR V 104 -50.85 51.96 10.68
N MET V 105 -51.16 51.11 9.70
CA MET V 105 -50.56 49.79 9.57
C MET V 105 -49.70 49.77 8.30
N ASP V 106 -48.41 50.04 8.47
CA ASP V 106 -47.54 50.23 7.31
C ASP V 106 -47.03 48.90 6.74
N VAL V 107 -46.61 47.97 7.58
CA VAL V 107 -46.20 46.65 7.12
C VAL V 107 -47.22 45.65 7.63
N TRP V 108 -47.64 44.75 6.76
CA TRP V 108 -48.62 43.72 7.07
C TRP V 108 -47.95 42.37 7.08
N GLY V 109 -48.44 41.47 7.94
CA GLY V 109 -48.05 40.09 7.83
C GLY V 109 -48.60 39.53 6.53
N LYS V 110 -48.40 38.24 6.27
CA LYS V 110 -48.97 37.61 5.09
C LYS V 110 -50.03 36.58 5.45
N GLY V 111 -50.53 36.60 6.67
CA GLY V 111 -51.70 35.81 7.01
C GLY V 111 -51.44 34.37 7.41
N THR V 112 -52.06 33.98 8.50
CA THR V 112 -52.26 32.58 8.86
C THR V 112 -53.69 32.19 8.54
N THR V 113 -53.85 31.01 7.93
CA THR V 113 -55.15 30.57 7.42
C THR V 113 -55.73 29.54 8.39
N VAL V 114 -56.25 30.03 9.52
CA VAL V 114 -56.91 29.17 10.48
C VAL V 114 -58.29 28.78 9.95
N THR V 115 -58.54 27.47 9.89
CA THR V 115 -59.81 26.94 9.43
C THR V 115 -60.34 25.98 10.48
N VAL V 116 -61.51 26.29 11.02
CA VAL V 116 -62.17 25.50 12.03
C VAL V 116 -63.54 25.08 11.52
N SER V 117 -63.96 23.86 11.90
CA SER V 117 -65.31 23.38 11.60
C SER V 117 -65.60 21.99 12.21
N SER V 118 -66.86 21.75 12.54
CA SER V 118 -67.38 20.43 12.89
C SER V 118 -68.87 20.56 13.15
N GLY V 119 -69.40 19.77 14.08
CA GLY V 119 -70.80 19.90 14.45
C GLY V 119 -71.48 18.61 14.87
N VAL V 136 -69.81 48.81 11.73
CA VAL V 136 -69.26 48.94 10.39
C VAL V 136 -69.43 50.36 9.87
N LEU V 137 -68.79 50.66 8.74
CA LEU V 137 -68.98 51.92 8.04
C LEU V 137 -69.66 51.66 6.70
N THR V 138 -70.23 52.71 6.12
CA THR V 138 -70.93 52.59 4.84
C THR V 138 -69.91 52.75 3.71
N GLN V 139 -69.63 51.65 3.02
CA GLN V 139 -68.75 51.67 1.85
C GLN V 139 -69.40 50.85 0.75
N PRO V 140 -69.55 51.42 -0.45
CA PRO V 140 -70.20 50.69 -1.54
C PRO V 140 -69.40 49.45 -1.92
N PRO V 141 -70.04 48.47 -2.57
CA PRO V 141 -69.36 47.20 -2.80
C PRO V 141 -68.55 47.14 -4.09
N SER V 142 -68.91 47.92 -5.10
CA SER V 142 -68.27 47.77 -6.40
C SER V 142 -68.26 49.06 -7.19
N VAL V 143 -67.21 49.23 -7.98
CA VAL V 143 -67.16 50.14 -9.12
C VAL V 143 -66.32 49.45 -10.19
N SER V 144 -66.70 49.67 -11.45
CA SER V 144 -65.90 49.24 -12.58
C SER V 144 -65.47 50.47 -13.38
N GLY V 145 -64.27 50.40 -13.93
CA GLY V 145 -63.75 51.50 -14.71
C GLY V 145 -62.85 51.01 -15.83
N ALA V 146 -62.82 51.76 -16.88
CA ALA V 146 -61.97 51.53 -18.04
C ALA V 146 -60.62 52.22 -17.85
N PRO V 147 -59.56 51.74 -18.52
CA PRO V 147 -58.22 52.28 -18.27
C PRO V 147 -58.15 53.79 -18.45
N GLY V 148 -57.27 54.41 -17.65
CA GLY V 148 -56.97 55.82 -17.80
C GLY V 148 -58.05 56.76 -17.34
N GLN V 149 -59.01 56.28 -16.56
CA GLN V 149 -60.13 57.10 -16.14
C GLN V 149 -60.07 57.36 -14.65
N LYS V 150 -61.05 58.10 -14.15
CA LYS V 150 -61.11 58.39 -12.73
C LYS V 150 -62.20 57.55 -12.07
N VAL V 151 -62.12 57.45 -10.74
CA VAL V 151 -63.12 56.75 -9.94
C VAL V 151 -62.94 57.17 -8.49
N THR V 152 -64.06 57.37 -7.80
CA THR V 152 -64.04 57.72 -6.38
C THR V 152 -64.72 56.62 -5.58
N ILE V 153 -63.98 56.06 -4.62
CA ILE V 153 -64.52 55.13 -3.63
C ILE V 153 -64.53 55.86 -2.29
N SER V 154 -65.71 56.02 -1.71
CA SER V 154 -65.80 56.80 -0.49
C SER V 154 -66.57 56.04 0.58
N CYS V 155 -66.33 56.48 1.80
CA CYS V 155 -66.61 55.74 3.02
C CYS V 155 -67.04 56.73 4.08
N SER V 156 -68.23 56.55 4.66
CA SER V 156 -68.77 57.48 5.63
C SER V 156 -68.97 56.80 6.96
N GLY V 157 -69.14 57.61 8.01
CA GLY V 157 -69.38 57.07 9.32
C GLY V 157 -69.75 58.15 10.30
N SER V 158 -69.46 57.90 11.57
CA SER V 158 -69.84 58.78 12.65
C SER V 158 -68.78 59.87 12.86
N SER V 159 -69.20 60.94 13.56
CA SER V 159 -68.24 61.93 14.01
C SER V 159 -67.35 61.40 15.12
N SER V 160 -67.75 60.31 15.77
CA SER V 160 -66.93 59.66 16.78
C SER V 160 -65.86 58.78 16.17
N ASN V 161 -65.76 58.73 14.84
CA ASN V 161 -64.67 58.01 14.20
C ASN V 161 -64.06 58.82 13.04
N ILE V 162 -64.61 58.68 11.83
CA ILE V 162 -64.04 59.30 10.63
C ILE V 162 -64.03 60.82 10.75
N GLY V 163 -65.00 61.40 11.46
CA GLY V 163 -64.98 62.83 11.70
C GLY V 163 -63.90 63.31 12.64
N ARG V 164 -63.44 62.47 13.58
CA ARG V 164 -62.51 62.91 14.61
C ARG V 164 -61.09 62.41 14.42
N ASN V 165 -60.91 61.10 14.32
CA ASN V 165 -59.59 60.50 14.27
C ASN V 165 -59.07 60.47 12.83
N TYR V 166 -57.80 60.10 12.67
CA TYR V 166 -57.22 60.08 11.33
C TYR V 166 -57.62 58.81 10.58
N VAL V 167 -57.62 58.91 9.25
CA VAL V 167 -58.14 57.87 8.36
C VAL V 167 -56.99 57.25 7.58
N SER V 168 -57.10 55.95 7.33
CA SER V 168 -56.11 55.20 6.56
C SER V 168 -56.82 54.36 5.51
N TRP V 169 -56.16 54.15 4.37
CA TRP V 169 -56.69 53.36 3.27
C TRP V 169 -55.76 52.20 2.97
N TYR V 170 -56.34 51.06 2.57
CA TYR V 170 -55.61 49.80 2.46
C TYR V 170 -56.05 49.08 1.20
N GLN V 171 -55.14 48.93 0.24
CA GLN V 171 -55.43 48.36 -1.08
C GLN V 171 -55.07 46.88 -1.06
N GLN V 172 -56.08 46.01 -1.03
CA GLN V 172 -55.84 44.57 -1.02
C GLN V 172 -55.85 44.04 -2.45
N LEU V 173 -54.68 44.03 -3.07
CA LEU V 173 -54.52 43.40 -4.38
C LEU V 173 -54.89 41.91 -4.29
N PRO V 174 -55.42 41.34 -5.36
CA PRO V 174 -56.01 40.00 -5.26
C PRO V 174 -55.00 38.95 -4.81
N GLY V 175 -55.43 38.13 -3.85
CA GLY V 175 -54.58 37.08 -3.33
C GLY V 175 -53.66 37.58 -2.23
N ALA V 176 -53.28 38.84 -2.31
CA ALA V 176 -52.30 39.41 -1.40
C ALA V 176 -52.95 39.76 -0.07
N ALA V 177 -52.09 40.09 0.90
CA ALA V 177 -52.51 40.70 2.15
C ALA V 177 -52.82 42.17 1.90
N PRO V 178 -53.54 42.83 2.81
CA PRO V 178 -53.79 44.27 2.62
C PRO V 178 -52.51 45.08 2.61
N LYS V 179 -52.46 46.08 1.75
CA LYS V 179 -51.32 46.97 1.63
C LYS V 179 -51.73 48.37 2.05
N LEU V 180 -50.93 49.00 2.89
CA LEU V 180 -51.19 50.39 3.28
C LEU V 180 -51.20 51.28 2.05
N LEU V 181 -52.36 51.84 1.73
CA LEU V 181 -52.47 52.78 0.62
C LEU V 181 -52.26 54.22 1.06
N LEU V 182 -53.04 54.67 2.04
CA LEU V 182 -52.93 56.01 2.58
C LEU V 182 -52.94 55.97 4.10
N TYR V 183 -52.41 57.03 4.70
CA TYR V 183 -52.48 57.24 6.13
C TYR V 183 -52.69 58.73 6.37
N ASP V 184 -52.87 59.09 7.64
CA ASP V 184 -53.09 60.46 8.08
C ASP V 184 -53.97 61.23 7.11
N ASN V 185 -55.03 60.56 6.63
CA ASN V 185 -56.15 61.14 5.91
C ASN V 185 -55.91 61.42 4.43
N ASN V 186 -54.71 61.85 4.07
CA ASN V 186 -54.43 62.09 2.66
C ASN V 186 -52.96 61.89 2.32
N LYS V 187 -52.17 61.34 3.25
CA LYS V 187 -50.73 61.24 3.10
C LYS V 187 -50.35 59.82 2.69
N ARG V 188 -49.90 59.66 1.46
CA ARG V 188 -49.54 58.36 0.94
C ARG V 188 -48.09 58.03 1.28
N PRO V 189 -47.80 56.76 1.57
CA PRO V 189 -46.39 56.33 1.68
C PRO V 189 -45.66 56.53 0.35
N SER V 190 -44.37 56.19 0.32
CA SER V 190 -43.62 56.21 -0.93
C SER V 190 -43.64 54.82 -1.53
N GLY V 191 -43.98 54.73 -2.80
CA GLY V 191 -44.52 53.52 -3.37
C GLY V 191 -46.00 53.60 -3.64
N ILE V 192 -46.57 54.80 -3.66
CA ILE V 192 -47.97 55.08 -3.99
C ILE V 192 -47.98 56.29 -4.91
N PRO V 193 -48.42 56.16 -6.18
CA PRO V 193 -48.27 57.29 -7.12
C PRO V 193 -49.24 58.44 -6.89
N ASP V 194 -49.17 59.44 -7.78
CA ASP V 194 -49.96 60.67 -7.64
C ASP V 194 -51.44 60.46 -7.86
N ARG V 195 -51.82 59.41 -8.61
CA ARG V 195 -53.22 59.20 -8.94
C ARG V 195 -54.05 58.93 -7.69
N PHE V 196 -53.48 58.26 -6.70
CA PHE V 196 -54.17 57.90 -5.48
C PHE V 196 -54.22 59.11 -4.55
N SER V 197 -55.41 59.66 -4.36
CA SER V 197 -55.59 60.82 -3.50
C SER V 197 -56.91 60.67 -2.76
N ALA V 198 -56.94 61.19 -1.54
CA ALA V 198 -58.14 61.13 -0.71
C ALA V 198 -58.62 62.53 -0.37
N SER V 199 -59.82 62.59 0.20
CA SER V 199 -60.40 63.83 0.67
C SER V 199 -60.93 63.59 2.08
N LYS V 200 -61.85 64.45 2.53
CA LYS V 200 -62.52 64.27 3.81
C LYS V 200 -63.50 65.43 3.99
N SER V 201 -64.80 65.16 4.07
CA SER V 201 -65.79 66.21 4.32
C SER V 201 -66.73 65.73 5.41
N GLY V 202 -66.58 66.29 6.60
CA GLY V 202 -67.30 65.83 7.76
C GLY V 202 -66.84 64.43 8.15
N PRO V 203 -67.79 63.53 8.32
CA PRO V 203 -67.44 62.15 8.67
C PRO V 203 -67.42 61.26 7.44
N SER V 204 -66.96 61.82 6.32
CA SER V 204 -66.97 61.14 5.04
C SER V 204 -65.60 61.29 4.40
N THR V 205 -64.94 60.18 4.13
CA THR V 205 -63.70 60.19 3.37
C THR V 205 -63.95 59.57 1.99
N THR V 206 -63.36 60.23 0.94
CA THR V 206 -63.36 59.98 -0.56
C THR V 206 -61.94 59.76 -1.15
N LEU V 207 -61.52 58.50 -1.18
CA LEU V 207 -60.44 58.13 -2.08
C LEU V 207 -60.85 58.24 -3.56
N ALA V 208 -59.96 58.78 -4.38
CA ALA V 208 -60.19 58.93 -5.81
C ALA V 208 -58.86 58.68 -6.52
N ILE V 209 -58.89 57.83 -7.54
CA ILE V 209 -57.69 57.46 -8.29
C ILE V 209 -57.89 57.83 -9.75
N THR V 210 -56.82 58.29 -10.40
CA THR V 210 -56.94 59.19 -11.54
C THR V 210 -56.57 58.59 -12.89
N GLY V 211 -55.72 57.57 -12.93
CA GLY V 211 -55.37 56.95 -14.19
C GLY V 211 -55.38 55.44 -14.09
N LEU V 212 -56.55 54.84 -14.18
CA LEU V 212 -56.67 53.41 -13.89
C LEU V 212 -55.86 52.59 -14.88
N GLN V 213 -55.08 51.65 -14.36
CA GLN V 213 -54.42 50.62 -15.12
C GLN V 213 -54.64 49.32 -14.35
N THR V 214 -55.01 48.25 -15.06
CA THR V 214 -55.40 46.98 -14.44
C THR V 214 -54.56 46.56 -13.24
N GLY V 215 -53.43 47.23 -13.04
CA GLY V 215 -52.65 47.01 -11.82
C GLY V 215 -53.44 47.30 -10.56
N ASP V 216 -54.10 48.46 -10.49
CA ASP V 216 -54.76 48.83 -9.25
C ASP V 216 -56.16 48.24 -9.15
N GLU V 217 -56.40 47.17 -9.90
CA GLU V 217 -57.65 46.40 -9.76
C GLU V 217 -57.56 45.57 -8.49
N ALA V 218 -58.37 45.93 -7.49
CA ALA V 218 -58.26 45.30 -6.18
C ALA V 218 -59.41 45.74 -5.28
N ASP V 219 -59.42 45.19 -4.07
CA ASP V 219 -60.25 45.70 -2.99
C ASP V 219 -59.62 46.92 -2.34
N TYR V 220 -60.45 47.74 -1.71
CA TYR V 220 -60.00 48.97 -1.04
C TYR V 220 -60.81 49.15 0.23
N PHE V 221 -60.12 49.28 1.36
CA PHE V 221 -60.76 49.51 2.64
C PHE V 221 -60.32 50.84 3.23
N CYS V 222 -61.31 51.61 3.68
CA CYS V 222 -61.04 52.63 4.67
C CYS V 222 -60.90 51.98 6.05
N GLY V 223 -60.21 52.66 6.94
CA GLY V 223 -60.05 52.14 8.28
C GLY V 223 -59.70 53.21 9.30
N VAL V 224 -60.54 53.42 10.31
CA VAL V 224 -60.32 54.42 11.34
C VAL V 224 -60.64 53.82 12.70
N TRP V 225 -60.35 54.60 13.73
CA TRP V 225 -60.55 54.21 15.12
C TRP V 225 -61.76 54.95 15.67
N ASP V 226 -62.73 54.21 16.20
CA ASP V 226 -63.90 54.77 16.84
C ASP V 226 -63.60 54.94 18.32
N SER V 227 -63.44 56.20 18.76
CA SER V 227 -63.13 56.46 20.16
C SER V 227 -64.17 55.88 21.10
N SER V 228 -65.44 55.80 20.67
CA SER V 228 -66.51 55.34 21.54
C SER V 228 -66.60 53.80 21.60
N LEU V 229 -66.77 53.16 20.45
CA LEU V 229 -66.70 51.70 20.43
C LEU V 229 -65.34 51.20 20.92
N ARG V 230 -64.29 52.00 20.72
CA ARG V 230 -62.92 51.60 21.01
C ARG V 230 -62.53 50.36 20.20
N ALA V 231 -62.52 50.54 18.88
CA ALA V 231 -62.08 49.51 17.94
C ALA V 231 -61.58 50.20 16.69
N VAL V 232 -60.86 49.45 15.87
CA VAL V 232 -60.37 49.91 14.58
C VAL V 232 -61.40 49.47 13.53
N LEU V 233 -62.34 50.36 13.23
CA LEU V 233 -63.38 50.04 12.27
C LEU V 233 -62.81 49.96 10.86
N PHE V 234 -63.26 48.95 10.12
CA PHE V 234 -62.92 48.81 8.70
C PHE V 234 -64.19 48.92 7.89
N GLY V 235 -64.13 49.71 6.82
CA GLY V 235 -65.24 49.83 5.89
C GLY V 235 -65.62 48.49 5.30
N GLY V 236 -66.73 48.45 4.56
CA GLY V 236 -67.19 47.19 4.01
C GLY V 236 -66.28 46.63 2.94
N GLY V 237 -65.59 47.50 2.21
CA GLY V 237 -64.76 47.07 1.12
C GLY V 237 -65.39 47.35 -0.23
N THR V 238 -64.59 47.82 -1.17
CA THR V 238 -65.09 48.15 -2.50
C THR V 238 -64.20 47.48 -3.52
N LYS V 239 -64.83 46.78 -4.47
CA LYS V 239 -64.14 45.98 -5.46
C LYS V 239 -64.05 46.78 -6.75
N LEU V 240 -62.84 47.19 -7.12
CA LEU V 240 -62.58 47.86 -8.38
C LEU V 240 -62.06 46.82 -9.36
N THR V 241 -62.85 46.52 -10.38
CA THR V 241 -62.38 45.74 -11.53
C THR V 241 -62.25 46.65 -12.74
N VAL V 242 -61.11 46.57 -13.41
CA VAL V 242 -60.78 47.44 -14.52
C VAL V 242 -60.94 46.67 -15.82
N LEU V 243 -61.56 47.30 -16.81
CA LEU V 243 -61.92 46.63 -18.06
C LEU V 243 -61.13 47.16 -19.25
N SER W 6 -15.39 36.23 20.67
CA SER W 6 -14.35 36.05 19.66
C SER W 6 -14.53 37.05 18.51
N LEU W 7 -13.40 37.57 18.02
CA LEU W 7 -13.38 38.66 17.04
C LEU W 7 -12.15 38.54 16.16
N HIS W 8 -12.35 38.65 14.84
CA HIS W 8 -11.27 38.52 13.87
C HIS W 8 -11.05 39.87 13.17
N ILE W 9 -9.79 40.23 12.95
CA ILE W 9 -9.44 41.54 12.40
C ILE W 9 -8.35 41.41 11.33
N TYR W 10 -8.46 42.25 10.29
CA TYR W 10 -7.49 42.36 9.22
C TYR W 10 -7.14 43.84 9.04
N ASN W 11 -5.99 44.26 9.54
CA ASN W 11 -5.63 45.69 9.53
C ASN W 11 -4.15 45.82 9.15
N TRP W 12 -3.67 47.06 9.17
CA TRP W 12 -2.39 47.42 8.57
C TRP W 12 -1.22 47.14 9.52
N THR W 13 -0.03 47.09 8.93
CA THR W 13 1.21 46.97 9.68
C THR W 13 1.47 48.24 10.46
N ASP W 14 2.30 48.11 11.51
CA ASP W 14 2.77 49.22 12.33
C ASP W 14 1.65 50.21 12.59
N TYR W 15 0.46 49.74 12.32
CA TYR W 15 -0.78 50.39 12.68
C TYR W 15 -1.23 49.70 13.95
N ILE W 16 -1.34 50.47 15.04
CA ILE W 16 -2.08 50.23 16.28
C ILE W 16 -1.17 50.19 17.51
N ALA W 17 -1.58 50.92 18.53
CA ALA W 17 -0.96 50.82 19.84
C ALA W 17 -0.97 49.36 20.31
N PRO W 18 0.11 48.87 20.93
CA PRO W 18 0.14 47.45 21.33
C PRO W 18 -0.95 47.09 22.32
N THR W 19 -1.06 47.82 23.42
CA THR W 19 -2.02 47.53 24.47
C THR W 19 -3.44 47.96 24.13
N THR W 20 -3.70 48.38 22.90
CA THR W 20 -5.08 48.72 22.50
C THR W 20 -5.99 47.51 22.62
N LEU W 21 -5.63 46.39 21.99
CA LEU W 21 -6.47 45.20 22.03
C LEU W 21 -6.56 44.64 23.44
N LYS W 22 -5.43 44.33 24.06
CA LYS W 22 -5.53 43.66 25.36
C LYS W 22 -6.03 44.59 26.49
N ASP W 23 -6.52 45.79 26.15
CA ASP W 23 -7.33 46.60 27.05
C ASP W 23 -8.81 46.46 26.74
N PHE W 24 -9.18 46.42 25.46
CA PHE W 24 -10.56 46.21 25.04
C PHE W 24 -11.07 44.82 25.41
N THR W 25 -10.18 43.91 25.80
CA THR W 25 -10.55 42.57 26.26
C THR W 25 -10.73 42.54 27.78
N LYS W 26 -9.80 43.14 28.52
CA LYS W 26 -9.92 43.24 29.97
C LYS W 26 -11.22 43.93 30.38
N GLU W 27 -11.92 44.58 29.44
CA GLU W 27 -13.14 45.34 29.73
C GLU W 27 -14.41 44.74 29.14
N SER W 28 -14.32 43.91 28.08
CA SER W 28 -15.51 43.36 27.44
C SER W 28 -15.65 41.86 27.57
N GLY W 29 -14.58 41.12 27.82
CA GLY W 29 -14.68 39.67 27.83
C GLY W 29 -14.66 39.06 26.45
N ILE W 30 -14.03 39.74 25.50
CA ILE W 30 -13.99 39.30 24.11
C ILE W 30 -12.55 39.05 23.69
N ASP W 31 -12.34 37.91 23.01
CA ASP W 31 -11.00 37.51 22.56
C ASP W 31 -10.85 37.87 21.09
N VAL W 32 -10.05 38.91 20.83
CA VAL W 32 -9.77 39.38 19.48
C VAL W 32 -8.41 38.89 19.05
N SER W 33 -8.33 38.35 17.84
CA SER W 33 -7.06 38.02 17.22
C SER W 33 -6.83 38.95 16.03
N TYR W 34 -5.57 39.23 15.76
CA TYR W 34 -5.15 40.30 14.86
C TYR W 34 -4.31 39.71 13.74
N ASP W 35 -4.69 39.98 12.49
CA ASP W 35 -3.87 39.66 11.33
C ASP W 35 -3.68 40.89 10.45
N VAL W 36 -2.45 41.08 9.98
CA VAL W 36 -2.07 42.33 9.32
C VAL W 36 -1.82 42.13 7.83
N PHE W 37 -1.40 43.22 7.17
CA PHE W 37 -1.06 43.27 5.75
C PHE W 37 -0.50 44.65 5.44
N ASP W 38 0.19 44.75 4.30
CA ASP W 38 0.96 45.95 3.99
C ASP W 38 0.43 46.76 2.82
N SER W 39 -0.53 46.26 2.05
CA SER W 39 -1.00 46.95 0.86
C SER W 39 -2.52 46.80 0.76
N ASN W 40 -3.13 47.65 -0.08
CA ASN W 40 -4.57 47.54 -0.31
C ASN W 40 -4.91 46.34 -1.17
N GLU W 41 -4.03 45.99 -2.10
CA GLU W 41 -4.31 44.91 -3.05
C GLU W 41 -4.41 43.58 -2.34
N THR W 42 -3.63 43.38 -1.27
CA THR W 42 -3.76 42.18 -0.46
C THR W 42 -5.14 42.06 0.16
N LEU W 43 -5.76 43.19 0.51
CA LEU W 43 -7.08 43.15 1.12
C LEU W 43 -8.18 42.98 0.08
N GLU W 44 -8.18 43.79 -1.00
CA GLU W 44 -9.14 43.54 -2.08
C GLU W 44 -9.07 42.09 -2.52
N GLY W 45 -7.87 41.55 -2.59
CA GLY W 45 -7.65 40.14 -2.85
C GLY W 45 -8.50 39.28 -1.95
N LYS W 46 -8.13 39.20 -0.66
CA LYS W 46 -8.83 38.33 0.28
C LYS W 46 -10.32 38.63 0.42
N LEU W 47 -10.80 39.76 -0.09
CA LEU W 47 -12.22 40.05 0.03
C LEU W 47 -13.07 39.45 -1.09
N VAL W 48 -12.55 39.35 -2.31
CA VAL W 48 -13.30 38.66 -3.35
C VAL W 48 -13.03 37.16 -3.33
N SER W 49 -11.88 36.74 -2.81
CA SER W 49 -11.60 35.32 -2.63
C SER W 49 -12.75 34.59 -1.95
N GLY W 50 -13.52 35.29 -1.13
CA GLY W 50 -14.78 34.77 -0.66
C GLY W 50 -14.91 34.65 0.84
N HIS W 51 -14.06 33.84 1.47
CA HIS W 51 -14.29 33.39 2.83
C HIS W 51 -13.29 33.99 3.83
N SER W 52 -12.81 35.21 3.56
CA SER W 52 -11.98 35.93 4.52
C SER W 52 -12.72 36.05 5.86
N GLY W 53 -12.57 35.04 6.70
CA GLY W 53 -13.31 34.97 7.95
C GLY W 53 -12.92 36.03 8.96
N TYR W 54 -12.88 37.28 8.52
CA TYR W 54 -12.59 38.41 9.38
C TYR W 54 -13.88 39.15 9.72
N ASP W 55 -13.86 39.84 10.85
CA ASP W 55 -15.00 40.62 11.31
C ASP W 55 -14.92 42.08 10.94
N ILE W 56 -13.72 42.67 10.98
CA ILE W 56 -13.51 44.09 10.69
C ILE W 56 -12.26 44.18 9.81
N VAL W 57 -12.40 44.76 8.63
CA VAL W 57 -11.28 44.97 7.72
C VAL W 57 -11.21 46.45 7.38
N VAL W 58 -9.99 46.93 7.13
CA VAL W 58 -9.72 48.35 7.01
C VAL W 58 -9.08 48.62 5.65
N PRO W 59 -9.85 49.17 4.71
CA PRO W 59 -9.28 49.61 3.43
C PRO W 59 -9.07 51.11 3.37
N SER W 60 -8.41 51.56 2.31
CA SER W 60 -8.19 52.99 2.07
C SER W 60 -9.32 53.49 1.21
N ASN W 61 -9.84 54.69 1.52
CA ASN W 61 -11.08 55.21 0.96
C ASN W 61 -11.28 54.93 -0.53
N ASN W 62 -10.21 55.03 -1.32
CA ASN W 62 -10.38 54.83 -2.76
C ASN W 62 -10.74 53.38 -3.08
N PHE W 63 -10.44 52.45 -2.17
CA PHE W 63 -10.80 51.05 -2.39
C PHE W 63 -12.18 50.70 -1.86
N LEU W 64 -12.50 51.12 -0.64
CA LEU W 64 -13.84 50.92 -0.07
C LEU W 64 -14.96 51.37 -1.00
N GLY W 65 -14.67 52.32 -1.89
CA GLY W 65 -15.57 52.64 -2.97
C GLY W 65 -15.93 51.39 -3.75
N LYS W 66 -14.93 50.79 -4.42
CA LYS W 66 -15.18 49.60 -5.23
C LYS W 66 -15.66 48.41 -4.41
N GLN W 67 -15.31 48.34 -3.12
CA GLN W 67 -15.76 47.24 -2.29
C GLN W 67 -17.27 47.21 -2.19
N ILE W 68 -17.86 48.32 -1.71
CA ILE W 68 -19.30 48.41 -1.46
C ILE W 68 -20.10 48.09 -2.70
N GLN W 69 -19.59 48.47 -3.87
CA GLN W 69 -20.29 48.28 -5.15
C GLN W 69 -20.35 46.80 -5.51
N ALA W 70 -20.11 45.94 -4.52
CA ALA W 70 -20.07 44.49 -4.71
C ALA W 70 -20.38 43.76 -3.41
N GLY W 71 -21.28 44.32 -2.59
CA GLY W 71 -21.80 43.67 -1.39
C GLY W 71 -20.79 43.24 -0.35
N ALA W 72 -19.56 43.76 -0.45
CA ALA W 72 -18.49 43.37 0.46
C ALA W 72 -18.90 43.51 1.91
N PHE W 73 -19.36 44.69 2.29
CA PHE W 73 -19.71 44.95 3.67
C PHE W 73 -21.20 45.07 3.85
N GLN W 74 -21.62 45.10 5.11
CA GLN W 74 -23.02 45.21 5.48
C GLN W 74 -23.26 46.54 6.18
N LYS W 75 -24.47 47.08 5.98
CA LYS W 75 -24.81 48.38 6.53
C LYS W 75 -24.54 48.39 8.02
N LEU W 76 -24.01 49.50 8.52
CA LEU W 76 -23.88 49.59 9.97
C LEU W 76 -25.24 49.68 10.62
N ASP W 77 -25.42 48.88 11.67
CA ASP W 77 -26.52 49.11 12.60
C ASP W 77 -26.09 50.23 13.54
N LYS W 78 -26.12 51.45 13.01
CA LYS W 78 -25.65 52.64 13.71
C LYS W 78 -26.23 52.79 15.12
N SER W 79 -27.13 51.89 15.50
CA SER W 79 -27.70 51.91 16.84
C SER W 79 -26.84 51.20 17.87
N LYS W 80 -25.94 50.30 17.44
CA LYS W 80 -25.06 49.62 18.38
C LYS W 80 -23.66 50.25 18.44
N LEU W 81 -23.39 51.29 17.65
CA LEU W 81 -22.27 52.19 17.81
C LEU W 81 -22.77 53.52 18.38
N PRO W 82 -23.01 53.61 19.69
CA PRO W 82 -23.48 54.87 20.26
C PRO W 82 -22.54 56.01 19.93
N ASN W 83 -21.50 56.14 20.77
CA ASN W 83 -20.25 56.84 20.50
C ASN W 83 -19.90 57.07 19.03
N TRP W 84 -20.89 57.27 18.17
CA TRP W 84 -20.65 57.46 16.75
C TRP W 84 -20.26 58.90 16.45
N LYS W 85 -20.99 59.86 17.01
CA LYS W 85 -20.66 61.23 16.72
C LYS W 85 -19.56 61.78 17.63
N ASN W 86 -18.90 60.93 18.43
CA ASN W 86 -17.56 61.33 18.89
C ASN W 86 -16.64 61.56 17.72
N LEU W 87 -16.99 61.10 16.53
CA LEU W 87 -16.26 61.56 15.37
C LEU W 87 -16.90 62.84 14.82
N ASP W 88 -16.13 63.56 13.99
CA ASP W 88 -16.69 64.83 13.54
C ASP W 88 -17.47 64.65 12.25
N PRO W 89 -18.47 65.50 12.01
CA PRO W 89 -19.09 65.51 10.68
C PRO W 89 -18.10 65.84 9.57
N ALA W 90 -17.29 66.88 9.75
CA ALA W 90 -16.42 67.42 8.70
C ALA W 90 -15.67 66.34 7.93
N LEU W 91 -15.20 65.29 8.61
CA LEU W 91 -14.60 64.18 7.88
C LEU W 91 -15.65 63.39 7.12
N LEU W 92 -16.76 63.02 7.77
CA LEU W 92 -17.75 62.17 7.11
C LEU W 92 -18.22 62.80 5.81
N LYS W 93 -18.47 64.12 5.84
CA LYS W 93 -18.74 64.90 4.64
C LYS W 93 -17.81 64.53 3.49
N GLN W 94 -16.50 64.43 3.76
CA GLN W 94 -15.55 64.05 2.71
C GLN W 94 -15.91 62.72 2.07
N LEU W 95 -16.31 61.73 2.85
CA LEU W 95 -16.26 60.35 2.42
C LEU W 95 -17.46 59.90 1.60
N GLU W 96 -18.54 60.68 1.58
CA GLU W 96 -19.75 60.26 0.88
C GLU W 96 -19.56 60.08 -0.62
N VAL W 97 -18.37 60.33 -1.16
CA VAL W 97 -18.09 60.03 -2.56
C VAL W 97 -17.83 58.52 -2.77
N SER W 98 -17.31 57.83 -1.76
CA SER W 98 -17.10 56.38 -1.84
C SER W 98 -18.14 55.60 -1.06
N ASP W 99 -18.61 56.15 0.06
CA ASP W 99 -19.66 55.53 0.88
C ASP W 99 -20.77 56.54 1.15
N PRO W 100 -21.77 56.61 0.28
CA PRO W 100 -22.85 57.59 0.45
C PRO W 100 -23.54 57.41 1.80
N GLY W 101 -24.07 58.51 2.31
CA GLY W 101 -24.73 58.53 3.60
C GLY W 101 -23.91 57.99 4.75
N ASN W 102 -22.62 57.75 4.52
CA ASN W 102 -21.73 56.98 5.40
C ASN W 102 -22.46 55.87 6.15
N GLN W 103 -22.56 54.69 5.53
CA GLN W 103 -23.40 53.62 6.05
C GLN W 103 -22.66 52.33 6.39
N TYR W 104 -21.53 52.03 5.74
CA TYR W 104 -20.78 50.81 6.01
C TYR W 104 -19.44 51.04 6.68
N ALA W 105 -18.83 52.19 6.49
CA ALA W 105 -17.45 52.42 6.90
C ALA W 105 -17.39 53.32 8.12
N VAL W 106 -16.70 52.86 9.15
CA VAL W 106 -16.36 53.69 10.31
C VAL W 106 -14.95 54.20 10.11
N PRO W 107 -14.75 55.51 10.02
CA PRO W 107 -13.39 56.05 9.86
C PRO W 107 -12.48 55.63 11.00
N TYR W 108 -11.19 55.84 10.79
CA TYR W 108 -10.15 55.31 11.66
C TYR W 108 -8.92 56.21 11.70
N LEU W 109 -7.83 55.82 11.05
CA LEU W 109 -6.73 56.74 10.86
C LEU W 109 -6.70 57.26 9.43
N TRP W 110 -6.15 58.46 9.29
CA TRP W 110 -6.02 59.09 7.98
C TRP W 110 -4.71 59.83 7.94
N GLY W 111 -4.05 59.79 6.78
CA GLY W 111 -2.75 60.40 6.63
C GLY W 111 -2.45 60.80 5.20
N THR W 112 -1.19 61.08 4.90
CA THR W 112 -0.81 61.49 3.56
C THR W 112 0.17 60.48 2.97
N ASN W 113 1.09 60.95 2.14
CA ASN W 113 2.23 60.15 1.73
C ASN W 113 3.23 61.10 1.11
N GLY W 114 4.48 60.65 1.01
CA GLY W 114 5.51 61.50 0.43
C GLY W 114 6.88 60.86 0.40
N ILE W 115 7.91 61.67 0.65
CA ILE W 115 9.28 61.18 0.70
C ILE W 115 9.76 61.27 2.13
N GLY W 116 10.08 60.13 2.72
CA GLY W 116 10.77 60.12 3.99
C GLY W 116 12.22 59.75 3.74
N TYR W 117 13.16 60.61 4.16
CA TYR W 117 14.54 60.46 3.76
C TYR W 117 15.44 60.53 4.99
N ASN W 118 16.73 60.28 4.79
CA ASN W 118 17.71 60.22 5.86
C ASN W 118 18.61 61.45 5.69
N VAL W 119 18.36 62.47 6.52
CA VAL W 119 18.95 63.79 6.31
C VAL W 119 20.48 63.72 6.30
N ALA W 120 21.07 62.82 7.08
CA ALA W 120 22.51 62.67 7.10
C ALA W 120 23.03 62.12 5.78
N LYS W 121 22.49 60.98 5.36
CA LYS W 121 23.01 60.29 4.19
C LYS W 121 22.60 61.00 2.90
N VAL W 122 21.42 61.61 2.88
CA VAL W 122 20.93 62.27 1.67
C VAL W 122 21.78 63.48 1.34
N LYS W 123 22.01 64.35 2.33
CA LYS W 123 22.94 65.46 2.13
C LYS W 123 24.32 64.99 1.73
N GLU W 124 24.77 63.83 2.25
CA GLU W 124 26.08 63.33 1.89
C GLU W 124 26.21 63.12 0.39
N VAL W 125 25.18 62.56 -0.24
CA VAL W 125 25.26 62.18 -1.64
C VAL W 125 24.74 63.25 -2.60
N LEU W 126 23.93 64.20 -2.12
CA LEU W 126 23.32 65.22 -2.98
C LEU W 126 23.70 66.64 -2.59
N GLY W 127 24.53 66.83 -1.57
CA GLY W 127 24.90 68.15 -1.09
C GLY W 127 23.68 68.94 -0.64
N ASP W 128 23.90 70.25 -0.54
CA ASP W 128 22.82 71.13 -0.11
C ASP W 128 21.76 71.28 -1.21
N GLN W 129 21.21 70.16 -1.69
CA GLN W 129 20.12 70.31 -2.65
C GLN W 129 18.78 70.24 -1.95
N PRO W 130 17.80 71.09 -2.34
CA PRO W 130 16.48 71.03 -1.68
C PRO W 130 15.76 69.71 -1.96
N ILE W 131 15.21 69.15 -0.89
CA ILE W 131 14.32 68.00 -0.95
C ILE W 131 12.89 68.53 -0.85
N ASP W 132 12.39 69.11 -1.94
CA ASP W 132 11.08 69.74 -1.98
C ASP W 132 10.27 69.31 -3.20
N SER W 133 10.59 68.16 -3.80
CA SER W 133 9.87 67.72 -4.98
C SER W 133 10.04 66.22 -5.14
N TRP W 134 9.09 65.60 -5.85
CA TRP W 134 9.18 64.18 -6.15
C TRP W 134 10.35 63.83 -7.06
N ALA W 135 10.98 64.84 -7.68
CA ALA W 135 12.08 64.61 -8.61
C ALA W 135 13.24 63.87 -7.95
N ILE W 136 13.34 63.94 -6.62
CA ILE W 136 14.34 63.19 -5.87
C ILE W 136 14.24 61.70 -6.16
N LEU W 137 13.06 61.24 -6.55
CA LEU W 137 12.82 59.83 -6.83
C LEU W 137 12.57 59.59 -8.31
N PHE W 138 11.60 60.28 -8.89
CA PHE W 138 11.21 60.02 -10.26
C PHE W 138 12.23 60.52 -11.27
N GLU W 139 13.26 61.22 -10.82
CA GLU W 139 14.25 61.61 -11.82
C GLU W 139 15.52 60.78 -11.68
N PRO W 140 16.09 60.39 -12.82
CA PRO W 140 17.20 59.42 -12.79
C PRO W 140 18.51 60.02 -12.31
N GLU W 141 18.72 61.32 -12.52
CA GLU W 141 19.96 61.95 -12.07
C GLU W 141 20.12 61.82 -10.56
N ASN W 142 19.08 62.19 -9.81
CA ASN W 142 19.11 62.06 -8.35
C ASN W 142 19.19 60.61 -7.91
N MET W 143 18.38 59.73 -8.52
CA MET W 143 18.33 58.34 -8.09
C MET W 143 19.62 57.59 -8.40
N LYS W 144 20.33 57.95 -9.46
CA LYS W 144 21.62 57.31 -9.69
C LYS W 144 22.54 57.54 -8.50
N LYS W 145 22.46 58.73 -7.89
CA LYS W 145 23.29 59.03 -6.72
C LYS W 145 22.69 58.42 -5.45
N LEU W 146 21.37 58.48 -5.29
CA LEU W 146 20.74 57.92 -4.10
C LEU W 146 20.72 56.40 -4.08
N ALA W 147 21.01 55.73 -5.21
CA ALA W 147 20.93 54.28 -5.25
C ALA W 147 21.97 53.60 -4.38
N LYS W 148 23.07 54.28 -4.05
CA LYS W 148 24.17 53.64 -3.34
C LYS W 148 23.88 53.44 -1.86
N CYS W 149 23.05 54.29 -1.27
CA CYS W 149 22.61 54.05 0.10
C CYS W 149 21.21 53.47 0.16
N GLY W 150 20.56 53.25 -0.98
CA GLY W 150 19.34 52.48 -1.02
C GLY W 150 18.04 53.26 -1.00
N VAL W 151 17.19 53.01 -2.00
CA VAL W 151 15.91 53.69 -2.14
C VAL W 151 14.81 52.64 -2.19
N ALA W 152 13.71 52.91 -1.50
CA ALA W 152 12.58 51.97 -1.42
C ALA W 152 11.35 52.60 -2.06
N PHE W 153 10.83 51.94 -3.09
CA PHE W 153 9.47 52.23 -3.54
C PHE W 153 8.49 51.29 -2.83
N MET W 154 7.20 51.60 -2.97
CA MET W 154 6.16 50.69 -2.53
C MET W 154 5.72 49.78 -3.67
N ASP W 155 5.43 48.54 -3.31
CA ASP W 155 4.89 47.54 -4.24
C ASP W 155 3.37 47.70 -4.32
N SER W 156 2.94 48.78 -4.98
CA SER W 156 1.53 49.15 -5.00
C SER W 156 1.32 50.17 -6.12
N GLY W 157 0.96 49.66 -7.31
CA GLY W 157 0.72 50.50 -8.47
C GLY W 157 -0.36 51.54 -8.25
N ASP W 158 -1.11 51.38 -7.15
CA ASP W 158 -2.11 52.36 -6.76
C ASP W 158 -1.50 53.53 -5.99
N GLU W 159 -0.29 53.36 -5.44
CA GLU W 159 0.41 54.45 -4.77
C GLU W 159 1.47 55.10 -5.64
N MET W 160 2.16 54.33 -6.50
CA MET W 160 3.27 54.89 -7.26
C MET W 160 2.79 55.67 -8.47
N LEU W 161 2.09 54.97 -9.38
CA LEU W 161 1.64 55.61 -10.62
C LEU W 161 0.73 56.81 -10.41
N PRO W 162 -0.19 56.83 -9.44
CA PRO W 162 -0.95 58.06 -9.23
C PRO W 162 -0.09 59.22 -8.75
N ALA W 163 0.88 58.95 -7.86
CA ALA W 163 1.79 60.02 -7.42
C ALA W 163 2.77 60.37 -8.52
N ALA W 164 3.23 59.39 -9.29
CA ALA W 164 4.08 59.65 -10.43
C ALA W 164 3.33 60.34 -11.57
N LEU W 165 2.00 60.38 -11.51
CA LEU W 165 1.21 61.24 -12.38
C LEU W 165 1.21 62.68 -11.89
N ASN W 166 0.90 62.88 -10.60
CA ASN W 166 0.86 64.23 -10.04
C ASN W 166 2.23 64.89 -10.07
N TYR W 167 3.30 64.07 -10.08
CA TYR W 167 4.64 64.60 -10.32
C TYR W 167 4.66 65.41 -11.60
N LEU W 168 4.54 64.71 -12.73
CA LEU W 168 4.47 65.29 -14.07
C LEU W 168 3.25 66.18 -14.30
N GLY W 169 2.68 66.77 -13.26
CA GLY W 169 1.57 67.70 -13.41
C GLY W 169 0.30 67.14 -14.03
N LEU W 170 0.27 65.85 -14.34
CA LEU W 170 -0.93 65.20 -14.89
C LEU W 170 -1.99 65.06 -13.80
N ASP W 171 -3.18 64.62 -14.19
CA ASP W 171 -4.19 64.30 -13.19
C ASP W 171 -3.93 62.89 -12.66
N PRO W 172 -3.86 62.72 -11.34
CA PRO W 172 -3.56 61.39 -10.79
C PRO W 172 -4.66 60.39 -11.05
N ASN W 173 -5.91 60.84 -11.18
CA ASN W 173 -7.05 59.96 -11.41
C ASN W 173 -7.53 59.99 -12.86
N THR W 174 -6.63 60.31 -13.80
CA THR W 174 -6.97 60.23 -15.22
C THR W 174 -7.40 58.83 -15.62
N HIS W 175 -8.59 58.72 -16.22
CA HIS W 175 -8.93 57.48 -16.89
C HIS W 175 -8.11 57.30 -18.17
N ASP W 176 -7.65 58.40 -18.77
CA ASP W 176 -7.06 58.34 -20.10
C ASP W 176 -5.73 57.58 -20.08
N PRO W 177 -5.54 56.60 -20.97
CA PRO W 177 -4.27 55.84 -20.95
C PRO W 177 -3.08 56.57 -21.55
N LYS W 178 -3.30 57.65 -22.33
CA LYS W 178 -2.15 58.38 -22.87
C LYS W 178 -1.25 58.89 -21.76
N ASP W 179 -1.85 59.34 -20.65
CA ASP W 179 -1.08 59.82 -19.51
C ASP W 179 -0.27 58.69 -18.89
N TYR W 180 -0.92 57.54 -18.64
CA TYR W 180 -0.28 56.48 -17.87
C TYR W 180 1.05 56.05 -18.46
N LYS W 181 1.15 56.00 -19.79
CA LYS W 181 2.37 55.47 -20.38
C LYS W 181 3.53 56.45 -20.28
N LYS W 182 3.23 57.74 -20.18
CA LYS W 182 4.28 58.71 -19.92
C LYS W 182 4.81 58.56 -18.51
N ALA W 183 3.91 58.45 -17.54
CA ALA W 183 4.33 58.26 -16.16
C ALA W 183 4.91 56.87 -15.92
N GLU W 184 4.64 55.92 -16.81
CA GLU W 184 5.24 54.60 -16.71
C GLU W 184 6.71 54.66 -17.10
N GLU W 185 6.99 55.09 -18.34
CA GLU W 185 8.37 55.21 -18.80
C GLU W 185 9.21 56.16 -17.95
N VAL W 186 8.59 56.89 -17.02
CA VAL W 186 9.30 57.66 -16.01
C VAL W 186 9.82 56.69 -14.96
N LEU W 187 8.90 56.08 -14.20
CA LEU W 187 9.21 55.04 -13.22
C LEU W 187 10.17 54.00 -13.75
N THR W 188 9.96 53.59 -15.02
CA THR W 188 10.83 52.57 -15.59
C THR W 188 12.22 53.12 -15.89
N LYS W 189 12.36 54.44 -16.07
CA LYS W 189 13.70 55.02 -16.14
C LYS W 189 14.45 54.87 -14.82
N VAL W 190 13.78 55.14 -13.70
CA VAL W 190 14.46 55.19 -12.40
C VAL W 190 14.39 53.84 -11.72
N ARG W 191 13.83 52.86 -12.41
CA ARG W 191 13.71 51.54 -11.80
C ARG W 191 15.05 50.87 -11.49
N PRO W 192 16.07 50.99 -12.35
CA PRO W 192 17.36 50.34 -12.01
C PRO W 192 17.92 50.76 -10.67
N TYR W 193 17.73 52.02 -10.27
CA TYR W 193 18.30 52.54 -9.04
C TYR W 193 17.41 52.34 -7.82
N VAL W 194 16.50 51.36 -7.86
CA VAL W 194 15.55 51.10 -6.78
C VAL W 194 15.94 49.79 -6.11
N SER W 195 16.13 49.85 -4.79
CA SER W 195 16.52 48.65 -4.04
C SER W 195 15.42 47.59 -4.09
N TYR W 196 14.24 47.90 -3.56
CA TYR W 196 13.15 46.93 -3.55
C TYR W 196 11.81 47.65 -3.66
N PHE W 197 10.77 46.85 -3.87
CA PHE W 197 9.38 47.29 -3.83
C PHE W 197 8.73 46.62 -2.63
N HIS W 198 8.48 47.40 -1.58
CA HIS W 198 7.91 46.87 -0.35
C HIS W 198 7.18 48.00 0.37
N SER W 199 5.89 47.79 0.64
CA SER W 199 5.03 48.83 1.20
C SER W 199 5.02 48.86 2.73
N SER W 200 6.09 48.38 3.39
CA SER W 200 6.11 48.40 4.84
C SER W 200 7.52 48.20 5.43
N LYS W 201 8.33 47.32 4.84
CA LYS W 201 9.60 46.99 5.48
C LYS W 201 10.54 48.19 5.52
N TYR W 202 10.31 49.20 4.66
CA TYR W 202 11.17 50.38 4.67
C TYR W 202 11.17 51.08 6.02
N ILE W 203 10.13 50.87 6.84
CA ILE W 203 10.05 51.56 8.13
C ILE W 203 11.28 51.28 8.99
N SER W 204 11.59 50.00 9.23
CA SER W 204 12.83 49.74 9.95
C SER W 204 14.06 50.03 9.10
N ASP W 205 14.05 49.64 7.82
CA ASP W 205 15.21 49.89 6.95
C ASP W 205 15.57 51.36 6.90
N LEU W 206 14.61 52.25 7.16
CA LEU W 206 14.86 53.69 7.25
C LEU W 206 15.67 53.99 8.50
N ALA W 207 15.04 53.80 9.68
CA ALA W 207 15.70 54.05 10.96
C ALA W 207 16.89 53.12 11.20
N ASN W 208 16.83 51.90 10.66
CA ASN W 208 17.99 51.00 10.74
C ASN W 208 19.20 51.64 10.07
N GLY W 209 18.97 52.52 9.10
CA GLY W 209 20.00 52.98 8.21
C GLY W 209 20.19 52.12 7.00
N ASN W 210 19.41 51.04 6.85
CA ASN W 210 19.56 50.17 5.70
C ASN W 210 19.25 50.91 4.41
N ILE W 211 18.30 51.84 4.45
CA ILE W 211 18.04 52.71 3.30
C ILE W 211 18.16 54.15 3.76
N CYS W 212 18.17 55.06 2.77
CA CYS W 212 18.30 56.49 3.02
C CYS W 212 17.12 57.31 2.55
N VAL W 213 16.28 56.78 1.67
CA VAL W 213 15.13 57.51 1.14
C VAL W 213 14.11 56.48 0.68
N ALA W 214 12.83 56.81 0.84
CA ALA W 214 11.77 55.84 0.57
C ALA W 214 10.44 56.57 0.41
N PHE W 215 9.69 56.18 -0.60
CA PHE W 215 8.27 56.54 -0.69
C PHE W 215 7.56 55.91 0.50
N GLY W 216 6.95 56.74 1.35
CA GLY W 216 6.33 56.26 2.57
C GLY W 216 5.03 56.99 2.87
N TYR W 217 4.32 56.45 3.87
CA TYR W 217 3.11 57.06 4.39
C TYR W 217 3.47 58.03 5.51
N SER W 218 2.65 59.08 5.65
CA SER W 218 2.93 60.16 6.58
C SER W 218 3.33 59.63 7.96
N GLY W 219 2.42 58.92 8.62
CA GLY W 219 2.70 58.39 9.93
C GLY W 219 3.77 57.32 9.92
N ASP W 220 3.84 56.53 8.85
CA ASP W 220 4.87 55.50 8.72
C ASP W 220 6.26 56.05 8.95
N VAL W 221 6.55 57.23 8.37
CA VAL W 221 7.89 57.78 8.43
C VAL W 221 8.20 58.35 9.81
N PHE W 222 7.21 58.98 10.43
CA PHE W 222 7.31 59.47 11.81
C PHE W 222 7.49 58.37 12.83
N GLN W 223 7.33 57.11 12.46
CA GLN W 223 7.80 56.05 13.34
C GLN W 223 9.28 55.79 13.12
N ALA W 224 9.68 55.68 11.84
CA ALA W 224 11.08 55.50 11.50
C ALA W 224 11.96 56.58 12.12
N ALA W 225 11.56 57.85 11.99
CA ALA W 225 12.29 58.92 12.64
C ALA W 225 12.29 58.75 14.16
N ALA W 226 11.13 58.39 14.72
CA ALA W 226 11.00 58.25 16.17
C ALA W 226 11.63 56.96 16.70
N ARG W 227 11.77 55.93 15.86
CA ARG W 227 12.49 54.74 16.26
C ARG W 227 14.00 54.96 16.23
N ALA W 228 14.48 55.77 15.28
CA ALA W 228 15.90 56.06 15.19
C ALA W 228 16.39 56.74 16.47
N GLU W 229 15.59 57.67 17.01
CA GLU W 229 15.98 58.36 18.25
C GLU W 229 16.12 57.37 19.41
N GLU W 230 15.15 56.45 19.55
CA GLU W 230 15.21 55.45 20.60
C GLU W 230 16.51 54.67 20.57
N ALA W 231 16.76 53.97 19.46
CA ALA W 231 18.02 53.26 19.28
C ALA W 231 19.23 54.16 19.58
N GLY W 232 19.04 55.48 19.54
CA GLY W 232 20.03 56.40 20.06
C GLY W 232 21.27 56.54 19.22
N LYS W 233 21.30 55.95 18.03
CA LYS W 233 22.49 56.06 17.20
C LYS W 233 22.51 57.36 16.41
N GLY W 234 21.54 58.23 16.61
CA GLY W 234 21.54 59.56 16.01
C GLY W 234 21.00 59.63 14.60
N ILE W 235 20.25 58.63 14.14
CA ILE W 235 19.83 58.57 12.76
C ILE W 235 18.67 59.54 12.57
N ASP W 236 18.81 60.46 11.61
CA ASP W 236 17.87 61.55 11.40
C ASP W 236 17.00 61.28 10.19
N ILE W 237 15.80 60.74 10.42
CA ILE W 237 14.81 60.58 9.37
C ILE W 237 13.84 61.75 9.46
N GLN W 238 13.44 62.27 8.30
CA GLN W 238 12.49 63.36 8.24
C GLN W 238 11.54 63.14 7.09
N TYR W 239 10.35 63.72 7.20
CA TYR W 239 9.26 63.49 6.27
C TYR W 239 8.86 64.82 5.65
N VAL W 240 8.71 64.84 4.32
CA VAL W 240 8.50 66.07 3.58
C VAL W 240 7.50 65.81 2.46
N ILE W 241 6.43 66.59 2.42
CA ILE W 241 5.41 66.47 1.38
C ILE W 241 5.84 67.35 0.20
N PRO W 242 6.20 66.77 -0.94
CA PRO W 242 6.74 67.58 -2.05
C PRO W 242 5.78 68.67 -2.51
N LYS W 243 6.31 69.57 -3.34
CA LYS W 243 5.55 70.76 -3.73
C LYS W 243 4.39 70.41 -4.64
N GLU W 244 4.56 69.43 -5.53
CA GLU W 244 3.51 69.05 -6.48
C GLU W 244 2.31 68.47 -5.78
N GLY W 245 2.40 68.32 -4.46
CA GLY W 245 1.38 67.65 -3.69
C GLY W 245 1.73 66.20 -3.46
N ALA W 246 0.71 65.43 -3.11
CA ALA W 246 0.84 64.00 -2.83
C ALA W 246 -0.51 63.38 -2.54
N ASN W 247 -0.54 62.09 -2.20
CA ASN W 247 -1.79 61.41 -1.95
C ASN W 247 -2.33 61.78 -0.58
N LEU W 248 -3.65 61.94 -0.51
CA LEU W 248 -4.38 62.11 0.75
C LEU W 248 -5.43 61.02 0.82
N TRP W 249 -5.34 60.18 1.84
CA TRP W 249 -6.27 59.07 1.98
C TRP W 249 -6.84 59.04 3.39
N PHE W 250 -7.86 58.21 3.55
CA PHE W 250 -8.51 57.96 4.82
C PHE W 250 -8.66 56.44 4.97
N ASP W 251 -8.53 55.95 6.19
CA ASP W 251 -8.78 54.55 6.44
C ASP W 251 -9.96 54.35 7.36
N LEU W 252 -10.65 53.24 7.14
CA LEU W 252 -12.08 53.14 7.40
C LEU W 252 -12.37 51.73 7.85
N MET W 253 -12.97 51.60 9.02
CA MET W 253 -13.34 50.26 9.44
C MET W 253 -14.60 49.84 8.72
N ALA W 254 -14.80 48.51 8.62
CA ALA W 254 -15.88 47.96 7.81
C ALA W 254 -16.02 46.45 7.98
N ILE W 255 -17.25 45.99 8.05
CA ILE W 255 -17.61 44.63 8.48
C ILE W 255 -18.05 43.86 7.24
N PRO W 256 -17.36 42.79 6.86
CA PRO W 256 -17.72 42.08 5.63
C PRO W 256 -19.09 41.43 5.71
N ALA W 257 -19.50 40.87 4.58
CA ALA W 257 -20.78 40.18 4.49
C ALA W 257 -20.82 39.02 5.48
N ASP W 258 -20.08 37.96 5.18
CA ASP W 258 -19.98 36.83 6.09
C ASP W 258 -19.28 37.30 7.36
N ALA W 259 -20.02 37.53 8.42
CA ALA W 259 -19.45 38.05 9.66
C ALA W 259 -20.06 37.28 10.81
N LYS W 260 -19.34 36.25 11.29
CA LYS W 260 -19.86 35.44 12.38
C LYS W 260 -20.01 36.26 13.65
N ALA W 261 -19.09 37.19 13.89
CA ALA W 261 -19.07 37.98 15.11
C ALA W 261 -19.36 39.45 14.89
N ALA W 262 -19.93 39.82 13.73
CA ALA W 262 -20.26 41.21 13.39
C ALA W 262 -20.84 41.99 14.56
N ASP W 263 -21.37 41.25 15.54
CA ASP W 263 -22.08 41.87 16.65
C ASP W 263 -21.09 42.55 17.59
N ASN W 264 -20.12 41.77 18.12
CA ASN W 264 -19.08 42.44 18.87
C ASN W 264 -18.04 43.12 17.98
N ALA W 265 -18.22 43.06 16.66
CA ALA W 265 -17.46 43.95 15.80
C ALA W 265 -17.85 45.40 16.03
N TYR W 266 -19.12 45.64 16.36
CA TYR W 266 -19.57 46.97 16.75
C TYR W 266 -19.00 47.37 18.10
N ALA W 267 -19.19 46.53 19.12
CA ALA W 267 -18.67 46.81 20.45
C ALA W 267 -17.18 47.08 20.45
N PHE W 268 -16.46 46.64 19.42
CA PHE W 268 -15.06 47.02 19.28
C PHE W 268 -14.91 48.38 18.65
N ILE W 269 -15.53 48.59 17.49
CA ILE W 269 -15.46 49.85 16.76
C ILE W 269 -15.94 50.97 17.67
N ASP W 270 -16.75 50.61 18.67
CA ASP W 270 -17.18 51.58 19.66
C ASP W 270 -16.07 51.94 20.64
N TYR W 271 -15.04 51.10 20.75
CA TYR W 271 -13.92 51.42 21.64
C TYR W 271 -12.95 52.38 20.96
N LEU W 272 -12.88 52.34 19.63
CA LEU W 272 -12.01 53.23 18.88
C LEU W 272 -12.76 54.40 18.28
N LEU W 273 -14.07 54.50 18.58
CA LEU W 273 -14.82 55.74 18.44
C LEU W 273 -14.78 56.58 19.72
N ARG W 274 -14.38 55.99 20.84
CA ARG W 274 -14.15 56.77 22.05
C ARG W 274 -12.89 57.62 21.88
N PRO W 275 -12.84 58.78 22.52
CA PRO W 275 -11.67 59.67 22.37
C PRO W 275 -10.39 59.05 22.90
N GLU W 276 -10.06 59.37 24.16
CA GLU W 276 -9.16 58.63 25.04
C GLU W 276 -8.45 57.43 24.42
N VAL W 277 -9.20 56.58 23.74
CA VAL W 277 -8.64 55.36 23.18
C VAL W 277 -8.00 55.62 21.83
N ILE W 278 -8.77 56.18 20.89
CA ILE W 278 -8.22 56.54 19.59
C ILE W 278 -7.06 57.53 19.73
N ALA W 279 -6.87 58.10 20.93
CA ALA W 279 -5.67 58.86 21.27
C ALA W 279 -4.46 57.92 21.31
N LYS W 280 -4.52 56.96 22.25
CA LYS W 280 -3.51 55.92 22.47
C LYS W 280 -3.07 55.30 21.14
N VAL W 281 -4.01 55.16 20.19
CA VAL W 281 -3.68 54.61 18.88
C VAL W 281 -2.84 55.59 18.08
N SER W 282 -3.29 56.85 17.96
CA SER W 282 -2.53 57.82 17.19
C SER W 282 -1.26 58.28 17.90
N ASP W 283 -1.26 58.29 19.23
CA ASP W 283 -0.03 58.65 19.96
C ASP W 283 1.12 57.74 19.57
N TYR W 284 0.83 56.49 19.22
CA TYR W 284 1.85 55.46 19.03
C TYR W 284 2.28 55.27 17.59
N VAL W 285 1.42 55.53 16.61
CA VAL W 285 1.75 55.20 15.23
C VAL W 285 1.91 56.43 14.35
N GLY W 286 1.21 57.51 14.65
CA GLY W 286 1.48 58.79 14.03
C GLY W 286 0.58 59.20 12.88
N TYR W 287 -0.67 58.77 12.85
CA TYR W 287 -1.63 59.27 11.88
C TYR W 287 -2.68 60.08 12.61
N ALA W 288 -3.41 60.88 11.84
CA ALA W 288 -4.51 61.64 12.40
C ALA W 288 -5.78 60.78 12.40
N ASN W 289 -6.75 61.18 13.23
CA ASN W 289 -7.91 60.35 13.46
C ASN W 289 -9.18 61.19 13.45
N ALA W 290 -10.27 60.55 13.04
CA ALA W 290 -11.55 61.20 12.76
C ALA W 290 -12.27 61.66 14.02
N ILE W 291 -11.57 61.71 15.15
CA ILE W 291 -12.18 62.06 16.42
C ILE W 291 -11.61 63.39 16.90
N PRO W 292 -12.24 64.53 16.62
CA PRO W 292 -11.72 65.81 17.13
C PRO W 292 -11.66 65.89 18.63
N GLY W 293 -12.50 65.14 19.35
CA GLY W 293 -12.37 65.03 20.79
C GLY W 293 -11.04 64.49 21.25
N ALA W 294 -10.23 63.95 20.33
CA ALA W 294 -8.97 63.30 20.71
C ALA W 294 -7.85 64.32 20.88
N ARG W 295 -7.65 65.20 19.88
CA ARG W 295 -6.48 66.07 19.84
C ARG W 295 -6.07 66.66 21.18
N PRO W 296 -6.96 67.22 22.01
CA PRO W 296 -6.52 67.66 23.35
C PRO W 296 -6.11 66.53 24.29
N LEU W 297 -6.53 65.28 24.05
CA LEU W 297 -6.06 64.16 24.87
C LEU W 297 -4.85 63.44 24.29
N MET W 298 -4.49 63.68 23.04
CA MET W 298 -3.40 62.94 22.43
C MET W 298 -2.05 63.37 22.99
N ASP W 299 -0.97 62.96 22.34
CA ASP W 299 0.33 63.54 22.66
C ASP W 299 0.43 64.93 22.04
N LYS W 300 1.47 65.66 22.41
CA LYS W 300 1.72 66.94 21.77
C LYS W 300 2.42 66.77 20.42
N SER W 301 3.56 66.09 20.42
CA SER W 301 4.35 65.95 19.20
C SER W 301 3.66 65.14 18.12
N VAL W 302 2.57 64.44 18.43
CA VAL W 302 1.80 63.75 17.41
C VAL W 302 0.53 64.52 17.05
N SER W 303 0.03 65.37 17.94
CA SER W 303 -1.26 66.02 17.71
C SER W 303 -1.17 67.28 16.85
N ASP W 304 -0.04 67.58 16.22
CA ASP W 304 0.07 68.82 15.46
C ASP W 304 1.30 68.84 14.61
N SER W 305 2.08 67.76 14.62
CA SER W 305 3.30 67.74 13.84
C SER W 305 2.95 67.95 12.37
N GLU W 306 2.82 69.22 11.95
CA GLU W 306 2.09 69.69 10.77
C GLU W 306 2.04 68.77 9.56
N GLU W 307 2.75 67.66 9.61
CA GLU W 307 2.62 66.56 8.67
C GLU W 307 1.60 65.53 9.17
N VAL W 308 1.52 65.31 10.48
CA VAL W 308 0.56 64.36 11.03
C VAL W 308 -0.87 64.89 10.88
N TYR W 309 -1.12 66.11 11.39
CA TYR W 309 -2.34 66.86 11.09
C TYR W 309 -1.96 68.06 10.23
N PRO W 310 -2.02 67.95 8.91
CA PRO W 310 -1.56 69.05 8.07
C PRO W 310 -2.50 70.23 8.10
N PRO W 311 -2.00 71.45 7.96
CA PRO W 311 -2.89 72.62 7.88
C PRO W 311 -3.57 72.70 6.52
N GLN W 312 -4.67 73.46 6.50
CA GLN W 312 -5.53 73.50 5.31
C GLN W 312 -4.74 73.91 4.07
N ALA W 313 -3.82 74.86 4.22
CA ALA W 313 -2.99 75.30 3.09
C ALA W 313 -2.27 74.15 2.43
N VAL W 314 -1.95 73.10 3.20
CA VAL W 314 -1.22 71.96 2.68
C VAL W 314 -2.16 71.03 1.91
N LEU W 315 -3.26 70.61 2.52
CA LEU W 315 -4.22 69.69 1.91
C LEU W 315 -4.67 70.15 0.53
N ASP W 316 -4.63 71.46 0.27
CA ASP W 316 -5.13 72.01 -0.98
C ASP W 316 -4.24 71.65 -2.16
N LYS W 317 -2.98 71.27 -1.91
CA LYS W 317 -2.08 70.73 -2.93
C LYS W 317 -2.30 69.24 -3.19
N LEU W 318 -3.09 68.57 -2.37
CA LEU W 318 -3.15 67.12 -2.37
C LEU W 318 -4.27 66.62 -3.27
N TYR W 319 -4.24 65.32 -3.54
CA TYR W 319 -5.30 64.66 -4.28
C TYR W 319 -5.83 63.51 -3.44
N VAL W 320 -7.15 63.39 -3.40
CA VAL W 320 -7.78 62.13 -3.02
C VAL W 320 -8.01 61.32 -4.29
N SER W 321 -7.56 60.07 -4.28
CA SER W 321 -7.83 59.18 -5.40
C SER W 321 -9.32 58.92 -5.54
N ALA W 322 -9.86 59.15 -6.74
CA ALA W 322 -11.25 58.87 -7.03
C ALA W 322 -11.40 57.44 -7.54
N VAL W 323 -12.34 56.70 -6.95
CA VAL W 323 -12.65 55.32 -7.30
C VAL W 323 -12.68 55.18 -8.81
N LEU W 324 -11.78 54.39 -9.36
CA LEU W 324 -11.62 54.42 -10.80
C LEU W 324 -12.52 53.40 -11.49
N PRO W 325 -12.82 53.60 -12.76
CA PRO W 325 -13.51 52.56 -13.55
C PRO W 325 -12.62 51.34 -13.69
N ALA W 326 -13.15 50.18 -13.30
CA ALA W 326 -12.37 48.93 -13.32
C ALA W 326 -11.67 48.69 -14.64
N LYS W 327 -12.07 49.39 -15.72
CA LYS W 327 -11.26 49.39 -16.93
C LYS W 327 -9.89 50.02 -16.70
N VAL W 328 -9.78 50.95 -15.74
CA VAL W 328 -8.48 51.56 -15.47
C VAL W 328 -7.64 50.65 -14.58
N LEU W 329 -8.25 49.93 -13.65
CA LEU W 329 -7.46 49.14 -12.73
C LEU W 329 -6.69 48.04 -13.47
N ARG W 330 -7.24 47.55 -14.59
CA ARG W 330 -6.50 46.72 -15.53
C ARG W 330 -5.40 47.48 -16.25
N LEU W 331 -5.52 48.80 -16.40
CA LEU W 331 -4.40 49.58 -16.89
C LEU W 331 -3.40 49.85 -15.78
N GLN W 332 -3.87 50.19 -14.59
CA GLN W 332 -2.98 50.36 -13.44
C GLN W 332 -2.22 49.07 -13.13
N THR W 333 -2.82 47.91 -13.41
CA THR W 333 -2.25 46.65 -12.91
C THR W 333 -1.21 46.04 -13.85
N ARG W 334 -1.49 45.94 -15.16
CA ARG W 334 -0.47 45.44 -16.06
C ARG W 334 0.53 46.51 -16.48
N THR W 335 0.35 47.75 -16.04
CA THR W 335 1.43 48.71 -16.15
C THR W 335 2.38 48.58 -14.97
N TRP W 336 1.84 48.39 -13.77
CA TRP W 336 2.66 48.21 -12.58
C TRP W 336 3.37 46.85 -12.62
N THR W 337 2.69 45.82 -13.10
CA THR W 337 3.33 44.51 -13.27
C THR W 337 4.40 44.56 -14.35
N ARG W 338 4.24 45.45 -15.34
CA ARG W 338 5.24 45.55 -16.39
C ARG W 338 6.52 46.19 -15.86
N ILE W 339 6.38 47.12 -14.91
CA ILE W 339 7.55 47.69 -14.24
C ILE W 339 8.29 46.65 -13.43
N LYS W 340 7.61 45.60 -12.97
CA LYS W 340 8.22 44.50 -12.21
C LYS W 340 9.10 44.99 -11.07
N GLN X 3 -19.78 81.43 31.09
CA GLN X 3 -19.24 80.32 30.31
C GLN X 3 -17.92 79.83 30.88
N VAL X 4 -16.89 79.81 30.02
CA VAL X 4 -15.53 79.41 30.38
C VAL X 4 -15.13 80.01 31.72
N GLN X 5 -14.30 79.29 32.45
CA GLN X 5 -13.92 79.63 33.82
C GLN X 5 -12.69 78.78 34.12
N LEU X 6 -11.97 79.18 35.18
CA LEU X 6 -10.77 78.51 35.68
C LEU X 6 -9.93 79.49 36.50
N VAL X 7 -9.67 79.15 37.78
CA VAL X 7 -8.69 79.81 38.65
C VAL X 7 -8.31 78.86 39.78
N GLU X 8 -7.60 79.41 40.78
CA GLU X 8 -7.38 78.83 42.12
C GLU X 8 -6.22 79.49 42.83
N THR X 9 -5.86 78.92 43.98
CA THR X 9 -5.09 79.45 45.11
C THR X 9 -4.95 80.97 45.17
N GLY X 10 -5.02 81.52 46.38
CA GLY X 10 -4.99 82.95 46.59
C GLY X 10 -3.63 83.61 46.55
N ASP X 11 -2.71 83.01 47.30
CA ASP X 11 -1.39 83.59 47.56
C ASP X 11 -0.43 82.46 47.95
N GLU X 12 0.66 82.85 48.67
CA GLU X 12 1.55 82.01 49.51
C GLU X 12 3.03 82.37 49.27
N VAL X 13 3.84 82.35 50.34
CA VAL X 13 5.30 82.57 50.27
C VAL X 13 6.00 81.31 50.80
N LYS X 14 7.13 81.54 51.48
CA LYS X 14 7.85 80.48 52.24
C LYS X 14 9.37 80.51 52.06
N THR X 15 10.01 79.45 52.56
CA THR X 15 11.48 79.28 52.56
C THR X 15 12.01 78.70 51.25
N PRO X 16 12.96 77.75 51.31
CA PRO X 16 13.53 77.13 50.12
C PRO X 16 13.11 75.69 49.80
N GLY X 17 12.48 75.48 48.62
CA GLY X 17 12.04 74.15 48.14
C GLY X 17 11.10 73.45 49.11
N ALA X 18 9.79 73.67 48.97
CA ALA X 18 8.79 73.05 49.86
C ALA X 18 7.52 72.70 49.11
N SER X 19 6.70 71.83 49.73
CA SER X 19 5.44 71.27 49.18
C SER X 19 4.28 72.29 49.14
N VAL X 20 4.44 73.36 48.35
CA VAL X 20 3.39 74.40 48.23
C VAL X 20 2.96 74.42 46.75
N LYS X 21 1.95 73.63 46.39
CA LYS X 21 1.53 73.52 44.96
C LYS X 21 0.16 74.11 44.65
N VAL X 22 0.18 75.29 44.05
CA VAL X 22 -0.99 75.92 43.47
C VAL X 22 -1.87 74.80 42.93
N SER X 23 -2.80 75.17 42.05
CA SER X 23 -3.88 74.31 41.59
C SER X 23 -4.82 75.08 40.67
N CYS X 24 -5.80 74.41 40.06
CA CYS X 24 -6.65 75.04 39.05
C CYS X 24 -8.00 74.34 38.99
N LYS X 25 -9.07 75.09 38.70
CA LYS X 25 -10.43 74.56 38.81
C LYS X 25 -11.11 74.47 37.42
N VAL X 26 -12.45 74.48 37.42
CA VAL X 26 -13.28 74.09 36.29
C VAL X 26 -14.34 75.16 36.06
N SER X 27 -15.03 75.03 34.92
CA SER X 27 -16.40 75.46 34.61
C SER X 27 -16.46 75.83 33.14
N GLY X 28 -17.64 75.63 32.52
CA GLY X 28 -17.82 75.96 31.13
C GLY X 28 -17.67 74.80 30.18
N TYR X 29 -16.44 74.32 30.02
CA TYR X 29 -16.18 73.16 29.16
C TYR X 29 -16.48 71.86 29.89
N THR X 30 -16.52 70.78 29.10
CA THR X 30 -16.60 69.41 29.60
C THR X 30 -15.23 69.01 30.13
N PHE X 31 -14.97 69.39 31.39
CA PHE X 31 -13.65 69.33 32.03
C PHE X 31 -12.67 68.34 31.41
N THR X 32 -13.10 67.09 31.25
CA THR X 32 -12.13 66.03 31.00
C THR X 32 -11.67 65.95 29.55
N SER X 33 -12.33 66.63 28.62
CA SER X 33 -11.94 66.58 27.20
C SER X 33 -11.00 67.71 26.81
N TYR X 34 -10.17 68.16 27.75
CA TYR X 34 -9.14 69.19 27.55
C TYR X 34 -8.08 69.07 28.61
N GLY X 35 -6.84 69.42 28.24
CA GLY X 35 -5.72 69.33 29.14
C GLY X 35 -5.50 70.61 29.94
N ILE X 36 -4.54 70.51 30.86
CA ILE X 36 -4.30 71.50 31.88
C ILE X 36 -2.79 71.53 32.15
N SER X 37 -2.29 72.72 32.53
CA SER X 37 -1.01 73.19 32.03
C SER X 37 -0.43 74.28 32.93
N TRP X 38 0.91 74.31 33.04
CA TRP X 38 1.61 75.05 34.09
C TRP X 38 2.83 75.79 33.55
N VAL X 39 2.71 77.11 33.42
CA VAL X 39 3.77 78.00 32.95
C VAL X 39 4.19 78.96 34.08
N ARG X 40 5.51 79.13 34.24
CA ARG X 40 6.12 79.88 35.32
C ARG X 40 6.97 81.03 34.77
N GLN X 41 6.99 82.16 35.48
CA GLN X 41 7.54 83.41 34.96
C GLN X 41 8.32 84.15 36.04
N ALA X 42 9.64 84.30 35.85
CA ALA X 42 10.52 85.10 36.69
C ALA X 42 9.99 86.53 36.84
N PRO X 43 10.53 87.37 37.79
CA PRO X 43 9.93 88.69 38.02
C PRO X 43 9.76 89.52 36.76
N GLY X 44 8.50 89.71 36.33
CA GLY X 44 8.19 90.53 35.18
C GLY X 44 8.95 90.16 33.93
N GLN X 45 9.44 88.92 33.89
CA GLN X 45 10.33 88.44 32.85
C GLN X 45 9.51 87.86 31.69
N GLY X 46 9.82 86.63 31.28
CA GLY X 46 9.08 85.94 30.25
C GLY X 46 8.52 84.63 30.79
N LEU X 47 7.85 83.92 29.90
CA LEU X 47 7.09 82.73 30.26
C LEU X 47 7.90 81.48 29.94
N GLU X 48 7.96 80.54 30.89
CA GLU X 48 8.68 79.28 30.78
C GLU X 48 7.68 78.13 30.56
N TRP X 49 8.13 76.90 30.81
CA TRP X 49 7.24 75.75 30.70
C TRP X 49 7.72 74.64 31.62
N MET X 50 6.77 73.85 32.09
CA MET X 50 7.08 72.83 33.08
C MET X 50 6.38 71.54 32.70
N GLY X 51 5.10 71.62 32.40
CA GLY X 51 4.39 70.47 31.90
C GLY X 51 2.90 70.64 32.02
N TRP X 52 2.20 69.66 31.46
CA TRP X 52 0.76 69.57 31.53
C TRP X 52 0.36 68.18 31.99
N ILE X 53 -0.82 68.08 32.60
CA ILE X 53 -1.32 66.79 33.08
C ILE X 53 -2.59 66.45 32.30
N ASN X 54 -2.64 65.21 31.83
CA ASN X 54 -3.78 64.75 31.07
C ASN X 54 -4.91 64.37 32.02
N PRO X 55 -6.07 65.01 31.94
CA PRO X 55 -7.12 64.75 32.93
C PRO X 55 -7.64 63.32 32.92
N ASN X 56 -8.19 62.90 31.77
CA ASN X 56 -8.86 61.61 31.70
C ASN X 56 -7.94 60.48 32.16
N SER X 57 -6.71 60.45 31.65
CA SER X 57 -5.77 59.38 31.95
C SER X 57 -4.92 59.66 33.18
N GLY X 58 -4.51 60.91 33.38
CA GLY X 58 -3.51 61.23 34.37
C GLY X 58 -2.10 61.31 33.84
N GLY X 59 -1.93 61.38 32.52
CA GLY X 59 -0.60 61.52 31.96
C GLY X 59 0.09 62.79 32.43
N THR X 60 1.42 62.75 32.41
CA THR X 60 2.18 63.89 32.94
C THR X 60 3.59 63.87 32.32
N ASN X 61 3.76 64.66 31.26
CA ASN X 61 5.08 64.92 30.68
C ASN X 61 5.60 66.25 31.22
N TYR X 62 6.63 66.17 32.05
CA TYR X 62 7.29 67.30 32.67
C TYR X 62 8.22 67.98 31.67
N ALA X 63 8.73 69.16 32.03
CA ALA X 63 9.69 69.84 31.19
C ALA X 63 11.04 69.14 31.26
N GLN X 64 11.98 69.61 30.45
CA GLN X 64 13.36 69.15 30.56
C GLN X 64 13.83 69.37 31.99
N LYS X 65 14.11 70.62 32.34
CA LYS X 65 14.89 70.98 33.52
C LYS X 65 14.26 70.60 34.85
N PHE X 66 13.32 69.65 34.87
CA PHE X 66 12.50 69.44 36.04
C PHE X 66 12.33 68.00 36.46
N GLN X 67 12.98 67.04 35.80
CA GLN X 67 12.75 65.66 36.22
C GLN X 67 13.49 65.48 37.53
N GLY X 68 12.75 65.27 38.61
CA GLY X 68 13.37 65.10 39.90
C GLY X 68 12.53 65.73 40.99
N ARG X 69 11.84 66.84 40.70
CA ARG X 69 11.28 67.58 41.82
C ARG X 69 10.08 68.43 41.41
N VAL X 70 9.35 67.99 40.39
CA VAL X 70 8.08 68.58 39.99
C VAL X 70 7.05 67.46 39.91
N THR X 71 5.86 67.73 40.43
CA THR X 71 4.82 66.71 40.44
C THR X 71 3.48 67.41 40.32
N MET X 72 2.60 66.80 39.55
CA MET X 72 1.30 67.34 39.20
C MET X 72 0.24 66.32 39.59
N THR X 73 -1.02 66.74 39.55
CA THR X 73 -2.14 65.84 39.79
C THR X 73 -3.49 66.47 39.50
N ARG X 74 -4.58 65.82 39.93
CA ARG X 74 -5.92 66.15 39.49
C ARG X 74 -6.99 65.29 40.16
N ASP X 75 -8.17 65.88 40.40
CA ASP X 75 -9.29 65.13 40.95
C ASP X 75 -10.57 65.52 40.19
N THR X 76 -10.81 64.81 39.09
CA THR X 76 -12.04 64.82 38.31
C THR X 76 -13.37 65.01 39.05
N SER X 77 -13.46 64.67 40.34
CA SER X 77 -14.68 64.94 41.10
C SER X 77 -14.90 66.43 41.29
N ILE X 78 -14.12 67.05 42.18
CA ILE X 78 -14.07 68.49 42.41
C ILE X 78 -13.73 69.24 41.12
N SER X 79 -13.33 68.50 40.09
CA SER X 79 -12.88 69.10 38.84
C SER X 79 -11.79 70.12 39.09
N THR X 80 -10.56 69.64 39.26
CA THR X 80 -9.46 70.48 39.70
C THR X 80 -8.19 69.99 39.00
N ALA X 81 -7.07 70.64 39.29
CA ALA X 81 -5.76 70.21 38.84
C ALA X 81 -4.74 70.85 39.78
N TYR X 82 -3.70 70.09 40.13
CA TYR X 82 -2.76 70.49 41.16
C TYR X 82 -1.34 70.43 40.61
N MET X 83 -0.41 71.07 41.34
CA MET X 83 0.90 71.45 40.83
C MET X 83 1.83 71.71 42.00
N GLU X 84 3.01 71.09 41.99
CA GLU X 84 4.05 71.31 42.98
C GLU X 84 5.49 71.35 42.55
N LEU X 85 6.33 71.97 43.37
CA LEU X 85 7.79 71.96 43.23
C LEU X 85 8.36 71.43 44.54
N SER X 86 9.49 70.73 44.45
CA SER X 86 10.19 70.25 45.62
C SER X 86 11.45 71.11 45.83
N ARG X 87 12.61 70.49 46.14
CA ARG X 87 13.74 71.22 46.73
C ARG X 87 13.89 72.57 46.04
N LEU X 88 13.69 73.64 46.78
CA LEU X 88 13.66 74.90 46.06
C LEU X 88 15.03 75.56 46.12
N ARG X 89 15.04 76.85 45.80
CA ARG X 89 16.12 77.82 45.85
C ARG X 89 15.46 79.12 45.42
N SER X 90 16.09 80.24 45.75
CA SER X 90 15.43 81.54 45.58
C SER X 90 15.15 81.90 44.11
N ASP X 91 15.61 81.07 43.17
CA ASP X 91 15.31 81.29 41.76
C ASP X 91 13.82 81.18 41.50
N ASP X 92 13.13 80.38 42.32
CA ASP X 92 11.78 79.92 42.07
C ASP X 92 10.71 80.95 42.37
N THR X 93 10.77 82.12 41.74
CA THR X 93 9.83 83.21 41.97
C THR X 93 9.08 83.51 40.67
N ALA X 94 7.77 83.23 40.66
CA ALA X 94 6.97 83.25 39.44
C ALA X 94 5.51 83.62 39.71
N VAL X 95 4.75 83.74 38.62
CA VAL X 95 3.29 83.82 38.61
C VAL X 95 2.78 82.64 37.78
N TYR X 96 2.18 81.65 38.46
CA TYR X 96 1.94 80.33 37.89
C TYR X 96 0.53 80.20 37.33
N TYR X 97 0.44 79.74 36.09
CA TYR X 97 -0.77 79.87 35.30
C TYR X 97 -1.54 78.56 35.15
N CYS X 98 -2.83 78.71 34.89
CA CYS X 98 -3.73 77.61 34.57
C CYS X 98 -4.04 77.70 33.09
N ALA X 99 -4.14 76.55 32.43
CA ALA X 99 -4.31 76.56 30.98
C ALA X 99 -5.20 75.41 30.54
N ARG X 100 -6.41 75.72 30.12
CA ARG X 100 -7.10 74.79 29.24
C ARG X 100 -6.30 74.70 27.94
N ASP X 101 -5.44 73.69 27.79
CA ASP X 101 -4.94 73.46 26.44
C ASP X 101 -6.11 73.04 25.57
N LYS X 102 -6.08 73.48 24.33
CA LYS X 102 -6.58 72.62 23.28
C LYS X 102 -5.41 72.15 22.43
N ARG X 103 -4.26 71.95 23.09
CA ARG X 103 -2.87 72.04 22.64
C ARG X 103 -2.30 73.39 23.05
N TYR X 104 -3.06 74.46 22.81
CA TYR X 104 -2.61 75.83 23.06
C TYR X 104 -2.45 76.02 24.55
N MET X 105 -2.99 77.15 25.06
CA MET X 105 -3.37 77.23 26.46
C MET X 105 -4.67 78.00 26.63
N ASP X 106 -5.33 78.36 25.52
CA ASP X 106 -6.66 78.95 25.48
C ASP X 106 -6.92 79.99 26.56
N VAL X 107 -7.72 79.61 27.55
CA VAL X 107 -8.13 80.48 28.63
C VAL X 107 -7.16 80.24 29.78
N TRP X 108 -6.15 81.09 29.89
CA TRP X 108 -5.45 81.19 31.16
C TRP X 108 -6.41 81.62 32.27
N GLY X 109 -6.25 81.00 33.43
CA GLY X 109 -6.76 81.57 34.67
C GLY X 109 -5.62 82.36 35.30
N LYS X 110 -5.96 83.55 35.82
CA LYS X 110 -4.97 84.40 36.48
C LYS X 110 -4.08 83.55 37.37
N GLY X 111 -2.79 83.86 37.35
CA GLY X 111 -1.82 83.03 38.06
C GLY X 111 -2.02 82.95 39.56
N THR X 112 -0.92 83.05 40.30
CA THR X 112 -0.97 83.54 41.67
C THR X 112 0.45 83.69 42.13
N THR X 113 0.71 84.78 42.84
CA THR X 113 2.04 85.04 43.33
C THR X 113 2.47 83.94 44.28
N VAL X 114 3.55 83.26 43.93
CA VAL X 114 4.15 82.28 44.81
C VAL X 114 5.66 82.56 44.88
N THR X 115 6.09 83.66 45.52
CA THR X 115 7.52 83.97 45.60
C THR X 115 8.23 83.34 46.81
N VAL X 116 9.51 82.99 46.60
CA VAL X 116 10.43 82.51 47.62
C VAL X 116 11.82 83.02 47.25
N SER X 117 12.49 83.71 48.18
CA SER X 117 13.88 84.11 47.97
C SER X 117 14.61 84.00 49.30
N SER X 118 14.93 82.77 49.69
CA SER X 118 15.71 82.53 50.91
C SER X 118 16.66 81.36 50.68
N GLY X 119 17.64 81.25 51.57
CA GLY X 119 18.62 80.19 51.50
C GLY X 119 19.27 79.89 52.84
N VAL X 136 16.49 78.29 24.06
CA VAL X 136 15.16 78.72 23.69
C VAL X 136 15.12 79.09 22.21
N LEU X 137 14.13 79.91 21.83
CA LEU X 137 14.04 80.46 20.50
C LEU X 137 14.04 81.98 20.64
N THR X 138 14.76 82.66 19.73
CA THR X 138 15.03 84.08 19.90
C THR X 138 14.01 84.92 19.16
N GLN X 139 13.63 86.03 19.78
CA GLN X 139 12.75 87.03 19.19
C GLN X 139 13.12 88.39 19.74
N PRO X 140 12.91 89.47 18.97
CA PRO X 140 13.41 90.78 19.36
C PRO X 140 12.85 91.19 20.70
N PRO X 141 13.55 92.04 21.45
CA PRO X 141 13.07 92.42 22.78
C PRO X 141 12.06 93.56 22.75
N SER X 142 11.79 94.16 21.60
CA SER X 142 11.10 95.44 21.65
C SER X 142 10.74 95.94 20.26
N VAL X 143 9.71 96.78 20.24
CA VAL X 143 9.32 97.61 19.10
C VAL X 143 8.71 98.87 19.70
N SER X 144 8.53 99.91 18.88
CA SER X 144 7.81 101.09 19.31
C SER X 144 6.85 101.52 18.20
N GLY X 145 5.79 102.22 18.60
CA GLY X 145 4.78 102.69 17.65
C GLY X 145 3.59 103.35 18.29
N ALA X 146 3.19 104.53 17.79
CA ALA X 146 2.12 105.36 18.33
C ALA X 146 0.77 104.88 17.75
N PRO X 147 -0.16 105.75 17.33
CA PRO X 147 -1.20 105.27 16.39
C PRO X 147 -0.62 104.97 15.03
N GLY X 148 -1.43 104.34 14.18
CA GLY X 148 -1.00 104.04 12.83
C GLY X 148 -0.15 102.79 12.77
N GLN X 149 0.80 102.80 11.84
CA GLN X 149 1.85 101.82 11.60
C GLN X 149 1.30 100.51 11.05
N LYS X 150 2.06 99.50 11.44
CA LYS X 150 2.02 98.07 11.21
C LYS X 150 3.33 97.52 11.78
N VAL X 151 3.35 97.23 13.07
CA VAL X 151 4.51 96.58 13.68
C VAL X 151 4.53 95.10 13.31
N THR X 152 5.70 94.60 12.92
CA THR X 152 5.90 93.18 12.73
C THR X 152 6.87 92.66 13.78
N ILE X 153 6.61 91.44 14.27
CA ILE X 153 7.35 90.83 15.37
C ILE X 153 7.60 89.39 14.99
N SER X 154 8.85 89.03 14.77
CA SER X 154 9.20 87.67 14.38
C SER X 154 9.69 86.87 15.58
N CYS X 155 9.66 85.55 15.42
CA CYS X 155 10.04 84.60 16.45
C CYS X 155 10.61 83.39 15.74
N SER X 156 11.91 83.15 15.89
CA SER X 156 12.65 82.18 15.10
C SER X 156 13.08 81.00 15.95
N GLY X 157 13.03 79.80 15.37
CA GLY X 157 13.42 78.61 16.09
C GLY X 157 14.25 77.60 15.32
N SER X 158 13.64 76.50 14.92
CA SER X 158 14.39 75.31 14.52
C SER X 158 13.60 74.50 13.51
N SER X 159 14.19 73.38 13.09
CA SER X 159 13.48 72.31 12.41
C SER X 159 12.85 71.33 13.39
N SER X 160 12.66 71.75 14.64
CA SER X 160 12.07 70.91 15.67
C SER X 160 10.93 71.60 16.40
N ASN X 161 10.64 72.83 16.06
CA ASN X 161 9.51 73.60 16.51
C ASN X 161 9.02 74.41 15.33
N ILE X 162 8.18 75.41 15.58
CA ILE X 162 7.86 76.50 14.66
C ILE X 162 7.86 76.11 13.17
N GLY X 163 8.90 75.42 12.69
CA GLY X 163 8.88 74.88 11.34
C GLY X 163 8.18 73.54 11.20
N ARG X 164 8.39 72.62 12.15
CA ARG X 164 7.72 71.32 12.10
C ARG X 164 6.33 71.27 12.73
N ASN X 165 6.03 72.13 13.72
CA ASN X 165 4.78 72.05 14.48
C ASN X 165 4.04 73.38 14.44
N TYR X 166 2.93 73.44 15.18
CA TYR X 166 1.95 74.53 15.08
C TYR X 166 2.26 75.64 16.07
N VAL X 167 2.18 76.89 15.60
CA VAL X 167 2.48 78.05 16.42
C VAL X 167 1.20 78.55 17.10
N SER X 168 1.34 79.04 18.33
CA SER X 168 0.30 79.78 19.01
C SER X 168 0.85 81.14 19.42
N TRP X 169 0.07 82.21 19.18
CA TRP X 169 0.41 83.53 19.68
C TRP X 169 -0.52 83.98 20.80
N TYR X 170 0.04 84.77 21.72
CA TYR X 170 -0.72 85.44 22.78
C TYR X 170 0.11 86.56 23.42
N GLN X 171 -0.46 87.77 23.46
CA GLN X 171 0.16 88.96 24.08
C GLN X 171 -0.48 89.22 25.43
N GLN X 172 0.35 89.35 26.45
CA GLN X 172 -0.04 89.58 27.86
C GLN X 172 0.05 91.07 28.22
N LEU X 173 -1.10 91.74 28.42
CA LEU X 173 -1.09 93.16 28.81
C LEU X 173 -0.35 93.30 30.14
N PRO X 174 0.08 94.52 30.50
CA PRO X 174 1.00 94.66 31.65
C PRO X 174 0.48 93.97 32.91
N GLY X 175 1.33 93.13 33.49
CA GLY X 175 1.03 92.39 34.70
C GLY X 175 -0.30 91.67 34.68
N ALA X 176 -0.80 91.38 33.48
CA ALA X 176 -2.11 90.77 33.30
C ALA X 176 -1.94 89.30 32.91
N ALA X 177 -3.01 88.71 32.36
CA ALA X 177 -3.02 87.30 31.98
C ALA X 177 -2.87 87.17 30.48
N PRO X 178 -1.89 86.41 29.99
CA PRO X 178 -1.78 86.16 28.55
C PRO X 178 -3.10 85.69 27.95
N LYS X 179 -3.46 86.27 26.82
CA LYS X 179 -4.73 86.01 26.13
C LYS X 179 -4.42 85.41 24.77
N LEU X 180 -4.99 84.26 24.46
CA LEU X 180 -4.57 83.55 23.26
C LEU X 180 -4.98 84.25 21.98
N LEU X 181 -4.05 85.03 21.43
CA LEU X 181 -4.33 85.87 20.28
C LEU X 181 -4.45 85.09 18.98
N LEU X 182 -3.66 84.06 18.79
CA LEU X 182 -3.53 83.50 17.44
C LEU X 182 -3.08 82.06 17.56
N TYR X 183 -3.83 81.13 16.95
CA TYR X 183 -3.46 79.73 17.09
C TYR X 183 -3.36 79.00 15.75
N ASP X 184 -3.29 77.66 15.80
CA ASP X 184 -3.04 76.77 14.66
C ASP X 184 -2.20 77.44 13.58
N ASN X 185 -1.05 78.00 13.97
CA ASN X 185 -0.24 78.85 13.10
C ASN X 185 -0.93 80.17 12.80
N ASN X 186 -1.50 80.31 11.61
CA ASN X 186 -1.89 81.61 11.08
C ASN X 186 -3.39 81.88 11.18
N LYS X 187 -4.11 81.18 12.04
CA LYS X 187 -5.55 81.36 12.19
C LYS X 187 -5.93 81.99 13.53
N ARG X 188 -6.88 82.95 13.47
CA ARG X 188 -7.26 83.80 14.59
C ARG X 188 -8.54 83.33 15.26
N PRO X 189 -8.66 83.51 16.59
CA PRO X 189 -9.82 83.01 17.31
C PRO X 189 -11.07 83.84 17.06
N SER X 190 -11.96 83.90 18.04
CA SER X 190 -13.05 84.85 18.05
C SER X 190 -12.85 85.84 19.19
N GLY X 191 -13.21 87.10 18.94
CA GLY X 191 -12.96 88.15 19.90
C GLY X 191 -11.69 88.91 19.68
N ILE X 192 -10.84 88.49 18.75
CA ILE X 192 -9.59 89.18 18.45
C ILE X 192 -9.74 89.82 17.08
N PRO X 193 -9.39 91.10 16.93
CA PRO X 193 -9.85 91.83 15.75
C PRO X 193 -9.19 91.34 14.47
N ASP X 194 -9.81 91.71 13.35
CA ASP X 194 -9.29 91.40 12.02
C ASP X 194 -7.86 91.87 11.83
N ARG X 195 -7.37 92.82 12.63
CA ARG X 195 -6.08 93.39 12.30
C ARG X 195 -4.96 92.40 12.60
N PHE X 196 -5.06 91.64 13.69
CA PHE X 196 -4.01 90.69 14.06
C PHE X 196 -4.00 89.51 13.09
N SER X 197 -2.97 89.45 12.24
CA SER X 197 -2.70 88.31 11.38
C SER X 197 -1.22 87.96 11.49
N ALA X 198 -0.90 86.67 11.43
CA ALA X 198 0.49 86.23 11.40
C ALA X 198 0.70 85.28 10.22
N SER X 199 1.96 84.96 9.98
CA SER X 199 2.36 84.06 8.91
C SER X 199 3.76 83.53 9.21
N LYS X 200 4.20 82.59 8.39
CA LYS X 200 5.34 81.75 8.74
C LYS X 200 5.99 81.19 7.48
N SER X 201 7.29 81.44 7.32
CA SER X 201 8.17 80.69 6.43
C SER X 201 9.28 80.01 7.23
N GLY X 202 9.79 78.90 6.69
CA GLY X 202 10.88 78.17 7.31
C GLY X 202 10.67 77.91 8.79
N PRO X 203 11.72 78.10 9.59
CA PRO X 203 11.61 77.95 11.05
C PRO X 203 11.16 79.20 11.79
N SER X 204 10.81 80.28 11.08
CA SER X 204 10.41 81.52 11.71
C SER X 204 8.93 81.79 11.48
N THR X 205 8.29 82.38 12.49
CA THR X 205 6.91 82.85 12.37
C THR X 205 6.87 84.32 12.75
N THR X 206 6.25 85.12 11.89
CA THR X 206 6.22 86.57 12.05
C THR X 206 4.79 87.01 12.30
N LEU X 207 4.60 87.82 13.34
CA LEU X 207 3.31 88.41 13.61
C LEU X 207 3.21 89.75 12.88
N ALA X 208 1.98 90.13 12.55
CA ALA X 208 1.74 91.35 11.76
C ALA X 208 0.51 92.08 12.28
N ILE X 209 0.73 92.95 13.27
CA ILE X 209 -0.27 93.92 13.68
C ILE X 209 -0.41 94.98 12.60
N THR X 210 -1.64 95.20 12.11
CA THR X 210 -1.88 96.04 10.93
C THR X 210 -2.92 97.14 11.21
N GLY X 211 -2.66 97.95 12.23
CA GLY X 211 -3.47 99.12 12.46
C GLY X 211 -3.37 99.60 13.89
N LEU X 212 -2.20 99.37 14.49
CA LEU X 212 -1.89 99.56 15.90
C LEU X 212 -2.69 100.68 16.55
N GLN X 213 -3.73 100.31 17.33
CA GLN X 213 -4.47 101.26 18.12
C GLN X 213 -3.80 101.42 19.48
N THR X 214 -4.35 102.32 20.31
CA THR X 214 -3.76 102.61 21.61
C THR X 214 -3.70 101.37 22.49
N GLY X 215 -4.73 100.54 22.46
CA GLY X 215 -4.80 99.36 23.31
C GLY X 215 -3.65 98.40 23.08
N ASP X 216 -3.55 97.88 21.85
CA ASP X 216 -2.52 96.96 21.40
C ASP X 216 -1.14 97.20 22.02
N GLU X 217 -0.91 96.84 23.28
CA GLU X 217 0.35 97.22 23.90
C GLU X 217 0.59 96.39 25.15
N ALA X 218 1.71 95.65 25.18
CA ALA X 218 1.93 94.64 26.20
C ALA X 218 3.25 93.91 25.94
N ASP X 219 3.56 92.97 26.84
CA ASP X 219 4.67 92.04 26.66
C ASP X 219 4.20 90.78 25.94
N TYR X 220 5.01 90.28 25.00
CA TYR X 220 4.49 89.59 23.83
C TYR X 220 5.24 88.27 23.65
N PHE X 221 4.51 87.16 23.42
CA PHE X 221 5.15 85.84 23.38
C PHE X 221 4.58 84.92 22.30
N CYS X 222 5.46 84.21 21.60
CA CYS X 222 5.10 83.09 20.72
C CYS X 222 5.14 81.77 21.50
N GLY X 223 4.45 80.76 20.97
CA GLY X 223 4.42 79.45 21.60
C GLY X 223 4.34 78.27 20.66
N VAL X 224 5.26 77.31 20.81
CA VAL X 224 5.30 76.11 19.96
C VAL X 224 5.87 74.97 20.80
N TRP X 225 5.52 73.74 20.41
CA TRP X 225 6.06 72.55 21.05
C TRP X 225 7.30 72.10 20.31
N ASP X 226 8.38 71.80 21.05
CA ASP X 226 9.63 71.34 20.47
C ASP X 226 9.70 69.81 20.55
N SER X 227 9.45 69.15 19.41
CA SER X 227 9.30 67.70 19.44
C SER X 227 10.54 67.01 20.00
N SER X 228 11.73 67.54 19.71
CA SER X 228 12.93 66.81 20.07
C SER X 228 13.30 66.99 21.55
N LEU X 229 12.91 68.10 22.18
CA LEU X 229 13.23 68.31 23.60
C LEU X 229 12.12 67.88 24.55
N ARG X 230 10.88 67.74 24.08
CA ARG X 230 9.69 67.63 24.92
C ARG X 230 9.57 68.83 25.84
N ALA X 231 8.68 69.77 25.45
CA ALA X 231 8.19 70.91 26.22
C ALA X 231 7.67 71.98 25.28
N VAL X 232 6.65 72.72 25.71
CA VAL X 232 6.25 73.89 24.96
C VAL X 232 7.36 74.94 25.07
N LEU X 233 7.43 75.84 24.08
CA LEU X 233 8.48 76.84 24.08
C LEU X 233 7.94 78.24 23.82
N PHE X 234 8.45 79.18 24.61
CA PHE X 234 8.07 80.58 24.59
C PHE X 234 9.29 81.40 24.22
N GLY X 235 9.08 82.54 23.57
CA GLY X 235 10.17 83.44 23.28
C GLY X 235 10.39 84.45 24.38
N GLY X 236 11.49 85.18 24.27
CA GLY X 236 11.88 86.10 25.32
C GLY X 236 10.87 87.21 25.56
N GLY X 237 10.12 87.59 24.54
CA GLY X 237 9.16 88.66 24.69
C GLY X 237 9.29 89.70 23.60
N THR X 238 8.24 90.47 23.32
CA THR X 238 8.40 91.58 22.39
C THR X 238 7.76 92.84 22.96
N LYS X 239 8.06 93.11 24.21
CA LYS X 239 7.91 94.37 24.93
C LYS X 239 7.69 95.60 24.05
N LEU X 240 6.64 95.52 23.20
CA LEU X 240 6.06 96.64 22.45
C LEU X 240 5.70 97.82 23.32
N THR X 241 6.27 98.99 23.06
CA THR X 241 5.78 100.21 23.68
C THR X 241 5.06 101.08 22.64
N VAL X 242 4.03 101.80 23.11
CA VAL X 242 3.18 102.64 22.29
C VAL X 242 3.08 104.02 22.95
N LEU X 243 2.80 105.03 22.14
CA LEU X 243 2.92 106.40 22.61
C LEU X 243 2.05 107.39 21.82
N SER Y 6 -59.49 44.85 61.49
CA SER Y 6 -58.20 45.43 61.16
C SER Y 6 -57.03 44.65 61.76
N LEU Y 7 -55.85 45.03 61.27
CA LEU Y 7 -54.56 44.41 61.57
C LEU Y 7 -53.48 45.43 61.25
N HIS Y 8 -52.48 45.53 62.12
CA HIS Y 8 -51.35 46.43 61.90
C HIS Y 8 -50.06 45.63 61.86
N ILE Y 9 -49.30 45.79 60.79
CA ILE Y 9 -48.08 45.04 60.53
C ILE Y 9 -46.90 45.99 60.38
N TYR Y 10 -45.77 45.59 60.96
CA TYR Y 10 -44.48 46.24 60.77
C TYR Y 10 -43.52 45.20 60.19
N ASN Y 11 -43.18 45.33 58.91
CA ASN Y 11 -42.31 44.41 58.20
C ASN Y 11 -41.26 45.20 57.42
N TRP Y 12 -40.28 44.47 56.88
CA TRP Y 12 -39.18 45.10 56.15
C TRP Y 12 -39.64 45.63 54.79
N THR Y 13 -38.82 46.50 54.21
CA THR Y 13 -39.02 46.93 52.83
C THR Y 13 -38.82 45.75 51.89
N ASP Y 14 -39.46 45.84 50.72
CA ASP Y 14 -39.25 44.88 49.63
C ASP Y 14 -39.34 43.44 50.12
N TYR Y 15 -40.19 43.21 51.12
CA TYR Y 15 -40.19 41.93 51.82
C TYR Y 15 -41.54 41.24 51.70
N ILE Y 16 -42.38 41.64 50.75
CA ILE Y 16 -43.69 41.05 50.58
C ILE Y 16 -44.10 41.14 49.11
N ALA Y 17 -44.83 40.13 48.65
CA ALA Y 17 -45.40 40.19 47.32
C ALA Y 17 -46.55 41.21 47.30
N PRO Y 18 -46.78 41.87 46.17
CA PRO Y 18 -47.78 42.95 46.13
C PRO Y 18 -49.17 42.50 46.52
N THR Y 19 -49.75 41.57 45.76
CA THR Y 19 -51.11 41.13 46.04
C THR Y 19 -51.21 40.18 47.23
N THR Y 20 -50.11 39.90 47.92
CA THR Y 20 -50.19 39.07 49.12
C THR Y 20 -51.14 39.68 50.15
N LEU Y 21 -51.06 40.99 50.36
CA LEU Y 21 -52.00 41.64 51.25
C LEU Y 21 -53.39 41.74 50.62
N LYS Y 22 -53.46 42.17 49.36
CA LYS Y 22 -54.75 42.26 48.69
C LYS Y 22 -55.49 40.91 48.69
N ASP Y 23 -54.75 39.81 48.74
CA ASP Y 23 -55.37 38.50 48.77
C ASP Y 23 -55.82 38.09 50.18
N PHE Y 24 -54.92 38.17 51.16
CA PHE Y 24 -55.28 37.81 52.53
C PHE Y 24 -56.49 38.59 53.03
N THR Y 25 -56.74 39.77 52.44
CA THR Y 25 -57.95 40.53 52.74
C THR Y 25 -59.19 39.91 52.10
N LYS Y 26 -59.12 39.64 50.79
CA LYS Y 26 -60.26 39.05 50.08
C LYS Y 26 -60.73 37.76 50.75
N GLU Y 27 -59.79 36.92 51.15
CA GLU Y 27 -60.12 35.64 51.77
C GLU Y 27 -60.66 35.79 53.19
N SER Y 28 -60.01 36.64 54.00
CA SER Y 28 -60.34 36.76 55.41
C SER Y 28 -61.34 37.87 55.71
N GLY Y 29 -61.34 38.96 54.95
CA GLY Y 29 -62.15 40.12 55.26
C GLY Y 29 -61.44 41.16 56.11
N ILE Y 30 -60.27 40.81 56.66
CA ILE Y 30 -59.50 41.72 57.49
C ILE Y 30 -58.79 42.75 56.60
N ASP Y 31 -58.55 43.93 57.17
CA ASP Y 31 -57.78 44.96 56.49
C ASP Y 31 -56.42 45.12 57.16
N VAL Y 32 -55.43 45.48 56.34
CA VAL Y 32 -54.03 45.47 56.75
C VAL Y 32 -53.44 46.85 56.55
N SER Y 33 -52.75 47.35 57.58
CA SER Y 33 -51.94 48.56 57.51
C SER Y 33 -50.48 48.10 57.51
N TYR Y 34 -49.91 47.97 56.32
CA TYR Y 34 -48.54 47.49 56.13
C TYR Y 34 -47.59 48.68 56.23
N ASP Y 35 -46.95 48.83 57.38
CA ASP Y 35 -45.87 49.79 57.54
C ASP Y 35 -44.53 49.09 57.42
N VAL Y 36 -43.55 49.82 56.92
CA VAL Y 36 -42.26 49.24 56.56
C VAL Y 36 -41.13 49.94 57.29
N PHE Y 37 -40.05 49.18 57.50
CA PHE Y 37 -38.80 49.66 58.04
C PHE Y 37 -37.67 48.94 57.30
N ASP Y 38 -36.45 49.45 57.44
CA ASP Y 38 -35.33 48.91 56.69
C ASP Y 38 -34.12 48.50 57.53
N SER Y 39 -34.06 48.86 58.80
CA SER Y 39 -32.98 48.44 59.66
C SER Y 39 -33.55 47.61 60.80
N ASN Y 40 -32.72 46.74 61.36
CA ASN Y 40 -33.25 45.96 62.45
C ASN Y 40 -33.38 46.83 63.70
N GLU Y 41 -32.59 47.89 63.80
CA GLU Y 41 -32.62 48.79 64.94
C GLU Y 41 -33.88 49.63 64.96
N THR Y 42 -34.31 50.12 63.79
CA THR Y 42 -35.56 50.86 63.65
C THR Y 42 -36.69 50.14 64.36
N LEU Y 43 -36.88 48.86 64.04
CA LEU Y 43 -37.82 48.03 64.79
C LEU Y 43 -37.48 47.98 66.26
N GLU Y 44 -36.24 47.60 66.62
CA GLU Y 44 -35.93 47.50 68.05
C GLU Y 44 -36.22 48.81 68.76
N GLY Y 45 -35.99 49.94 68.09
CA GLY Y 45 -36.29 51.20 68.70
C GLY Y 45 -37.77 51.34 69.03
N LYS Y 46 -38.64 51.13 68.04
CA LYS Y 46 -40.07 51.30 68.25
C LYS Y 46 -40.63 50.34 69.29
N LEU Y 47 -39.98 49.20 69.51
CA LEU Y 47 -40.50 48.23 70.48
C LEU Y 47 -40.24 48.67 71.92
N VAL Y 48 -39.04 49.17 72.19
CA VAL Y 48 -38.71 49.62 73.54
C VAL Y 48 -39.51 50.86 73.92
N SER Y 49 -39.89 51.67 72.93
CA SER Y 49 -40.90 52.70 73.22
C SER Y 49 -42.21 52.09 73.70
N GLY Y 50 -42.42 50.80 73.44
CA GLY Y 50 -43.45 50.02 74.09
C GLY Y 50 -44.88 50.41 73.80
N HIS Y 51 -45.08 51.37 72.90
CA HIS Y 51 -46.46 51.84 72.70
C HIS Y 51 -46.83 51.86 71.23
N SER Y 52 -46.12 51.08 70.40
CA SER Y 52 -46.38 51.03 68.96
C SER Y 52 -47.57 50.11 68.69
N GLY Y 53 -48.60 50.64 68.05
CA GLY Y 53 -49.81 49.86 67.80
C GLY Y 53 -49.66 48.88 66.66
N TYR Y 54 -48.72 47.94 66.80
CA TYR Y 54 -48.49 46.93 65.78
C TYR Y 54 -48.88 45.57 66.34
N ASP Y 55 -49.66 44.81 65.56
CA ASP Y 55 -50.02 43.46 65.94
C ASP Y 55 -49.04 42.41 65.46
N ILE Y 56 -48.13 42.76 64.53
CA ILE Y 56 -47.15 41.84 63.97
C ILE Y 56 -45.89 42.62 63.66
N VAL Y 57 -44.74 42.13 64.12
CA VAL Y 57 -43.44 42.71 63.78
C VAL Y 57 -42.51 41.58 63.35
N VAL Y 58 -41.47 41.95 62.60
CA VAL Y 58 -40.55 40.98 62.03
C VAL Y 58 -39.11 41.34 62.40
N PRO Y 59 -38.60 40.85 63.53
CA PRO Y 59 -37.18 40.97 63.83
C PRO Y 59 -36.38 39.82 63.24
N SER Y 60 -35.06 40.01 63.21
CA SER Y 60 -34.13 38.96 62.82
C SER Y 60 -33.70 38.19 64.07
N ASN Y 61 -33.63 36.87 63.94
CA ASN Y 61 -33.47 35.91 65.04
C ASN Y 61 -32.70 36.45 66.24
N ASN Y 62 -31.54 37.07 66.01
CA ASN Y 62 -30.72 37.51 67.14
C ASN Y 62 -31.36 38.66 67.89
N PHE Y 63 -32.08 39.55 67.19
CA PHE Y 63 -32.74 40.65 67.88
C PHE Y 63 -34.00 40.16 68.58
N LEU Y 64 -34.82 39.38 67.87
CA LEU Y 64 -35.92 38.65 68.50
C LEU Y 64 -35.50 38.06 69.84
N GLY Y 65 -34.31 37.44 69.87
CA GLY Y 65 -33.86 36.77 71.09
C GLY Y 65 -33.83 37.68 72.30
N LYS Y 66 -33.22 38.87 72.15
CA LYS Y 66 -33.14 39.79 73.26
C LYS Y 66 -34.44 40.53 73.52
N GLN Y 67 -35.30 40.67 72.51
CA GLN Y 67 -36.60 41.30 72.72
C GLN Y 67 -37.54 40.40 73.52
N ILE Y 68 -37.35 39.08 73.42
CA ILE Y 68 -38.09 38.16 74.28
C ILE Y 68 -37.65 38.31 75.73
N GLN Y 69 -36.34 38.37 75.96
CA GLN Y 69 -35.80 38.54 77.31
C GLN Y 69 -36.32 39.80 77.99
N ALA Y 70 -36.86 40.74 77.23
CA ALA Y 70 -37.47 41.95 77.77
C ALA Y 70 -39.00 41.90 77.76
N GLY Y 71 -39.58 40.76 77.40
CA GLY Y 71 -41.02 40.62 77.40
C GLY Y 71 -41.73 41.49 76.39
N ALA Y 72 -41.07 41.82 75.27
CA ALA Y 72 -41.72 42.63 74.25
C ALA Y 72 -42.91 41.91 73.63
N PHE Y 73 -42.86 40.59 73.59
CA PHE Y 73 -43.84 39.78 72.89
C PHE Y 73 -44.67 38.93 73.86
N GLN Y 74 -45.78 38.44 73.35
CA GLN Y 74 -46.62 37.48 74.05
C GLN Y 74 -46.42 36.11 73.44
N LYS Y 75 -46.62 35.08 74.26
CA LYS Y 75 -46.48 33.71 73.78
C LYS Y 75 -47.51 33.41 72.70
N LEU Y 76 -47.23 32.37 71.93
CA LEU Y 76 -48.07 32.01 70.80
C LEU Y 76 -49.06 30.93 71.25
N ASP Y 77 -50.35 31.29 71.22
CA ASP Y 77 -51.41 30.29 71.33
C ASP Y 77 -51.39 29.51 70.02
N LYS Y 78 -50.67 28.40 70.00
CA LYS Y 78 -50.42 27.65 68.77
C LYS Y 78 -51.67 26.99 68.21
N SER Y 79 -52.74 26.88 69.00
CA SER Y 79 -53.99 26.33 68.48
C SER Y 79 -54.56 27.19 67.36
N LYS Y 80 -54.25 28.48 67.35
CA LYS Y 80 -54.65 29.39 66.28
C LYS Y 80 -53.62 29.43 65.16
N LEU Y 81 -52.74 28.43 65.08
CA LEU Y 81 -51.77 28.25 64.00
C LEU Y 81 -51.80 26.79 63.57
N PRO Y 82 -52.87 26.35 62.90
CA PRO Y 82 -52.93 24.94 62.47
C PRO Y 82 -51.83 24.56 61.49
N ASN Y 83 -51.51 25.43 60.53
CA ASN Y 83 -50.44 25.14 59.58
C ASN Y 83 -49.05 25.27 60.18
N TRP Y 84 -48.90 25.42 61.49
CA TRP Y 84 -47.60 25.25 62.12
C TRP Y 84 -46.94 23.97 61.65
N LYS Y 85 -47.75 22.96 61.32
CA LYS Y 85 -47.24 21.71 60.75
C LYS Y 85 -46.37 21.94 59.53
N ASN Y 86 -46.75 22.88 58.65
CA ASN Y 86 -46.04 23.10 57.39
C ASN Y 86 -44.59 23.51 57.60
N LEU Y 87 -44.22 23.84 58.84
CA LEU Y 87 -42.90 24.36 59.16
C LEU Y 87 -41.83 23.28 59.24
N ASP Y 88 -40.67 23.58 58.68
CA ASP Y 88 -39.52 22.69 58.74
C ASP Y 88 -39.00 22.64 60.17
N PRO Y 89 -39.06 21.49 60.86
CA PRO Y 89 -38.50 21.44 62.22
C PRO Y 89 -37.00 21.66 62.27
N ALA Y 90 -36.27 21.30 61.20
CA ALA Y 90 -34.83 21.53 61.17
C ALA Y 90 -34.49 23.01 61.33
N LEU Y 91 -35.39 23.89 60.92
CA LEU Y 91 -35.17 25.34 61.02
C LEU Y 91 -35.42 25.78 62.46
N LEU Y 92 -36.69 25.81 62.85
CA LEU Y 92 -37.16 25.81 64.24
C LEU Y 92 -36.12 25.38 65.27
N LYS Y 93 -35.53 24.20 65.09
CA LYS Y 93 -34.57 23.71 66.07
C LYS Y 93 -33.32 24.58 66.10
N GLN Y 94 -32.81 24.96 64.92
CA GLN Y 94 -31.71 25.91 64.85
C GLN Y 94 -32.04 27.26 65.49
N LEU Y 95 -33.30 27.46 65.91
CA LEU Y 95 -33.76 28.74 66.45
C LEU Y 95 -33.95 28.75 67.96
N GLU Y 96 -34.01 27.58 68.59
CA GLU Y 96 -34.36 27.52 70.00
C GLU Y 96 -33.39 28.31 70.86
N VAL Y 97 -32.19 28.57 70.32
CA VAL Y 97 -31.23 29.44 71.01
C VAL Y 97 -31.80 30.83 71.20
N SER Y 98 -32.59 31.32 70.24
CA SER Y 98 -33.19 32.64 70.33
C SER Y 98 -34.63 32.62 70.84
N ASP Y 99 -35.39 31.59 70.50
CA ASP Y 99 -36.79 31.47 70.91
C ASP Y 99 -36.98 30.07 71.49
N PRO Y 100 -36.56 29.87 72.76
CA PRO Y 100 -36.55 28.52 73.34
C PRO Y 100 -37.90 27.82 73.30
N GLY Y 101 -38.03 26.83 72.42
CA GLY Y 101 -39.29 26.15 72.23
C GLY Y 101 -40.23 26.79 71.24
N ASN Y 102 -39.74 27.73 70.42
CA ASN Y 102 -40.54 28.43 69.42
C ASN Y 102 -41.84 28.95 70.01
N GLN Y 103 -41.72 29.76 71.07
CA GLN Y 103 -42.90 30.16 71.81
C GLN Y 103 -43.49 31.49 71.38
N TYR Y 104 -42.68 32.40 70.85
CA TYR Y 104 -43.15 33.76 70.58
C TYR Y 104 -43.16 34.13 69.11
N ALA Y 105 -42.36 33.47 68.27
CA ALA Y 105 -42.11 33.92 66.91
C ALA Y 105 -42.30 32.79 65.91
N VAL Y 106 -42.65 33.17 64.68
CA VAL Y 106 -42.90 32.25 63.58
C VAL Y 106 -41.98 32.65 62.43
N PRO Y 107 -41.26 31.74 61.78
CA PRO Y 107 -40.40 32.14 60.67
C PRO Y 107 -41.21 32.72 59.52
N TYR Y 108 -40.55 33.59 58.74
CA TYR Y 108 -41.14 34.17 57.55
C TYR Y 108 -40.23 33.94 56.36
N LEU Y 109 -39.10 34.65 56.33
CA LEU Y 109 -38.11 34.48 55.27
C LEU Y 109 -36.73 34.44 55.91
N TRP Y 110 -35.77 33.87 55.17
CA TRP Y 110 -34.38 33.84 55.62
C TRP Y 110 -33.45 33.96 54.43
N GLY Y 111 -32.19 34.27 54.72
CA GLY Y 111 -31.21 34.47 53.69
C GLY Y 111 -29.89 34.82 54.31
N THR Y 112 -29.03 35.45 53.52
CA THR Y 112 -27.69 35.82 53.94
C THR Y 112 -27.46 37.30 53.63
N ASN Y 113 -26.20 37.70 53.74
CA ASN Y 113 -25.72 38.99 53.29
C ASN Y 113 -24.44 38.76 52.49
N GLY Y 114 -24.09 39.72 51.65
CA GLY Y 114 -22.89 39.58 50.87
C GLY Y 114 -22.67 40.77 49.98
N ILE Y 115 -22.09 40.55 48.80
CA ILE Y 115 -21.77 41.62 47.87
C ILE Y 115 -22.67 41.50 46.65
N GLY Y 116 -23.43 42.56 46.37
CA GLY Y 116 -24.11 42.73 45.11
C GLY Y 116 -23.39 43.79 44.30
N TYR Y 117 -22.98 43.42 43.07
CA TYR Y 117 -22.15 44.30 42.28
C TYR Y 117 -22.62 44.35 40.83
N ASN Y 118 -22.26 45.45 40.17
CA ASN Y 118 -22.55 45.71 38.77
C ASN Y 118 -21.39 45.16 37.94
N VAL Y 119 -21.49 43.86 37.62
CA VAL Y 119 -20.52 43.11 36.81
C VAL Y 119 -19.79 43.98 35.79
N ALA Y 120 -20.53 44.59 34.87
CA ALA Y 120 -19.90 45.37 33.81
C ALA Y 120 -19.05 46.50 34.38
N LYS Y 121 -19.60 47.25 35.34
CA LYS Y 121 -18.85 48.39 35.84
C LYS Y 121 -17.81 48.01 36.89
N VAL Y 122 -17.95 46.86 37.56
CA VAL Y 122 -16.88 46.43 38.45
C VAL Y 122 -15.64 46.08 37.63
N LYS Y 123 -15.77 45.18 36.65
CA LYS Y 123 -14.67 44.96 35.72
C LYS Y 123 -14.14 46.22 35.06
N GLU Y 124 -15.00 47.20 34.80
CA GLU Y 124 -14.50 48.44 34.22
C GLU Y 124 -13.39 49.03 35.07
N VAL Y 125 -13.46 48.82 36.39
CA VAL Y 125 -12.51 49.43 37.30
C VAL Y 125 -11.53 48.43 37.88
N LEU Y 126 -11.90 47.15 38.01
CA LEU Y 126 -11.08 46.16 38.70
C LEU Y 126 -10.56 45.07 37.78
N GLY Y 127 -10.80 45.19 36.48
CA GLY Y 127 -10.39 44.16 35.54
C GLY Y 127 -10.97 42.81 35.92
N ASP Y 128 -10.24 41.76 35.52
CA ASP Y 128 -10.66 40.40 35.77
C ASP Y 128 -10.34 39.93 37.19
N GLN Y 129 -10.13 40.86 38.11
CA GLN Y 129 -9.86 40.46 39.48
C GLN Y 129 -11.10 39.79 40.05
N PRO Y 130 -10.96 38.62 40.67
CA PRO Y 130 -12.15 37.89 41.14
C PRO Y 130 -12.84 38.61 42.28
N ILE Y 131 -14.16 38.74 42.19
CA ILE Y 131 -14.97 39.30 43.27
C ILE Y 131 -15.45 38.12 44.09
N ASP Y 132 -14.60 37.68 45.02
CA ASP Y 132 -14.95 36.55 45.88
C ASP Y 132 -14.55 36.73 47.33
N SER Y 133 -14.07 37.90 47.72
CA SER Y 133 -13.61 38.14 49.08
C SER Y 133 -14.20 39.44 49.61
N TRP Y 134 -14.48 39.47 50.92
CA TRP Y 134 -14.85 40.72 51.58
C TRP Y 134 -13.81 41.80 51.39
N ALA Y 135 -12.59 41.43 50.98
CA ALA Y 135 -11.53 42.41 50.74
C ALA Y 135 -11.85 43.34 49.58
N ILE Y 136 -12.86 43.01 48.76
CA ILE Y 136 -13.34 43.95 47.76
C ILE Y 136 -13.91 45.20 48.42
N LEU Y 137 -14.59 45.03 49.56
CA LEU Y 137 -15.15 46.15 50.29
C LEU Y 137 -14.26 46.67 51.39
N PHE Y 138 -13.49 45.80 52.04
CA PHE Y 138 -12.77 46.18 53.25
C PHE Y 138 -11.30 46.50 52.97
N GLU Y 139 -10.82 46.28 51.75
CA GLU Y 139 -9.46 46.75 51.60
C GLU Y 139 -9.43 48.11 50.91
N PRO Y 140 -8.56 49.01 51.39
CA PRO Y 140 -8.56 50.38 50.83
C PRO Y 140 -8.24 50.42 49.34
N GLU Y 141 -7.38 49.51 48.85
CA GLU Y 141 -6.89 49.56 47.47
C GLU Y 141 -7.93 49.12 46.44
N ASN Y 142 -8.84 48.22 46.79
CA ASN Y 142 -9.99 48.00 45.93
C ASN Y 142 -11.02 49.12 46.03
N MET Y 143 -11.14 49.78 47.19
CA MET Y 143 -12.20 50.77 47.37
C MET Y 143 -11.81 52.09 46.73
N LYS Y 144 -10.57 52.53 46.94
CA LYS Y 144 -10.01 53.73 46.31
C LYS Y 144 -10.30 53.69 44.81
N LYS Y 145 -10.30 52.49 44.23
CA LYS Y 145 -10.73 52.33 42.84
C LYS Y 145 -12.25 52.42 42.73
N LEU Y 146 -12.97 51.45 43.31
CA LEU Y 146 -14.42 51.40 43.28
C LEU Y 146 -15.10 52.70 43.73
N ALA Y 147 -14.36 53.58 44.40
CA ALA Y 147 -14.97 54.77 44.99
C ALA Y 147 -15.65 55.63 43.92
N LYS Y 148 -14.97 55.85 42.80
CA LYS Y 148 -15.48 56.72 41.74
C LYS Y 148 -16.61 56.08 40.96
N CYS Y 149 -17.45 55.27 41.60
CA CYS Y 149 -18.31 54.38 40.85
C CYS Y 149 -19.52 53.97 41.66
N GLY Y 150 -19.45 54.13 42.98
CA GLY Y 150 -20.59 53.86 43.83
C GLY Y 150 -20.47 52.64 44.70
N VAL Y 151 -20.09 52.84 45.96
CA VAL Y 151 -20.04 51.77 46.97
C VAL Y 151 -20.99 52.14 48.10
N ALA Y 152 -21.72 51.15 48.59
CA ALA Y 152 -22.77 51.40 49.58
C ALA Y 152 -22.64 50.40 50.72
N PHE Y 153 -22.47 50.91 51.93
CA PHE Y 153 -22.59 50.09 53.13
C PHE Y 153 -23.99 50.20 53.70
N MET Y 154 -24.40 49.13 54.38
CA MET Y 154 -25.59 49.17 55.22
C MET Y 154 -25.36 50.04 56.44
N ASP Y 155 -26.44 50.66 56.89
CA ASP Y 155 -26.43 51.50 58.07
C ASP Y 155 -26.87 50.64 59.25
N SER Y 156 -25.91 49.97 59.87
CA SER Y 156 -26.14 49.05 60.98
C SER Y 156 -24.83 48.46 61.48
N GLY Y 157 -24.41 48.85 62.67
CA GLY Y 157 -23.24 48.21 63.27
C GLY Y 157 -23.42 46.72 63.43
N ASP Y 158 -24.66 46.26 63.54
CA ASP Y 158 -24.93 44.83 63.61
C ASP Y 158 -24.65 44.11 62.30
N GLU Y 159 -24.62 44.83 61.18
CA GLU Y 159 -24.35 44.18 59.89
C GLU Y 159 -22.89 44.31 59.49
N MET Y 160 -22.31 45.49 59.64
CA MET Y 160 -20.93 45.71 59.23
C MET Y 160 -19.93 45.04 60.16
N LEU Y 161 -19.72 45.62 61.35
CA LEU Y 161 -18.72 45.17 62.33
C LEU Y 161 -18.61 43.65 62.45
N PRO Y 162 -19.73 42.89 62.46
CA PRO Y 162 -19.59 41.42 62.36
C PRO Y 162 -18.92 40.98 61.08
N ALA Y 163 -19.46 41.39 59.92
CA ALA Y 163 -18.85 41.02 58.65
C ALA Y 163 -17.38 41.42 58.61
N ALA Y 164 -17.05 42.57 59.18
CA ALA Y 164 -15.65 42.98 59.31
C ALA Y 164 -14.88 41.98 60.17
N LEU Y 165 -15.42 41.65 61.35
CA LEU Y 165 -14.82 40.64 62.21
C LEU Y 165 -14.51 39.35 61.46
N ASN Y 166 -15.42 38.93 60.58
CA ASN Y 166 -15.32 37.64 59.93
C ASN Y 166 -14.30 37.66 58.80
N TYR Y 167 -14.24 38.77 58.06
CA TYR Y 167 -13.24 38.90 56.99
C TYR Y 167 -11.82 38.80 57.53
N LEU Y 168 -11.52 39.50 58.63
CA LEU Y 168 -10.22 39.33 59.27
C LEU Y 168 -10.05 37.94 59.87
N GLY Y 169 -11.15 37.22 60.05
CA GLY Y 169 -11.10 35.89 60.62
C GLY Y 169 -11.33 35.81 62.11
N LEU Y 170 -11.96 36.83 62.70
CA LEU Y 170 -12.22 36.81 64.13
C LEU Y 170 -13.62 36.22 64.35
N ASP Y 171 -14.03 36.11 65.59
CA ASP Y 171 -15.38 35.63 65.86
C ASP Y 171 -16.37 36.76 65.63
N PRO Y 172 -17.29 36.65 64.68
CA PRO Y 172 -18.34 37.67 64.52
C PRO Y 172 -19.26 37.79 65.73
N ASN Y 173 -19.01 37.03 66.81
CA ASN Y 173 -19.75 37.14 68.07
C ASN Y 173 -18.81 37.38 69.24
N THR Y 174 -17.59 37.83 68.97
CA THR Y 174 -16.64 38.10 70.04
C THR Y 174 -17.21 39.16 70.99
N HIS Y 175 -16.88 39.04 72.27
CA HIS Y 175 -17.16 40.09 73.23
C HIS Y 175 -15.91 40.92 73.54
N ASP Y 176 -14.77 40.59 72.95
CA ASP Y 176 -13.55 41.31 73.27
C ASP Y 176 -13.60 42.71 72.66
N PRO Y 177 -13.42 43.78 73.45
CA PRO Y 177 -13.33 45.12 72.85
C PRO Y 177 -12.08 45.28 72.02
N LYS Y 178 -10.95 44.75 72.49
CA LYS Y 178 -9.75 44.65 71.68
C LYS Y 178 -10.02 43.65 70.56
N ASP Y 179 -11.29 43.26 70.34
CA ASP Y 179 -11.73 42.57 69.13
C ASP Y 179 -12.88 43.26 68.42
N TYR Y 180 -13.10 44.56 68.66
CA TYR Y 180 -13.87 45.39 67.74
C TYR Y 180 -12.99 46.43 67.05
N LYS Y 181 -12.22 47.24 67.79
CA LYS Y 181 -10.81 47.51 67.48
C LYS Y 181 -10.30 47.61 66.04
N LYS Y 182 -9.23 46.85 65.76
CA LYS Y 182 -8.76 46.42 64.43
C LYS Y 182 -9.87 46.08 63.45
N ALA Y 183 -11.08 45.72 63.90
CA ALA Y 183 -12.17 45.60 62.91
C ALA Y 183 -12.87 46.93 62.71
N GLU Y 184 -12.95 47.75 63.76
CA GLU Y 184 -13.25 49.15 63.57
C GLU Y 184 -12.18 49.78 62.68
N GLU Y 185 -10.92 49.38 62.83
CA GLU Y 185 -9.87 49.94 62.00
C GLU Y 185 -10.03 49.57 60.53
N VAL Y 186 -10.44 48.34 60.23
CA VAL Y 186 -10.64 47.96 58.83
C VAL Y 186 -11.74 48.80 58.19
N LEU Y 187 -12.94 48.77 58.78
CA LEU Y 187 -14.04 49.59 58.29
C LEU Y 187 -13.65 51.06 58.21
N THR Y 188 -13.11 51.59 59.31
CA THR Y 188 -12.79 53.02 59.31
C THR Y 188 -11.60 53.38 58.43
N LYS Y 189 -10.98 52.40 57.75
CA LYS Y 189 -9.97 52.68 56.75
C LYS Y 189 -10.52 52.74 55.33
N VAL Y 190 -11.75 52.28 55.09
CA VAL Y 190 -12.35 52.37 53.76
C VAL Y 190 -13.45 53.42 53.67
N ARG Y 191 -13.94 53.94 54.80
CA ARG Y 191 -15.01 54.93 54.88
C ARG Y 191 -14.83 56.10 53.91
N PRO Y 192 -13.60 56.62 53.69
CA PRO Y 192 -13.45 57.68 52.69
C PRO Y 192 -13.92 57.33 51.29
N TYR Y 193 -14.16 56.06 50.98
CA TYR Y 193 -14.59 55.64 49.65
C TYR Y 193 -16.01 55.07 49.64
N VAL Y 194 -16.78 55.34 50.68
CA VAL Y 194 -18.15 54.87 50.80
C VAL Y 194 -19.07 55.99 50.38
N SER Y 195 -19.89 55.74 49.36
CA SER Y 195 -20.86 56.74 48.94
C SER Y 195 -21.81 57.10 50.07
N TYR Y 196 -22.41 56.10 50.71
CA TYR Y 196 -23.40 56.35 51.76
C TYR Y 196 -23.55 55.11 52.63
N PHE Y 197 -24.10 55.31 53.83
CA PHE Y 197 -24.53 54.24 54.71
C PHE Y 197 -26.06 54.16 54.62
N HIS Y 198 -26.57 53.06 54.08
CA HIS Y 198 -28.00 52.88 53.95
C HIS Y 198 -28.31 51.41 53.75
N SER Y 199 -29.29 50.90 54.50
CA SER Y 199 -29.66 49.50 54.50
C SER Y 199 -30.81 49.18 53.56
N SER Y 200 -31.25 50.14 52.74
CA SER Y 200 -32.24 49.84 51.71
C SER Y 200 -32.07 50.61 50.40
N LYS Y 201 -31.43 51.78 50.39
CA LYS Y 201 -31.39 52.62 49.20
C LYS Y 201 -30.68 51.95 48.02
N TYR Y 202 -29.95 50.86 48.24
CA TYR Y 202 -29.12 50.34 47.17
C TYR Y 202 -29.92 49.48 46.20
N ILE Y 203 -30.95 48.76 46.69
CA ILE Y 203 -31.74 47.88 45.82
C ILE Y 203 -32.10 48.60 44.53
N SER Y 204 -32.64 49.82 44.65
CA SER Y 204 -32.89 50.62 43.45
C SER Y 204 -31.58 51.13 42.87
N ASP Y 205 -30.73 51.72 43.72
CA ASP Y 205 -29.49 52.34 43.23
C ASP Y 205 -28.63 51.35 42.45
N LEU Y 206 -28.60 50.09 42.86
CA LEU Y 206 -27.88 49.09 42.08
C LEU Y 206 -28.51 48.90 40.71
N ALA Y 207 -29.84 48.78 40.65
CA ALA Y 207 -30.56 48.47 39.41
C ALA Y 207 -30.53 49.60 38.40
N ASN Y 208 -30.22 50.82 38.82
CA ASN Y 208 -30.20 51.99 37.95
C ASN Y 208 -28.80 52.56 37.74
N GLY Y 209 -27.76 51.76 38.00
CA GLY Y 209 -26.41 52.14 37.68
C GLY Y 209 -25.80 53.23 38.53
N ASN Y 210 -26.49 53.67 39.58
CA ASN Y 210 -25.94 54.73 40.41
C ASN Y 210 -24.75 54.26 41.23
N ILE Y 211 -24.75 53.00 41.67
CA ILE Y 211 -23.60 52.39 42.32
C ILE Y 211 -23.30 51.07 41.63
N CYS Y 212 -22.08 50.57 41.86
CA CYS Y 212 -21.59 49.38 41.20
C CYS Y 212 -21.31 48.23 42.15
N VAL Y 213 -21.50 48.44 43.45
CA VAL Y 213 -21.14 47.46 44.48
C VAL Y 213 -21.76 47.86 45.81
N ALA Y 214 -22.25 46.88 46.56
CA ALA Y 214 -22.96 47.19 47.79
C ALA Y 214 -22.90 46.00 48.73
N PHE Y 215 -23.07 46.29 50.01
CA PHE Y 215 -23.27 45.30 51.06
C PHE Y 215 -24.77 45.10 51.16
N GLY Y 216 -25.27 44.02 50.53
CA GLY Y 216 -26.69 43.78 50.43
C GLY Y 216 -27.12 42.49 51.11
N TYR Y 217 -28.43 42.28 51.08
CA TYR Y 217 -29.01 41.02 51.53
C TYR Y 217 -29.31 40.16 50.30
N SER Y 218 -29.36 38.85 50.53
CA SER Y 218 -29.64 37.84 49.50
C SER Y 218 -30.68 38.30 48.49
N GLY Y 219 -31.96 38.26 48.88
CA GLY Y 219 -33.01 38.63 47.96
C GLY Y 219 -32.99 40.09 47.55
N ASP Y 220 -32.48 40.96 48.42
CA ASP Y 220 -32.33 42.37 48.08
C ASP Y 220 -31.65 42.54 46.73
N VAL Y 221 -30.52 41.86 46.53
CA VAL Y 221 -29.77 41.98 45.28
C VAL Y 221 -30.50 41.28 44.14
N PHE Y 222 -30.99 40.06 44.38
CA PHE Y 222 -31.76 39.38 43.35
C PHE Y 222 -32.94 40.22 42.90
N GLN Y 223 -33.55 40.97 43.82
CA GLN Y 223 -34.56 41.96 43.45
C GLN Y 223 -33.93 43.07 42.60
N ALA Y 224 -32.86 43.68 43.13
CA ALA Y 224 -32.14 44.71 42.38
C ALA Y 224 -31.75 44.22 40.99
N ALA Y 225 -31.26 42.99 40.88
CA ALA Y 225 -30.91 42.43 39.58
C ALA Y 225 -32.12 42.37 38.66
N ALA Y 226 -33.24 41.89 39.18
CA ALA Y 226 -34.43 41.72 38.35
C ALA Y 226 -34.99 43.07 37.88
N ARG Y 227 -34.89 44.11 38.70
CA ARG Y 227 -35.31 45.43 38.26
C ARG Y 227 -34.52 45.88 37.04
N ALA Y 228 -33.21 45.59 37.03
CA ALA Y 228 -32.36 46.01 35.91
C ALA Y 228 -32.80 45.34 34.61
N GLU Y 229 -33.16 44.05 34.68
CA GLU Y 229 -33.57 43.32 33.48
C GLU Y 229 -34.88 43.87 32.93
N GLU Y 230 -35.86 44.11 33.79
CA GLU Y 230 -37.12 44.69 33.35
C GLU Y 230 -36.94 46.15 32.93
N ALA Y 231 -35.85 46.79 33.36
CA ALA Y 231 -35.53 48.16 32.94
C ALA Y 231 -34.90 48.22 31.55
N GLY Y 232 -34.37 47.10 31.04
CA GLY Y 232 -33.91 47.05 29.68
C GLY Y 232 -32.68 47.86 29.35
N LYS Y 233 -32.04 48.47 30.36
CA LYS Y 233 -30.72 49.05 30.14
C LYS Y 233 -29.64 47.99 30.01
N GLY Y 234 -29.94 46.75 30.38
CA GLY Y 234 -28.93 45.71 30.37
C GLY Y 234 -27.84 46.04 31.37
N ILE Y 235 -28.19 46.00 32.65
CA ILE Y 235 -27.23 46.19 33.74
C ILE Y 235 -27.17 44.86 34.49
N ASP Y 236 -25.97 44.29 34.57
CA ASP Y 236 -25.78 42.91 35.03
C ASP Y 236 -25.41 42.94 36.51
N ILE Y 237 -26.38 42.60 37.36
CA ILE Y 237 -26.19 42.58 38.81
C ILE Y 237 -25.97 41.15 39.25
N GLN Y 238 -25.04 40.96 40.20
CA GLN Y 238 -24.67 39.63 40.67
C GLN Y 238 -24.49 39.67 42.18
N TYR Y 239 -24.57 38.49 42.79
CA TYR Y 239 -24.54 38.36 44.24
C TYR Y 239 -23.55 37.27 44.62
N VAL Y 240 -22.61 37.59 45.51
CA VAL Y 240 -21.49 36.72 45.84
C VAL Y 240 -21.43 36.56 47.35
N ILE Y 241 -21.72 35.37 47.85
CA ILE Y 241 -21.38 35.06 49.24
C ILE Y 241 -19.86 34.88 49.27
N PRO Y 242 -19.12 35.76 49.93
CA PRO Y 242 -17.66 35.80 49.76
C PRO Y 242 -16.91 34.54 50.19
N LYS Y 243 -15.58 34.60 50.00
CA LYS Y 243 -14.69 33.49 50.32
C LYS Y 243 -14.85 33.06 51.77
N GLU Y 244 -14.81 34.03 52.69
CA GLU Y 244 -14.75 33.83 54.13
C GLU Y 244 -16.10 33.55 54.76
N GLY Y 245 -17.17 33.52 53.97
CA GLY Y 245 -18.50 33.36 54.49
C GLY Y 245 -19.20 34.69 54.72
N ALA Y 246 -20.29 34.62 55.48
CA ALA Y 246 -21.11 35.79 55.74
C ALA Y 246 -22.17 35.41 56.77
N ASN Y 247 -23.08 36.34 57.04
CA ASN Y 247 -24.11 36.16 58.06
C ASN Y 247 -25.25 35.33 57.51
N LEU Y 248 -25.63 34.29 58.26
CA LEU Y 248 -26.86 33.54 58.01
C LEU Y 248 -27.89 33.97 59.04
N TRP Y 249 -29.02 34.50 58.57
CA TRP Y 249 -30.03 35.06 59.45
C TRP Y 249 -31.40 34.48 59.10
N PHE Y 250 -32.35 34.70 60.01
CA PHE Y 250 -33.72 34.24 59.86
C PHE Y 250 -34.64 35.32 60.40
N ASP Y 251 -35.62 35.73 59.61
CA ASP Y 251 -36.61 36.70 60.06
C ASP Y 251 -37.89 35.98 60.49
N LEU Y 252 -38.49 36.49 61.56
CA LEU Y 252 -39.62 35.82 62.18
C LEU Y 252 -40.70 36.84 62.52
N MET Y 253 -41.94 36.39 62.51
CA MET Y 253 -43.07 37.23 62.89
C MET Y 253 -43.42 36.97 64.35
N ALA Y 254 -43.73 38.04 65.08
CA ALA Y 254 -44.00 37.91 66.50
C ALA Y 254 -45.01 38.97 66.90
N ILE Y 255 -45.85 38.64 67.87
CA ILE Y 255 -46.91 39.52 68.34
C ILE Y 255 -46.42 40.19 69.62
N PRO Y 256 -46.37 41.52 69.68
CA PRO Y 256 -46.01 42.18 70.94
C PRO Y 256 -47.02 41.85 72.03
N ALA Y 257 -46.58 41.96 73.28
CA ALA Y 257 -47.45 41.68 74.41
C ALA Y 257 -48.69 42.58 74.40
N ASP Y 258 -48.52 43.85 74.02
CA ASP Y 258 -49.57 44.85 74.14
C ASP Y 258 -50.49 44.86 72.91
N ALA Y 259 -50.08 44.23 71.80
CA ALA Y 259 -50.86 44.18 70.57
C ALA Y 259 -52.35 43.96 70.83
N LYS Y 260 -53.19 44.80 70.20
CA LYS Y 260 -54.63 44.61 70.32
C LYS Y 260 -55.07 43.39 69.52
N ALA Y 261 -54.94 43.45 68.21
CA ALA Y 261 -55.67 42.53 67.35
C ALA Y 261 -55.00 41.16 67.31
N ALA Y 262 -54.67 40.61 68.49
CA ALA Y 262 -53.94 39.35 68.54
C ALA Y 262 -54.69 38.23 67.85
N ASP Y 263 -55.99 38.09 68.14
CA ASP Y 263 -56.80 37.08 67.45
C ASP Y 263 -56.76 37.23 65.95
N ASN Y 264 -56.54 38.44 65.44
CA ASN Y 264 -56.41 38.57 63.99
C ASN Y 264 -55.03 38.13 63.51
N ALA Y 265 -53.97 38.74 64.03
CA ALA Y 265 -52.61 38.43 63.61
C ALA Y 265 -52.39 36.92 63.44
N TYR Y 266 -52.93 36.12 64.36
CA TYR Y 266 -52.87 34.67 64.23
C TYR Y 266 -53.45 34.19 62.92
N ALA Y 267 -54.51 34.85 62.43
CA ALA Y 267 -55.08 34.47 61.14
C ALA Y 267 -54.14 34.80 59.98
N PHE Y 268 -53.38 35.90 60.08
CA PHE Y 268 -52.45 36.27 59.01
C PHE Y 268 -51.26 35.33 58.96
N ILE Y 269 -50.75 34.95 60.13
CA ILE Y 269 -49.56 34.13 60.20
C ILE Y 269 -49.86 32.70 59.81
N ASP Y 270 -51.03 32.18 60.21
CA ASP Y 270 -51.45 30.88 59.69
C ASP Y 270 -51.80 30.93 58.20
N TYR Y 271 -51.85 32.12 57.59
CA TYR Y 271 -52.08 32.24 56.16
C TYR Y 271 -50.78 32.27 55.36
N LEU Y 272 -49.70 32.77 55.96
CA LEU Y 272 -48.40 32.66 55.31
C LEU Y 272 -47.71 31.34 55.62
N LEU Y 273 -48.26 30.53 56.53
CA LEU Y 273 -47.77 29.17 56.75
C LEU Y 273 -48.30 28.19 55.72
N ARG Y 274 -49.30 28.59 54.89
CA ARG Y 274 -49.65 27.60 53.88
C ARG Y 274 -48.74 27.75 52.65
N PRO Y 275 -48.47 26.65 51.94
CA PRO Y 275 -47.41 26.68 50.91
C PRO Y 275 -47.67 27.65 49.77
N GLU Y 276 -48.85 27.56 49.16
CA GLU Y 276 -49.15 28.34 47.96
C GLU Y 276 -48.93 29.83 48.17
N VAL Y 277 -49.12 30.32 49.40
CA VAL Y 277 -48.95 31.73 49.68
C VAL Y 277 -47.48 32.10 49.73
N ILE Y 278 -46.73 31.51 50.66
CA ILE Y 278 -45.34 31.90 50.84
C ILE Y 278 -44.52 31.59 49.58
N ALA Y 279 -44.98 30.64 48.76
CA ALA Y 279 -44.36 30.41 47.46
C ALA Y 279 -44.44 31.65 46.59
N LYS Y 280 -45.65 32.19 46.43
CA LYS Y 280 -45.86 33.46 45.74
C LYS Y 280 -45.23 34.63 46.47
N VAL Y 281 -45.01 34.53 47.78
CA VAL Y 281 -44.23 35.56 48.48
C VAL Y 281 -42.80 35.46 48.01
N SER Y 282 -42.13 34.33 48.30
CA SER Y 282 -40.72 34.18 47.97
C SER Y 282 -40.42 34.41 46.49
N ASP Y 283 -41.34 34.02 45.60
CA ASP Y 283 -41.14 34.23 44.18
C ASP Y 283 -40.87 35.70 43.87
N TYR Y 284 -41.61 36.60 44.53
CA TYR Y 284 -41.46 38.01 44.24
C TYR Y 284 -40.25 38.61 44.95
N VAL Y 285 -40.08 38.33 46.24
CA VAL Y 285 -39.05 39.01 47.01
C VAL Y 285 -37.71 38.30 46.83
N GLY Y 286 -37.74 36.98 46.76
CA GLY Y 286 -36.55 36.21 46.43
C GLY Y 286 -35.73 35.75 47.61
N TYR Y 287 -36.35 35.51 48.77
CA TYR Y 287 -35.69 34.94 49.93
C TYR Y 287 -36.26 33.55 50.16
N ALA Y 288 -35.51 32.70 50.85
CA ALA Y 288 -36.01 31.37 51.15
C ALA Y 288 -36.99 31.42 52.32
N ASN Y 289 -37.96 30.51 52.30
CA ASN Y 289 -38.98 30.41 53.34
C ASN Y 289 -38.77 29.12 54.15
N ALA Y 290 -39.56 28.99 55.20
CA ALA Y 290 -39.44 27.87 56.13
C ALA Y 290 -40.52 26.81 55.92
N ILE Y 291 -41.14 26.79 54.75
CA ILE Y 291 -42.19 25.83 54.44
C ILE Y 291 -41.70 24.95 53.30
N PRO Y 292 -41.24 23.73 53.61
CA PRO Y 292 -40.75 22.85 52.53
C PRO Y 292 -41.76 22.58 51.43
N GLY Y 293 -42.99 22.20 51.80
CA GLY Y 293 -44.03 21.89 50.84
C GLY Y 293 -44.26 22.94 49.76
N ALA Y 294 -43.72 24.15 49.97
CA ALA Y 294 -43.92 25.27 49.06
C ALA Y 294 -42.95 25.27 47.87
N ARG Y 295 -41.77 24.70 48.03
CA ARG Y 295 -40.74 24.83 47.00
C ARG Y 295 -41.03 24.12 45.68
N PRO Y 296 -41.61 22.91 45.64
CA PRO Y 296 -42.02 22.36 44.34
C PRO Y 296 -42.97 23.28 43.58
N LEU Y 297 -43.55 24.29 44.24
CA LEU Y 297 -44.45 25.24 43.64
C LEU Y 297 -43.78 26.54 43.23
N MET Y 298 -42.59 26.83 43.74
CA MET Y 298 -41.98 28.13 43.50
C MET Y 298 -41.32 28.19 42.13
N ASP Y 299 -41.13 29.43 41.67
CA ASP Y 299 -40.37 29.66 40.44
C ASP Y 299 -38.97 29.11 40.58
N LYS Y 300 -38.50 28.44 39.52
CA LYS Y 300 -37.26 27.67 39.62
C LYS Y 300 -36.04 28.58 39.70
N SER Y 301 -36.16 29.82 39.20
CA SER Y 301 -35.05 30.77 39.38
C SER Y 301 -34.74 30.97 40.85
N VAL Y 302 -35.75 30.82 41.70
CA VAL Y 302 -35.62 31.09 43.11
C VAL Y 302 -35.53 29.81 43.93
N SER Y 303 -36.31 28.79 43.56
CA SER Y 303 -36.30 27.55 44.32
C SER Y 303 -35.03 26.76 44.09
N ASP Y 304 -34.38 26.93 42.94
CA ASP Y 304 -33.21 26.16 42.58
C ASP Y 304 -31.92 26.97 42.65
N SER Y 305 -31.90 28.09 43.37
CA SER Y 305 -30.69 28.89 43.46
C SER Y 305 -29.78 28.39 44.57
N GLU Y 306 -28.48 28.31 44.27
CA GLU Y 306 -27.48 27.98 45.29
C GLU Y 306 -27.12 29.17 46.17
N GLU Y 307 -27.74 30.33 45.94
CA GLU Y 307 -27.54 31.48 46.81
C GLU Y 307 -28.83 31.98 47.47
N VAL Y 308 -30.00 31.57 46.99
CA VAL Y 308 -31.23 31.72 47.77
C VAL Y 308 -31.33 30.59 48.79
N TYR Y 309 -31.31 29.34 48.31
CA TYR Y 309 -31.20 28.17 49.17
C TYR Y 309 -29.78 27.63 49.10
N PRO Y 310 -28.88 28.04 49.99
CA PRO Y 310 -27.49 27.59 49.88
C PRO Y 310 -27.35 26.14 50.34
N PRO Y 311 -26.36 25.42 49.83
CA PRO Y 311 -26.17 24.02 50.22
C PRO Y 311 -25.37 23.91 51.52
N GLN Y 312 -25.33 22.68 52.04
CA GLN Y 312 -24.69 22.45 53.33
C GLN Y 312 -23.20 22.80 53.30
N ALA Y 313 -22.55 22.67 52.14
CA ALA Y 313 -21.16 23.07 52.02
C ALA Y 313 -20.98 24.52 52.46
N VAL Y 314 -21.90 25.38 52.06
CA VAL Y 314 -21.77 26.82 52.27
C VAL Y 314 -22.29 27.25 53.63
N LEU Y 315 -23.47 26.77 54.02
CA LEU Y 315 -24.01 26.99 55.36
C LEU Y 315 -23.00 26.64 56.45
N ASP Y 316 -22.01 25.81 56.14
CA ASP Y 316 -20.99 25.46 57.11
C ASP Y 316 -19.99 26.58 57.37
N LYS Y 317 -19.83 27.52 56.43
CA LYS Y 317 -18.92 28.63 56.61
C LYS Y 317 -19.64 29.95 56.81
N LEU Y 318 -20.92 29.91 57.15
CA LEU Y 318 -21.67 31.11 57.53
C LEU Y 318 -21.73 31.23 59.05
N TYR Y 319 -21.82 32.48 59.52
CA TYR Y 319 -21.94 32.76 60.94
C TYR Y 319 -23.36 33.22 61.24
N VAL Y 320 -23.98 32.60 62.23
CA VAL Y 320 -25.30 33.02 62.72
C VAL Y 320 -25.07 33.96 63.90
N SER Y 321 -25.55 35.20 63.77
CA SER Y 321 -25.36 36.19 64.83
C SER Y 321 -26.03 35.71 66.11
N ALA Y 322 -25.33 35.87 67.22
CA ALA Y 322 -25.79 35.40 68.51
C ALA Y 322 -26.41 36.54 69.31
N VAL Y 323 -27.15 36.17 70.36
CA VAL Y 323 -27.71 37.12 71.31
C VAL Y 323 -26.57 37.72 72.12
N LEU Y 324 -26.09 38.88 71.70
CA LEU Y 324 -24.91 39.37 72.36
C LEU Y 324 -25.29 39.98 73.71
N PRO Y 325 -24.43 39.86 74.72
CA PRO Y 325 -24.67 40.54 76.00
C PRO Y 325 -24.77 42.04 75.78
N ALA Y 326 -25.65 42.67 76.56
CA ALA Y 326 -25.93 44.09 76.34
C ALA Y 326 -24.69 44.95 76.58
N LYS Y 327 -23.76 44.47 77.41
CA LYS Y 327 -22.43 45.08 77.49
C LYS Y 327 -21.79 45.26 76.13
N VAL Y 328 -21.99 44.29 75.24
CA VAL Y 328 -21.32 44.28 73.94
C VAL Y 328 -22.04 45.14 72.91
N LEU Y 329 -23.39 45.07 72.88
CA LEU Y 329 -24.13 45.85 71.90
C LEU Y 329 -23.86 47.34 72.04
N ARG Y 330 -23.57 47.79 73.26
CA ARG Y 330 -23.09 49.17 73.45
C ARG Y 330 -21.74 49.37 72.78
N LEU Y 331 -20.87 48.36 72.79
CA LEU Y 331 -19.61 48.49 72.07
C LEU Y 331 -19.86 48.67 70.58
N GLN Y 332 -20.64 47.74 69.99
CA GLN Y 332 -21.14 47.90 68.62
C GLN Y 332 -21.63 49.32 68.35
N THR Y 333 -22.65 49.74 69.10
CA THR Y 333 -23.33 51.01 68.86
C THR Y 333 -22.34 52.17 68.84
N ARG Y 334 -21.58 52.33 69.93
CA ARG Y 334 -20.48 53.28 69.98
C ARG Y 334 -19.57 53.17 68.76
N THR Y 335 -18.86 52.04 68.67
CA THR Y 335 -17.91 51.76 67.60
C THR Y 335 -18.47 52.11 66.23
N TRP Y 336 -19.73 51.72 65.97
CA TRP Y 336 -20.36 52.06 64.70
C TRP Y 336 -20.57 53.56 64.55
N THR Y 337 -21.09 54.21 65.60
CA THR Y 337 -21.31 55.65 65.55
C THR Y 337 -20.01 56.42 65.35
N ARG Y 338 -18.90 55.86 65.81
CA ARG Y 338 -17.59 56.49 65.71
C ARG Y 338 -17.02 56.47 64.31
N ILE Y 339 -17.61 55.70 63.39
CA ILE Y 339 -17.11 55.54 62.03
C ILE Y 339 -17.84 56.60 61.21
N LYS Y 340 -18.34 57.63 61.89
CA LYS Y 340 -19.12 58.70 61.28
C LYS Y 340 -18.93 60.05 61.97
N GLN Z 3 -49.15 2.28 44.54
CA GLN Z 3 -48.30 3.36 45.01
C GLN Z 3 -48.28 4.56 44.06
N VAL Z 4 -47.30 5.44 44.29
CA VAL Z 4 -47.14 6.64 43.50
C VAL Z 4 -46.67 6.26 42.11
N GLN Z 5 -47.19 6.97 41.11
CA GLN Z 5 -46.83 6.75 39.72
C GLN Z 5 -47.60 7.74 38.86
N LEU Z 6 -47.25 7.73 37.57
CA LEU Z 6 -47.94 8.48 36.54
C LEU Z 6 -48.36 7.52 35.43
N VAL Z 7 -49.61 7.65 34.99
CA VAL Z 7 -50.14 6.88 33.88
C VAL Z 7 -50.42 7.86 32.74
N GLU Z 8 -49.71 7.67 31.64
CA GLU Z 8 -49.85 8.48 30.45
C GLU Z 8 -50.67 7.70 29.41
N THR Z 9 -51.27 8.45 28.48
CA THR Z 9 -52.12 7.88 27.43
C THR Z 9 -51.42 6.77 26.66
N GLY Z 10 -52.19 5.96 25.96
CA GLY Z 10 -51.64 5.10 24.93
C GLY Z 10 -51.01 5.91 23.80
N ASP Z 11 -50.67 5.20 22.74
CA ASP Z 11 -49.69 5.67 21.76
C ASP Z 11 -50.43 6.21 20.53
N GLU Z 12 -50.15 7.47 20.18
CA GLU Z 12 -50.85 8.14 19.09
C GLU Z 12 -49.98 8.28 17.84
N VAL Z 13 -50.64 8.62 16.76
CA VAL Z 13 -49.97 8.78 15.44
C VAL Z 13 -50.81 9.74 14.64
N LYS Z 14 -50.29 10.93 14.41
CA LYS Z 14 -51.10 11.96 13.73
C LYS Z 14 -50.43 12.37 12.43
N THR Z 15 -51.16 13.10 11.62
CA THR Z 15 -50.65 13.61 10.33
C THR Z 15 -49.81 14.84 10.59
N PRO Z 16 -48.99 15.33 9.65
CA PRO Z 16 -48.13 16.45 9.93
C PRO Z 16 -48.91 17.74 9.75
N GLY Z 17 -49.31 18.36 10.85
CA GLY Z 17 -50.05 19.62 10.78
C GLY Z 17 -51.18 19.62 11.78
N ALA Z 18 -51.27 18.57 12.56
CA ALA Z 18 -52.42 18.44 13.47
C ALA Z 18 -52.00 18.87 14.86
N SER Z 19 -52.45 18.12 15.85
CA SER Z 19 -52.19 18.52 17.25
C SER Z 19 -52.48 17.36 18.19
N VAL Z 20 -51.48 16.96 18.95
CA VAL Z 20 -51.64 15.84 19.91
C VAL Z 20 -52.16 16.39 21.23
N LYS Z 21 -52.47 15.51 22.17
CA LYS Z 21 -52.90 15.93 23.52
C LYS Z 21 -52.62 14.73 24.38
N VAL Z 22 -51.46 14.72 25.00
CA VAL Z 22 -51.01 13.60 25.83
C VAL Z 22 -51.53 13.76 27.24
N SER Z 23 -52.23 12.75 27.75
CA SER Z 23 -52.82 12.79 29.07
C SER Z 23 -51.92 12.07 30.07
N CYS Z 24 -51.75 12.68 31.24
CA CYS Z 24 -50.84 12.20 32.27
C CYS Z 24 -51.58 12.23 33.60
N LYS Z 25 -51.96 11.05 34.08
CA LYS Z 25 -52.69 10.92 35.33
C LYS Z 25 -51.74 10.52 36.45
N VAL Z 26 -52.22 10.60 37.69
CA VAL Z 26 -51.41 10.42 38.88
C VAL Z 26 -51.93 9.25 39.68
N SER Z 27 -51.40 9.11 40.88
CA SER Z 27 -51.66 8.00 41.79
C SER Z 27 -50.74 8.15 43.00
N GLY Z 28 -51.17 7.66 44.16
CA GLY Z 28 -50.30 7.60 45.31
C GLY Z 28 -50.00 8.93 45.99
N TYR Z 29 -49.45 9.88 45.25
CA TYR Z 29 -49.01 11.14 45.80
C TYR Z 29 -50.07 12.22 45.58
N THR Z 30 -50.00 13.26 46.41
CA THR Z 30 -50.90 14.40 46.29
C THR Z 30 -50.53 15.20 45.04
N PHE Z 31 -51.51 15.34 44.14
CA PHE Z 31 -51.28 15.93 42.82
C PHE Z 31 -50.90 17.41 42.92
N THR Z 32 -51.48 18.11 43.89
CA THR Z 32 -51.33 19.56 43.98
C THR Z 32 -49.95 19.98 44.45
N SER Z 33 -49.33 19.20 45.34
CA SER Z 33 -48.19 19.66 46.13
C SER Z 33 -46.85 19.51 45.39
N TYR Z 34 -46.88 19.31 44.08
CA TYR Z 34 -45.68 19.23 43.26
C TYR Z 34 -46.03 19.67 41.84
N GLY Z 35 -45.07 20.30 41.18
CA GLY Z 35 -45.20 20.63 39.77
C GLY Z 35 -45.10 19.38 38.90
N ILE Z 36 -45.20 19.61 37.60
CA ILE Z 36 -45.11 18.52 36.63
C ILE Z 36 -44.50 19.05 35.33
N SER Z 37 -43.49 18.36 34.83
CA SER Z 37 -42.78 18.73 33.62
C SER Z 37 -43.12 17.79 32.45
N TRP Z 38 -42.97 18.30 31.24
CA TRP Z 38 -43.17 17.53 30.02
C TRP Z 38 -41.82 17.45 29.30
N VAL Z 39 -41.28 16.24 29.16
CA VAL Z 39 -39.92 16.06 28.70
C VAL Z 39 -39.93 15.17 27.46
N ARG Z 40 -39.97 15.79 26.29
CA ARG Z 40 -39.90 15.08 25.02
C ARG Z 40 -38.55 14.41 24.79
N GLN Z 41 -38.56 13.23 24.14
CA GLN Z 41 -37.35 12.58 23.67
C GLN Z 41 -37.51 11.96 22.29
N ALA Z 42 -36.66 12.39 21.36
CA ALA Z 42 -36.68 11.92 19.98
C ALA Z 42 -36.28 10.45 19.89
N PRO Z 43 -36.38 9.83 18.71
CA PRO Z 43 -35.92 8.44 18.57
C PRO Z 43 -34.42 8.34 18.66
N GLY Z 44 -33.93 7.62 19.67
CA GLY Z 44 -32.51 7.35 19.81
C GLY Z 44 -31.68 8.55 20.20
N GLN Z 45 -32.32 9.67 20.51
CA GLN Z 45 -31.58 10.88 20.84
C GLN Z 45 -31.80 11.26 22.31
N GLY Z 46 -31.43 12.48 22.66
CA GLY Z 46 -31.39 12.92 24.04
C GLY Z 46 -32.71 13.50 24.53
N LEU Z 47 -32.68 13.92 25.79
CA LEU Z 47 -33.87 14.45 26.46
C LEU Z 47 -34.01 15.93 26.17
N GLU Z 48 -35.23 16.35 25.85
CA GLU Z 48 -35.51 17.77 25.66
C GLU Z 48 -36.66 18.22 26.56
N TRP Z 49 -36.47 19.40 27.12
CA TRP Z 49 -37.42 20.05 28.01
C TRP Z 49 -38.47 20.78 27.19
N MET Z 50 -39.75 20.48 27.44
CA MET Z 50 -40.85 21.21 26.81
C MET Z 50 -41.41 22.32 27.70
N GLY Z 51 -41.82 21.97 28.91
CA GLY Z 51 -42.38 22.97 29.80
C GLY Z 51 -42.58 22.40 31.19
N TRP Z 52 -43.02 23.28 32.10
CA TRP Z 52 -43.30 22.93 33.48
C TRP Z 52 -44.65 23.53 33.84
N ILE Z 53 -45.44 22.81 34.63
CA ILE Z 53 -46.77 23.29 34.99
C ILE Z 53 -47.01 23.12 36.49
N ASN Z 54 -47.76 24.08 37.05
CA ASN Z 54 -48.13 24.21 38.44
C ASN Z 54 -49.54 23.68 38.62
N PRO Z 55 -49.72 22.48 39.18
CA PRO Z 55 -51.10 22.01 39.42
C PRO Z 55 -51.87 22.87 40.40
N ASN Z 56 -51.23 23.35 41.47
CA ASN Z 56 -51.95 24.16 42.46
C ASN Z 56 -52.47 25.45 41.85
N SER Z 57 -51.65 26.11 41.01
CA SER Z 57 -52.02 27.42 40.52
C SER Z 57 -52.47 27.43 39.06
N GLY Z 58 -52.09 26.43 38.27
CA GLY Z 58 -52.40 26.43 36.86
C GLY Z 58 -51.47 27.23 35.99
N GLY Z 59 -50.56 28.01 36.58
CA GLY Z 59 -49.58 28.72 35.80
C GLY Z 59 -48.59 27.77 35.14
N THR Z 60 -48.07 28.19 33.99
CA THR Z 60 -47.22 27.33 33.18
C THR Z 60 -45.91 28.04 32.86
N ASN Z 61 -44.90 27.24 32.55
CA ASN Z 61 -43.58 27.73 32.13
C ASN Z 61 -43.13 26.90 30.93
N TYR Z 62 -43.32 27.44 29.74
CA TYR Z 62 -42.89 26.78 28.52
C TYR Z 62 -41.44 27.13 28.20
N ALA Z 63 -40.68 26.14 27.77
CA ALA Z 63 -39.40 26.43 27.13
C ALA Z 63 -39.65 27.24 25.87
N GLN Z 64 -38.73 28.17 25.59
CA GLN Z 64 -38.99 29.17 24.57
C GLN Z 64 -39.23 28.55 23.19
N LYS Z 65 -38.43 27.54 22.83
CA LYS Z 65 -38.57 26.87 21.54
C LYS Z 65 -40.03 26.62 21.18
N PHE Z 66 -40.81 26.15 22.14
CA PHE Z 66 -42.16 25.66 21.89
C PHE Z 66 -43.25 26.69 22.14
N GLN Z 67 -43.06 27.65 23.05
CA GLN Z 67 -44.10 28.62 23.38
C GLN Z 67 -44.78 29.14 22.11
N GLY Z 68 -46.10 29.33 22.21
CA GLY Z 68 -46.91 29.63 21.04
C GLY Z 68 -47.23 28.43 20.19
N ARG Z 69 -47.27 27.23 20.80
CA ARG Z 69 -47.41 25.99 20.06
C ARG Z 69 -47.72 24.87 21.04
N VAL Z 70 -47.18 24.97 22.26
CA VAL Z 70 -47.48 24.05 23.34
C VAL Z 70 -48.52 24.71 24.24
N THR Z 71 -49.29 23.87 24.94
CA THR Z 71 -50.32 24.38 25.84
C THR Z 71 -50.48 23.36 26.97
N MET Z 72 -50.18 23.76 28.20
CA MET Z 72 -50.17 22.83 29.31
C MET Z 72 -51.26 23.20 30.31
N THR Z 73 -52.04 22.21 30.72
CA THR Z 73 -53.24 22.42 31.52
C THR Z 73 -53.39 21.26 32.50
N ARG Z 74 -54.47 21.28 33.26
CA ARG Z 74 -54.67 20.27 34.30
C ARG Z 74 -56.12 20.25 34.72
N ASP Z 75 -56.55 19.09 35.23
CA ASP Z 75 -57.89 18.94 35.82
C ASP Z 75 -57.69 18.30 37.19
N THR Z 76 -57.37 19.16 38.16
CA THR Z 76 -57.30 18.81 39.57
C THR Z 76 -58.39 17.82 40.00
N SER Z 77 -59.61 17.98 39.48
CA SER Z 77 -60.66 16.97 39.62
C SER Z 77 -60.14 15.57 39.29
N ILE Z 78 -59.70 15.37 38.04
CA ILE Z 78 -59.24 14.06 37.60
C ILE Z 78 -57.78 13.81 37.94
N SER Z 79 -57.08 14.80 38.49
CA SER Z 79 -55.69 14.65 38.88
C SER Z 79 -54.83 14.24 37.69
N THR Z 80 -55.07 14.91 36.56
CA THR Z 80 -54.37 14.65 35.32
C THR Z 80 -53.85 15.95 34.71
N ALA Z 81 -52.62 15.90 34.20
CA ALA Z 81 -52.04 16.99 33.44
C ALA Z 81 -52.23 16.73 31.95
N TYR Z 82 -52.21 17.82 31.17
CA TYR Z 82 -52.45 17.74 29.73
C TYR Z 82 -51.43 18.61 29.03
N MET Z 83 -50.64 18.01 28.14
CA MET Z 83 -49.79 18.72 27.19
C MET Z 83 -50.43 18.66 25.81
N GLU Z 84 -50.50 19.82 25.15
CA GLU Z 84 -51.15 19.95 23.85
C GLU Z 84 -50.16 20.62 22.89
N LEU Z 85 -49.44 19.82 22.10
CA LEU Z 85 -48.60 20.37 21.05
C LEU Z 85 -49.48 20.55 19.81
N SER Z 86 -49.28 21.67 19.11
CA SER Z 86 -50.28 22.11 18.15
C SER Z 86 -49.85 22.14 16.69
N ARG Z 87 -48.58 22.42 16.38
CA ARG Z 87 -48.15 22.48 14.97
C ARG Z 87 -47.17 21.34 14.70
N LEU Z 88 -47.70 20.12 14.64
CA LEU Z 88 -46.87 18.93 14.46
C LEU Z 88 -46.07 18.97 13.17
N ARG Z 89 -44.76 19.15 13.30
CA ARG Z 89 -43.85 18.92 12.18
C ARG Z 89 -43.30 17.50 12.22
N SER Z 90 -42.80 17.06 11.06
CA SER Z 90 -42.45 15.65 10.89
C SER Z 90 -41.38 15.26 11.89
N ASP Z 91 -40.33 16.06 11.92
CA ASP Z 91 -39.49 16.41 13.07
C ASP Z 91 -40.01 16.13 14.48
N ASP Z 92 -41.30 16.33 14.76
CA ASP Z 92 -41.79 16.20 16.13
C ASP Z 92 -41.95 14.77 16.63
N THR Z 93 -41.67 13.77 15.81
CA THR Z 93 -41.69 12.39 16.29
C THR Z 93 -40.84 12.26 17.55
N ALA Z 94 -41.35 11.43 18.49
CA ALA Z 94 -40.76 11.19 19.81
C ALA Z 94 -41.64 10.39 20.79
N VAL Z 95 -41.01 9.94 21.86
CA VAL Z 95 -41.71 9.52 23.07
C VAL Z 95 -41.85 10.76 23.97
N TYR Z 96 -43.05 11.00 24.46
CA TYR Z 96 -43.36 12.23 25.20
C TYR Z 96 -43.54 11.93 26.68
N TYR Z 97 -42.46 12.17 27.43
CA TYR Z 97 -42.43 11.86 28.85
C TYR Z 97 -43.11 12.93 29.68
N CYS Z 98 -43.82 12.50 30.71
CA CYS Z 98 -44.41 13.39 31.70
C CYS Z 98 -43.83 13.03 33.06
N ALA Z 99 -43.34 14.04 33.79
CA ALA Z 99 -42.60 13.79 35.02
C ALA Z 99 -43.13 14.64 36.18
N ARG Z 100 -43.15 14.03 37.37
CA ARG Z 100 -43.38 14.79 38.60
C ARG Z 100 -42.14 15.60 38.93
N ASP Z 101 -42.32 16.90 39.13
CA ASP Z 101 -41.20 17.82 39.30
C ASP Z 101 -41.23 18.40 40.71
N LYS Z 102 -40.31 17.93 41.55
CA LYS Z 102 -40.02 18.53 42.85
C LYS Z 102 -38.82 19.45 42.82
N ARG Z 103 -38.66 20.19 41.70
CA ARG Z 103 -37.44 20.89 41.27
C ARG Z 103 -36.58 19.89 40.50
N TYR Z 104 -36.65 18.62 40.89
CA TYR Z 104 -35.99 17.53 40.18
C TYR Z 104 -37.01 16.45 39.89
N MET Z 105 -36.89 15.83 38.71
CA MET Z 105 -37.91 14.92 38.18
C MET Z 105 -37.65 13.52 38.71
N ASP Z 106 -38.27 13.19 39.84
CA ASP Z 106 -37.98 11.94 40.54
C ASP Z 106 -38.90 10.79 40.15
N VAL Z 107 -40.16 11.06 39.80
CA VAL Z 107 -41.08 10.02 39.36
C VAL Z 107 -41.44 10.32 37.91
N TRP Z 108 -41.19 9.35 37.04
CA TRP Z 108 -41.37 9.51 35.62
C TRP Z 108 -42.57 8.71 35.14
N GLY Z 109 -43.22 9.23 34.10
CA GLY Z 109 -44.20 8.43 33.41
C GLY Z 109 -43.53 7.38 32.55
N LYS Z 110 -44.11 7.11 31.40
CA LYS Z 110 -43.63 6.05 30.53
C LYS Z 110 -43.57 6.50 29.08
N GLY Z 111 -43.82 7.78 28.80
CA GLY Z 111 -43.81 8.28 27.46
C GLY Z 111 -45.00 7.83 26.62
N THR Z 112 -45.39 8.68 25.69
CA THR Z 112 -46.46 8.40 24.73
C THR Z 112 -45.89 8.65 23.35
N THR Z 113 -45.42 7.58 22.70
CA THR Z 113 -44.77 7.70 21.40
C THR Z 113 -45.72 8.31 20.37
N VAL Z 114 -45.62 9.62 20.17
CA VAL Z 114 -46.35 10.29 19.10
C VAL Z 114 -45.48 10.26 17.86
N THR Z 115 -45.95 9.58 16.82
CA THR Z 115 -45.20 9.38 15.58
C THR Z 115 -45.95 10.10 14.45
N VAL Z 116 -45.68 11.39 14.30
CA VAL Z 116 -46.22 12.18 13.20
C VAL Z 116 -45.73 11.62 11.88
N SER Z 117 -46.63 11.01 11.12
CA SER Z 117 -46.28 10.20 9.96
C SER Z 117 -46.35 11.00 8.67
N SER Z 118 -45.59 10.54 7.67
CA SER Z 118 -45.65 11.05 6.29
C SER Z 118 -45.18 12.49 6.17
N GLY Z 119 -45.73 13.21 5.19
CA GLY Z 119 -45.29 14.57 4.93
C GLY Z 119 -45.33 14.94 3.46
N VAL Z 136 -27.54 24.70 24.40
CA VAL Z 136 -27.56 23.79 25.52
C VAL Z 136 -26.13 23.44 25.94
N LEU Z 137 -25.98 23.04 27.21
CA LEU Z 137 -24.66 22.76 27.78
C LEU Z 137 -24.05 21.52 27.15
N THR Z 138 -22.71 21.44 27.20
CA THR Z 138 -21.96 20.43 26.49
C THR Z 138 -21.52 19.30 27.40
N GLN Z 139 -21.61 18.07 26.87
CA GLN Z 139 -21.40 16.80 27.56
C GLN Z 139 -20.92 15.82 26.51
N PRO Z 140 -19.95 14.96 26.84
CA PRO Z 140 -19.42 14.03 25.82
C PRO Z 140 -20.47 13.05 25.37
N PRO Z 141 -20.32 12.48 24.16
CA PRO Z 141 -21.35 11.57 23.64
C PRO Z 141 -21.27 10.15 24.16
N SER Z 142 -20.10 9.67 24.57
CA SER Z 142 -19.93 8.26 24.90
C SER Z 142 -18.59 8.01 25.55
N VAL Z 143 -18.59 7.14 26.55
CA VAL Z 143 -17.39 6.58 27.15
C VAL Z 143 -17.58 5.07 27.27
N SER Z 144 -16.55 4.32 26.93
CA SER Z 144 -16.57 2.87 27.09
C SER Z 144 -15.75 2.48 28.31
N GLY Z 145 -16.29 1.56 29.11
CA GLY Z 145 -15.67 1.12 30.34
C GLY Z 145 -15.44 -0.38 30.40
N ALA Z 146 -14.79 -0.79 31.49
CA ALA Z 146 -14.60 -2.19 31.80
C ALA Z 146 -15.02 -2.46 33.24
N PRO Z 147 -15.53 -3.66 33.52
CA PRO Z 147 -16.07 -3.93 34.86
C PRO Z 147 -15.02 -3.75 35.94
N GLY Z 148 -15.35 -2.94 36.94
CA GLY Z 148 -14.50 -2.70 38.09
C GLY Z 148 -13.86 -1.32 38.12
N GLN Z 149 -13.59 -0.75 36.95
CA GLN Z 149 -12.88 0.52 36.87
C GLN Z 149 -13.85 1.70 36.87
N LYS Z 150 -13.35 2.84 37.29
CA LYS Z 150 -14.10 4.09 37.46
C LYS Z 150 -14.27 4.81 36.12
N VAL Z 151 -15.32 5.64 36.04
CA VAL Z 151 -15.60 6.45 34.86
C VAL Z 151 -16.16 7.79 35.32
N THR Z 152 -15.76 8.87 34.63
CA THR Z 152 -16.33 10.19 34.90
C THR Z 152 -17.06 10.70 33.66
N ILE Z 153 -18.28 11.20 33.89
CA ILE Z 153 -19.09 11.84 32.86
C ILE Z 153 -19.26 13.30 33.28
N SER Z 154 -18.70 14.22 32.49
CA SER Z 154 -18.54 15.61 32.89
C SER Z 154 -19.26 16.53 31.92
N CYS Z 155 -20.21 17.34 32.43
CA CYS Z 155 -20.95 18.25 31.58
C CYS Z 155 -20.84 19.67 32.13
N SER Z 156 -20.58 20.62 31.24
CA SER Z 156 -20.22 21.98 31.63
C SER Z 156 -21.15 22.96 30.92
N GLY Z 157 -21.65 23.95 31.65
CA GLY Z 157 -22.50 24.96 31.06
C GLY Z 157 -21.94 26.36 31.25
N SER Z 158 -22.80 27.29 31.66
CA SER Z 158 -22.44 28.65 31.97
C SER Z 158 -22.78 28.94 33.42
N SER Z 159 -22.45 30.15 33.87
CA SER Z 159 -22.93 30.61 35.16
C SER Z 159 -24.45 30.69 35.20
N SER Z 160 -25.09 30.76 34.04
CA SER Z 160 -26.54 30.92 33.99
C SER Z 160 -27.24 29.64 34.42
N ASN Z 161 -26.53 28.51 34.43
CA ASN Z 161 -27.15 27.22 34.68
C ASN Z 161 -26.42 26.39 35.72
N ILE Z 162 -25.46 25.58 35.30
CA ILE Z 162 -24.70 24.77 36.25
C ILE Z 162 -23.98 25.65 37.26
N GLY Z 163 -23.66 26.88 36.88
CA GLY Z 163 -23.02 27.78 37.82
C GLY Z 163 -23.89 28.10 39.01
N ARG Z 164 -25.14 28.46 38.76
CA ARG Z 164 -25.99 29.05 39.80
C ARG Z 164 -26.89 28.02 40.48
N ASN Z 165 -27.49 27.12 39.71
CA ASN Z 165 -28.60 26.31 40.18
C ASN Z 165 -28.18 24.89 40.53
N TYR Z 166 -29.03 24.21 41.31
CA TYR Z 166 -28.80 22.83 41.70
C TYR Z 166 -28.91 21.91 40.49
N VAL Z 167 -28.11 20.84 40.49
CA VAL Z 167 -28.02 19.92 39.36
C VAL Z 167 -28.78 18.64 39.68
N SER Z 168 -29.36 18.03 38.64
CA SER Z 168 -29.89 16.68 38.72
C SER Z 168 -29.23 15.82 37.64
N TRP Z 169 -29.08 14.53 37.94
CA TRP Z 169 -28.61 13.56 36.95
C TRP Z 169 -29.64 12.47 36.72
N TYR Z 170 -29.67 11.96 35.49
CA TYR Z 170 -30.70 11.03 35.05
C TYR Z 170 -30.09 9.85 34.32
N GLN Z 171 -30.56 8.65 34.64
CA GLN Z 171 -30.02 7.41 34.06
C GLN Z 171 -31.13 6.69 33.30
N GLN Z 172 -30.97 6.62 31.98
CA GLN Z 172 -31.90 5.88 31.13
C GLN Z 172 -31.29 4.54 30.74
N LEU Z 173 -31.54 3.51 31.57
CA LEU Z 173 -31.16 2.16 31.18
C LEU Z 173 -31.80 1.82 29.84
N PRO Z 174 -31.18 0.97 29.02
CA PRO Z 174 -31.70 0.73 27.67
C PRO Z 174 -33.13 0.23 27.69
N GLY Z 175 -33.96 0.85 26.84
CA GLY Z 175 -35.33 0.45 26.64
C GLY Z 175 -36.34 1.22 27.47
N ALA Z 176 -35.95 1.66 28.66
CA ALA Z 176 -36.90 2.22 29.62
C ALA Z 176 -36.88 3.76 29.60
N ALA Z 177 -37.67 4.33 30.51
CA ALA Z 177 -37.76 5.76 30.73
C ALA Z 177 -36.56 6.26 31.52
N PRO Z 178 -36.23 7.55 31.41
CA PRO Z 178 -35.20 8.12 32.29
C PRO Z 178 -35.58 7.95 33.75
N LYS Z 179 -34.56 7.88 34.61
CA LYS Z 179 -34.73 7.71 36.04
C LYS Z 179 -33.91 8.76 36.78
N LEU Z 180 -34.35 9.12 37.98
CA LEU Z 180 -33.57 10.02 38.82
C LEU Z 180 -32.31 9.32 39.32
N LEU Z 181 -31.16 9.95 39.10
CA LEU Z 181 -29.89 9.42 39.57
C LEU Z 181 -29.28 10.24 40.71
N LEU Z 182 -29.23 11.56 40.56
CA LEU Z 182 -28.75 12.44 41.62
C LEU Z 182 -29.58 13.72 41.62
N TYR Z 183 -29.83 14.24 42.82
CA TYR Z 183 -30.50 15.52 42.98
C TYR Z 183 -29.68 16.38 43.92
N ASP Z 184 -29.98 17.67 43.90
CA ASP Z 184 -29.29 18.68 44.72
C ASP Z 184 -27.77 18.59 44.54
N ASN Z 185 -27.35 18.38 43.28
CA ASN Z 185 -25.96 18.26 42.83
C ASN Z 185 -25.35 16.89 43.10
N ASN Z 186 -25.62 16.31 44.27
CA ASN Z 186 -24.86 15.16 44.73
C ASN Z 186 -25.57 14.34 45.79
N LYS Z 187 -26.87 14.54 45.99
CA LYS Z 187 -27.63 13.68 46.88
C LYS Z 187 -28.31 12.61 46.05
N ARG Z 188 -28.22 11.37 46.52
CA ARG Z 188 -28.72 10.30 45.68
C ARG Z 188 -29.97 9.68 46.30
N PRO Z 189 -31.00 9.40 45.49
CA PRO Z 189 -32.21 8.80 46.04
C PRO Z 189 -31.96 7.41 46.56
N SER Z 190 -32.86 6.95 47.42
CA SER Z 190 -32.80 5.57 47.90
C SER Z 190 -32.84 4.62 46.71
N GLY Z 191 -32.01 3.59 46.76
CA GLY Z 191 -31.88 2.68 45.65
C GLY Z 191 -30.62 2.94 44.85
N ILE Z 192 -30.33 4.21 44.57
CA ILE Z 192 -29.08 4.53 43.87
C ILE Z 192 -27.91 4.13 44.75
N PRO Z 193 -27.01 3.29 44.29
CA PRO Z 193 -26.03 2.65 45.18
C PRO Z 193 -24.91 3.61 45.56
N ASP Z 194 -24.01 3.10 46.41
CA ASP Z 194 -22.98 3.90 47.03
C ASP Z 194 -21.91 4.35 46.02
N ARG Z 195 -21.93 3.77 44.82
CA ARG Z 195 -20.90 4.05 43.82
C ARG Z 195 -21.14 5.37 43.12
N PHE Z 196 -22.41 5.72 42.90
CA PHE Z 196 -22.78 6.89 42.10
C PHE Z 196 -22.61 8.16 42.93
N SER Z 197 -21.60 8.96 42.59
CA SER Z 197 -21.33 10.21 43.26
C SER Z 197 -20.96 11.27 42.22
N ALA Z 198 -21.35 12.51 42.49
CA ALA Z 198 -21.03 13.64 41.64
C ALA Z 198 -20.22 14.68 42.41
N SER Z 199 -19.49 15.50 41.66
CA SER Z 199 -18.83 16.68 42.20
C SER Z 199 -19.17 17.87 41.29
N LYS Z 200 -18.68 19.04 41.65
CA LYS Z 200 -19.09 20.29 41.05
C LYS Z 200 -17.97 21.31 41.26
N SER Z 201 -17.61 22.02 40.19
CA SER Z 201 -16.70 23.14 40.32
C SER Z 201 -17.02 24.13 39.22
N GLY Z 202 -17.35 25.36 39.60
CA GLY Z 202 -17.71 26.37 38.65
C GLY Z 202 -18.86 25.96 37.77
N PRO Z 203 -18.74 26.18 36.45
CA PRO Z 203 -19.83 25.83 35.53
C PRO Z 203 -19.81 24.36 35.09
N SER Z 204 -19.22 23.48 35.88
CA SER Z 204 -19.15 22.07 35.52
C SER Z 204 -19.53 21.20 36.70
N THR Z 205 -20.20 20.09 36.39
CA THR Z 205 -20.51 19.01 37.32
C THR Z 205 -20.19 17.69 36.64
N THR Z 206 -19.43 16.84 37.33
CA THR Z 206 -19.02 15.54 36.79
C THR Z 206 -19.60 14.44 37.64
N LEU Z 207 -20.49 13.65 37.05
CA LEU Z 207 -20.85 12.37 37.65
C LEU Z 207 -19.64 11.44 37.63
N ALA Z 208 -19.60 10.51 38.57
CA ALA Z 208 -18.48 9.56 38.64
C ALA Z 208 -19.00 8.29 39.30
N ILE Z 209 -19.22 7.30 38.50
CA ILE Z 209 -19.61 6.00 38.99
C ILE Z 209 -18.34 5.16 39.14
N THR Z 210 -18.28 4.39 40.23
CA THR Z 210 -17.00 3.83 40.64
C THR Z 210 -16.92 2.32 40.44
N GLY Z 211 -17.58 1.56 41.31
CA GLY Z 211 -17.56 0.11 41.20
C GLY Z 211 -18.34 -0.36 39.99
N LEU Z 212 -17.84 -0.09 38.79
CA LEU Z 212 -18.46 -0.52 37.52
C LEU Z 212 -18.97 -1.96 37.50
N GLN Z 213 -20.28 -2.06 37.39
CA GLN Z 213 -21.00 -3.29 37.14
C GLN Z 213 -21.53 -3.26 35.72
N THR Z 214 -21.68 -4.45 35.12
CA THR Z 214 -22.16 -4.54 33.75
C THR Z 214 -23.45 -3.77 33.53
N GLY Z 215 -24.32 -3.75 34.54
CA GLY Z 215 -25.69 -3.29 34.43
C GLY Z 215 -25.93 -1.79 34.44
N ASP Z 216 -24.94 -0.93 34.71
CA ASP Z 216 -25.13 0.50 34.56
C ASP Z 216 -24.47 1.05 33.27
N GLU Z 217 -24.36 0.17 32.27
CA GLU Z 217 -24.57 0.54 30.87
C GLU Z 217 -25.97 1.13 30.68
N ALA Z 218 -26.02 2.37 30.21
CA ALA Z 218 -27.23 3.19 30.19
C ALA Z 218 -26.86 4.51 29.53
N ASP Z 219 -27.87 5.34 29.28
CA ASP Z 219 -27.65 6.76 29.01
C ASP Z 219 -27.67 7.58 30.28
N TYR Z 220 -26.81 8.60 30.32
CA TYR Z 220 -26.67 9.46 31.47
C TYR Z 220 -26.89 10.90 31.03
N PHE Z 221 -27.77 11.60 31.75
CA PHE Z 221 -28.17 12.96 31.41
C PHE Z 221 -28.02 13.87 32.62
N CYS Z 222 -27.29 14.97 32.44
CA CYS Z 222 -27.30 16.06 33.40
C CYS Z 222 -28.35 17.08 33.00
N GLY Z 223 -28.92 17.73 34.00
CA GLY Z 223 -29.97 18.70 33.74
C GLY Z 223 -30.13 19.74 34.83
N VAL Z 224 -30.15 21.01 34.44
CA VAL Z 224 -30.35 22.09 35.38
C VAL Z 224 -31.33 23.08 34.78
N TRP Z 225 -31.49 24.22 35.45
CA TRP Z 225 -32.38 25.28 35.01
C TRP Z 225 -31.55 26.50 34.66
N ASP Z 226 -31.69 27.00 33.44
CA ASP Z 226 -31.00 28.22 33.04
C ASP Z 226 -31.78 29.42 33.53
N SER Z 227 -31.26 30.12 34.53
CA SER Z 227 -32.05 31.21 35.08
C SER Z 227 -32.22 32.40 34.13
N SER Z 228 -31.53 32.43 32.99
CA SER Z 228 -31.69 33.50 32.01
C SER Z 228 -32.20 33.01 30.65
N LEU Z 229 -32.59 31.73 30.56
CA LEU Z 229 -33.40 31.20 29.46
C LEU Z 229 -34.76 30.72 29.93
N ARG Z 230 -34.94 30.48 31.21
CA ARG Z 230 -36.15 29.90 31.80
C ARG Z 230 -36.52 28.58 31.13
N ALA Z 231 -35.70 27.57 31.42
CA ALA Z 231 -35.88 26.24 30.87
C ALA Z 231 -34.93 25.28 31.56
N VAL Z 232 -35.36 24.03 31.74
CA VAL Z 232 -34.49 22.99 32.28
C VAL Z 232 -33.65 22.45 31.11
N LEU Z 233 -32.37 22.83 31.08
CA LEU Z 233 -31.48 22.35 30.05
C LEU Z 233 -30.99 20.95 30.37
N PHE Z 234 -30.88 20.10 29.35
CA PHE Z 234 -30.30 18.78 29.48
C PHE Z 234 -28.96 18.71 28.77
N GLY Z 235 -28.16 17.74 29.19
CA GLY Z 235 -26.94 17.43 28.48
C GLY Z 235 -27.22 16.73 27.17
N GLY Z 236 -26.15 16.48 26.43
CA GLY Z 236 -26.27 15.71 25.21
C GLY Z 236 -26.62 14.25 25.46
N GLY Z 237 -26.13 13.71 26.57
CA GLY Z 237 -26.38 12.32 26.90
C GLY Z 237 -25.19 11.42 26.66
N THR Z 238 -24.51 11.02 27.73
CA THR Z 238 -23.37 10.12 27.63
C THR Z 238 -23.87 8.68 27.70
N LYS Z 239 -23.38 7.85 26.79
CA LYS Z 239 -23.82 6.47 26.65
C LYS Z 239 -22.67 5.60 27.15
N LEU Z 240 -22.80 5.05 28.36
CA LEU Z 240 -21.74 4.25 28.97
C LEU Z 240 -21.91 2.78 28.60
N THR Z 241 -21.04 2.25 27.75
CA THR Z 241 -21.11 0.85 27.34
C THR Z 241 -20.04 0.03 28.05
N VAL Z 242 -20.47 -0.87 28.96
CA VAL Z 242 -19.55 -1.70 29.74
C VAL Z 242 -19.15 -2.94 28.96
N LEU Z 243 -17.91 -3.37 29.18
CA LEU Z 243 -17.32 -4.57 28.62
C LEU Z 243 -17.07 -5.61 29.71
N SER AA 6 73.08 -79.20 -13.59
CA SER AA 6 71.97 -78.51 -14.23
C SER AA 6 72.46 -77.55 -15.32
N LEU AA 7 71.53 -77.05 -16.14
CA LEU AA 7 71.92 -76.28 -17.31
C LEU AA 7 70.83 -75.30 -17.69
N HIS AA 8 71.21 -74.04 -17.94
CA HIS AA 8 70.30 -72.99 -18.35
C HIS AA 8 70.38 -72.72 -19.85
N ILE AA 9 69.23 -72.31 -20.40
CA ILE AA 9 68.97 -72.28 -21.84
C ILE AA 9 67.90 -71.25 -22.19
N TYR AA 10 68.20 -70.39 -23.16
CA TYR AA 10 67.29 -69.36 -23.66
C TYR AA 10 67.10 -69.60 -25.15
N ASN AA 11 65.85 -69.81 -25.58
CA ASN AA 11 65.65 -70.21 -26.97
C ASN AA 11 64.26 -69.76 -27.41
N TRP AA 12 64.08 -69.64 -28.72
CA TRP AA 12 62.87 -69.07 -29.28
C TRP AA 12 61.63 -69.85 -28.86
N THR AA 13 60.49 -69.17 -28.90
CA THR AA 13 59.22 -69.84 -28.70
C THR AA 13 58.96 -70.81 -29.84
N ASP AA 14 58.61 -72.06 -29.49
CA ASP AA 14 58.29 -73.09 -30.47
C ASP AA 14 59.51 -73.41 -31.34
N TYR AA 15 60.61 -73.76 -30.68
CA TYR AA 15 61.87 -73.98 -31.36
C TYR AA 15 62.54 -75.25 -30.84
N ILE AA 16 61.73 -76.21 -30.40
CA ILE AA 16 62.23 -77.47 -29.86
C ILE AA 16 61.08 -78.44 -29.68
N ALA AA 17 61.32 -79.72 -29.99
CA ALA AA 17 60.33 -80.75 -29.71
C ALA AA 17 60.21 -80.95 -28.20
N PRO AA 18 59.06 -81.41 -27.71
CA PRO AA 18 58.89 -81.51 -26.25
C PRO AA 18 59.87 -82.44 -25.57
N THR AA 19 60.02 -83.67 -26.07
CA THR AA 19 60.78 -84.69 -25.36
C THR AA 19 62.28 -84.56 -25.55
N THR AA 20 62.73 -83.74 -26.50
CA THR AA 20 64.15 -83.46 -26.73
C THR AA 20 64.92 -83.14 -25.44
N LEU AA 21 64.29 -82.46 -24.49
CA LEU AA 21 64.97 -82.20 -23.22
C LEU AA 21 64.99 -83.44 -22.34
N LYS AA 22 63.83 -84.09 -22.17
CA LYS AA 22 63.76 -85.25 -21.27
C LYS AA 22 64.65 -86.39 -21.74
N ASP AA 23 64.76 -86.58 -23.06
CA ASP AA 23 65.64 -87.62 -23.60
C ASP AA 23 67.10 -87.33 -23.29
N PHE AA 24 67.50 -86.06 -23.48
CA PHE AA 24 68.86 -85.66 -23.16
C PHE AA 24 69.14 -85.79 -21.66
N THR AA 25 68.20 -85.35 -20.83
CA THR AA 25 68.43 -85.39 -19.38
C THR AA 25 68.41 -86.82 -18.86
N LYS AA 26 67.54 -87.66 -19.42
CA LYS AA 26 67.60 -89.09 -19.21
C LYS AA 26 69.01 -89.61 -19.49
N GLU AA 27 69.56 -89.26 -20.65
CA GLU AA 27 70.82 -89.83 -21.09
C GLU AA 27 72.03 -89.15 -20.46
N SER AA 28 71.94 -87.85 -20.17
CA SER AA 28 73.08 -87.09 -19.67
C SER AA 28 73.06 -86.87 -18.17
N GLY AA 29 71.90 -87.04 -17.52
CA GLY AA 29 71.79 -86.75 -16.10
C GLY AA 29 71.66 -85.26 -15.84
N ILE AA 30 72.25 -84.44 -16.71
CA ILE AA 30 72.14 -82.99 -16.58
C ILE AA 30 70.67 -82.58 -16.68
N ASP AA 31 70.20 -81.86 -15.67
CA ASP AA 31 68.80 -81.45 -15.60
C ASP AA 31 68.70 -80.01 -16.10
N VAL AA 32 68.07 -79.82 -17.26
CA VAL AA 32 68.13 -78.53 -17.96
C VAL AA 32 66.98 -77.65 -17.49
N SER AA 33 67.24 -76.34 -17.49
CA SER AA 33 66.19 -75.34 -17.43
C SER AA 33 66.02 -74.69 -18.80
N TYR AA 34 64.76 -74.41 -19.14
CA TYR AA 34 64.41 -73.97 -20.49
C TYR AA 34 63.57 -72.70 -20.38
N ASP AA 35 64.20 -71.55 -20.64
CA ASP AA 35 63.49 -70.28 -20.75
C ASP AA 35 63.38 -69.88 -22.22
N VAL AA 36 62.29 -69.17 -22.54
CA VAL AA 36 61.93 -68.90 -23.93
C VAL AA 36 61.74 -67.41 -24.18
N PHE AA 37 61.87 -67.04 -25.45
CA PHE AA 37 61.69 -65.67 -25.90
C PHE AA 37 61.18 -65.69 -27.35
N ASP AA 38 60.73 -64.52 -27.81
CA ASP AA 38 60.07 -64.40 -29.10
C ASP AA 38 60.66 -63.34 -30.01
N SER AA 39 61.40 -62.38 -29.50
CA SER AA 39 61.91 -61.28 -30.30
C SER AA 39 63.44 -61.24 -30.19
N ASN AA 40 64.10 -61.16 -31.34
CA ASN AA 40 65.55 -61.21 -31.38
C ASN AA 40 66.19 -60.03 -30.65
N GLU AA 41 65.42 -58.99 -30.38
CA GLU AA 41 65.89 -57.89 -29.53
C GLU AA 41 65.98 -58.35 -28.08
N THR AA 42 64.86 -58.77 -27.50
CA THR AA 42 64.79 -59.39 -26.17
C THR AA 42 66.03 -60.18 -25.80
N LEU AA 43 66.60 -60.91 -26.76
CA LEU AA 43 67.81 -61.67 -26.49
C LEU AA 43 69.01 -60.74 -26.28
N GLU AA 44 69.17 -59.74 -27.15
CA GLU AA 44 70.30 -58.82 -27.00
C GLU AA 44 70.25 -58.12 -25.64
N GLY AA 45 69.12 -57.47 -25.34
CA GLY AA 45 69.01 -56.79 -24.06
C GLY AA 45 69.29 -57.67 -22.86
N LYS AA 46 69.02 -58.96 -23.00
CA LYS AA 46 69.46 -59.91 -21.99
C LYS AA 46 70.98 -60.02 -21.97
N LEU AA 47 71.58 -60.20 -23.16
CA LEU AA 47 73.03 -60.38 -23.28
C LEU AA 47 73.81 -59.12 -22.98
N VAL AA 48 73.20 -57.95 -23.18
CA VAL AA 48 73.93 -56.69 -22.98
C VAL AA 48 73.82 -56.18 -21.55
N SER AA 49 72.92 -56.75 -20.75
CA SER AA 49 72.83 -56.45 -19.32
C SER AA 49 73.83 -57.30 -18.54
N GLY AA 50 74.92 -57.68 -19.18
CA GLY AA 50 76.02 -58.34 -18.51
C GLY AA 50 75.74 -59.70 -17.91
N HIS AA 51 75.20 -59.73 -16.69
CA HIS AA 51 75.09 -60.96 -15.89
C HIS AA 51 73.65 -61.46 -15.89
N SER AA 52 73.31 -62.21 -16.94
CA SER AA 52 72.09 -63.02 -16.95
C SER AA 52 72.51 -64.47 -17.06
N GLY AA 53 72.10 -65.28 -16.09
CA GLY AA 53 72.57 -66.64 -15.98
C GLY AA 53 72.01 -67.61 -17.00
N TYR AA 54 72.42 -67.47 -18.26
CA TYR AA 54 72.15 -68.44 -19.29
C TYR AA 54 73.46 -69.03 -19.77
N ASP AA 55 73.45 -70.32 -20.08
CA ASP AA 55 74.64 -71.04 -20.47
C ASP AA 55 74.63 -71.41 -21.95
N ILE AA 56 73.53 -71.13 -22.65
CA ILE AA 56 73.35 -71.42 -24.06
C ILE AA 56 72.13 -70.63 -24.53
N VAL AA 57 72.35 -69.56 -25.30
CA VAL AA 57 71.28 -68.75 -25.87
C VAL AA 57 71.37 -68.86 -27.39
N VAL AA 58 70.30 -68.44 -28.06
CA VAL AA 58 70.12 -68.72 -29.49
C VAL AA 58 69.86 -67.44 -30.27
N PRO AA 59 70.89 -66.79 -30.81
CA PRO AA 59 70.67 -65.61 -31.66
C PRO AA 59 70.55 -65.96 -33.13
N SER AA 60 70.12 -64.96 -33.90
CA SER AA 60 70.10 -65.07 -35.35
C SER AA 60 71.44 -64.64 -35.93
N ASN AA 61 71.68 -65.05 -37.18
CA ASN AA 61 72.99 -64.89 -37.78
C ASN AA 61 73.44 -63.45 -37.84
N ASN AA 62 72.53 -62.50 -38.05
CA ASN AA 62 72.95 -61.10 -38.13
C ASN AA 62 73.30 -60.55 -36.75
N PHE AA 63 72.47 -60.85 -35.75
CA PHE AA 63 72.74 -60.40 -34.38
C PHE AA 63 73.99 -61.06 -33.81
N LEU AA 64 74.36 -62.23 -34.33
CA LEU AA 64 75.51 -62.94 -33.81
C LEU AA 64 76.79 -62.15 -34.03
N GLY AA 65 76.93 -61.52 -35.20
CA GLY AA 65 78.07 -60.69 -35.49
C GLY AA 65 78.20 -59.57 -34.50
N LYS AA 66 77.20 -58.69 -34.44
CA LYS AA 66 77.27 -57.56 -33.53
C LYS AA 66 77.28 -57.99 -32.06
N GLN AA 67 77.03 -59.27 -31.75
CA GLN AA 67 77.20 -59.78 -30.40
C GLN AA 67 78.55 -60.49 -30.24
N ILE AA 68 79.01 -61.21 -31.27
CA ILE AA 68 80.44 -61.52 -31.42
C ILE AA 68 81.27 -60.33 -30.97
N GLN AA 69 80.96 -59.15 -31.50
CA GLN AA 69 81.88 -58.02 -31.44
C GLN AA 69 81.94 -57.38 -30.06
N ALA AA 70 80.91 -57.55 -29.22
CA ALA AA 70 80.89 -56.97 -27.89
C ALA AA 70 81.34 -57.97 -26.82
N GLY AA 71 82.14 -58.95 -27.20
CA GLY AA 71 82.65 -59.94 -26.27
C GLY AA 71 81.59 -60.58 -25.40
N ALA AA 72 80.55 -61.14 -26.04
CA ALA AA 72 79.43 -61.73 -25.33
C ALA AA 72 79.53 -63.23 -25.16
N PHE AA 73 80.11 -63.94 -26.12
CA PHE AA 73 80.17 -65.40 -26.08
C PHE AA 73 81.61 -65.88 -25.98
N GLN AA 74 81.80 -66.99 -25.28
CA GLN AA 74 83.05 -67.73 -25.41
C GLN AA 74 83.20 -68.26 -26.83
N LYS AA 75 84.44 -68.51 -27.25
CA LYS AA 75 84.72 -69.16 -28.51
C LYS AA 75 84.74 -70.68 -28.31
N LEU AA 76 84.28 -71.38 -29.34
CA LEU AA 76 83.94 -72.79 -29.21
C LEU AA 76 85.20 -73.63 -29.14
N ASP AA 77 85.29 -74.46 -28.10
CA ASP AA 77 86.34 -75.47 -27.99
C ASP AA 77 85.85 -76.71 -28.71
N LYS AA 78 86.05 -76.72 -30.02
CA LYS AA 78 85.47 -77.72 -30.93
C LYS AA 78 85.92 -79.15 -30.64
N SER AA 79 86.78 -79.32 -29.64
CA SER AA 79 87.16 -80.65 -29.22
C SER AA 79 86.07 -81.32 -28.40
N LYS AA 80 85.34 -80.53 -27.60
CA LYS AA 80 84.21 -81.02 -26.83
C LYS AA 80 82.95 -81.16 -27.68
N LEU AA 81 83.10 -81.23 -28.99
CA LEU AA 81 81.97 -81.33 -29.93
C LEU AA 81 82.37 -82.30 -31.03
N PRO AA 82 82.36 -83.60 -30.76
CA PRO AA 82 82.73 -84.56 -31.82
C PRO AA 82 81.74 -84.58 -32.97
N ASN AA 83 80.44 -84.44 -32.68
CA ASN AA 83 79.43 -84.48 -33.72
C ASN AA 83 79.44 -83.23 -34.60
N TRP AA 84 80.26 -82.22 -34.28
CA TRP AA 84 80.45 -81.08 -35.16
C TRP AA 84 80.73 -81.49 -36.59
N LYS AA 85 81.33 -82.66 -36.79
CA LYS AA 85 81.59 -83.14 -38.14
C LYS AA 85 80.31 -83.32 -38.97
N ASN AA 86 79.15 -83.45 -38.31
CA ASN AA 86 77.90 -83.68 -39.05
C ASN AA 86 77.29 -82.42 -39.64
N LEU AA 87 77.89 -81.25 -39.44
CA LEU AA 87 77.28 -80.03 -39.94
C LEU AA 87 77.58 -79.84 -41.42
N ASP AA 88 76.55 -79.46 -42.17
CA ASP AA 88 76.68 -79.08 -43.57
C ASP AA 88 77.82 -78.09 -43.73
N PRO AA 89 78.90 -78.48 -44.42
CA PRO AA 89 80.05 -77.56 -44.56
C PRO AA 89 79.67 -76.22 -45.19
N ALA AA 90 79.02 -76.25 -46.35
CA ALA AA 90 78.61 -75.02 -47.02
C ALA AA 90 77.63 -74.18 -46.21
N LEU AA 91 77.14 -74.70 -45.08
CA LEU AA 91 76.30 -73.92 -44.19
C LEU AA 91 77.15 -73.14 -43.19
N LEU AA 92 78.22 -73.76 -42.69
CA LEU AA 92 79.18 -73.04 -41.86
C LEU AA 92 79.89 -71.96 -42.66
N LYS AA 93 80.30 -72.29 -43.89
CA LYS AA 93 81.03 -71.35 -44.73
C LYS AA 93 80.18 -70.15 -45.08
N GLN AA 94 78.86 -70.29 -45.01
CA GLN AA 94 77.97 -69.17 -45.27
C GLN AA 94 77.98 -68.20 -44.10
N LEU AA 95 77.60 -68.69 -42.91
CA LEU AA 95 77.59 -67.95 -41.66
C LEU AA 95 78.92 -67.27 -41.31
N GLU AA 96 79.90 -67.31 -42.21
CA GLU AA 96 81.17 -66.65 -41.97
C GLU AA 96 81.02 -65.13 -41.87
N VAL AA 97 79.95 -64.58 -42.43
CA VAL AA 97 79.76 -63.13 -42.43
C VAL AA 97 79.48 -62.58 -41.04
N SER AA 98 79.13 -63.46 -40.09
CA SER AA 98 78.93 -63.06 -38.71
C SER AA 98 79.80 -63.82 -37.73
N ASP AA 99 80.43 -64.91 -38.14
CA ASP AA 99 81.26 -65.71 -37.25
C ASP AA 99 82.44 -66.24 -38.06
N PRO AA 100 83.49 -65.45 -38.19
CA PRO AA 100 84.67 -65.91 -38.94
C PRO AA 100 85.26 -67.15 -38.29
N GLY AA 101 85.73 -68.09 -39.12
CA GLY AA 101 86.39 -69.29 -38.63
C GLY AA 101 85.47 -70.24 -37.90
N ASN AA 102 84.19 -69.89 -37.80
CA ASN AA 102 83.15 -70.71 -37.17
C ASN AA 102 83.51 -71.04 -35.72
N GLN AA 103 83.79 -70.01 -34.93
CA GLN AA 103 84.39 -70.28 -33.63
C GLN AA 103 83.52 -69.91 -32.45
N TYR AA 104 82.36 -69.31 -32.68
CA TYR AA 104 81.57 -68.75 -31.59
C TYR AA 104 80.19 -69.38 -31.45
N ALA AA 105 79.53 -69.70 -32.55
CA ALA AA 105 78.18 -70.25 -32.50
C ALA AA 105 78.07 -71.51 -33.34
N VAL AA 106 77.15 -72.38 -32.94
CA VAL AA 106 76.89 -73.64 -33.64
C VAL AA 106 75.51 -73.55 -34.29
N PRO AA 107 75.36 -73.96 -35.55
CA PRO AA 107 74.06 -73.82 -36.21
C PRO AA 107 72.98 -74.64 -35.55
N TYR AA 108 71.77 -74.08 -35.51
CA TYR AA 108 70.62 -74.77 -34.95
C TYR AA 108 69.64 -75.01 -36.10
N LEU AA 109 68.58 -74.22 -36.22
CA LEU AA 109 67.60 -74.34 -37.28
C LEU AA 109 67.62 -73.08 -38.13
N TRP AA 110 67.11 -73.19 -39.36
CA TRP AA 110 67.08 -72.04 -40.26
C TRP AA 110 65.83 -72.09 -41.13
N GLY AA 111 65.35 -70.91 -41.51
CA GLY AA 111 64.17 -70.79 -42.35
C GLY AA 111 63.99 -69.37 -42.83
N THR AA 112 62.96 -69.18 -43.65
CA THR AA 112 62.67 -67.89 -44.24
C THR AA 112 61.53 -67.22 -43.47
N ASN AA 113 60.88 -66.24 -44.08
CA ASN AA 113 59.68 -65.66 -43.50
C ASN AA 113 58.82 -65.17 -44.67
N GLY AA 114 57.58 -64.84 -44.36
CA GLY AA 114 56.71 -64.33 -45.41
C GLY AA 114 55.30 -64.06 -44.94
N ILE AA 115 54.33 -64.31 -45.82
CA ILE AA 115 52.92 -64.07 -45.52
C ILE AA 115 52.29 -65.41 -45.17
N GLY AA 116 51.59 -65.46 -44.05
CA GLY AA 116 50.90 -66.68 -43.64
C GLY AA 116 49.41 -66.45 -43.49
N TYR AA 117 48.64 -66.88 -44.48
CA TYR AA 117 47.24 -66.53 -44.56
C TYR AA 117 46.34 -67.75 -44.54
N ASN AA 118 45.13 -67.53 -44.01
CA ASN AA 118 44.07 -68.54 -44.06
C ASN AA 118 43.26 -68.34 -45.34
N VAL AA 119 43.28 -69.35 -46.21
CA VAL AA 119 42.81 -69.21 -47.59
C VAL AA 119 41.33 -68.90 -47.66
N ALA AA 120 40.54 -69.60 -46.85
CA ALA AA 120 39.10 -69.38 -46.80
C ALA AA 120 38.77 -67.92 -46.57
N LYS AA 121 39.18 -67.38 -45.40
CA LYS AA 121 38.82 -66.00 -45.06
C LYS AA 121 39.60 -64.95 -45.84
N VAL AA 122 40.82 -65.26 -46.31
CA VAL AA 122 41.57 -64.24 -47.04
C VAL AA 122 40.97 -64.02 -48.42
N LYS AA 123 40.53 -65.09 -49.07
CA LYS AA 123 39.89 -64.93 -50.37
C LYS AA 123 38.38 -64.75 -50.28
N GLU AA 124 37.77 -65.09 -49.13
CA GLU AA 124 36.41 -64.69 -48.79
C GLU AA 124 36.31 -63.17 -48.75
N VAL AA 125 37.44 -62.47 -48.92
CA VAL AA 125 37.44 -61.02 -48.82
C VAL AA 125 38.30 -60.35 -49.90
N LEU AA 126 39.00 -61.12 -50.73
CA LEU AA 126 39.83 -60.50 -51.76
C LEU AA 126 39.65 -61.07 -53.18
N GLY AA 127 38.69 -61.95 -53.42
CA GLY AA 127 38.60 -62.46 -54.78
C GLY AA 127 39.78 -63.39 -55.10
N ASP AA 128 39.87 -63.78 -56.37
CA ASP AA 128 40.94 -64.65 -56.84
C ASP AA 128 42.26 -63.88 -57.02
N GLN AA 129 42.54 -62.96 -56.10
CA GLN AA 129 43.70 -62.08 -56.24
C GLN AA 129 44.97 -62.83 -55.84
N PRO AA 130 46.01 -62.84 -56.68
CA PRO AA 130 47.21 -63.60 -56.36
C PRO AA 130 47.95 -63.11 -55.11
N ILE AA 131 47.90 -63.90 -54.04
CA ILE AA 131 48.70 -63.66 -52.85
C ILE AA 131 50.14 -63.99 -53.18
N ASP AA 132 50.81 -63.15 -53.97
CA ASP AA 132 52.17 -63.45 -54.38
C ASP AA 132 53.14 -62.34 -54.01
N SER AA 133 52.69 -61.31 -53.31
CA SER AA 133 53.52 -60.14 -53.10
C SER AA 133 53.32 -59.57 -51.71
N TRP AA 134 54.35 -58.87 -51.23
CA TRP AA 134 54.24 -58.10 -50.01
C TRP AA 134 53.15 -57.04 -50.11
N ALA AA 135 52.76 -56.66 -51.33
CA ALA AA 135 51.71 -55.67 -51.55
C ALA AA 135 50.38 -56.10 -50.96
N ILE AA 136 50.34 -57.25 -50.29
CA ILE AA 136 49.18 -57.62 -49.51
C ILE AA 136 49.22 -56.98 -48.13
N LEU AA 137 50.42 -56.66 -47.63
CA LEU AA 137 50.60 -56.14 -46.28
C LEU AA 137 51.01 -54.67 -46.24
N PHE AA 138 51.32 -54.06 -47.37
CA PHE AA 138 51.94 -52.74 -47.37
C PHE AA 138 51.17 -51.69 -48.16
N GLU AA 139 50.01 -52.03 -48.72
CA GLU AA 139 49.14 -51.05 -49.35
C GLU AA 139 47.82 -50.98 -48.60
N PRO AA 140 47.42 -49.79 -48.16
CA PRO AA 140 46.23 -49.68 -47.30
C PRO AA 140 44.97 -50.21 -47.94
N GLU AA 141 44.81 -50.08 -49.26
CA GLU AA 141 43.59 -50.60 -49.88
C GLU AA 141 43.46 -52.08 -49.64
N ASN AA 142 44.58 -52.83 -49.76
CA ASN AA 142 44.58 -54.26 -49.52
C ASN AA 142 44.35 -54.57 -48.04
N MET AA 143 45.01 -53.80 -47.16
CA MET AA 143 44.87 -54.00 -45.73
C MET AA 143 43.53 -53.51 -45.21
N LYS AA 144 43.00 -52.40 -45.75
CA LYS AA 144 41.62 -52.00 -45.49
C LYS AA 144 40.67 -53.19 -45.64
N LYS AA 145 40.92 -54.05 -46.63
CA LYS AA 145 40.13 -55.25 -46.80
C LYS AA 145 40.42 -56.26 -45.68
N LEU AA 146 41.69 -56.60 -45.47
CA LEU AA 146 42.03 -57.68 -44.56
C LEU AA 146 41.84 -57.30 -43.10
N ALA AA 147 41.89 -56.00 -42.77
CA ALA AA 147 41.81 -55.60 -41.37
C ALA AA 147 40.55 -56.14 -40.69
N LYS AA 148 39.47 -56.35 -41.45
CA LYS AA 148 38.26 -56.92 -40.89
C LYS AA 148 38.53 -58.27 -40.24
N CYS AA 149 39.40 -59.06 -40.86
CA CYS AA 149 39.74 -60.40 -40.44
C CYS AA 149 40.87 -60.42 -39.42
N GLY AA 150 41.87 -59.56 -39.60
CA GLY AA 150 42.91 -59.38 -38.61
C GLY AA 150 44.30 -59.66 -39.12
N VAL AA 151 45.08 -58.61 -39.36
CA VAL AA 151 46.46 -58.75 -39.84
C VAL AA 151 47.39 -58.59 -38.65
N ALA AA 152 48.42 -59.44 -38.60
CA ALA AA 152 49.32 -59.52 -37.46
C ALA AA 152 50.75 -59.21 -37.92
N PHE AA 153 51.14 -57.94 -37.82
CA PHE AA 153 52.53 -57.62 -38.02
C PHE AA 153 53.35 -58.16 -36.86
N MET AA 154 54.65 -58.17 -37.06
CA MET AA 154 55.53 -58.54 -35.97
C MET AA 154 55.89 -57.30 -35.17
N ASP AA 155 56.86 -57.49 -34.29
CA ASP AA 155 57.22 -56.55 -33.25
C ASP AA 155 58.73 -56.39 -33.21
N SER AA 156 59.40 -56.59 -34.35
CA SER AA 156 60.85 -56.52 -34.44
C SER AA 156 61.14 -55.69 -35.68
N GLY AA 157 61.39 -54.39 -35.48
CA GLY AA 157 61.70 -53.48 -36.56
C GLY AA 157 62.75 -54.00 -37.53
N ASP AA 158 63.41 -55.11 -37.16
CA ASP AA 158 64.40 -55.77 -38.00
C ASP AA 158 63.81 -56.86 -38.88
N GLU AA 159 62.83 -57.64 -38.38
CA GLU AA 159 62.13 -58.51 -39.30
C GLU AA 159 61.23 -57.71 -40.23
N MET AA 160 60.77 -56.53 -39.78
CA MET AA 160 59.90 -55.65 -40.54
C MET AA 160 60.64 -54.82 -41.57
N LEU AA 161 61.05 -53.61 -41.16
CA LEU AA 161 61.63 -52.60 -42.05
C LEU AA 161 62.53 -53.17 -43.14
N PRO AA 162 63.49 -54.06 -42.85
CA PRO AA 162 64.23 -54.69 -43.95
C PRO AA 162 63.35 -55.41 -44.97
N ALA AA 163 62.25 -56.03 -44.55
CA ALA AA 163 61.35 -56.62 -45.54
C ALA AA 163 60.67 -55.53 -46.37
N ALA AA 164 60.25 -54.44 -45.73
CA ALA AA 164 59.56 -53.36 -46.45
C ALA AA 164 60.46 -52.70 -47.47
N LEU AA 165 61.75 -52.51 -47.16
CA LEU AA 165 62.69 -51.99 -48.14
C LEU AA 165 62.84 -52.87 -49.37
N ASN AA 166 62.56 -54.17 -49.25
CA ASN AA 166 62.81 -55.10 -50.35
C ASN AA 166 61.56 -55.37 -51.17
N TYR AA 167 60.37 -55.02 -50.65
CA TYR AA 167 59.18 -54.90 -51.51
C TYR AA 167 59.33 -53.72 -52.44
N LEU AA 168 59.56 -52.53 -51.90
CA LEU AA 168 59.73 -51.36 -52.74
C LEU AA 168 60.98 -51.44 -53.61
N GLY AA 169 61.39 -52.65 -53.97
CA GLY AA 169 62.48 -52.86 -54.89
C GLY AA 169 63.81 -52.30 -54.43
N LEU AA 170 63.97 -51.99 -53.15
CA LEU AA 170 65.21 -51.33 -52.72
C LEU AA 170 66.11 -52.37 -52.05
N ASP AA 171 66.88 -51.95 -51.04
CA ASP AA 171 67.77 -52.79 -50.27
C ASP AA 171 67.39 -52.76 -48.79
N PRO AA 172 67.15 -53.92 -48.16
CA PRO AA 172 67.04 -53.93 -46.69
C PRO AA 172 68.29 -53.49 -45.94
N ASN AA 173 69.45 -54.09 -46.20
CA ASN AA 173 70.68 -53.65 -45.55
C ASN AA 173 71.23 -52.34 -46.14
N THR AA 174 70.36 -51.47 -46.64
CA THR AA 174 70.82 -50.12 -46.95
C THR AA 174 71.08 -49.36 -45.66
N HIS AA 175 71.80 -48.26 -45.78
CA HIS AA 175 72.05 -47.39 -44.64
C HIS AA 175 71.49 -45.99 -44.82
N ASP AA 176 71.30 -45.54 -46.06
CA ASP AA 176 70.69 -44.26 -46.38
C ASP AA 176 69.55 -43.92 -45.44
N PRO AA 177 69.63 -42.78 -44.73
CA PRO AA 177 68.56 -42.43 -43.78
C PRO AA 177 67.23 -42.15 -44.44
N LYS AA 178 67.17 -42.04 -45.76
CA LYS AA 178 65.92 -41.73 -46.47
C LYS AA 178 65.21 -42.95 -47.04
N ASP AA 179 65.96 -43.93 -47.56
CA ASP AA 179 65.37 -45.21 -47.92
C ASP AA 179 64.42 -45.68 -46.83
N TYR AA 180 64.88 -45.65 -45.58
CA TYR AA 180 64.02 -46.00 -44.46
C TYR AA 180 62.80 -45.09 -44.37
N LYS AA 181 62.98 -43.80 -44.63
CA LYS AA 181 61.83 -42.89 -44.54
C LYS AA 181 60.79 -43.22 -45.60
N LYS AA 182 61.23 -43.51 -46.83
CA LYS AA 182 60.26 -43.92 -47.85
C LYS AA 182 59.53 -45.19 -47.45
N ALA AA 183 60.21 -46.10 -46.74
CA ALA AA 183 59.56 -47.29 -46.22
C ALA AA 183 58.88 -47.08 -44.87
N GLU AA 184 59.29 -46.07 -44.11
CA GLU AA 184 58.59 -45.75 -42.87
C GLU AA 184 57.13 -45.43 -43.15
N GLU AA 185 56.88 -44.52 -44.11
CA GLU AA 185 55.55 -44.05 -44.48
C GLU AA 185 54.72 -45.10 -45.19
N VAL AA 186 55.37 -46.09 -45.81
CA VAL AA 186 54.65 -47.26 -46.31
C VAL AA 186 53.91 -47.93 -45.17
N LEU AA 187 54.63 -48.22 -44.09
CA LEU AA 187 54.04 -48.99 -43.03
C LEU AA 187 53.21 -48.09 -42.12
N THR AA 188 53.70 -46.86 -41.93
CA THR AA 188 53.03 -45.87 -41.10
C THR AA 188 51.60 -45.59 -41.59
N LYS AA 189 51.31 -45.81 -42.87
CA LYS AA 189 49.94 -45.64 -43.38
C LYS AA 189 49.15 -46.93 -43.43
N VAL AA 190 49.79 -48.09 -43.57
CA VAL AA 190 49.04 -49.34 -43.43
C VAL AA 190 48.79 -49.67 -41.97
N ARG AA 191 49.63 -49.13 -41.08
CA ARG AA 191 49.53 -49.43 -39.65
C ARG AA 191 48.13 -49.28 -39.07
N PRO AA 192 47.30 -48.30 -39.46
CA PRO AA 192 45.89 -48.31 -39.01
C PRO AA 192 45.17 -49.63 -39.21
N TYR AA 193 45.58 -50.43 -40.20
CA TYR AA 193 44.89 -51.68 -40.53
C TYR AA 193 45.66 -52.89 -40.01
N VAL AA 194 46.18 -52.80 -38.79
CA VAL AA 194 46.91 -53.87 -38.15
C VAL AA 194 46.30 -54.06 -36.78
N SER AA 195 45.68 -55.21 -36.54
CA SER AA 195 45.24 -55.53 -35.18
C SER AA 195 46.39 -55.37 -34.17
N TYR AA 196 47.44 -56.18 -34.31
CA TYR AA 196 48.53 -56.12 -33.35
C TYR AA 196 49.88 -56.30 -34.03
N PHE AA 197 50.92 -55.84 -33.33
CA PHE AA 197 52.30 -56.25 -33.55
C PHE AA 197 52.64 -57.33 -32.53
N HIS AA 198 53.10 -58.48 -33.01
CA HIS AA 198 53.63 -59.52 -32.14
C HIS AA 198 54.43 -60.50 -32.98
N SER AA 199 55.34 -61.22 -32.32
CA SER AA 199 56.29 -62.10 -32.99
C SER AA 199 56.09 -63.57 -32.65
N SER AA 200 55.04 -63.92 -31.90
CA SER AA 200 54.82 -65.32 -31.54
C SER AA 200 53.35 -65.67 -31.41
N LYS AA 201 52.55 -64.82 -30.73
CA LYS AA 201 51.16 -65.21 -30.54
C LYS AA 201 50.30 -65.11 -31.81
N TYR AA 202 50.87 -64.94 -33.01
CA TYR AA 202 50.08 -65.09 -34.23
C TYR AA 202 49.93 -66.55 -34.62
N ILE AA 203 50.73 -67.44 -34.05
CA ILE AA 203 50.69 -68.84 -34.44
C ILE AA 203 49.39 -69.49 -34.02
N SER AA 204 48.99 -69.29 -32.76
CA SER AA 204 47.70 -69.82 -32.30
C SER AA 204 46.54 -69.06 -32.93
N ASP AA 205 46.69 -67.74 -33.11
CA ASP AA 205 45.63 -66.94 -33.72
C ASP AA 205 45.40 -67.29 -35.18
N LEU AA 206 46.44 -67.79 -35.87
CA LEU AA 206 46.23 -68.26 -37.24
C LEU AA 206 45.51 -69.60 -37.26
N ALA AA 207 45.93 -70.54 -36.41
CA ALA AA 207 45.27 -71.83 -36.31
C ALA AA 207 43.88 -71.73 -35.69
N ASN AA 208 43.53 -70.61 -35.08
CA ASN AA 208 42.22 -70.47 -34.45
C ASN AA 208 41.24 -69.67 -35.32
N GLY AA 209 41.71 -68.92 -36.30
CA GLY AA 209 40.82 -68.20 -37.19
C GLY AA 209 40.50 -66.79 -36.72
N ASN AA 210 40.86 -66.46 -35.48
CA ASN AA 210 41.05 -65.09 -35.02
C ASN AA 210 41.61 -64.19 -36.11
N ILE AA 211 42.93 -64.14 -36.24
CA ILE AA 211 43.53 -63.45 -37.37
C ILE AA 211 43.42 -64.31 -38.63
N CYS AA 212 43.43 -63.67 -39.81
CA CYS AA 212 43.41 -64.37 -41.08
C CYS AA 212 44.72 -64.30 -41.84
N VAL AA 213 45.63 -63.43 -41.44
CA VAL AA 213 46.86 -63.17 -42.17
C VAL AA 213 47.86 -62.51 -41.24
N ALA AA 214 49.09 -63.03 -41.24
CA ALA AA 214 50.11 -62.52 -40.33
C ALA AA 214 51.44 -62.45 -41.06
N PHE AA 215 52.29 -61.56 -40.58
CA PHE AA 215 53.70 -61.67 -40.87
C PHE AA 215 54.27 -62.80 -40.01
N GLY AA 216 54.97 -63.73 -40.67
CA GLY AA 216 55.44 -64.92 -39.98
C GLY AA 216 56.72 -65.46 -40.55
N TYR AA 217 57.30 -66.41 -39.83
CA TYR AA 217 58.50 -67.11 -40.26
C TYR AA 217 58.13 -68.36 -41.05
N SER AA 218 59.16 -69.01 -41.58
CA SER AA 218 59.03 -70.30 -42.24
C SER AA 218 58.19 -71.29 -41.42
N GLY AA 219 58.85 -71.99 -40.50
CA GLY AA 219 58.22 -73.09 -39.81
C GLY AA 219 57.18 -72.68 -38.79
N ASP AA 220 57.16 -71.40 -38.42
CA ASP AA 220 56.15 -70.94 -37.46
C ASP AA 220 54.75 -71.10 -38.04
N VAL AA 221 54.52 -70.61 -39.26
CA VAL AA 221 53.26 -70.88 -39.95
C VAL AA 221 53.10 -72.37 -40.17
N PHE AA 222 54.18 -73.07 -40.55
CA PHE AA 222 54.09 -74.51 -40.79
C PHE AA 222 53.41 -75.19 -39.61
N GLN AA 223 53.74 -74.75 -38.39
CA GLN AA 223 53.06 -75.24 -37.20
C GLN AA 223 51.61 -74.76 -37.13
N ALA AA 224 51.28 -73.63 -37.77
CA ALA AA 224 49.92 -73.09 -37.68
C ALA AA 224 48.94 -73.88 -38.54
N ALA AA 225 49.22 -73.99 -39.84
CA ALA AA 225 48.40 -74.81 -40.73
C ALA AA 225 48.20 -76.21 -40.18
N ALA AA 226 49.24 -76.76 -39.55
CA ALA AA 226 49.15 -78.11 -39.00
C ALA AA 226 48.30 -78.13 -37.73
N ARG AA 227 48.57 -77.21 -36.80
CA ARG AA 227 47.68 -77.05 -35.65
C ARG AA 227 46.23 -76.90 -36.07
N ALA AA 228 45.99 -76.30 -37.24
CA ALA AA 228 44.63 -75.95 -37.64
C ALA AA 228 43.85 -77.15 -38.16
N GLU AA 229 44.50 -78.03 -38.94
CA GLU AA 229 43.84 -79.24 -39.41
C GLU AA 229 43.59 -80.21 -38.27
N GLU AA 230 44.62 -80.49 -37.48
CA GLU AA 230 44.51 -81.42 -36.36
C GLU AA 230 43.68 -80.86 -35.22
N ALA AA 231 43.44 -79.55 -35.20
CA ALA AA 231 42.35 -79.04 -34.38
C ALA AA 231 41.00 -79.29 -35.02
N GLY AA 232 40.98 -79.60 -36.32
CA GLY AA 232 39.78 -80.07 -36.99
C GLY AA 232 38.64 -79.08 -37.08
N LYS AA 233 38.83 -78.01 -37.86
CA LYS AA 233 37.70 -77.16 -38.24
C LYS AA 233 37.83 -76.62 -39.67
N GLY AA 234 38.76 -77.13 -40.48
CA GLY AA 234 38.85 -76.77 -41.88
C GLY AA 234 39.59 -75.48 -42.14
N ILE AA 235 40.68 -75.26 -41.39
CA ILE AA 235 41.32 -73.95 -41.35
C ILE AA 235 42.58 -73.96 -42.21
N ASP AA 236 42.40 -73.87 -43.52
CA ASP AA 236 43.50 -74.03 -44.48
C ASP AA 236 44.44 -72.83 -44.36
N ILE AA 237 45.58 -73.04 -43.71
CA ILE AA 237 46.64 -72.04 -43.64
C ILE AA 237 47.71 -72.40 -44.66
N GLN AA 238 48.21 -71.39 -45.37
CA GLN AA 238 49.28 -71.57 -46.34
C GLN AA 238 50.32 -70.48 -46.13
N TYR AA 239 51.55 -70.79 -46.52
CA TYR AA 239 52.69 -69.93 -46.30
C TYR AA 239 53.33 -69.62 -47.65
N VAL AA 240 53.37 -68.36 -48.03
CA VAL AA 240 53.83 -67.97 -49.36
C VAL AA 240 55.01 -67.02 -49.21
N ILE AA 241 56.11 -67.37 -49.87
CA ILE AA 241 57.30 -66.52 -49.98
C ILE AA 241 57.07 -65.59 -51.17
N PRO AA 242 56.97 -64.29 -50.95
CA PRO AA 242 56.52 -63.38 -52.00
C PRO AA 242 57.45 -63.36 -53.20
N LYS AA 243 56.96 -62.73 -54.26
CA LYS AA 243 57.72 -62.57 -55.50
C LYS AA 243 58.87 -61.58 -55.35
N GLU AA 244 58.72 -60.56 -54.50
CA GLU AA 244 59.78 -59.59 -54.28
C GLU AA 244 60.91 -60.17 -53.43
N GLY AA 245 60.65 -61.26 -52.74
CA GLY AA 245 61.63 -61.84 -51.83
C GLY AA 245 61.24 -61.63 -50.38
N ALA AA 246 62.08 -62.16 -49.52
CA ALA AA 246 61.82 -62.22 -48.08
C ALA AA 246 63.13 -62.65 -47.41
N ASN AA 247 63.09 -62.73 -46.09
CA ASN AA 247 64.31 -62.88 -45.30
C ASN AA 247 64.71 -64.35 -45.20
N LEU AA 248 66.01 -64.61 -45.34
CA LEU AA 248 66.57 -65.94 -45.09
C LEU AA 248 67.57 -65.82 -43.95
N TRP AA 249 67.20 -66.35 -42.79
CA TRP AA 249 68.00 -66.27 -41.59
C TRP AA 249 68.44 -67.65 -41.15
N PHE AA 250 69.27 -67.64 -40.11
CA PHE AA 250 69.87 -68.81 -39.51
C PHE AA 250 69.91 -68.55 -38.02
N ASP AA 251 69.60 -69.55 -37.20
CA ASP AA 251 69.68 -69.40 -35.75
C ASP AA 251 70.74 -70.34 -35.19
N LEU AA 252 71.51 -69.84 -34.22
CA LEU AA 252 72.68 -70.56 -33.74
C LEU AA 252 72.71 -70.52 -32.23
N MET AA 253 73.51 -71.40 -31.64
CA MET AA 253 73.66 -71.47 -30.19
C MET AA 253 75.07 -71.05 -29.81
N ALA AA 254 75.18 -70.35 -28.68
CA ALA AA 254 76.49 -69.88 -28.26
C ALA AA 254 76.51 -69.75 -26.75
N ILE AA 255 77.66 -70.07 -26.17
CA ILE AA 255 77.84 -70.10 -24.72
C ILE AA 255 78.36 -68.74 -24.29
N PRO AA 256 77.59 -67.96 -23.53
CA PRO AA 256 78.03 -66.60 -23.18
C PRO AA 256 79.31 -66.62 -22.36
N ALA AA 257 79.83 -65.42 -22.13
CA ALA AA 257 81.10 -65.29 -21.41
C ALA AA 257 80.97 -65.74 -19.96
N ASP AA 258 79.94 -65.24 -19.26
CA ASP AA 258 79.72 -65.59 -17.86
C ASP AA 258 78.91 -66.90 -17.76
N ALA AA 259 79.46 -67.96 -18.35
CA ALA AA 259 78.78 -69.25 -18.41
C ALA AA 259 79.49 -70.21 -17.47
N LYS AA 260 78.84 -70.49 -16.33
CA LYS AA 260 79.36 -71.45 -15.36
C LYS AA 260 78.99 -72.88 -15.71
N ALA AA 261 77.77 -73.12 -16.20
CA ALA AA 261 77.39 -74.41 -16.77
C ALA AA 261 77.82 -74.45 -18.24
N ALA AA 262 79.14 -74.53 -18.43
CA ALA AA 262 79.74 -74.48 -19.76
C ALA AA 262 80.05 -75.88 -20.30
N ASP AA 263 80.92 -76.63 -19.61
CA ASP AA 263 81.32 -77.95 -20.10
C ASP AA 263 80.13 -78.89 -20.28
N ASN AA 264 79.12 -78.80 -19.42
CA ASN AA 264 77.95 -79.65 -19.65
C ASN AA 264 77.04 -79.06 -20.70
N ALA AA 265 77.03 -77.74 -20.86
CA ALA AA 265 76.34 -77.14 -22.00
C ALA AA 265 76.93 -77.64 -23.31
N TYR AA 266 78.22 -77.95 -23.33
CA TYR AA 266 78.81 -78.62 -24.47
C TYR AA 266 78.10 -79.92 -24.78
N ALA AA 267 77.86 -80.74 -23.75
CA ALA AA 267 77.22 -82.04 -23.95
C ALA AA 267 75.81 -81.91 -24.52
N PHE AA 268 75.14 -80.78 -24.31
CA PHE AA 268 73.81 -80.59 -24.86
C PHE AA 268 73.88 -80.15 -26.33
N ILE AA 269 74.75 -79.18 -26.64
CA ILE AA 269 74.96 -78.79 -28.02
C ILE AA 269 75.56 -79.93 -28.83
N ASP AA 270 76.29 -80.85 -28.19
CA ASP AA 270 76.76 -82.03 -28.88
C ASP AA 270 75.65 -83.05 -29.10
N TYR AA 271 74.66 -83.09 -28.20
CA TYR AA 271 73.55 -84.03 -28.36
C TYR AA 271 72.65 -83.61 -29.51
N LEU AA 272 72.43 -82.31 -29.67
CA LEU AA 272 71.64 -81.83 -30.79
C LEU AA 272 72.32 -82.11 -32.12
N LEU AA 273 73.66 -82.04 -32.16
CA LEU AA 273 74.37 -82.29 -33.41
C LEU AA 273 74.31 -83.76 -33.82
N ARG AA 274 73.61 -84.59 -33.06
CA ARG AA 274 73.26 -85.92 -33.52
C ARG AA 274 72.21 -85.82 -34.62
N PRO AA 275 72.27 -86.68 -35.64
CA PRO AA 275 71.25 -86.66 -36.69
C PRO AA 275 69.86 -86.96 -36.13
N GLU AA 276 69.70 -88.20 -35.67
CA GLU AA 276 68.56 -88.71 -34.92
C GLU AA 276 67.87 -87.63 -34.08
N VAL AA 277 68.68 -86.89 -33.32
CA VAL AA 277 68.13 -85.94 -32.35
C VAL AA 277 67.50 -84.75 -33.06
N ILE AA 278 68.28 -84.07 -33.92
CA ILE AA 278 67.75 -82.87 -34.57
C ILE AA 278 66.68 -83.25 -35.59
N ALA AA 279 66.70 -84.48 -36.08
CA ALA AA 279 65.61 -84.96 -36.93
C ALA AA 279 64.29 -84.87 -36.17
N LYS AA 280 64.29 -85.28 -34.90
CA LYS AA 280 63.08 -85.21 -34.09
C LYS AA 280 62.66 -83.76 -33.82
N VAL AA 281 63.62 -82.84 -33.67
CA VAL AA 281 63.27 -81.45 -33.44
C VAL AA 281 62.58 -80.87 -34.66
N SER AA 282 63.13 -81.12 -35.85
CA SER AA 282 62.51 -80.63 -37.08
C SER AA 282 61.13 -81.25 -37.31
N ASP AA 283 60.99 -82.56 -37.05
CA ASP AA 283 59.72 -83.27 -37.23
C ASP AA 283 58.58 -82.63 -36.43
N TYR AA 284 58.90 -81.62 -35.64
CA TYR AA 284 57.93 -80.99 -34.76
C TYR AA 284 57.77 -79.50 -35.03
N VAL AA 285 58.87 -78.74 -35.06
CA VAL AA 285 58.73 -77.29 -35.19
C VAL AA 285 58.65 -76.85 -36.64
N GLY AA 286 59.01 -77.71 -37.59
CA GLY AA 286 58.90 -77.37 -38.99
C GLY AA 286 60.00 -76.47 -39.51
N TYR AA 287 61.19 -76.53 -38.93
CA TYR AA 287 62.34 -75.76 -39.39
C TYR AA 287 63.45 -76.69 -39.88
N ALA AA 288 64.25 -76.18 -40.81
CA ALA AA 288 65.32 -76.97 -41.40
C ALA AA 288 66.50 -77.02 -40.44
N ASN AA 289 66.93 -78.24 -40.10
CA ASN AA 289 68.12 -78.37 -39.26
C ASN AA 289 69.36 -78.02 -40.09
N ALA AA 290 70.51 -78.52 -39.65
CA ALA AA 290 71.77 -78.27 -40.35
C ALA AA 290 72.60 -79.54 -40.44
N ILE AA 291 71.95 -80.70 -40.37
CA ILE AA 291 72.64 -81.99 -40.43
C ILE AA 291 72.22 -82.71 -41.71
N PRO AA 292 73.09 -82.80 -42.72
CA PRO AA 292 72.70 -83.44 -43.99
C PRO AA 292 72.31 -84.91 -43.86
N GLY AA 293 72.61 -85.55 -42.73
CA GLY AA 293 72.16 -86.91 -42.50
C GLY AA 293 70.84 -87.04 -41.78
N ALA AA 294 70.27 -85.93 -41.32
CA ALA AA 294 69.02 -85.97 -40.58
C ALA AA 294 67.79 -85.98 -41.47
N ARG AA 295 67.92 -85.57 -42.74
CA ARG AA 295 66.82 -85.63 -43.69
C ARG AA 295 66.31 -87.04 -43.96
N PRO AA 296 67.15 -88.04 -44.27
CA PRO AA 296 66.61 -89.38 -44.54
C PRO AA 296 65.77 -89.91 -43.40
N LEU AA 297 65.79 -89.23 -42.24
CA LEU AA 297 65.18 -89.65 -41.00
C LEU AA 297 63.94 -88.85 -40.61
N MET AA 298 63.66 -87.75 -41.29
CA MET AA 298 62.59 -86.84 -40.90
C MET AA 298 61.31 -87.14 -41.65
N ASP AA 299 60.20 -86.93 -40.95
CA ASP AA 299 58.86 -86.95 -41.55
C ASP AA 299 58.89 -86.26 -42.90
N LYS AA 300 58.57 -87.01 -43.95
CA LYS AA 300 58.55 -86.46 -45.30
C LYS AA 300 57.75 -85.18 -45.39
N SER AA 301 56.80 -84.98 -44.46
CA SER AA 301 56.05 -83.73 -44.40
C SER AA 301 56.95 -82.53 -44.14
N VAL AA 302 58.12 -82.74 -43.54
CA VAL AA 302 59.05 -81.67 -43.27
C VAL AA 302 60.30 -81.78 -44.14
N SER AA 303 60.80 -83.00 -44.34
CA SER AA 303 62.02 -83.18 -45.11
C SER AA 303 61.85 -82.79 -46.58
N ASP AA 304 60.61 -82.72 -47.07
CA ASP AA 304 60.35 -82.40 -48.47
C ASP AA 304 59.75 -81.03 -48.68
N SER AA 305 58.87 -80.57 -47.80
CA SER AA 305 58.14 -79.31 -47.97
C SER AA 305 59.05 -78.18 -48.46
N GLU AA 306 58.81 -77.72 -49.70
CA GLU AA 306 59.60 -76.63 -50.27
C GLU AA 306 59.61 -75.38 -49.40
N GLU AA 307 58.64 -75.23 -48.49
CA GLU AA 307 58.61 -74.07 -47.60
C GLU AA 307 59.61 -74.18 -46.46
N VAL AA 308 59.97 -75.40 -46.06
CA VAL AA 308 60.92 -75.63 -44.98
C VAL AA 308 62.34 -75.77 -45.50
N TYR AA 309 62.49 -76.46 -46.63
CA TYR AA 309 63.77 -76.73 -47.28
C TYR AA 309 63.67 -76.13 -48.68
N PRO AA 310 64.02 -74.85 -48.84
CA PRO AA 310 63.73 -74.20 -50.12
C PRO AA 310 64.60 -74.77 -51.23
N PRO AA 311 64.13 -74.73 -52.47
CA PRO AA 311 64.97 -75.11 -53.61
C PRO AA 311 65.85 -73.96 -54.03
N GLN AA 312 66.81 -74.26 -54.92
CA GLN AA 312 67.87 -73.30 -55.19
C GLN AA 312 67.31 -72.00 -55.78
N ALA AA 313 66.34 -72.10 -56.68
CA ALA AA 313 65.78 -70.91 -57.33
C ALA AA 313 65.01 -70.02 -56.36
N VAL AA 314 64.62 -70.55 -55.20
CA VAL AA 314 63.90 -69.75 -54.21
C VAL AA 314 64.86 -69.08 -53.23
N LEU AA 315 66.00 -69.73 -52.94
CA LEU AA 315 67.04 -69.15 -52.11
C LEU AA 315 67.65 -67.90 -52.71
N ASP AA 316 67.69 -67.79 -54.05
CA ASP AA 316 68.45 -66.74 -54.71
C ASP AA 316 67.73 -65.39 -54.67
N LYS AA 317 66.40 -65.38 -54.72
CA LYS AA 317 65.65 -64.13 -54.61
C LYS AA 317 65.36 -63.76 -53.16
N LEU AA 318 66.03 -64.39 -52.20
CA LEU AA 318 65.90 -64.02 -50.80
C LEU AA 318 67.21 -63.42 -50.30
N TYR AA 319 67.09 -62.51 -49.34
CA TYR AA 319 68.20 -61.73 -48.82
C TYR AA 319 68.56 -62.23 -47.43
N VAL AA 320 69.86 -62.20 -47.13
CA VAL AA 320 70.39 -62.59 -45.82
C VAL AA 320 70.80 -61.32 -45.11
N SER AA 321 70.18 -61.09 -43.94
CA SER AA 321 70.50 -59.90 -43.15
C SER AA 321 71.98 -59.84 -42.83
N ALA AA 322 72.57 -58.67 -43.07
CA ALA AA 322 73.98 -58.44 -42.80
C ALA AA 322 74.15 -57.57 -41.56
N VAL AA 323 75.33 -57.65 -40.96
CA VAL AA 323 75.60 -57.00 -39.69
C VAL AA 323 75.54 -55.49 -39.85
N LEU AA 324 74.41 -54.90 -39.49
CA LEU AA 324 74.22 -53.47 -39.72
C LEU AA 324 75.14 -52.63 -38.82
N PRO AA 325 75.53 -51.45 -39.29
CA PRO AA 325 76.27 -50.52 -38.44
C PRO AA 325 75.33 -49.88 -37.43
N ALA AA 326 75.87 -49.60 -36.23
CA ALA AA 326 75.08 -48.98 -35.17
C ALA AA 326 74.38 -47.72 -35.66
N LYS AA 327 74.91 -47.10 -36.70
CA LYS AA 327 74.35 -45.84 -37.17
C LYS AA 327 72.87 -45.98 -37.55
N VAL AA 328 72.55 -47.03 -38.31
CA VAL AA 328 71.17 -47.22 -38.77
C VAL AA 328 70.37 -48.09 -37.80
N LEU AA 329 71.03 -49.02 -37.11
CA LEU AA 329 70.36 -49.81 -36.07
C LEU AA 329 69.76 -48.92 -35.01
N ARG AA 330 70.16 -47.65 -35.01
CA ARG AA 330 69.51 -46.63 -34.20
C ARG AA 330 68.35 -45.98 -34.94
N LEU AA 331 68.44 -45.83 -36.26
CA LEU AA 331 67.30 -45.35 -37.04
C LEU AA 331 66.20 -46.41 -37.10
N GLN AA 332 66.56 -47.64 -37.47
CA GLN AA 332 65.75 -48.85 -37.31
C GLN AA 332 64.92 -48.85 -36.04
N THR AA 333 65.57 -48.64 -34.90
CA THR AA 333 64.90 -48.70 -33.61
C THR AA 333 64.10 -47.43 -33.32
N ARG AA 334 64.46 -46.32 -33.95
CA ARG AA 334 63.80 -45.05 -33.68
C ARG AA 334 62.50 -44.94 -34.47
N THR AA 335 62.54 -45.27 -35.78
CA THR AA 335 61.33 -45.26 -36.59
C THR AA 335 60.34 -46.35 -36.16
N TRP AA 336 60.85 -47.53 -35.80
CA TRP AA 336 59.93 -48.58 -35.33
C TRP AA 336 59.10 -48.06 -34.15
N THR AA 337 59.76 -47.32 -33.25
CA THR AA 337 59.12 -46.82 -32.03
C THR AA 337 58.04 -45.77 -32.30
N ARG AA 338 58.20 -44.98 -33.37
CA ARG AA 338 57.20 -43.96 -33.70
C ARG AA 338 56.08 -44.50 -34.58
N ILE AA 339 56.32 -45.57 -35.34
CA ILE AA 339 55.25 -46.35 -35.94
C ILE AA 339 54.38 -46.98 -34.85
N LYS AA 340 54.86 -46.95 -33.60
CA LYS AA 340 54.09 -47.29 -32.39
C LYS AA 340 53.18 -48.50 -32.53
N GLN BA 3 78.83 -102.77 -54.40
CA GLN BA 3 78.30 -101.45 -54.11
C GLN BA 3 76.91 -101.57 -53.50
N VAL BA 4 76.36 -100.43 -53.08
CA VAL BA 4 74.93 -100.24 -52.82
C VAL BA 4 74.05 -101.07 -53.75
N GLN BA 5 73.03 -101.69 -53.17
CA GLN BA 5 72.33 -102.85 -53.71
C GLN BA 5 71.42 -103.41 -52.64
N LEU BA 6 70.15 -103.68 -52.97
CA LEU BA 6 69.24 -104.27 -51.98
C LEU BA 6 68.81 -105.64 -52.48
N VAL BA 7 69.21 -106.70 -51.78
CA VAL BA 7 68.99 -108.08 -52.22
C VAL BA 7 67.68 -108.57 -51.64
N GLU BA 8 66.69 -108.83 -52.51
CA GLU BA 8 65.38 -109.22 -52.04
C GLU BA 8 65.39 -110.70 -51.66
N THR BA 9 64.37 -111.10 -50.89
CA THR BA 9 64.03 -112.50 -50.70
C THR BA 9 63.93 -113.25 -52.02
N GLY BA 10 64.02 -114.57 -51.96
CA GLY BA 10 63.50 -115.43 -53.00
C GLY BA 10 62.03 -115.18 -53.22
N ASP BA 11 61.23 -116.23 -53.35
CA ASP BA 11 59.91 -116.03 -53.92
C ASP BA 11 58.88 -116.94 -53.27
N GLU BA 12 57.82 -116.34 -52.74
CA GLU BA 12 56.71 -117.04 -52.12
C GLU BA 12 55.51 -117.00 -53.06
N VAL BA 13 54.44 -117.70 -52.65
CA VAL BA 13 53.18 -117.82 -53.39
C VAL BA 13 52.15 -118.41 -52.43
N LYS BA 14 50.98 -117.80 -52.33
CA LYS BA 14 49.99 -118.35 -51.36
C LYS BA 14 48.58 -117.84 -51.68
N THR BA 15 47.63 -117.97 -50.75
CA THR BA 15 46.24 -117.47 -50.98
C THR BA 15 45.61 -117.01 -49.67
N PRO BA 16 44.37 -116.48 -49.72
CA PRO BA 16 43.61 -115.88 -48.62
C PRO BA 16 44.06 -116.20 -47.19
N GLY BA 17 44.52 -115.17 -46.47
CA GLY BA 17 45.12 -115.34 -45.15
C GLY BA 17 46.60 -115.24 -45.46
N ALA BA 18 46.87 -114.43 -46.48
CA ALA BA 18 48.27 -114.31 -46.97
C ALA BA 18 49.31 -114.66 -45.91
N SER BA 19 49.53 -113.73 -44.98
CA SER BA 19 50.67 -113.92 -44.09
C SER BA 19 51.83 -114.16 -45.03
N VAL BA 20 52.68 -113.17 -45.26
CA VAL BA 20 53.85 -113.38 -46.16
C VAL BA 20 54.95 -112.44 -45.72
N LYS BA 21 56.19 -112.91 -45.64
CA LYS BA 21 57.25 -111.98 -45.20
C LYS BA 21 58.32 -111.91 -46.29
N VAL BA 22 58.52 -110.73 -46.86
CA VAL BA 22 59.52 -110.52 -47.93
C VAL BA 22 60.78 -109.94 -47.32
N SER BA 23 61.87 -110.70 -47.30
CA SER BA 23 63.14 -110.22 -46.70
C SER BA 23 63.84 -109.30 -47.69
N CYS BA 24 64.79 -108.50 -47.22
CA CYS BA 24 65.50 -107.59 -48.12
C CYS BA 24 66.84 -107.16 -47.51
N LYS BA 25 67.95 -107.61 -48.11
CA LYS BA 25 69.30 -107.47 -47.56
C LYS BA 25 69.95 -106.22 -48.18
N VAL BA 26 71.13 -105.85 -47.71
CA VAL BA 26 71.61 -104.52 -48.08
C VAL BA 26 73.13 -104.48 -47.99
N SER BA 27 73.74 -103.74 -48.93
CA SER BA 27 75.19 -103.74 -49.11
C SER BA 27 75.69 -102.33 -49.37
N GLY BA 28 76.95 -102.08 -48.99
CA GLY BA 28 77.73 -100.95 -49.46
C GLY BA 28 77.39 -99.59 -48.89
N TYR BA 29 76.47 -99.49 -47.93
CA TYR BA 29 76.18 -98.19 -47.34
C TYR BA 29 75.76 -98.36 -45.89
N THR BA 30 76.19 -97.41 -45.05
CA THR BA 30 75.80 -97.38 -43.64
C THR BA 30 74.28 -97.45 -43.52
N PHE BA 31 73.78 -98.70 -43.48
CA PHE BA 31 72.35 -99.00 -43.51
C PHE BA 31 71.50 -98.09 -42.64
N THR BA 32 71.88 -97.93 -41.37
CA THR BA 32 71.06 -97.26 -40.37
C THR BA 32 70.83 -95.77 -40.67
N SER BA 33 71.43 -95.23 -41.73
CA SER BA 33 71.41 -93.80 -41.98
C SER BA 33 70.46 -93.39 -43.09
N TYR BA 34 69.85 -94.33 -43.79
CA TYR BA 34 68.80 -94.03 -44.76
C TYR BA 34 67.58 -94.90 -44.48
N GLY BA 35 66.41 -94.28 -44.55
CA GLY BA 35 65.14 -94.98 -44.47
C GLY BA 35 64.98 -95.98 -45.58
N ILE BA 36 63.94 -96.80 -45.53
CA ILE BA 36 63.69 -97.80 -46.57
C ILE BA 36 62.20 -97.89 -46.86
N SER BA 37 61.88 -97.99 -48.14
CA SER BA 37 60.51 -97.91 -48.64
C SER BA 37 60.15 -99.16 -49.42
N TRP BA 38 58.87 -99.48 -49.40
CA TRP BA 38 58.31 -100.60 -50.16
C TRP BA 38 57.30 -100.08 -51.15
N VAL BA 39 57.47 -100.41 -52.43
CA VAL BA 39 56.54 -100.04 -53.49
C VAL BA 39 55.98 -101.30 -54.11
N ARG BA 40 54.68 -101.27 -54.45
CA ARG BA 40 54.08 -102.42 -55.08
C ARG BA 40 54.02 -102.17 -56.59
N GLN BA 41 53.16 -102.90 -57.31
CA GLN BA 41 53.01 -102.93 -58.76
C GLN BA 41 52.43 -104.27 -59.15
N ALA BA 42 51.13 -104.31 -59.40
CA ALA BA 42 50.47 -105.50 -59.92
C ALA BA 42 50.95 -105.80 -61.34
N PRO BA 43 50.64 -107.02 -61.89
CA PRO BA 43 51.06 -107.33 -63.27
C PRO BA 43 50.50 -106.37 -64.30
N GLY BA 44 51.36 -105.53 -64.87
CA GLY BA 44 50.94 -104.54 -65.84
C GLY BA 44 50.40 -103.25 -65.28
N GLN BA 45 50.14 -103.18 -63.98
CA GLN BA 45 49.65 -101.96 -63.37
C GLN BA 45 50.80 -101.08 -62.91
N GLY BA 46 50.46 -99.87 -62.46
CA GLY BA 46 51.45 -98.90 -62.06
C GLY BA 46 51.94 -99.10 -60.64
N LEU BA 47 52.92 -98.28 -60.28
CA LEU BA 47 53.58 -98.40 -58.99
C LEU BA 47 52.64 -97.93 -57.88
N GLU BA 48 52.79 -98.51 -56.69
CA GLU BA 48 51.99 -98.12 -55.54
C GLU BA 48 52.81 -98.15 -54.27
N TRP BA 49 52.72 -97.06 -53.52
CA TRP BA 49 53.47 -96.89 -52.29
C TRP BA 49 52.88 -97.74 -51.19
N MET BA 50 53.70 -98.63 -50.62
CA MET BA 50 53.26 -99.47 -49.50
C MET BA 50 53.60 -98.86 -48.14
N GLY BA 51 54.86 -98.51 -47.88
CA GLY BA 51 55.21 -98.01 -46.57
C GLY BA 51 56.66 -97.58 -46.48
N TRP BA 52 56.97 -96.93 -45.36
CA TRP BA 52 58.28 -96.35 -45.08
C TRP BA 52 58.71 -96.76 -43.67
N ILE BA 53 59.94 -97.27 -43.54
CA ILE BA 53 60.50 -97.57 -42.23
C ILE BA 53 61.76 -96.75 -42.03
N ASN BA 54 61.96 -96.27 -40.81
CA ASN BA 54 63.20 -95.65 -40.39
C ASN BA 54 64.06 -96.72 -39.71
N PRO BA 55 65.14 -97.19 -40.33
CA PRO BA 55 65.91 -98.27 -39.69
C PRO BA 55 66.63 -97.84 -38.41
N ASN BA 56 67.15 -96.61 -38.37
CA ASN BA 56 67.82 -96.12 -37.16
C ASN BA 56 67.00 -96.39 -35.91
N SER BA 57 65.77 -95.89 -35.90
CA SER BA 57 64.90 -96.04 -34.73
C SER BA 57 63.93 -97.21 -34.87
N GLY BA 58 63.39 -97.44 -36.06
CA GLY BA 58 62.32 -98.39 -36.23
C GLY BA 58 60.97 -97.76 -36.54
N GLY BA 59 60.92 -96.43 -36.67
CA GLY BA 59 59.66 -95.78 -36.97
C GLY BA 59 59.07 -96.24 -38.29
N THR BA 60 57.74 -96.31 -38.32
CA THR BA 60 57.02 -96.86 -39.46
C THR BA 60 55.93 -95.90 -39.91
N ASN BA 61 55.80 -95.76 -41.24
CA ASN BA 61 54.76 -94.94 -41.85
C ASN BA 61 54.08 -95.76 -42.94
N TYR BA 62 52.83 -96.14 -42.67
CA TYR BA 62 52.03 -96.94 -43.58
C TYR BA 62 51.09 -96.04 -44.37
N ALA BA 63 50.81 -96.45 -45.60
CA ALA BA 63 49.73 -95.84 -46.35
C ALA BA 63 48.39 -96.32 -45.80
N GLN BA 64 47.45 -95.38 -45.62
CA GLN BA 64 46.13 -95.68 -45.08
C GLN BA 64 45.39 -96.79 -45.80
N LYS BA 65 45.94 -97.25 -46.93
CA LYS BA 65 45.38 -98.41 -47.62
C LYS BA 65 45.79 -99.71 -46.97
N PHE BA 66 46.90 -99.74 -46.22
CA PHE BA 66 47.39 -100.98 -45.62
C PHE BA 66 47.51 -100.92 -44.10
N GLN BA 67 47.22 -99.78 -43.48
CA GLN BA 67 47.32 -99.65 -42.03
C GLN BA 67 46.46 -100.70 -41.35
N GLY BA 68 47.10 -101.56 -40.54
CA GLY BA 68 46.47 -102.69 -39.91
C GLY BA 68 46.85 -104.02 -40.52
N ARG BA 69 47.07 -104.06 -41.83
CA ARG BA 69 47.47 -105.27 -42.56
C ARG BA 69 48.98 -105.41 -42.66
N VAL BA 70 49.68 -104.35 -43.10
CA VAL BA 70 51.10 -104.43 -43.40
C VAL BA 70 51.91 -104.22 -42.13
N THR BA 71 53.06 -104.88 -42.03
CA THR BA 71 53.92 -104.65 -40.87
C THR BA 71 55.39 -104.70 -41.30
N MET BA 72 56.12 -103.65 -40.97
CA MET BA 72 57.46 -103.49 -41.50
C MET BA 72 58.45 -103.41 -40.36
N THR BA 73 59.48 -104.24 -40.44
CA THR BA 73 60.43 -104.32 -39.35
C THR BA 73 61.82 -104.57 -39.91
N ARG BA 74 62.80 -104.39 -39.04
CA ARG BA 74 64.20 -104.32 -39.43
C ARG BA 74 65.08 -105.07 -38.45
N ASP BA 75 66.19 -105.60 -38.96
CA ASP BA 75 67.17 -106.22 -38.08
C ASP BA 75 68.50 -105.52 -38.34
N THR BA 76 68.79 -104.54 -37.47
CA THR BA 76 70.02 -103.75 -37.59
C THR BA 76 71.24 -104.64 -37.49
N SER BA 77 71.17 -105.66 -36.62
CA SER BA 77 72.22 -106.66 -36.52
C SER BA 77 72.56 -107.34 -37.85
N ILE BA 78 71.70 -107.25 -38.85
CA ILE BA 78 71.86 -108.09 -40.03
C ILE BA 78 71.66 -107.30 -41.32
N SER BA 79 71.32 -106.02 -41.20
CA SER BA 79 71.12 -105.14 -42.35
C SER BA 79 70.01 -105.66 -43.25
N THR BA 80 68.78 -105.66 -42.73
CA THR BA 80 67.66 -106.21 -43.47
C THR BA 80 66.39 -105.47 -43.11
N ALA BA 81 65.52 -105.29 -44.11
CA ALA BA 81 64.18 -104.79 -43.87
C ALA BA 81 63.16 -105.88 -44.21
N TYR BA 82 62.05 -105.88 -43.48
CA TYR BA 82 61.03 -106.88 -43.63
C TYR BA 82 59.69 -106.20 -43.87
N MET BA 83 58.71 -107.04 -44.18
CA MET BA 83 57.40 -106.58 -44.64
C MET BA 83 56.33 -107.61 -44.32
N GLU BA 84 55.32 -107.27 -43.48
CA GLU BA 84 54.17 -108.17 -43.25
C GLU BA 84 52.79 -107.52 -43.45
N LEU BA 85 52.37 -107.41 -44.72
CA LEU BA 85 50.97 -107.67 -45.09
C LEU BA 85 50.59 -109.04 -44.60
N SER BA 86 49.46 -109.12 -43.88
CA SER BA 86 48.92 -110.36 -43.29
C SER BA 86 47.41 -110.29 -43.47
N ARG BA 87 46.95 -110.73 -44.65
CA ARG BA 87 45.55 -111.02 -45.01
C ARG BA 87 45.34 -111.06 -46.51
N LEU BA 88 46.19 -111.78 -47.24
CA LEU BA 88 46.32 -111.57 -48.67
C LEU BA 88 44.97 -111.78 -49.35
N ARG BA 89 44.44 -110.74 -49.98
CA ARG BA 89 43.31 -110.93 -50.87
C ARG BA 89 43.86 -111.22 -52.27
N SER BA 90 43.00 -111.26 -53.28
CA SER BA 90 43.40 -111.73 -54.60
C SER BA 90 44.08 -110.60 -55.36
N ASP BA 91 43.42 -109.44 -55.34
CA ASP BA 91 43.95 -108.09 -55.23
C ASP BA 91 45.46 -107.91 -55.09
N ASP BA 92 46.14 -108.74 -54.31
CA ASP BA 92 47.52 -108.47 -53.90
C ASP BA 92 48.59 -109.12 -54.77
N THR BA 93 48.26 -109.67 -55.93
CA THR BA 93 49.33 -110.20 -56.77
C THR BA 93 50.16 -109.06 -57.35
N ALA BA 94 51.47 -109.10 -57.11
CA ALA BA 94 52.38 -108.01 -57.49
C ALA BA 94 53.86 -108.26 -57.23
N VAL BA 95 54.73 -107.54 -57.94
CA VAL BA 95 56.13 -107.45 -57.53
C VAL BA 95 56.24 -106.49 -56.35
N TYR BA 96 57.02 -106.87 -55.35
CA TYR BA 96 57.13 -106.10 -54.12
C TYR BA 96 58.55 -105.53 -54.04
N TYR BA 97 58.70 -104.26 -54.39
CA TYR BA 97 60.01 -103.64 -54.45
C TYR BA 97 60.42 -103.11 -53.08
N CYS BA 98 61.74 -103.05 -52.87
CA CYS BA 98 62.34 -102.63 -51.60
C CYS BA 98 63.46 -101.66 -51.93
N ALA BA 99 63.24 -100.36 -51.73
CA ALA BA 99 64.14 -99.32 -52.19
C ALA BA 99 64.70 -98.52 -51.01
N ARG BA 100 65.98 -98.15 -51.12
CA ARG BA 100 66.54 -97.19 -50.18
C ARG BA 100 65.89 -95.82 -50.39
N ASP BA 101 65.55 -95.17 -49.28
CA ASP BA 101 64.85 -93.90 -49.32
C ASP BA 101 65.69 -92.83 -48.64
N LYS BA 102 66.43 -92.06 -49.43
CA LYS BA 102 66.93 -90.75 -49.03
C LYS BA 102 66.02 -89.65 -49.53
N ARG BA 103 64.71 -89.89 -49.36
CA ARG BA 103 63.58 -89.11 -49.86
C ARG BA 103 63.26 -89.43 -51.32
N TYR BA 104 64.26 -89.79 -52.10
CA TYR BA 104 64.10 -90.18 -53.50
C TYR BA 104 64.63 -91.61 -53.63
N MET BA 105 63.72 -92.57 -53.63
CA MET BA 105 64.06 -93.98 -53.78
C MET BA 105 64.98 -94.17 -54.97
N ASP BA 106 66.29 -94.06 -54.75
CA ASP BA 106 67.28 -94.16 -55.82
C ASP BA 106 67.63 -95.62 -56.14
N VAL BA 107 68.24 -96.32 -55.21
CA VAL BA 107 68.64 -97.71 -55.42
C VAL BA 107 67.46 -98.60 -55.02
N TRP BA 108 66.79 -99.15 -56.03
CA TRP BA 108 65.68 -100.06 -55.80
C TRP BA 108 66.19 -101.49 -55.68
N GLY BA 109 65.30 -102.35 -55.17
CA GLY BA 109 65.57 -103.78 -55.13
C GLY BA 109 65.21 -104.47 -56.43
N LYS BA 110 65.48 -105.78 -56.46
CA LYS BA 110 65.19 -106.56 -57.66
C LYS BA 110 63.69 -106.70 -57.88
N GLY BA 111 62.99 -107.31 -56.93
CA GLY BA 111 61.55 -107.48 -57.06
C GLY BA 111 61.07 -108.89 -56.76
N THR BA 112 60.42 -109.06 -55.62
CA THR BA 112 59.85 -110.34 -55.21
C THR BA 112 58.39 -110.40 -55.63
N THR BA 113 57.95 -111.58 -56.08
CA THR BA 113 56.70 -111.74 -56.82
C THR BA 113 55.73 -112.58 -56.00
N VAL BA 114 54.73 -111.94 -55.38
CA VAL BA 114 53.74 -112.61 -54.56
C VAL BA 114 52.50 -112.87 -55.41
N THR BA 115 51.98 -114.11 -55.35
CA THR BA 115 50.93 -114.56 -56.26
C THR BA 115 49.81 -115.19 -55.44
N VAL BA 116 48.63 -114.59 -55.50
CA VAL BA 116 47.45 -115.03 -54.75
C VAL BA 116 46.30 -115.25 -55.73
N SER BA 117 45.86 -116.49 -55.83
CA SER BA 117 44.74 -116.86 -56.69
C SER BA 117 43.77 -117.74 -55.94
N SER BA 118 42.53 -117.76 -56.46
CA SER BA 118 41.36 -118.51 -56.01
C SER BA 118 40.35 -117.59 -55.33
N GLY BA 119 39.14 -118.12 -55.11
CA GLY BA 119 38.05 -117.36 -54.53
C GLY BA 119 36.70 -117.96 -54.85
N VAL BA 136 44.14 -90.83 -58.45
CA VAL BA 136 45.28 -90.58 -57.60
C VAL BA 136 45.74 -89.16 -57.88
N LEU BA 137 46.52 -89.03 -58.96
CA LEU BA 137 46.83 -87.75 -59.57
C LEU BA 137 46.99 -87.99 -61.06
N THR BA 138 46.56 -87.00 -61.86
CA THR BA 138 46.43 -87.21 -63.29
C THR BA 138 47.76 -87.17 -64.01
N GLN BA 139 47.92 -88.06 -64.99
CA GLN BA 139 49.09 -88.20 -65.86
C GLN BA 139 48.68 -88.97 -67.11
N PRO BA 140 49.01 -88.47 -68.30
CA PRO BA 140 48.49 -89.09 -69.51
C PRO BA 140 48.95 -90.53 -69.64
N PRO BA 141 48.12 -91.40 -70.26
CA PRO BA 141 48.40 -92.84 -70.22
C PRO BA 141 49.46 -93.30 -71.20
N SER BA 142 49.71 -92.56 -72.28
CA SER BA 142 50.77 -92.97 -73.20
C SER BA 142 51.15 -91.82 -74.10
N VAL BA 143 52.14 -92.11 -74.94
CA VAL BA 143 52.76 -91.17 -75.85
C VAL BA 143 53.63 -91.96 -76.81
N SER BA 144 53.88 -91.37 -77.98
CA SER BA 144 54.60 -92.01 -79.07
C SER BA 144 55.42 -90.92 -79.75
N GLY BA 145 56.74 -91.11 -79.75
CA GLY BA 145 57.63 -90.20 -80.43
C GLY BA 145 58.55 -90.96 -81.37
N ALA BA 146 58.94 -90.30 -82.45
CA ALA BA 146 59.86 -90.91 -83.38
C ALA BA 146 61.30 -90.81 -82.86
N PRO BA 147 62.17 -91.71 -83.30
CA PRO BA 147 63.58 -91.64 -82.87
C PRO BA 147 64.18 -90.27 -83.15
N GLY BA 148 64.76 -89.66 -82.11
CA GLY BA 148 65.59 -88.49 -82.25
C GLY BA 148 64.99 -87.18 -81.78
N GLN BA 149 63.69 -87.14 -81.53
CA GLN BA 149 62.99 -85.86 -81.39
C GLN BA 149 62.92 -85.31 -79.97
N LYS BA 150 61.69 -84.93 -79.60
CA LYS BA 150 61.37 -84.28 -78.35
C LYS BA 150 60.05 -84.84 -77.84
N VAL BA 151 59.88 -84.95 -76.52
CA VAL BA 151 58.60 -85.33 -75.94
C VAL BA 151 58.50 -84.75 -74.53
N THR BA 152 57.25 -84.59 -74.06
CA THR BA 152 56.94 -84.03 -72.76
C THR BA 152 55.87 -84.88 -72.09
N ILE BA 153 56.13 -85.28 -70.85
CA ILE BA 153 55.18 -86.04 -70.03
C ILE BA 153 54.80 -85.18 -68.83
N SER BA 154 53.53 -84.83 -68.72
CA SER BA 154 53.01 -84.03 -67.63
C SER BA 154 52.23 -84.90 -66.65
N CYS BA 155 51.85 -84.29 -65.53
CA CYS BA 155 51.44 -84.91 -64.28
C CYS BA 155 50.97 -83.85 -63.28
N SER BA 156 49.66 -83.77 -63.05
CA SER BA 156 49.11 -82.72 -62.19
C SER BA 156 48.90 -83.21 -60.76
N GLY BA 157 48.89 -82.26 -59.83
CA GLY BA 157 48.76 -82.57 -58.41
C GLY BA 157 47.71 -81.75 -57.68
N SER BA 158 48.09 -81.21 -56.53
CA SER BA 158 47.17 -80.41 -55.72
C SER BA 158 48.00 -79.50 -54.81
N SER BA 159 47.31 -78.60 -54.13
CA SER BA 159 47.93 -77.64 -53.22
C SER BA 159 48.63 -78.34 -52.07
N SER BA 160 48.80 -79.66 -52.17
CA SER BA 160 49.14 -80.50 -51.03
C SER BA 160 50.29 -81.41 -51.42
N ASN BA 161 50.08 -82.17 -52.50
CA ASN BA 161 51.05 -83.18 -52.93
C ASN BA 161 52.20 -82.56 -53.72
N ILE BA 162 51.98 -82.29 -55.00
CA ILE BA 162 53.03 -81.79 -55.89
C ILE BA 162 53.25 -80.30 -55.70
N GLY BA 163 52.18 -79.53 -55.56
CA GLY BA 163 52.30 -78.10 -55.40
C GLY BA 163 53.07 -77.63 -54.17
N ARG BA 164 53.51 -78.54 -53.29
CA ARG BA 164 54.15 -78.15 -52.04
C ARG BA 164 55.52 -78.81 -51.83
N ASN BA 165 55.60 -80.13 -52.02
CA ASN BA 165 56.80 -80.90 -51.72
C ASN BA 165 57.57 -81.20 -53.00
N TYR BA 166 58.85 -81.55 -52.83
CA TYR BA 166 59.71 -81.88 -53.95
C TYR BA 166 59.13 -83.06 -54.70
N VAL BA 167 59.54 -83.19 -55.97
CA VAL BA 167 58.98 -84.20 -56.85
C VAL BA 167 60.11 -85.02 -57.43
N SER BA 168 59.81 -86.27 -57.74
CA SER BA 168 60.75 -87.19 -58.37
C SER BA 168 60.10 -87.80 -59.60
N TRP BA 169 60.94 -88.21 -60.54
CA TRP BA 169 60.53 -88.98 -61.71
C TRP BA 169 61.31 -90.27 -61.72
N TYR BA 170 60.63 -91.39 -62.00
CA TYR BA 170 61.27 -92.70 -62.01
C TYR BA 170 60.93 -93.40 -63.31
N GLN BA 171 61.94 -93.87 -64.02
CA GLN BA 171 61.76 -94.58 -65.27
C GLN BA 171 61.84 -96.08 -65.04
N GLN BA 172 60.90 -96.82 -65.61
CA GLN BA 172 60.88 -98.28 -65.56
C GLN BA 172 61.07 -98.84 -66.96
N LEU BA 173 62.28 -99.32 -67.26
CA LEU BA 173 62.54 -99.91 -68.56
C LEU BA 173 61.84 -101.26 -68.67
N PRO BA 174 61.59 -101.74 -69.89
CA PRO BA 174 60.85 -103.00 -70.05
C PRO BA 174 61.53 -104.15 -69.32
N GLY BA 175 60.74 -104.89 -68.54
CA GLY BA 175 61.24 -106.07 -67.85
C GLY BA 175 62.01 -105.77 -66.59
N ALA BA 176 62.54 -104.56 -66.47
CA ALA BA 176 63.43 -104.22 -65.38
C ALA BA 176 62.67 -103.52 -64.24
N ALA BA 177 63.34 -103.42 -63.10
CA ALA BA 177 62.81 -102.71 -61.96
C ALA BA 177 62.88 -101.21 -62.20
N PRO BA 178 62.11 -100.41 -61.45
CA PRO BA 178 62.20 -98.96 -61.58
C PRO BA 178 63.60 -98.46 -61.29
N LYS BA 179 63.84 -97.20 -61.70
CA LYS BA 179 65.11 -96.55 -61.51
C LYS BA 179 64.87 -95.09 -61.24
N LEU BA 180 65.67 -94.50 -60.37
CA LEU BA 180 65.59 -93.06 -60.18
C LEU BA 180 65.99 -92.31 -61.44
N LEU BA 181 65.08 -91.48 -61.94
CA LEU BA 181 65.32 -90.64 -63.10
C LEU BA 181 65.65 -89.21 -62.74
N LEU BA 182 64.83 -88.58 -61.90
CA LEU BA 182 65.05 -87.20 -61.48
C LEU BA 182 64.67 -87.08 -60.01
N TYR BA 183 65.44 -86.32 -59.25
CA TYR BA 183 65.12 -86.01 -57.86
C TYR BA 183 65.13 -84.50 -57.65
N ASP BA 184 64.67 -84.08 -56.48
CA ASP BA 184 64.58 -82.67 -56.10
C ASP BA 184 64.01 -81.82 -57.23
N ASN BA 185 62.90 -82.31 -57.78
CA ASN BA 185 62.14 -81.72 -58.89
C ASN BA 185 62.85 -81.85 -60.22
N ASN BA 186 64.09 -81.37 -60.32
CA ASN BA 186 64.74 -81.35 -61.62
C ASN BA 186 66.21 -81.78 -61.62
N LYS BA 187 66.85 -81.97 -60.47
CA LYS BA 187 68.22 -82.46 -60.44
C LYS BA 187 68.24 -83.94 -60.86
N ARG BA 188 69.41 -84.40 -61.33
CA ARG BA 188 69.53 -85.75 -61.87
C ARG BA 188 70.78 -86.46 -61.34
N PRO BA 189 70.66 -87.76 -61.08
CA PRO BA 189 71.84 -88.52 -60.64
C PRO BA 189 72.79 -88.72 -61.80
N SER BA 190 74.08 -88.54 -61.52
CA SER BA 190 75.09 -88.83 -62.53
C SER BA 190 74.95 -90.27 -62.99
N GLY BA 191 75.08 -90.48 -64.31
CA GLY BA 191 74.54 -91.65 -64.96
C GLY BA 191 73.20 -91.42 -65.62
N ILE BA 192 72.67 -90.20 -65.51
CA ILE BA 192 71.47 -89.72 -66.21
C ILE BA 192 71.92 -88.65 -67.20
N PRO BA 193 71.68 -88.83 -68.50
CA PRO BA 193 72.02 -87.78 -69.46
C PRO BA 193 71.17 -86.53 -69.26
N ASP BA 194 71.67 -85.43 -69.80
CA ASP BA 194 71.03 -84.13 -69.62
C ASP BA 194 69.84 -83.90 -70.54
N ARG BA 195 69.57 -84.81 -71.48
CA ARG BA 195 68.35 -84.69 -72.27
C ARG BA 195 67.14 -84.66 -71.36
N PHE BA 196 67.21 -85.40 -70.26
CA PHE BA 196 66.14 -85.51 -69.27
C PHE BA 196 66.20 -84.30 -68.33
N SER BA 197 65.18 -83.44 -68.42
CA SER BA 197 64.97 -82.39 -67.42
C SER BA 197 63.48 -82.09 -67.35
N ALA BA 198 63.02 -81.76 -66.14
CA ALA BA 198 61.62 -81.49 -65.89
C ALA BA 198 61.41 -80.04 -65.50
N SER BA 199 60.19 -79.55 -65.75
CA SER BA 199 59.76 -78.23 -65.33
C SER BA 199 58.93 -78.37 -64.05
N LYS BA 200 58.21 -77.30 -63.68
CA LYS BA 200 57.25 -77.31 -62.59
C LYS BA 200 56.62 -75.94 -62.41
N SER BA 201 55.32 -75.84 -62.69
CA SER BA 201 54.54 -74.65 -62.36
C SER BA 201 53.23 -75.09 -61.68
N GLY BA 202 52.76 -74.26 -60.76
CA GLY BA 202 51.59 -74.58 -59.98
C GLY BA 202 51.76 -75.87 -59.22
N PRO BA 203 50.80 -76.79 -59.38
CA PRO BA 203 50.92 -78.15 -58.81
C PRO BA 203 51.39 -79.21 -59.79
N SER BA 204 51.93 -78.85 -60.95
CA SER BA 204 52.23 -79.79 -62.02
C SER BA 204 53.71 -79.77 -62.32
N THR BA 205 54.28 -80.97 -62.54
CA THR BA 205 55.64 -81.11 -63.05
C THR BA 205 55.58 -81.82 -64.41
N THR BA 206 55.97 -81.09 -65.47
CA THR BA 206 56.34 -81.67 -66.79
C THR BA 206 57.79 -82.11 -66.91
N LEU BA 207 57.96 -83.41 -67.14
CA LEU BA 207 59.21 -83.94 -67.68
C LEU BA 207 59.38 -83.58 -69.15
N ALA BA 208 60.62 -83.59 -69.60
CA ALA BA 208 60.94 -83.45 -71.02
C ALA BA 208 62.21 -84.25 -71.28
N ILE BA 209 62.09 -85.35 -72.03
CA ILE BA 209 63.28 -86.03 -72.54
C ILE BA 209 63.50 -85.48 -73.94
N THR BA 210 64.59 -84.75 -74.13
CA THR BA 210 64.71 -83.95 -75.34
C THR BA 210 65.71 -84.52 -76.34
N GLY BA 211 65.55 -85.79 -76.70
CA GLY BA 211 66.36 -86.40 -77.75
C GLY BA 211 66.10 -87.88 -77.90
N LEU BA 212 64.83 -88.25 -78.12
CA LEU BA 212 64.39 -89.65 -78.00
C LEU BA 212 65.35 -90.58 -78.70
N GLN BA 213 65.58 -91.74 -78.09
CA GLN BA 213 66.28 -92.82 -78.78
C GLN BA 213 65.55 -94.12 -78.56
N THR BA 214 65.73 -95.03 -79.51
CA THR BA 214 65.09 -96.32 -79.44
C THR BA 214 65.29 -97.00 -78.09
N GLY BA 215 66.33 -96.62 -77.35
CA GLY BA 215 66.60 -97.30 -76.09
C GLY BA 215 65.72 -96.82 -74.95
N ASP BA 216 65.65 -95.51 -74.75
CA ASP BA 216 64.97 -95.01 -73.56
C ASP BA 216 63.46 -95.07 -73.74
N GLU BA 217 62.97 -96.21 -74.22
CA GLU BA 217 61.56 -96.51 -74.44
C GLU BA 217 61.05 -97.31 -73.25
N ALA BA 218 60.14 -96.74 -72.46
CA ALA BA 218 59.82 -97.34 -71.18
C ALA BA 218 58.57 -96.70 -70.59
N ASP BA 219 58.34 -96.98 -69.31
CA ASP BA 219 57.34 -96.29 -68.48
C ASP BA 219 58.00 -95.18 -67.68
N TYR BA 220 57.21 -94.16 -67.35
CA TYR BA 220 57.68 -93.02 -66.57
C TYR BA 220 56.63 -92.64 -65.55
N PHE BA 221 57.02 -92.67 -64.27
CA PHE BA 221 56.13 -92.41 -63.15
C PHE BA 221 56.65 -91.22 -62.35
N CYS BA 222 55.77 -90.26 -62.09
CA CYS BA 222 56.01 -89.16 -61.17
C CYS BA 222 55.76 -89.61 -59.73
N GLY BA 223 56.54 -89.06 -58.79
CA GLY BA 223 56.45 -89.54 -57.40
C GLY BA 223 56.55 -88.47 -56.34
N VAL BA 224 55.44 -88.19 -55.67
CA VAL BA 224 55.40 -87.10 -54.70
C VAL BA 224 54.87 -87.64 -53.38
N TRP BA 225 54.75 -86.78 -52.38
CA TRP BA 225 54.32 -87.15 -51.03
C TRP BA 225 53.27 -86.14 -50.56
N ASP BA 226 52.01 -86.53 -50.69
CA ASP BA 226 50.87 -85.70 -50.32
C ASP BA 226 50.86 -85.50 -48.80
N SER BA 227 51.20 -84.29 -48.35
CA SER BA 227 51.41 -84.04 -46.92
C SER BA 227 50.17 -84.29 -46.07
N SER BA 228 48.99 -84.46 -46.65
CA SER BA 228 47.77 -84.74 -45.89
C SER BA 228 47.25 -86.15 -46.04
N LEU BA 229 47.34 -86.76 -47.23
CA LEU BA 229 47.12 -88.20 -47.30
C LEU BA 229 48.24 -88.96 -46.62
N ARG BA 230 49.45 -88.37 -46.58
CA ARG BA 230 50.62 -88.99 -45.99
C ARG BA 230 50.97 -90.29 -46.70
N ALA BA 231 51.60 -90.18 -47.88
CA ALA BA 231 52.00 -91.31 -48.70
C ALA BA 231 52.70 -90.83 -49.96
N VAL BA 232 53.63 -91.62 -50.49
CA VAL BA 232 54.28 -91.31 -51.76
C VAL BA 232 53.31 -91.63 -52.88
N LEU BA 233 52.93 -90.63 -53.67
CA LEU BA 233 51.95 -90.85 -54.71
C LEU BA 233 52.63 -91.06 -56.07
N PHE BA 234 51.89 -91.74 -56.95
CA PHE BA 234 52.35 -92.06 -58.29
C PHE BA 234 51.23 -91.74 -59.26
N GLY BA 235 51.62 -91.35 -60.48
CA GLY BA 235 50.68 -91.17 -61.56
C GLY BA 235 50.72 -92.39 -62.47
N GLY BA 236 49.53 -92.94 -62.72
CA GLY BA 236 49.32 -94.16 -63.49
C GLY BA 236 50.49 -94.69 -64.26
N GLY BA 237 51.14 -93.80 -65.02
CA GLY BA 237 52.30 -94.15 -65.82
C GLY BA 237 52.14 -93.59 -67.22
N THR BA 238 53.25 -93.35 -67.91
CA THR BA 238 53.20 -93.10 -69.33
C THR BA 238 54.14 -94.08 -70.01
N LYS BA 239 53.61 -94.82 -70.96
CA LYS BA 239 54.37 -95.85 -71.68
C LYS BA 239 54.80 -95.25 -73.01
N LEU BA 240 55.99 -94.62 -73.02
CA LEU BA 240 56.73 -94.32 -74.27
C LEU BA 240 57.11 -95.55 -75.11
N THR BA 241 56.88 -95.38 -76.42
CA THR BA 241 57.27 -96.33 -77.44
C THR BA 241 57.85 -95.55 -78.62
N VAL BA 242 59.06 -95.93 -79.01
CA VAL BA 242 59.79 -95.30 -80.09
C VAL BA 242 59.89 -96.27 -81.25
N LEU BA 243 60.17 -95.71 -82.43
CA LEU BA 243 59.90 -96.40 -83.68
C LEU BA 243 60.99 -96.19 -84.74
N SER CA 6 26.02 -64.38 -116.03
CA SER CA 6 25.94 -65.42 -114.99
C SER CA 6 27.31 -65.76 -114.45
N LEU CA 7 27.36 -66.68 -113.49
CA LEU CA 7 28.60 -67.03 -112.83
C LEU CA 7 28.41 -68.30 -112.01
N HIS CA 8 29.37 -69.22 -112.08
CA HIS CA 8 29.33 -70.50 -111.39
C HIS CA 8 30.53 -70.61 -110.45
N ILE CA 9 30.27 -70.95 -109.19
CA ILE CA 9 31.32 -71.11 -108.17
C ILE CA 9 31.31 -72.52 -107.60
N TYR CA 10 32.50 -72.97 -107.19
CA TYR CA 10 32.73 -74.25 -106.54
C TYR CA 10 33.56 -74.02 -105.27
N ASN CA 11 32.90 -73.57 -104.19
CA ASN CA 11 33.56 -73.29 -102.92
C ASN CA 11 33.32 -74.41 -101.90
N TRP CA 12 33.88 -74.25 -100.71
CA TRP CA 12 33.75 -75.25 -99.66
C TRP CA 12 32.43 -75.10 -98.91
N THR CA 13 32.21 -76.04 -98.00
CA THR CA 13 31.09 -75.95 -97.07
C THR CA 13 31.33 -74.82 -96.08
N ASP CA 14 30.23 -74.26 -95.58
CA ASP CA 14 30.23 -73.28 -94.49
C ASP CA 14 31.30 -72.22 -94.70
N TYR CA 15 31.40 -71.71 -95.91
CA TYR CA 15 32.59 -70.97 -96.26
C TYR CA 15 32.18 -69.62 -96.86
N ILE CA 16 31.09 -69.04 -96.35
CA ILE CA 16 30.55 -67.78 -96.87
C ILE CA 16 29.33 -67.34 -96.05
N ALA CA 17 29.23 -66.04 -95.76
CA ALA CA 17 28.02 -65.51 -95.16
C ALA CA 17 26.85 -65.64 -96.14
N PRO CA 18 25.64 -65.94 -95.66
CA PRO CA 18 24.51 -66.14 -96.59
C PRO CA 18 24.26 -64.98 -97.54
N THR CA 19 24.12 -63.77 -96.99
CA THR CA 19 23.75 -62.63 -97.81
C THR CA 19 24.89 -62.15 -98.71
N THR CA 20 26.06 -62.77 -98.64
CA THR CA 20 27.15 -62.42 -99.54
C THR CA 20 26.75 -62.56 -101.00
N LEU CA 21 26.44 -63.79 -101.44
CA LEU CA 21 26.18 -64.04 -102.85
C LEU CA 21 25.02 -63.21 -103.38
N LYS CA 22 23.99 -62.99 -102.56
CA LYS CA 22 22.76 -62.44 -103.11
C LYS CA 22 22.52 -60.97 -102.74
N ASP CA 23 23.56 -60.27 -102.26
CA ASP CA 23 23.61 -58.83 -102.39
C ASP CA 23 24.77 -58.40 -103.28
N PHE CA 24 25.54 -59.35 -103.81
CA PHE CA 24 26.50 -59.09 -104.87
C PHE CA 24 25.80 -59.01 -106.23
N THR CA 25 24.79 -59.85 -106.50
CA THR CA 25 23.93 -59.66 -107.67
C THR CA 25 23.13 -58.35 -107.58
N LYS CA 26 22.97 -57.77 -106.39
CA LYS CA 26 22.16 -56.55 -106.33
C LYS CA 26 22.94 -55.37 -106.89
N GLU CA 27 24.24 -55.34 -106.61
CA GLU CA 27 25.19 -54.34 -107.11
C GLU CA 27 25.86 -54.77 -108.42
N SER CA 28 25.36 -55.80 -109.10
CA SER CA 28 25.96 -56.19 -110.37
C SER CA 28 25.00 -56.71 -111.41
N GLY CA 29 23.94 -57.45 -111.04
CA GLY CA 29 23.11 -58.10 -112.03
C GLY CA 29 23.68 -59.39 -112.57
N ILE CA 30 24.43 -60.14 -111.75
CA ILE CA 30 25.20 -61.30 -112.19
C ILE CA 30 24.81 -62.49 -111.33
N ASP CA 31 23.87 -63.30 -111.82
CA ASP CA 31 23.40 -64.47 -111.08
C ASP CA 31 24.55 -65.42 -110.74
N VAL CA 32 24.60 -65.83 -109.47
CA VAL CA 32 25.60 -66.77 -108.99
C VAL CA 32 24.90 -68.07 -108.60
N SER CA 33 25.36 -69.16 -109.18
CA SER CA 33 24.98 -70.50 -108.73
C SER CA 33 26.16 -71.08 -107.95
N TYR CA 34 25.85 -71.76 -106.85
CA TYR CA 34 26.82 -72.12 -105.83
C TYR CA 34 26.81 -73.63 -105.61
N ASP CA 35 27.95 -74.27 -105.86
CA ASP CA 35 28.11 -75.69 -105.54
C ASP CA 35 29.35 -75.87 -104.67
N VAL CA 36 29.28 -76.85 -103.77
CA VAL CA 36 30.23 -76.97 -102.68
C VAL CA 36 30.89 -78.34 -102.64
N PHE CA 37 31.71 -78.57 -101.61
CA PHE CA 37 32.41 -79.83 -101.41
C PHE CA 37 33.08 -79.78 -100.03
N ASP CA 38 33.35 -80.97 -99.49
CA ASP CA 38 33.89 -81.10 -98.15
C ASP CA 38 35.35 -81.49 -98.12
N SER CA 39 35.95 -81.87 -99.24
CA SER CA 39 37.32 -82.35 -99.20
C SER CA 39 38.12 -81.75 -100.35
N ASN CA 40 39.44 -81.73 -100.15
CA ASN CA 40 40.35 -81.13 -101.09
C ASN CA 40 40.59 -82.04 -102.30
N GLU CA 41 40.26 -83.33 -102.15
CA GLU CA 41 40.39 -84.27 -103.25
C GLU CA 41 39.23 -84.14 -104.23
N THR CA 42 38.02 -83.90 -103.72
CA THR CA 42 36.85 -83.82 -104.59
C THR CA 42 37.03 -82.75 -105.66
N LEU CA 43 37.57 -81.59 -105.27
CA LEU CA 43 37.81 -80.52 -106.24
C LEU CA 43 38.83 -80.92 -107.29
N GLU CA 44 39.97 -81.48 -106.86
CA GLU CA 44 41.02 -81.79 -107.82
C GLU CA 44 40.61 -82.92 -108.75
N GLY CA 45 39.78 -83.84 -108.28
CA GLY CA 45 39.23 -84.85 -109.16
C GLY CA 45 38.35 -84.25 -110.25
N LYS CA 46 37.49 -83.30 -109.88
CA LYS CA 46 36.71 -82.61 -110.90
C LYS CA 46 37.64 -81.86 -111.86
N LEU CA 47 38.69 -81.23 -111.32
CA LEU CA 47 39.53 -80.36 -112.14
C LEU CA 47 40.33 -81.13 -113.17
N VAL CA 48 40.77 -82.35 -112.86
CA VAL CA 48 41.49 -83.16 -113.85
C VAL CA 48 40.55 -83.90 -114.80
N SER CA 49 39.29 -84.13 -114.40
CA SER CA 49 38.24 -84.64 -115.27
C SER CA 49 37.74 -83.62 -116.29
N GLY CA 50 38.57 -82.66 -116.65
CA GLY CA 50 38.53 -81.99 -117.93
C GLY CA 50 37.60 -80.81 -118.11
N HIS CA 51 36.40 -80.87 -117.53
CA HIS CA 51 35.29 -80.13 -118.09
C HIS CA 51 34.38 -79.68 -116.93
N SER CA 52 34.98 -79.12 -115.88
CA SER CA 52 34.25 -78.73 -114.68
C SER CA 52 33.71 -77.31 -114.86
N GLY CA 53 32.39 -77.18 -114.93
CA GLY CA 53 31.75 -76.00 -115.47
C GLY CA 53 31.66 -74.80 -114.56
N TYR CA 54 32.59 -74.70 -113.61
CA TYR CA 54 32.59 -73.64 -112.62
C TYR CA 54 33.55 -72.54 -113.06
N ASP CA 55 33.22 -71.30 -112.75
CA ASP CA 55 34.05 -70.18 -113.16
C ASP CA 55 35.06 -69.78 -112.09
N ILE CA 56 34.82 -70.16 -110.84
CA ILE CA 56 35.74 -69.90 -109.74
C ILE CA 56 35.77 -71.15 -108.87
N VAL CA 57 36.93 -71.80 -108.73
CA VAL CA 57 37.07 -72.89 -107.78
C VAL CA 57 38.14 -72.47 -106.77
N VAL CA 58 38.06 -72.97 -105.53
CA VAL CA 58 38.82 -72.27 -104.49
C VAL CA 58 39.54 -73.36 -103.73
N PRO CA 59 40.71 -73.76 -104.10
CA PRO CA 59 41.40 -74.85 -103.41
C PRO CA 59 42.34 -74.39 -102.32
N SER CA 60 42.84 -75.35 -101.55
CA SER CA 60 43.85 -75.04 -100.55
C SER CA 60 45.16 -74.85 -101.28
N ASN CA 61 45.96 -73.90 -100.81
CA ASN CA 61 47.30 -73.63 -101.33
C ASN CA 61 48.06 -74.92 -101.56
N ASN CA 62 47.79 -75.92 -100.70
CA ASN CA 62 48.46 -77.22 -100.82
C ASN CA 62 48.28 -77.81 -102.20
N PHE CA 63 47.08 -77.73 -102.75
CA PHE CA 63 46.90 -78.30 -104.07
C PHE CA 63 47.21 -77.30 -105.17
N LEU CA 64 46.93 -76.01 -104.92
CA LEU CA 64 47.04 -74.91 -105.88
C LEU CA 64 48.32 -75.01 -106.68
N GLY CA 65 49.38 -75.50 -106.04
CA GLY CA 65 50.61 -75.80 -106.73
C GLY CA 65 50.50 -76.87 -107.79
N LYS CA 66 50.23 -78.12 -107.40
CA LYS CA 66 50.20 -79.19 -108.38
C LYS CA 66 49.09 -79.00 -109.41
N GLN CA 67 48.04 -78.22 -109.11
CA GLN CA 67 47.18 -77.79 -110.23
C GLN CA 67 47.99 -77.11 -111.31
N ILE CA 68 48.39 -75.86 -111.08
CA ILE CA 68 48.82 -74.98 -112.17
C ILE CA 68 49.77 -75.71 -113.10
N GLN CA 69 50.63 -76.56 -112.52
CA GLN CA 69 51.46 -77.52 -113.21
C GLN CA 69 50.67 -78.46 -114.12
N ALA CA 70 49.51 -78.03 -114.62
CA ALA CA 70 48.72 -78.78 -115.60
C ALA CA 70 47.63 -77.90 -116.17
N GLY CA 71 47.91 -76.60 -116.34
CA GLY CA 71 46.98 -75.72 -117.01
C GLY CA 71 45.83 -75.23 -116.16
N ALA CA 72 45.19 -76.15 -115.41
CA ALA CA 72 44.04 -75.92 -114.54
C ALA CA 72 43.46 -74.51 -114.62
N PHE CA 73 44.24 -73.55 -114.16
CA PHE CA 73 43.79 -72.18 -114.05
C PHE CA 73 44.48 -71.30 -115.08
N GLN CA 74 43.76 -70.31 -115.56
CA GLN CA 74 44.38 -69.29 -116.38
C GLN CA 74 45.01 -68.21 -115.51
N LYS CA 75 45.83 -67.37 -116.12
CA LYS CA 75 46.47 -66.31 -115.36
C LYS CA 75 45.59 -65.07 -115.32
N LEU CA 76 45.63 -64.37 -114.20
CA LEU CA 76 44.75 -63.24 -113.95
C LEU CA 76 45.38 -61.96 -114.50
N ASP CA 77 44.63 -61.20 -115.29
CA ASP CA 77 45.11 -59.88 -115.70
C ASP CA 77 44.71 -58.89 -114.61
N LYS CA 78 45.64 -58.66 -113.66
CA LYS CA 78 45.33 -58.00 -112.39
C LYS CA 78 44.70 -56.62 -112.56
N SER CA 79 44.47 -56.26 -113.83
CA SER CA 79 43.84 -54.99 -114.16
C SER CA 79 42.34 -54.99 -113.85
N LYS CA 80 41.69 -56.15 -113.94
CA LYS CA 80 40.27 -56.28 -113.62
C LYS CA 80 39.97 -56.00 -112.15
N LEU CA 81 41.00 -55.87 -111.33
CA LEU CA 81 40.92 -55.95 -109.87
C LEU CA 81 41.54 -54.71 -109.24
N PRO CA 82 40.82 -53.58 -109.24
CA PRO CA 82 41.33 -52.43 -108.47
C PRO CA 82 41.46 -52.72 -106.98
N ASN CA 83 40.67 -53.65 -106.45
CA ASN CA 83 40.70 -53.99 -105.04
C ASN CA 83 41.68 -55.12 -104.72
N TRP CA 84 42.56 -55.49 -105.66
CA TRP CA 84 43.70 -56.36 -105.34
C TRP CA 84 44.70 -55.68 -104.41
N LYS CA 85 44.65 -54.36 -104.30
CA LYS CA 85 45.56 -53.60 -103.46
C LYS CA 85 45.39 -53.94 -101.98
N ASN CA 86 44.19 -54.34 -101.55
CA ASN CA 86 43.93 -54.52 -100.13
C ASN CA 86 44.60 -55.78 -99.59
N LEU CA 87 44.82 -56.76 -100.46
CA LEU CA 87 45.69 -57.91 -100.20
C LEU CA 87 47.06 -57.50 -99.65
N ASP CA 88 47.36 -57.85 -98.41
CA ASP CA 88 48.64 -57.46 -97.84
C ASP CA 88 49.75 -58.31 -98.47
N PRO CA 89 50.97 -57.76 -98.56
CA PRO CA 89 52.09 -58.57 -99.06
C PRO CA 89 52.36 -59.79 -98.20
N ALA CA 90 52.47 -59.60 -96.88
CA ALA CA 90 52.85 -60.66 -95.95
C ALA CA 90 52.24 -62.01 -96.31
N LEU CA 91 50.93 -62.05 -96.56
CA LEU CA 91 50.33 -63.29 -96.99
C LEU CA 91 50.91 -63.65 -98.35
N LEU CA 92 50.68 -62.77 -99.33
CA LEU CA 92 51.01 -63.07 -100.73
C LEU CA 92 52.44 -63.53 -100.91
N LYS CA 93 53.39 -62.94 -100.17
CA LYS CA 93 54.77 -63.40 -100.32
C LYS CA 93 54.86 -64.89 -99.98
N GLN CA 94 54.20 -65.31 -98.90
CA GLN CA 94 54.24 -66.70 -98.48
C GLN CA 94 53.71 -67.66 -99.51
N LEU CA 95 52.93 -67.19 -100.49
CA LEU CA 95 52.29 -68.08 -101.44
C LEU CA 95 53.06 -68.24 -102.74
N GLU CA 96 54.13 -67.49 -102.94
CA GLU CA 96 54.93 -67.67 -104.16
C GLU CA 96 55.66 -69.01 -104.07
N VAL CA 97 55.45 -69.74 -102.98
CA VAL CA 97 55.92 -71.12 -102.88
C VAL CA 97 55.15 -72.02 -103.83
N SER CA 98 53.86 -71.76 -104.01
CA SER CA 98 53.02 -72.53 -104.92
C SER CA 98 52.51 -71.74 -106.12
N ASP CA 99 52.39 -70.42 -106.01
CA ASP CA 99 51.95 -69.56 -107.10
C ASP CA 99 53.04 -68.50 -107.33
N PRO CA 100 54.06 -68.83 -108.13
CA PRO CA 100 55.16 -67.88 -108.34
C PRO CA 100 54.67 -66.55 -108.86
N GLY CA 101 55.16 -65.47 -108.26
CA GLY CA 101 54.75 -64.14 -108.66
C GLY CA 101 53.27 -63.87 -108.52
N ASN CA 102 52.59 -64.62 -107.65
CA ASN CA 102 51.16 -64.48 -107.38
C ASN CA 102 50.36 -64.18 -108.65
N GLN CA 103 50.42 -65.12 -109.60
CA GLN CA 103 49.87 -64.86 -110.93
C GLN CA 103 48.53 -65.51 -111.24
N TYR CA 104 48.15 -66.58 -110.51
CA TYR CA 104 46.95 -67.33 -110.88
C TYR CA 104 45.83 -67.27 -109.84
N ALA CA 105 46.15 -67.22 -108.55
CA ALA CA 105 45.14 -67.38 -107.52
C ALA CA 105 45.00 -66.13 -106.66
N VAL CA 106 43.78 -65.90 -106.21
CA VAL CA 106 43.44 -64.81 -105.29
C VAL CA 106 43.14 -65.44 -103.94
N PRO CA 107 43.83 -65.03 -102.87
CA PRO CA 107 43.56 -65.62 -101.55
C PRO CA 107 42.12 -65.38 -101.12
N TYR CA 108 41.57 -66.37 -100.40
CA TYR CA 108 40.22 -66.28 -99.87
C TYR CA 108 40.32 -66.26 -98.36
N LEU CA 109 40.15 -67.39 -97.68
CA LEU CA 109 40.34 -67.45 -96.24
C LEU CA 109 41.43 -68.46 -95.92
N TRP CA 110 41.87 -68.44 -94.66
CA TRP CA 110 42.97 -69.29 -94.22
C TRP CA 110 42.83 -69.56 -92.74
N GLY CA 111 43.24 -70.77 -92.34
CA GLY CA 111 43.15 -71.15 -90.96
C GLY CA 111 44.04 -72.35 -90.67
N THR CA 112 43.82 -72.92 -89.48
CA THR CA 112 44.59 -74.07 -89.03
C THR CA 112 43.65 -75.26 -88.84
N ASN CA 113 44.24 -76.43 -88.63
CA ASN CA 113 43.50 -77.62 -88.20
C ASN CA 113 43.93 -78.01 -86.80
N GLY CA 114 43.17 -78.94 -86.21
CA GLY CA 114 43.43 -79.32 -84.83
C GLY CA 114 42.37 -80.25 -84.30
N ILE CA 115 42.11 -80.10 -83.01
CA ILE CA 115 41.14 -80.93 -82.30
C ILE CA 115 39.99 -80.05 -81.83
N GLY CA 116 38.77 -80.57 -81.95
CA GLY CA 116 37.62 -79.98 -81.30
C GLY CA 116 37.04 -81.03 -80.36
N TYR CA 117 36.52 -80.57 -79.23
CA TYR CA 117 36.03 -81.53 -78.27
C TYR CA 117 34.90 -80.92 -77.45
N ASN CA 118 34.08 -81.82 -76.90
CA ASN CA 118 32.88 -81.46 -76.13
C ASN CA 118 33.33 -81.42 -74.68
N VAL CA 119 33.81 -80.24 -74.25
CA VAL CA 119 34.56 -80.08 -73.01
C VAL CA 119 33.89 -80.79 -71.82
N ALA CA 120 32.56 -80.83 -71.81
CA ALA CA 120 31.86 -81.53 -70.73
C ALA CA 120 32.05 -83.04 -70.84
N LYS CA 121 31.70 -83.62 -71.99
CA LYS CA 121 31.74 -85.07 -72.12
C LYS CA 121 33.16 -85.59 -72.15
N VAL CA 122 34.08 -84.85 -72.77
CA VAL CA 122 35.49 -85.24 -72.73
C VAL CA 122 35.98 -85.31 -71.29
N LYS CA 123 35.68 -84.28 -70.49
CA LYS CA 123 36.16 -84.27 -69.11
C LYS CA 123 35.55 -85.42 -68.32
N GLU CA 124 34.29 -85.74 -68.61
CA GLU CA 124 33.61 -86.88 -68.02
C GLU CA 124 34.34 -88.20 -68.30
N VAL CA 125 34.60 -88.50 -69.58
CA VAL CA 125 35.18 -89.79 -69.94
C VAL CA 125 36.69 -89.87 -69.75
N LEU CA 126 37.36 -88.74 -69.50
CA LEU CA 126 38.81 -88.69 -69.42
C LEU CA 126 39.41 -87.96 -68.22
N GLY CA 127 38.61 -87.52 -67.24
CA GLY CA 127 39.13 -86.84 -66.06
C GLY CA 127 39.87 -85.56 -66.44
N ASP CA 128 40.58 -85.03 -65.45
CA ASP CA 128 41.36 -83.81 -65.65
C ASP CA 128 42.68 -84.09 -66.36
N GLN CA 129 42.68 -85.01 -67.40
CA GLN CA 129 43.94 -84.93 -68.11
C GLN CA 129 43.87 -83.86 -69.21
N PRO CA 130 44.99 -83.24 -69.58
CA PRO CA 130 44.93 -82.13 -70.53
C PRO CA 130 44.68 -82.60 -71.96
N ILE CA 131 44.03 -81.73 -72.74
CA ILE CA 131 43.80 -81.98 -74.16
C ILE CA 131 44.67 -81.01 -74.95
N ASP CA 132 45.93 -81.40 -75.17
CA ASP CA 132 46.90 -80.52 -75.81
C ASP CA 132 47.86 -81.28 -76.72
N SER CA 133 47.58 -82.53 -77.03
CA SER CA 133 48.44 -83.33 -77.88
C SER CA 133 47.58 -84.28 -78.70
N TRP CA 134 47.93 -84.42 -79.97
CA TRP CA 134 47.24 -85.33 -80.89
C TRP CA 134 47.10 -86.72 -80.28
N ALA CA 135 47.87 -86.99 -79.21
CA ALA CA 135 47.74 -88.21 -78.43
C ALA CA 135 46.33 -88.48 -77.94
N ILE CA 136 45.49 -87.44 -77.79
CA ILE CA 136 44.09 -87.68 -77.45
C ILE CA 136 43.39 -88.46 -78.55
N LEU CA 137 43.89 -88.37 -79.78
CA LEU CA 137 43.36 -89.05 -80.95
C LEU CA 137 44.20 -90.21 -81.43
N PHE CA 138 45.52 -90.08 -81.40
CA PHE CA 138 46.38 -91.06 -82.02
C PHE CA 138 46.91 -92.09 -81.05
N GLU CA 139 46.38 -92.12 -79.82
CA GLU CA 139 46.80 -93.15 -78.90
C GLU CA 139 45.63 -94.06 -78.56
N PRO CA 140 45.86 -95.38 -78.52
CA PRO CA 140 44.73 -96.32 -78.42
C PRO CA 140 44.01 -96.25 -77.09
N GLU CA 141 44.68 -95.82 -76.03
CA GLU CA 141 44.09 -95.90 -74.70
C GLU CA 141 43.20 -94.71 -74.39
N ASN CA 142 43.43 -93.56 -75.05
CA ASN CA 142 42.47 -92.47 -74.96
C ASN CA 142 41.27 -92.72 -75.87
N MET CA 143 41.54 -93.14 -77.12
CA MET CA 143 40.46 -93.35 -78.08
C MET CA 143 39.57 -94.52 -77.67
N LYS CA 144 40.14 -95.51 -76.98
CA LYS CA 144 39.30 -96.59 -76.46
C LYS CA 144 38.22 -96.03 -75.53
N LYS CA 145 38.55 -95.00 -74.75
CA LYS CA 145 37.56 -94.39 -73.86
C LYS CA 145 36.65 -93.46 -74.64
N LEU CA 146 37.24 -92.53 -75.42
CA LEU CA 146 36.51 -91.58 -76.24
C LEU CA 146 35.62 -92.25 -77.28
N ALA CA 147 35.81 -93.54 -77.55
CA ALA CA 147 34.98 -94.21 -78.55
C ALA CA 147 33.51 -94.26 -78.11
N LYS CA 148 33.27 -94.49 -76.81
CA LYS CA 148 31.90 -94.51 -76.28
C LYS CA 148 31.13 -93.24 -76.60
N CYS CA 149 31.82 -92.15 -76.92
CA CYS CA 149 31.19 -90.86 -77.14
C CYS CA 149 31.24 -90.40 -78.60
N GLY CA 150 32.25 -90.83 -79.36
CA GLY CA 150 32.29 -90.54 -80.77
C GLY CA 150 33.41 -89.63 -81.22
N VAL CA 151 34.43 -90.20 -81.88
CA VAL CA 151 35.51 -89.42 -82.48
C VAL CA 151 35.30 -89.38 -83.98
N ALA CA 152 35.54 -88.22 -84.59
CA ALA CA 152 35.37 -88.04 -86.02
C ALA CA 152 36.72 -87.69 -86.64
N PHE CA 153 37.22 -88.58 -87.49
CA PHE CA 153 38.36 -88.26 -88.34
C PHE CA 153 37.85 -87.73 -89.67
N MET CA 154 38.68 -86.91 -90.30
CA MET CA 154 38.41 -86.49 -91.66
C MET CA 154 38.74 -87.58 -92.66
N ASP CA 155 37.88 -87.69 -93.66
CA ASP CA 155 38.09 -88.54 -94.82
C ASP CA 155 39.04 -87.88 -95.84
N SER CA 156 40.14 -87.27 -95.40
CA SER CA 156 41.08 -86.63 -96.31
C SER CA 156 42.48 -86.99 -95.83
N GLY CA 157 43.10 -87.97 -96.47
CA GLY CA 157 44.47 -88.37 -96.13
C GLY CA 157 45.50 -87.29 -96.34
N ASP CA 158 45.11 -86.17 -96.95
CA ASP CA 158 45.97 -85.00 -97.03
C ASP CA 158 45.94 -84.19 -95.74
N GLU CA 159 44.93 -84.38 -94.90
CA GLU CA 159 44.85 -83.77 -93.58
C GLU CA 159 45.28 -84.73 -92.46
N MET CA 160 45.01 -86.02 -92.60
CA MET CA 160 45.27 -86.98 -91.53
C MET CA 160 46.73 -87.40 -91.46
N LEU CA 161 47.20 -88.13 -92.47
CA LEU CA 161 48.56 -88.64 -92.45
C LEU CA 161 49.62 -87.56 -92.26
N PRO CA 162 49.53 -86.38 -92.88
CA PRO CA 162 50.53 -85.35 -92.56
C PRO CA 162 50.55 -84.95 -91.09
N ALA CA 163 49.37 -84.77 -90.50
CA ALA CA 163 49.32 -84.40 -89.08
C ALA CA 163 49.76 -85.56 -88.20
N ALA CA 164 49.47 -86.78 -88.62
CA ALA CA 164 49.88 -87.93 -87.84
C ALA CA 164 51.38 -88.15 -87.88
N LEU CA 165 52.07 -87.51 -88.82
CA LEU CA 165 53.53 -87.46 -88.76
C LEU CA 165 54.00 -86.41 -87.76
N ASN CA 166 53.55 -85.16 -87.92
CA ASN CA 166 53.89 -84.07 -87.00
C ASN CA 166 53.65 -84.45 -85.55
N TYR CA 167 52.78 -85.43 -85.32
CA TYR CA 167 52.62 -86.00 -83.99
C TYR CA 167 53.91 -86.71 -83.58
N LEU CA 168 54.30 -87.78 -84.30
CA LEU CA 168 55.54 -88.49 -84.03
C LEU CA 168 56.78 -87.61 -84.14
N GLY CA 169 56.61 -86.36 -84.52
CA GLY CA 169 57.76 -85.48 -84.71
C GLY CA 169 58.48 -85.67 -86.03
N LEU CA 170 58.11 -86.68 -86.81
CA LEU CA 170 58.47 -86.82 -88.23
C LEU CA 170 58.23 -85.55 -89.06
N ASP CA 171 58.71 -85.57 -90.29
CA ASP CA 171 58.45 -84.48 -91.22
C ASP CA 171 57.06 -84.63 -91.81
N PRO CA 172 56.20 -83.60 -91.74
CA PRO CA 172 54.86 -83.73 -92.35
C PRO CA 172 54.93 -83.95 -93.85
N ASN CA 173 55.78 -83.21 -94.55
CA ASN CA 173 55.88 -83.25 -96.01
C ASN CA 173 56.99 -84.21 -96.46
N THR CA 174 57.15 -85.36 -95.81
CA THR CA 174 58.35 -86.14 -96.06
C THR CA 174 58.13 -87.15 -97.17
N HIS CA 175 59.18 -87.39 -97.94
CA HIS CA 175 59.07 -88.26 -99.10
C HIS CA 175 59.36 -89.71 -98.76
N ASP CA 176 59.88 -89.97 -97.57
CA ASP CA 176 60.35 -91.29 -97.23
C ASP CA 176 59.19 -92.27 -97.04
N PRO CA 177 59.12 -93.36 -97.81
CA PRO CA 177 58.02 -94.32 -97.63
C PRO CA 177 58.04 -95.05 -96.30
N LYS CA 178 59.10 -94.96 -95.50
CA LYS CA 178 59.09 -95.63 -94.20
C LYS CA 178 58.45 -94.79 -93.11
N ASP CA 179 58.74 -93.48 -93.10
CA ASP CA 179 58.09 -92.56 -92.17
C ASP CA 179 56.60 -92.79 -92.20
N TYR CA 180 56.07 -93.02 -93.42
CA TYR CA 180 54.63 -93.23 -93.58
C TYR CA 180 54.15 -94.50 -92.90
N LYS CA 181 54.82 -95.64 -93.16
CA LYS CA 181 54.39 -96.90 -92.57
C LYS CA 181 54.38 -96.85 -91.05
N LYS CA 182 55.03 -95.84 -90.47
CA LYS CA 182 54.89 -95.58 -89.03
C LYS CA 182 53.57 -94.89 -88.72
N ALA CA 183 53.33 -93.74 -89.35
CA ALA CA 183 52.05 -93.06 -89.20
C ALA CA 183 50.90 -94.00 -89.54
N GLU CA 184 50.99 -94.66 -90.72
CA GLU CA 184 49.97 -95.61 -91.13
C GLU CA 184 49.57 -96.55 -90.00
N GLU CA 185 50.49 -96.88 -89.10
CA GLU CA 185 50.11 -97.78 -88.04
C GLU CA 185 49.55 -97.05 -86.82
N VAL CA 186 50.06 -95.85 -86.51
CA VAL CA 186 49.44 -95.05 -85.45
C VAL CA 186 47.94 -94.93 -85.69
N LEU CA 187 47.57 -94.60 -86.92
CA LEU CA 187 46.15 -94.43 -87.25
C LEU CA 187 45.43 -95.78 -87.32
N THR CA 188 46.01 -96.77 -88.00
CA THR CA 188 45.37 -98.08 -88.02
C THR CA 188 45.32 -98.68 -86.62
N LYS CA 189 46.25 -98.32 -85.76
CA LYS CA 189 46.19 -98.76 -84.37
C LYS CA 189 44.97 -98.17 -83.66
N VAL CA 190 44.69 -96.89 -83.91
CA VAL CA 190 43.57 -96.22 -83.24
C VAL CA 190 42.35 -96.25 -84.15
N ARG CA 191 42.37 -97.10 -85.19
CA ARG CA 191 41.24 -97.03 -86.12
C ARG CA 191 39.95 -97.63 -85.56
N PRO CA 192 39.94 -98.78 -84.86
CA PRO CA 192 38.66 -99.32 -84.39
C PRO CA 192 37.90 -98.41 -83.43
N TYR CA 193 38.41 -97.20 -83.18
CA TYR CA 193 37.79 -96.26 -82.26
C TYR CA 193 37.33 -94.98 -82.95
N VAL CA 194 37.18 -94.99 -84.28
CA VAL CA 194 36.72 -93.84 -85.03
C VAL CA 194 35.26 -94.07 -85.44
N SER CA 195 34.40 -93.09 -85.16
CA SER CA 195 32.99 -93.22 -85.50
C SER CA 195 32.81 -93.20 -87.02
N TYR CA 196 33.38 -92.21 -87.69
CA TYR CA 196 33.28 -92.11 -89.14
C TYR CA 196 34.40 -91.21 -89.65
N PHE CA 197 34.67 -91.32 -90.96
CA PHE CA 197 35.53 -90.39 -91.67
C PHE CA 197 34.65 -89.43 -92.47
N HIS CA 198 34.72 -88.15 -92.14
CA HIS CA 198 33.92 -87.14 -92.84
C HIS CA 198 34.48 -85.75 -92.56
N SER CA 199 34.77 -85.00 -93.63
CA SER CA 199 35.39 -83.69 -93.51
C SER CA 199 34.37 -82.55 -93.45
N SER CA 200 33.16 -82.80 -92.93
CA SER CA 200 32.15 -81.75 -92.81
C SER CA 200 31.01 -82.18 -91.89
N LYS CA 201 30.59 -83.45 -92.00
CA LYS CA 201 29.52 -83.99 -91.16
C LYS CA 201 29.71 -83.71 -89.67
N TYR CA 202 30.92 -83.32 -89.25
CA TYR CA 202 31.28 -83.23 -87.85
C TYR CA 202 30.92 -81.90 -87.21
N ILE CA 203 30.62 -80.87 -88.01
CA ILE CA 203 30.36 -79.54 -87.46
C ILE CA 203 29.03 -79.49 -86.72
N SER CA 204 27.98 -80.11 -87.27
CA SER CA 204 26.74 -80.20 -86.49
C SER CA 204 26.84 -81.29 -85.43
N ASP CA 205 27.47 -82.43 -85.76
CA ASP CA 205 27.55 -83.54 -84.82
C ASP CA 205 28.32 -83.15 -83.56
N LEU CA 206 29.50 -82.53 -83.72
CA LEU CA 206 30.15 -81.86 -82.60
C LEU CA 206 29.17 -80.98 -81.85
N ALA CA 207 28.58 -80.02 -82.57
CA ALA CA 207 27.81 -78.94 -81.96
C ALA CA 207 26.57 -79.45 -81.26
N ASN CA 208 25.72 -80.21 -81.97
CA ASN CA 208 24.49 -80.68 -81.34
C ASN CA 208 24.75 -81.78 -80.32
N GLY CA 209 25.98 -82.29 -80.27
CA GLY CA 209 26.35 -83.26 -79.26
C GLY CA 209 26.21 -84.69 -79.69
N ASN CA 210 26.37 -84.98 -80.98
CA ASN CA 210 26.44 -86.36 -81.43
C ASN CA 210 27.83 -86.96 -81.28
N ILE CA 211 28.87 -86.14 -81.19
CA ILE CA 211 30.24 -86.60 -80.96
C ILE CA 211 30.95 -85.63 -80.02
N CYS CA 212 31.99 -86.14 -79.36
CA CYS CA 212 32.69 -85.40 -78.32
C CYS CA 212 34.09 -84.95 -78.72
N VAL CA 213 34.59 -85.38 -79.87
CA VAL CA 213 35.92 -84.98 -80.32
C VAL CA 213 36.00 -85.29 -81.81
N ALA CA 214 36.73 -84.44 -82.54
CA ALA CA 214 36.81 -84.51 -83.99
C ALA CA 214 37.98 -83.70 -84.52
N PHE CA 215 38.81 -84.32 -85.35
CA PHE CA 215 39.82 -83.59 -86.10
C PHE CA 215 39.14 -82.52 -86.93
N GLY CA 216 39.61 -81.28 -86.80
CA GLY CA 216 38.91 -80.19 -87.43
C GLY CA 216 39.65 -78.92 -87.80
N TYR CA 217 39.29 -78.40 -88.97
CA TYR CA 217 39.58 -77.05 -89.37
C TYR CA 217 39.24 -76.07 -88.26
N SER CA 218 40.07 -75.03 -88.14
CA SER CA 218 39.91 -74.01 -87.11
C SER CA 218 38.52 -73.40 -87.12
N GLY CA 219 38.18 -72.66 -88.17
CA GLY CA 219 36.89 -71.99 -88.22
C GLY CA 219 35.73 -72.94 -88.11
N ASP CA 220 35.88 -74.14 -88.68
CA ASP CA 220 34.89 -75.20 -88.52
C ASP CA 220 34.54 -75.42 -87.05
N VAL CA 221 35.55 -75.73 -86.23
CA VAL CA 221 35.31 -76.02 -84.82
C VAL CA 221 34.82 -74.79 -84.07
N PHE CA 222 35.02 -73.59 -84.61
CA PHE CA 222 34.35 -72.40 -84.09
C PHE CA 222 32.84 -72.48 -84.29
N GLN CA 223 32.40 -72.58 -85.54
CA GLN CA 223 30.98 -72.65 -85.84
C GLN CA 223 30.30 -73.67 -84.95
N ALA CA 224 30.87 -74.88 -84.87
CA ALA CA 224 30.32 -75.92 -84.03
C ALA CA 224 30.15 -75.45 -82.59
N ALA CA 225 31.17 -74.78 -82.04
CA ALA CA 225 31.02 -74.21 -80.70
C ALA CA 225 30.03 -73.06 -80.70
N ALA CA 226 30.00 -72.27 -81.77
CA ALA CA 226 29.16 -71.09 -81.82
C ALA CA 226 27.68 -71.46 -81.94
N ARG CA 227 27.37 -72.57 -82.60
CA ARG CA 227 25.98 -73.00 -82.74
C ARG CA 227 25.45 -73.59 -81.45
N ALA CA 228 26.33 -74.25 -80.68
CA ALA CA 228 25.96 -74.94 -79.45
C ALA CA 228 25.35 -74.00 -78.44
N GLU CA 229 25.41 -72.69 -78.74
CA GLU CA 229 24.77 -71.66 -77.93
C GLU CA 229 23.41 -71.26 -78.48
N GLU CA 230 23.31 -71.03 -79.79
CA GLU CA 230 22.02 -70.69 -80.38
C GLU CA 230 21.02 -71.84 -80.29
N ALA CA 231 21.44 -73.00 -79.81
CA ALA CA 231 20.53 -74.00 -79.30
C ALA CA 231 20.39 -73.96 -77.78
N GLY CA 232 21.24 -73.20 -77.11
CA GLY CA 232 21.07 -72.94 -75.68
C GLY CA 232 20.93 -74.16 -74.83
N LYS CA 233 21.68 -75.21 -75.14
CA LYS CA 233 21.64 -76.45 -74.37
C LYS CA 233 22.92 -76.72 -73.62
N GLY CA 234 23.83 -75.75 -73.56
CA GLY CA 234 25.02 -75.84 -72.72
C GLY CA 234 26.23 -76.46 -73.39
N ILE CA 235 26.08 -77.06 -74.56
CA ILE CA 235 27.15 -77.79 -75.22
C ILE CA 235 28.35 -76.86 -75.39
N ASP CA 236 29.46 -77.21 -74.74
CA ASP CA 236 30.68 -76.40 -74.78
C ASP CA 236 31.67 -77.10 -75.69
N ILE CA 237 31.79 -76.61 -76.91
CA ILE CA 237 32.79 -77.09 -77.86
C ILE CA 237 33.96 -76.12 -77.80
N GLN CA 238 35.17 -76.64 -77.92
CA GLN CA 238 36.35 -75.79 -77.95
C GLN CA 238 37.36 -76.36 -78.91
N TYR CA 239 38.39 -75.56 -79.20
CA TYR CA 239 39.35 -75.84 -80.25
C TYR CA 239 40.74 -75.62 -79.70
N VAL CA 240 41.61 -76.61 -79.90
CA VAL CA 240 42.95 -76.59 -79.30
C VAL CA 240 43.96 -77.12 -80.31
N ILE CA 241 44.90 -76.26 -80.69
CA ILE CA 241 46.03 -76.65 -81.52
C ILE CA 241 47.02 -77.38 -80.63
N PRO CA 242 47.23 -78.68 -80.81
CA PRO CA 242 48.12 -79.42 -79.90
C PRO CA 242 49.53 -78.85 -79.86
N LYS CA 243 50.26 -79.24 -78.82
CA LYS CA 243 51.59 -78.69 -78.56
C LYS CA 243 52.51 -78.85 -79.77
N GLU CA 244 52.46 -80.02 -80.42
CA GLU CA 244 53.25 -80.26 -81.62
C GLU CA 244 52.90 -79.32 -82.75
N GLY CA 245 51.82 -78.55 -82.63
CA GLY CA 245 51.34 -77.74 -83.73
C GLY CA 245 50.39 -78.54 -84.60
N ALA CA 246 50.20 -78.05 -85.82
CA ALA CA 246 49.27 -78.63 -86.78
C ALA CA 246 49.43 -77.92 -88.11
N ASN CA 247 48.60 -78.30 -89.08
CA ASN CA 247 48.69 -77.74 -90.42
C ASN CA 247 48.23 -76.29 -90.42
N LEU CA 248 49.01 -75.44 -91.08
CA LEU CA 248 48.62 -74.07 -91.43
C LEU CA 248 48.40 -74.04 -92.93
N TRP CA 249 47.17 -73.79 -93.35
CA TRP CA 249 46.83 -73.82 -94.76
C TRP CA 249 46.21 -72.50 -95.20
N PHE CA 250 45.98 -72.39 -96.50
CA PHE CA 250 45.45 -71.19 -97.15
C PHE CA 250 44.54 -71.63 -98.28
N ASP CA 251 43.35 -71.03 -98.36
CA ASP CA 251 42.45 -71.25 -99.48
C ASP CA 251 42.42 -70.03 -100.38
N LEU CA 252 42.47 -70.26 -101.68
CA LEU CA 252 42.61 -69.19 -102.65
C LEU CA 252 41.63 -69.37 -103.79
N MET CA 253 40.98 -68.28 -104.17
CA MET CA 253 40.12 -68.35 -105.33
C MET CA 253 40.97 -68.39 -106.59
N ALA CA 254 40.40 -68.92 -107.68
CA ALA CA 254 41.11 -69.02 -108.96
C ALA CA 254 40.20 -69.52 -110.08
N ILE CA 255 40.45 -69.04 -111.30
CA ILE CA 255 39.56 -69.22 -112.44
C ILE CA 255 40.09 -70.37 -113.28
N PRO CA 256 39.27 -71.38 -113.59
CA PRO CA 256 39.77 -72.54 -114.33
C PRO CA 256 40.12 -72.18 -115.76
N ALA CA 257 40.78 -73.12 -116.43
CA ALA CA 257 41.17 -72.98 -117.82
C ALA CA 257 39.97 -72.76 -118.72
N ASP CA 258 39.12 -73.78 -118.85
CA ASP CA 258 37.94 -73.68 -119.72
C ASP CA 258 36.88 -72.78 -119.09
N ALA CA 259 37.27 -71.57 -118.68
CA ALA CA 259 36.33 -70.65 -118.08
C ALA CA 259 35.33 -70.14 -119.12
N LYS CA 260 34.06 -70.08 -118.73
CA LYS CA 260 33.01 -69.61 -119.62
C LYS CA 260 32.60 -68.18 -119.34
N ALA CA 261 32.48 -67.80 -118.06
CA ALA CA 261 32.08 -66.45 -117.69
C ALA CA 261 33.23 -65.66 -117.04
N ALA CA 262 34.48 -65.97 -117.38
CA ALA CA 262 35.66 -65.45 -116.69
C ALA CA 262 35.65 -63.95 -116.39
N ASP CA 263 35.15 -63.11 -117.30
CA ASP CA 263 34.98 -61.70 -116.98
C ASP CA 263 34.13 -61.50 -115.72
N ASN CA 264 33.16 -62.36 -115.48
CA ASN CA 264 32.34 -62.15 -114.29
C ASN CA 264 32.93 -62.81 -113.05
N ALA CA 265 34.02 -63.56 -113.18
CA ALA CA 265 34.79 -63.95 -112.02
C ALA CA 265 35.65 -62.78 -111.52
N TYR CA 266 36.17 -61.98 -112.46
CA TYR CA 266 37.04 -60.85 -112.14
C TYR CA 266 36.29 -59.70 -111.49
N ALA CA 267 34.96 -59.64 -111.62
CA ALA CA 267 34.15 -58.64 -110.93
C ALA CA 267 33.60 -59.13 -109.60
N PHE CA 268 33.45 -60.44 -109.45
CA PHE CA 268 33.04 -61.00 -108.15
C PHE CA 268 34.23 -61.14 -107.21
N ILE CA 269 35.38 -61.59 -107.72
CA ILE CA 269 36.56 -61.61 -106.88
C ILE CA 269 36.96 -60.20 -106.48
N ASP CA 270 36.67 -59.21 -107.32
CA ASP CA 270 36.89 -57.83 -106.89
C ASP CA 270 35.97 -57.47 -105.75
N TYR CA 271 34.80 -58.11 -105.69
CA TYR CA 271 33.85 -57.79 -104.65
C TYR CA 271 34.31 -58.35 -103.30
N LEU CA 272 34.93 -59.53 -103.31
CA LEU CA 272 35.40 -60.13 -102.07
C LEU CA 272 36.74 -59.58 -101.59
N LEU CA 273 37.40 -58.75 -102.40
CA LEU CA 273 38.71 -58.24 -102.05
C LEU CA 273 38.67 -56.88 -101.37
N ARG CA 274 37.54 -56.17 -101.45
CA ARG CA 274 37.39 -54.99 -100.62
C ARG CA 274 37.10 -55.39 -99.19
N PRO CA 275 37.45 -54.52 -98.22
CA PRO CA 275 37.38 -54.91 -96.80
C PRO CA 275 36.03 -55.41 -96.32
N GLU CA 276 35.27 -54.54 -95.65
CA GLU CA 276 33.83 -54.64 -95.45
C GLU CA 276 33.18 -55.96 -95.86
N VAL CA 277 33.29 -56.28 -97.15
CA VAL CA 277 32.59 -57.43 -97.69
C VAL CA 277 33.22 -58.72 -97.20
N ILE CA 278 34.55 -58.84 -97.33
CA ILE CA 278 35.20 -60.02 -96.79
C ILE CA 278 35.10 -60.06 -95.28
N ALA CA 279 34.77 -58.93 -94.66
CA ALA CA 279 34.62 -58.87 -93.22
C ALA CA 279 33.39 -59.65 -92.77
N LYS CA 280 32.23 -59.38 -93.38
CA LYS CA 280 31.00 -60.07 -93.01
C LYS CA 280 31.08 -61.56 -93.29
N VAL CA 281 31.97 -61.99 -94.20
CA VAL CA 281 32.21 -63.42 -94.38
C VAL CA 281 32.84 -64.01 -93.13
N SER CA 282 33.98 -63.45 -92.72
CA SER CA 282 34.71 -63.99 -91.58
C SER CA 282 33.87 -63.89 -90.32
N ASP CA 283 33.16 -62.77 -90.16
CA ASP CA 283 32.15 -62.58 -89.12
C ASP CA 283 31.26 -63.79 -88.92
N TYR CA 284 31.08 -64.58 -89.98
CA TYR CA 284 30.09 -65.63 -89.99
C TYR CA 284 30.66 -67.04 -90.05
N VAL CA 285 31.76 -67.28 -90.76
CA VAL CA 285 32.25 -68.65 -90.92
C VAL CA 285 33.40 -69.00 -90.00
N GLY CA 286 34.12 -68.01 -89.48
CA GLY CA 286 35.14 -68.23 -88.48
C GLY CA 286 36.55 -68.39 -88.97
N TYR CA 287 36.89 -67.83 -90.13
CA TYR CA 287 38.21 -67.99 -90.73
C TYR CA 287 38.82 -66.61 -90.92
N ALA CA 288 40.14 -66.55 -90.83
CA ALA CA 288 40.85 -65.29 -91.04
C ALA CA 288 41.02 -65.05 -92.54
N ASN CA 289 41.09 -63.77 -92.91
CA ASN CA 289 41.07 -63.35 -94.30
C ASN CA 289 42.32 -62.54 -94.64
N ALA CA 290 42.56 -62.43 -95.95
CA ALA CA 290 43.76 -61.81 -96.51
C ALA CA 290 43.70 -60.30 -96.55
N ILE CA 291 42.74 -59.68 -95.87
CA ILE CA 291 42.51 -58.25 -96.02
C ILE CA 291 42.68 -57.57 -94.67
N PRO CA 292 43.86 -57.00 -94.38
CA PRO CA 292 44.05 -56.34 -93.07
C PRO CA 292 43.13 -55.15 -92.85
N GLY CA 293 42.65 -54.52 -93.92
CA GLY CA 293 41.64 -53.49 -93.79
C GLY CA 293 40.34 -53.97 -93.18
N ALA CA 294 40.18 -55.29 -93.02
CA ALA CA 294 38.95 -55.88 -92.48
C ALA CA 294 38.94 -55.97 -90.97
N ARG CA 295 40.06 -56.37 -90.36
CA ARG CA 295 40.10 -56.65 -88.92
C ARG CA 295 39.34 -55.64 -88.05
N PRO CA 296 39.45 -54.32 -88.27
CA PRO CA 296 38.55 -53.42 -87.54
C PRO CA 296 37.08 -53.59 -87.89
N LEU CA 297 36.74 -53.76 -89.18
CA LEU CA 297 35.34 -53.88 -89.55
C LEU CA 297 34.73 -55.22 -89.14
N MET CA 298 35.53 -56.26 -88.99
CA MET CA 298 34.99 -57.55 -88.60
C MET CA 298 34.40 -57.48 -87.19
N ASP CA 299 33.77 -58.58 -86.79
CA ASP CA 299 33.29 -58.70 -85.41
C ASP CA 299 34.49 -58.66 -84.46
N LYS CA 300 34.22 -58.66 -83.16
CA LYS CA 300 35.28 -58.75 -82.17
C LYS CA 300 35.60 -60.18 -81.80
N SER CA 301 34.60 -61.05 -81.68
CA SER CA 301 34.87 -62.43 -81.32
C SER CA 301 35.66 -63.14 -82.41
N VAL CA 302 35.52 -62.72 -83.67
CA VAL CA 302 36.21 -63.39 -84.76
C VAL CA 302 37.60 -62.80 -85.03
N SER CA 303 37.78 -61.50 -84.81
CA SER CA 303 39.06 -60.86 -85.12
C SER CA 303 40.03 -60.86 -83.94
N ASP CA 304 39.53 -60.67 -82.71
CA ASP CA 304 40.44 -60.64 -81.55
C ASP CA 304 40.89 -62.05 -81.16
N SER CA 305 40.13 -63.07 -81.55
CA SER CA 305 40.43 -64.44 -81.18
C SER CA 305 41.86 -64.80 -81.58
N GLU CA 306 42.42 -65.78 -80.86
CA GLU CA 306 43.76 -66.28 -81.12
C GLU CA 306 43.75 -67.60 -81.88
N GLU CA 307 42.60 -68.26 -81.96
CA GLU CA 307 42.46 -69.48 -82.73
C GLU CA 307 41.94 -69.22 -84.15
N VAL CA 308 41.15 -68.17 -84.32
CA VAL CA 308 40.99 -67.59 -85.66
C VAL CA 308 42.26 -66.91 -86.20
N TYR CA 309 42.79 -65.91 -85.47
CA TYR CA 309 44.00 -65.20 -85.88
C TYR CA 309 45.11 -65.58 -84.92
N PRO CA 310 45.85 -66.66 -85.20
CA PRO CA 310 46.93 -67.09 -84.30
C PRO CA 310 48.07 -66.10 -84.27
N PRO CA 311 48.64 -65.84 -83.10
CA PRO CA 311 49.82 -64.98 -83.02
C PRO CA 311 51.06 -65.73 -83.51
N GLN CA 312 52.09 -64.96 -83.84
CA GLN CA 312 53.32 -65.55 -84.39
C GLN CA 312 53.94 -66.57 -83.45
N ALA CA 313 53.63 -66.51 -82.16
CA ALA CA 313 54.13 -67.53 -81.24
C ALA CA 313 53.70 -68.93 -81.66
N VAL CA 314 52.46 -69.04 -82.15
CA VAL CA 314 51.90 -70.34 -82.54
C VAL CA 314 52.28 -70.69 -83.98
N LEU CA 315 52.10 -69.72 -84.89
CA LEU CA 315 52.36 -69.91 -86.32
C LEU CA 315 53.75 -70.50 -86.59
N ASP CA 316 54.70 -70.26 -85.70
CA ASP CA 316 56.04 -70.80 -85.86
C ASP CA 316 56.14 -72.25 -85.39
N LYS CA 317 55.07 -72.80 -84.83
CA LYS CA 317 54.97 -74.21 -84.45
C LYS CA 317 54.21 -75.04 -85.48
N LEU CA 318 53.80 -74.43 -86.57
CA LEU CA 318 52.91 -75.04 -87.54
C LEU CA 318 53.68 -75.36 -88.82
N TYR CA 319 53.22 -76.39 -89.51
CA TYR CA 319 53.75 -76.74 -90.81
C TYR CA 319 52.79 -76.29 -91.91
N VAL CA 320 53.33 -75.67 -92.94
CA VAL CA 320 52.64 -75.48 -94.21
C VAL CA 320 52.95 -76.70 -95.08
N SER CA 321 51.92 -77.22 -95.74
CA SER CA 321 52.03 -78.42 -96.55
C SER CA 321 52.67 -78.09 -97.90
N ALA CA 322 53.73 -78.82 -98.24
CA ALA CA 322 54.52 -78.54 -99.43
C ALA CA 322 54.01 -79.33 -100.63
N VAL CA 323 54.09 -78.69 -101.80
CA VAL CA 323 53.61 -79.27 -103.04
C VAL CA 323 54.37 -80.55 -103.28
N LEU CA 324 53.68 -81.68 -103.16
CA LEU CA 324 54.49 -82.88 -103.12
C LEU CA 324 54.66 -83.49 -104.50
N PRO CA 325 55.76 -84.22 -104.68
CA PRO CA 325 55.97 -84.99 -105.92
C PRO CA 325 55.07 -86.21 -105.98
N ALA CA 326 54.51 -86.44 -107.17
CA ALA CA 326 53.40 -87.36 -107.34
C ALA CA 326 53.66 -88.73 -106.72
N LYS CA 327 54.88 -89.25 -106.89
CA LYS CA 327 55.21 -90.54 -106.28
C LYS CA 327 54.88 -90.56 -104.79
N VAL CA 328 54.90 -89.40 -104.14
CA VAL CA 328 54.41 -89.33 -102.76
C VAL CA 328 52.88 -89.38 -102.74
N LEU CA 329 52.22 -88.55 -103.55
CA LEU CA 329 50.77 -88.49 -103.50
C LEU CA 329 50.14 -89.86 -103.77
N ARG CA 330 50.74 -90.63 -104.69
CA ARG CA 330 50.32 -92.01 -104.86
C ARG CA 330 50.58 -92.84 -103.62
N LEU CA 331 51.56 -92.45 -102.79
CA LEU CA 331 51.75 -93.14 -101.52
C LEU CA 331 50.78 -92.64 -100.45
N GLN CA 332 50.57 -91.32 -100.39
CA GLN CA 332 49.54 -90.78 -99.50
C GLN CA 332 48.19 -91.45 -99.75
N THR CA 333 47.88 -91.72 -101.00
CA THR CA 333 46.57 -92.24 -101.39
C THR CA 333 46.47 -93.76 -101.22
N ARG CA 334 47.48 -94.51 -101.71
CA ARG CA 334 47.59 -95.93 -101.38
C ARG CA 334 47.41 -96.23 -99.90
N THR CA 335 47.93 -95.36 -99.04
CA THR CA 335 47.92 -95.62 -97.61
C THR CA 335 46.57 -95.29 -96.99
N TRP CA 336 46.10 -94.05 -97.18
CA TRP CA 336 44.83 -93.62 -96.62
C TRP CA 336 43.69 -94.54 -97.02
N THR CA 337 43.79 -95.15 -98.20
CA THR CA 337 42.79 -96.13 -98.64
C THR CA 337 42.96 -97.47 -97.94
N ARG CA 338 44.19 -97.83 -97.56
CA ARG CA 338 44.40 -99.07 -96.81
C ARG CA 338 43.88 -98.95 -95.38
N ILE CA 339 43.94 -97.73 -94.82
CA ILE CA 339 43.32 -97.44 -93.54
C ILE CA 339 41.81 -97.55 -93.67
N LYS CA 340 41.27 -97.24 -94.85
CA LYS CA 340 39.81 -97.31 -95.08
C LYS CA 340 38.98 -96.51 -94.09
N GLN DA 3 46.36 -33.95 -87.83
CA GLN DA 3 46.74 -35.34 -87.61
C GLN DA 3 45.58 -36.16 -87.04
N VAL DA 4 45.86 -37.44 -86.79
CA VAL DA 4 44.90 -38.38 -86.21
C VAL DA 4 44.51 -37.93 -84.82
N GLN DA 5 43.26 -37.55 -84.65
CA GLN DA 5 42.71 -37.19 -83.35
C GLN DA 5 41.21 -37.34 -83.42
N LEU DA 6 40.61 -37.54 -82.24
CA LEU DA 6 39.18 -37.37 -82.05
C LEU DA 6 38.94 -36.19 -81.14
N VAL DA 7 37.98 -35.34 -81.50
CA VAL DA 7 37.57 -34.22 -80.66
C VAL DA 7 36.16 -34.48 -80.18
N GLU DA 8 35.95 -34.25 -78.88
CA GLU DA 8 34.70 -34.60 -78.22
C GLU DA 8 33.86 -33.35 -77.95
N THR DA 9 32.77 -33.55 -77.21
CA THR DA 9 31.72 -32.56 -77.16
C THR DA 9 32.04 -31.47 -76.12
N GLY DA 10 31.12 -30.51 -76.00
CA GLY DA 10 30.94 -29.76 -74.80
C GLY DA 10 30.42 -30.62 -73.66
N ASP DA 11 30.30 -29.99 -72.51
CA ASP DA 11 30.48 -30.66 -71.24
C ASP DA 11 29.17 -30.36 -70.47
N GLU DA 12 28.63 -31.28 -69.64
CA GLU DA 12 27.18 -31.20 -69.58
C GLU DA 12 26.55 -31.67 -68.26
N VAL DA 13 25.78 -30.78 -67.61
CA VAL DA 13 25.12 -31.06 -66.33
C VAL DA 13 23.65 -31.42 -66.58
N LYS DA 14 23.21 -32.53 -65.98
CA LYS DA 14 22.03 -33.24 -66.43
C LYS DA 14 21.31 -33.84 -65.22
N THR DA 15 19.92 -33.90 -65.28
CA THR DA 15 18.93 -34.28 -64.27
C THR DA 15 18.63 -35.78 -64.34
N PRO DA 16 18.38 -36.41 -63.19
CA PRO DA 16 18.24 -37.85 -63.07
C PRO DA 16 17.23 -38.60 -63.97
N GLY DA 17 16.46 -37.89 -64.77
CA GLY DA 17 15.49 -38.62 -65.59
C GLY DA 17 15.82 -38.50 -67.05
N ALA DA 18 17.01 -38.02 -67.36
CA ALA DA 18 17.20 -37.27 -68.60
C ALA DA 18 17.77 -38.19 -69.67
N SER DA 19 18.83 -37.76 -70.33
CA SER DA 19 19.15 -38.16 -71.71
C SER DA 19 20.31 -37.30 -72.14
N VAL DA 20 21.43 -37.87 -72.54
CA VAL DA 20 22.57 -37.00 -72.92
C VAL DA 20 23.14 -37.50 -74.23
N LYS DA 21 23.57 -36.62 -75.11
CA LYS DA 21 24.23 -37.01 -76.35
C LYS DA 21 25.64 -36.42 -76.39
N VAL DA 22 26.61 -37.29 -76.63
CA VAL DA 22 28.02 -36.93 -76.70
C VAL DA 22 28.48 -37.17 -78.14
N SER DA 23 28.80 -36.09 -78.85
CA SER DA 23 29.37 -36.22 -80.18
C SER DA 23 30.88 -36.39 -80.10
N CYS DA 24 31.44 -36.96 -81.17
CA CYS DA 24 32.87 -37.24 -81.22
C CYS DA 24 33.32 -37.12 -82.66
N LYS DA 25 34.12 -36.11 -82.95
CA LYS DA 25 34.55 -35.82 -84.32
C LYS DA 25 35.98 -36.31 -84.53
N VAL DA 26 36.18 -37.05 -85.60
CA VAL DA 26 37.49 -37.61 -85.93
C VAL DA 26 38.15 -36.76 -86.99
N SER DA 27 39.49 -36.73 -86.95
CA SER DA 27 40.30 -35.89 -87.82
C SER DA 27 41.46 -36.71 -88.38
N GLY DA 28 41.75 -36.51 -89.66
CA GLY DA 28 43.00 -37.01 -90.23
C GLY DA 28 43.16 -38.51 -90.30
N TYR DA 29 42.09 -39.24 -90.58
CA TYR DA 29 42.21 -40.65 -90.95
C TYR DA 29 40.91 -41.09 -91.60
N THR DA 30 41.01 -41.95 -92.62
CA THR DA 30 39.86 -42.60 -93.23
C THR DA 30 38.91 -43.09 -92.16
N PHE DA 31 37.86 -42.29 -91.92
CA PHE DA 31 36.94 -42.51 -90.81
C PHE DA 31 36.25 -43.86 -90.88
N THR DA 32 35.78 -44.24 -92.07
CA THR DA 32 34.96 -45.43 -92.23
C THR DA 32 35.78 -46.73 -92.15
N SER DA 33 37.10 -46.64 -91.98
CA SER DA 33 37.97 -47.81 -92.02
C SER DA 33 38.12 -48.48 -90.66
N TYR DA 34 38.05 -47.72 -89.57
CA TYR DA 34 38.25 -48.24 -88.23
C TYR DA 34 36.96 -48.09 -87.44
N GLY DA 35 36.77 -48.99 -86.48
CA GLY DA 35 35.64 -48.91 -85.58
C GLY DA 35 35.78 -47.74 -84.61
N ILE DA 36 34.80 -47.63 -83.72
CA ILE DA 36 34.78 -46.59 -82.71
C ILE DA 36 34.18 -47.15 -81.43
N SER DA 37 34.74 -46.74 -80.30
CA SER DA 37 34.49 -47.34 -79.01
C SER DA 37 34.28 -46.27 -77.96
N TRP DA 38 33.39 -46.56 -77.00
CA TRP DA 38 33.02 -45.63 -75.95
C TRP DA 38 33.46 -46.23 -74.61
N VAL DA 39 34.36 -45.54 -73.92
CA VAL DA 39 34.86 -45.99 -72.62
C VAL DA 39 34.50 -44.95 -71.57
N ARG DA 40 33.64 -45.35 -70.65
CA ARG DA 40 33.16 -44.51 -69.56
C ARG DA 40 34.03 -44.69 -68.33
N GLN DA 41 34.20 -43.60 -67.57
CA GLN DA 41 34.98 -43.66 -66.34
C GLN DA 41 34.36 -42.72 -65.31
N ALA DA 42 33.75 -43.29 -64.28
CA ALA DA 42 33.26 -42.53 -63.15
C ALA DA 42 34.45 -41.94 -62.36
N PRO DA 43 34.22 -40.86 -61.61
CA PRO DA 43 35.32 -40.25 -60.86
C PRO DA 43 35.93 -41.23 -59.86
N GLY DA 44 37.25 -41.30 -59.85
CA GLY DA 44 37.99 -42.14 -58.94
C GLY DA 44 37.97 -43.62 -59.23
N GLN DA 45 37.21 -44.07 -60.23
CA GLN DA 45 37.10 -45.48 -60.50
C GLN DA 45 37.72 -45.77 -61.87
N GLY DA 46 37.39 -46.93 -62.45
CA GLY DA 46 38.10 -47.46 -63.59
C GLY DA 46 37.38 -47.29 -64.92
N LEU DA 47 38.00 -47.84 -65.95
CA LEU DA 47 37.44 -47.77 -67.29
C LEU DA 47 36.31 -48.79 -67.45
N GLU DA 48 35.33 -48.45 -68.28
CA GLU DA 48 34.18 -49.30 -68.49
C GLU DA 48 33.80 -49.32 -69.95
N TRP DA 49 33.68 -50.52 -70.50
CA TRP DA 49 33.22 -50.69 -71.87
C TRP DA 49 31.74 -50.35 -71.99
N MET DA 50 31.40 -49.48 -72.95
CA MET DA 50 30.00 -49.19 -73.23
C MET DA 50 29.55 -49.89 -74.51
N GLY DA 51 30.09 -49.50 -75.64
CA GLY DA 51 29.66 -50.09 -76.90
C GLY DA 51 30.62 -49.75 -78.02
N TRP DA 52 30.49 -50.52 -79.11
CA TRP DA 52 31.33 -50.36 -80.29
C TRP DA 52 30.43 -50.22 -81.50
N ILE DA 53 30.73 -49.23 -82.34
CA ILE DA 53 29.96 -48.98 -83.55
C ILE DA 53 30.89 -49.11 -84.76
N ASN DA 54 30.48 -49.92 -85.72
CA ASN DA 54 31.12 -50.02 -87.02
C ASN DA 54 30.65 -48.83 -87.85
N PRO DA 55 31.48 -47.81 -88.03
CA PRO DA 55 31.02 -46.62 -88.77
C PRO DA 55 30.68 -46.93 -90.22
N ASN DA 56 31.17 -48.04 -90.76
CA ASN DA 56 30.88 -48.38 -92.15
C ASN DA 56 29.47 -48.93 -92.33
N SER DA 57 29.02 -49.79 -91.41
CA SER DA 57 27.74 -50.49 -91.57
C SER DA 57 26.75 -50.16 -90.47
N GLY DA 58 27.05 -49.21 -89.59
CA GLY DA 58 26.16 -48.92 -88.50
C GLY DA 58 26.02 -50.01 -87.45
N GLY DA 59 26.84 -51.05 -87.52
CA GLY DA 59 26.81 -52.12 -86.54
C GLY DA 59 26.88 -51.61 -85.11
N THR DA 60 26.07 -52.16 -84.22
CA THR DA 60 26.09 -51.75 -82.82
C THR DA 60 26.28 -52.96 -81.91
N ASN DA 61 27.43 -53.01 -81.23
CA ASN DA 61 27.72 -53.95 -80.15
C ASN DA 61 27.60 -53.17 -78.84
N TYR DA 62 26.46 -53.31 -78.16
CA TYR DA 62 26.26 -52.65 -76.87
C TYR DA 62 26.63 -53.62 -75.75
N ALA DA 63 27.43 -53.14 -74.79
CA ALA DA 63 27.61 -53.92 -73.57
C ALA DA 63 26.26 -54.15 -72.91
N GLN DA 64 26.03 -55.39 -72.48
CA GLN DA 64 24.71 -55.80 -72.03
C GLN DA 64 24.15 -54.91 -70.91
N LYS DA 65 25.01 -54.27 -70.14
CA LYS DA 65 24.56 -53.35 -69.10
C LYS DA 65 23.81 -52.15 -69.68
N PHE DA 66 24.07 -51.78 -70.94
CA PHE DA 66 23.60 -50.51 -71.49
C PHE DA 66 22.60 -50.65 -72.63
N GLN DA 67 22.59 -51.75 -73.38
CA GLN DA 67 21.51 -52.02 -74.32
C GLN DA 67 20.17 -51.79 -73.64
N GLY DA 68 19.27 -51.08 -74.32
CA GLY DA 68 18.03 -50.66 -73.70
C GLY DA 68 18.09 -49.29 -73.04
N ARG DA 69 19.27 -48.69 -72.94
CA ARG DA 69 19.44 -47.32 -72.48
C ARG DA 69 20.44 -46.51 -73.28
N VAL DA 70 21.31 -47.14 -74.08
CA VAL DA 70 22.29 -46.44 -74.90
C VAL DA 70 21.91 -46.61 -76.37
N THR DA 71 22.32 -45.64 -77.19
CA THR DA 71 22.13 -45.70 -78.63
C THR DA 71 23.35 -45.08 -79.30
N MET DA 72 23.91 -45.78 -80.28
CA MET DA 72 25.12 -45.30 -80.94
C MET DA 72 24.87 -45.14 -82.43
N THR DA 73 25.29 -43.99 -82.96
CA THR DA 73 24.99 -43.58 -84.32
C THR DA 73 26.21 -42.86 -84.88
N ARG DA 74 26.06 -42.28 -86.06
CA ARG DA 74 27.21 -41.81 -86.82
C ARG DA 74 26.80 -41.07 -88.09
N ASP DA 75 27.19 -39.80 -88.23
CA ASP DA 75 27.04 -39.11 -89.50
C ASP DA 75 28.34 -39.30 -90.27
N THR DA 76 28.35 -40.36 -91.08
CA THR DA 76 29.46 -40.60 -92.00
C THR DA 76 29.85 -39.36 -92.79
N SER DA 77 28.86 -38.59 -93.26
CA SER DA 77 29.16 -37.37 -94.01
C SER DA 77 30.05 -36.41 -93.23
N ILE DA 78 29.85 -36.32 -91.91
CA ILE DA 78 30.60 -35.34 -91.13
C ILE DA 78 31.53 -36.04 -90.14
N SER DA 79 32.01 -37.23 -90.51
CA SER DA 79 32.93 -38.04 -89.72
C SER DA 79 32.83 -37.83 -88.21
N THR DA 80 31.69 -38.21 -87.62
CA THR DA 80 31.47 -38.17 -86.18
C THR DA 80 30.65 -39.37 -85.74
N ALA DA 81 30.72 -39.66 -84.44
CA ALA DA 81 29.92 -40.72 -83.83
C ALA DA 81 29.20 -40.17 -82.61
N TYR DA 82 28.08 -40.79 -82.27
CA TYR DA 82 27.16 -40.30 -81.26
C TYR DA 82 26.77 -41.43 -80.33
N MET DA 83 26.87 -41.18 -79.03
CA MET DA 83 26.36 -42.08 -78.00
C MET DA 83 25.33 -41.32 -77.18
N GLU DA 84 24.19 -41.97 -76.91
CA GLU DA 84 23.12 -41.35 -76.15
C GLU DA 84 22.74 -42.22 -74.97
N LEU DA 85 23.04 -41.78 -73.75
CA LEU DA 85 22.42 -42.43 -72.61
C LEU DA 85 21.02 -41.85 -72.39
N SER DA 86 20.21 -42.60 -71.64
CA SER DA 86 18.76 -42.33 -71.73
C SER DA 86 17.99 -42.69 -70.46
N ARG DA 87 18.64 -42.81 -69.31
CA ARG DA 87 18.00 -42.72 -67.98
C ARG DA 87 18.99 -42.25 -66.94
N LEU DA 88 19.74 -41.19 -67.27
CA LEU DA 88 20.76 -40.58 -66.44
C LEU DA 88 20.47 -40.73 -64.95
N ARG DA 89 21.38 -41.40 -64.25
CA ARG DA 89 21.19 -41.75 -62.85
C ARG DA 89 22.36 -41.20 -62.03
N SER DA 90 22.15 -41.13 -60.71
CA SER DA 90 23.12 -40.55 -59.77
C SER DA 90 24.53 -41.11 -59.91
N ASP DA 91 24.65 -42.27 -60.58
CA ASP DA 91 25.82 -43.05 -60.91
C ASP DA 91 26.65 -42.55 -62.09
N ASP DA 92 25.96 -42.31 -63.21
CA ASP DA 92 26.52 -42.04 -64.54
C ASP DA 92 27.41 -40.80 -64.59
N THR DA 93 27.57 -40.10 -63.48
CA THR DA 93 28.50 -38.99 -63.42
C THR DA 93 29.90 -39.47 -63.77
N ALA DA 94 30.44 -39.02 -64.89
CA ALA DA 94 31.66 -39.63 -65.41
C ALA DA 94 32.25 -38.79 -66.53
N VAL DA 95 33.50 -39.12 -66.88
CA VAL DA 95 34.11 -38.67 -68.13
C VAL DA 95 33.88 -39.74 -69.17
N TYR DA 96 33.36 -39.34 -70.32
CA TYR DA 96 32.99 -40.26 -71.40
C TYR DA 96 34.01 -40.12 -72.52
N TYR DA 97 34.90 -41.11 -72.62
CA TYR DA 97 35.97 -41.09 -73.60
C TYR DA 97 35.52 -41.76 -74.89
N CYS DA 98 36.21 -41.41 -75.96
CA CYS DA 98 35.85 -41.85 -77.30
C CYS DA 98 37.13 -42.28 -78.00
N ALA DA 99 37.18 -43.51 -78.49
CA ALA DA 99 38.43 -44.11 -78.94
C ALA DA 99 38.24 -44.82 -80.27
N ARG DA 100 39.12 -44.52 -81.23
CA ARG DA 100 39.21 -45.29 -82.46
C ARG DA 100 39.54 -46.73 -82.14
N ASP DA 101 38.70 -47.65 -82.58
CA ASP DA 101 38.81 -49.06 -82.25
C ASP DA 101 39.32 -49.85 -83.45
N LYS DA 102 40.56 -50.34 -83.34
CA LYS DA 102 41.16 -51.27 -84.27
C LYS DA 102 41.41 -52.55 -83.47
N ARG DA 103 40.33 -53.15 -82.97
CA ARG DA 103 40.36 -54.21 -81.96
C ARG DA 103 40.80 -53.62 -80.63
N TYR DA 104 41.99 -53.03 -80.59
CA TYR DA 104 42.42 -52.23 -79.47
C TYR DA 104 42.04 -50.77 -79.76
N MET DA 105 42.46 -49.85 -78.88
CA MET DA 105 42.09 -48.43 -78.97
C MET DA 105 43.38 -47.61 -78.96
N ASP DA 106 43.91 -47.33 -80.15
CA ASP DA 106 45.22 -46.68 -80.22
C ASP DA 106 45.15 -45.18 -79.95
N VAL DA 107 44.20 -44.47 -80.57
CA VAL DA 107 44.05 -43.03 -80.37
C VAL DA 107 42.74 -42.78 -79.64
N TRP DA 108 42.85 -42.18 -78.46
CA TRP DA 108 41.70 -41.86 -77.63
C TRP DA 108 41.31 -40.39 -77.80
N GLY DA 109 40.02 -40.11 -77.65
CA GLY DA 109 39.59 -38.74 -77.46
C GLY DA 109 40.11 -38.18 -76.14
N LYS DA 110 39.70 -36.94 -75.86
CA LYS DA 110 40.10 -36.26 -74.63
C LYS DA 110 39.02 -36.36 -73.54
N GLY DA 111 37.91 -37.03 -73.80
CA GLY DA 111 36.88 -37.22 -72.81
C GLY DA 111 35.97 -36.03 -72.59
N THR DA 112 34.67 -36.30 -72.54
CA THR DA 112 33.63 -35.34 -72.19
C THR DA 112 33.06 -35.75 -70.83
N THR DA 113 32.80 -34.78 -69.96
CA THR DA 113 32.26 -35.05 -68.63
C THR DA 113 30.75 -34.87 -68.64
N VAL DA 114 30.04 -35.87 -68.16
CA VAL DA 114 28.64 -35.72 -67.78
C VAL DA 114 28.58 -35.74 -66.25
N THR DA 115 28.00 -34.68 -65.66
CA THR DA 115 27.67 -34.68 -64.24
C THR DA 115 26.15 -34.67 -64.05
N VAL DA 116 25.63 -35.81 -63.57
CA VAL DA 116 24.22 -36.00 -63.30
C VAL DA 116 24.04 -35.88 -61.79
N SER DA 117 23.57 -34.72 -61.33
CA SER DA 117 23.38 -34.48 -59.90
C SER DA 117 21.91 -34.29 -59.57
N SER DA 118 21.48 -34.96 -58.49
CA SER DA 118 20.20 -34.79 -57.79
C SER DA 118 19.99 -35.99 -56.87
N GLY DA 119 18.99 -36.80 -57.16
CA GLY DA 119 18.73 -38.01 -56.39
C GLY DA 119 17.28 -38.18 -55.99
N VAL DA 136 34.11 -59.25 -62.99
CA VAL DA 136 34.84 -58.84 -64.19
C VAL DA 136 36.21 -59.52 -64.26
N LEU DA 137 37.28 -58.74 -64.16
CA LEU DA 137 38.66 -59.22 -64.24
C LEU DA 137 39.37 -58.93 -62.91
N THR DA 138 39.66 -59.98 -62.15
CA THR DA 138 40.48 -59.78 -60.96
C THR DA 138 41.86 -59.23 -61.32
N GLN DA 139 42.09 -57.99 -60.92
CA GLN DA 139 43.35 -57.29 -61.02
C GLN DA 139 43.60 -56.64 -59.67
N PRO DA 140 44.82 -56.70 -59.13
CA PRO DA 140 45.09 -56.05 -57.83
C PRO DA 140 44.79 -54.55 -57.90
N PRO DA 141 44.68 -53.87 -56.74
CA PRO DA 141 44.26 -52.46 -56.75
C PRO DA 141 45.40 -51.45 -56.88
N SER DA 142 46.56 -51.77 -56.31
CA SER DA 142 47.68 -50.84 -56.31
C SER DA 142 48.98 -51.56 -55.96
N VAL DA 143 50.08 -51.09 -56.55
CA VAL DA 143 51.42 -51.51 -56.20
C VAL DA 143 52.28 -50.28 -55.99
N SER DA 144 53.23 -50.38 -55.07
CA SER DA 144 54.16 -49.30 -54.77
C SER DA 144 55.58 -49.79 -54.96
N GLY DA 145 56.36 -49.04 -55.73
CA GLY DA 145 57.72 -49.45 -56.06
C GLY DA 145 58.69 -48.30 -55.92
N ALA DA 146 59.95 -48.65 -55.70
CA ALA DA 146 61.03 -47.68 -55.61
C ALA DA 146 61.64 -47.45 -56.97
N PRO DA 147 62.16 -46.24 -57.22
CA PRO DA 147 62.81 -45.96 -58.50
C PRO DA 147 63.93 -46.94 -58.81
N GLY DA 148 63.97 -47.40 -60.05
CA GLY DA 148 64.99 -48.34 -60.48
C GLY DA 148 64.51 -49.77 -60.57
N GLN DA 149 63.77 -50.24 -59.57
CA GLN DA 149 63.37 -51.64 -59.44
C GLN DA 149 62.41 -52.04 -60.56
N LYS DA 150 62.06 -53.33 -60.59
CA LYS DA 150 61.07 -53.92 -61.48
C LYS DA 150 59.82 -54.29 -60.67
N VAL DA 151 58.65 -54.18 -61.32
CA VAL DA 151 57.38 -54.49 -60.67
C VAL DA 151 56.43 -55.04 -61.73
N THR DA 152 55.46 -55.84 -61.29
CA THR DA 152 54.53 -56.53 -62.16
C THR DA 152 53.08 -56.19 -61.78
N ILE DA 153 52.21 -56.29 -62.77
CA ILE DA 153 50.77 -56.13 -62.59
C ILE DA 153 50.07 -57.24 -63.36
N SER DA 154 49.34 -58.08 -62.66
CA SER DA 154 48.59 -59.16 -63.26
C SER DA 154 47.14 -58.77 -63.49
N CYS DA 155 46.41 -59.69 -64.12
CA CYS DA 155 45.06 -59.47 -64.64
C CYS DA 155 44.56 -60.83 -65.10
N SER DA 156 43.61 -61.42 -64.37
CA SER DA 156 43.24 -62.81 -64.56
C SER DA 156 41.81 -62.91 -65.06
N GLY DA 157 41.64 -63.50 -66.24
CA GLY DA 157 40.32 -63.69 -66.79
C GLY DA 157 39.89 -65.13 -66.85
N SER DA 158 39.65 -65.64 -68.07
CA SER DA 158 39.01 -66.94 -68.23
C SER DA 158 39.17 -67.37 -69.68
N SER DA 159 38.71 -68.60 -69.96
CA SER DA 159 38.64 -69.10 -71.32
C SER DA 159 37.81 -68.21 -72.21
N SER DA 160 36.96 -67.37 -71.63
CA SER DA 160 36.10 -66.49 -72.40
C SER DA 160 36.82 -65.24 -72.87
N ASN DA 161 37.93 -64.90 -72.23
CA ASN DA 161 38.46 -63.56 -72.41
C ASN DA 161 39.98 -63.57 -72.52
N ILE DA 162 40.71 -63.26 -71.45
CA ILE DA 162 42.18 -63.32 -71.48
C ILE DA 162 42.64 -64.64 -72.06
N GLY DA 163 41.81 -65.68 -71.95
CA GLY DA 163 42.23 -66.98 -72.44
C GLY DA 163 42.22 -67.10 -73.95
N ARG DA 164 41.23 -66.49 -74.60
CA ARG DA 164 40.98 -66.78 -76.02
C ARG DA 164 41.42 -65.68 -76.96
N ASN DA 165 41.26 -64.43 -76.55
CA ASN DA 165 41.37 -63.28 -77.42
C ASN DA 165 42.60 -62.46 -77.08
N TYR DA 166 43.00 -61.61 -78.02
CA TYR DA 166 44.16 -60.76 -77.78
C TYR DA 166 43.85 -59.73 -76.70
N VAL DA 167 44.90 -59.24 -76.06
CA VAL DA 167 44.77 -58.34 -74.93
C VAL DA 167 45.38 -56.98 -75.30
N SER DA 168 44.91 -55.94 -74.61
CA SER DA 168 45.43 -54.60 -74.73
C SER DA 168 45.67 -54.03 -73.34
N TRP DA 169 46.77 -53.29 -73.19
CA TRP DA 169 47.11 -52.65 -71.93
C TRP DA 169 47.14 -51.14 -72.13
N TYR DA 170 46.51 -50.41 -71.21
CA TYR DA 170 46.39 -48.96 -71.29
C TYR DA 170 46.97 -48.30 -70.05
N GLN DA 171 47.72 -47.23 -70.27
CA GLN DA 171 48.39 -46.47 -69.22
C GLN DA 171 47.72 -45.11 -69.10
N GLN DA 172 47.16 -44.82 -67.92
CA GLN DA 172 46.48 -43.54 -67.69
C GLN DA 172 47.31 -42.74 -66.69
N LEU DA 173 48.14 -41.84 -67.21
CA LEU DA 173 48.87 -40.91 -66.39
C LEU DA 173 47.90 -39.91 -65.73
N PRO DA 174 48.35 -39.21 -64.68
CA PRO DA 174 47.43 -38.36 -63.91
C PRO DA 174 46.68 -37.36 -64.78
N GLY DA 175 45.37 -37.23 -64.50
CA GLY DA 175 44.53 -36.23 -65.14
C GLY DA 175 44.36 -36.40 -66.63
N ALA DA 176 44.99 -37.42 -67.20
CA ALA DA 176 45.00 -37.64 -68.64
C ALA DA 176 44.01 -38.72 -69.04
N ALA DA 177 43.63 -38.70 -70.31
CA ALA DA 177 42.85 -39.79 -70.86
C ALA DA 177 43.74 -41.03 -71.00
N PRO DA 178 43.15 -42.23 -70.98
CA PRO DA 178 43.95 -43.44 -71.16
C PRO DA 178 44.75 -43.41 -72.45
N LYS DA 179 45.94 -44.00 -72.40
CA LYS DA 179 46.82 -44.11 -73.54
C LYS DA 179 47.02 -45.59 -73.84
N LEU DA 180 47.32 -45.92 -75.09
CA LEU DA 180 47.65 -47.29 -75.43
C LEU DA 180 49.10 -47.61 -75.11
N LEU DA 181 49.28 -48.59 -74.23
CA LEU DA 181 50.56 -49.07 -73.73
C LEU DA 181 50.99 -50.34 -74.45
N LEU DA 182 50.06 -51.27 -74.67
CA LEU DA 182 50.36 -52.54 -75.30
C LEU DA 182 49.14 -53.07 -76.04
N TYR DA 183 49.40 -53.72 -77.18
CA TYR DA 183 48.37 -54.35 -77.97
C TYR DA 183 48.88 -55.72 -78.41
N ASP DA 184 47.98 -56.49 -79.01
CA ASP DA 184 48.29 -57.83 -79.53
C ASP DA 184 49.06 -58.64 -78.50
N ASN DA 185 48.42 -58.84 -77.34
CA ASN DA 185 49.00 -59.50 -76.18
C ASN DA 185 50.23 -58.79 -75.62
N ASN DA 186 51.19 -58.38 -76.48
CA ASN DA 186 52.45 -57.87 -75.95
C ASN DA 186 53.21 -56.96 -76.91
N LYS DA 187 52.52 -56.27 -77.82
CA LYS DA 187 53.22 -55.39 -78.76
C LYS DA 187 53.25 -53.97 -78.24
N ARG DA 188 54.33 -53.27 -78.53
CA ARG DA 188 54.48 -51.90 -78.08
C ARG DA 188 54.20 -50.92 -79.19
N PRO DA 189 53.36 -49.92 -78.94
CA PRO DA 189 53.25 -48.81 -79.88
C PRO DA 189 54.54 -47.99 -79.91
N SER DA 190 54.78 -47.37 -81.08
CA SER DA 190 55.89 -46.43 -81.23
C SER DA 190 55.85 -45.37 -80.14
N GLY DA 191 56.86 -45.37 -79.26
CA GLY DA 191 56.88 -44.46 -78.14
C GLY DA 191 56.98 -45.16 -76.79
N ILE DA 192 56.21 -46.22 -76.62
CA ILE DA 192 56.25 -47.01 -75.38
C ILE DA 192 57.61 -47.68 -75.32
N PRO DA 193 58.41 -47.43 -74.29
CA PRO DA 193 59.81 -47.89 -74.31
C PRO DA 193 59.95 -49.38 -73.97
N ASP DA 194 61.21 -49.81 -73.91
CA ASP DA 194 61.53 -51.23 -73.78
C ASP DA 194 61.12 -51.77 -72.43
N ARG DA 195 61.19 -50.94 -71.39
CA ARG DA 195 60.87 -51.38 -70.03
C ARG DA 195 59.47 -51.98 -69.96
N PHE DA 196 58.54 -51.44 -70.73
CA PHE DA 196 57.16 -51.91 -70.70
C PHE DA 196 57.04 -53.12 -71.62
N SER DA 197 56.74 -54.28 -71.03
CA SER DA 197 56.44 -55.48 -71.80
C SER DA 197 55.49 -56.36 -71.01
N ALA DA 198 54.72 -57.18 -71.74
CA ALA DA 198 53.71 -58.05 -71.16
C ALA DA 198 53.99 -59.50 -71.50
N SER DA 199 53.51 -60.39 -70.63
CA SER DA 199 53.57 -61.84 -70.81
C SER DA 199 52.16 -62.42 -70.68
N LYS DA 200 52.05 -63.74 -70.82
CA LYS DA 200 50.75 -64.37 -71.05
C LYS DA 200 50.88 -65.87 -70.81
N SER DA 201 50.14 -66.40 -69.85
CA SER DA 201 50.01 -67.84 -69.67
C SER DA 201 48.59 -68.17 -69.22
N GLY DA 202 47.96 -69.12 -69.91
CA GLY DA 202 46.60 -69.49 -69.62
C GLY DA 202 45.66 -68.31 -69.66
N PRO DA 203 44.92 -68.08 -68.55
CA PRO DA 203 44.07 -66.88 -68.48
C PRO DA 203 44.66 -65.77 -67.63
N SER DA 204 45.94 -65.41 -67.85
CA SER DA 204 46.51 -64.26 -67.17
C SER DA 204 47.47 -63.56 -68.13
N THR DA 205 47.43 -62.23 -68.08
CA THR DA 205 48.40 -61.37 -68.75
C THR DA 205 49.03 -60.47 -67.71
N THR DA 206 50.36 -60.50 -67.62
CA THR DA 206 51.09 -59.76 -66.59
C THR DA 206 52.03 -58.75 -67.26
N LEU DA 207 51.65 -57.48 -67.20
CA LEU DA 207 52.54 -56.39 -67.56
C LEU DA 207 53.67 -56.29 -66.55
N ALA DA 208 54.86 -55.89 -67.01
CA ALA DA 208 56.00 -55.75 -66.11
C ALA DA 208 56.88 -54.61 -66.60
N ILE DA 209 56.98 -53.56 -65.81
CA ILE DA 209 57.82 -52.40 -66.11
C ILE DA 209 59.14 -52.57 -65.37
N THR DA 210 60.26 -52.28 -66.03
CA THR DA 210 61.57 -52.73 -65.58
C THR DA 210 62.43 -51.63 -64.96
N GLY DA 211 62.77 -50.58 -65.71
CA GLY DA 211 63.60 -49.53 -65.17
C GLY DA 211 62.75 -48.46 -64.54
N LEU DA 212 61.87 -48.89 -63.63
CA LEU DA 212 60.80 -48.09 -63.05
C LEU DA 212 61.23 -46.66 -62.73
N GLN DA 213 60.94 -45.74 -63.65
CA GLN DA 213 61.22 -44.33 -63.46
C GLN DA 213 60.12 -43.70 -62.62
N THR DA 214 60.24 -42.39 -62.39
CA THR DA 214 59.22 -41.67 -61.64
C THR DA 214 58.02 -41.34 -62.51
N GLY DA 215 58.24 -41.06 -63.79
CA GLY DA 215 57.17 -40.66 -64.69
C GLY DA 215 56.17 -41.76 -64.99
N ASP DA 216 56.44 -42.98 -64.54
CA ASP DA 216 55.56 -44.11 -64.77
C ASP DA 216 54.44 -44.22 -63.75
N GLU DA 217 54.30 -43.24 -62.85
CA GLU DA 217 53.25 -43.29 -61.85
C GLU DA 217 51.90 -43.09 -62.53
N ALA DA 218 51.05 -44.12 -62.47
CA ALA DA 218 49.80 -44.06 -63.22
C ALA DA 218 48.91 -45.26 -62.89
N ASP DA 219 47.69 -45.20 -63.44
CA ASP DA 219 46.78 -46.33 -63.47
C ASP DA 219 47.01 -47.13 -64.74
N TYR DA 220 47.09 -48.45 -64.62
CA TYR DA 220 47.25 -49.32 -65.77
C TYR DA 220 46.05 -50.25 -65.87
N PHE DA 221 45.49 -50.38 -67.07
CA PHE DA 221 44.33 -51.22 -67.30
C PHE DA 221 44.59 -52.21 -68.41
N CYS DA 222 44.25 -53.47 -68.16
CA CYS DA 222 44.16 -54.51 -69.18
C CYS DA 222 42.77 -54.48 -69.79
N GLY DA 223 42.67 -54.85 -71.07
CA GLY DA 223 41.36 -54.86 -71.69
C GLY DA 223 41.22 -56.02 -72.65
N VAL DA 224 40.23 -56.91 -72.49
CA VAL DA 224 40.21 -57.98 -73.48
C VAL DA 224 38.76 -58.01 -73.92
N TRP DA 225 38.47 -58.87 -74.88
CA TRP DA 225 37.11 -59.13 -75.33
C TRP DA 225 36.67 -60.50 -74.82
N ASP DA 226 35.69 -60.52 -73.91
CA ASP DA 226 35.09 -61.76 -73.42
C ASP DA 226 34.10 -62.26 -74.47
N SER DA 227 34.47 -63.34 -75.16
CA SER DA 227 33.71 -63.80 -76.32
C SER DA 227 32.32 -64.31 -75.97
N SER DA 228 32.00 -64.51 -74.69
CA SER DA 228 30.67 -64.98 -74.32
C SER DA 228 29.75 -63.87 -73.83
N LEU DA 229 30.29 -62.90 -73.09
CA LEU DA 229 29.47 -61.76 -72.67
C LEU DA 229 29.30 -60.74 -73.79
N ARG DA 230 30.26 -60.70 -74.73
CA ARG DA 230 30.29 -59.73 -75.82
C ARG DA 230 30.45 -58.31 -75.30
N ALA DA 231 31.60 -58.09 -74.66
CA ALA DA 231 31.99 -56.77 -74.16
C ALA DA 231 33.50 -56.75 -74.03
N VAL DA 232 34.05 -55.53 -74.03
CA VAL DA 232 35.50 -55.32 -73.91
C VAL DA 232 35.78 -55.20 -72.42
N LEU DA 233 35.99 -56.34 -71.76
CA LEU DA 233 36.19 -56.33 -70.32
C LEU DA 233 37.48 -55.62 -69.96
N PHE DA 234 37.38 -54.62 -69.12
CA PHE DA 234 38.52 -53.94 -68.54
C PHE DA 234 38.87 -54.56 -67.20
N GLY DA 235 40.14 -54.43 -66.82
CA GLY DA 235 40.54 -54.73 -65.47
C GLY DA 235 40.06 -53.65 -64.52
N GLY DA 236 39.86 -54.04 -63.27
CA GLY DA 236 39.44 -53.11 -62.24
C GLY DA 236 40.42 -51.97 -62.12
N GLY DA 237 41.66 -52.22 -62.53
CA GLY DA 237 42.69 -51.22 -62.52
C GLY DA 237 43.59 -51.36 -61.31
N THR DA 238 44.90 -51.15 -61.56
CA THR DA 238 45.95 -50.87 -60.57
C THR DA 238 46.56 -49.48 -60.65
N LYS DA 239 46.60 -48.82 -59.48
CA LYS DA 239 47.31 -47.56 -59.33
C LYS DA 239 48.76 -47.83 -58.93
N LEU DA 240 49.70 -47.22 -59.64
CA LEU DA 240 51.13 -47.36 -59.39
C LEU DA 240 51.68 -46.09 -58.76
N THR DA 241 52.20 -46.19 -57.55
CA THR DA 241 52.86 -45.07 -56.88
C THR DA 241 54.35 -45.38 -56.73
N VAL DA 242 55.18 -44.55 -57.38
CA VAL DA 242 56.63 -44.74 -57.40
C VAL DA 242 57.27 -43.77 -56.42
N LEU DA 243 58.27 -44.24 -55.67
CA LEU DA 243 58.81 -43.49 -54.55
C LEU DA 243 60.04 -42.73 -54.99
N SER EA 6 -89.83 -10.50 -42.45
CA SER EA 6 -88.78 -11.47 -42.14
C SER EA 6 -87.50 -11.10 -42.87
N LEU EA 7 -86.36 -11.37 -42.23
CA LEU EA 7 -85.09 -10.88 -42.75
C LEU EA 7 -84.01 -11.95 -42.56
N HIS EA 8 -83.15 -12.10 -43.56
CA HIS EA 8 -82.13 -13.15 -43.60
C HIS EA 8 -80.76 -12.49 -43.78
N ILE EA 9 -79.99 -12.39 -42.69
CA ILE EA 9 -78.75 -11.63 -42.66
C ILE EA 9 -77.55 -12.56 -42.54
N TYR EA 10 -76.41 -12.12 -43.10
CA TYR EA 10 -75.18 -12.92 -43.22
C TYR EA 10 -73.98 -12.02 -42.87
N ASN EA 11 -73.79 -11.77 -41.58
CA ASN EA 11 -72.67 -10.97 -41.10
C ASN EA 11 -71.62 -11.87 -40.46
N TRP EA 12 -70.48 -11.28 -40.11
CA TRP EA 12 -69.35 -12.04 -39.57
C TRP EA 12 -69.59 -12.46 -38.13
N THR EA 13 -68.69 -13.32 -37.64
CA THR EA 13 -68.65 -13.69 -36.25
C THR EA 13 -68.34 -12.48 -35.38
N ASP EA 14 -68.79 -12.52 -34.13
CA ASP EA 14 -68.44 -11.53 -33.11
C ASP EA 14 -68.53 -10.11 -33.64
N TYR EA 15 -69.62 -9.83 -34.36
CA TYR EA 15 -69.68 -8.61 -35.14
C TYR EA 15 -71.03 -7.92 -34.91
N ILE EA 16 -71.57 -8.06 -33.70
CA ILE EA 16 -72.83 -7.42 -33.32
C ILE EA 16 -73.11 -7.64 -31.83
N ALA EA 17 -73.69 -6.65 -31.17
CA ALA EA 17 -74.13 -6.81 -29.80
C ALA EA 17 -75.34 -7.73 -29.74
N PRO EA 18 -75.50 -8.51 -28.66
CA PRO EA 18 -76.63 -9.47 -28.60
C PRO EA 18 -78.00 -8.83 -28.73
N THR EA 19 -78.32 -7.87 -27.86
CA THR EA 19 -79.65 -7.27 -27.86
C THR EA 19 -79.90 -6.32 -29.04
N THR EA 20 -79.01 -6.28 -30.04
CA THR EA 20 -79.21 -5.39 -31.18
C THR EA 20 -80.37 -5.88 -32.05
N LEU EA 21 -80.30 -7.12 -32.53
CA LEU EA 21 -81.40 -7.65 -33.35
C LEU EA 21 -82.68 -7.77 -32.54
N LYS EA 22 -82.58 -8.16 -31.27
CA LYS EA 22 -83.76 -8.26 -30.42
C LYS EA 22 -84.47 -6.91 -30.28
N ASP EA 23 -83.71 -5.81 -30.23
CA ASP EA 23 -84.31 -4.49 -30.18
C ASP EA 23 -84.90 -4.08 -31.52
N PHE EA 24 -84.33 -4.55 -32.63
CA PHE EA 24 -84.85 -4.17 -33.94
C PHE EA 24 -86.25 -4.75 -34.14
N THR EA 25 -86.49 -5.98 -33.67
CA THR EA 25 -87.78 -6.63 -33.83
C THR EA 25 -88.88 -5.89 -33.09
N LYS EA 26 -88.61 -5.51 -31.83
CA LYS EA 26 -89.60 -4.95 -30.94
C LYS EA 26 -90.01 -3.53 -31.32
N GLU EA 27 -89.19 -2.82 -32.10
CA GLU EA 27 -89.54 -1.52 -32.67
C GLU EA 27 -89.96 -1.61 -34.14
N SER EA 28 -89.98 -2.80 -34.74
CA SER EA 28 -90.39 -2.85 -36.13
C SER EA 28 -91.47 -3.90 -36.34
N GLY EA 29 -91.39 -5.01 -35.63
CA GLY EA 29 -92.25 -6.14 -35.90
C GLY EA 29 -91.71 -7.09 -36.94
N ILE EA 30 -90.41 -7.08 -37.18
CA ILE EA 30 -89.76 -7.86 -38.23
C ILE EA 30 -88.85 -8.89 -37.60
N ASP EA 31 -89.02 -10.15 -37.99
CA ASP EA 31 -88.20 -11.24 -37.49
C ASP EA 31 -86.91 -11.32 -38.29
N VAL EA 32 -85.79 -11.46 -37.57
CA VAL EA 32 -84.46 -11.44 -38.17
C VAL EA 32 -83.79 -12.79 -37.91
N SER EA 33 -83.24 -13.39 -38.96
CA SER EA 33 -82.45 -14.61 -38.87
C SER EA 33 -80.99 -14.26 -39.11
N TYR EA 34 -80.12 -14.69 -38.19
CA TYR EA 34 -78.71 -14.30 -38.21
C TYR EA 34 -77.86 -15.54 -38.43
N ASP EA 35 -77.14 -15.58 -39.55
CA ASP EA 35 -76.19 -16.63 -39.85
C ASP EA 35 -74.81 -16.01 -40.08
N VAL EA 36 -73.77 -16.64 -39.54
CA VAL EA 36 -72.44 -16.02 -39.52
C VAL EA 36 -71.42 -16.81 -40.34
N PHE EA 37 -70.21 -16.25 -40.41
CA PHE EA 37 -69.11 -16.80 -41.19
C PHE EA 37 -67.83 -16.10 -40.73
N ASP EA 38 -66.69 -16.74 -40.97
CA ASP EA 38 -65.43 -16.28 -40.42
C ASP EA 38 -64.46 -15.74 -41.46
N SER EA 39 -64.78 -15.82 -42.75
CA SER EA 39 -63.83 -15.41 -43.78
C SER EA 39 -64.56 -14.66 -44.89
N ASN EA 40 -63.79 -13.93 -45.70
CA ASN EA 40 -64.36 -13.26 -46.85
C ASN EA 40 -64.61 -14.22 -48.01
N GLU EA 41 -63.77 -15.25 -48.14
CA GLU EA 41 -63.94 -16.22 -49.22
C GLU EA 41 -65.23 -17.01 -49.04
N THR EA 42 -65.55 -17.39 -47.81
CA THR EA 42 -66.77 -18.15 -47.55
C THR EA 42 -67.99 -17.42 -48.08
N LEU EA 43 -68.10 -16.12 -47.77
CA LEU EA 43 -69.22 -15.32 -48.24
C LEU EA 43 -69.31 -15.27 -49.76
N GLU EA 44 -68.36 -14.57 -50.42
CA GLU EA 44 -68.37 -14.51 -51.87
C GLU EA 44 -68.64 -15.86 -52.51
N GLY EA 45 -68.33 -16.95 -51.79
CA GLY EA 45 -68.60 -18.27 -52.32
C GLY EA 45 -70.08 -18.61 -52.33
N LYS EA 46 -70.77 -18.34 -51.21
CA LYS EA 46 -72.23 -18.44 -51.28
C LYS EA 46 -72.81 -17.43 -52.26
N LEU EA 47 -72.13 -16.31 -52.51
CA LEU EA 47 -72.68 -15.32 -53.42
C LEU EA 47 -72.57 -15.77 -54.88
N VAL EA 48 -71.43 -16.34 -55.27
CA VAL EA 48 -71.28 -16.88 -56.62
C VAL EA 48 -72.18 -18.07 -56.83
N SER EA 49 -72.50 -18.80 -55.76
CA SER EA 49 -73.35 -19.98 -55.87
C SER EA 49 -74.64 -19.66 -56.61
N GLY EA 50 -75.19 -18.46 -56.44
CA GLY EA 50 -76.23 -17.95 -57.33
C GLY EA 50 -77.59 -17.71 -56.71
N HIS EA 51 -77.83 -18.19 -55.50
CA HIS EA 51 -79.17 -18.15 -54.94
C HIS EA 51 -79.17 -17.91 -53.43
N SER EA 52 -78.25 -18.53 -52.68
CA SER EA 52 -77.88 -18.13 -51.32
C SER EA 52 -78.72 -16.98 -50.74
N GLY EA 53 -79.99 -17.28 -50.45
CA GLY EA 53 -80.99 -16.26 -50.26
C GLY EA 53 -80.90 -15.49 -48.97
N TYR EA 54 -80.02 -14.50 -48.91
CA TYR EA 54 -79.97 -13.55 -47.79
C TYR EA 54 -80.41 -12.18 -48.29
N ASP EA 55 -80.95 -11.37 -47.38
CA ASP EA 55 -81.36 -10.03 -47.78
C ASP EA 55 -80.30 -8.98 -47.48
N ILE EA 56 -79.35 -9.26 -46.59
CA ILE EA 56 -78.27 -8.34 -46.26
C ILE EA 56 -77.00 -9.13 -45.99
N VAL EA 57 -75.95 -8.92 -46.78
CA VAL EA 57 -74.65 -9.55 -46.51
C VAL EA 57 -73.60 -8.46 -46.35
N VAL EA 58 -72.55 -8.78 -45.59
CA VAL EA 58 -71.52 -7.82 -45.24
C VAL EA 58 -70.16 -8.34 -45.72
N PRO EA 59 -69.70 -7.95 -46.90
CA PRO EA 59 -68.34 -8.28 -47.32
C PRO EA 59 -67.35 -7.16 -46.96
N SER EA 60 -66.08 -7.37 -47.28
CA SER EA 60 -65.06 -6.37 -47.04
C SER EA 60 -64.96 -5.42 -48.23
N ASN EA 61 -64.22 -4.33 -48.03
CA ASN EA 61 -64.16 -3.27 -49.04
C ASN EA 61 -63.65 -3.81 -50.37
N ASN EA 62 -62.68 -4.72 -50.33
CA ASN EA 62 -62.09 -5.18 -51.58
C ASN EA 62 -63.00 -6.14 -52.32
N PHE EA 63 -63.62 -7.08 -51.61
CA PHE EA 63 -64.46 -8.07 -52.29
C PHE EA 63 -65.72 -7.42 -52.84
N LEU EA 64 -66.38 -6.58 -52.05
CA LEU EA 64 -67.50 -5.76 -52.49
C LEU EA 64 -67.30 -5.18 -53.88
N GLY EA 65 -66.07 -4.79 -54.18
CA GLY EA 65 -65.69 -4.34 -55.51
C GLY EA 65 -66.08 -5.33 -56.59
N LYS EA 66 -65.30 -6.40 -56.74
CA LYS EA 66 -65.54 -7.43 -57.76
C LYS EA 66 -66.95 -7.99 -57.78
N GLN EA 67 -67.74 -7.83 -56.72
CA GLN EA 67 -69.06 -8.43 -56.71
C GLN EA 67 -70.08 -7.60 -57.46
N ILE EA 68 -69.94 -6.27 -57.46
CA ILE EA 68 -70.81 -5.46 -58.31
C ILE EA 68 -70.43 -5.66 -59.76
N GLN EA 69 -69.15 -5.93 -60.02
CA GLN EA 69 -68.66 -6.33 -61.33
C GLN EA 69 -69.23 -7.69 -61.72
N ALA EA 70 -70.21 -8.19 -60.96
CA ALA EA 70 -70.91 -9.41 -61.35
C ALA EA 70 -72.39 -9.38 -60.93
N GLY EA 71 -72.95 -8.19 -60.68
CA GLY EA 71 -74.37 -8.05 -60.43
C GLY EA 71 -74.88 -8.72 -59.17
N ALA EA 72 -74.00 -9.03 -58.22
CA ALA EA 72 -74.44 -9.70 -57.01
C ALA EA 72 -75.45 -8.86 -56.25
N PHE EA 73 -75.27 -7.56 -56.26
CA PHE EA 73 -76.10 -6.65 -55.49
C PHE EA 73 -76.93 -5.77 -56.41
N GLN EA 74 -78.07 -5.33 -55.89
CA GLN EA 74 -78.92 -4.37 -56.59
C GLN EA 74 -78.51 -2.95 -56.22
N LYS EA 75 -79.41 -1.98 -56.44
CA LYS EA 75 -79.13 -0.57 -56.21
C LYS EA 75 -79.74 -0.12 -54.89
N LEU EA 76 -78.96 0.63 -54.11
CA LEU EA 76 -79.44 1.30 -52.90
C LEU EA 76 -80.29 2.50 -53.29
N ASP EA 77 -81.62 2.34 -53.28
CA ASP EA 77 -82.52 3.45 -53.51
C ASP EA 77 -82.58 4.25 -52.21
N LYS EA 78 -81.79 5.32 -52.13
CA LYS EA 78 -81.46 5.97 -50.85
C LYS EA 78 -82.64 6.67 -50.21
N SER EA 79 -83.81 6.65 -50.84
CA SER EA 79 -85.02 7.11 -50.17
C SER EA 79 -85.36 6.20 -49.01
N LYS EA 80 -85.15 4.89 -49.20
CA LYS EA 80 -85.50 3.93 -48.16
C LYS EA 80 -84.60 4.07 -46.94
N LEU EA 81 -83.49 4.81 -47.07
CA LEU EA 81 -82.55 5.09 -45.98
C LEU EA 81 -82.49 6.58 -45.66
N PRO EA 82 -83.41 7.09 -44.85
CA PRO EA 82 -83.29 8.46 -44.35
C PRO EA 82 -82.04 8.68 -43.51
N ASN EA 83 -81.87 7.89 -42.44
CA ASN EA 83 -80.71 8.13 -41.56
C ASN EA 83 -79.34 7.85 -42.24
N TRP EA 84 -79.32 7.72 -43.57
CA TRP EA 84 -78.08 7.79 -44.34
C TRP EA 84 -77.38 9.13 -44.16
N LYS EA 85 -78.12 10.20 -43.87
CA LYS EA 85 -77.50 11.50 -43.67
C LYS EA 85 -76.45 11.47 -42.57
N ASN EA 86 -76.43 10.43 -41.73
CA ASN EA 86 -75.59 10.34 -40.54
C ASN EA 86 -74.22 9.72 -40.79
N LEU EA 87 -73.98 9.12 -41.95
CA LEU EA 87 -72.65 8.60 -42.25
C LEU EA 87 -71.72 9.75 -42.60
N ASP EA 88 -70.43 9.62 -42.25
CA ASP EA 88 -69.56 10.73 -42.62
C ASP EA 88 -69.35 10.73 -44.12
N PRO EA 89 -68.98 11.88 -44.69
CA PRO EA 89 -68.55 11.89 -46.09
C PRO EA 89 -67.17 11.30 -46.26
N ALA EA 90 -66.22 11.72 -45.41
CA ALA EA 90 -64.82 11.34 -45.47
C ALA EA 90 -64.60 9.87 -45.80
N LEU EA 91 -65.30 8.96 -45.10
CA LEU EA 91 -65.19 7.54 -45.41
C LEU EA 91 -65.96 7.17 -46.68
N LEU EA 92 -67.15 7.75 -46.88
CA LEU EA 92 -67.95 7.39 -48.05
C LEU EA 92 -67.20 7.67 -49.35
N LYS EA 93 -66.49 8.81 -49.42
CA LYS EA 93 -65.67 9.09 -50.59
C LYS EA 93 -64.42 8.22 -50.62
N GLN EA 94 -63.93 7.82 -49.45
CA GLN EA 94 -62.89 6.79 -49.40
C GLN EA 94 -63.38 5.50 -50.02
N LEU EA 95 -64.69 5.27 -50.00
CA LEU EA 95 -65.29 4.04 -50.53
C LEU EA 95 -66.04 4.27 -51.84
N GLU EA 96 -65.70 5.32 -52.57
CA GLU EA 96 -66.01 5.41 -53.99
C GLU EA 96 -64.93 4.73 -54.82
N VAL EA 97 -64.08 3.94 -54.19
CA VAL EA 97 -63.03 3.22 -54.90
C VAL EA 97 -63.57 1.92 -55.49
N SER EA 98 -64.36 1.19 -54.71
CA SER EA 98 -65.00 -0.04 -55.17
C SER EA 98 -66.50 0.14 -55.42
N ASP EA 99 -67.12 1.13 -54.77
CA ASP EA 99 -68.54 1.44 -54.92
C ASP EA 99 -68.69 2.91 -55.27
N PRO EA 100 -68.56 3.25 -56.56
CA PRO EA 100 -68.71 4.66 -56.98
C PRO EA 100 -70.08 5.19 -56.61
N GLY EA 101 -70.14 6.49 -56.33
CA GLY EA 101 -71.36 7.15 -55.91
C GLY EA 101 -72.02 6.52 -54.71
N ASN EA 102 -71.34 5.55 -54.08
CA ASN EA 102 -71.89 4.74 -52.99
C ASN EA 102 -73.26 4.18 -53.36
N GLN EA 103 -73.30 3.51 -54.52
CA GLN EA 103 -74.59 3.09 -55.08
C GLN EA 103 -75.13 1.82 -54.46
N TYR EA 104 -74.27 0.97 -53.91
CA TYR EA 104 -74.68 -0.39 -53.60
C TYR EA 104 -74.62 -0.75 -52.12
N ALA EA 105 -73.58 -0.33 -51.39
CA ALA EA 105 -73.34 -0.83 -50.05
C ALA EA 105 -73.34 0.28 -49.01
N VAL EA 106 -73.82 -0.04 -47.83
CA VAL EA 106 -73.85 0.88 -46.69
C VAL EA 106 -72.75 0.46 -45.73
N PRO EA 107 -71.87 1.37 -45.29
CA PRO EA 107 -70.80 0.97 -44.38
C PRO EA 107 -71.34 0.34 -43.10
N TYR EA 108 -70.58 -0.62 -42.57
CA TYR EA 108 -70.90 -1.23 -41.29
C TYR EA 108 -69.82 -0.88 -40.27
N LEU EA 109 -68.81 -1.74 -40.12
CA LEU EA 109 -67.70 -1.48 -39.21
C LEU EA 109 -66.38 -1.60 -39.98
N TRP EA 110 -65.30 -1.06 -39.40
CA TRP EA 110 -64.01 -1.04 -40.07
C TRP EA 110 -62.89 -1.07 -39.02
N GLY EA 111 -61.75 -1.63 -39.41
CA GLY EA 111 -60.63 -1.76 -38.49
C GLY EA 111 -59.32 -2.07 -39.20
N THR EA 112 -58.32 -2.41 -38.40
CA THR EA 112 -56.99 -2.76 -38.87
C THR EA 112 -56.82 -4.28 -38.85
N ASN EA 113 -55.57 -4.74 -38.93
CA ASN EA 113 -55.24 -6.12 -38.55
C ASN EA 113 -53.79 -6.12 -38.13
N GLY EA 114 -53.44 -6.98 -37.18
CA GLY EA 114 -52.07 -6.98 -36.68
C GLY EA 114 -51.71 -8.22 -35.91
N ILE EA 115 -50.87 -8.07 -34.90
CA ILE EA 115 -50.50 -9.15 -34.00
C ILE EA 115 -51.19 -8.91 -32.67
N GLY EA 116 -51.90 -9.92 -32.19
CA GLY EA 116 -52.42 -9.95 -30.83
C GLY EA 116 -51.68 -11.03 -30.05
N TYR EA 117 -51.09 -10.64 -28.94
CA TYR EA 117 -50.16 -11.53 -28.25
C TYR EA 117 -50.45 -11.56 -26.77
N ASN EA 118 -49.96 -12.61 -26.13
CA ASN EA 118 -50.20 -12.88 -24.71
C ASN EA 118 -48.98 -12.37 -23.97
N VAL EA 119 -49.03 -11.08 -23.61
CA VAL EA 119 -47.92 -10.32 -23.03
C VAL EA 119 -47.16 -11.10 -21.98
N ALA EA 120 -47.88 -11.84 -21.14
CA ALA EA 120 -47.24 -12.61 -20.08
C ALA EA 120 -46.35 -13.70 -20.65
N LYS EA 121 -46.93 -14.65 -21.37
CA LYS EA 121 -46.14 -15.78 -21.85
C LYS EA 121 -45.25 -15.39 -23.03
N VAL EA 122 -45.62 -14.33 -23.78
CA VAL EA 122 -44.77 -13.87 -24.87
C VAL EA 122 -43.45 -13.30 -24.32
N LYS EA 123 -43.54 -12.43 -23.32
CA LYS EA 123 -42.32 -11.98 -22.63
C LYS EA 123 -41.49 -13.17 -22.17
N GLU EA 124 -42.14 -14.20 -21.65
CA GLU EA 124 -41.44 -15.30 -20.98
C GLU EA 124 -40.62 -16.13 -21.97
N VAL EA 125 -41.19 -16.45 -23.13
CA VAL EA 125 -40.47 -17.29 -24.09
C VAL EA 125 -39.53 -16.51 -25.00
N LEU EA 126 -39.61 -15.18 -25.00
CA LEU EA 126 -38.84 -14.36 -25.92
C LEU EA 126 -38.08 -13.23 -25.24
N GLY EA 127 -38.09 -13.16 -23.90
CA GLY EA 127 -37.46 -12.09 -23.16
C GLY EA 127 -38.04 -10.73 -23.51
N ASP EA 128 -37.33 -9.70 -23.08
CA ASP EA 128 -37.73 -8.33 -23.40
C ASP EA 128 -37.41 -7.93 -24.84
N GLN EA 129 -37.66 -8.83 -25.81
CA GLN EA 129 -37.57 -8.46 -27.21
C GLN EA 129 -38.80 -7.66 -27.63
N PRO EA 130 -38.63 -6.61 -28.44
CA PRO EA 130 -39.77 -5.79 -28.85
C PRO EA 130 -40.70 -6.54 -29.79
N ILE EA 131 -42.00 -6.50 -29.49
CA ILE EA 131 -43.02 -7.00 -30.38
C ILE EA 131 -43.60 -5.81 -31.14
N ASP EA 132 -42.93 -5.43 -32.23
CA ASP EA 132 -43.34 -4.28 -33.02
C ASP EA 132 -43.30 -4.53 -34.52
N SER EA 133 -42.90 -5.72 -34.96
CA SER EA 133 -42.74 -6.00 -36.38
C SER EA 133 -43.31 -7.37 -36.70
N TRP EA 134 -43.83 -7.50 -37.93
CA TRP EA 134 -44.42 -8.75 -38.41
C TRP EA 134 -43.42 -9.90 -38.35
N ALA EA 135 -42.14 -9.57 -38.13
CA ALA EA 135 -41.11 -10.60 -38.04
C ALA EA 135 -41.33 -11.53 -36.87
N ILE EA 136 -42.20 -11.18 -35.92
CA ILE EA 136 -42.51 -12.09 -34.82
C ILE EA 136 -43.28 -13.30 -35.33
N LEU EA 137 -44.06 -13.13 -36.39
CA LEU EA 137 -44.79 -14.23 -37.01
C LEU EA 137 -44.12 -14.78 -38.24
N PHE EA 138 -43.46 -13.94 -39.02
CA PHE EA 138 -42.98 -14.32 -40.34
C PHE EA 138 -41.52 -14.78 -40.34
N GLU EA 139 -40.86 -14.80 -39.17
CA GLU EA 139 -39.47 -15.24 -39.16
C GLU EA 139 -39.31 -16.50 -38.32
N PRO EA 140 -38.48 -17.44 -38.77
CA PRO EA 140 -38.43 -18.75 -38.10
C PRO EA 140 -37.80 -18.70 -36.72
N GLU EA 141 -36.68 -17.98 -36.57
CA GLU EA 141 -36.04 -17.71 -35.30
C GLU EA 141 -37.03 -17.45 -34.17
N ASN EA 142 -37.99 -16.53 -34.41
CA ASN EA 142 -38.99 -16.21 -33.39
C ASN EA 142 -40.06 -17.29 -33.28
N MET EA 143 -40.64 -17.72 -34.40
CA MET EA 143 -41.71 -18.70 -34.34
C MET EA 143 -41.25 -20.03 -33.74
N LYS EA 144 -40.00 -20.42 -33.99
CA LYS EA 144 -39.44 -21.65 -33.42
C LYS EA 144 -39.64 -21.73 -31.91
N LYS EA 145 -39.51 -20.61 -31.19
CA LYS EA 145 -39.82 -20.64 -29.76
C LYS EA 145 -41.31 -20.56 -29.47
N LEU EA 146 -42.02 -19.61 -30.08
CA LEU EA 146 -43.45 -19.42 -29.85
C LEU EA 146 -44.26 -20.64 -30.29
N ALA EA 147 -43.59 -21.67 -30.78
CA ALA EA 147 -44.27 -22.84 -31.33
C ALA EA 147 -45.04 -23.60 -30.25
N LYS EA 148 -44.33 -24.07 -29.22
CA LYS EA 148 -44.99 -24.80 -28.14
C LYS EA 148 -46.04 -23.96 -27.43
N CYS EA 149 -45.92 -22.63 -27.48
CA CYS EA 149 -46.81 -21.74 -26.76
C CYS EA 149 -48.13 -21.50 -27.50
N GLY EA 150 -48.12 -21.55 -28.84
CA GLY EA 150 -49.33 -21.47 -29.62
C GLY EA 150 -49.45 -20.29 -30.55
N VAL EA 151 -49.08 -20.46 -31.83
CA VAL EA 151 -49.32 -19.44 -32.84
C VAL EA 151 -50.47 -19.89 -33.74
N ALA EA 152 -51.34 -18.94 -34.09
CA ALA EA 152 -52.46 -19.16 -34.99
C ALA EA 152 -52.40 -18.14 -36.11
N PHE EA 153 -52.23 -18.62 -37.34
CA PHE EA 153 -52.45 -17.76 -38.49
C PHE EA 153 -53.94 -17.76 -38.84
N MET EA 154 -54.32 -16.82 -39.71
CA MET EA 154 -55.65 -16.85 -40.30
C MET EA 154 -55.68 -17.79 -41.49
N ASP EA 155 -56.87 -18.31 -41.76
CA ASP EA 155 -57.11 -19.22 -42.87
C ASP EA 155 -57.63 -18.46 -44.09
N SER EA 156 -56.87 -17.47 -44.53
CA SER EA 156 -57.29 -16.66 -45.67
C SER EA 156 -56.08 -16.10 -46.39
N GLY EA 157 -55.92 -16.45 -47.67
CA GLY EA 157 -54.84 -15.90 -48.47
C GLY EA 157 -55.01 -14.43 -48.78
N ASP EA 158 -56.18 -13.86 -48.50
CA ASP EA 158 -56.42 -12.43 -48.69
C ASP EA 158 -55.88 -11.61 -47.52
N GLU EA 159 -55.74 -12.23 -46.35
CA GLU EA 159 -55.19 -11.57 -45.17
C GLU EA 159 -53.72 -11.89 -44.95
N MET EA 160 -53.28 -13.09 -45.32
CA MET EA 160 -51.89 -13.50 -45.07
C MET EA 160 -50.93 -12.95 -46.11
N LEU EA 161 -51.07 -13.42 -47.35
CA LEU EA 161 -50.11 -13.07 -48.40
C LEU EA 161 -49.96 -11.56 -48.63
N PRO EA 162 -50.98 -10.72 -48.52
CA PRO EA 162 -50.72 -9.27 -48.57
C PRO EA 162 -49.88 -8.75 -47.41
N ALA EA 163 -50.08 -9.30 -46.21
CA ALA EA 163 -49.26 -8.87 -45.08
C ALA EA 163 -47.83 -9.39 -45.22
N ALA EA 164 -47.67 -10.64 -45.65
CA ALA EA 164 -46.33 -11.18 -45.89
C ALA EA 164 -45.61 -10.39 -46.96
N LEU EA 165 -46.34 -9.80 -47.90
CA LEU EA 165 -45.73 -8.87 -48.83
C LEU EA 165 -45.33 -7.58 -48.11
N ASN EA 166 -46.28 -6.95 -47.40
CA ASN EA 166 -45.98 -5.70 -46.71
C ASN EA 166 -44.96 -5.86 -45.60
N TYR EA 167 -44.67 -7.11 -45.19
CA TYR EA 167 -43.54 -7.31 -44.28
C TYR EA 167 -42.25 -7.05 -45.03
N LEU EA 168 -42.00 -7.79 -46.12
CA LEU EA 168 -40.82 -7.60 -46.94
C LEU EA 168 -40.79 -6.20 -47.55
N GLY EA 169 -41.74 -5.35 -47.20
CA GLY EA 169 -41.75 -3.99 -47.70
C GLY EA 169 -42.25 -3.94 -49.12
N LEU EA 170 -42.70 -5.07 -49.63
CA LEU EA 170 -43.31 -5.15 -50.95
C LEU EA 170 -44.64 -4.42 -50.99
N ASP EA 171 -45.19 -4.35 -52.20
CA ASP EA 171 -46.54 -3.89 -52.42
C ASP EA 171 -47.51 -5.01 -52.07
N PRO EA 172 -48.42 -4.80 -51.11
CA PRO EA 172 -49.43 -5.84 -50.84
C PRO EA 172 -50.30 -6.13 -52.06
N ASN EA 173 -50.81 -5.07 -52.69
CA ASN EA 173 -51.71 -5.20 -53.84
C ASN EA 173 -50.95 -5.27 -55.15
N THR EA 174 -49.86 -6.03 -55.20
CA THR EA 174 -49.03 -6.07 -56.40
C THR EA 174 -49.43 -7.25 -57.26
N HIS EA 175 -49.36 -7.05 -58.58
CA HIS EA 175 -49.78 -8.05 -59.54
C HIS EA 175 -48.65 -8.97 -59.97
N ASP EA 176 -47.41 -8.60 -59.66
CA ASP EA 176 -46.27 -9.38 -60.14
C ASP EA 176 -46.21 -10.73 -59.43
N PRO EA 177 -46.18 -11.85 -60.18
CA PRO EA 177 -46.02 -13.16 -59.54
C PRO EA 177 -44.68 -13.38 -58.87
N LYS EA 178 -43.63 -12.66 -59.28
CA LYS EA 178 -42.31 -12.89 -58.68
C LYS EA 178 -42.28 -12.46 -57.22
N ASP EA 179 -42.90 -11.33 -56.88
CA ASP EA 179 -43.05 -10.92 -55.50
C ASP EA 179 -43.66 -12.05 -54.68
N TYR EA 180 -44.82 -12.54 -55.13
CA TYR EA 180 -45.59 -13.51 -54.37
C TYR EA 180 -44.77 -14.75 -54.03
N LYS EA 181 -44.03 -15.27 -55.00
CA LYS EA 181 -43.34 -16.55 -54.80
C LYS EA 181 -42.24 -16.46 -53.75
N LYS EA 182 -41.84 -15.25 -53.34
CA LYS EA 182 -40.91 -15.09 -52.22
C LYS EA 182 -41.64 -14.92 -50.90
N ALA EA 183 -42.73 -14.15 -50.88
CA ALA EA 183 -43.58 -14.12 -49.70
C ALA EA 183 -44.08 -15.51 -49.37
N GLU EA 184 -44.26 -16.36 -50.38
CA GLU EA 184 -44.73 -17.72 -50.16
C GLU EA 184 -43.69 -18.55 -49.42
N GLU EA 185 -42.41 -18.21 -49.59
CA GLU EA 185 -41.35 -18.93 -48.88
C GLU EA 185 -41.28 -18.50 -47.42
N VAL EA 186 -41.46 -17.20 -47.16
CA VAL EA 186 -41.62 -16.63 -45.83
C VAL EA 186 -42.64 -17.48 -45.06
N LEU EA 187 -43.85 -17.59 -45.61
CA LEU EA 187 -44.95 -18.25 -44.91
C LEU EA 187 -44.71 -19.75 -44.73
N THR EA 188 -44.20 -20.45 -45.77
CA THR EA 188 -43.71 -21.83 -45.59
C THR EA 188 -42.43 -21.94 -44.76
N LYS EA 189 -41.61 -20.90 -44.63
CA LYS EA 189 -40.51 -21.06 -43.69
C LYS EA 189 -41.03 -21.17 -42.26
N VAL EA 190 -42.15 -20.50 -41.98
CA VAL EA 190 -42.72 -20.47 -40.65
C VAL EA 190 -43.95 -21.38 -40.54
N ARG EA 191 -44.15 -22.26 -41.51
CA ARG EA 191 -45.35 -23.11 -41.48
C ARG EA 191 -45.30 -24.16 -40.36
N PRO EA 192 -44.18 -24.88 -40.12
CA PRO EA 192 -44.21 -25.91 -39.07
C PRO EA 192 -44.41 -25.37 -37.66
N TYR EA 193 -44.59 -24.06 -37.52
CA TYR EA 193 -44.77 -23.43 -36.21
C TYR EA 193 -46.15 -22.80 -36.06
N VAL EA 194 -47.11 -23.22 -36.87
CA VAL EA 194 -48.47 -22.70 -36.83
C VAL EA 194 -49.37 -23.82 -36.34
N SER EA 195 -49.93 -23.67 -35.13
CA SER EA 195 -50.85 -24.67 -34.61
C SER EA 195 -52.01 -24.91 -35.57
N TYR EA 196 -52.68 -23.83 -36.01
CA TYR EA 196 -53.81 -23.99 -36.91
C TYR EA 196 -53.98 -22.73 -37.75
N PHE EA 197 -54.71 -22.90 -38.86
CA PHE EA 197 -55.14 -21.81 -39.72
C PHE EA 197 -56.64 -21.60 -39.48
N HIS EA 198 -56.99 -20.47 -38.88
CA HIS EA 198 -58.38 -20.22 -38.51
C HIS EA 198 -58.56 -18.73 -38.32
N SER EA 199 -59.60 -18.17 -38.94
CA SER EA 199 -59.84 -16.74 -38.93
C SER EA 199 -60.82 -16.29 -37.84
N SER EA 200 -61.14 -17.16 -36.87
CA SER EA 200 -62.01 -16.74 -35.78
C SER EA 200 -61.73 -17.50 -34.49
N LYS EA 201 -61.47 -18.81 -34.59
CA LYS EA 201 -61.22 -19.68 -33.44
C LYS EA 201 -60.32 -19.04 -32.39
N TYR EA 202 -59.39 -18.19 -32.82
CA TYR EA 202 -58.36 -17.66 -31.93
C TYR EA 202 -58.92 -16.72 -30.86
N ILE EA 203 -60.11 -16.16 -31.07
CA ILE EA 203 -60.59 -15.12 -30.17
C ILE EA 203 -60.79 -15.63 -28.75
N SER EA 204 -61.29 -16.86 -28.57
CA SER EA 204 -61.31 -17.42 -27.23
C SER EA 204 -60.02 -18.11 -26.84
N ASP EA 205 -59.26 -18.63 -27.83
CA ASP EA 205 -58.00 -19.30 -27.54
C ASP EA 205 -56.98 -18.32 -26.98
N LEU EA 206 -56.87 -17.13 -27.58
CA LEU EA 206 -56.05 -16.07 -26.98
C LEU EA 206 -56.50 -15.78 -25.55
N ALA EA 207 -57.82 -15.53 -25.36
CA ALA EA 207 -58.34 -15.08 -24.07
C ALA EA 207 -58.09 -16.10 -22.97
N ASN EA 208 -58.57 -17.33 -23.16
CA ASN EA 208 -58.36 -18.33 -22.12
C ASN EA 208 -56.93 -18.86 -22.11
N GLY EA 209 -56.16 -18.52 -23.15
CA GLY EA 209 -54.74 -18.83 -23.17
C GLY EA 209 -54.38 -20.18 -23.73
N ASN EA 210 -55.12 -20.68 -24.73
CA ASN EA 210 -54.65 -21.83 -25.49
C ASN EA 210 -53.57 -21.44 -26.49
N ILE EA 211 -53.44 -20.15 -26.79
CA ILE EA 211 -52.39 -19.63 -27.65
C ILE EA 211 -51.87 -18.32 -27.07
N CYS EA 212 -50.66 -17.95 -27.47
CA CYS EA 212 -49.99 -16.77 -26.94
C CYS EA 212 -49.79 -15.65 -27.95
N VAL EA 213 -50.11 -15.88 -29.23
CA VAL EA 213 -49.85 -14.94 -30.31
C VAL EA 213 -50.48 -15.46 -31.58
N ALA EA 214 -51.18 -14.58 -32.30
CA ALA EA 214 -51.99 -15.01 -33.44
C ALA EA 214 -52.29 -13.79 -34.30
N PHE EA 215 -51.97 -13.89 -35.59
CA PHE EA 215 -52.50 -12.96 -36.57
C PHE EA 215 -53.99 -12.73 -36.35
N GLY EA 216 -54.37 -11.46 -36.19
CA GLY EA 216 -55.74 -11.16 -35.85
C GLY EA 216 -56.22 -9.84 -36.41
N TYR EA 217 -57.54 -9.69 -36.40
CA TYR EA 217 -58.18 -8.43 -36.69
C TYR EA 217 -58.08 -7.50 -35.49
N SER EA 218 -58.33 -6.21 -35.73
CA SER EA 218 -58.22 -5.21 -34.68
C SER EA 218 -59.15 -5.52 -33.51
N GLY EA 219 -60.44 -5.26 -33.68
CA GLY EA 219 -61.37 -5.42 -32.58
C GLY EA 219 -61.52 -6.86 -32.12
N ASP EA 220 -61.20 -7.81 -33.00
CA ASP EA 220 -61.18 -9.22 -32.60
C ASP EA 220 -60.32 -9.40 -31.35
N VAL EA 221 -59.04 -9.00 -31.45
CA VAL EA 221 -58.15 -9.06 -30.29
C VAL EA 221 -58.72 -8.27 -29.12
N PHE EA 222 -59.41 -7.16 -29.40
CA PHE EA 222 -59.92 -6.38 -28.30
C PHE EA 222 -61.07 -7.07 -27.56
N GLN EA 223 -61.66 -8.10 -28.13
CA GLN EA 223 -62.55 -8.96 -27.34
C GLN EA 223 -61.73 -9.91 -26.48
N ALA EA 224 -60.85 -10.68 -27.11
CA ALA EA 224 -60.01 -11.64 -26.39
C ALA EA 224 -59.34 -11.00 -25.18
N ALA EA 225 -58.86 -9.78 -25.32
CA ALA EA 225 -58.32 -9.05 -24.17
C ALA EA 225 -59.44 -8.67 -23.20
N ALA EA 226 -60.52 -8.07 -23.71
CA ALA EA 226 -61.63 -7.69 -22.86
C ALA EA 226 -62.29 -8.88 -22.17
N ARG EA 227 -62.20 -10.07 -22.76
CA ARG EA 227 -62.77 -11.27 -22.15
C ARG EA 227 -61.84 -11.88 -21.11
N ALA EA 228 -60.53 -11.90 -21.40
CA ALA EA 228 -59.55 -12.44 -20.46
C ALA EA 228 -59.67 -11.79 -19.08
N GLU EA 229 -60.32 -10.64 -18.99
CA GLU EA 229 -60.55 -9.95 -17.73
C GLU EA 229 -61.83 -10.41 -17.04
N GLU EA 230 -62.98 -10.41 -17.75
CA GLU EA 230 -64.10 -10.97 -16.99
C GLU EA 230 -64.07 -12.49 -16.92
N ALA EA 231 -63.02 -13.14 -17.40
CA ALA EA 231 -62.71 -14.46 -16.86
C ALA EA 231 -61.82 -14.37 -15.63
N GLY EA 232 -61.27 -13.18 -15.36
CA GLY EA 232 -60.58 -12.88 -14.12
C GLY EA 232 -59.42 -13.78 -13.77
N LYS EA 233 -58.46 -13.93 -14.69
CA LYS EA 233 -57.27 -14.71 -14.37
C LYS EA 233 -55.98 -14.02 -14.83
N GLY EA 234 -56.00 -12.70 -15.03
CA GLY EA 234 -54.80 -11.94 -15.33
C GLY EA 234 -54.23 -12.11 -16.72
N ILE EA 235 -54.96 -12.71 -17.65
CA ILE EA 235 -54.42 -13.05 -18.96
C ILE EA 235 -54.34 -11.76 -19.79
N ASP EA 236 -53.15 -11.18 -19.90
CA ASP EA 236 -52.97 -9.88 -20.53
C ASP EA 236 -52.76 -10.05 -22.03
N ILE EA 237 -53.78 -9.70 -22.82
CA ILE EA 237 -53.71 -9.74 -24.28
C ILE EA 237 -53.58 -8.32 -24.78
N GLN EA 238 -52.73 -8.12 -25.78
CA GLN EA 238 -52.52 -6.79 -26.32
C GLN EA 238 -52.48 -6.84 -27.83
N TYR EA 239 -52.58 -5.67 -28.44
CA TYR EA 239 -52.70 -5.52 -29.89
C TYR EA 239 -51.67 -4.52 -30.37
N VAL EA 240 -50.96 -4.87 -31.45
CA VAL EA 240 -49.78 -4.14 -31.90
C VAL EA 240 -49.79 -4.11 -33.43
N ILE EA 241 -50.09 -2.95 -33.99
CA ILE EA 241 -49.98 -2.73 -35.43
C ILE EA 241 -48.49 -2.66 -35.73
N PRO EA 242 -47.90 -3.65 -36.42
CA PRO EA 242 -46.44 -3.72 -36.51
C PRO EA 242 -45.78 -2.56 -37.25
N LYS EA 243 -44.46 -2.67 -37.40
CA LYS EA 243 -43.62 -1.55 -37.82
C LYS EA 243 -43.94 -1.11 -39.24
N GLU EA 244 -43.91 -2.05 -40.17
CA GLU EA 244 -44.14 -1.91 -41.62
C GLU EA 244 -45.58 -1.61 -41.96
N GLY EA 245 -46.42 -1.33 -40.98
CA GLY EA 245 -47.83 -1.11 -41.24
C GLY EA 245 -48.59 -2.41 -41.31
N ALA EA 246 -49.86 -2.30 -41.65
CA ALA EA 246 -50.75 -3.46 -41.65
C ALA EA 246 -52.00 -3.12 -42.44
N ASN EA 247 -52.83 -4.13 -42.67
CA ASN EA 247 -53.99 -3.96 -43.54
C ASN EA 247 -55.02 -3.07 -42.87
N LEU EA 248 -55.65 -2.21 -43.66
CA LEU EA 248 -56.81 -1.43 -43.23
C LEU EA 248 -57.96 -1.78 -44.15
N TRP EA 249 -59.09 -2.15 -43.56
CA TRP EA 249 -60.22 -2.63 -44.33
C TRP EA 249 -61.52 -1.99 -43.85
N PHE EA 250 -62.57 -2.24 -44.61
CA PHE EA 250 -63.89 -1.67 -44.39
C PHE EA 250 -64.93 -2.73 -44.74
N ASP EA 251 -65.83 -3.02 -43.80
CA ASP EA 251 -66.94 -3.94 -44.04
C ASP EA 251 -68.22 -3.15 -44.20
N LEU EA 252 -68.98 -3.49 -45.24
CA LEU EA 252 -70.14 -2.72 -45.65
C LEU EA 252 -71.33 -3.62 -45.89
N MET EA 253 -72.47 -3.23 -45.35
CA MET EA 253 -73.70 -3.98 -45.58
C MET EA 253 -74.18 -3.69 -47.00
N ALA EA 254 -74.76 -4.71 -47.63
CA ALA EA 254 -75.21 -4.56 -49.01
C ALA EA 254 -76.22 -5.64 -49.32
N ILE EA 255 -77.22 -5.26 -50.12
CA ILE EA 255 -78.40 -6.08 -50.34
C ILE EA 255 -78.23 -6.85 -51.65
N PRO EA 256 -78.32 -8.18 -51.63
CA PRO EA 256 -78.06 -8.97 -52.84
C PRO EA 256 -79.14 -8.75 -53.87
N ALA EA 257 -78.84 -9.20 -55.10
CA ALA EA 257 -79.75 -9.06 -56.22
C ALA EA 257 -81.12 -9.66 -55.92
N ASP EA 258 -81.15 -10.98 -55.69
CA ASP EA 258 -82.41 -11.73 -55.67
C ASP EA 258 -83.23 -11.47 -54.39
N ALA EA 259 -82.57 -11.44 -53.23
CA ALA EA 259 -83.14 -11.17 -51.90
C ALA EA 259 -84.59 -10.70 -51.91
N LYS EA 260 -85.49 -11.51 -51.38
CA LYS EA 260 -86.93 -11.31 -51.54
C LYS EA 260 -87.54 -10.43 -50.46
N ALA EA 261 -86.83 -10.17 -49.38
CA ALA EA 261 -87.26 -9.22 -48.35
C ALA EA 261 -86.40 -7.96 -48.35
N ALA EA 262 -85.88 -7.59 -49.53
CA ALA EA 262 -85.00 -6.43 -49.63
C ALA EA 262 -85.65 -5.19 -49.04
N ASP EA 263 -86.97 -5.05 -49.19
CA ASP EA 263 -87.68 -3.87 -48.70
C ASP EA 263 -87.42 -3.62 -47.22
N ASN EA 264 -87.75 -4.59 -46.37
CA ASN EA 264 -87.51 -4.38 -44.94
C ASN EA 264 -86.05 -4.63 -44.55
N ALA EA 265 -85.18 -4.95 -45.51
CA ALA EA 265 -83.75 -4.89 -45.25
C ALA EA 265 -83.26 -3.46 -45.20
N TYR EA 266 -83.92 -2.57 -45.93
CA TYR EA 266 -83.67 -1.14 -45.82
C TYR EA 266 -84.05 -0.63 -44.45
N ALA EA 267 -85.25 -0.99 -43.99
CA ALA EA 267 -85.70 -0.57 -42.66
C ALA EA 267 -84.78 -1.07 -41.55
N PHE EA 268 -83.99 -2.12 -41.81
CA PHE EA 268 -83.01 -2.58 -40.85
C PHE EA 268 -81.69 -1.82 -40.96
N ILE EA 269 -81.19 -1.65 -42.18
CA ILE EA 269 -79.96 -0.90 -42.38
C ILE EA 269 -80.15 0.55 -42.01
N ASP EA 270 -81.39 1.06 -42.03
CA ASP EA 270 -81.64 2.40 -41.51
C ASP EA 270 -81.53 2.40 -39.99
N TYR EA 271 -81.85 1.28 -39.35
CA TYR EA 271 -81.74 1.18 -37.89
C TYR EA 271 -80.29 1.22 -37.44
N LEU EA 272 -79.39 0.55 -38.18
CA LEU EA 272 -77.98 0.62 -37.84
C LEU EA 272 -77.31 1.92 -38.31
N LEU EA 273 -77.98 2.77 -39.08
CA LEU EA 273 -77.39 4.06 -39.40
C LEU EA 273 -77.72 5.10 -38.35
N ARG EA 274 -78.80 4.88 -37.58
CA ARG EA 274 -79.01 5.60 -36.35
C ARG EA 274 -77.70 5.71 -35.58
N PRO EA 275 -77.44 6.84 -34.94
CA PRO EA 275 -76.22 6.97 -34.14
C PRO EA 275 -76.13 5.92 -33.04
N GLU EA 276 -76.90 6.12 -31.97
CA GLU EA 276 -76.77 5.33 -30.74
C GLU EA 276 -76.75 3.83 -31.02
N VAL EA 277 -77.60 3.35 -31.90
CA VAL EA 277 -77.67 1.92 -32.21
C VAL EA 277 -76.29 1.43 -32.62
N ILE EA 278 -75.66 2.11 -33.59
CA ILE EA 278 -74.34 1.68 -34.04
C ILE EA 278 -73.27 1.90 -32.97
N ALA EA 279 -73.62 2.57 -31.87
CA ALA EA 279 -72.69 2.64 -30.74
C ALA EA 279 -72.62 1.29 -30.03
N LYS EA 280 -73.73 0.80 -29.46
CA LYS EA 280 -73.70 -0.44 -28.69
C LYS EA 280 -73.29 -1.64 -29.51
N VAL EA 281 -73.33 -1.54 -30.84
CA VAL EA 281 -72.62 -2.49 -31.69
C VAL EA 281 -71.13 -2.39 -31.45
N SER EA 282 -70.59 -1.17 -31.46
CA SER EA 282 -69.15 -0.97 -31.26
C SER EA 282 -68.74 -1.11 -29.80
N ASP EA 283 -69.63 -0.84 -28.84
CA ASP EA 283 -69.28 -1.00 -27.44
C ASP EA 283 -69.00 -2.46 -27.10
N TYR EA 284 -69.57 -3.39 -27.86
CA TYR EA 284 -69.52 -4.80 -27.51
C TYR EA 284 -68.48 -5.59 -28.30
N VAL EA 285 -68.25 -5.26 -29.58
CA VAL EA 285 -67.34 -6.07 -30.38
C VAL EA 285 -66.01 -5.35 -30.56
N GLY EA 286 -66.04 -4.01 -30.54
CA GLY EA 286 -64.82 -3.23 -30.52
C GLY EA 286 -64.29 -2.86 -31.89
N TYR EA 287 -65.17 -2.39 -32.78
CA TYR EA 287 -64.77 -1.93 -34.09
C TYR EA 287 -65.24 -0.51 -34.32
N ALA EA 288 -64.50 0.21 -35.15
CA ALA EA 288 -64.85 1.59 -35.45
C ALA EA 288 -65.98 1.62 -36.47
N ASN EA 289 -66.89 2.56 -36.30
CA ASN EA 289 -68.06 2.69 -37.16
C ASN EA 289 -68.04 4.03 -37.90
N ALA EA 290 -68.74 4.05 -39.03
CA ALA EA 290 -68.77 5.20 -39.92
C ALA EA 290 -69.84 6.22 -39.53
N ILE EA 291 -70.32 6.18 -38.29
CA ILE EA 291 -71.28 7.15 -37.77
C ILE EA 291 -70.57 8.06 -36.78
N PRO EA 292 -70.08 9.23 -37.21
CA PRO EA 292 -69.46 10.16 -36.26
C PRO EA 292 -70.38 10.60 -35.15
N GLY EA 293 -71.70 10.57 -35.39
CA GLY EA 293 -72.66 10.89 -34.36
C GLY EA 293 -72.57 9.94 -33.18
N ALA EA 294 -71.89 8.81 -33.38
CA ALA EA 294 -71.82 7.78 -32.36
C ALA EA 294 -70.77 8.09 -31.31
N ARG EA 295 -69.50 8.29 -31.73
CA ARG EA 295 -68.33 8.38 -30.86
C ARG EA 295 -68.58 9.06 -29.51
N PRO EA 296 -69.30 10.19 -29.46
CA PRO EA 296 -69.68 10.73 -28.14
C PRO EA 296 -70.74 9.91 -27.41
N LEU EA 297 -71.43 8.98 -28.07
CA LEU EA 297 -72.31 8.08 -27.33
C LEU EA 297 -71.66 6.77 -26.97
N MET EA 298 -70.68 6.33 -27.75
CA MET EA 298 -70.02 5.05 -27.49
C MET EA 298 -69.34 5.08 -26.13
N ASP EA 299 -69.02 3.89 -25.63
CA ASP EA 299 -68.19 3.81 -24.45
C ASP EA 299 -66.84 4.47 -24.72
N LYS EA 300 -66.11 4.72 -23.65
CA LYS EA 300 -64.88 5.48 -23.75
C LYS EA 300 -63.65 4.59 -23.88
N SER EA 301 -63.70 3.38 -23.30
CA SER EA 301 -62.66 2.40 -23.57
C SER EA 301 -62.63 2.03 -25.04
N VAL EA 302 -63.78 2.10 -25.72
CA VAL EA 302 -63.89 1.65 -27.10
C VAL EA 302 -63.71 2.79 -28.09
N SER EA 303 -64.17 4.00 -27.75
CA SER EA 303 -64.04 5.13 -28.65
C SER EA 303 -62.69 5.83 -28.52
N ASP EA 304 -62.24 6.09 -27.28
CA ASP EA 304 -60.98 6.82 -27.09
C ASP EA 304 -59.79 6.01 -27.58
N SER EA 305 -59.85 4.68 -27.49
CA SER EA 305 -58.72 3.84 -27.83
C SER EA 305 -58.12 4.24 -29.17
N GLU EA 306 -56.80 4.14 -29.29
CA GLU EA 306 -56.14 4.47 -30.54
C GLU EA 306 -56.04 3.27 -31.47
N GLU EA 307 -56.10 2.05 -30.94
CA GLU EA 307 -56.09 0.89 -31.81
C GLU EA 307 -57.47 0.64 -32.42
N VAL EA 308 -58.54 1.14 -31.78
CA VAL EA 308 -59.86 1.07 -32.41
C VAL EA 308 -60.02 2.19 -33.45
N TYR EA 309 -59.91 3.46 -33.01
CA TYR EA 309 -59.85 4.58 -33.95
C TYR EA 309 -58.41 5.03 -34.07
N PRO EA 310 -57.68 4.62 -35.10
CA PRO EA 310 -56.27 5.01 -35.22
C PRO EA 310 -56.14 6.49 -35.50
N PRO EA 311 -55.40 7.21 -34.66
CA PRO EA 311 -55.07 8.60 -35.00
C PRO EA 311 -54.22 8.64 -36.24
N GLN EA 312 -54.41 9.69 -37.03
CA GLN EA 312 -54.30 9.58 -38.48
C GLN EA 312 -52.90 9.06 -38.86
N ALA EA 313 -51.83 9.70 -38.33
CA ALA EA 313 -50.44 9.24 -38.33
C ALA EA 313 -50.19 7.75 -38.57
N VAL EA 314 -50.99 6.90 -37.95
CA VAL EA 314 -50.83 5.45 -38.10
C VAL EA 314 -51.45 4.95 -39.41
N LEU EA 315 -52.61 5.52 -39.77
CA LEU EA 315 -53.32 5.11 -40.98
C LEU EA 315 -52.52 5.43 -42.25
N ASP EA 316 -51.64 6.43 -42.20
CA ASP EA 316 -50.70 6.70 -43.29
C ASP EA 316 -49.67 5.61 -43.50
N LYS EA 317 -49.57 4.65 -42.58
CA LYS EA 317 -48.67 3.53 -42.72
C LYS EA 317 -49.40 2.26 -43.15
N LEU EA 318 -50.72 2.28 -43.15
CA LEU EA 318 -51.55 1.12 -43.44
C LEU EA 318 -51.85 1.05 -44.94
N TYR EA 319 -52.21 -0.15 -45.38
CA TYR EA 319 -52.57 -0.41 -46.77
C TYR EA 319 -54.03 -0.84 -46.88
N VAL EA 320 -54.69 -0.37 -47.93
CA VAL EA 320 -56.04 -0.79 -48.27
C VAL EA 320 -55.94 -1.66 -49.51
N SER EA 321 -56.34 -2.93 -49.37
CA SER EA 321 -56.36 -3.83 -50.50
C SER EA 321 -57.23 -3.26 -51.61
N ALA EA 322 -56.75 -3.34 -52.84
CA ALA EA 322 -57.48 -2.85 -54.00
C ALA EA 322 -58.23 -4.00 -54.65
N VAL EA 323 -59.30 -3.67 -55.37
CA VAL EA 323 -60.04 -4.68 -56.12
C VAL EA 323 -59.05 -5.30 -57.10
N LEU EA 324 -58.70 -6.64 -56.90
CA LEU EA 324 -57.59 -7.11 -57.73
C LEU EA 324 -58.07 -7.88 -58.97
N PRO EA 325 -57.26 -7.80 -60.04
CA PRO EA 325 -57.57 -8.56 -61.27
C PRO EA 325 -57.52 -10.06 -61.03
N ALA EA 326 -58.56 -10.76 -61.50
CA ALA EA 326 -58.73 -12.18 -61.18
C ALA EA 326 -57.50 -13.00 -61.50
N LYS EA 327 -56.76 -12.61 -62.56
CA LYS EA 327 -55.48 -13.24 -62.93
C LYS EA 327 -54.59 -13.41 -61.71
N VAL EA 328 -54.68 -12.50 -60.75
CA VAL EA 328 -53.88 -12.57 -59.53
C VAL EA 328 -54.54 -13.45 -58.47
N LEU EA 329 -55.88 -13.45 -58.39
CA LEU EA 329 -56.53 -14.07 -57.24
C LEU EA 329 -56.30 -15.56 -57.21
N ARG EA 330 -56.18 -16.16 -58.39
CA ARG EA 330 -55.78 -17.55 -58.50
C ARG EA 330 -54.35 -17.75 -58.02
N LEU EA 331 -53.49 -16.76 -58.24
CA LEU EA 331 -52.12 -16.85 -57.73
C LEU EA 331 -52.09 -16.73 -56.21
N GLN EA 332 -52.90 -15.83 -55.65
CA GLN EA 332 -53.21 -15.89 -54.22
C GLN EA 332 -53.68 -17.29 -53.83
N THR EA 333 -54.74 -17.76 -54.49
CA THR EA 333 -55.39 -19.00 -54.09
C THR EA 333 -54.49 -20.22 -54.33
N ARG EA 334 -54.04 -20.41 -55.58
CA ARG EA 334 -53.05 -21.46 -55.86
C ARG EA 334 -51.96 -21.54 -54.82
N THR EA 335 -51.45 -20.38 -54.39
CA THR EA 335 -50.36 -20.35 -53.43
C THR EA 335 -50.83 -20.66 -52.01
N TRP EA 336 -51.90 -19.99 -51.55
CA TRP EA 336 -52.38 -20.23 -50.20
C TRP EA 336 -52.69 -21.70 -49.98
N THR EA 337 -53.21 -22.36 -51.02
CA THR EA 337 -53.45 -23.79 -50.99
C THR EA 337 -52.17 -24.60 -51.09
N ARG EA 338 -51.06 -23.98 -51.48
CA ARG EA 338 -49.76 -24.62 -51.48
C ARG EA 338 -49.05 -24.43 -50.14
N ILE EA 339 -49.41 -23.36 -49.43
CA ILE EA 339 -49.04 -23.22 -48.01
C ILE EA 339 -49.88 -24.17 -47.17
N LYS EA 340 -51.16 -24.31 -47.49
CA LYS EA 340 -51.76 -25.63 -47.37
C LYS EA 340 -51.96 -26.09 -45.92
N GLN FA 3 -75.91 30.66 -27.78
CA GLN FA 3 -74.84 29.79 -28.27
C GLN FA 3 -74.63 28.60 -27.35
N VAL FA 4 -73.65 27.76 -27.73
CA VAL FA 4 -73.27 26.57 -26.96
C VAL FA 4 -72.73 26.99 -25.61
N GLN FA 5 -73.45 26.63 -24.55
CA GLN FA 5 -73.01 26.88 -23.19
C GLN FA 5 -73.74 25.90 -22.28
N LEU FA 6 -73.13 25.64 -21.13
CA LEU FA 6 -73.82 25.01 -20.01
C LEU FA 6 -73.91 26.03 -18.88
N VAL FA 7 -75.08 26.12 -18.27
CA VAL FA 7 -75.28 26.96 -17.08
C VAL FA 7 -75.53 26.06 -15.88
N GLU FA 8 -74.86 26.37 -14.78
CA GLU FA 8 -74.85 25.52 -13.60
C GLU FA 8 -75.72 26.13 -12.50
N THR FA 9 -75.68 25.50 -11.32
CA THR FA 9 -76.68 25.74 -10.31
C THR FA 9 -76.35 26.99 -9.49
N GLY FA 10 -77.23 27.29 -8.52
CA GLY FA 10 -76.86 28.02 -7.35
C GLY FA 10 -75.91 27.25 -6.47
N ASP FA 11 -75.49 27.92 -5.41
CA ASP FA 11 -74.17 27.71 -4.83
C ASP FA 11 -74.46 27.38 -3.35
N GLU FA 12 -73.70 26.50 -2.69
CA GLU FA 12 -74.44 25.76 -1.66
C GLU FA 12 -73.60 25.29 -0.45
N VAL FA 13 -73.99 25.71 0.75
CA VAL FA 13 -73.30 25.37 2.00
C VAL FA 13 -74.03 24.21 2.69
N LYS FA 14 -73.28 23.18 3.08
CA LYS FA 14 -73.84 21.86 3.34
C LYS FA 14 -73.06 21.21 4.48
N THR FA 15 -73.78 20.38 5.34
CA THR FA 15 -73.38 19.71 6.59
C THR FA 15 -72.82 18.33 6.31
N PRO FA 16 -71.82 17.90 7.09
CA PRO FA 16 -71.08 16.68 6.85
C PRO FA 16 -71.82 15.33 6.68
N GLY FA 17 -73.13 15.33 6.83
CA GLY FA 17 -73.83 14.05 6.70
C GLY FA 17 -74.74 14.04 5.51
N ALA FA 18 -74.59 15.04 4.64
CA ALA FA 18 -75.74 15.51 3.86
C ALA FA 18 -75.72 14.87 2.49
N SER FA 19 -75.84 15.68 1.45
CA SER FA 19 -76.45 15.27 0.16
C SER FA 19 -76.59 16.53 -0.66
N VAL FA 20 -76.00 16.61 -1.84
CA VAL FA 20 -76.13 17.88 -2.60
C VAL FA 20 -76.49 17.54 -4.03
N LYS FA 21 -77.34 18.33 -4.68
CA LYS FA 21 -77.66 18.14 -6.09
C LYS FA 21 -77.27 19.38 -6.87
N VAL FA 22 -76.49 19.17 -7.94
CA VAL FA 22 -76.01 20.23 -8.81
C VAL FA 22 -76.65 20.02 -10.18
N SER FA 23 -77.54 20.92 -10.57
CA SER FA 23 -78.10 20.89 -11.90
C SER FA 23 -77.19 21.59 -12.90
N CYS FA 24 -77.36 21.25 -14.18
CA CYS FA 24 -76.51 21.80 -15.23
C CYS FA 24 -77.35 21.87 -16.50
N LYS FA 25 -77.65 23.08 -16.94
CA LYS FA 25 -78.52 23.29 -18.09
C LYS FA 25 -77.69 23.65 -19.32
N VAL FA 26 -77.96 22.95 -20.41
CA VAL FA 26 -77.23 23.15 -21.66
C VAL FA 26 -78.07 24.01 -22.60
N SER FA 27 -77.39 24.78 -23.43
CA SER FA 27 -77.99 25.75 -24.33
C SER FA 27 -77.38 25.61 -25.72
N GLY FA 28 -78.22 25.70 -26.75
CA GLY FA 28 -77.72 25.87 -28.10
C GLY FA 28 -76.93 24.74 -28.70
N TYR FA 29 -77.29 23.49 -28.39
CA TYR FA 29 -76.76 22.35 -29.13
C TYR FA 29 -77.65 21.14 -28.85
N THR FA 30 -77.87 20.32 -29.88
CA THR FA 30 -78.55 19.04 -29.73
C THR FA 30 -78.03 18.31 -28.49
N PHE FA 31 -78.81 18.42 -27.41
CA PHE FA 31 -78.40 17.95 -26.09
C PHE FA 31 -78.11 16.46 -26.08
N THR FA 32 -78.98 15.67 -26.70
CA THR FA 32 -78.89 14.21 -26.62
C THR FA 32 -77.77 13.63 -27.47
N SER FA 33 -77.03 14.47 -28.19
CA SER FA 33 -76.01 14.00 -29.12
C SER FA 33 -74.65 13.79 -28.48
N TYR FA 34 -74.32 14.57 -27.45
CA TYR FA 34 -73.03 14.52 -26.80
C TYR FA 34 -73.21 14.07 -25.35
N GLY FA 35 -72.18 13.43 -24.82
CA GLY FA 35 -72.17 13.03 -23.43
C GLY FA 35 -72.03 14.24 -22.53
N ILE FA 36 -71.96 13.96 -21.22
CA ILE FA 36 -71.81 15.00 -20.21
C ILE FA 36 -70.94 14.45 -19.08
N SER FA 37 -70.08 15.31 -18.55
CA SER FA 37 -69.00 14.92 -17.66
C SER FA 37 -68.93 15.87 -16.47
N TRP FA 38 -68.56 15.33 -15.31
CA TRP FA 38 -68.50 16.09 -14.07
C TRP FA 38 -67.05 16.10 -13.59
N VAL FA 39 -66.46 17.29 -13.52
CA VAL FA 39 -65.08 17.44 -13.08
C VAL FA 39 -65.08 18.28 -11.81
N ARG FA 40 -64.66 17.67 -10.71
CA ARG FA 40 -64.58 18.28 -9.40
C ARG FA 40 -63.19 18.86 -9.16
N GLN FA 41 -63.14 19.98 -8.44
CA GLN FA 41 -61.85 20.60 -8.11
C GLN FA 41 -61.94 21.22 -6.72
N ALA FA 42 -61.24 20.60 -5.77
CA ALA FA 42 -61.09 21.17 -4.43
C ALA FA 42 -60.25 22.45 -4.51
N PRO FA 43 -60.39 23.34 -3.52
CA PRO FA 43 -59.62 24.59 -3.56
C PRO FA 43 -58.12 24.32 -3.54
N GLY FA 44 -57.40 25.00 -4.44
CA GLY FA 44 -55.96 24.91 -4.53
C GLY FA 44 -55.43 23.63 -5.13
N GLN FA 45 -56.27 22.66 -5.45
CA GLN FA 45 -55.80 21.41 -5.98
C GLN FA 45 -56.28 21.25 -7.43
N GLY FA 46 -56.26 20.02 -7.94
CA GLY FA 46 -56.43 19.77 -9.35
C GLY FA 46 -57.80 19.26 -9.74
N LEU FA 47 -57.92 18.95 -11.04
CA LEU FA 47 -59.16 18.44 -11.59
C LEU FA 47 -59.33 16.96 -11.24
N GLU FA 48 -60.58 16.54 -11.07
CA GLU FA 48 -60.87 15.17 -10.70
C GLU FA 48 -62.08 14.67 -11.47
N TRP FA 49 -61.90 13.52 -12.12
CA TRP FA 49 -63.00 12.88 -12.81
C TRP FA 49 -64.01 12.31 -11.82
N MET FA 50 -65.29 12.64 -12.02
CA MET FA 50 -66.35 12.05 -11.21
C MET FA 50 -67.09 10.98 -12.00
N GLY FA 51 -67.81 11.39 -13.05
CA GLY FA 51 -68.59 10.43 -13.80
C GLY FA 51 -69.07 11.02 -15.10
N TRP FA 52 -69.49 10.12 -16.00
CA TRP FA 52 -69.96 10.49 -17.33
C TRP FA 52 -71.33 9.87 -17.53
N ILE FA 53 -72.27 10.67 -18.02
CA ILE FA 53 -73.63 10.23 -18.29
C ILE FA 53 -73.92 10.41 -19.78
N ASN FA 54 -74.38 9.34 -20.42
CA ASN FA 54 -74.91 9.35 -21.77
C ASN FA 54 -76.33 9.90 -21.69
N PRO FA 55 -76.56 11.16 -22.08
CA PRO FA 55 -77.90 11.73 -21.95
C PRO FA 55 -78.92 11.02 -22.81
N ASN FA 56 -78.49 10.28 -23.84
CA ASN FA 56 -79.42 9.58 -24.70
C ASN FA 56 -79.98 8.32 -24.06
N SER FA 57 -79.14 7.54 -23.37
CA SER FA 57 -79.54 6.25 -22.84
C SER FA 57 -79.45 6.17 -21.33
N GLY FA 58 -79.17 7.28 -20.65
CA GLY FA 58 -79.02 7.23 -19.21
C GLY FA 58 -77.81 6.47 -18.70
N GLY FA 59 -76.90 6.06 -19.59
CA GLY FA 59 -75.70 5.36 -19.20
C GLY FA 59 -74.93 6.09 -18.11
N THR FA 60 -74.44 5.37 -17.11
CA THR FA 60 -73.67 5.97 -16.03
C THR FA 60 -72.32 5.27 -15.87
N ASN FA 61 -71.25 6.00 -16.18
CA ASN FA 61 -69.86 5.61 -15.87
C ASN FA 61 -69.42 6.42 -14.66
N TYR FA 62 -69.46 5.80 -13.48
CA TYR FA 62 -69.00 6.47 -12.27
C TYR FA 62 -67.54 6.10 -12.00
N ALA FA 63 -66.72 7.11 -11.73
CA ALA FA 63 -65.38 6.82 -11.23
C ALA FA 63 -65.50 6.01 -9.95
N GLN FA 64 -64.69 4.97 -9.84
CA GLN FA 64 -64.84 3.98 -8.77
C GLN FA 64 -64.79 4.61 -7.38
N LYS FA 65 -64.15 5.76 -7.22
CA LYS FA 65 -64.14 6.45 -5.94
C LYS FA 65 -65.52 6.91 -5.50
N PHE FA 66 -66.46 7.10 -6.44
CA PHE FA 66 -67.72 7.76 -6.15
C PHE FA 66 -68.95 6.89 -6.33
N GLN FA 67 -68.91 5.84 -7.16
CA GLN FA 67 -69.98 4.86 -7.18
C GLN FA 67 -70.31 4.42 -5.76
N GLY FA 68 -71.60 4.37 -5.43
CA GLY FA 68 -72.01 4.14 -4.07
C GLY FA 68 -72.23 5.40 -3.25
N ARG FA 69 -71.87 6.57 -3.79
CA ARG FA 69 -72.16 7.86 -3.18
C ARG FA 69 -72.61 8.92 -4.17
N VAL FA 70 -72.41 8.73 -5.48
CA VAL FA 70 -72.83 9.68 -6.50
C VAL FA 70 -73.96 9.07 -7.32
N THR FA 71 -74.81 9.92 -7.87
CA THR FA 71 -75.88 9.49 -8.77
C THR FA 71 -76.05 10.53 -9.87
N MET FA 72 -76.07 10.10 -11.12
CA MET FA 72 -76.15 11.03 -12.24
C MET FA 72 -77.40 10.74 -13.07
N THR FA 73 -78.14 11.80 -13.38
CA THR FA 73 -79.45 11.70 -14.02
C THR FA 73 -79.58 12.86 -14.99
N ARG FA 74 -80.77 13.02 -15.55
CA ARG FA 74 -80.94 13.89 -16.71
C ARG FA 74 -82.42 14.03 -17.10
N ASP FA 75 -82.95 15.25 -17.09
CA ASP FA 75 -84.27 15.47 -17.68
C ASP FA 75 -84.05 15.90 -19.13
N THR FA 76 -84.07 14.89 -20.00
CA THR FA 76 -84.00 15.13 -21.44
C THR FA 76 -85.00 16.20 -21.90
N SER FA 77 -86.22 16.19 -21.36
CA SER FA 77 -87.21 17.20 -21.72
C SER FA 77 -86.69 18.62 -21.49
N ILE FA 78 -85.93 18.83 -20.41
CA ILE FA 78 -85.51 20.19 -20.08
C ILE FA 78 -84.00 20.33 -20.21
N SER FA 79 -83.40 19.56 -21.12
CA SER FA 79 -81.97 19.56 -21.42
C SER FA 79 -81.07 19.96 -20.24
N THR FA 80 -81.06 19.14 -19.19
CA THR FA 80 -80.19 19.33 -18.02
C THR FA 80 -79.69 17.98 -17.52
N ALA FA 81 -78.61 18.03 -16.75
CA ALA FA 81 -78.05 16.85 -16.09
C ALA FA 81 -77.86 17.13 -14.61
N TYR FA 82 -77.87 16.06 -13.82
CA TYR FA 82 -77.89 16.15 -12.38
C TYR FA 82 -76.86 15.19 -11.80
N MET FA 83 -76.04 15.70 -10.88
CA MET FA 83 -75.14 14.89 -10.09
C MET FA 83 -75.48 15.09 -8.62
N GLU FA 84 -75.53 13.99 -7.88
CA GLU FA 84 -75.88 14.04 -6.45
C GLU FA 84 -74.80 13.35 -5.63
N LEU FA 85 -74.03 14.11 -4.86
CA LEU FA 85 -73.22 13.45 -3.85
C LEU FA 85 -74.08 13.18 -2.61
N SER FA 86 -73.59 12.27 -1.76
CA SER FA 86 -74.52 11.68 -0.79
C SER FA 86 -73.86 11.21 0.50
N ARG FA 87 -72.67 11.67 0.83
CA ARG FA 87 -72.11 11.66 2.20
C ARG FA 87 -71.13 12.78 2.41
N LEU FA 88 -71.52 13.99 1.99
CA LEU FA 88 -70.74 15.21 2.07
C LEU FA 88 -69.78 15.21 3.26
N ARG FA 89 -68.49 15.31 2.96
CA ARG FA 89 -67.44 15.18 3.95
C ARG FA 89 -66.55 16.43 3.90
N SER FA 90 -65.77 16.63 4.97
CA SER FA 90 -64.93 17.81 5.16
C SER FA 90 -64.02 18.10 3.98
N ASP FA 91 -63.83 17.11 3.10
CA ASP FA 91 -63.07 17.06 1.86
C ASP FA 91 -63.71 17.71 0.65
N ASP FA 92 -64.97 17.30 0.39
CA ASP FA 92 -65.74 17.57 -0.83
C ASP FA 92 -65.96 19.05 -1.09
N THR FA 93 -65.47 19.93 -0.23
CA THR FA 93 -65.52 21.37 -0.48
C THR FA 93 -64.80 21.68 -1.78
N ALA FA 94 -65.53 22.13 -2.79
CA ALA FA 94 -64.96 22.20 -4.12
C ALA FA 94 -65.87 23.00 -5.05
N VAL FA 95 -65.31 23.36 -6.21
CA VAL FA 95 -66.08 23.83 -7.35
C VAL FA 95 -66.37 22.63 -8.25
N TYR FA 96 -67.65 22.45 -8.58
CA TYR FA 96 -68.11 21.30 -9.34
C TYR FA 96 -68.43 21.75 -10.76
N TYR FA 97 -67.54 21.42 -11.69
CA TYR FA 97 -67.69 21.84 -13.08
C TYR FA 97 -68.47 20.80 -13.86
N CYS FA 98 -69.04 21.26 -14.97
CA CYS FA 98 -69.92 20.46 -15.80
C CYS FA 98 -69.55 20.69 -17.25
N ALA FA 99 -69.23 19.62 -17.98
CA ALA FA 99 -68.60 19.73 -19.28
C ALA FA 99 -69.25 18.80 -20.28
N ARG FA 100 -69.63 19.35 -21.44
CA ARG FA 100 -70.05 18.54 -22.58
C ARG FA 100 -68.91 17.61 -22.99
N ASP FA 101 -69.19 16.31 -23.00
CA ASP FA 101 -68.17 15.30 -23.26
C ASP FA 101 -68.34 14.71 -24.65
N LYS FA 102 -67.38 15.03 -25.52
CA LYS FA 102 -67.24 14.43 -26.84
C LYS FA 102 -65.92 13.68 -26.81
N ARG FA 103 -65.82 12.68 -25.92
CA ARG FA 103 -64.55 12.04 -25.54
C ARG FA 103 -63.71 13.02 -24.73
N TYR FA 104 -63.38 14.15 -25.33
CA TYR FA 104 -62.79 15.26 -24.60
C TYR FA 104 -63.92 16.18 -24.13
N MET FA 105 -63.58 17.33 -23.54
CA MET FA 105 -64.55 18.25 -22.95
C MET FA 105 -64.30 19.63 -23.56
N ASP FA 106 -65.00 19.93 -24.65
CA ASP FA 106 -64.72 21.16 -25.38
C ASP FA 106 -65.34 22.39 -24.72
N VAL FA 107 -66.60 22.33 -24.32
CA VAL FA 107 -67.28 23.44 -23.67
C VAL FA 107 -67.57 23.07 -22.23
N TRP FA 108 -67.00 23.84 -21.30
CA TRP FA 108 -67.18 23.62 -19.88
C TRP FA 108 -68.23 24.57 -19.32
N GLY FA 109 -68.94 24.11 -18.28
CA GLY FA 109 -69.72 25.02 -17.48
C GLY FA 109 -68.83 26.01 -16.74
N LYS FA 110 -69.48 26.84 -15.92
CA LYS FA 110 -68.78 27.85 -15.13
C LYS FA 110 -68.50 27.38 -13.70
N GLY FA 111 -68.92 26.16 -13.34
CA GLY FA 111 -68.65 25.64 -12.01
C GLY FA 111 -69.58 26.14 -10.92
N THR FA 112 -70.07 25.21 -10.12
CA THR FA 112 -70.83 25.49 -8.90
C THR FA 112 -69.98 25.10 -7.71
N THR FA 113 -70.01 25.91 -6.65
CA THR FA 113 -69.22 25.65 -5.45
C THR FA 113 -70.08 24.95 -4.40
N VAL FA 114 -69.61 23.83 -3.89
CA VAL FA 114 -70.14 23.25 -2.67
C VAL FA 114 -69.11 23.50 -1.57
N THR FA 115 -69.53 24.15 -0.48
CA THR FA 115 -68.70 24.23 0.73
C THR FA 115 -69.35 23.44 1.88
N VAL FA 116 -68.71 22.32 2.21
CA VAL FA 116 -69.14 21.43 3.28
C VAL FA 116 -68.25 21.72 4.48
N SER FA 117 -68.76 22.49 5.45
CA SER FA 117 -67.99 22.85 6.63
C SER FA 117 -68.61 22.24 7.90
N SER FA 118 -67.73 21.67 8.73
CA SER FA 118 -67.98 21.24 10.11
C SER FA 118 -66.84 20.34 10.55
N GLY FA 119 -67.14 19.06 10.77
CA GLY FA 119 -66.12 18.09 11.13
C GLY FA 119 -66.50 17.22 12.32
N VAL FA 136 -52.02 8.11 -9.67
CA VAL FA 136 -52.68 8.62 -10.87
C VAL FA 136 -51.69 8.80 -12.02
N LEU FA 137 -51.48 10.06 -12.44
CA LEU FA 137 -50.59 10.42 -13.53
C LEU FA 137 -49.45 11.28 -12.99
N THR FA 138 -48.23 10.74 -12.96
CA THR FA 138 -47.10 11.60 -12.62
C THR FA 138 -46.92 12.73 -13.62
N GLN FA 139 -47.16 13.94 -13.14
CA GLN FA 139 -46.95 15.19 -13.83
C GLN FA 139 -46.22 16.12 -12.87
N PRO FA 140 -45.19 16.84 -13.31
CA PRO FA 140 -44.50 17.77 -12.41
C PRO FA 140 -45.45 18.80 -11.85
N PRO FA 141 -45.05 19.52 -10.76
CA PRO FA 141 -45.99 20.42 -10.08
C PRO FA 141 -46.01 21.85 -10.63
N SER FA 142 -44.87 22.34 -11.10
CA SER FA 142 -44.77 23.72 -11.57
C SER FA 142 -43.50 23.92 -12.39
N VAL FA 143 -43.59 24.79 -13.39
CA VAL FA 143 -42.45 25.26 -14.15
C VAL FA 143 -42.50 26.78 -14.22
N SER FA 144 -41.31 27.39 -14.24
CA SER FA 144 -41.19 28.84 -14.32
C SER FA 144 -40.35 29.19 -15.55
N GLY FA 145 -40.86 30.09 -16.38
CA GLY FA 145 -40.19 30.44 -17.61
C GLY FA 145 -40.19 31.94 -17.83
N ALA FA 146 -39.22 32.39 -18.60
CA ALA FA 146 -39.09 33.79 -18.98
C ALA FA 146 -39.85 34.06 -20.27
N PRO FA 147 -40.37 35.28 -20.43
CA PRO FA 147 -41.09 35.63 -21.67
C PRO FA 147 -40.22 35.38 -22.90
N GLY FA 148 -40.83 34.80 -23.93
CA GLY FA 148 -40.12 34.53 -25.16
C GLY FA 148 -39.70 33.08 -25.33
N GLN FA 149 -39.15 32.49 -24.26
CA GLN FA 149 -38.54 31.15 -24.32
C GLN FA 149 -39.59 30.08 -24.58
N LYS FA 150 -39.14 28.83 -24.74
CA LYS FA 150 -39.97 27.64 -24.87
C LYS FA 150 -39.86 26.80 -23.59
N VAL FA 151 -40.95 26.11 -23.23
CA VAL FA 151 -40.99 25.28 -22.03
C VAL FA 151 -41.92 24.11 -22.31
N THR FA 152 -41.70 23.01 -21.59
CA THR FA 152 -42.44 21.77 -21.78
C THR FA 152 -43.08 21.32 -20.48
N ILE FA 153 -44.17 20.56 -20.61
CA ILE FA 153 -44.86 19.93 -19.49
C ILE FA 153 -45.18 18.51 -19.88
N SER FA 154 -44.63 17.55 -19.14
CA SER FA 154 -44.88 16.14 -19.39
C SER FA 154 -45.98 15.61 -18.47
N CYS FA 155 -46.32 14.35 -18.69
CA CYS FA 155 -47.47 13.69 -18.10
C CYS FA 155 -47.35 12.20 -18.48
N SER FA 156 -47.04 11.35 -17.52
CA SER FA 156 -46.64 9.98 -17.81
C SER FA 156 -47.67 9.01 -17.23
N GLY FA 157 -48.26 8.22 -18.11
CA GLY FA 157 -49.22 7.22 -17.68
C GLY FA 157 -48.75 5.80 -17.86
N SER FA 158 -49.46 5.03 -18.69
CA SER FA 158 -49.23 3.59 -18.76
C SER FA 158 -49.94 3.05 -19.99
N SER FA 159 -49.73 1.75 -20.22
CA SER FA 159 -50.45 1.04 -21.27
C SER FA 159 -51.95 1.13 -21.10
N SER FA 160 -52.41 1.47 -19.89
CA SER FA 160 -53.84 1.54 -19.61
C SER FA 160 -54.43 2.86 -20.05
N ASN FA 161 -53.59 3.88 -20.24
CA ASN FA 161 -54.13 5.22 -20.33
C ASN FA 161 -53.44 6.04 -21.41
N ILE FA 162 -52.46 6.89 -21.06
CA ILE FA 162 -51.72 7.67 -22.06
C ILE FA 162 -51.21 6.73 -23.16
N GLY FA 163 -51.02 5.46 -22.82
CA GLY FA 163 -50.48 4.53 -23.80
C GLY FA 163 -51.47 4.13 -24.89
N ARG FA 164 -52.74 3.96 -24.52
CA ARG FA 164 -53.71 3.33 -25.42
C ARG FA 164 -54.70 4.28 -26.05
N ASN FA 165 -55.13 5.28 -25.30
CA ASN FA 165 -56.26 6.11 -25.65
C ASN FA 165 -55.82 7.52 -25.98
N TYR FA 166 -56.69 8.25 -26.66
CA TYR FA 166 -56.37 9.63 -27.02
C TYR FA 166 -56.32 10.49 -25.76
N VAL FA 167 -55.58 11.60 -25.88
CA VAL FA 167 -55.32 12.47 -24.75
C VAL FA 167 -55.97 13.83 -25.01
N SER FA 168 -56.26 14.55 -23.93
CA SER FA 168 -56.76 15.91 -23.97
C SER FA 168 -55.97 16.78 -23.00
N TRP FA 169 -55.68 18.01 -23.41
CA TRP FA 169 -54.96 18.96 -22.57
C TRP FA 169 -55.86 20.16 -22.29
N TYR FA 170 -55.91 20.57 -21.03
CA TYR FA 170 -56.77 21.66 -20.60
C TYR FA 170 -55.95 22.76 -19.94
N GLN FA 171 -56.27 24.00 -20.28
CA GLN FA 171 -55.59 25.19 -19.76
C GLN FA 171 -56.53 25.94 -18.85
N GLN FA 172 -56.16 26.09 -17.57
CA GLN FA 172 -56.99 26.79 -16.60
C GLN FA 172 -56.29 28.09 -16.21
N LEU FA 173 -56.68 29.19 -16.88
CA LEU FA 173 -56.21 30.51 -16.51
C LEU FA 173 -56.76 30.90 -15.14
N PRO FA 174 -56.18 31.92 -14.50
CA PRO FA 174 -56.54 32.24 -13.12
C PRO FA 174 -58.03 32.47 -12.93
N GLY FA 175 -58.57 31.91 -11.85
CA GLY FA 175 -59.95 32.13 -11.45
C GLY FA 175 -60.98 31.62 -12.43
N ALA FA 176 -60.53 31.02 -13.53
CA ALA FA 176 -61.42 30.59 -14.59
C ALA FA 176 -61.64 29.09 -14.52
N ALA FA 177 -62.73 28.64 -15.16
CA ALA FA 177 -62.95 27.22 -15.35
C ALA FA 177 -61.96 26.68 -16.38
N PRO FA 178 -61.65 25.38 -16.32
CA PRO FA 178 -60.73 24.81 -17.32
C PRO FA 178 -61.25 25.04 -18.73
N LYS FA 179 -60.30 25.24 -19.65
CA LYS FA 179 -60.58 25.41 -21.06
C LYS FA 179 -59.93 24.26 -21.82
N LEU FA 180 -60.49 23.92 -22.98
CA LEU FA 180 -59.85 22.92 -23.83
C LEU FA 180 -58.72 23.53 -24.65
N LEU FA 181 -57.52 23.01 -24.43
CA LEU FA 181 -56.28 23.41 -25.08
C LEU FA 181 -55.91 22.48 -26.23
N LEU FA 182 -56.07 21.17 -26.03
CA LEU FA 182 -55.70 20.19 -27.03
C LEU FA 182 -56.56 18.95 -26.89
N TYR FA 183 -56.89 18.36 -28.04
CA TYR FA 183 -57.64 17.11 -28.09
C TYR FA 183 -56.99 16.21 -29.12
N ASP FA 184 -57.46 14.97 -29.18
CA ASP FA 184 -56.99 13.95 -30.12
C ASP FA 184 -55.46 13.92 -30.13
N ASN FA 185 -54.89 13.62 -28.97
CA ASN FA 185 -53.45 13.64 -28.73
C ASN FA 185 -52.80 14.99 -28.96
N ASN FA 186 -53.12 15.69 -30.05
CA ASN FA 186 -52.36 16.90 -30.39
C ASN FA 186 -53.11 17.88 -31.28
N LYS FA 187 -54.44 17.89 -31.27
CA LYS FA 187 -55.18 18.80 -32.12
C LYS FA 187 -55.53 20.08 -31.38
N ARG FA 188 -55.55 21.18 -32.11
CA ARG FA 188 -55.85 22.46 -31.50
C ARG FA 188 -57.27 22.88 -31.79
N PRO FA 189 -58.03 23.28 -30.78
CA PRO FA 189 -59.31 23.95 -31.05
C PRO FA 189 -59.10 25.31 -31.69
N SER FA 190 -60.08 25.74 -32.47
CA SER FA 190 -60.10 27.08 -33.05
C SER FA 190 -59.90 28.12 -31.96
N GLY FA 191 -58.79 28.85 -32.01
CA GLY FA 191 -58.47 29.82 -30.99
C GLY FA 191 -57.14 29.56 -30.31
N ILE FA 192 -56.85 28.30 -29.99
CA ILE FA 192 -55.59 27.92 -29.38
C ILE FA 192 -54.51 28.14 -30.43
N PRO FA 193 -53.51 28.98 -30.17
CA PRO FA 193 -52.57 29.39 -31.23
C PRO FA 193 -51.52 28.32 -31.52
N ASP FA 194 -50.60 28.68 -32.43
CA ASP FA 194 -49.63 27.73 -32.96
C ASP FA 194 -48.62 27.32 -31.91
N ARG FA 195 -48.29 28.24 -30.98
CA ARG FA 195 -47.29 27.95 -29.97
C ARG FA 195 -47.64 26.71 -29.16
N PHE FA 196 -48.93 26.49 -28.92
CA PHE FA 196 -49.38 25.35 -28.14
C PHE FA 196 -49.45 24.12 -29.04
N SER FA 197 -48.60 23.12 -28.76
CA SER FA 197 -48.67 21.85 -29.45
C SER FA 197 -48.16 20.75 -28.52
N ALA FA 198 -48.64 19.52 -28.75
CA ALA FA 198 -48.33 18.37 -27.93
C ALA FA 198 -47.66 17.28 -28.77
N SER FA 199 -46.86 16.46 -28.10
CA SER FA 199 -46.21 15.28 -28.68
C SER FA 199 -46.53 14.06 -27.83
N LYS FA 200 -46.01 12.90 -28.23
CA LYS FA 200 -46.51 11.63 -27.72
C LYS FA 200 -45.53 10.53 -28.07
N SER FA 201 -44.97 9.87 -27.06
CA SER FA 201 -44.17 8.67 -27.26
C SER FA 201 -44.41 7.71 -26.11
N GLY FA 202 -44.73 6.45 -26.44
CA GLY FA 202 -45.02 5.45 -25.44
C GLY FA 202 -46.14 5.88 -24.52
N PRO FA 203 -45.86 5.88 -23.20
CA PRO FA 203 -46.86 6.39 -22.24
C PRO FA 203 -46.53 7.78 -21.73
N SER FA 204 -46.21 8.72 -22.61
CA SER FA 204 -46.04 10.11 -22.20
C SER FA 204 -46.57 11.03 -23.29
N THR FA 205 -47.24 12.09 -22.85
CA THR FA 205 -47.66 13.20 -23.71
C THR FA 205 -47.06 14.48 -23.14
N THR FA 206 -46.31 15.21 -23.97
CA THR FA 206 -45.60 16.41 -23.52
C THR FA 206 -46.11 17.62 -24.31
N LEU FA 207 -46.91 18.45 -23.65
CA LEU FA 207 -47.26 19.76 -24.18
C LEU FA 207 -46.03 20.65 -24.20
N ALA FA 208 -45.95 21.55 -25.19
CA ALA FA 208 -44.82 22.46 -25.27
C ALA FA 208 -45.29 23.78 -25.87
N ILE FA 209 -45.23 24.84 -25.08
CA ILE FA 209 -45.60 26.18 -25.51
C ILE FA 209 -44.33 26.92 -25.92
N THR FA 210 -44.38 27.66 -27.03
CA THR FA 210 -43.15 28.10 -27.71
C THR FA 210 -42.85 29.58 -27.54
N GLY FA 211 -43.74 30.47 -27.99
CA GLY FA 211 -43.47 31.90 -27.85
C GLY FA 211 -44.02 32.41 -26.54
N LEU FA 212 -43.61 31.74 -25.45
CA LEU FA 212 -44.17 31.92 -24.11
C LEU FA 212 -44.45 33.38 -23.77
N GLN FA 213 -45.70 33.78 -23.96
CA GLN FA 213 -46.15 35.10 -23.60
C GLN FA 213 -46.45 35.18 -22.11
N THR FA 214 -46.90 36.35 -21.65
CA THR FA 214 -47.27 36.52 -20.26
C THR FA 214 -48.65 35.95 -19.98
N GLY FA 215 -49.57 36.06 -20.93
CA GLY FA 215 -50.94 35.62 -20.73
C GLY FA 215 -51.10 34.12 -20.61
N ASP FA 216 -50.03 33.36 -20.82
CA ASP FA 216 -50.06 31.91 -20.72
C ASP FA 216 -49.87 31.40 -19.30
N GLU FA 217 -49.82 32.29 -18.31
CA GLU FA 217 -49.63 31.86 -16.93
C GLU FA 217 -50.88 31.14 -16.46
N ALA FA 218 -50.76 29.85 -16.15
CA ALA FA 218 -51.94 29.06 -15.83
C ALA FA 218 -51.56 27.67 -15.36
N ASP FA 219 -52.58 26.94 -14.92
CA ASP FA 219 -52.49 25.50 -14.66
C ASP FA 219 -52.85 24.74 -15.93
N TYR FA 220 -52.05 23.74 -16.28
CA TYR FA 220 -52.32 22.90 -17.43
C TYR FA 220 -52.53 21.46 -16.97
N PHE FA 221 -53.59 20.83 -17.48
CA PHE FA 221 -53.90 19.46 -17.11
C PHE FA 221 -54.02 18.58 -18.34
N CYS FA 222 -53.38 17.41 -18.30
CA CYS FA 222 -53.62 16.34 -19.24
C CYS FA 222 -54.77 15.47 -18.75
N GLY FA 223 -55.50 14.88 -19.68
CA GLY FA 223 -56.60 14.01 -19.25
C GLY FA 223 -56.75 12.81 -20.16
N VAL FA 224 -56.69 11.59 -19.65
CA VAL FA 224 -56.83 10.52 -20.62
C VAL FA 224 -57.86 9.61 -19.99
N TRP FA 225 -58.23 8.56 -20.71
CA TRP FA 225 -59.10 7.51 -20.20
C TRP FA 225 -58.27 6.25 -19.95
N ASP FA 226 -58.14 5.87 -18.67
CA ASP FA 226 -57.47 4.63 -18.29
C ASP FA 226 -58.44 3.48 -18.51
N SER FA 227 -58.18 2.68 -19.55
CA SER FA 227 -59.13 1.66 -19.98
C SER FA 227 -59.35 0.54 -18.97
N SER FA 228 -58.53 0.44 -17.92
CA SER FA 228 -58.70 -0.60 -16.92
C SER FA 228 -59.40 -0.11 -15.66
N LEU FA 229 -59.11 1.12 -15.22
CA LEU FA 229 -59.81 1.67 -14.07
C LEU FA 229 -61.19 2.18 -14.45
N ARG FA 230 -61.37 2.57 -15.72
CA ARG FA 230 -62.61 3.16 -16.22
C ARG FA 230 -62.89 4.50 -15.55
N ALA FA 231 -61.98 5.44 -15.80
CA ALA FA 231 -62.11 6.81 -15.33
C ALA FA 231 -61.25 7.70 -16.23
N VAL FA 232 -61.59 8.99 -16.25
CA VAL FA 232 -60.88 9.98 -17.06
C VAL FA 232 -59.78 10.53 -16.18
N LEU FA 233 -58.63 9.84 -16.19
CA LEU FA 233 -57.53 10.23 -15.30
C LEU FA 233 -56.99 11.59 -15.71
N PHE FA 234 -56.96 12.51 -14.76
CA PHE FA 234 -56.33 13.80 -14.92
C PHE FA 234 -54.90 13.75 -14.40
N GLY FA 235 -54.07 14.63 -14.95
CA GLY FA 235 -52.78 14.86 -14.35
C GLY FA 235 -52.91 15.66 -13.06
N GLY FA 236 -51.95 15.46 -12.17
CA GLY FA 236 -51.93 16.18 -10.91
C GLY FA 236 -51.93 17.67 -11.14
N GLY FA 237 -51.45 18.07 -12.32
CA GLY FA 237 -51.42 19.46 -12.69
C GLY FA 237 -50.06 20.07 -12.50
N THR FA 238 -49.67 20.92 -13.47
CA THR FA 238 -48.59 21.92 -13.40
C THR FA 238 -49.04 23.38 -13.45
N LYS FA 239 -48.54 24.15 -12.50
CA LYS FA 239 -48.73 25.60 -12.48
C LYS FA 239 -47.58 26.25 -13.24
N LEU FA 240 -47.91 27.13 -14.18
CA LEU FA 240 -46.92 27.86 -14.99
C LEU FA 240 -46.87 29.31 -14.56
N THR FA 241 -45.70 29.75 -14.08
CA THR FA 241 -45.48 31.16 -13.73
C THR FA 241 -44.46 31.75 -14.70
N VAL FA 242 -44.90 32.76 -15.46
CA VAL FA 242 -44.08 33.40 -16.48
C VAL FA 242 -43.57 34.73 -15.94
N LEU FA 243 -42.31 35.05 -16.22
CA LEU FA 243 -41.64 36.17 -15.57
C LEU FA 243 -41.70 37.39 -16.48
N SER GA 6 42.52 127.54 -12.28
CA SER GA 6 42.43 126.79 -11.03
C SER GA 6 40.97 126.71 -10.57
N LEU GA 7 40.61 125.58 -9.94
CA LEU GA 7 39.22 125.31 -9.58
C LEU GA 7 39.16 124.87 -8.13
N HIS GA 8 38.23 125.43 -7.37
CA HIS GA 8 38.09 125.17 -5.93
C HIS GA 8 36.80 124.39 -5.68
N ILE GA 9 36.94 123.19 -5.14
CA ILE GA 9 35.82 122.25 -5.03
C ILE GA 9 35.67 121.77 -3.59
N TYR GA 10 34.44 121.87 -3.09
CA TYR GA 10 34.02 121.45 -1.77
C TYR GA 10 33.10 120.26 -1.96
N ASN GA 11 33.63 119.05 -1.76
CA ASN GA 11 32.84 117.84 -1.91
C ASN GA 11 32.89 117.02 -0.62
N TRP GA 12 32.05 115.99 -0.59
CA TRP GA 12 31.96 115.11 0.56
C TRP GA 12 33.27 114.33 0.75
N THR GA 13 33.48 113.89 1.99
CA THR GA 13 34.56 112.96 2.26
C THR GA 13 34.28 111.63 1.58
N ASP GA 14 35.33 111.02 1.03
CA ASP GA 14 35.25 109.70 0.39
C ASP GA 14 34.17 109.70 -0.68
N TYR GA 15 34.21 110.71 -1.55
CA TYR GA 15 33.16 110.85 -2.56
C TYR GA 15 33.77 111.07 -3.93
N ILE GA 16 35.01 110.60 -4.13
CA ILE GA 16 35.67 110.71 -5.43
C ILE GA 16 36.81 109.70 -5.47
N ALA GA 17 37.08 109.17 -6.68
CA ALA GA 17 38.23 108.31 -6.87
C ALA GA 17 39.51 109.15 -6.85
N PRO GA 18 40.63 108.57 -6.41
CA PRO GA 18 41.85 109.40 -6.21
C PRO GA 18 42.32 110.11 -7.47
N THR GA 19 42.42 109.40 -8.59
CA THR GA 19 43.01 109.94 -9.81
C THR GA 19 42.00 110.66 -10.69
N THR GA 20 40.73 110.74 -10.28
CA THR GA 20 39.72 111.49 -11.03
C THR GA 20 40.24 112.88 -11.38
N LEU GA 21 40.51 113.69 -10.35
CA LEU GA 21 41.16 114.99 -10.38
C LEU GA 21 42.34 114.99 -11.37
N LYS GA 22 43.29 114.07 -11.13
CA LYS GA 22 44.55 114.07 -11.87
C LYS GA 22 44.33 113.85 -13.36
N ASP GA 23 43.68 112.73 -13.72
CA ASP GA 23 43.44 112.47 -15.14
C ASP GA 23 42.78 113.65 -15.83
N PHE GA 24 41.78 114.25 -15.16
CA PHE GA 24 41.09 115.43 -15.68
C PHE GA 24 42.08 116.54 -16.00
N THR GA 25 42.89 116.94 -15.02
CA THR GA 25 43.98 117.88 -15.18
C THR GA 25 44.87 117.64 -16.39
N LYS GA 26 45.24 116.38 -16.62
CA LYS GA 26 46.10 116.04 -17.75
C LYS GA 26 45.45 116.44 -19.07
N GLU GA 27 44.12 116.36 -19.13
CA GLU GA 27 43.32 116.74 -20.29
C GLU GA 27 42.86 118.19 -20.28
N SER GA 28 42.93 118.86 -19.13
CA SER GA 28 42.31 120.17 -18.96
C SER GA 28 43.28 121.32 -18.75
N GLY GA 29 44.49 121.07 -18.25
CA GLY GA 29 45.40 122.16 -17.92
C GLY GA 29 45.01 122.78 -16.61
N ILE GA 30 43.78 122.53 -16.19
CA ILE GA 30 43.17 123.15 -15.04
C ILE GA 30 43.65 122.42 -13.79
N ASP GA 31 44.31 123.15 -12.88
CA ASP GA 31 44.75 122.60 -11.61
C ASP GA 31 43.70 122.90 -10.54
N VAL GA 32 43.04 121.87 -10.06
CA VAL GA 32 41.93 122.02 -9.13
C VAL GA 32 42.41 121.86 -7.69
N SER GA 33 41.67 122.49 -6.78
CA SER GA 33 41.84 122.30 -5.35
C SER GA 33 40.78 121.32 -4.87
N TYR GA 34 40.97 120.77 -3.67
CA TYR GA 34 40.01 119.80 -3.13
C TYR GA 34 39.93 119.95 -1.61
N ASP GA 35 38.82 120.51 -1.14
CA ASP GA 35 38.45 120.55 0.26
C ASP GA 35 37.21 119.68 0.49
N VAL GA 36 37.15 119.04 1.66
CA VAL GA 36 36.16 118.01 1.92
C VAL GA 36 35.33 118.37 3.14
N PHE GA 37 34.10 117.84 3.18
CA PHE GA 37 33.19 117.98 4.31
C PHE GA 37 32.46 116.66 4.51
N ASP GA 38 31.75 116.55 5.64
CA ASP GA 38 31.13 115.29 6.03
C ASP GA 38 29.63 115.37 6.29
N SER GA 39 29.07 116.56 6.49
CA SER GA 39 27.66 116.71 6.82
C SER GA 39 27.04 117.77 5.92
N ASN GA 40 25.80 117.52 5.49
CA ASN GA 40 25.04 118.51 4.73
C ASN GA 40 24.89 119.82 5.49
N GLU GA 41 25.09 119.82 6.80
CA GLU GA 41 25.05 121.08 7.56
C GLU GA 41 26.29 121.91 7.27
N THR GA 42 27.46 121.47 7.78
CA THR GA 42 28.73 122.18 7.61
C THR GA 42 28.95 122.79 6.24
N LEU GA 43 28.19 122.34 5.24
CA LEU GA 43 28.23 122.97 3.92
C LEU GA 43 27.35 124.20 3.86
N GLU GA 44 26.09 124.09 4.29
CA GLU GA 44 25.15 125.21 4.19
C GLU GA 44 25.72 126.45 4.84
N GLY GA 45 26.17 126.32 6.09
CA GLY GA 45 26.73 127.48 6.78
C GLY GA 45 27.96 128.04 6.09
N LYS GA 46 28.78 127.16 5.52
CA LYS GA 46 29.86 127.65 4.66
C LYS GA 46 29.32 128.41 3.47
N LEU GA 47 28.12 128.08 3.02
CA LEU GA 47 27.53 128.81 1.90
C LEU GA 47 26.98 130.17 2.33
N VAL GA 48 26.10 130.17 3.34
CA VAL GA 48 25.40 131.40 3.70
C VAL GA 48 26.35 132.45 4.24
N SER GA 49 27.49 132.04 4.81
CA SER GA 49 28.50 132.99 5.28
C SER GA 49 28.93 133.96 4.19
N GLY GA 50 28.46 133.76 2.96
CA GLY GA 50 28.56 134.75 1.91
C GLY GA 50 29.62 134.45 0.88
N HIS GA 51 30.89 134.58 1.27
CA HIS GA 51 32.00 134.53 0.33
C HIS GA 51 32.79 133.23 0.49
N SER GA 52 32.10 132.13 0.23
CA SER GA 52 32.78 130.85 0.09
C SER GA 52 33.76 130.92 -1.06
N GLY GA 53 34.97 130.42 -0.84
CA GLY GA 53 35.98 130.44 -1.87
C GLY GA 53 35.95 129.22 -2.77
N TYR GA 54 34.77 128.84 -3.24
CA TYR GA 54 34.61 127.61 -4.01
C TYR GA 54 33.94 127.90 -5.35
N ASP GA 55 34.18 126.98 -6.28
CA ASP GA 55 33.58 127.03 -7.59
C ASP GA 55 32.61 125.88 -7.85
N ILE GA 56 32.64 124.83 -7.03
CA ILE GA 56 31.73 123.70 -7.12
C ILE GA 56 31.51 123.14 -5.72
N VAL GA 57 30.26 123.00 -5.31
CA VAL GA 57 29.93 122.35 -4.05
C VAL GA 57 28.88 121.27 -4.32
N VAL GA 58 28.81 120.30 -3.42
CA VAL GA 58 27.99 119.12 -3.65
C VAL GA 58 26.95 118.99 -2.54
N PRO GA 59 25.81 119.65 -2.63
CA PRO GA 59 24.76 119.48 -1.62
C PRO GA 59 23.79 118.36 -1.96
N SER GA 60 22.95 118.03 -0.99
CA SER GA 60 21.89 117.06 -1.20
C SER GA 60 20.60 117.77 -1.63
N ASN GA 61 19.67 116.97 -2.12
CA ASN GA 61 18.47 117.49 -2.78
C ASN GA 61 17.49 118.17 -1.82
N ASN GA 62 17.47 117.79 -0.54
CA ASN GA 62 16.63 118.52 0.40
C ASN GA 62 17.25 119.87 0.76
N PHE GA 63 18.57 119.92 0.95
CA PHE GA 63 19.20 121.22 1.15
C PHE GA 63 19.26 122.04 -0.13
N LEU GA 64 19.39 121.40 -1.29
CA LEU GA 64 19.64 122.14 -2.53
C LEU GA 64 18.48 123.08 -2.85
N GLY GA 65 17.27 122.51 -3.06
CA GLY GA 65 16.12 123.35 -3.35
C GLY GA 65 15.88 124.42 -2.31
N LYS GA 66 16.10 124.07 -1.04
CA LYS GA 66 16.13 125.09 0.01
C LYS GA 66 17.02 126.26 -0.40
N GLN GA 67 18.30 126.00 -0.72
CA GLN GA 67 19.22 127.10 -0.93
C GLN GA 67 19.17 127.66 -2.34
N ILE GA 68 18.46 127.01 -3.27
CA ILE GA 68 18.15 127.70 -4.52
C ILE GA 68 17.24 128.88 -4.22
N GLN GA 69 16.29 128.68 -3.30
CA GLN GA 69 15.41 129.76 -2.86
C GLN GA 69 16.21 130.89 -2.24
N ALA GA 70 17.31 130.57 -1.56
CA ALA GA 70 18.20 131.59 -1.02
C ALA GA 70 19.16 132.14 -2.06
N GLY GA 71 19.00 131.77 -3.33
CA GLY GA 71 19.80 132.38 -4.39
C GLY GA 71 21.29 132.19 -4.20
N ALA GA 72 21.70 131.04 -3.68
CA ALA GA 72 23.11 130.83 -3.38
C ALA GA 72 23.92 130.44 -4.61
N PHE GA 73 23.28 129.81 -5.59
CA PHE GA 73 23.96 129.32 -6.79
C PHE GA 73 23.48 130.09 -8.01
N GLN GA 74 24.36 130.21 -9.00
CA GLN GA 74 23.95 130.73 -10.30
C GLN GA 74 23.32 129.60 -11.11
N LYS GA 75 22.31 129.95 -11.91
CA LYS GA 75 21.58 128.92 -12.64
C LYS GA 75 22.41 128.43 -13.83
N LEU GA 76 22.60 127.11 -13.91
CA LEU GA 76 23.34 126.46 -14.98
C LEU GA 76 23.02 127.00 -16.36
N ASP GA 77 24.09 127.22 -17.14
CA ASP GA 77 24.04 127.49 -18.57
C ASP GA 77 24.39 126.19 -19.29
N LYS GA 78 23.36 125.45 -19.72
CA LYS GA 78 23.60 124.13 -20.28
C LYS GA 78 24.25 124.15 -21.66
N SER GA 79 24.52 125.33 -22.21
CA SER GA 79 25.17 125.42 -23.51
C SER GA 79 26.56 124.80 -23.47
N LYS GA 80 27.32 125.07 -22.40
CA LYS GA 80 28.68 124.58 -22.27
C LYS GA 80 28.77 123.31 -21.43
N LEU GA 81 27.66 122.59 -21.27
CA LEU GA 81 27.63 121.24 -20.71
C LEU GA 81 27.12 120.30 -21.79
N PRO GA 82 27.98 119.91 -22.73
CA PRO GA 82 27.51 119.02 -23.81
C PRO GA 82 27.04 117.66 -23.32
N ASN GA 83 27.83 117.01 -22.47
CA ASN GA 83 27.50 115.66 -22.00
C ASN GA 83 26.42 115.67 -20.93
N TRP GA 84 25.54 116.68 -20.97
CA TRP GA 84 24.33 116.64 -20.17
C TRP GA 84 23.38 115.54 -20.64
N LYS GA 85 23.40 115.22 -21.94
CA LYS GA 85 22.46 114.27 -22.52
C LYS GA 85 22.63 112.85 -22.01
N ASN GA 86 23.77 112.53 -21.43
CA ASN GA 86 23.99 111.21 -20.86
C ASN GA 86 23.38 111.03 -19.47
N LEU GA 87 22.63 112.00 -18.96
CA LEU GA 87 21.99 111.91 -17.66
C LEU GA 87 20.61 111.27 -17.83
N ASP GA 88 20.36 110.18 -17.10
CA ASP GA 88 19.06 109.52 -17.10
C ASP GA 88 17.96 110.55 -16.88
N PRO GA 89 17.10 110.79 -17.87
CA PRO GA 89 16.03 111.78 -17.70
C PRO GA 89 15.19 111.54 -16.45
N ALA GA 90 14.83 110.28 -16.20
CA ALA GA 90 14.02 109.92 -15.04
C ALA GA 90 14.67 110.27 -13.72
N LEU GA 91 15.89 110.84 -13.76
CA LEU GA 91 16.61 111.25 -12.57
C LEU GA 91 16.61 112.77 -12.44
N LEU GA 92 17.10 113.47 -13.47
CA LEU GA 92 16.88 114.91 -13.60
C LEU GA 92 15.42 115.29 -13.31
N LYS GA 93 14.49 114.59 -13.95
CA LYS GA 93 13.08 114.91 -13.83
C LYS GA 93 12.54 114.67 -12.42
N GLN GA 94 13.14 113.73 -11.69
CA GLN GA 94 12.72 113.46 -10.32
C GLN GA 94 13.12 114.60 -9.39
N LEU GA 95 14.38 115.03 -9.48
CA LEU GA 95 14.98 116.05 -8.64
C LEU GA 95 14.34 117.43 -8.78
N GLU GA 96 13.28 117.53 -9.57
CA GLU GA 96 12.58 118.80 -9.73
C GLU GA 96 11.71 119.15 -8.54
N VAL GA 97 11.64 118.29 -7.53
CA VAL GA 97 11.09 118.66 -6.23
C VAL GA 97 11.93 119.75 -5.58
N SER GA 98 13.18 119.89 -6.01
CA SER GA 98 14.08 120.93 -5.53
C SER GA 98 14.59 121.85 -6.62
N ASP GA 99 14.70 121.37 -7.86
CA ASP GA 99 15.34 122.09 -8.95
C ASP GA 99 14.39 122.09 -10.14
N PRO GA 100 13.37 122.95 -10.13
CA PRO GA 100 12.43 123.00 -11.26
C PRO GA 100 13.18 123.35 -12.54
N GLY GA 101 12.83 122.68 -13.63
CA GLY GA 101 13.48 122.93 -14.91
C GLY GA 101 14.93 122.48 -14.95
N ASN GA 102 15.39 121.85 -13.87
CA ASN GA 102 16.77 121.39 -13.72
C ASN GA 102 17.76 122.50 -14.08
N GLN GA 103 17.80 123.52 -13.22
CA GLN GA 103 18.51 124.76 -13.53
C GLN GA 103 19.77 124.97 -12.72
N TYR GA 104 19.77 124.58 -11.45
CA TYR GA 104 20.83 124.98 -10.54
C TYR GA 104 21.70 123.81 -10.08
N ALA GA 105 21.54 122.62 -10.69
CA ALA GA 105 22.19 121.43 -10.16
C ALA GA 105 22.53 120.46 -11.26
N VAL GA 106 23.62 119.72 -11.05
CA VAL GA 106 24.05 118.64 -11.93
C VAL GA 106 24.10 117.37 -11.09
N PRO GA 107 23.45 116.28 -11.51
CA PRO GA 107 23.49 115.05 -10.72
C PRO GA 107 24.90 114.48 -10.65
N TYR GA 108 25.18 113.83 -9.52
CA TYR GA 108 26.50 113.28 -9.28
C TYR GA 108 26.40 111.84 -8.81
N LEU GA 109 26.18 111.63 -7.51
CA LEU GA 109 26.05 110.30 -6.95
C LEU GA 109 24.83 110.26 -6.04
N TRP GA 110 24.25 109.06 -5.89
CA TRP GA 110 23.06 108.90 -5.08
C TRP GA 110 23.07 107.52 -4.41
N GLY GA 111 22.47 107.46 -3.24
CA GLY GA 111 22.39 106.21 -2.49
C GLY GA 111 21.32 106.28 -1.43
N THR GA 112 21.46 105.42 -0.43
CA THR GA 112 20.52 105.39 0.69
C THR GA 112 21.26 105.54 2.01
N ASN GA 113 20.69 104.99 3.09
CA ASN GA 113 21.38 104.93 4.36
C ASN GA 113 20.71 103.83 5.17
N GLY GA 114 21.37 103.38 6.22
CA GLY GA 114 20.78 102.34 7.02
C GLY GA 114 21.63 101.92 8.20
N ILE GA 115 21.78 100.62 8.38
CA ILE GA 115 22.58 100.05 9.45
C ILE GA 115 23.80 99.39 8.83
N GLY GA 116 24.98 99.75 9.32
CA GLY GA 116 26.20 99.12 8.85
C GLY GA 116 26.91 98.40 9.99
N TYR GA 117 27.15 97.10 9.85
CA TYR GA 117 27.62 96.37 11.01
C TYR GA 117 28.56 95.23 10.66
N ASN GA 118 29.33 94.83 11.67
CA ASN GA 118 30.23 93.70 11.61
C ASN GA 118 29.50 92.48 12.18
N VAL GA 119 29.18 91.52 11.32
CA VAL GA 119 28.34 90.41 11.73
C VAL GA 119 29.02 89.57 12.80
N ALA GA 120 30.33 89.37 12.67
CA ALA GA 120 31.06 88.53 13.61
C ALA GA 120 30.84 88.95 15.06
N LYS GA 121 30.65 90.25 15.29
CA LYS GA 121 30.53 90.82 16.63
C LYS GA 121 29.14 91.35 16.95
N VAL GA 122 28.26 91.48 15.97
CA VAL GA 122 26.88 91.82 16.25
C VAL GA 122 26.14 90.62 16.79
N LYS GA 123 26.19 89.51 16.06
CA LYS GA 123 25.59 88.26 16.48
C LYS GA 123 26.32 87.67 17.68
N GLU GA 124 27.59 88.03 17.85
CA GLU GA 124 28.38 87.61 18.99
C GLU GA 124 27.85 88.16 20.30
N VAL GA 125 27.16 89.29 20.27
CA VAL GA 125 26.57 89.89 21.47
C VAL GA 125 25.06 90.08 21.33
N LEU GA 126 24.46 89.57 20.25
CA LEU GA 126 23.03 89.74 20.04
C LEU GA 126 22.32 88.48 19.55
N GLY GA 127 23.01 87.38 19.31
CA GLY GA 127 22.41 86.15 18.83
C GLY GA 127 21.84 86.29 17.42
N ASP GA 128 20.98 85.33 17.07
CA ASP GA 128 20.35 85.25 15.75
C ASP GA 128 19.25 86.30 15.59
N GLN GA 129 19.52 87.53 15.98
CA GLN GA 129 18.43 88.48 15.97
C GLN GA 129 18.35 89.16 14.61
N PRO GA 130 17.19 89.11 13.93
CA PRO GA 130 17.12 89.62 12.55
C PRO GA 130 17.45 91.11 12.47
N ILE GA 131 18.72 91.41 12.22
CA ILE GA 131 19.17 92.79 12.04
C ILE GA 131 18.52 93.33 10.77
N ASP GA 132 17.25 93.73 10.87
CA ASP GA 132 16.51 94.20 9.71
C ASP GA 132 15.58 95.36 10.02
N SER GA 133 15.55 95.87 11.24
CA SER GA 133 14.66 96.94 11.63
C SER GA 133 15.44 98.00 12.39
N TRP GA 134 15.11 99.26 12.17
CA TRP GA 134 15.72 100.36 12.92
C TRP GA 134 15.73 100.12 14.43
N ALA GA 135 14.88 99.22 14.92
CA ALA GA 135 14.81 98.88 16.33
C ALA GA 135 16.15 98.35 16.85
N ILE GA 136 17.13 98.21 15.96
CA ILE GA 136 18.50 97.90 16.41
C ILE GA 136 19.16 99.11 17.02
N LEU GA 137 18.88 100.31 16.49
CA LEU GA 137 19.55 101.51 16.95
C LEU GA 137 18.71 102.36 17.90
N PHE GA 138 17.40 102.14 17.96
CA PHE GA 138 16.49 103.05 18.66
C PHE GA 138 15.82 102.44 19.87
N GLU GA 139 16.03 101.15 20.12
CA GLU GA 139 15.44 100.53 21.30
C GLU GA 139 16.55 100.31 22.31
N PRO GA 140 16.42 100.79 23.55
CA PRO GA 140 17.52 100.64 24.52
C PRO GA 140 18.07 99.22 24.58
N GLU GA 141 17.23 98.26 24.96
CA GLU GA 141 17.52 96.82 24.96
C GLU GA 141 18.54 96.38 23.91
N ASN GA 142 18.20 96.56 22.62
CA ASN GA 142 19.13 96.24 21.55
C ASN GA 142 20.44 97.01 21.72
N MET GA 143 20.34 98.31 22.04
CA MET GA 143 21.51 99.15 22.16
C MET GA 143 22.32 98.84 23.42
N LYS GA 144 21.65 98.50 24.53
CA LYS GA 144 22.35 98.17 25.77
C LYS GA 144 23.52 97.22 25.49
N LYS GA 145 23.27 96.19 24.68
CA LYS GA 145 24.24 95.14 24.45
C LYS GA 145 25.26 95.51 23.39
N LEU GA 146 24.90 96.41 22.47
CA LEU GA 146 25.85 96.84 21.46
C LEU GA 146 26.81 97.89 21.99
N ALA GA 147 26.48 98.53 23.12
CA ALA GA 147 27.25 99.68 23.60
C ALA GA 147 28.70 99.29 23.85
N LYS GA 148 28.93 98.17 24.54
CA LYS GA 148 30.24 97.54 24.67
C LYS GA 148 31.04 97.77 23.40
N CYS GA 149 30.54 97.19 22.32
CA CYS GA 149 31.29 97.04 21.10
C CYS GA 149 31.37 98.32 20.29
N GLY GA 150 30.51 99.30 20.55
CA GLY GA 150 30.63 100.61 19.94
C GLY GA 150 29.58 100.90 18.89
N VAL GA 151 28.57 101.68 19.26
CA VAL GA 151 27.60 102.17 18.30
C VAL GA 151 27.97 103.59 17.92
N ALA GA 152 27.79 103.91 16.64
CA ALA GA 152 28.18 105.20 16.07
C ALA GA 152 26.99 105.77 15.31
N PHE GA 153 26.16 106.54 16.01
CA PHE GA 153 25.20 107.35 15.27
C PHE GA 153 25.94 108.37 14.42
N MET GA 154 25.18 109.09 13.62
CA MET GA 154 25.79 110.20 12.89
C MET GA 154 25.81 111.47 13.70
N ASP GA 155 25.89 112.60 13.02
CA ASP GA 155 25.96 113.89 13.65
C ASP GA 155 25.19 114.89 12.79
N SER GA 156 23.93 114.56 12.46
CA SER GA 156 23.17 115.41 11.55
C SER GA 156 21.69 115.15 11.82
N GLY GA 157 21.07 116.06 12.60
CA GLY GA 157 19.67 115.95 12.96
C GLY GA 157 18.74 115.66 11.80
N ASP GA 158 19.27 115.80 10.58
CA ASP GA 158 18.52 115.45 9.38
C ASP GA 158 18.81 114.04 8.88
N GLU GA 159 19.85 113.37 9.37
CA GLU GA 159 20.00 111.95 9.15
C GLU GA 159 19.53 111.13 10.36
N MET GA 160 19.60 111.70 11.57
CA MET GA 160 19.16 110.97 12.76
C MET GA 160 17.69 111.15 13.09
N LEU GA 161 17.10 112.22 12.64
CA LEU GA 161 15.71 112.36 13.07
C LEU GA 161 14.73 111.92 11.98
N PRO GA 162 14.94 112.24 10.70
CA PRO GA 162 14.06 111.65 9.67
C PRO GA 162 14.05 110.13 9.63
N ALA GA 163 15.10 109.46 10.08
CA ALA GA 163 15.05 108.01 10.21
C ALA GA 163 14.22 107.60 11.41
N ALA GA 164 14.36 108.31 12.54
CA ALA GA 164 13.67 107.93 13.76
C ALA GA 164 12.18 108.28 13.73
N LEU GA 165 11.72 109.08 12.77
CA LEU GA 165 10.28 109.22 12.58
C LEU GA 165 9.71 108.17 11.63
N ASN GA 166 10.47 107.71 10.63
CA ASN GA 166 9.90 106.69 9.75
C ASN GA 166 9.92 105.31 10.39
N TYR GA 167 10.83 105.06 11.34
CA TYR GA 167 10.77 103.81 12.08
C TYR GA 167 9.49 103.76 12.90
N LEU GA 168 9.28 104.75 13.76
CA LEU GA 168 8.04 104.83 14.52
C LEU GA 168 6.82 104.97 13.63
N GLY GA 169 6.89 104.49 12.38
CA GLY GA 169 5.77 104.45 11.47
C GLY GA 169 5.14 105.79 11.20
N LEU GA 170 5.76 106.85 11.73
CA LEU GA 170 5.36 108.21 11.42
C LEU GA 170 5.85 108.62 10.04
N ASP GA 171 6.04 109.93 9.88
CA ASP GA 171 6.59 110.56 8.70
C ASP GA 171 7.63 111.60 9.10
N PRO GA 172 8.86 111.46 8.62
CA PRO GA 172 9.85 112.52 8.87
C PRO GA 172 9.44 113.88 8.31
N ASN GA 173 9.05 113.96 7.03
CA ASN GA 173 8.73 115.24 6.41
C ASN GA 173 7.38 115.79 6.86
N THR GA 174 6.92 115.40 8.04
CA THR GA 174 5.85 116.10 8.72
C THR GA 174 6.44 117.13 9.68
N HIS GA 175 5.62 118.10 10.08
CA HIS GA 175 6.08 119.22 10.86
C HIS GA 175 5.54 119.24 12.29
N ASP GA 176 4.50 118.44 12.60
CA ASP GA 176 3.83 118.43 13.90
C ASP GA 176 4.86 118.45 15.03
N PRO GA 177 4.81 119.44 15.92
CA PRO GA 177 5.89 119.66 16.88
C PRO GA 177 6.04 118.55 17.92
N LYS GA 178 5.10 117.62 18.00
CA LYS GA 178 5.21 116.50 18.93
C LYS GA 178 5.30 115.15 18.24
N ASP GA 179 5.24 115.12 16.91
CA ASP GA 179 5.90 114.04 16.19
C ASP GA 179 7.36 113.98 16.63
N TYR GA 180 8.07 115.11 16.50
CA TYR GA 180 9.43 115.21 17.00
C TYR GA 180 9.45 114.99 18.51
N LYS GA 181 8.42 115.45 19.15
CA LYS GA 181 8.32 115.29 20.55
C LYS GA 181 7.72 113.88 20.79
N LYS GA 182 8.17 112.95 19.93
CA LYS GA 182 8.21 111.49 20.22
C LYS GA 182 9.61 110.97 19.91
N ALA GA 183 10.10 111.24 18.68
CA ALA GA 183 11.47 110.77 18.37
C ALA GA 183 12.53 111.41 19.29
N GLU GA 184 12.21 112.54 19.91
CA GLU GA 184 13.38 113.14 20.56
C GLU GA 184 13.55 112.55 21.96
N GLU GA 185 12.66 111.67 22.39
CA GLU GA 185 12.90 110.78 23.54
C GLU GA 185 13.37 109.39 23.11
N VAL GA 186 12.92 108.90 21.95
CA VAL GA 186 13.38 107.61 21.43
C VAL GA 186 14.90 107.59 21.37
N LEU GA 187 15.49 108.65 20.83
CA LEU GA 187 16.93 108.77 20.69
C LEU GA 187 17.62 109.13 22.01
N THR GA 188 16.97 109.95 22.85
CA THR GA 188 17.57 110.22 24.15
C THR GA 188 17.37 109.07 25.14
N LYS GA 189 16.51 108.12 24.81
CA LYS GA 189 16.48 106.90 25.63
C LYS GA 189 17.66 106.00 25.29
N VAL GA 190 18.16 106.09 24.06
CA VAL GA 190 19.29 105.26 23.64
C VAL GA 190 20.63 105.99 23.71
N ARG GA 191 20.63 107.33 23.83
CA ARG GA 191 21.87 108.10 23.72
C ARG GA 191 22.96 107.65 24.70
N PRO GA 192 22.62 107.19 25.94
CA PRO GA 192 23.67 106.62 26.81
C PRO GA 192 24.50 105.55 26.11
N TYR GA 193 23.96 104.96 25.05
CA TYR GA 193 24.66 103.91 24.34
C TYR GA 193 25.04 104.37 22.94
N VAL GA 194 25.75 105.49 22.84
CA VAL GA 194 26.20 105.99 21.54
C VAL GA 194 27.65 106.43 21.71
N SER GA 195 28.60 105.52 21.44
CA SER GA 195 30.01 105.82 21.66
C SER GA 195 30.42 107.17 21.06
N TYR GA 196 29.85 107.54 19.92
CA TYR GA 196 30.04 108.89 19.42
C TYR GA 196 28.99 109.23 18.36
N PHE GA 197 28.90 110.52 18.07
CA PHE GA 197 28.20 111.07 16.92
C PHE GA 197 29.21 111.54 15.89
N HIS GA 198 28.99 111.17 14.62
CA HIS GA 198 29.89 111.53 13.52
C HIS GA 198 29.37 111.01 12.18
N SER GA 199 29.59 111.78 11.10
CA SER GA 199 29.07 111.42 9.79
C SER GA 199 30.14 111.01 8.79
N SER GA 200 31.36 110.71 9.23
CA SER GA 200 32.38 110.28 8.29
C SER GA 200 33.31 109.22 8.87
N LYS GA 201 33.77 109.43 10.09
CA LYS GA 201 34.82 108.55 10.62
C LYS GA 201 34.30 107.19 11.08
N TYR GA 202 33.00 106.90 10.92
CA TYR GA 202 32.53 105.55 11.19
C TYR GA 202 33.00 104.56 10.13
N ILE GA 203 33.63 105.03 9.06
CA ILE GA 203 33.97 104.14 7.94
C ILE GA 203 35.24 103.35 8.27
N SER GA 204 36.23 104.00 8.88
CA SER GA 204 37.42 103.27 9.28
C SER GA 204 37.18 102.44 10.52
N ASP GA 205 36.23 102.82 11.38
CA ASP GA 205 35.97 102.06 12.60
C ASP GA 205 35.10 100.83 12.33
N LEU GA 206 34.12 100.94 11.43
CA LEU GA 206 33.42 99.75 10.97
C LEU GA 206 34.38 98.77 10.32
N ALA GA 207 35.35 99.27 9.55
CA ALA GA 207 36.31 98.41 8.88
C ALA GA 207 37.51 98.05 9.75
N ASN GA 208 37.68 98.67 10.91
CA ASN GA 208 38.73 98.33 11.85
C ASN GA 208 38.28 97.26 12.84
N GLY GA 209 37.15 97.50 13.49
CA GLY GA 209 36.69 96.68 14.59
C GLY GA 209 36.44 97.46 15.87
N ASN GA 210 36.82 98.74 15.89
CA ASN GA 210 36.51 99.60 17.03
C ASN GA 210 35.01 99.60 17.30
N ILE GA 211 34.21 100.00 16.32
CA ILE GA 211 32.76 99.96 16.43
C ILE GA 211 32.26 98.69 15.77
N CYS GA 212 31.08 98.24 16.18
CA CYS GA 212 30.45 97.05 15.63
C CYS GA 212 29.24 97.36 14.76
N VAL GA 213 28.80 98.61 14.76
CA VAL GA 213 27.56 99.00 14.10
C VAL GA 213 27.46 100.52 14.10
N ALA GA 214 27.06 101.09 12.97
CA ALA GA 214 26.97 102.53 12.85
C ALA GA 214 25.82 102.88 11.93
N PHE GA 215 25.28 104.07 12.13
CA PHE GA 215 24.38 104.66 11.15
C PHE GA 215 25.20 105.14 9.97
N GLY GA 216 24.99 104.53 8.79
CA GLY GA 216 25.84 104.79 7.66
C GLY GA 216 25.03 105.08 6.40
N TYR GA 217 25.76 105.52 5.38
CA TYR GA 217 25.21 105.74 4.06
C TYR GA 217 25.35 104.45 3.24
N SER GA 218 24.77 104.45 2.03
CA SER GA 218 24.85 103.27 1.19
C SER GA 218 26.30 102.94 0.88
N GLY GA 219 26.94 103.76 0.05
CA GLY GA 219 28.29 103.45 -0.39
C GLY GA 219 29.31 103.49 0.73
N ASP GA 220 29.10 104.39 1.71
CA ASP GA 220 30.03 104.51 2.83
C ASP GA 220 30.28 103.17 3.51
N VAL GA 221 29.24 102.37 3.69
CA VAL GA 221 29.44 101.05 4.29
C VAL GA 221 29.99 100.07 3.25
N PHE GA 222 29.59 100.21 2.00
CA PHE GA 222 30.20 99.42 0.93
C PHE GA 222 31.72 99.63 0.91
N GLN GA 223 32.15 100.88 1.09
CA GLN GA 223 33.58 101.14 1.27
C GLN GA 223 34.10 100.47 2.53
N ALA GA 224 33.32 100.52 3.62
CA ALA GA 224 33.74 99.91 4.86
C ALA GA 224 33.99 98.41 4.69
N ALA GA 225 33.03 97.71 4.08
CA ALA GA 225 33.19 96.27 3.86
C ALA GA 225 34.42 95.97 3.02
N ALA GA 226 34.57 96.68 1.89
CA ALA GA 226 35.70 96.41 0.99
C ALA GA 226 37.03 96.62 1.69
N ARG GA 227 37.12 97.64 2.55
CA ARG GA 227 38.36 97.86 3.28
C ARG GA 227 38.70 96.68 4.18
N ALA GA 228 37.69 96.04 4.75
CA ALA GA 228 37.93 94.91 5.66
C ALA GA 228 38.35 93.65 4.91
N GLU GA 229 37.96 93.49 3.65
CA GLU GA 229 38.45 92.36 2.88
C GLU GA 229 39.93 92.54 2.53
N GLU GA 230 40.30 93.71 2.00
CA GLU GA 230 41.72 94.04 1.84
C GLU GA 230 42.45 93.98 3.17
N ALA GA 231 41.86 94.57 4.22
CA ALA GA 231 42.51 94.61 5.52
C ALA GA 231 42.97 93.24 5.98
N GLY GA 232 42.32 92.19 5.48
CA GLY GA 232 42.84 90.86 5.69
C GLY GA 232 42.93 90.43 7.14
N LYS GA 233 41.96 90.83 7.96
CA LYS GA 233 41.79 90.28 9.30
C LYS GA 233 40.39 89.71 9.50
N GLY GA 234 39.60 89.62 8.42
CA GLY GA 234 38.38 88.84 8.39
C GLY GA 234 37.16 89.49 9.01
N ILE GA 235 36.81 90.70 8.55
CA ILE GA 235 35.82 91.53 9.23
C ILE GA 235 34.61 91.62 8.30
N ASP GA 236 33.61 90.78 8.53
CA ASP GA 236 32.46 90.65 7.63
C ASP GA 236 31.51 91.81 7.87
N ILE GA 237 31.54 92.79 6.97
CA ILE GA 237 30.69 93.97 7.05
C ILE GA 237 29.51 93.78 6.10
N GLN GA 238 28.31 94.11 6.56
CA GLN GA 238 27.10 94.01 5.76
C GLN GA 238 26.25 95.26 5.98
N TYR GA 239 25.53 95.67 4.94
CA TYR GA 239 24.71 96.88 4.97
C TYR GA 239 23.25 96.48 4.85
N VAL GA 240 22.41 97.06 5.70
CA VAL GA 240 21.02 96.64 5.88
C VAL GA 240 20.10 97.84 5.83
N ILE GA 241 19.34 97.96 4.74
CA ILE GA 241 18.19 98.86 4.69
C ILE GA 241 17.03 98.21 5.44
N PRO GA 242 16.57 98.80 6.54
CA PRO GA 242 15.65 98.09 7.44
C PRO GA 242 14.28 97.84 6.84
N LYS GA 243 13.49 97.09 7.62
CA LYS GA 243 12.13 96.70 7.24
C LYS GA 243 11.21 97.92 7.14
N GLU GA 244 11.42 98.94 7.98
CA GLU GA 244 10.58 100.14 7.96
C GLU GA 244 10.96 101.10 6.86
N GLY GA 245 12.09 100.92 6.21
CA GLY GA 245 12.58 101.84 5.21
C GLY GA 245 13.71 102.69 5.74
N ALA GA 246 14.20 103.57 4.88
CA ALA GA 246 15.33 104.44 5.20
C ALA GA 246 15.39 105.56 4.17
N ASN GA 247 16.42 106.39 4.29
CA ASN GA 247 16.53 107.67 3.59
C ASN GA 247 17.07 107.42 2.18
N LEU GA 248 16.74 108.32 1.25
CA LEU GA 248 17.16 108.19 -0.14
C LEU GA 248 17.46 109.58 -0.68
N TRP GA 249 18.74 109.85 -0.94
CA TRP GA 249 19.20 111.18 -1.30
C TRP GA 249 19.96 111.15 -2.62
N PHE GA 250 20.34 112.35 -3.06
CA PHE GA 250 20.85 112.58 -4.40
C PHE GA 250 21.78 113.78 -4.26
N ASP GA 251 23.09 113.55 -4.23
CA ASP GA 251 24.04 114.66 -4.10
C ASP GA 251 24.32 115.26 -5.46
N LEU GA 252 24.12 116.58 -5.59
CA LEU GA 252 24.29 117.26 -6.86
C LEU GA 252 25.39 118.31 -6.74
N MET GA 253 25.80 118.83 -7.89
CA MET GA 253 26.84 119.84 -7.97
C MET GA 253 26.23 121.17 -8.39
N ALA GA 254 26.70 122.24 -7.79
CA ALA GA 254 26.16 123.57 -8.07
C ALA GA 254 27.30 124.58 -7.99
N ILE GA 255 27.06 125.72 -8.62
CA ILE GA 255 28.11 126.72 -8.76
C ILE GA 255 27.64 128.00 -8.09
N PRO GA 256 28.23 128.38 -6.96
CA PRO GA 256 27.74 129.54 -6.21
C PRO GA 256 27.83 130.81 -7.04
N ALA GA 257 26.88 131.72 -6.81
CA ALA GA 257 26.84 132.96 -7.60
C ALA GA 257 28.17 133.69 -7.53
N ASP GA 258 28.81 133.72 -6.37
CA ASP GA 258 30.11 134.37 -6.21
C ASP GA 258 31.22 133.38 -6.58
N ALA GA 259 31.21 132.98 -7.85
CA ALA GA 259 32.22 132.07 -8.37
C ALA GA 259 32.93 132.70 -9.56
N LYS GA 260 34.25 132.83 -9.43
CA LYS GA 260 35.12 133.33 -10.50
C LYS GA 260 35.20 132.27 -11.60
N ALA GA 261 35.88 131.16 -11.33
CA ALA GA 261 36.14 130.13 -12.32
C ALA GA 261 34.89 129.36 -12.73
N ALA GA 262 33.81 130.08 -13.05
CA ALA GA 262 32.57 129.43 -13.46
C ALA GA 262 32.78 128.51 -14.64
N ASP GA 263 33.54 128.97 -15.63
CA ASP GA 263 33.76 128.18 -16.84
C ASP GA 263 34.80 127.08 -16.63
N ASN GA 264 35.62 127.16 -15.60
CA ASN GA 264 36.42 126.00 -15.20
C ASN GA 264 35.53 124.93 -14.62
N ALA GA 265 34.62 125.31 -13.71
CA ALA GA 265 33.67 124.37 -13.15
C ALA GA 265 32.88 123.67 -14.23
N TYR GA 266 32.56 124.40 -15.30
CA TYR GA 266 31.80 123.81 -16.40
C TYR GA 266 32.60 122.71 -17.09
N ALA GA 267 33.84 123.01 -17.47
CA ALA GA 267 34.67 122.00 -18.12
C ALA GA 267 34.95 120.81 -17.22
N PHE GA 268 34.80 120.97 -15.91
CA PHE GA 268 34.99 119.84 -15.00
C PHE GA 268 33.69 119.07 -14.79
N ILE GA 269 32.60 119.77 -14.46
CA ILE GA 269 31.29 119.10 -14.39
C ILE GA 269 31.00 118.34 -15.68
N ASP GA 270 31.51 118.82 -16.80
CA ASP GA 270 31.26 118.12 -18.07
C ASP GA 270 32.09 116.85 -18.17
N TYR GA 271 33.39 116.94 -17.82
CA TYR GA 271 34.24 115.76 -17.84
C TYR GA 271 33.66 114.63 -17.00
N LEU GA 272 33.21 114.95 -15.79
CA LEU GA 272 32.55 113.95 -14.95
C LEU GA 272 31.30 113.37 -15.63
N LEU GA 273 30.52 114.22 -16.28
CA LEU GA 273 29.26 113.74 -16.84
C LEU GA 273 29.41 112.82 -18.04
N ARG GA 274 30.57 112.33 -18.45
CA ARG GA 274 30.64 111.35 -19.52
C ARG GA 274 30.88 109.97 -18.93
N PRO GA 275 30.57 108.88 -19.68
CA PRO GA 275 30.50 107.54 -19.06
C PRO GA 275 31.76 107.10 -18.35
N GLU GA 276 32.80 106.86 -19.15
CA GLU GA 276 34.15 106.47 -18.76
C GLU GA 276 34.57 106.99 -17.39
N VAL GA 277 34.31 108.28 -17.15
CA VAL GA 277 34.78 108.96 -15.96
C VAL GA 277 33.93 108.59 -14.75
N ILE GA 278 32.64 108.90 -14.80
CA ILE GA 278 31.77 108.62 -13.66
C ILE GA 278 31.63 107.12 -13.44
N ALA GA 279 31.88 106.31 -14.47
CA ALA GA 279 32.07 104.89 -14.26
C ALA GA 279 33.20 104.64 -13.27
N LYS GA 280 34.27 105.43 -13.36
CA LYS GA 280 35.42 105.23 -12.48
C LYS GA 280 35.10 105.70 -11.06
N VAL GA 281 34.47 106.86 -10.91
CA VAL GA 281 34.20 107.39 -9.59
C VAL GA 281 33.39 106.39 -8.77
N SER GA 282 32.36 105.81 -9.38
CA SER GA 282 31.54 104.79 -8.72
C SER GA 282 32.38 103.63 -8.24
N ASP GA 283 33.09 102.96 -9.18
CA ASP GA 283 33.98 101.83 -8.91
C ASP GA 283 34.72 101.99 -7.59
N TYR GA 284 35.07 103.23 -7.25
CA TYR GA 284 35.85 103.49 -6.06
C TYR GA 284 34.97 103.74 -4.84
N VAL GA 285 34.10 104.75 -4.89
CA VAL GA 285 33.38 105.13 -3.67
C VAL GA 285 32.25 104.16 -3.40
N GLY GA 286 31.63 103.64 -4.45
CA GLY GA 286 30.58 102.66 -4.28
C GLY GA 286 29.20 103.24 -4.13
N TYR GA 287 28.95 104.40 -4.71
CA TYR GA 287 27.62 104.99 -4.86
C TYR GA 287 27.24 104.94 -6.32
N ALA GA 288 25.94 104.95 -6.60
CA ALA GA 288 25.47 104.89 -7.97
C ALA GA 288 25.68 106.23 -8.66
N ASN GA 289 26.11 106.19 -9.92
CA ASN GA 289 26.22 107.42 -10.68
C ASN GA 289 24.85 107.85 -11.15
N ALA GA 290 24.81 108.72 -12.18
CA ALA GA 290 23.57 109.16 -12.79
C ALA GA 290 23.58 108.97 -14.30
N ILE GA 291 24.59 108.29 -14.82
CA ILE GA 291 24.80 108.12 -16.26
C ILE GA 291 24.42 106.69 -16.63
N PRO GA 292 23.36 106.47 -17.44
CA PRO GA 292 22.99 105.10 -17.84
C PRO GA 292 24.13 104.30 -18.46
N GLY GA 293 24.72 104.82 -19.54
CA GLY GA 293 25.78 104.12 -20.26
C GLY GA 293 27.06 103.91 -19.48
N ALA GA 294 27.19 104.50 -18.29
CA ALA GA 294 28.35 104.21 -17.44
C ALA GA 294 28.18 102.88 -16.72
N ARG GA 295 26.93 102.51 -16.44
CA ARG GA 295 26.68 101.25 -15.74
C ARG GA 295 27.41 100.08 -16.36
N PRO GA 296 27.38 99.87 -17.69
CA PRO GA 296 27.99 98.65 -18.25
C PRO GA 296 29.50 98.57 -18.09
N LEU GA 297 30.16 99.64 -17.65
CA LEU GA 297 31.61 99.68 -17.60
C LEU GA 297 32.15 99.68 -16.19
N MET GA 298 31.27 99.47 -15.20
CA MET GA 298 31.60 99.53 -13.79
C MET GA 298 31.89 98.16 -13.22
N ASP GA 299 32.82 98.13 -12.27
CA ASP GA 299 33.14 96.91 -11.54
C ASP GA 299 31.87 96.24 -11.07
N LYS GA 300 31.60 95.03 -11.61
CA LYS GA 300 30.36 94.32 -11.32
C LYS GA 300 30.07 94.29 -9.82
N SER GA 301 31.10 94.44 -9.00
CA SER GA 301 30.93 94.59 -7.55
C SER GA 301 30.04 95.76 -7.21
N VAL GA 302 30.00 96.78 -8.05
CA VAL GA 302 29.17 97.94 -7.84
C VAL GA 302 28.02 97.99 -8.83
N SER GA 303 28.26 97.62 -10.10
CA SER GA 303 27.16 97.67 -11.05
C SER GA 303 26.04 96.72 -10.65
N ASP GA 304 26.34 95.58 -10.04
CA ASP GA 304 25.23 94.69 -9.77
C ASP GA 304 24.71 94.75 -8.35
N SER GA 305 25.49 95.24 -7.39
CA SER GA 305 25.10 95.19 -5.98
C SER GA 305 23.77 95.88 -5.75
N GLU GA 306 22.82 95.13 -5.18
CA GLU GA 306 21.49 95.68 -4.90
C GLU GA 306 21.56 96.87 -3.98
N GLU GA 307 22.57 96.90 -3.10
CA GLU GA 307 22.70 97.89 -2.05
C GLU GA 307 23.28 99.20 -2.59
N VAL GA 308 23.84 99.15 -3.79
CA VAL GA 308 24.37 100.31 -4.46
C VAL GA 308 23.44 100.79 -5.56
N TYR GA 309 22.63 99.90 -6.12
CA TYR GA 309 21.72 100.20 -7.23
C TYR GA 309 20.39 99.51 -6.91
N PRO GA 310 19.59 100.08 -6.02
CA PRO GA 310 18.46 99.32 -5.49
C PRO GA 310 17.45 99.03 -6.58
N PRO GA 311 16.74 97.91 -6.49
CA PRO GA 311 15.70 97.59 -7.47
C PRO GA 311 14.39 98.27 -7.14
N GLN GA 312 13.65 98.58 -8.21
CA GLN GA 312 12.45 99.41 -8.11
C GLN GA 312 11.42 98.90 -7.09
N ALA GA 313 11.54 97.64 -6.62
CA ALA GA 313 10.73 97.19 -5.50
C ALA GA 313 11.22 97.73 -4.16
N VAL GA 314 12.48 98.14 -4.08
CA VAL GA 314 13.06 98.63 -2.83
C VAL GA 314 12.97 100.14 -2.72
N LEU GA 315 13.14 100.85 -3.83
CA LEU GA 315 12.99 102.30 -3.86
C LEU GA 315 11.67 102.73 -3.21
N ASP GA 316 10.64 101.91 -3.35
CA ASP GA 316 9.29 102.29 -2.90
C ASP GA 316 9.24 102.43 -1.38
N LYS GA 317 9.96 101.59 -0.66
CA LYS GA 317 9.99 101.63 0.80
C LYS GA 317 11.02 102.63 1.33
N LEU GA 318 11.44 103.59 0.52
CA LEU GA 318 12.41 104.61 0.89
C LEU GA 318 11.80 105.99 0.70
N TYR GA 319 12.11 106.90 1.62
CA TYR GA 319 11.56 108.24 1.62
C TYR GA 319 12.60 109.25 1.12
N VAL GA 320 12.14 110.18 0.29
CA VAL GA 320 12.99 111.21 -0.28
C VAL GA 320 12.74 112.50 0.50
N SER GA 321 13.76 112.93 1.26
CA SER GA 321 13.65 114.18 2.00
C SER GA 321 13.28 115.33 1.07
N ALA GA 322 12.32 116.13 1.51
CA ALA GA 322 11.79 117.23 0.72
C ALA GA 322 12.13 118.56 1.38
N VAL GA 323 11.98 119.64 0.62
CA VAL GA 323 12.34 120.97 1.11
C VAL GA 323 11.49 121.32 2.31
N LEU GA 324 12.06 121.16 3.53
CA LEU GA 324 11.37 121.36 4.80
C LEU GA 324 11.15 122.86 5.03
N PRO GA 325 9.99 123.26 5.54
CA PRO GA 325 9.78 124.66 5.91
C PRO GA 325 10.75 125.10 7.00
N ALA GA 326 10.80 126.42 7.21
CA ALA GA 326 11.80 127.05 8.06
C ALA GA 326 11.63 126.62 9.52
N LYS GA 327 10.54 127.07 10.14
CA LYS GA 327 10.14 126.77 11.52
C LYS GA 327 10.37 125.30 11.88
N VAL GA 328 10.33 124.43 10.87
CA VAL GA 328 10.58 123.01 11.01
C VAL GA 328 12.08 122.80 11.19
N LEU GA 329 12.86 123.07 10.13
CA LEU GA 329 14.32 122.99 10.17
C LEU GA 329 14.95 123.68 11.37
N ARG GA 330 14.12 124.28 12.23
CA ARG GA 330 14.59 124.89 13.44
C ARG GA 330 14.30 124.03 14.66
N LEU GA 331 13.11 123.41 14.74
CA LEU GA 331 12.86 122.40 15.76
C LEU GA 331 13.87 121.27 15.67
N GLN GA 332 14.15 120.83 14.45
CA GLN GA 332 15.10 119.75 14.23
C GLN GA 332 16.51 120.16 14.69
N THR GA 333 16.93 121.38 14.34
CA THR GA 333 18.26 121.86 14.67
C THR GA 333 18.44 122.09 16.18
N ARG GA 334 17.35 122.35 16.90
CA ARG GA 334 17.42 122.58 18.34
C ARG GA 334 17.12 121.32 19.15
N THR GA 335 16.24 120.46 18.65
CA THR GA 335 16.03 119.16 19.28
C THR GA 335 17.29 118.32 19.22
N TRP GA 336 17.89 118.24 18.03
CA TRP GA 336 19.17 117.58 17.88
C TRP GA 336 20.18 118.07 18.93
N THR GA 337 20.24 119.39 19.13
CA THR GA 337 21.15 119.96 20.11
C THR GA 337 20.76 119.62 21.54
N ARG GA 338 19.45 119.57 21.82
CA ARG GA 338 18.94 119.05 23.10
C ARG GA 338 19.63 117.74 23.50
N ILE GA 339 19.98 116.91 22.51
CA ILE GA 339 20.63 115.61 22.71
C ILE GA 339 22.15 115.81 22.70
N LYS GA 340 22.59 116.88 23.34
CA LYS GA 340 24.00 117.21 23.50
C LYS GA 340 24.77 116.16 24.31
N GLN HA 3 21.07 93.24 -37.58
CA GLN HA 3 21.39 94.17 -36.50
C GLN HA 3 22.16 93.41 -35.40
N VAL HA 4 22.45 94.13 -34.30
CA VAL HA 4 22.95 93.63 -33.02
C VAL HA 4 23.19 92.12 -32.97
N GLN HA 5 24.45 91.72 -33.12
CA GLN HA 5 24.85 90.32 -33.15
C GLN HA 5 26.36 90.25 -32.92
N LEU HA 6 26.84 89.11 -32.42
CA LEU HA 6 28.28 88.90 -32.37
C LEU HA 6 28.59 87.61 -33.13
N VAL HA 7 29.11 87.75 -34.37
CA VAL HA 7 29.55 86.59 -35.15
C VAL HA 7 31.00 86.26 -34.77
N GLU HA 8 31.25 84.96 -34.54
CA GLU HA 8 32.52 84.47 -34.03
C GLU HA 8 33.42 83.95 -35.14
N THR HA 9 34.38 83.09 -34.80
CA THR HA 9 35.35 82.57 -35.75
C THR HA 9 34.88 81.22 -36.31
N GLY HA 10 35.48 80.83 -37.46
CA GLY HA 10 35.32 79.48 -37.95
C GLY HA 10 36.22 78.50 -37.22
N ASP HA 11 35.80 77.22 -37.22
CA ASP HA 11 36.09 76.20 -36.21
C ASP HA 11 37.43 76.31 -35.47
N GLU HA 12 38.13 75.17 -35.26
CA GLU HA 12 39.52 75.09 -34.80
C GLU HA 12 39.75 73.84 -33.96
N VAL HA 13 40.88 73.17 -34.19
CA VAL HA 13 41.33 72.04 -33.38
C VAL HA 13 42.82 72.24 -33.16
N LYS HA 14 43.32 71.72 -32.04
CA LYS HA 14 44.77 71.81 -31.79
C LYS HA 14 45.16 70.68 -30.84
N THR HA 15 46.31 70.77 -30.20
CA THR HA 15 46.71 69.65 -29.33
C THR HA 15 47.26 70.18 -28.02
N PRO HA 16 47.46 69.32 -27.03
CA PRO HA 16 47.94 69.74 -25.73
C PRO HA 16 49.18 70.64 -25.73
N GLY HA 17 49.18 71.61 -24.83
CA GLY HA 17 50.31 72.55 -24.62
C GLY HA 17 50.33 73.67 -25.63
N ALA HA 18 49.31 73.78 -26.47
CA ALA HA 18 49.36 74.82 -27.51
C ALA HA 18 48.69 76.10 -27.06
N SER HA 19 48.09 76.77 -28.03
CA SER HA 19 47.36 78.04 -27.84
C SER HA 19 46.14 78.04 -28.76
N VAL HA 20 45.33 79.08 -28.70
CA VAL HA 20 44.13 79.08 -29.58
C VAL HA 20 43.53 80.46 -29.48
N LYS HA 21 43.33 81.16 -30.58
CA LYS HA 21 42.74 82.50 -30.43
C LYS HA 21 41.39 82.52 -31.15
N VAL HA 22 40.36 82.98 -30.45
CA VAL HA 22 39.00 83.04 -30.99
C VAL HA 22 38.59 84.51 -31.12
N SER HA 23 38.24 84.94 -32.34
CA SER HA 23 37.76 86.30 -32.57
C SER HA 23 36.22 86.37 -32.54
N CYS HA 24 35.71 87.61 -32.57
CA CYS HA 24 34.29 87.85 -32.31
C CYS HA 24 33.95 89.24 -32.85
N LYS HA 25 33.38 89.29 -34.05
CA LYS HA 25 33.11 90.55 -34.73
C LYS HA 25 31.64 90.93 -34.55
N VAL HA 26 31.40 92.06 -33.90
CA VAL HA 26 30.05 92.48 -33.54
C VAL HA 26 29.36 93.12 -34.74
N SER HA 27 28.24 93.82 -34.48
CA SER HA 27 27.65 94.81 -35.40
C SER HA 27 26.40 95.41 -34.77
N GLY HA 28 25.86 96.45 -35.39
CA GLY HA 28 24.57 96.97 -34.99
C GLY HA 28 24.51 97.71 -33.67
N TYR HA 29 25.61 97.85 -32.94
CA TYR HA 29 25.60 98.60 -31.70
C TYR HA 29 26.97 99.21 -31.46
N THR HA 30 26.96 100.40 -30.85
CA THR HA 30 28.19 101.08 -30.48
C THR HA 30 29.02 100.22 -29.55
N PHE HA 31 30.15 99.73 -30.06
CA PHE HA 31 30.86 98.61 -29.45
C PHE HA 31 31.52 99.01 -28.13
N THR HA 32 32.11 100.19 -28.07
CA THR HA 32 32.74 100.64 -26.81
C THR HA 32 31.71 101.07 -25.73
N SER HA 33 30.40 100.86 -25.84
CA SER HA 33 29.46 101.21 -24.78
C SER HA 33 28.95 99.99 -24.02
N TYR HA 34 29.49 98.81 -24.29
CA TYR HA 34 29.12 97.59 -23.58
C TYR HA 34 30.33 96.67 -23.47
N GLY HA 35 30.57 96.17 -22.26
CA GLY HA 35 31.59 95.16 -22.06
C GLY HA 35 31.24 93.84 -22.74
N ILE HA 36 32.20 92.92 -22.70
CA ILE HA 36 32.07 91.64 -23.42
C ILE HA 36 32.64 90.51 -22.58
N SER HA 37 31.79 89.57 -22.19
CA SER HA 37 32.21 88.37 -21.50
C SER HA 37 32.34 87.19 -22.47
N TRP HA 38 33.26 86.30 -22.13
CA TRP HA 38 33.37 84.98 -22.75
C TRP HA 38 32.86 83.91 -21.80
N VAL HA 39 32.06 82.98 -22.34
CA VAL HA 39 31.52 81.88 -21.57
C VAL HA 39 31.91 80.58 -22.24
N ARG HA 40 32.40 79.63 -21.45
CA ARG HA 40 32.84 78.33 -21.96
C ARG HA 40 31.81 77.26 -21.62
N GLN HA 41 31.72 76.25 -22.48
CA GLN HA 41 30.81 75.14 -22.23
C GLN HA 41 31.43 73.86 -22.81
N ALA HA 42 31.90 72.98 -21.93
CA ALA HA 42 32.43 71.70 -22.35
C ALA HA 42 31.29 70.82 -22.90
N PRO HA 43 31.63 69.75 -23.65
CA PRO HA 43 30.57 68.94 -24.28
C PRO HA 43 29.58 68.35 -23.29
N GLY HA 44 28.42 69.00 -23.15
CA GLY HA 44 27.35 68.52 -22.31
C GLY HA 44 27.28 69.18 -20.95
N GLN HA 45 28.35 69.85 -20.52
CA GLN HA 45 28.40 70.38 -19.17
C GLN HA 45 27.75 71.76 -19.11
N GLY HA 46 27.59 72.25 -17.89
CA GLY HA 46 27.03 73.57 -17.68
C GLY HA 46 27.95 74.68 -18.16
N LEU HA 47 27.43 75.91 -18.10
CA LEU HA 47 28.19 77.04 -18.59
C LEU HA 47 29.23 77.48 -17.57
N GLU HA 48 30.35 78.00 -18.07
CA GLU HA 48 31.47 78.46 -17.24
C GLU HA 48 31.93 79.81 -17.77
N TRP HA 49 32.10 80.76 -16.85
CA TRP HA 49 32.45 82.12 -17.21
C TRP HA 49 33.97 82.25 -17.23
N MET HA 50 34.51 82.73 -18.35
CA MET HA 50 35.95 82.83 -18.54
C MET HA 50 36.49 84.22 -18.18
N GLY HA 51 35.90 85.28 -18.70
CA GLY HA 51 36.43 86.59 -18.40
C GLY HA 51 35.48 87.69 -18.82
N TRP HA 52 35.99 88.92 -18.74
CA TRP HA 52 35.24 90.09 -19.18
C TRP HA 52 36.24 91.18 -19.57
N ILE HA 53 35.93 91.92 -20.63
CA ILE HA 53 36.84 92.99 -21.07
C ILE HA 53 36.10 94.24 -21.53
N ASN HA 54 36.32 95.34 -20.81
CA ASN HA 54 35.82 96.68 -21.09
C ASN HA 54 36.40 97.20 -22.40
N PRO HA 55 35.61 97.24 -23.49
CA PRO HA 55 36.18 97.67 -24.78
C PRO HA 55 36.66 99.10 -24.78
N ASN HA 56 35.95 100.00 -24.07
CA ASN HA 56 36.29 101.41 -24.05
C ASN HA 56 37.76 101.63 -23.76
N SER HA 57 38.19 101.27 -22.55
CA SER HA 57 39.57 101.43 -22.13
C SER HA 57 40.40 100.16 -22.34
N GLY HA 58 39.84 98.99 -22.02
CA GLY HA 58 40.57 97.76 -22.22
C GLY HA 58 40.71 96.95 -20.95
N GLY HA 59 40.02 97.35 -19.89
CA GLY HA 59 40.06 96.61 -18.65
C GLY HA 59 39.75 95.14 -18.87
N THR HA 60 40.29 94.29 -17.99
CA THR HA 60 40.13 92.85 -18.18
C THR HA 60 40.02 92.16 -16.83
N ASN HA 61 38.84 91.55 -16.57
CA ASN HA 61 38.57 90.78 -15.36
C ASN HA 61 38.50 89.31 -15.74
N TYR HA 62 39.52 88.57 -15.33
CA TYR HA 62 39.61 87.13 -15.55
C TYR HA 62 39.05 86.39 -14.35
N ALA HA 63 38.69 85.13 -14.58
CA ALA HA 63 38.29 84.24 -13.50
C ALA HA 63 39.52 83.61 -12.88
N GLN HA 64 39.47 83.39 -11.56
CA GLN HA 64 40.65 82.92 -10.84
C GLN HA 64 41.12 81.54 -11.31
N LYS HA 65 40.32 80.85 -12.13
CA LYS HA 65 40.74 79.58 -12.72
C LYS HA 65 41.64 79.77 -13.93
N PHE HA 66 41.56 80.92 -14.59
CA PHE HA 66 42.23 81.15 -15.87
C PHE HA 66 43.32 82.20 -15.78
N GLN HA 67 43.68 82.63 -14.58
CA GLN HA 67 44.61 83.75 -14.43
C GLN HA 67 46.03 83.32 -14.76
N GLY HA 68 46.74 84.18 -15.51
CA GLY HA 68 48.03 83.82 -16.06
C GLY HA 68 47.95 82.99 -17.32
N ARG HA 69 46.75 82.73 -17.85
CA ARG HA 69 46.62 81.85 -19.00
C ARG HA 69 45.71 82.47 -20.06
N VAL HA 70 44.47 82.79 -19.71
CA VAL HA 70 43.57 83.43 -20.67
C VAL HA 70 44.06 84.85 -20.98
N THR HA 71 43.87 85.28 -22.23
CA THR HA 71 44.24 86.65 -22.58
C THR HA 71 43.20 87.23 -23.53
N MET HA 72 42.63 88.35 -23.13
CA MET HA 72 41.53 88.95 -23.87
C MET HA 72 41.93 90.34 -24.34
N THR HA 73 41.66 90.62 -25.60
CA THR HA 73 42.05 91.89 -26.19
C THR HA 73 40.91 92.38 -27.08
N ARG HA 74 41.20 93.41 -27.85
CA ARG HA 74 40.15 94.12 -28.57
C ARG HA 74 40.77 95.06 -29.59
N ASP HA 75 40.18 95.13 -30.78
CA ASP HA 75 40.66 96.06 -31.81
C ASP HA 75 39.49 97.00 -32.10
N THR HA 76 39.44 98.08 -31.32
CA THR HA 76 38.37 99.08 -31.43
C THR HA 76 38.20 99.61 -32.84
N SER HA 77 39.15 99.36 -33.73
CA SER HA 77 39.00 99.76 -35.12
C SER HA 77 38.10 98.79 -35.89
N ILE HA 78 38.25 97.49 -35.65
CA ILE HA 78 37.49 96.47 -36.35
C ILE HA 78 36.30 95.98 -35.53
N SER HA 79 36.01 96.63 -34.41
CA SER HA 79 34.88 96.30 -33.54
C SER HA 79 34.89 94.86 -33.07
N THR HA 80 36.07 94.25 -32.99
CA THR HA 80 36.24 92.86 -32.58
C THR HA 80 36.68 92.76 -31.12
N ALA HA 81 36.54 91.56 -30.56
CA ALA HA 81 37.11 91.23 -29.26
C ALA HA 81 37.66 89.81 -29.35
N TYR HA 82 38.83 89.58 -28.74
CA TYR HA 82 39.60 88.36 -28.92
C TYR HA 82 39.75 87.62 -27.58
N MET HA 83 40.09 86.33 -27.65
CA MET HA 83 40.35 85.58 -26.43
C MET HA 83 41.30 84.44 -26.75
N GLU HA 84 42.26 84.17 -25.87
CA GLU HA 84 43.29 83.17 -26.11
C GLU HA 84 43.69 82.44 -24.83
N LEU HA 85 43.50 81.12 -24.78
CA LEU HA 85 44.28 80.32 -23.87
C LEU HA 85 45.67 80.07 -24.44
N SER HA 86 46.61 79.82 -23.53
CA SER HA 86 48.00 79.67 -23.89
C SER HA 86 48.58 78.29 -23.57
N ARG HA 87 47.99 77.54 -22.63
CA ARG HA 87 48.41 76.16 -22.35
C ARG HA 87 47.19 75.25 -22.40
N LEU HA 88 46.65 75.07 -23.60
CA LEU HA 88 45.54 74.16 -23.79
C LEU HA 88 45.83 72.79 -23.20
N ARG HA 89 44.80 72.17 -22.65
CA ARG HA 89 44.94 70.85 -22.04
C ARG HA 89 43.88 69.93 -22.62
N SER HA 90 43.75 68.72 -22.09
CA SER HA 90 42.67 67.83 -22.50
C SER HA 90 41.32 68.42 -22.09
N ASP HA 91 41.16 68.68 -20.79
CA ASP HA 91 40.11 69.46 -20.15
C ASP HA 91 39.51 70.63 -20.93
N ASP HA 92 40.31 71.35 -21.71
CA ASP HA 92 39.84 72.59 -22.33
C ASP HA 92 38.98 72.39 -23.58
N THR HA 93 38.68 71.16 -23.99
CA THR HA 93 37.74 70.98 -25.10
C THR HA 93 36.39 71.57 -24.74
N ALA HA 94 35.87 72.42 -25.64
CA ALA HA 94 34.60 73.12 -25.45
C ALA HA 94 34.18 74.04 -26.60
N VAL HA 95 32.94 74.52 -26.53
CA VAL HA 95 32.44 75.59 -27.38
C VAL HA 95 32.56 76.89 -26.59
N TYR HA 96 33.17 77.90 -27.21
CA TYR HA 96 33.54 79.14 -26.53
C TYR HA 96 32.62 80.27 -26.97
N TYR HA 97 31.72 80.67 -26.09
CA TYR HA 97 30.68 81.64 -26.39
C TYR HA 97 31.16 83.06 -26.09
N CYS HA 98 30.76 84.01 -26.93
CA CYS HA 98 31.18 85.41 -26.84
C CYS HA 98 29.93 86.29 -26.67
N ALA HA 99 29.67 86.74 -25.44
CA ALA HA 99 28.46 87.45 -25.11
C ALA HA 99 28.72 88.93 -24.88
N ARG HA 100 27.78 89.78 -25.29
CA ARG HA 100 27.81 91.18 -24.92
C ARG HA 100 27.28 91.34 -23.50
N ASP HA 101 28.05 92.02 -22.66
CA ASP HA 101 27.74 92.07 -21.23
C ASP HA 101 27.41 93.51 -20.85
N LYS HA 102 26.12 93.80 -20.74
CA LYS HA 102 25.61 94.98 -20.02
C LYS HA 102 25.12 94.58 -18.63
N ARG HA 103 25.91 93.70 -18.00
CA ARG HA 103 25.73 93.09 -16.69
C ARG HA 103 24.93 91.80 -16.81
N TYR HA 104 24.10 91.74 -17.84
CA TYR HA 104 23.43 90.52 -18.26
C TYR HA 104 23.77 90.29 -19.72
N MET HA 105 24.24 89.09 -20.02
CA MET HA 105 24.67 88.74 -21.35
C MET HA 105 23.43 88.67 -22.25
N ASP HA 106 22.98 89.83 -22.76
CA ASP HA 106 21.72 89.91 -23.48
C ASP HA 106 21.78 89.45 -24.93
N VAL HA 107 22.95 89.48 -25.57
CA VAL HA 107 23.13 88.96 -26.91
C VAL HA 107 24.37 88.08 -26.92
N TRP HA 108 24.26 86.91 -27.53
CA TRP HA 108 25.32 85.92 -27.55
C TRP HA 108 25.75 85.65 -28.99
N GLY HA 109 26.91 85.02 -29.14
CA GLY HA 109 27.37 84.52 -30.41
C GLY HA 109 27.26 83.01 -30.51
N LYS HA 110 27.38 82.50 -31.74
CA LYS HA 110 27.14 81.10 -32.02
C LYS HA 110 28.12 80.24 -31.22
N GLY HA 111 29.41 80.33 -31.52
CA GLY HA 111 30.39 79.62 -30.71
C GLY HA 111 31.43 78.81 -31.43
N THR HA 112 32.66 79.33 -31.48
CA THR HA 112 33.78 78.57 -32.02
C THR HA 112 34.07 77.33 -31.17
N THR HA 113 34.29 76.20 -31.85
CA THR HA 113 34.54 74.93 -31.17
C THR HA 113 36.05 74.71 -31.11
N VAL HA 114 36.60 74.68 -29.90
CA VAL HA 114 37.99 74.27 -29.71
C VAL HA 114 38.01 72.80 -29.32
N THR HA 115 38.78 72.01 -30.06
CA THR HA 115 38.87 70.57 -29.87
C THR HA 115 40.34 70.24 -29.66
N VAL HA 116 40.65 69.71 -28.49
CA VAL HA 116 42.03 69.41 -28.11
C VAL HA 116 42.05 68.03 -27.50
N SER HA 117 42.92 67.16 -28.02
CA SER HA 117 42.90 65.75 -27.66
C SER HA 117 44.29 65.15 -27.83
N SER HA 118 44.54 64.11 -27.02
CA SER HA 118 45.75 63.28 -26.91
C SER HA 118 46.36 63.45 -25.52
N GLY HA 119 47.65 63.14 -25.40
CA GLY HA 119 48.34 63.20 -24.13
C GLY HA 119 49.32 62.04 -23.97
N VAL HA 136 29.77 74.89 -6.49
CA VAL HA 136 29.58 76.19 -7.09
C VAL HA 136 28.38 76.82 -6.36
N LEU HA 137 27.31 77.11 -7.09
CA LEU HA 137 25.99 77.30 -6.51
C LEU HA 137 25.06 76.25 -7.09
N THR HA 138 24.16 75.75 -6.24
CA THR HA 138 23.46 74.49 -6.48
C THR HA 138 22.04 74.75 -6.94
N GLN HA 139 21.73 74.29 -8.15
CA GLN HA 139 20.37 74.20 -8.68
C GLN HA 139 20.13 72.78 -9.17
N PRO HA 140 18.89 72.28 -9.05
CA PRO HA 140 18.64 70.84 -9.23
C PRO HA 140 19.03 70.38 -10.62
N PRO HA 141 19.27 69.07 -10.80
CA PRO HA 141 19.81 68.59 -12.08
C PRO HA 141 18.77 68.39 -13.18
N SER HA 142 17.49 68.27 -12.85
CA SER HA 142 16.46 68.05 -13.86
C SER HA 142 15.08 68.20 -13.24
N VAL HA 143 14.13 68.59 -14.09
CA VAL HA 143 12.72 68.53 -13.79
C VAL HA 143 12.01 68.05 -15.05
N SER HA 144 11.02 67.19 -14.88
CA SER HA 144 10.19 66.73 -15.99
C SER HA 144 8.77 67.28 -15.83
N GLY HA 145 8.12 67.48 -16.97
CA GLY HA 145 6.76 67.98 -16.97
C GLY HA 145 6.13 67.99 -18.35
N ALA HA 146 5.04 67.24 -18.50
CA ALA HA 146 4.23 67.17 -19.70
C ALA HA 146 3.75 68.56 -20.12
N PRO HA 147 2.99 68.71 -21.19
CA PRO HA 147 2.48 70.05 -21.52
C PRO HA 147 1.44 70.56 -20.53
N GLY HA 148 1.34 71.89 -20.46
CA GLY HA 148 0.23 72.58 -19.81
C GLY HA 148 0.45 73.14 -18.42
N GLN HA 149 0.86 72.27 -17.50
CA GLN HA 149 1.12 72.53 -16.07
C GLN HA 149 2.13 73.61 -15.74
N LYS HA 150 2.64 73.58 -14.50
CA LYS HA 150 3.71 74.47 -14.04
C LYS HA 150 4.93 73.67 -13.62
N VAL HA 151 6.09 74.32 -13.62
CA VAL HA 151 7.30 73.80 -12.99
C VAL HA 151 8.09 74.99 -12.46
N THR HA 152 8.91 74.75 -11.45
CA THR HA 152 9.77 75.76 -10.86
C THR HA 152 11.14 75.17 -10.57
N ILE HA 153 12.17 76.01 -10.64
CA ILE HA 153 13.55 75.53 -10.61
C ILE HA 153 14.34 76.42 -9.67
N SER HA 154 14.80 75.86 -8.54
CA SER HA 154 15.56 76.64 -7.56
C SER HA 154 17.00 76.87 -7.99
N CYS HA 155 17.83 77.36 -7.05
CA CYS HA 155 19.22 77.76 -7.27
C CYS HA 155 19.72 78.52 -6.04
N SER HA 156 20.47 77.90 -5.14
CA SER HA 156 20.89 78.54 -3.90
C SER HA 156 22.34 78.96 -4.01
N GLY HA 157 22.63 80.19 -3.59
CA GLY HA 157 23.98 80.72 -3.54
C GLY HA 157 24.42 81.00 -2.12
N SER HA 158 24.98 82.18 -1.87
CA SER HA 158 25.46 82.58 -0.56
C SER HA 158 25.18 84.05 -0.33
N SER HA 159 25.53 84.52 0.85
CA SER HA 159 25.32 85.89 1.23
C SER HA 159 26.25 86.84 0.48
N SER HA 160 26.74 86.44 -0.70
CA SER HA 160 27.75 87.23 -1.41
C SER HA 160 27.57 87.10 -2.91
N ASN HA 161 26.75 86.14 -3.34
CA ASN HA 161 26.53 85.91 -4.75
C ASN HA 161 25.07 86.20 -5.07
N ILE HA 162 24.14 85.25 -4.91
CA ILE HA 162 22.75 85.57 -5.19
C ILE HA 162 22.21 86.56 -4.17
N GLY HA 163 22.78 86.59 -2.97
CA GLY HA 163 22.26 87.47 -1.94
C GLY HA 163 22.51 88.94 -2.22
N ARG HA 164 23.73 89.29 -2.61
CA ARG HA 164 24.11 90.70 -2.69
C ARG HA 164 23.72 91.30 -4.03
N ASN HA 165 24.06 90.62 -5.11
CA ASN HA 165 24.01 91.17 -6.44
C ASN HA 165 22.70 90.81 -7.15
N TYR HA 166 22.56 91.35 -8.35
CA TYR HA 166 21.47 90.99 -9.23
C TYR HA 166 21.70 89.59 -9.81
N VAL HA 167 20.63 88.99 -10.31
CA VAL HA 167 20.70 87.68 -10.94
C VAL HA 167 20.02 87.75 -12.30
N SER HA 168 20.50 86.91 -13.22
CA SER HA 168 19.88 86.74 -14.53
C SER HA 168 19.77 85.25 -14.86
N TRP HA 169 18.77 84.94 -15.69
CA TRP HA 169 18.50 83.57 -16.10
C TRP HA 169 18.71 83.47 -17.60
N TYR HA 170 19.40 82.41 -18.04
CA TYR HA 170 19.66 82.18 -19.44
C TYR HA 170 19.12 80.80 -19.83
N GLN HA 171 18.43 80.73 -20.96
CA GLN HA 171 17.87 79.49 -21.48
C GLN HA 171 18.69 78.97 -22.66
N GLN HA 172 18.93 77.67 -22.68
CA GLN HA 172 19.63 77.01 -23.78
C GLN HA 172 18.75 75.93 -24.39
N LEU HA 173 18.01 76.30 -25.44
CA LEU HA 173 17.32 75.39 -26.34
C LEU HA 173 18.22 74.24 -26.76
N PRO HA 174 17.66 73.09 -27.15
CA PRO HA 174 18.52 71.94 -27.50
C PRO HA 174 19.41 72.28 -28.69
N GLY HA 175 20.71 72.01 -28.52
CA GLY HA 175 21.70 72.23 -29.57
C GLY HA 175 21.76 73.65 -30.07
N ALA HA 176 21.48 74.63 -29.22
CA ALA HA 176 21.45 76.02 -29.60
C ALA HA 176 22.32 76.84 -28.66
N ALA HA 177 22.58 78.09 -29.06
CA ALA HA 177 23.29 79.02 -28.22
C ALA HA 177 22.37 79.54 -27.12
N PRO HA 178 22.91 79.82 -25.93
CA PRO HA 178 22.07 80.35 -24.85
C PRO HA 178 21.46 81.69 -25.23
N LYS HA 179 20.22 81.90 -24.80
CA LYS HA 179 19.56 83.19 -24.89
C LYS HA 179 19.39 83.79 -23.50
N LEU HA 180 18.88 85.01 -23.46
CA LEU HA 180 18.68 85.73 -22.20
C LEU HA 180 17.25 85.51 -21.74
N LEU HA 181 17.06 84.73 -20.68
CA LEU HA 181 15.70 84.53 -20.16
C LEU HA 181 15.27 85.72 -19.30
N LEU HA 182 16.16 86.21 -18.40
CA LEU HA 182 15.91 87.46 -17.70
C LEU HA 182 17.18 88.25 -17.44
N TYR HA 183 16.95 89.48 -16.96
CA TYR HA 183 17.95 90.32 -16.32
C TYR HA 183 17.32 90.96 -15.09
N ASP HA 184 18.16 91.47 -14.20
CA ASP HA 184 17.77 92.35 -13.11
C ASP HA 184 16.84 91.69 -12.10
N ASN HA 185 16.83 90.35 -12.04
CA ASN HA 185 16.19 89.47 -11.06
C ASN HA 185 14.85 88.87 -11.52
N ASN HA 186 14.09 89.62 -12.30
CA ASN HA 186 12.74 89.19 -12.69
C ASN HA 186 12.32 89.88 -13.97
N LYS HA 187 12.93 91.03 -14.26
CA LYS HA 187 12.70 91.70 -15.53
C LYS HA 187 13.21 90.84 -16.67
N ARG HA 188 12.49 90.85 -17.79
CA ARG HA 188 12.83 89.93 -18.87
C ARG HA 188 12.67 90.65 -20.21
N PRO HA 189 13.49 90.31 -21.21
CA PRO HA 189 13.53 91.14 -22.43
C PRO HA 189 12.28 90.97 -23.28
N SER HA 190 11.82 92.07 -23.87
CA SER HA 190 10.74 92.02 -24.84
C SER HA 190 11.01 90.91 -25.86
N GLY HA 191 10.06 89.98 -25.96
CA GLY HA 191 10.30 88.70 -26.56
C GLY HA 191 10.33 87.54 -25.59
N ILE HA 192 9.97 87.76 -24.33
CA ILE HA 192 9.87 86.72 -23.32
C ILE HA 192 8.42 86.66 -22.86
N PRO HA 193 7.76 85.51 -22.92
CA PRO HA 193 6.36 85.41 -22.50
C PRO HA 193 6.23 85.63 -20.98
N ASP HA 194 4.97 85.74 -20.52
CA ASP HA 194 4.70 86.07 -19.13
C ASP HA 194 5.02 84.91 -18.18
N ARG HA 195 4.72 83.67 -18.58
CA ARG HA 195 4.91 82.55 -17.68
C ARG HA 195 6.33 82.54 -17.11
N PHE HA 196 7.31 82.90 -17.92
CA PHE HA 196 8.68 83.09 -17.43
C PHE HA 196 8.73 84.33 -16.54
N SER HA 197 8.64 84.11 -15.24
CA SER HA 197 9.01 85.10 -14.23
C SER HA 197 9.60 84.35 -13.04
N ALA HA 198 10.54 84.99 -12.36
CA ALA HA 198 11.26 84.36 -11.27
C ALA HA 198 11.14 85.20 -10.01
N SER HA 199 11.23 84.53 -8.87
CA SER HA 199 11.30 85.21 -7.58
C SER HA 199 12.74 85.36 -7.15
N LYS HA 200 12.97 85.28 -5.84
CA LYS HA 200 14.21 85.63 -5.16
C LYS HA 200 13.90 85.83 -3.68
N SER HA 201 14.51 85.04 -2.80
CA SER HA 201 14.12 85.08 -1.39
C SER HA 201 15.33 84.65 -0.54
N GLY HA 202 16.07 85.65 -0.06
CA GLY HA 202 17.26 85.40 0.72
C GLY HA 202 18.47 85.20 -0.17
N PRO HA 203 19.25 84.17 0.12
CA PRO HA 203 20.43 83.87 -0.72
C PRO HA 203 20.09 82.95 -1.87
N SER HA 204 18.81 82.95 -2.25
CA SER HA 204 18.32 82.01 -3.24
C SER HA 204 17.42 82.73 -4.23
N THR HA 205 17.39 82.23 -5.46
CA THR HA 205 16.43 82.69 -6.50
C THR HA 205 15.70 81.45 -6.99
N THR HA 206 14.41 81.56 -7.30
CA THR HA 206 13.59 80.40 -7.74
C THR HA 206 12.79 80.83 -8.98
N LEU HA 207 13.02 80.21 -10.13
CA LEU HA 207 12.31 80.62 -11.36
C LEU HA 207 11.00 79.87 -11.48
N ALA HA 208 10.12 80.31 -12.38
CA ALA HA 208 8.88 79.56 -12.54
C ALA HA 208 8.36 79.83 -13.95
N ILE HA 209 8.35 78.79 -14.79
CA ILE HA 209 7.75 78.89 -16.10
C ILE HA 209 6.36 78.25 -15.95
N THR HA 210 5.30 79.05 -16.13
CA THR HA 210 4.01 78.68 -15.56
C THR HA 210 3.03 78.07 -16.56
N GLY HA 211 3.34 78.06 -17.85
CA GLY HA 211 2.46 77.35 -18.75
C GLY HA 211 3.22 76.54 -19.75
N LEU HA 212 3.69 75.36 -19.36
CA LEU HA 212 4.62 74.66 -20.24
C LEU HA 212 3.89 74.40 -21.54
N GLN HA 213 4.50 74.77 -22.64
CA GLN HA 213 4.32 73.89 -23.76
C GLN HA 213 5.61 73.15 -24.00
N THR HA 214 5.63 72.39 -25.09
CA THR HA 214 6.73 71.49 -25.37
C THR HA 214 7.96 72.23 -25.88
N GLY HA 215 7.79 73.46 -26.36
CA GLY HA 215 8.84 74.21 -27.02
C GLY HA 215 9.93 74.73 -26.10
N ASP HA 216 9.72 74.71 -24.79
CA ASP HA 216 10.74 75.14 -23.86
C ASP HA 216 11.29 73.94 -23.07
N GLU HA 217 11.62 72.91 -23.84
CA GLU HA 217 12.45 71.79 -23.41
C GLU HA 217 13.90 72.14 -23.73
N ALA HA 218 14.72 72.22 -22.68
CA ALA HA 218 16.00 72.91 -22.76
C ALA HA 218 16.71 72.95 -21.42
N ASP HA 219 17.90 73.55 -21.38
CA ASP HA 219 18.62 73.80 -20.14
C ASP HA 219 18.38 75.23 -19.64
N TYR HA 220 18.40 75.38 -18.32
CA TYR HA 220 18.20 76.67 -17.69
C TYR HA 220 19.28 76.91 -16.65
N PHE HA 221 19.98 78.03 -16.78
CA PHE HA 221 21.11 78.36 -15.90
C PHE HA 221 20.82 79.68 -15.19
N CYS HA 222 21.06 79.70 -13.88
CA CYS HA 222 21.15 80.94 -13.14
C CYS HA 222 22.58 81.48 -13.23
N GLY HA 223 22.72 82.80 -13.24
CA GLY HA 223 24.04 83.38 -13.37
C GLY HA 223 24.19 84.64 -12.55
N VAL HA 224 25.03 84.63 -11.52
CA VAL HA 224 25.13 85.84 -10.70
C VAL HA 224 26.54 86.33 -10.85
N TRP HA 225 26.98 87.20 -9.95
CA TRP HA 225 28.38 87.58 -9.87
C TRP HA 225 28.83 87.56 -8.41
N ASP HA 226 29.31 86.41 -7.94
CA ASP HA 226 29.84 86.29 -6.58
C ASP HA 226 30.97 87.29 -6.35
N SER HA 227 30.64 88.45 -5.72
CA SER HA 227 31.57 89.54 -5.49
C SER HA 227 32.79 89.15 -4.73
N SER HA 228 33.18 87.99 -4.17
CA SER HA 228 34.48 87.87 -3.55
C SER HA 228 35.37 86.82 -4.20
N LEU HA 229 34.78 85.85 -4.89
CA LEU HA 229 35.50 85.14 -5.93
C LEU HA 229 35.67 86.00 -7.16
N ARG HA 230 34.93 87.11 -7.27
CA ARG HA 230 35.03 88.06 -8.38
C ARG HA 230 34.89 87.36 -9.73
N ALA HA 231 33.72 86.76 -9.94
CA ALA HA 231 33.47 85.98 -11.14
C ALA HA 231 31.97 85.83 -11.33
N VAL HA 232 31.59 85.47 -12.56
CA VAL HA 232 30.19 85.18 -12.89
C VAL HA 232 29.96 83.69 -12.67
N LEU HA 233 29.23 83.36 -11.62
CA LEU HA 233 28.92 81.97 -11.31
C LEU HA 233 27.65 81.52 -12.01
N PHE HA 234 27.59 80.23 -12.31
CA PHE HA 234 26.44 79.63 -12.97
C PHE HA 234 25.98 78.42 -12.18
N GLY HA 235 24.68 78.15 -12.26
CA GLY HA 235 24.17 76.89 -11.75
C GLY HA 235 24.59 75.74 -12.64
N GLY HA 236 24.67 74.54 -12.03
CA GLY HA 236 25.03 73.32 -12.73
C GLY HA 236 24.30 73.22 -14.05
N GLY HA 237 23.02 73.49 -13.99
CA GLY HA 237 22.15 73.37 -15.14
C GLY HA 237 21.00 72.52 -14.69
N THR HA 238 19.83 72.84 -15.20
CA THR HA 238 18.66 72.01 -15.00
C THR HA 238 18.00 71.72 -16.33
N LYS HA 239 17.58 70.47 -16.53
CA LYS HA 239 17.12 69.97 -17.81
C LYS HA 239 15.61 69.78 -17.73
N LEU HA 240 14.84 70.60 -18.45
CA LEU HA 240 13.40 70.44 -18.48
C LEU HA 240 13.01 69.57 -19.67
N THR HA 241 12.43 68.41 -19.38
CA THR HA 241 11.93 67.50 -20.40
C THR HA 241 10.40 67.51 -20.40
N VAL HA 242 9.82 67.99 -21.50
CA VAL HA 242 8.38 67.89 -21.75
C VAL HA 242 8.07 66.54 -22.36
N LEU HA 243 6.87 66.04 -22.11
CA LEU HA 243 6.45 64.79 -22.74
C LEU HA 243 5.19 65.00 -23.61
N SER IA 6 12.31 23.43 -7.54
CA SER IA 6 11.06 23.50 -6.80
C SER IA 6 9.95 24.02 -7.70
N LEU IA 7 8.70 23.91 -7.25
CA LEU IA 7 7.55 24.29 -8.08
C LEU IA 7 6.24 24.26 -7.30
N HIS IA 8 5.50 25.36 -7.29
CA HIS IA 8 4.27 25.48 -6.52
C HIS IA 8 3.09 25.57 -7.48
N ILE IA 9 2.06 24.77 -7.24
CA ILE IA 9 0.90 24.72 -8.14
C ILE IA 9 -0.39 24.81 -7.34
N TYR IA 10 -1.32 25.63 -7.84
CA TYR IA 10 -2.63 25.90 -7.24
C TYR IA 10 -3.70 25.41 -8.21
N ASN IA 11 -4.18 24.18 -8.02
CA ASN IA 11 -5.20 23.60 -8.89
C ASN IA 11 -6.41 23.17 -8.07
N TRP IA 12 -7.49 22.86 -8.79
CA TRP IA 12 -8.76 22.55 -8.15
C TRP IA 12 -8.67 21.29 -7.29
N THR IA 13 -9.65 21.16 -6.40
CA THR IA 13 -9.82 19.92 -5.66
C THR IA 13 -10.12 18.77 -6.62
N ASP IA 14 -9.66 17.58 -6.26
CA ASP IA 14 -10.03 16.34 -6.95
C ASP IA 14 -9.81 16.47 -8.45
N TYR IA 15 -8.66 17.04 -8.83
CA TYR IA 15 -8.42 17.48 -10.19
C TYR IA 15 -7.06 17.00 -10.69
N ILE IA 16 -6.52 15.94 -10.09
CA ILE IA 16 -5.30 15.31 -10.57
C ILE IA 16 -5.27 13.89 -10.00
N ALA IA 17 -4.78 12.95 -10.82
CA ALA IA 17 -4.61 11.59 -10.36
C ALA IA 17 -3.64 11.57 -9.18
N PRO IA 18 -3.65 10.50 -8.37
CA PRO IA 18 -2.83 10.54 -7.14
C PRO IA 18 -1.34 10.66 -7.41
N THR IA 19 -0.80 9.87 -8.34
CA THR IA 19 0.63 9.74 -8.57
C THR IA 19 1.14 10.58 -9.74
N THR IA 20 0.30 11.47 -10.28
CA THR IA 20 0.68 12.24 -11.46
C THR IA 20 1.95 13.03 -11.21
N LEU IA 21 1.89 13.97 -10.26
CA LEU IA 21 2.98 14.57 -9.48
C LEU IA 21 4.21 13.69 -9.34
N LYS IA 22 4.09 12.70 -8.47
CA LYS IA 22 5.21 11.85 -8.06
C LYS IA 22 5.86 11.16 -9.25
N ASP IA 23 5.04 10.61 -10.16
CA ASP IA 23 5.61 10.05 -11.38
C ASP IA 23 6.43 11.08 -12.15
N PHE IA 24 6.05 12.36 -12.03
CA PHE IA 24 6.78 13.45 -12.66
C PHE IA 24 8.03 13.81 -11.87
N THR IA 25 7.85 14.03 -10.57
CA THR IA 25 8.96 14.23 -9.64
C THR IA 25 10.12 13.26 -9.88
N LYS IA 26 9.83 11.96 -9.97
CA LYS IA 26 10.92 11.01 -10.18
C LYS IA 26 11.49 11.12 -11.59
N GLU IA 27 10.67 11.55 -12.57
CA GLU IA 27 11.17 11.68 -13.93
C GLU IA 27 12.02 12.92 -14.14
N SER IA 28 11.69 14.02 -13.45
CA SER IA 28 12.33 15.31 -13.65
C SER IA 28 13.33 15.65 -12.56
N GLY IA 29 12.95 15.52 -11.29
CA GLY IA 29 13.74 15.98 -10.17
C GLY IA 29 13.12 17.15 -9.43
N ILE IA 30 12.18 17.85 -10.06
CA ILE IA 30 11.48 18.94 -9.42
C ILE IA 30 10.55 18.38 -8.35
N ASP IA 31 10.55 19.00 -7.17
CA ASP IA 31 9.61 18.66 -6.10
C ASP IA 31 8.50 19.70 -6.09
N VAL IA 32 7.32 19.32 -6.55
CA VAL IA 32 6.22 20.27 -6.69
C VAL IA 32 5.46 20.34 -5.38
N SER IA 33 4.98 21.54 -5.05
CA SER IA 33 4.03 21.76 -3.98
C SER IA 33 2.64 21.89 -4.57
N TYR IA 34 1.64 21.36 -3.87
CA TYR IA 34 0.29 21.20 -4.43
C TYR IA 34 -0.73 21.71 -3.40
N ASP IA 35 -1.07 23.00 -3.51
CA ASP IA 35 -2.21 23.58 -2.82
C ASP IA 35 -3.43 23.57 -3.73
N VAL IA 36 -4.60 23.38 -3.12
CA VAL IA 36 -5.84 23.15 -3.85
C VAL IA 36 -6.92 24.13 -3.40
N PHE IA 37 -7.88 24.35 -4.30
CA PHE IA 37 -8.97 25.30 -4.10
C PHE IA 37 -10.22 24.75 -4.77
N ASP IA 38 -11.38 25.31 -4.39
CA ASP IA 38 -12.67 24.77 -4.81
C ASP IA 38 -13.55 25.76 -5.55
N SER IA 39 -13.41 27.05 -5.30
CA SER IA 39 -14.26 28.05 -5.92
C SER IA 39 -13.42 28.84 -6.91
N ASN IA 40 -13.99 29.14 -8.08
CA ASN IA 40 -13.15 29.79 -9.06
C ASN IA 40 -12.79 31.22 -8.65
N GLU IA 41 -13.50 31.80 -7.67
CA GLU IA 41 -13.24 33.16 -7.25
C GLU IA 41 -12.06 33.23 -6.28
N THR IA 42 -12.05 32.33 -5.29
CA THR IA 42 -10.92 32.10 -4.39
C THR IA 42 -9.59 32.20 -5.12
N LEU IA 43 -9.50 31.60 -6.31
CA LEU IA 43 -8.35 31.81 -7.18
C LEU IA 43 -8.13 33.30 -7.45
N GLU IA 44 -9.18 34.01 -7.85
CA GLU IA 44 -9.01 35.40 -8.28
C GLU IA 44 -8.63 36.30 -7.11
N GLY IA 45 -9.28 36.11 -5.96
CA GLY IA 45 -8.83 36.83 -4.78
C GLY IA 45 -7.36 36.62 -4.50
N LYS IA 46 -6.91 35.37 -4.57
CA LYS IA 46 -5.48 35.09 -4.43
C LYS IA 46 -4.68 35.69 -5.57
N LEU IA 47 -5.21 35.67 -6.79
CA LEU IA 47 -4.45 36.23 -7.92
C LEU IA 47 -4.34 37.74 -7.87
N VAL IA 48 -5.29 38.46 -7.28
CA VAL IA 48 -5.19 39.91 -7.25
C VAL IA 48 -4.51 40.42 -5.98
N SER IA 49 -4.48 39.63 -4.91
CA SER IA 49 -3.77 40.01 -3.69
C SER IA 49 -2.33 40.44 -3.95
N GLY IA 50 -1.78 40.16 -5.13
CA GLY IA 50 -0.46 40.68 -5.46
C GLY IA 50 0.62 39.64 -5.63
N HIS IA 51 1.05 39.06 -4.50
CA HIS IA 51 2.18 38.15 -4.43
C HIS IA 51 1.69 36.74 -4.13
N SER IA 52 0.96 36.18 -5.09
CA SER IA 52 0.65 34.77 -5.01
C SER IA 52 1.95 33.98 -5.07
N GLY IA 53 2.12 33.05 -4.13
CA GLY IA 53 3.33 32.25 -4.10
C GLY IA 53 3.27 31.05 -5.03
N TYR IA 54 2.78 31.25 -6.25
CA TYR IA 54 2.48 30.13 -7.13
C TYR IA 54 3.12 30.29 -8.49
N ASP IA 55 3.46 29.15 -9.08
CA ASP IA 55 4.05 29.09 -10.41
C ASP IA 55 3.10 28.54 -11.46
N ILE IA 56 2.05 27.83 -11.05
CA ILE IA 56 0.98 27.40 -11.98
C ILE IA 56 -0.34 27.45 -11.24
N VAL IA 57 -1.32 28.10 -11.87
CA VAL IA 57 -2.68 28.12 -11.37
C VAL IA 57 -3.63 27.71 -12.51
N VAL IA 58 -4.87 27.43 -12.13
CA VAL IA 58 -5.85 26.87 -13.06
C VAL IA 58 -7.14 27.69 -13.05
N PRO IA 59 -7.30 28.66 -13.95
CA PRO IA 59 -8.57 29.38 -14.04
C PRO IA 59 -9.55 28.71 -15.01
N SER IA 60 -10.79 29.16 -14.95
CA SER IA 60 -11.79 28.79 -15.93
C SER IA 60 -11.83 29.83 -17.05
N ASN IA 61 -12.27 29.38 -18.24
CA ASN IA 61 -12.21 30.21 -19.43
C ASN IA 61 -12.76 31.61 -19.20
N ASN IA 62 -13.81 31.74 -18.40
CA ASN IA 62 -14.40 33.05 -18.19
C ASN IA 62 -13.53 33.91 -17.28
N PHE IA 63 -13.06 33.35 -16.17
CA PHE IA 63 -12.15 34.15 -15.35
C PHE IA 63 -10.79 34.29 -16.02
N LEU IA 64 -10.33 33.29 -16.77
CA LEU IA 64 -9.09 33.47 -17.52
C LEU IA 64 -9.03 34.84 -18.18
N GLY IA 65 -10.12 35.27 -18.79
CA GLY IA 65 -10.06 36.41 -19.68
C GLY IA 65 -9.95 37.76 -19.03
N LYS IA 66 -10.49 37.93 -17.82
CA LYS IA 66 -10.24 39.18 -17.12
C LYS IA 66 -8.88 39.19 -16.44
N GLN IA 67 -8.34 38.02 -16.08
CA GLN IA 67 -7.01 37.97 -15.51
C GLN IA 67 -5.95 38.12 -16.59
N ILE IA 68 -6.24 37.62 -17.80
CA ILE IA 68 -5.48 38.01 -18.99
C ILE IA 68 -5.37 39.52 -19.14
N GLN IA 69 -6.48 40.24 -18.97
CA GLN IA 69 -6.45 41.69 -19.22
C GLN IA 69 -5.71 42.43 -18.11
N ALA IA 70 -5.83 41.95 -16.88
CA ALA IA 70 -5.07 42.51 -15.76
C ALA IA 70 -3.61 42.07 -15.74
N GLY IA 71 -3.11 41.52 -16.85
CA GLY IA 71 -1.71 41.15 -16.95
C GLY IA 71 -1.21 40.21 -15.89
N ALA IA 72 -2.11 39.42 -15.30
CA ALA IA 72 -1.73 38.59 -14.15
C ALA IA 72 -0.74 37.51 -14.53
N PHE IA 73 -0.90 36.92 -15.71
CA PHE IA 73 0.00 35.89 -16.18
C PHE IA 73 0.95 36.46 -17.22
N GLN IA 74 1.96 35.67 -17.55
CA GLN IA 74 2.96 36.06 -18.52
C GLN IA 74 2.77 35.30 -19.83
N LYS IA 75 3.17 35.95 -20.91
CA LYS IA 75 3.03 35.34 -22.23
C LYS IA 75 3.79 34.02 -22.29
N LEU IA 76 3.10 32.98 -22.77
CA LEU IA 76 3.68 31.64 -22.85
C LEU IA 76 4.77 31.58 -23.91
N ASP IA 77 5.92 31.02 -23.53
CA ASP IA 77 7.02 30.81 -24.47
C ASP IA 77 6.86 29.41 -25.06
N LYS IA 78 6.02 29.34 -26.11
CA LYS IA 78 5.64 28.07 -26.73
C LYS IA 78 6.80 27.24 -27.22
N SER IA 79 8.00 27.81 -27.23
CA SER IA 79 9.18 27.03 -27.61
C SER IA 79 9.56 26.03 -26.54
N LYS IA 80 9.38 26.37 -25.25
CA LYS IA 80 9.64 25.44 -24.15
C LYS IA 80 8.41 24.61 -23.77
N LEU IA 81 7.42 24.48 -24.67
CA LEU IA 81 6.33 23.51 -24.52
C LEU IA 81 6.27 22.71 -25.81
N PRO IA 82 7.14 21.71 -25.97
CA PRO IA 82 7.22 21.01 -27.27
C PRO IA 82 6.00 20.18 -27.59
N ASN IA 83 5.45 19.44 -26.61
CA ASN IA 83 4.26 18.62 -26.85
C ASN IA 83 3.00 19.44 -27.09
N TRP IA 84 3.12 20.74 -27.33
CA TRP IA 84 1.98 21.57 -27.66
C TRP IA 84 1.29 21.07 -28.93
N LYS IA 85 2.03 20.37 -29.80
CA LYS IA 85 1.46 19.80 -31.02
C LYS IA 85 0.29 18.87 -30.70
N ASN IA 86 0.37 18.16 -29.58
CA ASN IA 86 -0.68 17.23 -29.19
C ASN IA 86 -1.97 17.92 -28.76
N LEU IA 87 -2.18 19.23 -28.91
CA LEU IA 87 -3.45 19.82 -28.52
C LEU IA 87 -4.42 19.82 -29.70
N ASP IA 88 -5.67 19.45 -29.41
CA ASP IA 88 -6.73 19.54 -30.40
C ASP IA 88 -6.86 20.98 -30.90
N PRO IA 89 -6.62 21.25 -32.19
CA PRO IA 89 -6.71 22.64 -32.66
C PRO IA 89 -8.07 23.28 -32.39
N ALA IA 90 -9.15 22.55 -32.68
CA ALA IA 90 -10.48 23.09 -32.44
C ALA IA 90 -10.70 23.43 -30.97
N LEU IA 91 -10.02 22.73 -30.05
CA LEU IA 91 -10.14 23.12 -28.65
C LEU IA 91 -9.41 24.43 -28.39
N LEU IA 92 -8.20 24.58 -28.93
CA LEU IA 92 -7.44 25.82 -28.73
C LEU IA 92 -8.17 27.02 -29.33
N LYS IA 93 -8.53 26.96 -30.60
CA LYS IA 93 -9.18 28.11 -31.24
C LYS IA 93 -10.53 28.43 -30.62
N GLN IA 94 -11.16 27.46 -29.95
CA GLN IA 94 -12.42 27.73 -29.27
C GLN IA 94 -12.20 28.72 -28.13
N LEU IA 95 -11.09 28.58 -27.40
CA LEU IA 95 -10.66 29.39 -26.27
C LEU IA 95 -10.15 30.77 -26.65
N GLU IA 96 -10.10 31.12 -27.93
CA GLU IA 96 -9.53 32.42 -28.28
C GLU IA 96 -10.44 33.59 -27.95
N VAL IA 97 -11.65 33.34 -27.44
CA VAL IA 97 -12.51 34.41 -26.94
C VAL IA 97 -12.11 34.83 -25.53
N SER IA 98 -11.20 34.08 -24.90
CA SER IA 98 -10.58 34.46 -23.64
C SER IA 98 -9.10 34.78 -23.78
N ASP IA 99 -8.44 34.28 -24.83
CA ASP IA 99 -7.00 34.33 -24.98
C ASP IA 99 -6.66 34.28 -26.48
N PRO IA 100 -6.53 35.43 -27.14
CA PRO IA 100 -6.12 35.42 -28.55
C PRO IA 100 -4.71 34.87 -28.71
N GLY IA 101 -4.48 34.21 -29.85
CA GLY IA 101 -3.18 33.62 -30.13
C GLY IA 101 -2.81 32.51 -29.17
N ASN IA 102 -3.79 32.07 -28.36
CA ASN IA 102 -3.59 31.01 -27.37
C ASN IA 102 -2.29 31.19 -26.60
N GLN IA 103 -2.24 32.13 -25.67
CA GLN IA 103 -0.90 32.56 -25.31
C GLN IA 103 -0.75 32.73 -23.79
N TYR IA 104 -1.81 32.97 -23.02
CA TYR IA 104 -1.65 33.08 -21.58
C TYR IA 104 -2.06 31.82 -20.84
N ALA IA 105 -2.46 30.77 -21.56
CA ALA IA 105 -2.99 29.58 -20.91
C ALA IA 105 -2.76 28.34 -21.77
N VAL IA 106 -2.80 27.18 -21.10
CA VAL IA 106 -2.70 25.87 -21.74
C VAL IA 106 -3.91 25.04 -21.31
N PRO IA 107 -4.56 24.32 -22.23
CA PRO IA 107 -5.74 23.54 -21.83
C PRO IA 107 -5.36 22.40 -20.88
N TYR IA 108 -6.27 22.13 -19.94
CA TYR IA 108 -6.07 21.09 -18.94
C TYR IA 108 -7.22 20.11 -19.04
N LEU IA 109 -8.25 20.23 -18.19
CA LEU IA 109 -9.43 19.38 -18.26
C LEU IA 109 -10.65 20.26 -18.47
N TRP IA 110 -11.71 19.68 -19.02
CA TRP IA 110 -12.92 20.42 -19.30
C TRP IA 110 -14.13 19.51 -19.17
N GLY IA 111 -15.25 20.08 -18.73
CA GLY IA 111 -16.48 19.32 -18.57
C GLY IA 111 -17.69 20.24 -18.59
N THR IA 112 -18.78 19.78 -17.99
CA THR IA 112 -20.00 20.57 -17.94
C THR IA 112 -20.41 20.70 -16.47
N ASN IA 113 -21.68 20.96 -16.25
CA ASN IA 113 -22.25 20.91 -14.92
C ASN IA 113 -23.70 20.47 -15.08
N GLY IA 114 -24.32 20.10 -13.97
CA GLY IA 114 -25.69 19.63 -14.05
C GLY IA 114 -26.27 19.30 -12.69
N ILE IA 115 -27.09 18.24 -12.64
CA ILE IA 115 -27.83 17.91 -11.43
C ILE IA 115 -27.42 16.50 -11.05
N GLY IA 116 -26.56 16.38 -10.03
CA GLY IA 116 -26.09 15.10 -9.57
C GLY IA 116 -26.92 14.62 -8.40
N TYR IA 117 -27.57 13.47 -8.56
CA TYR IA 117 -28.56 13.05 -7.59
C TYR IA 117 -28.45 11.55 -7.31
N ASN IA 118 -29.20 11.14 -6.29
CA ASN IA 118 -29.28 9.77 -5.79
C ASN IA 118 -30.59 9.18 -6.28
N VAL IA 119 -30.55 8.46 -7.40
CA VAL IA 119 -31.70 7.71 -7.91
C VAL IA 119 -32.50 7.04 -6.80
N ALA IA 120 -31.80 6.30 -5.94
CA ALA IA 120 -32.48 5.58 -4.85
C ALA IA 120 -33.33 6.51 -3.99
N LYS IA 121 -32.72 7.53 -3.39
CA LYS IA 121 -33.44 8.39 -2.44
C LYS IA 121 -34.16 9.57 -3.10
N VAL IA 122 -33.81 9.95 -4.33
CA VAL IA 122 -34.57 11.01 -4.99
C VAL IA 122 -35.94 10.50 -5.39
N LYS IA 123 -35.99 9.34 -6.03
CA LYS IA 123 -37.26 8.79 -6.49
C LYS IA 123 -38.01 8.07 -5.40
N GLU IA 124 -37.40 7.91 -4.23
CA GLU IA 124 -38.12 7.50 -3.04
C GLU IA 124 -38.94 8.65 -2.47
N VAL IA 125 -38.36 9.84 -2.40
CA VAL IA 125 -39.03 10.99 -1.83
C VAL IA 125 -39.63 11.89 -2.91
N LEU IA 126 -39.80 11.39 -4.13
CA LEU IA 126 -40.27 12.24 -5.22
C LEU IA 126 -40.89 11.48 -6.37
N GLY IA 127 -40.95 10.16 -6.28
CA GLY IA 127 -41.45 9.39 -7.41
C GLY IA 127 -40.48 9.42 -8.57
N ASP IA 128 -41.03 9.34 -9.77
CA ASP IA 128 -40.23 9.02 -10.95
C ASP IA 128 -40.20 10.15 -11.98
N GLN IA 129 -40.40 11.43 -11.54
CA GLN IA 129 -40.60 12.50 -12.51
C GLN IA 129 -39.30 12.70 -13.30
N PRO IA 130 -39.41 13.18 -14.56
CA PRO IA 130 -38.21 13.43 -15.38
C PRO IA 130 -37.21 14.34 -14.70
N ILE IA 131 -36.27 13.75 -13.96
CA ILE IA 131 -35.06 14.46 -13.56
C ILE IA 131 -34.36 14.89 -14.82
N ASP IA 132 -34.86 15.95 -15.45
CA ASP IA 132 -34.25 16.40 -16.69
C ASP IA 132 -34.31 17.91 -16.87
N SER IA 133 -34.71 18.67 -15.85
CA SER IA 133 -34.87 20.11 -15.97
C SER IA 133 -34.36 20.79 -14.71
N TRP IA 134 -33.80 21.99 -14.84
CA TRP IA 134 -33.35 22.72 -13.66
C TRP IA 134 -34.50 22.98 -12.67
N ALA IA 135 -35.75 22.88 -13.13
CA ALA IA 135 -36.89 22.98 -12.24
C ALA IA 135 -36.86 21.97 -11.09
N ILE IA 136 -35.94 21.01 -11.09
CA ILE IA 136 -35.84 20.16 -9.90
C ILE IA 136 -35.25 20.98 -8.75
N LEU IA 137 -34.35 21.92 -9.05
CA LEU IA 137 -33.61 22.70 -8.05
C LEU IA 137 -34.15 24.10 -7.85
N PHE IA 138 -34.79 24.69 -8.86
CA PHE IA 138 -35.15 26.10 -8.82
C PHE IA 138 -36.64 26.31 -8.66
N GLU IA 139 -37.36 25.28 -8.21
CA GLU IA 139 -38.77 25.43 -7.88
C GLU IA 139 -39.01 24.99 -6.44
N PRO IA 140 -39.79 25.75 -5.67
CA PRO IA 140 -39.85 25.50 -4.22
C PRO IA 140 -40.62 24.25 -3.84
N GLU IA 141 -41.57 23.79 -4.66
CA GLU IA 141 -42.36 22.62 -4.28
C GLU IA 141 -41.57 21.34 -4.48
N ASN IA 142 -40.87 21.21 -5.62
CA ASN IA 142 -39.88 20.16 -5.81
C ASN IA 142 -38.89 20.11 -4.66
N MET IA 143 -38.21 21.23 -4.42
CA MET IA 143 -37.23 21.32 -3.36
C MET IA 143 -37.82 21.17 -1.97
N LYS IA 144 -39.14 21.36 -1.80
CA LYS IA 144 -39.74 21.37 -0.46
C LYS IA 144 -39.42 20.09 0.29
N LYS IA 145 -39.76 18.94 -0.28
CA LYS IA 145 -39.39 17.66 0.31
C LYS IA 145 -38.10 17.10 -0.29
N LEU IA 146 -37.48 17.80 -1.24
CA LEU IA 146 -36.11 17.47 -1.65
C LEU IA 146 -35.13 18.01 -0.62
N ALA IA 147 -35.55 19.04 0.11
CA ALA IA 147 -34.86 19.55 1.29
C ALA IA 147 -34.56 18.45 2.29
N LYS IA 148 -35.53 17.57 2.49
CA LYS IA 148 -35.47 16.43 3.41
C LYS IA 148 -34.15 16.22 4.14
N CYS IA 149 -33.28 15.36 3.57
CA CYS IA 149 -31.95 15.14 4.12
C CYS IA 149 -30.88 16.05 3.51
N GLY IA 150 -31.03 16.51 2.27
CA GLY IA 150 -30.11 17.54 1.79
C GLY IA 150 -30.07 17.83 0.30
N VAL IA 151 -30.20 19.11 -0.06
CA VAL IA 151 -29.86 19.61 -1.39
C VAL IA 151 -28.72 20.59 -1.22
N ALA IA 152 -27.74 20.51 -2.11
CA ALA IA 152 -26.48 21.27 -1.98
C ALA IA 152 -26.30 22.16 -3.20
N PHE IA 153 -26.55 23.46 -3.06
CA PHE IA 153 -26.16 24.38 -4.11
C PHE IA 153 -24.65 24.58 -4.05
N MET IA 154 -24.09 25.16 -5.12
CA MET IA 154 -22.67 25.52 -5.10
C MET IA 154 -22.45 26.71 -4.18
N ASP IA 155 -21.31 27.37 -4.33
CA ASP IA 155 -21.00 28.55 -3.57
C ASP IA 155 -20.35 29.55 -4.53
N SER IA 156 -21.16 30.10 -5.43
CA SER IA 156 -20.67 31.02 -6.46
C SER IA 156 -21.82 31.67 -7.21
N GLY IA 157 -21.76 32.98 -7.40
CA GLY IA 157 -22.71 33.62 -8.29
C GLY IA 157 -22.51 33.21 -9.73
N ASP IA 158 -21.25 32.96 -10.11
CA ASP IA 158 -20.92 32.62 -11.50
C ASP IA 158 -21.37 31.22 -11.88
N GLU IA 159 -21.49 30.31 -10.91
CA GLU IA 159 -22.08 29.03 -11.28
C GLU IA 159 -23.60 29.04 -11.14
N MET IA 160 -24.13 29.66 -10.08
CA MET IA 160 -25.57 29.64 -9.84
C MET IA 160 -26.35 30.53 -10.79
N LEU IA 161 -26.26 31.85 -10.58
CA LEU IA 161 -27.09 32.79 -11.34
C LEU IA 161 -27.08 32.55 -12.85
N PRO IA 162 -25.96 32.23 -13.50
CA PRO IA 162 -26.04 31.84 -14.91
C PRO IA 162 -26.90 30.62 -15.17
N ALA IA 163 -26.92 29.66 -14.26
CA ALA IA 163 -27.80 28.50 -14.44
C ALA IA 163 -29.27 28.90 -14.28
N ALA IA 164 -29.57 29.75 -13.28
CA ALA IA 164 -30.95 30.16 -13.03
C ALA IA 164 -31.50 31.09 -14.09
N LEU IA 165 -30.62 31.76 -14.83
CA LEU IA 165 -31.06 32.52 -15.99
C LEU IA 165 -31.51 31.65 -17.15
N ASN IA 166 -31.03 30.40 -17.24
CA ASN IA 166 -31.29 29.59 -18.42
C ASN IA 166 -32.23 28.42 -18.12
N TYR IA 167 -32.64 28.27 -16.86
CA TYR IA 167 -33.89 27.57 -16.60
C TYR IA 167 -35.07 28.47 -16.92
N LEU IA 168 -34.92 29.78 -16.75
CA LEU IA 168 -35.98 30.70 -17.15
C LEU IA 168 -35.91 31.07 -18.61
N GLY IA 169 -35.04 30.45 -19.39
CA GLY IA 169 -34.94 30.75 -20.80
C GLY IA 169 -34.41 32.13 -21.10
N LEU IA 170 -33.76 32.76 -20.11
CA LEU IA 170 -33.11 34.04 -20.32
C LEU IA 170 -31.73 33.85 -20.94
N ASP IA 171 -30.76 34.67 -20.51
CA ASP IA 171 -29.38 34.54 -20.93
C ASP IA 171 -28.44 34.66 -19.73
N PRO IA 172 -27.69 33.62 -19.39
CA PRO IA 172 -26.66 33.77 -18.34
C PRO IA 172 -25.64 34.86 -18.63
N ASN IA 173 -25.25 35.08 -19.90
CA ASN IA 173 -24.43 36.22 -20.25
C ASN IA 173 -25.25 37.48 -20.52
N THR IA 174 -26.39 37.65 -19.86
CA THR IA 174 -27.03 38.94 -19.95
C THR IA 174 -26.39 39.90 -18.96
N HIS IA 175 -26.34 41.16 -19.37
CA HIS IA 175 -25.85 42.25 -18.55
C HIS IA 175 -26.98 43.01 -17.89
N ASP IA 176 -28.15 42.98 -18.52
CA ASP IA 176 -29.38 43.64 -18.14
C ASP IA 176 -29.67 43.35 -16.66
N PRO IA 177 -29.48 44.34 -15.79
CA PRO IA 177 -29.76 44.13 -14.36
C PRO IA 177 -31.21 43.85 -14.09
N LYS IA 178 -32.09 43.98 -15.08
CA LYS IA 178 -33.46 43.53 -14.92
C LYS IA 178 -33.67 42.22 -15.69
N ASP IA 179 -32.73 41.31 -15.42
CA ASP IA 179 -32.87 39.89 -15.72
C ASP IA 179 -32.47 39.12 -14.46
N TYR IA 180 -31.29 39.44 -13.91
CA TYR IA 180 -30.86 39.01 -12.58
C TYR IA 180 -31.94 39.32 -11.57
N LYS IA 181 -32.51 40.52 -11.71
CA LYS IA 181 -33.72 41.00 -11.04
C LYS IA 181 -34.65 39.92 -10.51
N LYS IA 182 -35.00 38.91 -11.35
CA LYS IA 182 -35.97 37.86 -11.04
C LYS IA 182 -35.35 36.45 -11.02
N ALA IA 183 -34.14 36.33 -11.53
CA ALA IA 183 -33.40 35.11 -11.23
C ALA IA 183 -32.92 35.15 -9.79
N GLU IA 184 -32.86 36.36 -9.23
CA GLU IA 184 -32.78 36.50 -7.78
C GLU IA 184 -33.90 35.71 -7.12
N GLU IA 185 -35.12 36.24 -7.21
CA GLU IA 185 -36.26 35.68 -6.50
C GLU IA 185 -36.62 34.28 -6.94
N VAL IA 186 -36.01 33.78 -8.02
CA VAL IA 186 -36.00 32.35 -8.30
C VAL IA 186 -35.17 31.67 -7.23
N LEU IA 187 -33.88 32.00 -7.20
CA LEU IA 187 -32.97 31.32 -6.29
C LEU IA 187 -33.21 31.75 -4.85
N THR IA 188 -33.45 33.05 -4.61
CA THR IA 188 -33.76 33.48 -3.25
C THR IA 188 -35.14 32.98 -2.81
N LYS IA 189 -36.00 32.59 -3.75
CA LYS IA 189 -37.14 31.80 -3.31
C LYS IA 189 -36.59 30.47 -2.80
N VAL IA 190 -36.28 29.55 -3.70
CA VAL IA 190 -36.00 28.15 -3.39
C VAL IA 190 -35.09 27.95 -2.17
N ARG IA 191 -34.43 29.01 -1.71
CA ARG IA 191 -33.26 28.86 -0.85
C ARG IA 191 -33.49 28.27 0.54
N PRO IA 192 -34.64 28.44 1.21
CA PRO IA 192 -34.77 27.84 2.56
C PRO IA 192 -34.61 26.33 2.54
N TYR IA 193 -34.67 25.71 1.36
CA TYR IA 193 -34.56 24.26 1.19
C TYR IA 193 -33.19 23.88 0.65
N VAL IA 194 -32.16 24.56 1.14
CA VAL IA 194 -30.78 24.32 0.74
C VAL IA 194 -29.99 24.05 2.00
N SER IA 195 -29.58 22.79 2.19
CA SER IA 195 -28.72 22.47 3.32
C SER IA 195 -27.51 23.39 3.38
N TYR IA 196 -26.72 23.44 2.30
CA TYR IA 196 -25.53 24.26 2.33
C TYR IA 196 -25.16 24.73 0.93
N PHE IA 197 -24.22 25.66 0.88
CA PHE IA 197 -23.56 26.13 -0.32
C PHE IA 197 -22.11 25.67 -0.27
N HIS IA 198 -21.69 24.91 -1.28
CA HIS IA 198 -20.32 24.42 -1.32
C HIS IA 198 -20.00 23.90 -2.71
N SER IA 199 -18.74 24.03 -3.10
CA SER IA 199 -18.30 23.68 -4.45
C SER IA 199 -17.36 22.48 -4.48
N SER IA 200 -17.22 21.75 -3.37
CA SER IA 200 -16.33 20.60 -3.37
C SER IA 200 -16.83 19.48 -2.46
N LYS IA 201 -17.39 19.80 -1.30
CA LYS IA 201 -17.76 18.72 -0.40
C LYS IA 201 -19.13 18.12 -0.71
N TYR IA 202 -19.80 18.57 -1.77
CA TYR IA 202 -20.96 17.81 -2.24
C TYR IA 202 -20.55 16.48 -2.87
N ILE IA 203 -19.26 16.23 -3.03
CA ILE IA 203 -18.80 15.00 -3.66
C ILE IA 203 -18.91 13.82 -2.70
N SER IA 204 -18.20 13.90 -1.57
CA SER IA 204 -18.31 12.84 -0.59
C SER IA 204 -19.72 12.72 -0.01
N ASP IA 205 -20.58 13.71 -0.21
CA ASP IA 205 -21.94 13.66 0.34
C ASP IA 205 -22.95 13.01 -0.60
N LEU IA 206 -23.02 13.44 -1.86
CA LEU IA 206 -23.79 12.69 -2.86
C LEU IA 206 -23.50 11.19 -2.78
N ALA IA 207 -22.20 10.84 -2.75
CA ALA IA 207 -21.73 9.47 -2.77
C ALA IA 207 -21.64 8.84 -1.38
N ASN IA 208 -22.22 9.48 -0.37
CA ASN IA 208 -22.32 8.87 0.94
C ASN IA 208 -23.76 8.79 1.49
N GLY IA 209 -24.72 9.57 0.98
CA GLY IA 209 -26.10 9.53 1.48
C GLY IA 209 -26.57 10.79 2.20
N ASN IA 210 -25.64 11.65 2.60
CA ASN IA 210 -25.98 12.77 3.47
C ASN IA 210 -26.79 13.82 2.71
N ILE IA 211 -26.40 14.11 1.47
CA ILE IA 211 -27.26 14.85 0.56
C ILE IA 211 -27.78 13.85 -0.46
N CYS IA 212 -28.97 14.12 -1.01
CA CYS IA 212 -29.56 13.29 -2.05
C CYS IA 212 -29.41 13.88 -3.46
N VAL IA 213 -29.05 15.16 -3.55
CA VAL IA 213 -28.93 15.85 -4.84
C VAL IA 213 -28.18 17.15 -4.65
N ALA IA 214 -27.37 17.50 -5.65
CA ALA IA 214 -26.53 18.69 -5.59
C ALA IA 214 -26.36 19.29 -6.96
N PHE IA 215 -26.06 20.58 -6.98
CA PHE IA 215 -25.48 21.23 -8.15
C PHE IA 215 -24.01 20.85 -8.24
N GLY IA 216 -23.60 20.29 -9.38
CA GLY IA 216 -22.26 19.75 -9.50
C GLY IA 216 -21.68 19.96 -10.88
N TYR IA 217 -20.38 19.71 -10.98
CA TYR IA 217 -19.67 19.68 -12.25
C TYR IA 217 -19.73 18.27 -12.83
N SER IA 218 -19.37 18.13 -14.10
CA SER IA 218 -19.45 16.85 -14.78
C SER IA 218 -18.65 15.77 -14.03
N GLY IA 219 -17.32 15.86 -14.10
CA GLY IA 219 -16.50 14.82 -13.52
C GLY IA 219 -16.66 14.69 -12.02
N ASP IA 220 -16.90 15.81 -11.33
CA ASP IA 220 -17.07 15.78 -9.88
C ASP IA 220 -18.17 14.83 -9.44
N VAL IA 221 -19.23 14.71 -10.22
CA VAL IA 221 -20.28 13.74 -9.91
C VAL IA 221 -19.91 12.34 -10.40
N PHE IA 222 -19.27 12.24 -11.58
CA PHE IA 222 -18.71 10.98 -12.02
C PHE IA 222 -17.83 10.35 -10.95
N GLN IA 223 -17.09 11.18 -10.20
CA GLN IA 223 -16.35 10.68 -9.06
C GLN IA 223 -17.28 10.18 -7.97
N ALA IA 224 -18.39 10.89 -7.74
CA ALA IA 224 -19.33 10.54 -6.68
C ALA IA 224 -19.89 9.13 -6.89
N ALA IA 225 -20.71 8.96 -7.93
CA ALA IA 225 -21.26 7.65 -8.27
C ALA IA 225 -20.21 6.55 -8.20
N ALA IA 226 -19.05 6.80 -8.82
CA ALA IA 226 -17.97 5.82 -8.81
C ALA IA 226 -17.47 5.55 -7.39
N ARG IA 227 -17.55 6.54 -6.50
CA ARG IA 227 -17.20 6.32 -5.11
C ARG IA 227 -18.20 5.39 -4.42
N ALA IA 228 -19.50 5.66 -4.62
CA ALA IA 228 -20.52 4.86 -3.97
C ALA IA 228 -20.42 3.38 -4.34
N GLU IA 229 -19.91 3.08 -5.52
CA GLU IA 229 -19.69 1.70 -5.94
C GLU IA 229 -18.68 1.01 -5.02
N GLU IA 230 -17.38 1.29 -5.20
CA GLU IA 230 -16.34 0.67 -4.37
C GLU IA 230 -16.53 0.95 -2.88
N ALA IA 231 -17.43 1.86 -2.54
CA ALA IA 231 -17.83 1.97 -1.14
C ALA IA 231 -18.88 0.94 -0.75
N GLY IA 232 -19.48 0.26 -1.72
CA GLY IA 232 -20.36 -0.86 -1.45
C GLY IA 232 -21.54 -0.60 -0.53
N LYS IA 233 -22.56 0.08 -1.04
CA LYS IA 233 -23.84 0.20 -0.34
C LYS IA 233 -24.98 0.52 -1.30
N GLY IA 234 -24.71 0.42 -2.60
CA GLY IA 234 -25.74 0.56 -3.61
C GLY IA 234 -26.33 1.94 -3.68
N ILE IA 235 -25.50 2.97 -3.87
CA ILE IA 235 -25.99 4.34 -3.98
C ILE IA 235 -25.83 4.77 -5.44
N ASP IA 236 -26.89 4.60 -6.23
CA ASP IA 236 -26.84 4.88 -7.67
C ASP IA 236 -26.89 6.39 -7.88
N ILE IA 237 -25.73 7.01 -8.06
CA ILE IA 237 -25.63 8.43 -8.35
C ILE IA 237 -25.61 8.61 -9.86
N GLN IA 238 -26.39 9.58 -10.34
CA GLN IA 238 -26.44 9.88 -11.76
C GLN IA 238 -26.41 11.39 -11.94
N TYR IA 239 -26.19 11.81 -13.19
CA TYR IA 239 -25.83 13.18 -13.51
C TYR IA 239 -26.49 13.56 -14.82
N VAL IA 240 -27.34 14.58 -14.78
CA VAL IA 240 -28.20 14.93 -15.89
C VAL IA 240 -27.83 16.32 -16.37
N ILE IA 241 -27.35 16.42 -17.60
CA ILE IA 241 -27.28 17.70 -18.31
C ILE IA 241 -28.69 18.05 -18.74
N PRO IA 242 -29.35 19.01 -18.10
CA PRO IA 242 -30.79 19.18 -18.28
C PRO IA 242 -31.18 19.59 -19.69
N LYS IA 243 -32.49 19.42 -19.92
CA LYS IA 243 -33.19 19.92 -21.10
C LYS IA 243 -32.92 21.40 -21.38
N GLU IA 244 -32.95 22.26 -20.35
CA GLU IA 244 -32.68 23.68 -20.62
C GLU IA 244 -31.22 23.90 -20.92
N GLY IA 245 -30.35 23.28 -20.14
CA GLY IA 245 -28.94 23.44 -20.34
C GLY IA 245 -28.20 23.64 -19.03
N ALA IA 246 -26.94 24.06 -19.16
CA ALA IA 246 -25.95 24.11 -18.08
C ALA IA 246 -24.65 24.72 -18.62
N ASN IA 247 -23.60 24.78 -17.81
CA ASN IA 247 -22.39 25.47 -18.21
C ASN IA 247 -21.46 24.53 -18.97
N LEU IA 248 -20.62 25.12 -19.82
CA LEU IA 248 -19.56 24.38 -20.53
C LEU IA 248 -18.26 25.15 -20.34
N TRP IA 249 -17.47 24.72 -19.37
CA TRP IA 249 -16.25 25.41 -19.02
C TRP IA 249 -15.04 24.61 -19.47
N PHE IA 250 -13.90 25.28 -19.44
CA PHE IA 250 -12.60 24.74 -19.84
C PHE IA 250 -11.57 25.30 -18.87
N ASP IA 251 -10.87 24.43 -18.16
CA ASP IA 251 -9.89 24.86 -17.17
C ASP IA 251 -8.49 24.79 -17.76
N LEU IA 252 -7.71 25.84 -17.54
CA LEU IA 252 -6.42 25.99 -18.21
C LEU IA 252 -5.35 26.28 -17.17
N MET IA 253 -4.10 26.25 -17.61
CA MET IA 253 -3.01 26.51 -16.70
C MET IA 253 -2.30 27.79 -17.09
N ALA IA 254 -1.78 28.48 -16.09
CA ALA IA 254 -1.27 29.82 -16.32
C ALA IA 254 -0.20 30.11 -15.29
N ILE IA 255 0.79 30.87 -15.72
CA ILE IA 255 2.03 31.09 -14.98
C ILE IA 255 2.11 32.57 -14.64
N PRO IA 256 1.85 32.95 -13.38
CA PRO IA 256 1.81 34.37 -13.03
C PRO IA 256 3.10 35.08 -13.40
N ALA IA 257 3.03 36.40 -13.52
CA ALA IA 257 4.21 37.17 -13.87
C ALA IA 257 5.30 37.01 -12.83
N ASP IA 258 4.93 37.10 -11.56
CA ASP IA 258 5.87 36.92 -10.45
C ASP IA 258 6.23 35.45 -10.25
N ALA IA 259 6.42 34.72 -11.35
CA ALA IA 259 6.74 33.29 -11.29
C ALA IA 259 8.25 33.11 -11.20
N LYS IA 260 8.73 32.66 -10.05
CA LYS IA 260 10.14 32.37 -9.83
C LYS IA 260 10.55 31.01 -10.38
N ALA IA 261 9.64 30.28 -11.00
CA ALA IA 261 9.94 28.95 -11.53
C ALA IA 261 9.29 28.73 -12.88
N ALA IA 262 9.26 29.77 -13.73
CA ALA IA 262 8.71 29.62 -15.07
C ALA IA 262 9.26 28.38 -15.75
N ASP IA 263 10.58 28.29 -15.89
CA ASP IA 263 11.20 27.15 -16.55
C ASP IA 263 10.90 25.82 -15.87
N ASN IA 264 10.53 25.81 -14.58
CA ASN IA 264 10.08 24.57 -13.97
C ASN IA 264 8.66 24.24 -14.42
N ALA IA 265 7.73 25.17 -14.23
CA ALA IA 265 6.34 25.06 -14.65
C ALA IA 265 6.25 24.53 -16.08
N TYR IA 266 7.17 25.01 -16.94
CA TYR IA 266 7.18 24.57 -18.32
C TYR IA 266 7.42 23.07 -18.42
N ALA IA 267 8.33 22.54 -17.61
CA ALA IA 267 8.60 21.11 -17.66
C ALA IA 267 7.45 20.30 -17.06
N PHE IA 268 6.69 20.89 -16.13
CA PHE IA 268 5.53 20.20 -15.59
C PHE IA 268 4.36 20.21 -16.57
N ILE IA 269 4.05 21.38 -17.11
CA ILE IA 269 2.99 21.50 -18.12
C ILE IA 269 3.28 20.62 -19.32
N ASP IA 270 4.55 20.50 -19.70
CA ASP IA 270 4.87 19.66 -20.86
C ASP IA 270 4.74 18.18 -20.56
N TYR IA 271 4.75 17.80 -19.27
CA TYR IA 271 4.47 16.42 -18.90
C TYR IA 271 2.99 16.13 -19.06
N LEU IA 272 2.14 17.03 -18.59
CA LEU IA 272 0.70 16.86 -18.73
C LEU IA 272 0.29 16.78 -20.19
N LEU IA 273 0.86 17.66 -21.03
CA LEU IA 273 0.56 17.63 -22.46
C LEU IA 273 1.09 16.36 -23.16
N ARG IA 274 1.66 15.38 -22.48
CA ARG IA 274 1.88 14.08 -23.08
C ARG IA 274 0.55 13.33 -23.19
N PRO IA 275 0.45 12.39 -24.13
CA PRO IA 275 -0.71 11.49 -24.16
C PRO IA 275 -0.86 10.69 -22.87
N GLU IA 276 0.09 9.79 -22.62
CA GLU IA 276 0.00 8.81 -21.54
C GLU IA 276 -0.16 9.45 -20.16
N VAL IA 277 0.31 10.69 -19.98
CA VAL IA 277 0.19 11.36 -18.69
C VAL IA 277 -1.25 11.75 -18.41
N ILE IA 278 -1.83 12.56 -19.30
CA ILE IA 278 -3.19 13.04 -19.09
C ILE IA 278 -4.19 11.89 -19.17
N ALA IA 279 -3.84 10.80 -19.86
CA ALA IA 279 -4.62 9.57 -19.78
C ALA IA 279 -4.80 9.13 -18.32
N LYS IA 280 -3.70 8.88 -17.61
CA LYS IA 280 -3.77 8.58 -16.18
C LYS IA 280 -4.40 9.69 -15.32
N VAL IA 281 -4.40 10.94 -15.83
CA VAL IA 281 -5.03 12.03 -15.10
C VAL IA 281 -6.52 11.77 -15.15
N SER IA 282 -7.13 11.94 -16.32
CA SER IA 282 -8.60 11.88 -16.42
C SER IA 282 -9.16 10.54 -15.97
N ASP IA 283 -8.49 9.43 -16.34
CA ASP IA 283 -8.86 8.08 -15.90
C ASP IA 283 -9.24 8.00 -14.43
N TYR IA 284 -8.63 8.85 -13.61
CA TYR IA 284 -8.92 8.94 -12.20
C TYR IA 284 -9.94 10.03 -11.86
N VAL IA 285 -9.83 11.20 -12.48
CA VAL IA 285 -10.58 12.36 -12.02
C VAL IA 285 -11.94 12.50 -12.70
N GLY IA 286 -12.08 11.98 -13.92
CA GLY IA 286 -13.39 11.91 -14.55
C GLY IA 286 -13.77 13.10 -15.42
N TYR IA 287 -12.81 13.93 -15.84
CA TYR IA 287 -13.06 14.97 -16.82
C TYR IA 287 -12.35 14.64 -18.12
N ALA IA 288 -12.71 15.33 -19.18
CA ALA IA 288 -12.11 15.09 -20.48
C ALA IA 288 -10.85 15.94 -20.63
N ASN IA 289 -9.78 15.33 -21.13
CA ASN IA 289 -8.56 16.07 -21.36
C ASN IA 289 -8.70 16.84 -22.68
N ALA IA 290 -7.57 17.38 -23.15
CA ALA IA 290 -7.51 18.13 -24.40
C ALA IA 290 -6.59 17.49 -25.42
N ILE IA 291 -6.04 16.32 -25.13
CA ILE IA 291 -5.04 15.64 -25.94
C ILE IA 291 -5.73 14.47 -26.63
N PRO IA 292 -6.01 14.55 -27.95
CA PRO IA 292 -6.78 13.49 -28.61
C PRO IA 292 -6.18 12.10 -28.45
N GLY IA 293 -4.92 11.92 -28.87
CA GLY IA 293 -4.25 10.63 -28.79
C GLY IA 293 -4.24 9.99 -27.42
N ALA IA 294 -4.70 10.72 -26.40
CA ALA IA 294 -4.80 10.17 -25.05
C ALA IA 294 -6.09 9.39 -24.86
N ARG IA 295 -7.19 9.86 -25.43
CA ARG IA 295 -8.47 9.15 -25.33
C ARG IA 295 -8.41 7.68 -25.73
N PRO IA 296 -7.66 7.26 -26.75
CA PRO IA 296 -7.52 5.81 -26.99
C PRO IA 296 -6.86 5.05 -25.85
N LEU IA 297 -6.30 5.75 -24.85
CA LEU IA 297 -5.58 5.11 -23.75
C LEU IA 297 -6.29 5.21 -22.41
N MET IA 298 -7.55 5.64 -22.40
CA MET IA 298 -8.25 5.93 -21.16
C MET IA 298 -9.25 4.83 -20.83
N ASP IA 299 -9.51 4.66 -19.53
CA ASP IA 299 -10.52 3.74 -19.08
C ASP IA 299 -11.83 4.02 -19.79
N LYS IA 300 -12.38 2.97 -20.41
CA LYS IA 300 -13.51 3.12 -21.32
C LYS IA 300 -14.71 3.71 -20.60
N SER IA 301 -14.79 3.57 -19.27
CA SER IA 301 -15.84 4.29 -18.55
C SER IA 301 -15.57 5.77 -18.40
N VAL IA 302 -14.43 6.26 -18.86
CA VAL IA 302 -14.16 7.69 -18.91
C VAL IA 302 -14.02 8.16 -20.35
N SER IA 303 -13.39 7.35 -21.21
CA SER IA 303 -13.20 7.78 -22.59
C SER IA 303 -14.50 7.72 -23.39
N ASP IA 304 -15.49 6.94 -22.95
CA ASP IA 304 -16.73 6.78 -23.67
C ASP IA 304 -17.93 7.42 -22.99
N SER IA 305 -17.86 7.73 -21.70
CA SER IA 305 -19.02 8.23 -20.98
C SER IA 305 -19.51 9.55 -21.58
N GLU IA 306 -20.63 9.50 -22.33
CA GLU IA 306 -21.28 10.66 -22.94
C GLU IA 306 -21.31 11.90 -22.06
N GLU IA 307 -21.32 11.70 -20.74
CA GLU IA 307 -21.38 12.82 -19.81
C GLU IA 307 -20.01 13.50 -19.68
N VAL IA 308 -18.94 12.72 -19.77
CA VAL IA 308 -17.58 13.25 -19.64
C VAL IA 308 -17.10 13.82 -20.97
N TYR IA 309 -17.55 13.24 -22.08
CA TYR IA 309 -17.28 13.69 -23.45
C TYR IA 309 -18.63 13.82 -24.15
N PRO IA 310 -19.31 14.97 -24.01
CA PRO IA 310 -20.65 15.07 -24.60
C PRO IA 310 -20.61 14.98 -26.10
N PRO IA 311 -21.68 14.48 -26.74
CA PRO IA 311 -21.74 14.47 -28.20
C PRO IA 311 -22.23 15.81 -28.75
N GLN IA 312 -21.98 16.01 -30.05
CA GLN IA 312 -22.21 17.32 -30.64
C GLN IA 312 -23.67 17.76 -30.51
N ALA IA 313 -24.60 16.81 -30.46
CA ALA IA 313 -25.98 17.17 -30.18
C ALA IA 313 -26.12 17.82 -28.81
N VAL IA 314 -25.31 17.38 -27.85
CA VAL IA 314 -25.38 17.90 -26.48
C VAL IA 314 -24.50 19.12 -26.28
N LEU IA 315 -23.44 19.29 -27.08
CA LEU IA 315 -22.65 20.51 -27.04
C LEU IA 315 -23.50 21.74 -27.40
N ASP IA 316 -24.16 21.68 -28.56
CA ASP IA 316 -24.93 22.80 -29.09
C ASP IA 316 -25.94 23.36 -28.09
N LYS IA 317 -26.49 22.51 -27.22
CA LYS IA 317 -27.52 22.95 -26.30
C LYS IA 317 -26.99 23.73 -25.12
N LEU IA 318 -25.74 24.21 -25.18
CA LEU IA 318 -25.04 24.52 -23.94
C LEU IA 318 -24.10 25.72 -24.07
N TYR IA 319 -24.12 26.55 -23.04
CA TYR IA 319 -23.57 27.90 -23.09
C TYR IA 319 -22.16 27.98 -22.55
N VAL IA 320 -21.29 28.69 -23.27
CA VAL IA 320 -19.92 28.93 -22.85
C VAL IA 320 -19.85 30.30 -22.21
N SER IA 321 -19.46 30.33 -20.93
CA SER IA 321 -19.38 31.59 -20.20
C SER IA 321 -18.42 32.55 -20.89
N ALA IA 322 -18.92 33.73 -21.24
CA ALA IA 322 -18.12 34.76 -21.88
C ALA IA 322 -17.68 35.79 -20.85
N VAL IA 323 -16.59 36.49 -21.18
CA VAL IA 323 -15.97 37.44 -20.26
C VAL IA 323 -16.94 38.55 -19.92
N LEU IA 324 -17.63 38.42 -18.80
CA LEU IA 324 -18.64 39.39 -18.40
C LEU IA 324 -17.99 40.75 -18.15
N PRO IA 325 -18.70 41.84 -18.41
CA PRO IA 325 -18.17 43.16 -18.10
C PRO IA 325 -18.18 43.46 -16.61
N ALA IA 326 -17.14 44.19 -16.18
CA ALA IA 326 -16.87 44.41 -14.76
C ALA IA 326 -18.04 45.03 -14.02
N LYS IA 327 -18.91 45.77 -14.71
CA LYS IA 327 -20.04 46.38 -14.02
C LYS IA 327 -21.01 45.31 -13.51
N VAL IA 328 -21.12 44.21 -14.24
CA VAL IA 328 -22.05 43.13 -13.93
C VAL IA 328 -21.46 42.11 -12.97
N LEU IA 329 -20.21 41.69 -13.22
CA LEU IA 329 -19.49 40.86 -12.25
C LEU IA 329 -19.48 41.47 -10.87
N ARG IA 330 -19.64 42.79 -10.77
CA ARG IA 330 -19.86 43.42 -9.47
C ARG IA 330 -21.30 43.24 -9.01
N LEU IA 331 -22.25 43.18 -9.95
CA LEU IA 331 -23.66 42.93 -9.63
C LEU IA 331 -23.86 41.51 -9.16
N GLN IA 332 -23.57 40.53 -10.02
CA GLN IA 332 -23.72 39.13 -9.63
C GLN IA 332 -23.00 38.83 -8.32
N THR IA 333 -22.03 39.67 -7.95
CA THR IA 333 -21.30 39.47 -6.70
C THR IA 333 -22.13 39.89 -5.51
N ARG IA 334 -22.93 40.95 -5.64
CA ARG IA 334 -23.70 41.42 -4.50
C ARG IA 334 -25.05 40.70 -4.39
N THR IA 335 -25.76 40.54 -5.51
CA THR IA 335 -26.94 39.68 -5.53
C THR IA 335 -26.67 38.33 -4.88
N TRP IA 336 -25.61 37.65 -5.36
CA TRP IA 336 -25.24 36.37 -4.77
C TRP IA 336 -25.02 36.49 -3.27
N THR IA 337 -24.33 37.55 -2.86
CA THR IA 337 -24.15 37.80 -1.44
C THR IA 337 -25.46 38.10 -0.74
N ARG IA 338 -26.43 38.67 -1.47
CA ARG IA 338 -27.74 38.95 -0.90
C ARG IA 338 -28.52 37.66 -0.66
N ILE IA 339 -28.18 36.60 -1.39
CA ILE IA 339 -28.78 35.28 -1.14
C ILE IA 339 -28.17 34.62 0.09
N LYS IA 340 -27.10 35.19 0.64
CA LYS IA 340 -26.83 35.19 2.09
C LYS IA 340 -27.48 34.07 2.92
N GLN JA 3 -1.40 -0.56 -46.08
CA GLN JA 3 -1.32 0.24 -44.85
C GLN JA 3 -2.09 -0.42 -43.70
N VAL JA 4 -2.87 0.36 -42.95
CA VAL JA 4 -3.51 -0.12 -41.72
C VAL JA 4 -4.19 -1.47 -41.92
N GLN JA 5 -3.68 -2.47 -41.21
CA GLN JA 5 -4.13 -3.85 -41.28
C GLN JA 5 -3.52 -4.61 -40.11
N LEU JA 6 -4.23 -5.63 -39.67
CA LEU JA 6 -3.74 -6.51 -38.64
C LEU JA 6 -3.64 -7.91 -39.24
N VAL JA 7 -2.47 -8.53 -39.09
CA VAL JA 7 -2.27 -9.88 -39.59
C VAL JA 7 -2.12 -10.82 -38.41
N GLU JA 8 -2.70 -12.00 -38.54
CA GLU JA 8 -2.76 -12.91 -37.43
C GLU JA 8 -1.98 -14.20 -37.73
N THR JA 9 -2.02 -15.09 -36.74
CA THR JA 9 -1.45 -16.40 -36.65
C THR JA 9 -2.13 -17.39 -37.60
N GLY JA 10 -1.46 -18.52 -37.83
CA GLY JA 10 -2.05 -19.63 -38.55
C GLY JA 10 -2.94 -20.49 -37.64
N ASP JA 11 -4.05 -20.92 -38.20
CA ASP JA 11 -5.09 -21.60 -37.43
C ASP JA 11 -4.57 -22.89 -36.80
N GLU JA 12 -4.97 -23.14 -35.55
CA GLU JA 12 -4.32 -24.10 -34.69
C GLU JA 12 -5.33 -25.09 -34.12
N VAL JA 13 -4.83 -26.23 -33.64
CA VAL JA 13 -5.69 -27.28 -33.11
C VAL JA 13 -5.10 -27.92 -31.85
N LYS JA 14 -5.91 -27.97 -30.80
CA LYS JA 14 -5.36 -28.55 -29.56
C LYS JA 14 -6.45 -29.40 -28.91
N THR JA 15 -6.55 -29.33 -27.59
CA THR JA 15 -7.55 -30.12 -26.84
C THR JA 15 -7.51 -29.71 -25.37
N PRO JA 16 -8.50 -30.16 -24.58
CA PRO JA 16 -8.65 -29.80 -23.17
C PRO JA 16 -7.31 -29.56 -22.50
N GLY JA 17 -7.34 -28.88 -21.36
CA GLY JA 17 -6.15 -28.52 -20.55
C GLY JA 17 -5.01 -28.09 -21.44
N ALA JA 18 -5.15 -26.95 -22.11
CA ALA JA 18 -4.05 -26.58 -23.01
C ALA JA 18 -3.69 -25.10 -22.86
N SER JA 19 -3.00 -24.59 -23.86
CA SER JA 19 -2.53 -23.20 -23.85
C SER JA 19 -3.11 -22.51 -25.08
N VAL JA 20 -2.33 -22.47 -26.16
CA VAL JA 20 -2.59 -21.84 -27.48
C VAL JA 20 -2.49 -20.32 -27.36
N LYS JA 21 -1.51 -19.74 -28.03
CA LYS JA 21 -1.28 -18.28 -28.02
C LYS JA 21 -1.46 -17.79 -29.46
N VAL JA 22 -2.15 -16.68 -29.68
CA VAL JA 22 -2.40 -16.16 -31.02
C VAL JA 22 -1.72 -14.80 -31.16
N SER JA 23 -0.87 -14.66 -32.17
CA SER JA 23 -0.12 -13.44 -32.41
C SER JA 23 -0.81 -12.56 -33.45
N CYS JA 24 -0.76 -11.25 -33.24
CA CYS JA 24 -1.45 -10.29 -34.09
C CYS JA 24 -0.51 -9.12 -34.37
N LYS JA 25 -0.16 -8.95 -35.64
CA LYS JA 25 0.87 -8.01 -36.09
C LYS JA 25 0.23 -6.78 -36.72
N VAL JA 26 0.81 -5.61 -36.50
CA VAL JA 26 0.25 -4.39 -37.05
C VAL JA 26 0.59 -4.23 -38.53
N SER JA 27 0.36 -3.02 -39.05
CA SER JA 27 1.00 -2.47 -40.23
C SER JA 27 0.42 -1.09 -40.51
N GLY JA 28 1.26 -0.17 -40.96
CA GLY JA 28 0.79 1.10 -41.48
C GLY JA 28 0.23 2.11 -40.49
N TYR JA 29 0.46 1.93 -39.18
CA TYR JA 29 0.00 2.91 -38.21
C TYR JA 29 0.90 2.88 -36.99
N THR JA 30 1.27 4.07 -36.48
CA THR JA 30 2.06 4.19 -35.26
C THR JA 30 1.45 3.35 -34.13
N PHE JA 31 2.01 2.15 -33.92
CA PHE JA 31 1.33 1.09 -33.16
C PHE JA 31 1.02 1.45 -31.70
N THR JA 32 1.93 2.11 -31.00
CA THR JA 32 1.83 2.34 -29.57
C THR JA 32 0.63 3.26 -29.21
N SER JA 33 -0.07 3.77 -30.21
CA SER JA 33 -0.96 4.90 -30.03
C SER JA 33 -2.42 4.50 -29.93
N TYR JA 34 -2.73 3.22 -30.16
CA TYR JA 34 -4.10 2.73 -30.10
C TYR JA 34 -4.08 1.36 -29.44
N GLY JA 35 -4.99 1.17 -28.48
CA GLY JA 35 -5.15 -0.12 -27.82
C GLY JA 35 -5.61 -1.18 -28.78
N ILE JA 36 -5.73 -2.42 -28.30
CA ILE JA 36 -6.07 -3.56 -29.15
C ILE JA 36 -6.93 -4.51 -28.33
N SER JA 37 -8.15 -4.77 -28.79
CA SER JA 37 -9.08 -5.69 -28.16
C SER JA 37 -9.07 -7.03 -28.89
N TRP JA 38 -9.62 -8.03 -28.20
CA TRP JA 38 -9.80 -9.37 -28.77
C TRP JA 38 -11.28 -9.73 -28.71
N VAL JA 39 -11.89 -9.87 -29.87
CA VAL JA 39 -13.25 -10.38 -29.98
C VAL JA 39 -13.19 -11.85 -30.40
N ARG JA 40 -14.05 -12.65 -29.79
CA ARG JA 40 -14.17 -14.08 -30.10
C ARG JA 40 -15.43 -14.27 -30.94
N GLN JA 41 -15.60 -15.49 -31.46
CA GLN JA 41 -16.82 -15.85 -32.16
C GLN JA 41 -16.92 -17.36 -32.32
N ALA JA 42 -17.80 -17.99 -31.55
CA ALA JA 42 -18.06 -19.44 -31.64
C ALA JA 42 -18.52 -19.77 -33.06
N PRO JA 43 -18.47 -21.04 -33.49
CA PRO JA 43 -18.90 -21.35 -34.87
C PRO JA 43 -20.32 -20.91 -35.17
N GLY JA 44 -20.45 -19.86 -35.98
CA GLY JA 44 -21.74 -19.40 -36.45
C GLY JA 44 -22.57 -18.65 -35.42
N GLN JA 45 -21.94 -18.17 -34.35
CA GLN JA 45 -22.64 -17.61 -33.21
C GLN JA 45 -22.20 -16.17 -32.99
N GLY JA 46 -22.78 -15.54 -31.97
CA GLY JA 46 -22.59 -14.11 -31.78
C GLY JA 46 -21.19 -13.75 -31.35
N LEU JA 47 -20.82 -12.50 -31.63
CA LEU JA 47 -19.50 -12.00 -31.26
C LEU JA 47 -19.37 -11.83 -29.76
N GLU JA 48 -18.22 -12.24 -29.22
CA GLU JA 48 -17.94 -12.14 -27.79
C GLU JA 48 -16.60 -11.44 -27.59
N TRP JA 49 -16.59 -10.46 -26.70
CA TRP JA 49 -15.40 -9.67 -26.42
C TRP JA 49 -14.60 -10.35 -25.31
N MET JA 50 -13.28 -10.45 -25.52
CA MET JA 50 -12.41 -11.13 -24.58
C MET JA 50 -11.67 -10.18 -23.65
N GLY JA 51 -10.83 -9.30 -24.22
CA GLY JA 51 -10.07 -8.37 -23.38
C GLY JA 51 -9.65 -7.11 -24.11
N TRP JA 52 -8.76 -6.34 -23.50
CA TRP JA 52 -8.24 -5.12 -24.11
C TRP JA 52 -6.84 -4.92 -23.55
N ILE JA 53 -5.89 -4.49 -24.39
CA ILE JA 53 -4.53 -4.23 -23.92
C ILE JA 53 -4.03 -2.91 -24.51
N ASN JA 54 -3.37 -2.13 -23.64
CA ASN JA 54 -2.78 -0.85 -23.99
C ASN JA 54 -1.31 -1.10 -24.36
N PRO JA 55 -0.92 -0.96 -25.62
CA PRO JA 55 0.46 -1.32 -26.01
C PRO JA 55 1.47 -0.43 -25.32
N ASN JA 56 1.08 0.84 -25.16
CA ASN JA 56 1.94 1.86 -24.57
C ASN JA 56 2.40 1.45 -23.18
N SER JA 57 1.46 0.92 -22.40
CA SER JA 57 1.61 0.58 -20.98
C SER JA 57 1.60 -0.91 -20.68
N GLY JA 58 0.96 -1.72 -21.51
CA GLY JA 58 0.73 -3.11 -21.19
C GLY JA 58 -0.52 -3.36 -20.38
N GLY JA 59 -1.18 -2.31 -19.90
CA GLY JA 59 -2.39 -2.45 -19.11
C GLY JA 59 -3.47 -3.24 -19.81
N THR JA 60 -4.01 -4.25 -19.14
CA THR JA 60 -5.02 -5.12 -19.71
C THR JA 60 -6.36 -4.92 -19.04
N ASN JA 61 -7.44 -5.18 -19.79
CA ASN JA 61 -8.81 -5.12 -19.29
C ASN JA 61 -9.47 -6.44 -19.68
N TYR JA 62 -9.44 -7.40 -18.78
CA TYR JA 62 -10.02 -8.72 -19.03
C TYR JA 62 -11.50 -8.72 -18.69
N ALA JA 63 -12.28 -9.41 -19.53
CA ALA JA 63 -13.68 -9.60 -19.22
C ALA JA 63 -13.84 -10.62 -18.11
N GLN JA 64 -14.91 -10.47 -17.33
CA GLN JA 64 -15.17 -11.36 -16.19
C GLN JA 64 -15.07 -12.84 -16.56
N LYS JA 65 -15.44 -13.21 -17.79
CA LYS JA 65 -15.49 -14.63 -18.11
C LYS JA 65 -14.10 -15.24 -18.29
N PHE JA 66 -13.08 -14.43 -18.54
CA PHE JA 66 -11.74 -14.96 -18.79
C PHE JA 66 -10.73 -14.56 -17.73
N GLN JA 67 -11.07 -13.64 -16.83
CA GLN JA 67 -10.24 -13.32 -15.68
C GLN JA 67 -9.71 -14.57 -15.00
N GLY JA 68 -8.40 -14.76 -15.03
CA GLY JA 68 -7.79 -15.94 -14.45
C GLY JA 68 -7.40 -17.01 -15.44
N ARG JA 69 -7.87 -16.90 -16.69
CA ARG JA 69 -7.59 -17.88 -17.74
C ARG JA 69 -6.87 -17.31 -18.95
N VAL JA 70 -6.91 -15.99 -19.18
CA VAL JA 70 -6.41 -15.37 -20.40
C VAL JA 70 -5.25 -14.46 -20.07
N THR JA 71 -4.30 -14.34 -21.00
CA THR JA 71 -3.16 -13.45 -20.80
C THR JA 71 -2.81 -12.76 -22.09
N MET JA 72 -2.70 -11.43 -22.05
CA MET JA 72 -2.47 -10.65 -23.24
C MET JA 72 -1.20 -9.82 -23.07
N THR JA 73 -0.33 -9.88 -24.08
CA THR JA 73 0.98 -9.27 -23.96
C THR JA 73 1.34 -8.61 -25.28
N ARG JA 74 2.42 -7.82 -25.26
CA ARG JA 74 2.84 -7.14 -26.48
C ARG JA 74 4.36 -7.04 -26.51
N ASP JA 75 4.93 -7.18 -27.71
CA ASP JA 75 6.37 -6.93 -27.92
C ASP JA 75 6.46 -5.74 -28.86
N THR JA 76 6.62 -4.54 -28.29
CA THR JA 76 6.55 -3.30 -29.05
C THR JA 76 7.66 -3.15 -30.08
N SER JA 77 8.69 -4.01 -30.04
CA SER JA 77 9.73 -3.96 -31.07
C SER JA 77 9.26 -4.64 -32.35
N ILE JA 78 8.56 -5.77 -32.22
CA ILE JA 78 7.93 -6.42 -33.36
C ILE JA 78 6.66 -5.70 -33.79
N SER JA 79 6.15 -4.79 -32.94
CA SER JA 79 4.82 -4.21 -33.12
C SER JA 79 3.75 -5.28 -33.14
N THR JA 80 3.87 -6.26 -32.25
CA THR JA 80 2.91 -7.34 -32.14
C THR JA 80 2.19 -7.29 -30.80
N ALA JA 81 0.99 -7.87 -30.78
CA ALA JA 81 0.24 -8.14 -29.55
C ALA JA 81 -0.22 -9.60 -29.59
N TYR JA 82 -0.11 -10.28 -28.45
CA TYR JA 82 -0.37 -11.71 -28.33
C TYR JA 82 -1.51 -11.95 -27.36
N MET JA 83 -2.13 -13.14 -27.44
CA MET JA 83 -3.14 -13.51 -26.46
C MET JA 83 -3.09 -15.02 -26.21
N GLU JA 84 -3.23 -15.42 -24.95
CA GLU JA 84 -3.13 -16.81 -24.50
C GLU JA 84 -4.24 -17.23 -23.55
N LEU JA 85 -5.27 -17.86 -24.09
CA LEU JA 85 -6.09 -18.77 -23.30
C LEU JA 85 -5.28 -20.01 -22.95
N SER JA 86 -5.29 -20.36 -21.66
CA SER JA 86 -4.46 -21.41 -21.15
C SER JA 86 -5.29 -22.26 -20.18
N ARG JA 87 -6.32 -22.90 -20.74
CA ARG JA 87 -7.08 -24.00 -20.16
C ARG JA 87 -8.27 -24.34 -21.05
N LEU JA 88 -8.08 -24.21 -22.37
CA LEU JA 88 -9.15 -24.35 -23.33
C LEU JA 88 -9.98 -25.59 -23.04
N ARG JA 89 -11.30 -25.44 -23.03
CA ARG JA 89 -12.18 -26.60 -22.98
C ARG JA 89 -12.93 -26.72 -24.30
N SER JA 90 -13.81 -27.73 -24.40
CA SER JA 90 -14.53 -27.96 -25.65
C SER JA 90 -15.28 -26.71 -26.09
N ASP JA 91 -15.99 -26.09 -25.15
CA ASP JA 91 -16.49 -24.72 -25.20
C ASP JA 91 -15.75 -23.76 -26.10
N ASP JA 92 -14.42 -23.71 -26.05
CA ASP JA 92 -13.72 -22.57 -26.63
C ASP JA 92 -13.53 -22.61 -28.14
N THR JA 93 -13.89 -23.68 -28.85
CA THR JA 93 -13.73 -23.63 -30.30
C THR JA 93 -14.37 -22.38 -30.89
N ALA JA 94 -13.55 -21.52 -31.50
CA ALA JA 94 -14.04 -20.25 -32.01
C ALA JA 94 -12.96 -19.60 -32.85
N VAL JA 95 -13.40 -18.69 -33.72
CA VAL JA 95 -12.48 -17.79 -34.43
C VAL JA 95 -12.16 -16.62 -33.50
N TYR JA 96 -10.88 -16.27 -33.40
CA TYR JA 96 -10.41 -15.27 -32.45
C TYR JA 96 -9.95 -14.03 -33.21
N TYR JA 97 -10.73 -12.96 -33.14
CA TYR JA 97 -10.47 -11.75 -33.89
C TYR JA 97 -9.65 -10.75 -33.07
N CYS JA 98 -9.03 -9.81 -33.79
CA CYS JA 98 -8.07 -8.89 -33.20
C CYS JA 98 -8.20 -7.55 -33.91
N ALA JA 99 -8.59 -6.51 -33.18
CA ALA JA 99 -8.91 -5.22 -33.79
C ALA JA 99 -8.14 -4.09 -33.11
N ARG JA 100 -7.92 -3.02 -33.88
CA ARG JA 100 -7.37 -1.78 -33.35
C ARG JA 100 -8.49 -0.97 -32.71
N ASP JA 101 -8.38 -0.73 -31.41
CA ASP JA 101 -9.43 -0.09 -30.63
C ASP JA 101 -9.15 1.40 -30.51
N LYS JA 102 -10.14 2.22 -30.86
CA LYS JA 102 -10.13 3.64 -30.56
C LYS JA 102 -11.40 4.01 -29.82
N ARG JA 103 -11.80 3.14 -28.87
CA ARG JA 103 -13.07 3.07 -28.16
C ARG JA 103 -13.99 2.18 -29.01
N TYR JA 104 -13.70 2.12 -30.30
CA TYR JA 104 -14.41 1.33 -31.28
C TYR JA 104 -13.39 0.67 -32.19
N MET JA 105 -13.74 -0.49 -32.71
CA MET JA 105 -12.77 -1.35 -33.38
C MET JA 105 -12.93 -1.09 -34.88
N ASP JA 106 -12.11 -0.17 -35.41
CA ASP JA 106 -12.22 0.30 -36.79
C ASP JA 106 -11.50 -0.56 -37.81
N VAL JA 107 -10.28 -1.03 -37.53
CA VAL JA 107 -9.60 -1.99 -38.37
C VAL JA 107 -9.47 -3.29 -37.61
N TRP JA 108 -10.13 -4.33 -38.11
CA TRP JA 108 -10.11 -5.66 -37.51
C TRP JA 108 -9.04 -6.52 -38.18
N GLY JA 109 -8.56 -7.53 -37.44
CA GLY JA 109 -7.78 -8.57 -38.06
C GLY JA 109 -8.64 -9.58 -38.78
N LYS JA 110 -8.01 -10.38 -39.64
CA LYS JA 110 -8.77 -11.39 -40.40
C LYS JA 110 -9.15 -12.63 -39.59
N GLY JA 111 -8.70 -12.76 -38.34
CA GLY JA 111 -9.22 -13.81 -37.49
C GLY JA 111 -8.66 -15.21 -37.68
N THR JA 112 -8.05 -15.73 -36.63
CA THR JA 112 -7.52 -17.09 -36.47
C THR JA 112 -8.62 -18.07 -36.10
N THR JA 113 -8.38 -19.36 -36.38
CA THR JA 113 -9.30 -20.46 -36.02
C THR JA 113 -8.60 -21.39 -35.03
N VAL JA 114 -8.96 -21.30 -33.75
CA VAL JA 114 -8.55 -22.27 -32.74
C VAL JA 114 -9.70 -23.23 -32.50
N THR JA 115 -9.45 -24.53 -32.64
CA THR JA 115 -10.48 -25.55 -32.52
C THR JA 115 -10.01 -26.65 -31.58
N VAL JA 116 -10.68 -26.78 -30.44
CA VAL JA 116 -10.40 -27.86 -29.51
C VAL JA 116 -11.23 -29.10 -29.89
N SER JA 117 -10.84 -30.24 -29.33
CA SER JA 117 -11.50 -31.49 -29.69
C SER JA 117 -11.49 -32.46 -28.52
N SER JA 118 -12.41 -33.42 -28.57
CA SER JA 118 -12.63 -34.53 -27.62
C SER JA 118 -13.31 -33.98 -26.35
N GLY JA 119 -13.10 -34.65 -25.22
CA GLY JA 119 -13.86 -34.45 -23.99
C GLY JA 119 -14.04 -35.79 -23.33
N VAL JA 136 -26.42 -9.99 -21.32
CA VAL JA 136 -26.48 -9.76 -22.76
C VAL JA 136 -27.34 -8.55 -23.11
N LEU JA 137 -27.18 -8.08 -24.34
CA LEU JA 137 -28.04 -7.07 -24.94
C LEU JA 137 -29.18 -7.76 -25.68
N THR JA 138 -30.29 -7.03 -25.88
CA THR JA 138 -31.43 -7.59 -26.57
C THR JA 138 -31.61 -6.89 -27.91
N GLN JA 139 -31.59 -7.68 -28.97
CA GLN JA 139 -31.51 -7.28 -30.36
C GLN JA 139 -32.15 -8.39 -31.19
N PRO JA 140 -33.15 -8.07 -32.04
CA PRO JA 140 -33.94 -9.12 -32.71
C PRO JA 140 -33.08 -10.11 -33.49
N PRO JA 141 -33.46 -11.39 -33.53
CA PRO JA 141 -32.58 -12.40 -34.14
C PRO JA 141 -32.55 -12.39 -35.66
N SER JA 142 -33.47 -11.70 -36.34
CA SER JA 142 -33.43 -11.55 -37.80
C SER JA 142 -34.57 -10.66 -38.27
N VAL JA 143 -34.35 -10.07 -39.45
CA VAL JA 143 -35.36 -9.39 -40.24
C VAL JA 143 -35.07 -9.69 -41.70
N SER JA 144 -36.12 -9.96 -42.48
CA SER JA 144 -36.00 -10.05 -43.92
C SER JA 144 -36.51 -8.77 -44.56
N GLY JA 145 -35.81 -8.32 -45.59
CA GLY JA 145 -36.26 -7.15 -46.31
C GLY JA 145 -36.10 -7.33 -47.81
N ALA JA 146 -37.14 -6.98 -48.57
CA ALA JA 146 -37.04 -7.10 -50.01
C ALA JA 146 -36.17 -5.97 -50.55
N PRO JA 147 -35.45 -6.23 -51.65
CA PRO JA 147 -34.53 -5.22 -52.20
C PRO JA 147 -35.24 -3.92 -52.53
N GLY JA 148 -34.64 -2.81 -52.10
CA GLY JA 148 -35.18 -1.48 -52.39
C GLY JA 148 -35.73 -0.73 -51.19
N GLN JA 149 -36.39 -1.48 -50.30
CA GLN JA 149 -37.08 -1.03 -49.09
C GLN JA 149 -36.20 -0.28 -48.10
N LYS JA 150 -36.66 -0.19 -46.84
CA LYS JA 150 -35.84 0.09 -45.66
C LYS JA 150 -36.12 -0.95 -44.57
N VAL JA 151 -35.09 -1.32 -43.83
CA VAL JA 151 -35.27 -2.12 -42.63
C VAL JA 151 -34.55 -1.44 -41.47
N THR JA 152 -35.07 -1.66 -40.25
CA THR JA 152 -34.48 -1.13 -39.04
C THR JA 152 -34.20 -2.27 -38.06
N ILE JA 153 -33.25 -2.05 -37.18
CA ILE JA 153 -32.77 -3.06 -36.24
C ILE JA 153 -32.71 -2.42 -34.87
N SER JA 154 -33.42 -3.00 -33.89
CA SER JA 154 -33.37 -2.48 -32.53
C SER JA 154 -32.05 -2.91 -31.86
N CYS JA 155 -32.06 -2.96 -30.52
CA CYS JA 155 -30.95 -3.33 -29.63
C CYS JA 155 -31.10 -2.61 -28.30
N SER JA 156 -31.66 -3.25 -27.28
CA SER JA 156 -31.88 -2.57 -26.01
C SER JA 156 -30.69 -2.79 -25.08
N GLY JA 157 -30.71 -2.08 -23.94
CA GLY JA 157 -29.62 -2.14 -22.96
C GLY JA 157 -30.09 -1.67 -21.60
N SER JA 158 -29.19 -0.99 -20.86
CA SER JA 158 -29.42 -0.49 -19.50
C SER JA 158 -28.79 0.89 -19.33
N SER JA 159 -29.05 1.52 -18.18
CA SER JA 159 -28.32 2.74 -17.82
C SER JA 159 -26.83 2.55 -18.06
N SER JA 160 -26.34 1.35 -17.79
CA SER JA 160 -24.94 1.13 -17.51
C SER JA 160 -24.09 1.07 -18.77
N ASN JA 161 -24.69 0.65 -19.90
CA ASN JA 161 -23.98 0.32 -21.14
C ASN JA 161 -24.42 1.21 -22.29
N ILE JA 162 -25.57 0.96 -22.92
CA ILE JA 162 -26.03 1.82 -24.00
C ILE JA 162 -26.46 3.17 -23.44
N GLY JA 163 -27.12 3.17 -22.28
CA GLY JA 163 -27.69 4.37 -21.72
C GLY JA 163 -26.70 5.43 -21.34
N ARG JA 164 -25.43 5.06 -21.14
CA ARG JA 164 -24.46 6.04 -20.66
C ARG JA 164 -23.31 6.28 -21.62
N ASN JA 165 -22.77 5.23 -22.25
CA ASN JA 165 -21.57 5.34 -23.04
C ASN JA 165 -21.90 5.55 -24.53
N TYR JA 166 -20.86 5.66 -25.36
CA TYR JA 166 -21.03 5.71 -26.80
C TYR JA 166 -21.31 4.32 -27.36
N VAL JA 167 -21.53 4.24 -28.66
CA VAL JA 167 -22.00 2.99 -29.27
C VAL JA 167 -21.31 2.78 -30.61
N SER JA 168 -21.05 1.52 -30.93
CA SER JA 168 -20.60 1.13 -32.26
C SER JA 168 -21.56 0.13 -32.87
N TRP JA 169 -21.53 0.03 -34.20
CA TRP JA 169 -22.25 -0.99 -34.95
C TRP JA 169 -21.25 -1.68 -35.87
N TYR JA 170 -21.22 -3.01 -35.84
CA TYR JA 170 -20.25 -3.78 -36.60
C TYR JA 170 -20.99 -4.74 -37.52
N GLN JA 171 -20.69 -4.69 -38.82
CA GLN JA 171 -21.30 -5.59 -39.80
C GLN JA 171 -20.35 -6.72 -40.17
N GLN JA 172 -20.89 -7.93 -40.30
CA GLN JA 172 -20.13 -9.09 -40.75
C GLN JA 172 -20.76 -9.68 -42.00
N LEU JA 173 -20.30 -9.20 -43.17
CA LEU JA 173 -20.50 -9.87 -44.46
C LEU JA 173 -20.29 -11.37 -44.33
N PRO JA 174 -21.04 -12.17 -45.08
CA PRO JA 174 -20.97 -13.63 -44.89
C PRO JA 174 -19.57 -14.18 -45.18
N GLY JA 175 -19.15 -15.14 -44.37
CA GLY JA 175 -17.85 -15.74 -44.49
C GLY JA 175 -16.67 -14.84 -44.24
N ALA JA 176 -16.89 -13.53 -44.14
CA ALA JA 176 -15.81 -12.56 -43.97
C ALA JA 176 -15.63 -12.22 -42.50
N ALA JA 177 -14.66 -11.34 -42.23
CA ALA JA 177 -14.43 -10.84 -40.89
C ALA JA 177 -15.36 -9.66 -40.61
N PRO JA 178 -15.60 -9.36 -39.33
CA PRO JA 178 -16.42 -8.19 -38.99
C PRO JA 178 -15.78 -6.89 -39.47
N LYS JA 179 -16.57 -5.82 -39.40
CA LYS JA 179 -16.19 -4.52 -39.94
C LYS JA 179 -16.91 -3.43 -39.16
N LEU JA 180 -16.31 -2.25 -39.10
CA LEU JA 180 -16.93 -1.12 -38.42
C LEU JA 180 -17.99 -0.48 -39.32
N LEU JA 181 -19.23 -0.43 -38.83
CA LEU JA 181 -20.33 0.25 -39.50
C LEU JA 181 -20.62 1.63 -38.91
N LEU JA 182 -20.79 1.73 -37.60
CA LEU JA 182 -21.14 3.01 -36.98
C LEU JA 182 -20.33 3.21 -35.70
N TYR JA 183 -19.45 4.19 -35.76
CA TYR JA 183 -18.65 4.78 -34.69
C TYR JA 183 -19.36 5.94 -33.97
N ASP JA 184 -19.03 6.15 -32.70
CA ASP JA 184 -19.67 7.17 -31.86
C ASP JA 184 -21.16 7.33 -32.07
N ASN JA 185 -21.92 6.31 -31.68
CA ASN JA 185 -23.37 6.34 -31.75
C ASN JA 185 -23.85 6.40 -33.19
N ASN JA 186 -23.44 7.40 -33.98
CA ASN JA 186 -24.08 7.53 -35.28
C ASN JA 186 -23.19 7.96 -36.44
N LYS JA 187 -21.93 8.33 -36.23
CA LYS JA 187 -21.14 8.72 -37.39
C LYS JA 187 -20.71 7.49 -38.20
N ARG JA 188 -20.91 7.58 -39.50
CA ARG JA 188 -20.34 6.60 -40.42
C ARG JA 188 -18.84 6.85 -40.61
N PRO JA 189 -18.00 5.83 -40.48
CA PRO JA 189 -16.59 5.98 -40.86
C PRO JA 189 -16.46 5.94 -42.38
N SER JA 190 -16.10 7.08 -42.97
CA SER JA 190 -16.11 7.30 -44.41
C SER JA 190 -15.83 6.05 -45.23
N GLY JA 191 -16.66 5.81 -46.24
CA GLY JA 191 -16.82 4.52 -46.86
C GLY JA 191 -18.15 3.88 -46.56
N ILE JA 192 -18.91 4.43 -45.62
CA ILE JA 192 -20.23 3.95 -45.25
C ILE JA 192 -21.26 4.84 -45.92
N PRO JA 193 -22.18 4.29 -46.71
CA PRO JA 193 -23.13 5.14 -47.46
C PRO JA 193 -24.15 5.80 -46.55
N ASP JA 194 -24.89 6.75 -47.14
CA ASP JA 194 -25.92 7.48 -46.40
C ASP JA 194 -27.02 6.58 -45.88
N ARG JA 195 -27.21 5.40 -46.47
CA ARG JA 195 -28.27 4.50 -46.00
C ARG JA 195 -28.11 4.23 -44.52
N PHE JA 196 -26.95 3.73 -44.13
CA PHE JA 196 -26.69 3.30 -42.76
C PHE JA 196 -26.59 4.53 -41.85
N SER JA 197 -27.60 4.74 -41.00
CA SER JA 197 -27.50 5.67 -39.90
C SER JA 197 -28.52 5.32 -38.82
N ALA JA 198 -28.08 5.43 -37.58
CA ALA JA 198 -28.87 5.13 -36.40
C ALA JA 198 -29.02 6.39 -35.56
N SER JA 199 -29.91 6.30 -34.57
CA SER JA 199 -30.05 7.28 -33.51
C SER JA 199 -30.84 6.66 -32.38
N LYS JA 200 -30.59 7.13 -31.16
CA LYS JA 200 -30.95 6.42 -29.94
C LYS JA 200 -31.93 7.23 -29.11
N SER JA 201 -32.45 6.57 -28.07
CA SER JA 201 -33.32 7.18 -27.07
C SER JA 201 -33.34 6.25 -25.86
N GLY JA 202 -33.17 6.83 -24.68
CA GLY JA 202 -33.09 6.06 -23.47
C GLY JA 202 -31.92 5.09 -23.48
N PRO JA 203 -32.13 3.87 -23.00
CA PRO JA 203 -31.05 2.87 -23.07
C PRO JA 203 -31.14 2.02 -24.32
N SER JA 204 -31.48 2.62 -25.47
CA SER JA 204 -31.75 1.83 -26.68
C SER JA 204 -31.20 2.54 -27.92
N THR JA 205 -30.49 1.78 -28.75
CA THR JA 205 -29.97 2.23 -30.04
C THR JA 205 -30.74 1.54 -31.17
N THR JA 206 -30.79 2.18 -32.35
CA THR JA 206 -31.61 1.66 -33.45
C THR JA 206 -30.98 1.97 -34.78
N LEU JA 207 -30.37 0.96 -35.40
CA LEU JA 207 -29.85 1.11 -36.77
C LEU JA 207 -31.00 1.25 -37.77
N ALA JA 208 -30.71 1.92 -38.89
CA ALA JA 208 -31.65 2.06 -40.00
C ALA JA 208 -30.86 2.07 -41.30
N ILE JA 209 -30.86 0.94 -42.01
CA ILE JA 209 -30.27 0.90 -43.35
C ILE JA 209 -31.41 1.27 -44.31
N THR JA 210 -31.25 2.42 -44.97
CA THR JA 210 -32.39 3.02 -45.64
C THR JA 210 -32.30 2.96 -47.17
N GLY JA 211 -32.04 1.76 -47.69
CA GLY JA 211 -32.16 1.54 -49.12
C GLY JA 211 -31.70 0.15 -49.51
N LEU JA 212 -32.24 -0.88 -48.84
CA LEU JA 212 -31.66 -2.23 -48.88
C LEU JA 212 -31.05 -2.60 -50.22
N GLN JA 213 -29.83 -3.12 -50.21
CA GLN JA 213 -29.31 -3.79 -51.38
C GLN JA 213 -28.95 -5.23 -51.05
N THR JA 214 -29.03 -6.04 -52.09
CA THR JA 214 -28.67 -7.46 -52.04
C THR JA 214 -27.31 -7.70 -51.39
N GLY JA 215 -26.44 -6.69 -51.29
CA GLY JA 215 -25.06 -6.91 -50.89
C GLY JA 215 -24.75 -6.60 -49.44
N ASP JA 216 -25.74 -6.20 -48.66
CA ASP JA 216 -25.61 -6.06 -47.21
C ASP JA 216 -26.57 -7.03 -46.45
N GLU JA 217 -26.69 -8.24 -47.03
CA GLU JA 217 -27.12 -9.47 -46.33
C GLU JA 217 -25.97 -10.02 -45.49
N ALA JA 218 -26.13 -10.02 -44.18
CA ALA JA 218 -25.02 -10.18 -43.24
C ALA JA 218 -25.50 -10.01 -41.79
N ASP JA 219 -24.78 -10.54 -40.80
CA ASP JA 219 -25.13 -10.29 -39.40
C ASP JA 219 -24.70 -8.90 -38.97
N TYR JA 220 -25.56 -8.23 -38.21
CA TYR JA 220 -25.28 -6.89 -37.68
C TYR JA 220 -25.26 -6.94 -36.15
N PHE JA 221 -24.17 -6.44 -35.57
CA PHE JA 221 -23.95 -6.51 -34.12
C PHE JA 221 -23.85 -5.09 -33.56
N CYS JA 222 -24.68 -4.77 -32.57
CA CYS JA 222 -24.41 -3.59 -31.77
C CYS JA 222 -23.37 -3.93 -30.71
N GLY JA 223 -22.68 -2.91 -30.25
CA GLY JA 223 -21.63 -3.13 -29.28
C GLY JA 223 -21.27 -1.90 -28.49
N VAL JA 224 -21.41 -1.95 -27.17
CA VAL JA 224 -21.06 -0.83 -26.31
C VAL JA 224 -20.09 -1.31 -25.26
N TRP JA 225 -19.71 -0.41 -24.37
CA TRP JA 225 -18.91 -0.73 -23.20
C TRP JA 225 -19.74 -0.48 -21.94
N ASP JA 226 -19.99 -1.56 -21.19
CA ASP JA 226 -20.83 -1.49 -19.99
C ASP JA 226 -19.97 -1.07 -18.80
N SER JA 227 -20.28 0.08 -18.21
CA SER JA 227 -19.39 0.74 -17.27
C SER JA 227 -19.32 0.05 -15.91
N SER JA 228 -20.23 -0.85 -15.59
CA SER JA 228 -20.16 -1.56 -14.32
C SER JA 228 -19.75 -3.02 -14.44
N LEU JA 229 -20.14 -3.70 -15.53
CA LEU JA 229 -19.53 -5.00 -15.81
C LEU JA 229 -18.09 -4.84 -16.28
N ARG JA 230 -17.77 -3.71 -16.89
CA ARG JA 230 -16.44 -3.43 -17.41
C ARG JA 230 -16.11 -4.40 -18.54
N ALA JA 231 -16.78 -4.24 -19.68
CA ALA JA 231 -16.63 -5.13 -20.83
C ALA JA 231 -17.35 -4.51 -22.02
N VAL JA 232 -16.83 -4.78 -23.21
CA VAL JA 232 -17.47 -4.39 -24.46
C VAL JA 232 -18.55 -5.43 -24.76
N LEU JA 233 -19.81 -5.05 -24.59
CA LEU JA 233 -20.92 -5.98 -24.80
C LEU JA 233 -21.38 -5.95 -26.25
N PHE JA 234 -21.68 -7.14 -26.77
CA PHE JA 234 -22.28 -7.30 -28.09
C PHE JA 234 -23.68 -7.89 -27.94
N GLY JA 235 -24.61 -7.36 -28.72
CA GLY JA 235 -25.92 -7.95 -28.82
C GLY JA 235 -25.85 -9.30 -29.52
N GLY JA 236 -27.00 -9.96 -29.58
CA GLY JA 236 -27.09 -11.28 -30.16
C GLY JA 236 -26.48 -11.41 -31.53
N GLY JA 237 -26.99 -10.60 -32.47
CA GLY JA 237 -26.70 -10.75 -33.90
C GLY JA 237 -28.02 -10.82 -34.64
N THR JA 238 -28.20 -9.97 -35.67
CA THR JA 238 -29.49 -10.00 -36.32
C THR JA 238 -29.09 -10.26 -37.74
N LYS JA 239 -29.76 -11.14 -38.43
CA LYS JA 239 -29.21 -11.52 -39.73
C LYS JA 239 -30.15 -11.01 -40.79
N LEU JA 240 -29.94 -9.78 -41.20
CA LEU JA 240 -30.65 -9.28 -42.35
C LEU JA 240 -30.44 -10.15 -43.59
N THR JA 241 -31.48 -10.80 -44.06
CA THR JA 241 -31.43 -11.56 -45.30
C THR JA 241 -32.28 -10.85 -46.37
N VAL JA 242 -31.65 -10.62 -47.55
CA VAL JA 242 -32.27 -9.96 -48.70
C VAL JA 242 -32.81 -11.03 -49.66
N LEU JA 243 -33.94 -10.72 -50.29
CA LEU JA 243 -34.54 -11.62 -51.28
C LEU JA 243 -34.63 -10.96 -52.67
#